data_6F40
#
_entry.id   6F40
#
_cell.length_a   1.000
_cell.length_b   1.000
_cell.length_c   1.000
_cell.angle_alpha   90.00
_cell.angle_beta   90.00
_cell.angle_gamma   90.00
#
_symmetry.space_group_name_H-M   'P 1'
#
loop_
_entity.id
_entity.type
_entity.pdbx_description
1 polymer 'DNA-directed RNA polymerase III subunit RPC1'
2 polymer 'DNA-directed RNA polymerase III subunit RPC2'
3 polymer 'DNA-directed RNA polymerases I and III subunit RPAC1'
4 polymer 'DNA-directed RNA polymerase III subunit RPC9'
5 polymer 'DNA-directed RNA polymerases I, II, and III subunit RPABC1'
6 polymer 'DNA-directed RNA polymerases I, II, and III subunit RPABC2'
7 polymer 'DNA-directed RNA polymerase III subunit RPC8'
8 polymer 'DNA-directed RNA polymerases I, II, and III subunit RPABC3'
9 polymer 'DNA-directed RNA polymerase III subunit RPC10'
10 polymer 'DNA-directed RNA polymerases I, II, and III subunit RPABC5'
11 polymer 'DNA-directed RNA polymerases I and III subunit RPAC2'
12 polymer 'DNA-directed RNA polymerases I, II, and III subunit RPABC4'
13 polymer 'DNA-directed RNA polymerase III subunit RPC5'
14 polymer 'DNA-directed RNA polymerase III subunit RPC4'
15 polymer 'DNA-directed RNA polymerase III subunit RPC3'
16 polymer 'DNA-directed RNA polymerase III subunit RPC6'
17 polymer 'DNA-directed RNA polymerase III subunit RPC7'
18 polymer 'TATA-box-binding protein'
19 polymer 'Transcription factor IIIB 70 kDa subunit'
20 polymer "Transcription factor TFIIIB component B''"
21 polymer 'Non-Template DNA'
22 polymer 'Template DNA'
23 non-polymer 'ZINC ION'
#
loop_
_entity_poly.entity_id
_entity_poly.type
_entity_poly.pdbx_seq_one_letter_code
_entity_poly.pdbx_strand_id
1 'polypeptide(L)'
;MKEVVVSETPKRIKGLEFSALSAADIVAQSEVEVSTRDLFDLEKDRAPKANGALDPKMGVSSSSLECATCHGNLASCHGH
FGHLKLALPVFHIGYFKATIQILQGICKNCSAILLSETDKRQFLHELRRPGVDNLRRMGILKKILDQCKKQRRCLHCGAL
NGVVKKAAAGAGSAALKIIHDTFRWVGKKSAPEKDIWVGEWKEVLAHNPELERYVKRCMDDLNPLKTLNLFKQIKSADCE
LLGIDATVPSGRPETYIWRYLPAPPVCIRPSVMMQDSPASNEDDLTVKLTEIVWTSSLIKAGLDKGISINNMMEHWDYLQ
LTVAMYINSDSVNPAMLPGSSNGGGKVKPIRGFCQRLKGKQGRFRGNLSGKRVDFSGRTVISPDPNLSIDEVAVPDRVAK
VLTYPEKVTRYNRHKLQELIVNGPNVHPGANYLLKRNEDARRNLRYGDRMKLAKNLQIGDVVERHLEDGDVVLFNRQPSL
HRLSILSHYAKIRPWRTFRLNECVCTPYNADFDGDEMNLHVPQTEEARAEAINLMGVKNNLLTPKSGEPIIAATQDFITG
SYLISHKDSFYDRATLTQLLSMMSDGIEHFDIPPPAIMKPYYLWTGKQVFSLLIKPNHNSPVVINLDAKNKVFVPPKSKS
LPNEMSQNDGFVIIRGSQILSGVMDKSVLGDGKKHSVFYTILRDYGPQEAANAMNRMAKLCARFLGNRGFSIGINDVTPA
DDLKQKKEELVEIAYHKCDELITLFNKGELETQPGCNEEQTLEAKIGGLLSKVREEVGDVCINELDNWNAPLIMATCGSK
GSTLNVSQMVAVVGQQIISGNRVPDGFQDRSLPHFPKNSKTPQSKGFVRNSFFSGLSPPEFLFHAISGREGLVDTAVKTA
ETGYMSRRLMKSLEDLSCQYDNTVRTSANGIVQFTYGGDGLDPLEMEGNAQPVNFNRSWDHAYNITFNNQDKGLLPYAIM
ETANEILGPLEERLVRYDNSGCLVKREDLNKAEYVDQYDAERDFYHSLREYINGKATALANLRKSRGMLGLLEPPAKELQ
GIDPDETVPDNVKTSVSQLYRISEKSVRKFLEIALFKYRKARLEPGTAIGAIGAQSIGEPGTQMTLKTFHFAGVASMNVT
LGVPRIKEIINASKVISTPIINAVLVNDNDERAARVVKGRVEKTLLSDVAFYVQDVYKDNLSFIQVRIDLGTIDKLQLEL
TIEDIAVAITRASKLKIQASDVNIIGKDRIAINVFPEGYKAKSISTSAKEPSENDVFYRMQQLRRALPDVVVKGLPDISR
AVINIRDDGKRELLVEGYGLRDVMCTDGVIGSRTTTNHVLEVFSVLGIEAARYSIIREINYTMSNHGMSVDPRHIQLLGD
VMTYKGEVLGITRFGLSKMRDSVLQLASFEKTTDHLFDAAFYMKKDAVEGVSECIILGQTMSIGTGSFKVVKGTNISEKD
LVPKRCLFESLSNEAALKAN
;
A
2 'polypeptide(L)'
;MVAATKRRKTHIHKHVKDEAFDDLLKPVYKGKKLTDEINTAQDKWHLLPAFLKVKGLVKQHLDSFNYFVDTDLKKIIKAN
QLILSDVDPEFYLKYVDIRVGKKSSSSTKDYLTPPHECRLRDMTYSAPIYVDIEYTRGRNIIMHKDVEIGRMPIMLRSNK
CILYDADESKMAKLNECPLDPGGYFIVNGTEKVILVQEQLSKNRIIVEADEKKGIVQASVTSSTHERKSKTYVITKNGKI
YLKHNSIAEEIPIAIVLKACGILSDLEIMQLVCGNDSSYQDIFAVNLEESSKLDIYTQQQALEYIGAKVKTMRRQKLTIL
QEGIEAIATTVIAHLTVEALDFREKALYIAMMTRRVVMAMYNPKMIDDRDYVGNKRLELAGQLISLLFEDLFKKFNNDFK
LSIDKVLKKPNRAMEYDALLSINVHSNNITSGLNRAISTGNWSLKRFKMERAGVTHVLSRLSYISALGMMTRISSQFEKS
RKVSGPRALQPSQFGMLCTADTPEGEACGLVKNLALMTHITTDDEEEPIKKLCYVLGVEDITLIDSASLHLNYGVYLNGT
LIGSIRFPTKFVTQFRHLRRTGKVSEFISIYSNSHQMAVHIATDGGRICRPLIIVSDGQSRVKDIHLRKLLDGELDFDDF
LKLGLVEYLDVNEENDSYIALYEKDIVPSMTHLEIEPFTILGAVAGLIPYPHHNQSPRNTYQCAMGKQAIGAIAYNQFKR
IDTLLYLMTYPQQPMVKTKTIELIDYDKLPAGQNATVAVMSYSGYDIEDALVLNKSSIDRGFGRCETRRKTTTVLKRYAN
HTQDIIGGMRVDENGDPIWQHQSLGPDGLGEVGMKVQSGQIYINKSVPTNSADAPNPNNVNVQTQYREAPVIYRGPEPSH
IDQVMMSVSDNDQALIKVLLRQNRRPELGDKFSSRHGQKGVCGIIVKQEDMPFNDQGIVPDIIMNPHGFPSRMTVGKMIE
LISGKAGVLNGTLEYGTCFGGSKLEDMSKILVDQGFNYSGKDMLYSGITGECLQAYIFFGPIYYQKLKHMVLDKMHARAR
GPRAVLTRQPTEGRSRDGGLRLGEMERDCVIAYGASQLLLERLMISSDAFEVDVCDKCGLMGYSGWCTTCKSAENIIKMT
IPYAAKLLFQELLSMNIAPRLRLEDIFQQ
;
B
3 'polypeptide(L)'
;MSNIVGIEYNRVTNTTSTDFPGFSKDAENEWNVEKFKKDFEVNISSLDAREANFDLINIDTSIANAFRRIMISEVPSVAA
EYVYFFNNTSVIQDEVLAHRIGLVPLKVDPDMLTWVDSNLPDDEKFTDENTIVLSLNVKCTRNPDAPKGSTDPKELYNNA
HVYARDLKFEPQGRQSTTFADCPVVPADPDILLAKLRPGQEISLKAHCILGIGGDHAKFSPVSTASYRLLPQINILQPIK
GESARRFQKCFPPGVIGIDEGSDEAYVKDARKDTVSREVLRYEEFADKVKLGRVRNHFIFNVESAGAMTPEEIFFKSVRI
LKNKAEYLKNCPITQ
;
C
4 'polypeptide(L)'
;MKVLEERNAFLSDYEVLKFLTDLEKKHLWDQKSLAALKKSRSKGKQNRPYNHPELQGITRNVVNYLSINKNFINQEDEGE
ERESSGAKDAEKSGISKMSDESFAELMTKLNSFKLFKAEKLQIVNQLPANMVHLYSIVEECDARFDEKTIEEMLEIISGY
A
;
D
5 'polypeptide(L)'
;MDQENERNISRLWRAFRTVKEMVKDRGYFITQEEVELPLEDFKAKYCDSMGRPQRKMMSFQANPTEESISKFPDMGSLWV
EFCDEPSVGVKTMKTFVIHIQEKNFQTGIFVYQNNITPSAMKLVPSIPPATIETFNEAALVVNITHHELVPKHIRLSSDE
KRELLKRYRLKESQLPRIQRADPVALYLGLKRGEVVKIIRKSETSGRYASYRICM
;
E
6 'polypeptide(L)'
;MSDYEEAFNDGNENFEDFDVEHFSDEETYEEKPQFKDGETTDANGKTIVTGGNGPEDFQQHEQIRRKTLKEKAIPKDQRA
TTPYMTKYERARILGTRALQISMNAPVFVDLEGETDPLRIAMKELAEKKIPLVIRRYLPDGSFEDWSVEELIVDL
;
F
7 'polypeptide(L)'
;MFILSKIADLVRIPPDQFHRDTISAITHQLNNKFANKIIPNVGLCITIYDLLTVEEGQLKPGDGSSYINVTFRAVVFKPF
LGEIVTGWISKCTAEGIKVSLLGIFDDIFIPQNMLFEGCYYTPEESAWIWPMDEETKLYFDVNEKIRFRIEREVFVDVKP
KSPKERELEERAQLENEIEGKNEETPQNEKPPAYALLGSCQTDGMGLVSWWE
;
G
8 'polypeptide(L)'
;MSNTLFDDIFQVSEVDPGRYNKVCRIEAASTTQDQCKLTLDINVELFPVAAQDSLTVTIASSLNLEDTPANDSSATRSWR
PPQAGDRSLADDYDYVMYGTAYKFEEVSKDLIAVYYSFGGLLMRLEGNYRNLNNLKQENAYLLIRR
;
H
9 'polypeptide(L)'
;MLSFCPSCNNMLLITSGDSGVYTLACRSCPYEFPIEGIEIYDRKKLPRKEVDDVLGGGWDNVDQTKTQCPNYDTCGGESA
YFFQLQIRSADEPMTTFYKCVNCGHRWKEN
;
I
10 'polypeptide(L)' MIVPVRCFSCGKVVGDKWESYLNLLQEDELDEGTALSRLGLKRYCCRRMILTHVDLIEKFLRYNPLEKRD J
11 'polypeptide(L)'
;MTEDIEQKKTATEVTPQEPKHIQEEEEQDVDMTGDEEQEEEPDREKIKLLTQATSEDGTSASFQIVEEDHTLGNALRYVI
MKNPDVEFCGYSIPHPSENLLNIRIQTYGETTAVDALQKGLKDLMDLCDVVESKFTEKIKSM
;
K
12 'polypeptide(L)' MSREGFQIPTNLDAAAAGTSQARTATLKYICAECSSKLSLSRTDAVRCKDCGHRILLKARTKRLVQFEAR L
13 'polypeptide(L)'
;MSIDNKLFVTEEDEEDRTQDRADVEDESNDIDMIADENGTNSAIANEQEEKSEEVKAEDDTGEEEEDDPVIEEFPLKISG
EEESLHVFQYANRPRLVGRKPAEHPFISAARYKPKSHLWEIDIPLDEQAFYNKDKAESEWNGVNVQTLKGVGVENNGQYA
AFVKDMQVYLVPIERVAQLKPFFKYIDDANVTRKQEDARRNPNPSSQRAQVVTMSVKSVNDPSQNRLTGSLLAHKVADEE
ANIELTWAEGTFEQFKDTIVKEAEDKTLVALEKQEDYIDNLV
;
M
14 'polypeptide(L)'
;MSSNKGNGRLPSLKDSSSNGGGSAKPSLKFKPKAVARKSKEEREAAASKVKLEEESKRGNDKKHFNNKNKRVTGAGGQQR
RMAKYLNNTHVISSGPLAAGNFVSEKGDLRRGFIKSEGSGSSLVQKGLETIDNGAESSENEAEDDDNEGVASKSKKKFNM
GKEFEARNLIEDEDDGESEKSSDVDMDDEEWRSKRIEQLFPVRPVRVRHEDVETVKREIQEALSEKPTREPTPSVKTEPV
GTGLQSYLEERERQVNEKLADLGLEKEFQSVDGKEAAAELELLNADHQHILRKLKKMNNKPERFMVFQLPTRLPAFERPA
VKEEKEDMETQASDPSKKKKNIKKKDTKDALSTRELAGKVGSIRVHKSGKLSVKIGNVVMDIGKGAETTFLQDVIALSIA
DDASSAELLGRVDGKIVVTPQI
;
N
15 'polypeptide(L)'
;MDELLGEALSAENQTGESTVESEKLVTPEDVMTISSLEQRTLNPDLFLYKELVKAHLGERAASVIGMLVALGRLSVRELV
EKIDGMDVDSVKTTLVSLTQLRCVKYLQETAISGKKTTYYYYNEEGIHILLYSGLIIDEIITQMRVNDEEEHKQLVAEIV
QNVISLGSLTVEDYLSSVTSDSMKYTISSLFVQLCEMGYLIQISKLHYTPIEDLWQFLYEKHYKNIPRNSPLSDLKKRSQ
AKMNAKTDFAKIINKPNELSQILTVDPKTSLRIVKPTVSLTINLDRFMKGRRSKQLINLAKTRVGSVTAQVYKIALRLTE
QKSPKIRDPLTQTGLLQDLEEAKSFQDEAELVEEKTPGLTFNAIDLARHLPAELDLRGSLLSRKPSDNKKRSGSNAAASL
PSKKLKTEDGFVIPALPAAVSKSLQESGDTQEEDEEEEDLDADTEDPHSASLINSHLKILASSNFPFLNETKPGVYYVPY
SKLMPVLKSSVYEYVIASTLGPSAMRLSRCIRDNKLVSEKIINSTALMKEKDIRSTLASLIRYNSVEIQEVPRTADRSAS
RAVFLFRCKETHSYNFMRQNLEWNMANLLFKKEKLKQENSTLLKKANRDDVKGRENELLLPSELNQLKMVNERELNVFAR
LSRLLSLWEVFQMA
;
O
16 'polypeptide(L)'
;MSGMIENGLQLSDNAKTLHSQMMSKGIGALFTQQELQKQMGIGSLTDLMSIVQELLDKNLIKLVKQNDELKFQGVLESEA
QKKATMSAEEALVYSYIEASGREGIWSKTIKARTNLHQHVVLKCLKSLESQRYVKSVKSVKFPTRKIYMLYSLQPSVDIT
GGPWFTDGELDIEFINSLLTIVWRFISENTFPNGFKNFENGPKKNVFYAPNVKNYSTTQEILEFITAAQVANVELTPSNI
RSLCEVLVYDDKLEKVTHDCYRVTLESILQMNQGEGEPEAGNKALEDEEEFSIFNYFKMFPASKHDKEVVYFDEWTI
;
P
17 'polypeptide(L)'
;MSSYRGGSRGGGSNYMSNLPFGLGYGDVGKNHITEFPSIPLPINGPITNKERSLAVKYINFGKTVKDGPFYTGSMSLIID
QQENSKSGKRKPNIILDEDDTNDGIERYSDKYLKKRKIGISIDDHPYNLNLFPNELYNVMGINKKKLLAISKFNNADDVF
TGTGLQDENIGLSMLAKLKELAEDVDDASTGDGAAKGSKTGEGEDDDLADDDFEEDEDEEDDDDYNAEKYFNNGDDDDYG
DEEDPNEEAAF
;
Q
18 'polypeptide(L)'
;MADEERLKEFKEANKIVFDPNTRQVWENQNRDGTKPATTFQSEEDIKRAAPESEKDTSATSGIVPTLQNIVATVTLGCRL
DLKTVALHARNAEYNPKRFAAVIMRIREPKTTALIFASGKMVVTGAKSEDDSKLASRKYARIIQKIGFAAKFTDFKIQNI
VGSCDVKFPIRLEGLAFSHGTFSSYEPELFPGLIYRMVKPKIVLLIFVSGKIVLTGAKQREEIYQAFEAIYPVLSEFRKM
;
U
19 'polypeptide(L)'
;MPVCKNCHGTEFERDLSNANNDLVCKACGVVSEDNPIVSEVTFGETSAGAAVVQGSFIGAGQSHAAFGGSSALESREATL
NNARRKLRAVSYALHIPEYITDAAFQWYKLALANNFVQGRRSQNVIASCLYVACRKEKTHHMLIDFSSRLQVSVYSIGAT
FLKMVKKLHITELPLADPSLFIQHFAEKLDLADKKIKVVKDAVKLAQRMSKDWMFEGRRPAGIAGACILLACRMNNLRRT
HTEIVAVSHVAEETLQQRLNEFKNTKAAKLSVQKFRENDVEDGEARPPSFVKNRKKERKIKDSLDKEEMFQTSEEALNKN
PILTQVLGEQELSSKEVLFYLKQFSERRARVVERIKATNGIDGENIYHEGSENETRKRKLSEVSIQNEHVEGEDKETEGT
EEKVKKVKTKTSEEKKENESGHFQDAIDGYSLETDPYCPRNLHLLPTTDTYLSKVSDDPDNLEDVDDEELNAHLLNEEAS
KLKERIWIGLNADFLLEQESKRLKQEADIATGNTSVKKKRTRRRNNTRSDEPTKTVDAAAAIGLMSDLQDKSGLHAALKA
AEESGDFTTADSVKNMLQKASFSKKINYDAIDGLFR
;
V
20 'polypeptide(L)'
;MSSIVNKSGTRFAPKVRQRRAATGGTPTPKPRTPQLFIPESKEIEEDNSDNDKGVDENETAIVEKPSLVGERSLEGFTLT
GTNGHDNEIGDEGPIDASTQNPKADVIEDNVTLKPAPLQTHRDQKVPRSSRLASLSKDNESRPSFKPSFLDSSSNSNGTA
RRLSTISNKLPKKIRLGSITENDMNLKTFKRHRVLGKPSSAKKPAGAHRISIVSKISPPTAMTDSLDRNEFSSETSTSRE
ADENENYVISKVKDIPKKVRDGESAKYFIDEENFTMAELCKPNFPIGQISENFEKSKMAKKAKLEKRRHLRELRMRARQE
FKPLHSLTKEEQEEEEEKRKEERDKLLNADIPESDRKAHTAIQLKLNPDGTMAIDEETMVVDRHKNASIENEYKEKVDEN
PFANLYNYGSYGRGSYTDPWTVEEMIKFYKALSMWGTDFNLISQLYPYRSRKQVKAKFVNEEKKRPILIELALRSKLPPN
FDEYCCEIKKNIGTVADFNEKLIELQNEHKHHMKEIEEAKNTAKEEDQTAQRLNDANLNKKGSGGIMTNDLKVYRKTEVV
LGTIDDLKRKKLKERNNDDNEDNEGSEEEPEIDQ
;
W
21 'polydeoxyribonucleotide'
;(DC)(DG)(DT)(DC)(DC)(DA)(DC)(DT)(DA)(DT)(DT)(DT)(DT)(DC)(DG)(DG)(DC)(DT)(DA)(DC)
(DT)(DA)(DT)(DA)(DA)(DA)(DT)(DA)(DA)(DA)(DT)(DG)(DT)(DT)(DT)(DT)(DT)(DT)(DT)(DC)
(DG)(DC)(DA)(DA)(DC)(DT)(DA)(DT)(DG)(DT)(DG)(DT)(DT)(DC)(DG)(DC)(DG)(DA)(DA)(DG)
(DT)(DA)(DA)(DC)(DC)(DC)(DT)(DT)(DC)(DG)(DT)(DG)(DG)(DA)(DC)(DA)(DT)(DT)(DT)(DG)
(DG)
;
X
22 'polydeoxyribonucleotide'
;(DC)(DC)(DA)(DA)(DA)(DT)(DG)(DT)(DC)(DC)(DA)(DC)(DG)(DA)(DA)(DG)(DG)(DG)(DT)(DT)
(DA)(DC)(DT)(DT)(DC)(DG)(DC)(DG)(DA)(DA)(DC)(DA)(DC)(DA)(DT)(DA)(DG)(DT)(DT)(DG)
(DC)(DG)(DA)(DA)(DA)(DA)(DA)(DA)(DA)(DC)(DA)(DT)(DT)(DT)(DA)(DT)(DT)(DT)(DA)(DT)
(DA)(DG)(DT)(DA)(DG)(DC)(DC)(DG)(DA)(DA)(DA)(DA)(DT)(DA)(DG)(DT)(DG)(DG)(DA)(DC)
(DG)
;
Y
#
loop_
_chem_comp.id
_chem_comp.type
_chem_comp.name
_chem_comp.formula
DA DNA linking 2'-DEOXYADENOSINE-5'-MONOPHOSPHATE 'C10 H14 N5 O6 P'
DC DNA linking 2'-DEOXYCYTIDINE-5'-MONOPHOSPHATE 'C9 H14 N3 O7 P'
DG DNA linking 2'-DEOXYGUANOSINE-5'-MONOPHOSPHATE 'C10 H14 N5 O7 P'
DT DNA linking THYMIDINE-5'-MONOPHOSPHATE 'C10 H15 N2 O8 P'
ZN non-polymer 'ZINC ION' 'Zn 2'
#
# COMPACT_ATOMS: atom_id res chain seq x y z
CA LYS A 2 9.88 -50.90 23.71
C LYS A 2 11.08 -51.72 23.23
N GLU A 3 12.12 -51.75 24.06
CA GLU A 3 13.38 -52.47 23.79
C GLU A 3 13.90 -52.21 22.37
N VAL A 4 13.58 -51.05 21.82
CA VAL A 4 13.99 -50.68 20.47
C VAL A 4 14.59 -49.28 20.51
N VAL A 5 15.61 -49.06 19.69
CA VAL A 5 16.44 -47.87 19.76
C VAL A 5 15.83 -46.79 18.88
N VAL A 6 16.07 -45.53 19.24
CA VAL A 6 15.83 -44.40 18.35
C VAL A 6 17.08 -43.54 18.31
N SER A 7 17.50 -43.13 17.12
CA SER A 7 18.79 -42.47 16.94
C SER A 7 18.77 -41.74 15.62
N GLU A 8 19.03 -40.43 15.64
CA GLU A 8 19.13 -39.67 14.41
C GLU A 8 20.06 -38.48 14.61
N THR A 9 20.92 -38.25 13.63
CA THR A 9 21.85 -37.14 13.67
C THR A 9 21.11 -35.81 13.51
N PRO A 10 21.66 -34.71 14.04
CA PRO A 10 21.16 -33.40 13.64
C PRO A 10 21.60 -33.06 12.23
N LYS A 11 20.73 -32.37 11.50
CA LYS A 11 20.96 -32.09 10.09
C LYS A 11 20.80 -30.60 9.82
N ARG A 12 21.02 -30.24 8.55
CA ARG A 12 21.20 -28.85 8.12
C ARG A 12 20.39 -28.69 6.83
N ILE A 13 20.59 -27.58 6.13
CA ILE A 13 20.04 -27.38 4.79
C ILE A 13 21.19 -26.94 3.89
N LYS A 14 21.55 -27.79 2.92
CA LYS A 14 22.61 -27.44 1.99
C LYS A 14 22.15 -26.51 0.88
N GLY A 15 20.85 -26.45 0.61
CA GLY A 15 20.33 -25.56 -0.41
C GLY A 15 18.92 -25.88 -0.86
N LEU A 16 18.16 -24.83 -1.17
CA LEU A 16 16.89 -25.00 -1.88
C LEU A 16 17.13 -25.39 -3.34
N GLU A 17 16.21 -26.18 -3.89
CA GLU A 17 16.16 -26.38 -5.32
C GLU A 17 14.70 -26.47 -5.76
N PHE A 18 14.38 -25.84 -6.89
CA PHE A 18 13.00 -25.54 -7.23
C PHE A 18 12.49 -26.47 -8.34
N SER A 19 11.18 -26.49 -8.47
CA SER A 19 10.46 -27.21 -9.53
C SER A 19 9.00 -26.82 -9.44
N ALA A 20 8.30 -26.90 -10.57
CA ALA A 20 6.85 -26.95 -10.54
C ALA A 20 6.41 -28.41 -10.42
N LEU A 21 5.59 -28.69 -9.41
CA LEU A 21 5.17 -30.07 -9.19
C LEU A 21 4.07 -30.45 -10.17
N SER A 22 3.80 -31.76 -10.23
CA SER A 22 3.06 -32.33 -11.35
C SER A 22 1.57 -32.02 -11.21
N ALA A 23 0.78 -32.57 -12.13
CA ALA A 23 -0.66 -32.65 -11.99
C ALA A 23 -1.09 -33.92 -11.27
N ALA A 24 -0.15 -34.68 -10.72
CA ALA A 24 -0.42 -35.89 -9.97
C ALA A 24 0.11 -35.85 -8.55
N ASP A 25 1.05 -34.96 -8.25
CA ASP A 25 1.51 -34.74 -6.88
C ASP A 25 0.61 -33.80 -6.09
N ILE A 26 -0.37 -33.18 -6.73
CA ILE A 26 -1.29 -32.31 -6.00
C ILE A 26 -2.25 -33.15 -5.17
N VAL A 27 -2.85 -34.17 -5.78
CA VAL A 27 -3.73 -35.08 -5.05
C VAL A 27 -2.94 -36.05 -4.18
N ALA A 28 -1.61 -36.10 -4.35
CA ALA A 28 -0.77 -36.88 -3.45
C ALA A 28 -0.68 -36.23 -2.07
N GLN A 29 -0.50 -34.92 -2.03
CA GLN A 29 -0.39 -34.20 -0.77
C GLN A 29 -1.71 -33.62 -0.27
N SER A 30 -2.73 -33.56 -1.12
CA SER A 30 -4.05 -33.15 -0.67
C SER A 30 -4.71 -34.30 0.12
N GLU A 31 -5.70 -33.94 0.93
CA GLU A 31 -6.46 -34.93 1.67
C GLU A 31 -7.97 -34.73 1.63
N VAL A 32 -8.48 -33.54 1.32
CA VAL A 32 -9.90 -33.34 1.13
C VAL A 32 -10.15 -32.97 -0.33
N GLU A 33 -11.43 -32.84 -0.71
CA GLU A 33 -11.79 -32.22 -1.97
C GLU A 33 -12.93 -31.25 -1.76
N VAL A 34 -12.97 -30.22 -2.61
CA VAL A 34 -13.83 -29.04 -2.42
C VAL A 34 -14.86 -28.92 -3.54
N SER A 35 -15.49 -30.04 -3.89
CA SER A 35 -16.45 -30.06 -5.01
C SER A 35 -17.54 -29.01 -4.86
N THR A 36 -18.14 -28.90 -3.68
CA THR A 36 -19.30 -28.04 -3.55
C THR A 36 -18.89 -26.58 -3.33
N ARG A 37 -19.88 -25.70 -3.39
CA ARG A 37 -19.66 -24.27 -3.58
C ARG A 37 -19.71 -23.48 -2.27
N ASP A 38 -20.85 -23.51 -1.59
CA ASP A 38 -21.16 -22.49 -0.61
C ASP A 38 -20.49 -22.78 0.73
N LEU A 39 -19.94 -21.74 1.35
CA LEU A 39 -19.04 -21.92 2.48
C LEU A 39 -19.80 -22.33 3.74
N PHE A 40 -21.06 -21.93 3.87
CA PHE A 40 -21.78 -22.02 5.13
C PHE A 40 -23.10 -22.74 4.90
N ASP A 41 -23.25 -23.89 5.55
CA ASP A 41 -24.54 -24.58 5.60
C ASP A 41 -25.50 -23.78 6.47
N LEU A 42 -26.78 -23.82 6.10
CA LEU A 42 -27.81 -23.10 6.86
C LEU A 42 -28.42 -23.95 7.96
N GLU A 43 -27.66 -24.91 8.48
CA GLU A 43 -28.02 -25.61 9.71
C GLU A 43 -28.03 -24.67 10.90
N LYS A 44 -27.40 -23.49 10.77
CA LYS A 44 -27.34 -22.47 11.81
C LYS A 44 -26.63 -22.99 13.05
N ASP A 45 -25.60 -23.81 12.83
CA ASP A 45 -24.72 -24.28 13.90
C ASP A 45 -23.59 -23.28 14.06
N ARG A 46 -22.55 -23.64 14.82
CA ARG A 46 -21.42 -22.76 14.99
C ARG A 46 -20.33 -22.97 13.95
N ALA A 47 -20.11 -24.22 13.51
CA ALA A 47 -19.13 -24.54 12.47
C ALA A 47 -19.81 -25.26 11.30
N PRO A 48 -20.70 -24.60 10.57
CA PRO A 48 -21.33 -25.28 9.43
C PRO A 48 -20.48 -25.24 8.17
N LYS A 49 -19.79 -26.35 7.89
CA LYS A 49 -18.91 -26.44 6.72
C LYS A 49 -18.98 -27.87 6.21
N ALA A 50 -19.56 -28.06 5.02
CA ALA A 50 -19.92 -29.42 4.59
C ALA A 50 -18.74 -30.11 3.92
N ASN A 51 -18.36 -29.66 2.73
CA ASN A 51 -17.30 -30.33 1.98
C ASN A 51 -16.34 -29.33 1.34
N GLY A 52 -16.87 -28.22 0.84
CA GLY A 52 -16.15 -27.38 -0.11
C GLY A 52 -15.84 -26.00 0.41
N ALA A 53 -15.35 -25.93 1.65
CA ALA A 53 -15.43 -24.71 2.44
C ALA A 53 -14.19 -24.65 3.34
N LEU A 54 -14.27 -23.84 4.39
CA LEU A 54 -13.28 -23.89 5.47
C LEU A 54 -13.50 -25.17 6.27
N ASP A 55 -13.06 -26.28 5.69
CA ASP A 55 -13.44 -27.60 6.18
C ASP A 55 -12.65 -27.93 7.44
N PRO A 56 -13.27 -28.57 8.43
CA PRO A 56 -12.54 -28.84 9.68
C PRO A 56 -11.49 -29.94 9.58
N LYS A 57 -11.41 -30.67 8.47
CA LYS A 57 -10.24 -31.51 8.21
C LYS A 57 -9.44 -31.03 6.99
N MET A 58 -9.60 -29.76 6.62
CA MET A 58 -8.60 -29.03 5.84
C MET A 58 -7.69 -28.19 6.71
N GLY A 59 -8.24 -27.59 7.77
CA GLY A 59 -7.46 -26.88 8.76
C GLY A 59 -8.35 -26.45 9.92
N VAL A 60 -7.99 -25.34 10.56
CA VAL A 60 -8.82 -24.74 11.60
C VAL A 60 -8.50 -23.25 11.65
N SER A 61 -9.54 -22.42 11.61
CA SER A 61 -9.38 -20.99 11.45
C SER A 61 -9.86 -20.20 12.67
N SER A 62 -10.08 -20.86 13.80
CA SER A 62 -10.45 -20.16 15.02
C SER A 62 -9.91 -20.92 16.22
N SER A 63 -10.00 -20.28 17.39
CA SER A 63 -9.47 -20.85 18.61
C SER A 63 -10.43 -21.78 19.33
N SER A 64 -11.68 -21.86 18.89
CA SER A 64 -12.69 -22.69 19.53
C SER A 64 -13.01 -23.96 18.75
N LEU A 65 -12.19 -24.32 17.76
CA LEU A 65 -12.46 -25.48 16.93
C LEU A 65 -11.36 -26.52 17.12
N GLU A 66 -11.43 -27.58 16.32
CA GLU A 66 -10.46 -28.67 16.38
C GLU A 66 -10.12 -29.10 14.96
N CYS A 67 -8.84 -29.29 14.68
CA CYS A 67 -8.43 -29.78 13.38
C CYS A 67 -8.62 -31.29 13.35
N ALA A 68 -9.51 -31.75 12.46
CA ALA A 68 -9.91 -33.15 12.43
C ALA A 68 -8.87 -34.07 11.80
N THR A 69 -7.74 -33.56 11.31
CA THR A 69 -6.73 -34.43 10.73
C THR A 69 -5.53 -34.67 11.64
N CYS A 70 -4.80 -33.63 12.00
CA CYS A 70 -3.54 -33.86 12.71
C CYS A 70 -3.75 -34.02 14.21
N HIS A 71 -4.03 -32.92 14.91
CA HIS A 71 -5.06 -32.69 15.91
C HIS A 71 -4.67 -31.37 16.58
N GLY A 72 -5.54 -30.81 17.41
CA GLY A 72 -5.17 -29.58 18.05
C GLY A 72 -6.00 -28.40 17.56
N ASN A 73 -5.97 -27.33 18.35
CA ASN A 73 -6.94 -26.24 18.25
C ASN A 73 -6.41 -25.11 17.38
N LEU A 74 -5.33 -24.46 17.79
CA LEU A 74 -4.70 -23.42 16.97
C LEU A 74 -3.18 -23.41 17.04
N ALA A 75 -2.56 -23.94 18.10
CA ALA A 75 -1.11 -24.01 18.19
C ALA A 75 -0.53 -25.31 17.65
N SER A 76 -1.32 -26.38 17.63
CA SER A 76 -0.84 -27.67 17.15
C SER A 76 -1.01 -27.85 15.65
N CYS A 77 -1.97 -27.18 15.03
CA CYS A 77 -2.27 -27.39 13.62
C CYS A 77 -1.24 -26.67 12.76
N HIS A 78 -0.56 -27.42 11.89
CA HIS A 78 0.41 -26.85 10.97
C HIS A 78 -0.18 -26.50 9.62
N GLY A 79 -1.46 -26.78 9.40
CA GLY A 79 -2.10 -26.48 8.13
C GLY A 79 -1.99 -27.60 7.12
N HIS A 80 -3.06 -27.82 6.35
CA HIS A 80 -3.16 -28.97 5.46
C HIS A 80 -3.75 -28.52 4.13
N PHE A 81 -3.38 -29.22 3.06
CA PHE A 81 -3.75 -28.81 1.71
C PHE A 81 -5.01 -29.54 1.24
N GLY A 82 -5.82 -28.81 0.46
CA GLY A 82 -6.87 -29.40 -0.33
C GLY A 82 -6.59 -29.18 -1.81
N HIS A 83 -7.36 -29.88 -2.65
CA HIS A 83 -7.18 -29.76 -4.10
C HIS A 83 -8.51 -29.53 -4.79
N LEU A 84 -8.43 -28.90 -5.95
CA LEU A 84 -9.53 -28.71 -6.89
C LEU A 84 -9.33 -29.56 -8.13
N LYS A 85 -10.36 -29.61 -8.97
CA LYS A 85 -10.31 -30.36 -10.22
C LYS A 85 -11.06 -29.54 -11.26
N LEU A 86 -10.32 -28.98 -12.22
CA LEU A 86 -10.91 -28.11 -13.22
C LEU A 86 -11.73 -28.92 -14.23
N ALA A 87 -12.64 -28.22 -14.90
CA ALA A 87 -13.52 -28.87 -15.87
C ALA A 87 -12.78 -29.10 -17.18
N LEU A 88 -12.07 -28.09 -17.66
CA LEU A 88 -11.17 -28.20 -18.81
C LEU A 88 -10.04 -27.21 -18.62
N PRO A 89 -8.82 -27.54 -19.07
CA PRO A 89 -7.63 -26.83 -18.60
C PRO A 89 -7.55 -25.38 -19.09
N VAL A 90 -6.70 -24.63 -18.40
CA VAL A 90 -6.46 -23.21 -18.67
C VAL A 90 -4.96 -22.95 -18.55
N PHE A 91 -4.55 -21.72 -18.84
CA PHE A 91 -3.15 -21.32 -18.76
C PHE A 91 -2.79 -20.80 -17.37
N HIS A 92 -1.53 -21.01 -17.01
CA HIS A 92 -0.94 -20.47 -15.79
C HIS A 92 -0.43 -19.05 -16.06
N ILE A 93 -0.84 -18.10 -15.23
CA ILE A 93 -0.46 -16.70 -15.47
C ILE A 93 0.98 -16.41 -15.07
N GLY A 94 1.61 -17.32 -14.32
CA GLY A 94 3.01 -17.17 -13.98
C GLY A 94 3.91 -17.69 -15.08
N TYR A 95 3.58 -18.88 -15.56
CA TYR A 95 4.29 -19.55 -16.64
C TYR A 95 3.80 -19.15 -18.02
N PHE A 96 3.07 -18.03 -18.12
CA PHE A 96 2.46 -17.64 -19.38
C PHE A 96 3.51 -17.22 -20.40
N LYS A 97 4.61 -16.61 -19.95
CA LYS A 97 5.68 -16.25 -20.87
C LYS A 97 6.46 -17.49 -21.31
N ALA A 98 6.70 -18.42 -20.40
CA ALA A 98 7.44 -19.64 -20.69
C ALA A 98 6.53 -20.79 -21.12
N THR A 99 5.35 -20.49 -21.65
CA THR A 99 4.57 -21.45 -22.42
C THR A 99 4.30 -20.97 -23.85
N ILE A 100 4.82 -19.80 -24.23
CA ILE A 100 4.95 -19.44 -25.63
C ILE A 100 6.41 -19.45 -26.10
N GLN A 101 7.37 -19.22 -25.20
CA GLN A 101 8.77 -19.28 -25.59
C GLN A 101 9.24 -20.72 -25.79
N ILE A 102 8.50 -21.71 -25.27
CA ILE A 102 8.69 -23.09 -25.65
C ILE A 102 7.64 -23.56 -26.64
N LEU A 103 6.78 -22.66 -27.10
CA LEU A 103 5.86 -22.92 -28.21
C LEU A 103 6.30 -22.24 -29.50
N GLN A 104 7.22 -21.28 -29.42
CA GLN A 104 7.90 -20.76 -30.60
C GLN A 104 9.02 -21.66 -31.10
N GLY A 105 9.31 -22.77 -30.42
CA GLY A 105 10.40 -23.62 -30.83
C GLY A 105 9.95 -24.89 -31.51
N ILE A 106 8.80 -25.41 -31.09
CA ILE A 106 8.32 -26.69 -31.62
C ILE A 106 7.56 -26.45 -32.93
N CYS A 107 7.38 -27.53 -33.68
CA CYS A 107 6.47 -27.49 -34.82
C CYS A 107 5.02 -27.41 -34.35
N LYS A 108 4.14 -26.98 -35.25
CA LYS A 108 2.73 -26.82 -34.93
C LYS A 108 1.84 -27.89 -35.54
N ASN A 109 2.40 -28.88 -36.24
CA ASN A 109 1.63 -30.00 -36.75
C ASN A 109 2.03 -31.32 -36.09
N CYS A 110 3.29 -31.72 -36.22
CA CYS A 110 3.82 -32.92 -35.59
C CYS A 110 4.46 -32.63 -34.24
N SER A 111 4.72 -31.35 -33.96
CA SER A 111 5.25 -30.87 -32.68
C SER A 111 6.60 -31.52 -32.36
N ALA A 112 7.56 -31.19 -33.21
CA ALA A 112 8.97 -31.43 -32.95
C ALA A 112 9.71 -30.09 -32.99
N ILE A 113 10.89 -30.06 -32.37
CA ILE A 113 11.63 -28.81 -32.28
C ILE A 113 12.14 -28.43 -33.65
N LEU A 114 11.96 -27.15 -34.02
CA LEU A 114 12.34 -26.70 -35.35
C LEU A 114 13.85 -26.62 -35.48
N LEU A 115 14.51 -27.77 -35.58
CA LEU A 115 15.95 -27.85 -35.69
C LEU A 115 16.33 -29.08 -36.50
N SER A 116 17.49 -29.02 -37.14
CA SER A 116 18.05 -30.18 -37.82
C SER A 116 18.81 -31.04 -36.81
N GLU A 117 19.46 -32.09 -37.30
CA GLU A 117 19.98 -33.13 -36.42
C GLU A 117 21.40 -32.83 -35.97
N THR A 118 22.30 -32.55 -36.92
CA THR A 118 23.69 -32.23 -36.58
C THR A 118 23.85 -30.83 -35.99
N ASP A 119 22.84 -29.98 -36.10
CA ASP A 119 22.91 -28.65 -35.52
C ASP A 119 22.62 -28.69 -34.02
N LYS A 120 21.58 -29.42 -33.63
CA LYS A 120 21.17 -29.46 -32.22
C LYS A 120 22.21 -30.13 -31.34
N ARG A 121 22.93 -31.12 -31.89
CA ARG A 121 23.97 -31.82 -31.12
C ARG A 121 25.14 -30.90 -30.80
N GLN A 122 25.38 -29.90 -31.64
CA GLN A 122 26.34 -28.85 -31.30
C GLN A 122 25.83 -27.94 -30.19
N PHE A 123 24.50 -27.75 -30.09
CA PHE A 123 23.97 -26.84 -29.08
C PHE A 123 24.08 -27.40 -27.67
N LEU A 124 23.55 -28.61 -27.42
CA LEU A 124 23.58 -29.15 -26.07
C LEU A 124 24.95 -29.68 -25.68
N HIS A 125 25.91 -29.69 -26.61
CA HIS A 125 27.31 -29.84 -26.23
C HIS A 125 27.85 -28.65 -25.45
N GLU A 126 27.25 -27.48 -25.59
CA GLU A 126 27.60 -26.35 -24.74
C GLU A 126 26.87 -26.34 -23.40
N LEU A 127 26.10 -27.39 -23.11
CA LEU A 127 25.51 -27.57 -21.79
C LEU A 127 26.28 -28.55 -20.92
N ARG A 128 26.90 -29.57 -21.51
CA ARG A 128 27.48 -30.68 -20.75
C ARG A 128 28.78 -30.34 -20.06
N ARG A 129 29.45 -29.24 -20.42
CA ARG A 129 30.73 -28.91 -19.82
C ARG A 129 30.53 -28.44 -18.38
N PRO A 130 31.50 -28.71 -17.51
CA PRO A 130 31.25 -28.53 -16.07
C PRO A 130 31.20 -27.08 -15.62
N GLY A 131 31.82 -26.16 -16.36
CA GLY A 131 31.70 -24.76 -16.03
C GLY A 131 30.59 -24.06 -16.79
N VAL A 132 29.40 -24.01 -16.19
CA VAL A 132 28.25 -23.32 -16.75
C VAL A 132 27.56 -22.57 -15.62
N ASP A 133 27.42 -21.26 -15.77
CA ASP A 133 26.75 -20.43 -14.78
C ASP A 133 25.39 -19.96 -15.30
N ASN A 134 24.57 -19.47 -14.37
CA ASN A 134 23.26 -18.92 -14.73
C ASN A 134 23.39 -17.66 -15.57
N LEU A 135 24.53 -16.98 -15.51
CA LEU A 135 24.82 -15.91 -16.46
C LEU A 135 24.84 -16.43 -17.89
N ARG A 136 25.43 -17.61 -18.13
CA ARG A 136 25.59 -18.13 -19.47
C ARG A 136 24.65 -19.29 -19.80
N ARG A 137 24.03 -19.90 -18.79
CA ARG A 137 23.05 -20.96 -19.08
C ARG A 137 21.81 -20.39 -19.74
N MET A 138 21.27 -19.29 -19.21
CA MET A 138 20.14 -18.61 -19.83
C MET A 138 20.56 -17.79 -21.04
N GLY A 139 21.85 -17.49 -21.19
CA GLY A 139 22.28 -16.74 -22.35
C GLY A 139 22.28 -17.58 -23.61
N ILE A 140 22.73 -18.84 -23.51
CA ILE A 140 22.82 -19.71 -24.68
C ILE A 140 21.48 -20.28 -25.09
N LEU A 141 20.44 -20.13 -24.27
CA LEU A 141 19.09 -20.45 -24.71
C LEU A 141 18.45 -19.33 -25.52
N LYS A 142 19.07 -18.16 -25.59
CA LYS A 142 18.61 -17.13 -26.52
C LYS A 142 18.95 -17.50 -27.95
N LYS A 143 20.00 -18.29 -28.15
CA LYS A 143 20.41 -18.71 -29.49
C LYS A 143 19.65 -19.94 -29.96
N ILE A 144 19.16 -20.78 -29.03
CA ILE A 144 18.38 -21.93 -29.42
C ILE A 144 16.99 -21.54 -29.89
N LEU A 145 16.54 -20.33 -29.56
CA LEU A 145 15.17 -19.91 -29.82
C LEU A 145 15.03 -19.12 -31.12
N ASP A 146 16.02 -18.28 -31.45
CA ASP A 146 16.03 -17.61 -32.74
C ASP A 146 16.24 -18.61 -33.87
N GLN A 147 17.08 -19.61 -33.63
CA GLN A 147 17.35 -20.64 -34.64
C GLN A 147 16.14 -21.52 -34.90
N CYS A 148 15.22 -21.60 -33.93
CA CYS A 148 13.92 -22.21 -34.18
C CYS A 148 12.92 -21.23 -34.79
N LYS A 149 13.13 -19.93 -34.63
CA LYS A 149 12.23 -18.95 -35.23
C LYS A 149 12.70 -18.51 -36.62
N LYS A 150 13.98 -18.66 -36.93
CA LYS A 150 14.51 -18.38 -38.26
C LYS A 150 14.50 -19.61 -39.16
N GLN A 151 13.60 -20.56 -38.90
CA GLN A 151 13.53 -21.80 -39.66
C GLN A 151 12.05 -22.07 -39.94
N ARG A 152 11.65 -21.96 -41.20
CA ARG A 152 10.23 -21.84 -41.53
C ARG A 152 9.47 -23.16 -41.47
N ARG A 153 10.11 -24.27 -41.83
CA ARG A 153 9.41 -25.53 -42.01
C ARG A 153 10.15 -26.65 -41.29
N CYS A 154 9.40 -27.55 -40.68
CA CYS A 154 9.95 -28.56 -39.78
C CYS A 154 10.59 -29.68 -40.60
N LEU A 155 10.99 -30.75 -39.91
CA LEU A 155 11.69 -31.89 -40.53
C LEU A 155 10.81 -33.09 -40.76
N HIS A 156 9.90 -33.40 -39.83
CA HIS A 156 9.19 -34.68 -39.85
C HIS A 156 7.91 -34.65 -40.68
N CYS A 157 7.35 -33.47 -40.93
CA CYS A 157 6.28 -33.32 -41.90
C CYS A 157 6.42 -32.11 -42.81
N GLY A 158 7.41 -31.24 -42.57
CA GLY A 158 7.68 -30.12 -43.46
C GLY A 158 6.67 -29.00 -43.42
N ALA A 159 5.69 -29.06 -42.53
CA ALA A 159 4.62 -28.07 -42.54
C ALA A 159 5.14 -26.71 -42.09
N LEU A 160 4.66 -25.66 -42.73
CA LEU A 160 5.22 -24.32 -42.50
C LEU A 160 4.75 -23.79 -41.15
N ASN A 161 5.66 -23.09 -40.47
CA ASN A 161 5.37 -22.51 -39.16
C ASN A 161 5.91 -21.10 -39.13
N GLY A 162 5.03 -20.13 -38.88
CA GLY A 162 5.44 -18.74 -38.84
C GLY A 162 5.87 -18.30 -37.46
N VAL A 163 5.18 -17.31 -36.91
CA VAL A 163 5.46 -16.79 -35.57
C VAL A 163 4.17 -16.85 -34.76
N VAL A 164 4.32 -17.02 -33.45
CA VAL A 164 3.20 -17.00 -32.53
C VAL A 164 3.49 -16.01 -31.41
N LYS A 165 2.49 -15.20 -31.07
CA LYS A 165 2.65 -14.10 -30.13
C LYS A 165 1.34 -13.92 -29.37
N LYS A 166 1.28 -12.89 -28.53
CA LYS A 166 0.06 -12.57 -27.81
C LYS A 166 -0.96 -11.94 -28.75
N ALA A 167 -2.19 -11.80 -28.24
CA ALA A 167 -3.29 -11.14 -28.94
C ALA A 167 -3.80 -10.01 -28.06
N ALA A 168 -3.15 -8.85 -28.15
CA ALA A 168 -3.53 -7.69 -27.37
C ALA A 168 -4.37 -6.72 -28.19
N ALA A 175 -8.32 -11.77 -24.21
CA ALA A 175 -7.53 -11.44 -23.04
C ALA A 175 -6.55 -12.56 -22.69
N LEU A 176 -5.26 -12.25 -22.80
CA LEU A 176 -4.16 -13.15 -22.41
C LEU A 176 -4.25 -14.50 -23.12
N LYS A 177 -4.80 -14.51 -24.33
CA LYS A 177 -4.73 -15.64 -25.22
C LYS A 177 -3.83 -15.31 -26.41
N ILE A 178 -3.24 -16.34 -26.99
CA ILE A 178 -2.15 -16.18 -27.96
C ILE A 178 -2.55 -16.85 -29.26
N ILE A 179 -2.07 -16.29 -30.37
CA ILE A 179 -2.44 -16.74 -31.71
C ILE A 179 -1.20 -16.90 -32.56
N HIS A 180 -1.29 -17.78 -33.55
CA HIS A 180 -0.14 -18.24 -34.33
C HIS A 180 -0.22 -17.60 -35.72
N ASP A 181 0.62 -16.60 -35.96
CA ASP A 181 0.68 -15.94 -37.26
C ASP A 181 1.37 -16.89 -38.24
N THR A 182 0.59 -17.66 -38.99
CA THR A 182 1.09 -18.80 -39.73
C THR A 182 1.58 -18.47 -41.13
N PHE A 183 1.29 -17.28 -41.64
CA PHE A 183 1.48 -16.98 -43.07
C PHE A 183 2.61 -15.96 -43.23
N ARG A 184 3.76 -16.43 -43.71
CA ARG A 184 4.86 -15.61 -44.20
C ARG A 184 5.14 -15.97 -45.66
N TRP A 185 4.41 -15.36 -46.58
CA TRP A 185 4.70 -15.52 -48.00
C TRP A 185 5.40 -14.27 -48.52
N VAL A 186 6.38 -14.46 -49.39
CA VAL A 186 7.08 -13.36 -50.03
C VAL A 186 6.46 -13.05 -51.38
N GLY A 187 6.52 -14.02 -52.30
CA GLY A 187 5.73 -13.98 -53.51
C GLY A 187 5.35 -15.38 -53.96
N LYS A 188 5.81 -16.38 -53.24
CA LYS A 188 5.66 -17.78 -53.64
C LYS A 188 4.45 -18.39 -52.92
N LYS A 189 3.27 -17.88 -53.30
CA LYS A 189 2.03 -18.30 -52.66
C LYS A 189 1.61 -19.71 -53.06
N SER A 190 2.27 -20.32 -54.04
CA SER A 190 1.94 -21.68 -54.47
C SER A 190 2.58 -22.68 -53.49
N ALA A 191 2.06 -22.66 -52.26
CA ALA A 191 2.28 -23.67 -51.25
C ALA A 191 1.00 -24.48 -51.00
N PRO A 192 1.11 -25.75 -50.63
CA PRO A 192 -0.10 -26.57 -50.50
C PRO A 192 -1.01 -26.08 -49.37
N GLU A 193 -0.44 -25.68 -48.24
CA GLU A 193 -1.26 -25.26 -47.11
C GLU A 193 -1.97 -23.95 -47.39
N LYS A 194 -1.32 -23.07 -48.16
CA LYS A 194 -1.99 -21.85 -48.62
C LYS A 194 -3.08 -22.17 -49.62
N ASP A 195 -2.88 -23.19 -50.46
CA ASP A 195 -3.92 -23.63 -51.39
C ASP A 195 -5.05 -24.33 -50.66
N ILE A 196 -4.75 -25.05 -49.58
CA ILE A 196 -5.80 -25.62 -48.75
C ILE A 196 -6.54 -24.51 -48.01
N TRP A 197 -5.81 -23.47 -47.57
CA TRP A 197 -6.43 -22.41 -46.78
C TRP A 197 -7.49 -21.67 -47.57
N VAL A 198 -7.19 -21.33 -48.83
CA VAL A 198 -8.18 -20.70 -49.68
C VAL A 198 -9.23 -21.69 -50.16
N GLY A 199 -8.89 -22.98 -50.19
CA GLY A 199 -9.82 -24.02 -50.60
C GLY A 199 -10.74 -24.42 -49.47
N GLU A 200 -10.20 -24.48 -48.25
CA GLU A 200 -11.02 -24.86 -47.11
C GLU A 200 -11.99 -23.76 -46.72
N TRP A 201 -11.63 -22.49 -46.96
CA TRP A 201 -12.39 -21.35 -46.46
C TRP A 201 -13.45 -20.88 -47.44
N LYS A 202 -13.39 -21.32 -48.70
CA LYS A 202 -14.32 -20.84 -49.73
C LYS A 202 -15.70 -21.45 -49.59
N GLU A 203 -15.84 -22.54 -48.82
CA GLU A 203 -17.14 -23.19 -48.66
C GLU A 203 -18.09 -22.36 -47.80
N VAL A 204 -17.57 -21.62 -46.82
CA VAL A 204 -18.41 -20.79 -45.96
C VAL A 204 -18.71 -19.43 -46.58
N LEU A 205 -18.15 -19.13 -47.76
CA LEU A 205 -18.54 -17.93 -48.48
C LEU A 205 -19.93 -18.05 -49.10
N ALA A 206 -20.42 -19.28 -49.27
CA ALA A 206 -21.77 -19.49 -49.79
C ALA A 206 -22.82 -18.87 -48.88
N HIS A 207 -22.87 -19.32 -47.64
CA HIS A 207 -23.71 -18.69 -46.63
C HIS A 207 -23.09 -17.40 -46.12
N ASN A 208 -23.94 -16.51 -45.61
CA ASN A 208 -23.69 -15.25 -44.90
C ASN A 208 -22.40 -14.56 -45.32
N PRO A 209 -22.29 -14.11 -46.57
CA PRO A 209 -21.00 -13.63 -47.09
C PRO A 209 -20.63 -12.24 -46.56
N GLU A 210 -21.29 -11.81 -45.49
CA GLU A 210 -20.92 -10.60 -44.78
C GLU A 210 -19.55 -10.67 -44.13
N LEU A 211 -18.95 -11.86 -44.03
CA LEU A 211 -17.71 -12.04 -43.30
C LEU A 211 -16.47 -11.76 -44.14
N GLU A 212 -16.60 -10.94 -45.19
CA GLU A 212 -15.47 -10.69 -46.08
C GLU A 212 -14.53 -9.61 -45.56
N ARG A 213 -14.97 -8.81 -44.59
CA ARG A 213 -14.11 -7.86 -43.90
C ARG A 213 -13.36 -8.50 -42.74
N TYR A 214 -13.51 -9.80 -42.54
CA TYR A 214 -12.91 -10.54 -41.43
C TYR A 214 -11.89 -11.58 -41.90
N VAL A 215 -11.37 -11.45 -43.11
CA VAL A 215 -10.48 -12.48 -43.65
C VAL A 215 -9.11 -12.40 -42.98
N LYS A 216 -8.46 -11.25 -43.06
CA LYS A 216 -7.06 -11.18 -42.66
C LYS A 216 -6.91 -11.17 -41.14
N ARG A 217 -7.93 -10.71 -40.42
CA ARG A 217 -7.91 -10.72 -38.97
C ARG A 217 -8.15 -12.10 -38.40
N CYS A 218 -8.91 -12.94 -39.11
CA CYS A 218 -9.11 -14.32 -38.70
C CYS A 218 -7.82 -15.13 -38.86
N MET A 219 -7.60 -16.02 -37.90
CA MET A 219 -6.32 -16.69 -37.71
C MET A 219 -6.52 -17.76 -36.64
N ASP A 220 -5.71 -18.81 -36.72
CA ASP A 220 -5.99 -19.98 -35.89
C ASP A 220 -5.60 -19.72 -34.44
N ASP A 221 -6.37 -20.31 -33.53
CA ASP A 221 -6.15 -20.12 -32.11
C ASP A 221 -5.26 -21.23 -31.53
N LEU A 222 -4.86 -21.03 -30.28
CA LEU A 222 -4.25 -22.08 -29.46
C LEU A 222 -4.93 -22.00 -28.10
N ASN A 223 -6.07 -22.67 -27.97
CA ASN A 223 -6.79 -22.69 -26.71
C ASN A 223 -6.22 -23.75 -25.77
N PRO A 224 -6.39 -23.58 -24.46
CA PRO A 224 -5.69 -24.46 -23.50
C PRO A 224 -6.10 -25.92 -23.55
N LEU A 225 -7.01 -26.33 -24.43
CA LEU A 225 -7.25 -27.74 -24.68
C LEU A 225 -6.51 -28.28 -25.89
N LYS A 226 -6.12 -27.41 -26.83
CA LYS A 226 -5.25 -27.85 -27.92
C LYS A 226 -3.80 -27.95 -27.46
N THR A 227 -3.32 -26.95 -26.73
CA THR A 227 -1.91 -26.90 -26.37
C THR A 227 -1.53 -28.00 -25.37
N LEU A 228 -2.45 -28.36 -24.48
CA LEU A 228 -2.20 -29.49 -23.59
C LEU A 228 -2.10 -30.79 -24.36
N ASN A 229 -2.98 -31.01 -25.33
CA ASN A 229 -2.87 -32.15 -26.23
C ASN A 229 -1.87 -31.91 -27.36
N LEU A 230 -1.17 -30.77 -27.36
CA LEU A 230 -0.01 -30.55 -28.20
C LEU A 230 1.29 -30.81 -27.46
N PHE A 231 1.36 -30.41 -26.20
CA PHE A 231 2.54 -30.66 -25.38
C PHE A 231 2.66 -32.14 -25.00
N LYS A 232 1.58 -32.90 -25.12
CA LYS A 232 1.53 -34.26 -24.59
C LYS A 232 2.23 -35.28 -25.49
N GLN A 233 2.68 -34.88 -26.68
CA GLN A 233 3.37 -35.81 -27.56
C GLN A 233 4.76 -35.36 -27.98
N ILE A 234 5.23 -34.20 -27.52
CA ILE A 234 6.63 -33.83 -27.73
C ILE A 234 7.52 -34.73 -26.88
N LYS A 235 8.57 -35.27 -27.49
CA LYS A 235 9.23 -36.43 -26.91
C LYS A 235 10.11 -36.02 -25.73
N SER A 236 10.58 -37.02 -25.00
CA SER A 236 11.46 -36.78 -23.85
C SER A 236 12.89 -36.45 -24.28
N ALA A 237 13.28 -36.81 -25.49
CA ALA A 237 14.68 -36.79 -25.90
C ALA A 237 15.20 -35.38 -26.19
N ASP A 238 14.31 -34.43 -26.46
CA ASP A 238 14.71 -33.06 -26.79
C ASP A 238 14.27 -32.05 -25.74
N CYS A 239 14.01 -32.49 -24.50
CA CYS A 239 13.61 -31.56 -23.47
C CYS A 239 14.76 -30.64 -23.06
N GLU A 240 16.00 -31.11 -23.21
CA GLU A 240 17.16 -30.44 -22.63
C GLU A 240 17.50 -29.13 -23.32
N LEU A 241 16.98 -28.92 -24.54
CA LEU A 241 17.35 -27.77 -25.36
C LEU A 241 16.44 -26.57 -25.17
N LEU A 242 15.27 -26.75 -24.53
CA LEU A 242 14.32 -25.66 -24.35
C LEU A 242 14.00 -25.42 -22.87
N GLY A 243 14.92 -25.79 -21.97
CA GLY A 243 14.84 -25.36 -20.59
C GLY A 243 14.70 -26.46 -19.56
N ILE A 244 13.88 -27.46 -19.85
CA ILE A 244 13.48 -28.44 -18.86
C ILE A 244 14.47 -29.60 -18.89
N ASP A 245 14.60 -30.31 -17.78
CA ASP A 245 15.29 -31.58 -17.73
C ASP A 245 14.31 -32.73 -17.54
N ALA A 246 14.75 -33.92 -17.94
CA ALA A 246 14.01 -35.16 -17.70
C ALA A 246 14.46 -35.78 -16.37
N THR A 247 14.17 -37.06 -16.18
CA THR A 247 14.63 -37.96 -15.11
C THR A 247 13.91 -37.70 -13.80
N VAL A 248 13.05 -36.69 -13.71
CA VAL A 248 12.13 -36.55 -12.59
C VAL A 248 10.72 -36.83 -13.09
N PRO A 249 9.77 -37.20 -12.22
CA PRO A 249 8.40 -37.43 -12.71
C PRO A 249 7.75 -36.17 -13.28
N SER A 250 7.85 -35.06 -12.56
CA SER A 250 7.23 -33.80 -12.95
C SER A 250 8.08 -33.00 -13.94
N GLY A 251 8.99 -33.65 -14.65
CA GLY A 251 9.79 -32.99 -15.66
C GLY A 251 9.15 -32.86 -17.03
N ARG A 252 7.90 -33.27 -17.20
CA ARG A 252 7.25 -33.04 -18.48
C ARG A 252 6.82 -31.58 -18.57
N PRO A 253 6.69 -31.05 -19.79
CA PRO A 253 6.09 -29.72 -19.98
C PRO A 253 4.57 -29.72 -19.90
N GLU A 254 3.95 -30.86 -19.66
CA GLU A 254 2.49 -30.91 -19.53
C GLU A 254 2.01 -30.25 -18.25
N THR A 255 2.89 -30.13 -17.25
CA THR A 255 2.52 -29.67 -15.92
C THR A 255 2.77 -28.18 -15.73
N TYR A 256 2.71 -27.39 -16.81
CA TYR A 256 2.94 -25.96 -16.72
C TYR A 256 1.71 -25.15 -17.08
N ILE A 257 0.55 -25.79 -17.20
CA ILE A 257 -0.74 -25.13 -17.32
C ILE A 257 -1.71 -25.79 -16.34
N TRP A 258 -2.67 -25.01 -15.86
CA TRP A 258 -3.54 -25.50 -14.79
C TRP A 258 -4.46 -26.60 -15.32
N ARG A 259 -4.31 -27.80 -14.76
CA ARG A 259 -5.33 -28.82 -14.91
C ARG A 259 -5.95 -29.22 -13.59
N TYR A 260 -5.13 -29.38 -12.54
CA TYR A 260 -5.57 -29.36 -11.16
C TYR A 260 -4.92 -28.17 -10.47
N LEU A 261 -5.65 -27.56 -9.53
CA LEU A 261 -5.00 -26.57 -8.69
C LEU A 261 -5.20 -26.91 -7.22
N PRO A 262 -4.17 -26.74 -6.40
CA PRO A 262 -4.30 -27.01 -4.97
C PRO A 262 -4.99 -25.87 -4.24
N ALA A 263 -5.58 -26.20 -3.09
CA ALA A 263 -6.12 -25.18 -2.21
C ALA A 263 -5.24 -25.05 -0.99
N PRO A 264 -4.89 -23.84 -0.56
CA PRO A 264 -3.98 -23.68 0.57
C PRO A 264 -4.67 -24.02 1.87
N PRO A 265 -3.91 -24.16 2.97
CA PRO A 265 -4.55 -24.32 4.28
C PRO A 265 -5.21 -23.02 4.71
N VAL A 266 -6.10 -23.13 5.70
CA VAL A 266 -6.76 -21.94 6.21
C VAL A 266 -5.90 -21.18 7.21
N CYS A 267 -4.74 -21.72 7.58
CA CYS A 267 -3.76 -20.98 8.37
C CYS A 267 -3.20 -19.80 7.58
N ILE A 268 -3.07 -19.97 6.25
CA ILE A 268 -2.62 -18.87 5.40
C ILE A 268 -3.70 -17.80 5.28
N ARG A 269 -4.96 -18.21 5.22
CA ARG A 269 -6.07 -17.32 4.84
C ARG A 269 -7.15 -17.30 5.93
N PRO A 270 -6.80 -16.88 7.14
CA PRO A 270 -7.65 -17.18 8.29
C PRO A 270 -8.92 -16.34 8.29
N SER A 271 -10.01 -16.94 8.77
CA SER A 271 -11.28 -16.24 8.85
C SER A 271 -11.25 -15.25 10.00
N VAL A 272 -10.78 -14.02 9.73
CA VAL A 272 -10.66 -13.02 10.78
C VAL A 272 -12.04 -12.54 11.19
N MET A 273 -12.29 -12.50 12.50
CA MET A 273 -13.55 -12.03 13.07
C MET A 273 -13.40 -10.57 13.49
N MET A 274 -14.00 -9.66 12.73
CA MET A 274 -13.94 -8.24 13.05
C MET A 274 -14.84 -7.88 14.22
N GLN A 275 -15.86 -8.70 14.48
CA GLN A 275 -16.85 -8.47 15.54
C GLN A 275 -17.49 -7.09 15.43
N ASP A 276 -17.71 -6.65 14.19
CA ASP A 276 -18.66 -5.57 13.92
C ASP A 276 -20.09 -6.08 13.83
N SER A 277 -20.28 -7.39 13.95
CA SER A 277 -21.55 -8.08 13.77
C SER A 277 -21.38 -9.51 14.28
N PRO A 278 -22.44 -10.31 14.34
CA PRO A 278 -22.22 -11.76 14.55
C PRO A 278 -21.95 -12.49 13.24
N ALA A 279 -21.63 -11.74 12.19
CA ALA A 279 -21.19 -12.30 10.93
C ALA A 279 -19.68 -12.12 10.77
N SER A 280 -19.06 -13.01 10.01
CA SER A 280 -17.61 -13.09 9.92
C SER A 280 -17.13 -12.37 8.67
N ASN A 281 -16.17 -11.47 8.83
CA ASN A 281 -15.57 -10.80 7.69
C ASN A 281 -14.64 -11.75 6.97
N GLU A 282 -15.15 -12.50 5.99
CA GLU A 282 -14.35 -13.49 5.31
C GLU A 282 -13.40 -12.81 4.32
N ASP A 283 -12.15 -13.26 4.30
CA ASP A 283 -11.13 -12.57 3.52
C ASP A 283 -11.35 -12.81 2.02
N ASP A 284 -10.62 -12.03 1.22
CA ASP A 284 -10.83 -12.01 -0.23
C ASP A 284 -10.29 -13.25 -0.92
N LEU A 285 -9.55 -14.11 -0.22
CA LEU A 285 -8.86 -15.22 -0.86
C LEU A 285 -9.73 -16.47 -0.98
N THR A 286 -10.69 -16.64 -0.07
CA THR A 286 -11.62 -17.76 -0.17
C THR A 286 -12.75 -17.47 -1.15
N VAL A 287 -13.24 -16.22 -1.20
CA VAL A 287 -14.33 -15.88 -2.09
C VAL A 287 -13.88 -15.86 -3.55
N LYS A 288 -12.57 -15.78 -3.81
CA LYS A 288 -12.08 -16.07 -5.14
C LYS A 288 -12.01 -17.57 -5.40
N LEU A 289 -11.65 -18.35 -4.38
CA LEU A 289 -11.55 -19.79 -4.54
C LEU A 289 -12.92 -20.45 -4.66
N THR A 290 -13.99 -19.74 -4.28
CA THR A 290 -15.35 -20.25 -4.46
C THR A 290 -15.95 -19.85 -5.81
N GLU A 291 -15.60 -18.67 -6.31
CA GLU A 291 -16.03 -18.29 -7.66
C GLU A 291 -15.35 -19.11 -8.74
N ILE A 292 -14.23 -19.74 -8.42
CA ILE A 292 -13.62 -20.72 -9.32
C ILE A 292 -14.45 -22.00 -9.34
N VAL A 293 -14.82 -22.51 -8.17
CA VAL A 293 -15.52 -23.79 -8.10
C VAL A 293 -16.98 -23.70 -8.51
N TRP A 294 -17.53 -22.50 -8.61
CA TRP A 294 -18.89 -22.36 -9.15
C TRP A 294 -18.89 -22.24 -10.67
N THR A 295 -17.91 -21.53 -11.24
CA THR A 295 -17.78 -21.48 -12.69
C THR A 295 -17.39 -22.83 -13.26
N SER A 296 -16.41 -23.50 -12.63
CA SER A 296 -15.95 -24.81 -13.08
C SER A 296 -16.91 -25.94 -12.74
N SER A 297 -17.96 -25.68 -11.97
CA SER A 297 -18.99 -26.69 -11.77
C SER A 297 -20.00 -26.70 -12.91
N LEU A 298 -20.49 -25.51 -13.31
CA LEU A 298 -21.54 -25.43 -14.31
C LEU A 298 -21.01 -25.62 -15.72
N ILE A 299 -19.70 -25.62 -15.92
CA ILE A 299 -19.14 -26.04 -17.20
C ILE A 299 -19.21 -27.56 -17.35
N LYS A 300 -18.83 -28.28 -16.29
CA LYS A 300 -18.82 -29.74 -16.36
C LYS A 300 -20.25 -30.28 -16.49
N ALA A 301 -21.22 -29.64 -15.83
CA ALA A 301 -22.61 -29.96 -16.02
C ALA A 301 -23.21 -29.31 -17.25
N GLY A 302 -22.50 -28.37 -17.87
CA GLY A 302 -23.00 -27.71 -19.07
C GLY A 302 -22.77 -28.51 -20.33
N LEU A 303 -21.56 -29.03 -20.50
CA LEU A 303 -21.27 -29.86 -21.66
C LEU A 303 -21.96 -31.21 -21.59
N ASP A 304 -22.22 -31.71 -20.38
CA ASP A 304 -22.92 -32.98 -20.23
C ASP A 304 -24.41 -32.82 -20.56
N LYS A 305 -25.06 -31.83 -19.94
CA LYS A 305 -26.48 -31.58 -20.22
C LYS A 305 -26.66 -31.03 -21.63
N GLY A 306 -25.78 -30.15 -22.07
CA GLY A 306 -25.90 -29.55 -23.39
C GLY A 306 -26.31 -28.09 -23.34
N ILE A 307 -25.32 -27.20 -23.47
CA ILE A 307 -25.57 -25.77 -23.63
C ILE A 307 -24.78 -25.28 -24.83
N SER A 308 -25.13 -24.08 -25.29
CA SER A 308 -24.66 -23.60 -26.58
C SER A 308 -23.15 -23.40 -26.59
N ILE A 309 -22.55 -23.61 -27.76
CA ILE A 309 -21.10 -23.52 -27.86
C ILE A 309 -20.65 -22.06 -27.80
N ASN A 310 -21.45 -21.13 -28.33
CA ASN A 310 -21.15 -19.72 -28.16
C ASN A 310 -21.41 -19.22 -26.75
N ASN A 311 -22.02 -20.03 -25.88
CA ASN A 311 -22.26 -19.64 -24.51
C ASN A 311 -21.17 -20.13 -23.57
N MET A 312 -20.76 -21.39 -23.70
CA MET A 312 -19.76 -21.97 -22.82
C MET A 312 -18.35 -21.49 -23.13
N MET A 313 -18.11 -20.94 -24.33
CA MET A 313 -16.79 -20.43 -24.65
C MET A 313 -16.43 -19.15 -23.89
N GLU A 314 -17.41 -18.45 -23.33
CA GLU A 314 -17.08 -17.34 -22.44
C GLU A 314 -17.00 -17.75 -20.99
N HIS A 315 -17.66 -18.85 -20.60
CA HIS A 315 -17.49 -19.38 -19.25
C HIS A 315 -16.09 -19.93 -19.05
N TRP A 316 -15.57 -20.63 -20.06
CA TRP A 316 -14.19 -21.10 -20.06
C TRP A 316 -13.20 -19.97 -20.34
N ASP A 317 -13.67 -18.82 -20.80
CA ASP A 317 -12.84 -17.63 -20.86
C ASP A 317 -12.95 -16.78 -19.60
N TYR A 318 -14.06 -16.89 -18.88
CA TYR A 318 -14.14 -16.28 -17.55
C TYR A 318 -13.23 -17.00 -16.57
N LEU A 319 -13.24 -18.35 -16.60
CA LEU A 319 -12.48 -19.12 -15.63
C LEU A 319 -10.99 -19.04 -15.92
N GLN A 320 -10.61 -18.81 -17.18
CA GLN A 320 -9.22 -18.48 -17.48
C GLN A 320 -8.84 -17.14 -16.88
N LEU A 321 -9.79 -16.19 -16.83
CA LEU A 321 -9.49 -14.86 -16.32
C LEU A 321 -9.57 -14.83 -14.79
N THR A 322 -10.25 -15.81 -14.20
CA THR A 322 -10.42 -15.87 -12.75
C THR A 322 -9.22 -16.53 -12.09
N VAL A 323 -8.73 -17.63 -12.65
CA VAL A 323 -7.54 -18.29 -12.12
C VAL A 323 -6.30 -17.43 -12.32
N ALA A 324 -6.32 -16.50 -13.28
CA ALA A 324 -5.24 -15.55 -13.46
C ALA A 324 -5.48 -14.27 -12.68
N MET A 325 -6.28 -14.34 -11.62
CA MET A 325 -6.49 -13.24 -10.68
C MET A 325 -6.21 -13.74 -9.27
N TYR A 326 -6.52 -15.02 -9.03
CA TYR A 326 -6.18 -15.66 -7.76
C TYR A 326 -4.67 -15.67 -7.53
N ILE A 327 -3.88 -15.77 -8.60
CA ILE A 327 -2.43 -15.70 -8.46
C ILE A 327 -1.96 -14.26 -8.37
N ASN A 328 -2.22 -13.48 -9.42
CA ASN A 328 -1.61 -12.17 -9.60
C ASN A 328 -2.68 -11.21 -10.12
N SER A 329 -3.07 -10.25 -9.29
CA SER A 329 -4.20 -9.39 -9.58
C SER A 329 -3.83 -8.20 -10.45
N ASP A 330 -2.64 -8.20 -11.05
CA ASP A 330 -2.29 -7.17 -12.02
C ASP A 330 -3.05 -7.31 -13.34
N SER A 331 -3.56 -8.50 -13.64
CA SER A 331 -4.20 -8.79 -14.91
C SER A 331 -5.72 -8.64 -14.86
N VAL A 332 -6.24 -7.90 -13.88
CA VAL A 332 -7.67 -7.59 -13.87
C VAL A 332 -8.05 -6.72 -15.06
N ASN A 333 -7.15 -5.82 -15.48
CA ASN A 333 -7.37 -4.87 -16.55
C ASN A 333 -8.67 -4.10 -16.34
N PRO A 334 -8.71 -3.17 -15.37
CA PRO A 334 -9.94 -2.43 -15.06
C PRO A 334 -10.27 -1.36 -16.11
N LYS A 348 -10.04 -1.52 -3.37
CA LYS A 348 -11.07 -1.89 -4.34
C LYS A 348 -10.58 -2.94 -5.35
N PRO A 349 -9.30 -2.90 -5.74
CA PRO A 349 -8.70 -4.09 -6.36
C PRO A 349 -8.41 -5.16 -5.32
N ILE A 350 -8.66 -6.41 -5.69
CA ILE A 350 -8.54 -7.53 -4.76
C ILE A 350 -7.07 -7.85 -4.55
N ARG A 351 -6.69 -8.08 -3.29
CA ARG A 351 -5.36 -8.61 -3.00
C ARG A 351 -5.26 -10.07 -3.38
N GLY A 352 -4.15 -10.43 -4.01
CA GLY A 352 -3.92 -11.82 -4.39
C GLY A 352 -2.68 -12.40 -3.73
N PHE A 353 -2.14 -13.48 -4.32
CA PHE A 353 -0.87 -14.02 -3.84
C PHE A 353 0.29 -13.11 -4.20
N CYS A 354 0.46 -12.83 -5.49
CA CYS A 354 1.56 -11.99 -5.95
C CYS A 354 1.43 -10.54 -5.48
N GLN A 355 0.24 -10.10 -5.11
CA GLN A 355 0.04 -8.74 -4.63
C GLN A 355 0.42 -8.55 -3.16
N ARG A 356 0.99 -9.56 -2.51
CA ARG A 356 1.48 -9.41 -1.15
C ARG A 356 2.87 -10.00 -0.90
N LEU A 357 3.39 -10.84 -1.79
CA LEU A 357 4.80 -11.24 -1.66
C LEU A 357 5.75 -10.14 -2.07
N LYS A 358 5.32 -9.22 -2.92
CA LYS A 358 6.08 -8.04 -3.30
C LYS A 358 5.46 -6.81 -2.66
N GLY A 359 6.11 -5.66 -2.84
CA GLY A 359 5.63 -4.42 -2.28
C GLY A 359 6.47 -3.96 -1.10
N LYS A 360 6.27 -2.71 -0.74
CA LYS A 360 6.98 -2.09 0.39
C LYS A 360 6.46 -2.70 1.68
N GLN A 361 7.22 -3.64 2.23
CA GLN A 361 6.96 -4.28 3.52
C GLN A 361 5.62 -5.02 3.50
N GLY A 362 5.41 -5.80 2.45
CA GLY A 362 4.37 -6.81 2.45
C GLY A 362 4.91 -8.15 2.90
N ARG A 363 5.96 -8.62 2.21
CA ARG A 363 6.83 -9.70 2.67
C ARG A 363 8.27 -9.29 2.44
N PHE A 364 9.19 -10.15 2.89
CA PHE A 364 10.60 -10.10 2.49
C PHE A 364 11.33 -8.87 3.03
N ARG A 365 10.59 -7.93 3.62
CA ARG A 365 11.20 -6.82 4.33
C ARG A 365 10.58 -6.60 5.70
N GLY A 366 9.28 -6.81 5.85
CA GLY A 366 8.60 -6.60 7.11
C GLY A 366 8.16 -7.89 7.76
N ASN A 367 8.50 -9.02 7.14
CA ASN A 367 8.12 -10.32 7.69
C ASN A 367 9.29 -11.29 7.81
N LEU A 368 10.22 -11.27 6.87
CA LEU A 368 11.34 -12.20 6.87
C LEU A 368 12.70 -11.54 7.08
N SER A 369 12.98 -10.44 6.40
CA SER A 369 14.23 -9.73 6.66
C SER A 369 14.14 -8.92 7.96
N GLY A 370 13.08 -8.15 8.14
CA GLY A 370 12.95 -7.35 9.34
C GLY A 370 11.68 -7.66 10.11
N LYS A 371 11.82 -8.26 11.28
CA LYS A 371 10.68 -8.77 12.03
C LYS A 371 10.36 -7.83 13.18
N ARG A 372 9.43 -8.24 14.05
CA ARG A 372 9.17 -7.56 15.31
C ARG A 372 9.63 -8.46 16.45
N VAL A 373 10.33 -7.88 17.42
CA VAL A 373 11.05 -8.66 18.42
C VAL A 373 10.37 -8.47 19.78
N ASP A 374 10.42 -9.53 20.58
CA ASP A 374 9.95 -9.46 21.96
C ASP A 374 10.99 -8.78 22.83
N PHE A 375 10.58 -8.48 24.07
CA PHE A 375 11.47 -7.91 25.08
C PHE A 375 12.11 -6.61 24.60
N SER A 376 11.26 -5.61 24.38
CA SER A 376 11.70 -4.29 23.96
C SER A 376 10.83 -3.23 24.62
N GLY A 377 11.30 -1.99 24.55
CA GLY A 377 10.63 -0.87 25.18
C GLY A 377 11.14 0.46 24.68
N ARG A 378 10.31 1.49 24.75
CA ARG A 378 10.54 2.71 23.98
C ARG A 378 10.02 3.89 24.78
N THR A 379 10.92 4.56 25.50
CA THR A 379 10.59 5.80 26.20
C THR A 379 11.44 6.93 25.61
N VAL A 380 11.35 8.12 26.22
CA VAL A 380 12.17 9.24 25.78
C VAL A 380 13.54 9.15 26.44
N ILE A 381 14.47 9.98 25.97
CA ILE A 381 15.81 10.03 26.54
C ILE A 381 15.97 11.35 27.28
N SER A 382 16.96 11.39 28.17
CA SER A 382 17.31 12.58 28.92
C SER A 382 18.72 12.43 29.43
N PRO A 383 19.46 13.52 29.61
CA PRO A 383 20.92 13.40 29.77
C PRO A 383 21.28 13.05 31.20
N ASP A 384 22.50 12.50 31.35
CA ASP A 384 23.02 12.15 32.67
C ASP A 384 24.54 12.15 32.65
N PRO A 385 25.19 13.13 33.28
CA PRO A 385 26.66 13.13 33.32
C PRO A 385 27.22 12.20 34.40
N ASN A 386 26.50 12.09 35.52
CA ASN A 386 27.00 11.43 36.72
C ASN A 386 27.14 9.91 36.61
N LEU A 387 26.79 9.30 35.48
CA LEU A 387 27.08 7.89 35.27
C LEU A 387 28.13 7.71 34.18
N SER A 388 28.77 6.55 34.18
CA SER A 388 29.92 6.34 33.30
C SER A 388 29.47 6.03 31.88
N ILE A 389 30.43 6.11 30.96
CA ILE A 389 30.28 5.48 29.65
C ILE A 389 30.18 3.97 29.79
N ASP A 390 29.36 3.35 28.94
CA ASP A 390 28.95 1.95 28.78
C ASP A 390 27.83 1.56 29.73
N GLU A 391 27.35 2.47 30.58
CA GLU A 391 26.20 2.23 31.44
C GLU A 391 25.05 3.12 30.99
N VAL A 392 24.00 2.51 30.47
CA VAL A 392 22.74 3.21 30.26
C VAL A 392 21.92 3.06 31.54
N ALA A 393 21.17 4.10 31.89
CA ALA A 393 20.31 4.03 33.06
C ALA A 393 18.88 3.70 32.64
N VAL A 394 18.24 2.82 33.39
CA VAL A 394 16.96 2.25 33.01
C VAL A 394 15.94 2.52 34.11
N PRO A 395 14.72 2.94 33.79
CA PRO A 395 13.70 3.10 34.84
C PRO A 395 13.27 1.75 35.39
N ASP A 396 12.75 1.76 36.61
CA ASP A 396 12.42 0.51 37.26
C ASP A 396 11.02 -0.02 36.94
N ARG A 397 10.18 0.79 36.29
CA ARG A 397 8.88 0.27 35.85
C ARG A 397 9.01 -0.61 34.62
N VAL A 398 10.05 -0.37 33.81
CA VAL A 398 10.37 -1.25 32.68
C VAL A 398 11.38 -2.32 33.07
N ALA A 399 12.02 -2.18 34.23
CA ALA A 399 12.99 -3.17 34.69
C ALA A 399 12.33 -4.41 35.28
N LYS A 400 11.07 -4.30 35.71
CA LYS A 400 10.31 -5.45 36.19
C LYS A 400 9.22 -5.85 35.20
N VAL A 401 9.51 -5.70 33.91
CA VAL A 401 8.73 -6.32 32.84
C VAL A 401 9.67 -7.14 31.97
N LEU A 402 10.75 -6.49 31.54
CA LEU A 402 11.82 -7.13 30.77
C LEU A 402 12.60 -8.09 31.67
N THR A 403 12.34 -9.38 31.51
CA THR A 403 13.02 -10.38 32.32
C THR A 403 14.28 -10.88 31.59
N TYR A 404 14.90 -11.92 32.12
CA TYR A 404 16.03 -12.58 31.48
C TYR A 404 16.15 -14.01 31.97
N PRO A 405 16.16 -15.00 31.08
CA PRO A 405 16.28 -16.40 31.52
C PRO A 405 17.66 -16.67 32.11
N GLU A 406 17.67 -17.47 33.17
CA GLU A 406 18.86 -17.61 34.03
C GLU A 406 18.85 -19.02 34.61
N LYS A 407 19.66 -19.91 34.05
CA LYS A 407 19.65 -21.29 34.47
C LYS A 407 20.39 -21.47 35.79
N VAL A 408 19.84 -22.33 36.65
CA VAL A 408 20.40 -22.54 37.98
C VAL A 408 21.68 -23.36 37.88
N THR A 409 22.68 -22.99 38.69
CA THR A 409 23.96 -23.68 38.76
C THR A 409 24.42 -23.64 40.21
N ARG A 410 25.41 -24.46 40.55
CA ARG A 410 25.91 -24.46 41.91
C ARG A 410 26.64 -23.18 42.27
N TYR A 411 27.07 -22.39 41.28
CA TYR A 411 27.74 -21.13 41.57
C TYR A 411 26.74 -20.06 41.99
N ASN A 412 25.57 -20.04 41.35
CA ASN A 412 24.57 -19.00 41.57
C ASN A 412 23.32 -19.53 42.28
N ARG A 413 23.41 -20.69 42.92
CA ARG A 413 22.23 -21.27 43.55
C ARG A 413 21.82 -20.49 44.79
N HIS A 414 22.79 -20.02 45.57
CA HIS A 414 22.46 -19.36 46.83
C HIS A 414 21.92 -17.95 46.60
N LYS A 415 22.10 -17.40 45.40
CA LYS A 415 21.48 -16.13 45.03
C LYS A 415 20.05 -16.34 44.56
N LEU A 416 19.83 -17.32 43.69
CA LEU A 416 18.55 -17.52 43.03
C LEU A 416 17.49 -18.13 43.95
N GLN A 417 17.87 -18.65 45.11
CA GLN A 417 16.88 -18.94 46.13
C GLN A 417 16.43 -17.68 46.86
N GLU A 418 17.33 -16.72 47.04
CA GLU A 418 16.99 -15.47 47.70
C GLU A 418 16.17 -14.55 46.79
N LEU A 419 16.25 -14.76 45.47
CA LEU A 419 15.58 -13.88 44.52
C LEU A 419 14.18 -14.35 44.17
N ILE A 420 13.94 -15.66 44.14
CA ILE A 420 12.61 -16.17 43.85
C ILE A 420 11.64 -15.86 44.98
N VAL A 421 12.14 -15.70 46.20
CA VAL A 421 11.30 -15.36 47.35
C VAL A 421 11.00 -13.88 47.45
N ASN A 422 11.66 -13.04 46.66
CA ASN A 422 11.30 -11.62 46.61
C ASN A 422 9.97 -11.42 45.90
N GLY A 423 9.70 -12.18 44.86
CA GLY A 423 8.48 -12.02 44.09
C GLY A 423 8.55 -10.91 43.06
N PRO A 424 7.54 -10.82 42.20
CA PRO A 424 7.53 -9.76 41.19
C PRO A 424 6.91 -8.45 41.66
N ASN A 425 7.26 -8.00 42.86
CA ASN A 425 6.86 -6.64 43.23
C ASN A 425 8.01 -5.81 43.79
N VAL A 426 8.88 -6.42 44.60
CA VAL A 426 10.17 -5.82 44.94
C VAL A 426 11.17 -6.15 43.83
N HIS A 427 12.18 -5.30 43.68
CA HIS A 427 12.87 -5.22 42.39
C HIS A 427 13.69 -6.46 42.09
N PRO A 428 14.61 -6.91 42.96
CA PRO A 428 15.35 -8.13 42.56
C PRO A 428 14.55 -9.41 42.84
N GLY A 429 13.55 -9.63 41.99
CA GLY A 429 12.73 -10.83 42.04
C GLY A 429 12.56 -11.42 40.65
N ALA A 430 11.67 -12.39 40.50
CA ALA A 430 11.47 -13.06 39.22
C ALA A 430 10.01 -12.95 38.81
N ASN A 431 9.75 -13.16 37.53
CA ASN A 431 8.38 -13.13 37.01
C ASN A 431 7.81 -14.52 36.74
N TYR A 432 8.66 -15.49 36.39
CA TYR A 432 8.22 -16.82 36.02
C TYR A 432 9.24 -17.83 36.51
N LEU A 433 8.93 -19.11 36.30
CA LEU A 433 9.85 -20.19 36.62
C LEU A 433 9.47 -21.39 35.77
N LEU A 434 10.48 -22.09 35.25
CA LEU A 434 10.29 -23.29 34.45
C LEU A 434 11.20 -24.39 34.98
N LYS A 435 10.61 -25.40 35.60
CA LYS A 435 11.38 -26.54 36.07
C LYS A 435 11.81 -27.40 34.89
N ARG A 436 12.77 -28.29 35.14
CA ARG A 436 13.16 -29.22 34.09
C ARG A 436 12.07 -30.23 33.80
N ASN A 437 11.27 -30.60 34.81
CA ASN A 437 10.16 -31.51 34.56
C ASN A 437 9.04 -30.80 33.80
N GLU A 438 8.74 -29.56 34.19
CA GLU A 438 7.57 -28.86 33.70
C GLU A 438 7.70 -28.58 32.21
N ASP A 439 6.57 -28.29 31.56
CA ASP A 439 6.57 -28.20 30.10
C ASP A 439 6.24 -26.82 29.55
N ALA A 440 5.46 -26.00 30.25
CA ALA A 440 5.01 -24.73 29.70
C ALA A 440 5.68 -23.54 30.38
N ARG A 441 5.34 -23.25 31.63
CA ARG A 441 5.96 -22.31 32.58
C ARG A 441 5.09 -22.33 33.84
N ARG A 442 5.56 -21.62 34.86
CA ARG A 442 4.77 -21.37 36.06
C ARG A 442 4.86 -19.90 36.44
N ASN A 443 3.71 -19.25 36.56
CA ASN A 443 3.66 -17.89 37.07
C ASN A 443 3.99 -17.86 38.55
N LEU A 444 4.43 -16.70 39.02
CA LEU A 444 4.87 -16.57 40.41
C LEU A 444 4.05 -15.61 41.25
N ARG A 445 3.11 -14.87 40.68
CA ARG A 445 2.21 -14.09 41.52
C ARG A 445 1.08 -14.92 42.10
N TYR A 446 0.88 -16.15 41.61
CA TYR A 446 -0.15 -17.05 42.10
C TYR A 446 0.51 -18.21 42.82
N GLY A 447 -0.04 -18.59 43.97
CA GLY A 447 0.51 -19.70 44.72
C GLY A 447 1.60 -19.27 45.69
N ASP A 448 1.91 -20.17 46.62
CA ASP A 448 2.92 -19.88 47.62
C ASP A 448 4.31 -20.01 47.01
N ARG A 449 5.20 -19.09 47.41
CA ARG A 449 6.53 -18.96 46.83
C ARG A 449 7.62 -19.61 47.67
N MET A 450 7.53 -19.50 49.00
CA MET A 450 8.58 -20.05 49.85
C MET A 450 8.61 -21.58 49.80
N LYS A 451 7.44 -22.21 49.61
CA LYS A 451 7.42 -23.66 49.41
C LYS A 451 7.97 -24.04 48.04
N LEU A 452 7.87 -23.14 47.07
CA LEU A 452 8.49 -23.34 45.77
C LEU A 452 9.95 -22.92 45.74
N ALA A 453 10.37 -22.09 46.70
CA ALA A 453 11.75 -21.61 46.73
C ALA A 453 12.71 -22.70 47.21
N LYS A 454 12.29 -23.52 48.17
CA LYS A 454 13.24 -24.41 48.83
C LYS A 454 13.69 -25.55 47.93
N ASN A 455 12.87 -25.96 46.96
CA ASN A 455 13.18 -27.17 46.20
C ASN A 455 14.19 -26.87 45.11
N LEU A 456 13.75 -26.15 44.07
CA LEU A 456 14.62 -25.54 43.06
C LEU A 456 15.69 -26.52 42.56
N GLN A 457 15.22 -27.53 41.82
CA GLN A 457 16.13 -28.49 41.21
C GLN A 457 17.22 -27.78 40.42
N ILE A 458 18.44 -28.32 40.50
CA ILE A 458 19.61 -27.61 40.00
C ILE A 458 19.66 -27.48 38.49
N GLY A 459 18.77 -28.17 37.77
CA GLY A 459 18.79 -28.12 36.33
C GLY A 459 17.89 -27.12 35.64
N ASP A 460 17.14 -26.31 36.37
CA ASP A 460 16.04 -25.58 35.76
C ASP A 460 16.41 -24.11 35.57
N VAL A 461 15.45 -23.30 35.12
CA VAL A 461 15.68 -21.92 34.72
C VAL A 461 14.68 -21.01 35.40
N VAL A 462 15.17 -19.97 36.07
CA VAL A 462 14.31 -18.92 36.58
C VAL A 462 14.43 -17.73 35.63
N GLU A 463 13.45 -16.82 35.68
CA GLU A 463 13.48 -15.63 34.85
C GLU A 463 13.46 -14.39 35.76
N ARG A 464 14.66 -13.97 36.20
CA ARG A 464 14.78 -12.82 37.08
C ARG A 464 14.36 -11.54 36.37
N HIS A 465 14.31 -10.45 37.14
CA HIS A 465 14.13 -9.13 36.55
C HIS A 465 15.46 -8.63 35.97
N LEU A 466 15.39 -7.56 35.20
CA LEU A 466 16.61 -6.89 34.77
C LEU A 466 17.30 -6.27 35.99
N GLU A 467 18.63 -6.36 36.02
CA GLU A 467 19.38 -5.83 37.14
C GLU A 467 20.74 -5.36 36.64
N ASP A 468 21.35 -4.45 37.41
CA ASP A 468 22.46 -3.65 36.90
C ASP A 468 23.69 -4.53 36.71
N GLY A 469 24.07 -4.74 35.46
CA GLY A 469 25.14 -5.63 35.08
C GLY A 469 24.82 -6.37 33.80
N ASP A 470 23.56 -6.30 33.39
CA ASP A 470 23.07 -6.99 32.21
C ASP A 470 23.53 -6.26 30.95
N VAL A 471 23.24 -6.87 29.80
CA VAL A 471 23.81 -6.46 28.52
C VAL A 471 22.66 -6.05 27.62
N VAL A 472 22.62 -4.76 27.27
CA VAL A 472 21.43 -4.11 26.74
C VAL A 472 21.83 -3.35 25.48
N LEU A 473 21.22 -3.68 24.36
CA LEU A 473 21.47 -2.93 23.13
C LEU A 473 20.69 -1.62 23.15
N PHE A 474 21.05 -0.74 22.21
CA PHE A 474 20.45 0.59 22.15
C PHE A 474 20.69 1.16 20.77
N ASN A 475 19.63 1.58 20.09
CA ASN A 475 19.79 2.22 18.79
C ASN A 475 18.82 3.37 18.61
N ARG A 476 19.21 4.30 17.74
CA ARG A 476 18.31 5.31 17.19
C ARG A 476 17.42 4.65 16.13
N GLN A 477 16.28 5.26 15.86
CA GLN A 477 15.36 4.59 14.96
C GLN A 477 15.79 4.81 13.51
N PRO A 478 16.14 6.05 13.08
CA PRO A 478 16.82 6.17 11.78
C PRO A 478 18.29 5.78 11.90
N SER A 479 18.66 4.59 11.42
CA SER A 479 20.00 4.06 11.61
C SER A 479 20.84 4.36 10.37
N LEU A 480 21.75 5.33 10.49
CA LEU A 480 22.50 5.78 9.33
C LEU A 480 23.63 4.82 8.98
N HIS A 481 24.46 4.48 9.98
CA HIS A 481 25.63 3.65 9.77
C HIS A 481 25.69 2.62 10.91
N ARG A 482 26.79 1.85 10.95
CA ARG A 482 26.86 0.70 11.83
C ARG A 482 27.09 1.10 13.29
N LEU A 483 27.42 2.35 13.56
CA LEU A 483 27.51 2.87 14.93
C LEU A 483 26.22 3.55 15.37
N SER A 484 25.10 3.20 14.75
CA SER A 484 23.79 3.63 15.23
C SER A 484 23.19 2.66 16.24
N ILE A 485 23.70 1.44 16.34
CA ILE A 485 23.23 0.47 17.33
C ILE A 485 24.43 -0.02 18.12
N LEU A 486 24.42 0.24 19.43
CA LEU A 486 25.51 -0.11 20.32
C LEU A 486 24.95 -0.84 21.53
N SER A 487 25.82 -1.56 22.23
CA SER A 487 25.42 -2.35 23.39
C SER A 487 25.98 -1.74 24.66
N HIS A 488 25.18 -1.76 25.71
CA HIS A 488 25.49 -1.05 26.96
C HIS A 488 25.32 -2.00 28.14
N TYR A 489 25.95 -1.64 29.26
CA TYR A 489 25.52 -2.19 30.53
C TYR A 489 24.34 -1.37 31.07
N ALA A 490 23.71 -1.87 32.13
CA ALA A 490 22.53 -1.23 32.67
C ALA A 490 22.80 -0.69 34.07
N LYS A 491 21.89 0.16 34.53
CA LYS A 491 21.84 0.60 35.92
C LYS A 491 20.42 1.04 36.23
N ILE A 492 19.82 0.48 37.27
CA ILE A 492 18.40 0.64 37.52
C ILE A 492 18.17 1.88 38.38
N ARG A 493 17.43 2.84 37.84
CA ARG A 493 17.21 4.12 38.50
C ARG A 493 15.72 4.40 38.57
N PRO A 494 15.27 5.13 39.60
CA PRO A 494 13.84 5.09 39.97
C PRO A 494 12.97 6.14 39.28
N TRP A 495 13.44 6.82 38.23
CA TRP A 495 12.58 7.73 37.49
C TRP A 495 11.91 6.98 36.33
N ARG A 496 11.47 7.72 35.30
CA ARG A 496 10.67 7.15 34.22
C ARG A 496 11.24 7.47 32.84
N THR A 497 12.57 7.61 32.71
CA THR A 497 13.12 7.85 31.39
C THR A 497 14.49 7.21 31.25
N PHE A 498 14.93 7.07 29.99
CA PHE A 498 16.22 6.47 29.66
C PHE A 498 17.32 7.51 29.79
N ARG A 499 18.05 7.47 30.91
CA ARG A 499 19.23 8.33 31.05
C ARG A 499 20.41 7.70 30.32
N LEU A 500 21.18 8.54 29.63
CA LEU A 500 22.46 8.11 29.09
C LEU A 500 23.47 9.25 29.15
N ASN A 501 24.74 8.89 28.96
CA ASN A 501 25.83 9.84 29.10
C ASN A 501 25.86 10.82 27.93
N GLU A 502 26.53 11.95 28.14
CA GLU A 502 26.55 13.00 27.13
C GLU A 502 27.36 12.56 25.91
N CYS A 503 28.50 11.91 26.13
CA CYS A 503 29.44 11.61 25.05
C CYS A 503 28.91 10.57 24.08
N VAL A 504 27.97 9.73 24.49
CA VAL A 504 27.46 8.67 23.61
C VAL A 504 26.33 9.15 22.70
N CYS A 505 25.86 10.39 22.87
CA CYS A 505 24.78 10.89 22.02
C CYS A 505 25.25 11.28 20.63
N THR A 506 26.57 11.29 20.38
CA THR A 506 27.12 11.68 19.09
C THR A 506 26.95 10.61 18.01
N PRO A 507 27.11 9.32 18.32
CA PRO A 507 26.75 8.31 17.31
C PRO A 507 25.26 8.29 16.99
N TYR A 508 24.39 8.40 17.99
CA TYR A 508 22.96 8.38 17.76
C TYR A 508 22.44 9.71 17.21
N ASN A 509 23.32 10.70 17.08
CA ASN A 509 23.05 12.13 16.82
C ASN A 509 21.74 12.58 17.47
N ALA A 510 21.56 12.25 18.74
CA ALA A 510 20.37 12.61 19.48
C ALA A 510 20.46 14.06 19.95
N ASP A 511 19.33 14.61 20.37
CA ASP A 511 19.26 16.01 20.74
C ASP A 511 18.39 16.31 21.95
N PHE A 512 17.81 15.29 22.59
CA PHE A 512 17.04 15.44 23.83
C PHE A 512 15.86 16.40 23.71
N ASP A 513 15.40 16.71 22.50
CA ASP A 513 14.29 17.65 22.34
C ASP A 513 12.94 16.95 22.22
N GLY A 514 12.79 15.77 22.82
CA GLY A 514 11.56 15.01 22.75
C GLY A 514 11.63 13.70 22.00
N ASP A 515 12.76 13.39 21.37
CA ASP A 515 12.83 12.16 20.59
C ASP A 515 13.09 10.96 21.50
N GLU A 516 12.97 9.77 20.92
CA GLU A 516 12.87 8.55 21.71
C GLU A 516 13.65 7.43 21.02
N MET A 517 14.17 6.51 21.83
CA MET A 517 15.00 5.42 21.34
C MET A 517 14.61 4.13 22.07
N ASN A 518 14.87 3.00 21.42
CA ASN A 518 14.43 1.71 21.91
C ASN A 518 15.63 0.84 22.27
N LEU A 519 15.41 -0.08 23.21
CA LEU A 519 16.46 -0.93 23.74
C LEU A 519 16.13 -2.40 23.50
N HIS A 520 17.16 -3.21 23.30
CA HIS A 520 17.01 -4.65 23.09
C HIS A 520 17.87 -5.40 24.09
N VAL A 521 17.32 -6.47 24.66
CA VAL A 521 18.05 -7.27 25.63
C VAL A 521 18.14 -8.72 25.16
N PRO A 522 19.33 -9.21 24.80
CA PRO A 522 19.43 -10.58 24.29
C PRO A 522 19.17 -11.60 25.38
N GLN A 523 18.70 -12.78 24.99
CA GLN A 523 18.26 -13.78 25.95
C GLN A 523 18.78 -15.18 25.56
N THR A 524 20.06 -15.25 25.23
CA THR A 524 20.85 -16.47 25.43
C THR A 524 22.00 -16.17 26.38
N GLU A 525 22.91 -17.12 26.52
CA GLU A 525 24.18 -16.86 27.19
C GLU A 525 25.31 -16.61 26.21
N GLU A 526 25.13 -16.95 24.93
CA GLU A 526 26.16 -16.73 23.93
C GLU A 526 25.93 -15.50 23.07
N ALA A 527 24.70 -14.96 23.07
CA ALA A 527 24.48 -13.61 22.56
C ALA A 527 24.55 -12.54 23.64
N ARG A 528 24.50 -12.92 24.92
CA ARG A 528 24.83 -11.96 25.96
C ARG A 528 26.32 -11.65 25.98
N ALA A 529 27.15 -12.60 25.58
CA ALA A 529 28.59 -12.42 25.60
C ALA A 529 29.10 -11.77 24.32
N GLU A 530 28.39 -11.96 23.21
CA GLU A 530 28.80 -11.47 21.90
C GLU A 530 28.35 -10.03 21.64
N ALA A 531 27.35 -9.54 22.38
CA ALA A 531 26.95 -8.14 22.23
C ALA A 531 27.98 -7.19 22.83
N ILE A 532 28.66 -7.60 23.90
CA ILE A 532 29.67 -6.73 24.51
C ILE A 532 30.91 -6.69 23.63
N ASN A 533 31.52 -7.85 23.37
CA ASN A 533 32.87 -7.89 22.83
C ASN A 533 32.93 -7.50 21.35
N LEU A 534 31.79 -7.42 20.67
CA LEU A 534 31.74 -6.94 19.29
C LEU A 534 31.00 -5.63 19.12
N MET A 535 30.05 -5.32 20.00
CA MET A 535 29.24 -4.11 19.87
C MET A 535 29.25 -3.27 21.14
N GLY A 536 30.24 -3.45 22.02
CA GLY A 536 30.40 -2.57 23.14
C GLY A 536 30.85 -1.19 22.71
N VAL A 537 30.67 -0.22 23.61
CA VAL A 537 31.02 1.16 23.30
C VAL A 537 32.46 1.49 23.71
N LYS A 538 33.20 0.52 24.24
CA LYS A 538 34.65 0.70 24.39
C LYS A 538 35.39 0.37 23.09
N ASN A 539 34.91 -0.64 22.36
CA ASN A 539 35.55 -1.05 21.12
C ASN A 539 35.14 -0.20 19.92
N ASN A 540 34.22 0.74 20.09
CA ASN A 540 33.76 1.57 18.98
C ASN A 540 33.88 3.05 19.32
N LEU A 541 35.02 3.46 19.86
CA LEU A 541 35.32 4.88 19.92
C LEU A 541 35.72 5.45 18.56
N LEU A 542 35.90 4.61 17.56
CA LEU A 542 36.43 4.99 16.26
C LEU A 542 35.41 4.62 15.17
N THR A 543 35.24 5.52 14.22
CA THR A 543 34.32 5.06 13.17
C THR A 543 35.10 4.44 12.02
N PRO A 544 34.63 3.33 11.45
CA PRO A 544 35.40 2.62 10.44
C PRO A 544 35.29 3.22 9.05
N LYS A 545 34.57 4.34 8.91
CA LYS A 545 34.59 5.12 7.68
C LYS A 545 36.00 5.63 7.42
N SER A 546 36.49 6.52 8.28
CA SER A 546 37.80 7.13 8.13
C SER A 546 38.81 6.69 9.18
N GLY A 547 38.36 6.41 10.41
CA GLY A 547 39.24 6.14 11.52
C GLY A 547 39.29 7.23 12.56
N GLU A 548 38.55 8.32 12.38
CA GLU A 548 38.51 9.39 13.36
C GLU A 548 37.71 8.94 14.59
N PRO A 549 37.94 9.57 15.74
CA PRO A 549 37.13 9.26 16.93
C PRO A 549 35.80 10.00 16.89
N ILE A 550 34.73 9.27 17.21
CA ILE A 550 33.37 9.81 17.12
C ILE A 550 32.75 10.06 18.49
N ILE A 551 33.32 9.52 19.56
CA ILE A 551 32.76 9.66 20.90
C ILE A 551 33.75 10.53 21.68
N ALA A 552 33.43 11.80 21.80
CA ALA A 552 34.27 12.76 22.51
C ALA A 552 33.37 13.82 23.13
N ALA A 553 33.95 14.96 23.48
CA ALA A 553 33.22 16.00 24.19
C ALA A 553 32.18 16.63 23.28
N THR A 554 30.93 16.64 23.73
CA THR A 554 29.87 17.36 23.05
C THR A 554 29.90 18.84 23.43
N GLN A 555 28.97 19.61 22.86
CA GLN A 555 29.07 21.05 22.70
C GLN A 555 28.98 21.84 23.99
N ASP A 556 29.05 21.23 25.18
CA ASP A 556 29.15 21.97 26.42
C ASP A 556 30.28 21.49 27.33
N PHE A 557 30.94 20.38 27.01
CA PHE A 557 32.13 19.96 27.73
C PHE A 557 33.39 20.66 27.22
N ILE A 558 33.36 21.21 26.01
CA ILE A 558 34.50 21.99 25.52
C ILE A 558 34.61 23.29 26.28
N THR A 559 33.52 24.07 26.32
CA THR A 559 33.57 25.40 26.89
C THR A 559 33.55 25.39 28.42
N GLY A 560 33.46 24.22 29.04
CA GLY A 560 33.71 24.10 30.46
C GLY A 560 35.18 23.91 30.76
N SER A 561 35.83 23.07 29.95
CA SER A 561 37.25 22.80 30.09
C SER A 561 38.10 23.77 29.27
N TYR A 562 37.54 24.89 28.84
CA TYR A 562 38.32 26.01 28.32
C TYR A 562 38.49 27.13 29.33
N LEU A 563 37.48 27.39 30.17
CA LEU A 563 37.61 28.42 31.19
C LEU A 563 38.54 28.01 32.32
N ILE A 564 38.76 26.69 32.49
CA ILE A 564 39.83 26.23 33.38
C ILE A 564 41.19 26.53 32.76
N SER A 565 41.41 26.08 31.53
CA SER A 565 42.72 26.23 30.89
C SER A 565 42.91 27.59 30.24
N HIS A 566 42.06 28.57 30.55
CA HIS A 566 42.36 29.94 30.17
C HIS A 566 43.61 30.42 30.90
N LYS A 567 44.46 31.18 30.20
CA LYS A 567 45.80 31.41 30.70
C LYS A 567 45.81 32.23 31.99
N ASP A 568 44.76 33.02 32.24
CA ASP A 568 44.67 33.85 33.44
C ASP A 568 43.73 33.25 34.47
N SER A 569 43.76 31.93 34.67
CA SER A 569 42.96 31.26 35.69
C SER A 569 43.88 30.58 36.69
N PHE A 570 43.90 31.08 37.93
CA PHE A 570 44.85 30.66 38.93
C PHE A 570 44.09 30.22 40.18
N TYR A 571 44.49 29.08 40.74
CA TYR A 571 43.83 28.51 41.90
C TYR A 571 44.83 28.32 43.03
N ASP A 572 44.34 28.48 44.26
CA ASP A 572 45.13 28.17 45.44
C ASP A 572 44.92 26.71 45.82
N ARG A 573 45.35 26.32 47.02
CA ARG A 573 45.35 24.90 47.36
C ARG A 573 43.96 24.40 47.71
N ALA A 574 43.17 25.19 48.43
CA ALA A 574 41.86 24.72 48.87
C ALA A 574 40.85 24.70 47.74
N THR A 575 41.07 25.49 46.68
CA THR A 575 40.14 25.50 45.55
C THR A 575 40.51 24.47 44.50
N LEU A 576 41.81 24.22 44.31
CA LEU A 576 42.23 23.09 43.48
C LEU A 576 41.73 21.78 44.05
N THR A 577 41.89 21.59 45.37
CA THR A 577 41.47 20.35 46.01
C THR A 577 39.99 20.08 45.80
N GLN A 578 39.16 21.11 45.99
CA GLN A 578 37.73 20.96 45.71
C GLN A 578 37.49 20.73 44.22
N LEU A 579 38.25 21.41 43.36
CA LEU A 579 38.12 21.18 41.93
C LEU A 579 38.60 19.78 41.56
N LEU A 580 39.66 19.30 42.23
CA LEU A 580 40.24 18.01 41.89
C LEU A 580 39.44 16.84 42.44
N SER A 581 38.50 17.09 43.35
CA SER A 581 37.72 16.04 43.99
C SER A 581 36.31 15.92 43.42
N MET A 582 36.01 16.63 42.34
CA MET A 582 34.77 16.42 41.62
C MET A 582 34.92 15.59 40.36
N MET A 583 36.14 15.48 39.81
CA MET A 583 36.33 14.62 38.64
C MET A 583 36.22 13.15 39.01
N SER A 584 36.53 12.80 40.25
CA SER A 584 36.20 11.51 40.84
C SER A 584 35.10 11.70 41.89
N ASP A 585 34.84 10.66 42.66
CA ASP A 585 33.89 10.71 43.75
C ASP A 585 34.56 10.41 45.08
N GLY A 586 35.77 10.92 45.28
CA GLY A 586 36.54 10.54 46.45
C GLY A 586 37.03 9.12 46.47
N ILE A 587 37.54 8.62 45.33
CA ILE A 587 38.13 7.28 45.25
C ILE A 587 39.55 7.34 44.73
N GLU A 588 39.79 8.10 43.66
CA GLU A 588 41.13 8.19 43.10
C GLU A 588 42.07 8.96 44.01
N HIS A 589 43.28 8.43 44.17
CA HIS A 589 44.31 9.04 45.01
C HIS A 589 45.15 9.99 44.16
N PHE A 590 45.10 11.28 44.48
CA PHE A 590 45.94 12.27 43.83
C PHE A 590 47.17 12.55 44.68
N ASP A 591 48.20 13.09 44.02
CA ASP A 591 49.35 13.68 44.70
C ASP A 591 49.69 15.01 44.04
N ILE A 592 49.72 16.07 44.85
CA ILE A 592 49.65 17.44 44.32
C ILE A 592 51.02 17.82 43.77
N PRO A 593 51.11 18.26 42.51
CA PRO A 593 52.38 18.78 41.99
C PRO A 593 52.69 20.13 42.59
N PRO A 594 53.96 20.54 42.58
CA PRO A 594 54.33 21.84 43.18
C PRO A 594 53.81 22.99 42.35
N PRO A 595 53.35 24.06 43.00
CA PRO A 595 52.55 25.07 42.30
C PRO A 595 53.40 25.99 41.44
N ALA A 596 52.73 26.71 40.54
CA ALA A 596 53.44 27.54 39.57
C ALA A 596 53.91 28.84 40.22
N ILE A 597 52.97 29.64 40.73
CA ILE A 597 53.30 30.92 41.36
C ILE A 597 53.61 30.64 42.83
N MET A 598 54.76 31.10 43.30
CA MET A 598 55.24 30.53 44.54
C MET A 598 55.63 31.55 45.61
N LYS A 599 56.23 32.68 45.22
CA LYS A 599 56.74 33.53 46.29
C LYS A 599 55.67 34.37 46.99
N PRO A 600 54.83 35.17 46.28
CA PRO A 600 53.89 36.02 47.03
C PRO A 600 52.81 35.21 47.73
N TYR A 601 52.12 34.37 46.95
CA TYR A 601 51.20 33.37 47.48
C TYR A 601 51.46 32.06 46.74
N TYR A 602 50.81 30.99 47.19
CA TYR A 602 50.90 29.70 46.52
C TYR A 602 49.75 29.57 45.54
N LEU A 603 50.05 29.57 44.24
CA LEU A 603 49.02 29.49 43.20
C LEU A 603 49.37 28.38 42.23
N TRP A 604 48.37 27.57 41.89
CA TRP A 604 48.46 26.65 40.77
C TRP A 604 47.95 27.34 39.51
N THR A 605 47.81 26.58 38.43
CA THR A 605 47.31 27.09 37.16
C THR A 605 46.23 26.14 36.64
N GLY A 606 45.55 26.57 35.58
CA GLY A 606 44.45 25.78 35.07
C GLY A 606 44.91 24.73 34.07
N LYS A 607 46.15 24.28 34.20
CA LYS A 607 46.66 23.19 33.36
C LYS A 607 47.28 22.11 34.22
N GLN A 608 47.86 22.50 35.36
CA GLN A 608 48.29 21.53 36.36
C GLN A 608 47.10 20.81 36.98
N VAL A 609 45.94 21.47 37.02
CA VAL A 609 44.71 20.78 37.45
C VAL A 609 44.07 19.99 36.32
N PHE A 610 44.54 20.18 35.07
CA PHE A 610 44.05 19.41 33.94
C PHE A 610 45.02 18.33 33.51
N SER A 611 46.29 18.42 33.93
CA SER A 611 47.27 17.35 33.78
C SER A 611 47.21 16.34 34.92
N LEU A 612 46.24 16.46 35.83
CA LEU A 612 45.98 15.44 36.84
C LEU A 612 44.86 14.49 36.47
N LEU A 613 43.96 14.86 35.55
CA LEU A 613 42.94 13.93 35.10
C LEU A 613 43.44 12.99 34.02
N ILE A 614 44.72 13.05 33.69
CA ILE A 614 45.33 12.14 32.72
C ILE A 614 46.14 11.11 33.50
N LYS A 615 47.14 11.59 34.25
CA LYS A 615 47.90 10.76 35.17
C LYS A 615 47.68 11.29 36.58
N PRO A 616 46.77 10.69 37.36
CA PRO A 616 46.50 11.23 38.70
C PRO A 616 47.59 10.93 39.72
N ASN A 617 48.29 9.80 39.59
CA ASN A 617 49.40 9.50 40.49
C ASN A 617 50.38 8.57 39.78
N HIS A 618 51.34 8.05 40.54
CA HIS A 618 52.41 7.24 39.96
C HIS A 618 51.92 5.87 39.53
N ASN A 619 50.90 5.33 40.21
CA ASN A 619 50.39 4.01 39.89
C ASN A 619 49.51 4.00 38.64
N SER A 620 49.15 5.16 38.11
CA SER A 620 48.43 5.05 36.84
C SER A 620 49.42 5.10 35.68
N PRO A 621 49.26 4.25 34.68
CA PRO A 621 50.30 4.06 33.65
C PRO A 621 50.24 5.00 32.47
N VAL A 622 49.33 5.98 32.47
CA VAL A 622 49.13 6.83 31.30
C VAL A 622 50.23 7.87 31.24
N VAL A 623 51.01 7.85 30.16
CA VAL A 623 51.97 8.92 29.86
C VAL A 623 52.02 9.08 28.34
N ILE A 624 51.68 10.28 27.87
CA ILE A 624 51.44 10.51 26.45
C ILE A 624 52.30 11.68 25.98
N ASN A 625 52.36 11.84 24.66
CA ASN A 625 53.07 12.94 24.01
C ASN A 625 52.29 13.34 22.76
N LEU A 626 51.99 14.63 22.64
CA LEU A 626 51.12 15.07 21.56
C LEU A 626 51.39 16.53 21.22
N ASP A 627 51.31 16.84 19.92
CA ASP A 627 51.55 18.17 19.37
C ASP A 627 50.41 18.46 18.40
N ALA A 628 49.52 19.38 18.75
CA ALA A 628 48.33 19.63 17.95
C ALA A 628 48.05 21.11 17.82
N LYS A 629 47.45 21.48 16.69
CA LYS A 629 47.16 22.86 16.34
C LYS A 629 45.68 23.14 16.62
N ASN A 630 45.40 24.27 17.28
CA ASN A 630 44.06 24.54 17.78
C ASN A 630 43.14 24.97 16.64
N LYS A 631 41.94 25.41 16.99
CA LYS A 631 40.97 25.80 15.97
C LYS A 631 41.29 27.14 15.33
N VAL A 632 41.87 28.08 16.09
CA VAL A 632 42.15 29.41 15.56
C VAL A 632 43.62 29.56 15.16
N PHE A 633 44.52 29.51 16.14
CA PHE A 633 45.96 29.49 15.89
C PHE A 633 46.40 30.71 15.07
N VAL A 634 46.35 31.87 15.71
CA VAL A 634 46.95 33.06 15.11
C VAL A 634 48.46 32.89 15.07
N PRO A 635 49.11 33.15 13.93
CA PRO A 635 50.50 32.72 13.76
C PRO A 635 51.47 33.69 14.40
N PRO A 636 52.62 33.20 14.86
CA PRO A 636 53.68 34.09 15.37
C PRO A 636 54.38 34.85 14.26
N LYS A 637 55.53 35.45 14.59
CA LYS A 637 56.32 36.21 13.63
C LYS A 637 56.88 35.35 12.49
N SER A 638 56.59 34.05 12.50
CA SER A 638 56.52 33.14 11.37
C SER A 638 57.89 32.70 10.87
N LYS A 639 58.98 33.30 11.33
CA LYS A 639 60.28 32.75 10.97
C LYS A 639 61.16 32.49 12.18
N SER A 640 61.21 33.44 13.14
CA SER A 640 62.06 33.25 14.31
C SER A 640 61.35 32.40 15.35
N LEU A 641 60.22 32.90 15.86
CA LEU A 641 59.50 32.26 16.96
C LEU A 641 58.76 31.03 16.45
N PRO A 642 58.83 29.89 17.15
CA PRO A 642 58.23 28.67 16.59
C PRO A 642 56.73 28.67 16.77
N ASN A 643 56.08 27.52 16.48
CA ASN A 643 54.63 27.46 16.52
C ASN A 643 54.07 27.67 17.93
N GLU A 644 54.86 27.41 18.97
CA GLU A 644 54.36 27.54 20.33
C GLU A 644 54.13 28.99 20.71
N MET A 645 54.97 29.90 20.22
CA MET A 645 54.93 31.30 20.68
C MET A 645 53.91 32.13 19.91
N SER A 646 52.66 31.67 19.89
CA SER A 646 51.58 32.42 19.27
C SER A 646 51.15 33.57 20.17
N GLN A 647 50.30 34.44 19.63
CA GLN A 647 49.83 35.59 20.41
C GLN A 647 48.88 35.14 21.50
N ASN A 648 47.92 34.29 21.15
CA ASN A 648 47.10 33.60 22.14
C ASN A 648 47.87 32.40 22.69
N ASP A 649 47.18 31.46 23.33
CA ASP A 649 47.88 30.28 23.82
C ASP A 649 48.20 29.33 22.66
N GLY A 650 47.27 29.19 21.72
CA GLY A 650 47.59 28.59 20.44
C GLY A 650 47.98 27.12 20.50
N PHE A 651 49.09 26.82 19.82
CA PHE A 651 49.58 25.47 19.64
C PHE A 651 49.80 24.79 20.99
N VAL A 652 49.34 23.54 21.12
CA VAL A 652 49.30 22.84 22.39
C VAL A 652 50.47 21.87 22.46
N ILE A 653 51.10 21.80 23.64
CA ILE A 653 52.27 20.98 23.90
C ILE A 653 52.04 20.21 25.19
N ILE A 654 52.16 18.89 25.13
CA ILE A 654 52.08 18.03 26.31
C ILE A 654 53.22 17.02 26.24
N ARG A 655 53.97 16.91 27.33
CA ARG A 655 55.16 16.05 27.40
C ARG A 655 55.12 15.32 28.74
N GLY A 656 54.91 14.01 28.70
CA GLY A 656 54.84 13.24 29.93
C GLY A 656 53.57 13.48 30.72
N SER A 657 52.47 13.77 30.03
CA SER A 657 51.18 14.08 30.64
C SER A 657 51.28 15.28 31.58
N GLN A 658 51.88 16.35 31.09
CA GLN A 658 51.70 17.69 31.65
C GLN A 658 51.46 18.64 30.50
N ILE A 659 50.43 19.48 30.61
CA ILE A 659 50.19 20.49 29.59
C ILE A 659 51.23 21.60 29.72
N LEU A 660 51.93 21.88 28.63
CA LEU A 660 52.94 22.93 28.62
C LEU A 660 52.49 24.21 27.93
N SER A 661 51.55 24.12 27.01
CA SER A 661 50.94 25.29 26.38
C SER A 661 49.64 24.86 25.73
N GLY A 662 48.96 25.81 25.10
CA GLY A 662 47.75 25.55 24.36
C GLY A 662 46.52 25.40 25.24
N VAL A 663 45.36 25.46 24.61
CA VAL A 663 44.10 25.31 25.34
C VAL A 663 43.32 24.13 24.76
N MET A 664 42.13 23.89 25.30
CA MET A 664 41.29 22.75 24.94
C MET A 664 40.04 23.28 24.25
N ASP A 665 40.08 23.31 22.92
CA ASP A 665 39.05 24.02 22.15
C ASP A 665 38.57 23.16 20.98
N LYS A 666 38.22 21.91 21.28
CA LYS A 666 37.52 20.99 20.38
C LYS A 666 38.42 20.49 19.26
N SER A 667 39.59 21.11 19.07
CA SER A 667 40.62 20.51 18.23
C SER A 667 41.47 19.49 18.97
N VAL A 668 41.48 19.52 20.30
CA VAL A 668 42.32 18.63 21.08
C VAL A 668 41.51 17.62 21.88
N LEU A 669 40.23 17.89 22.16
CA LEU A 669 39.35 16.97 22.86
C LEU A 669 38.31 16.34 21.96
N GLY A 670 37.65 17.13 21.12
CA GLY A 670 36.40 16.75 20.47
C GLY A 670 36.56 15.79 19.32
N ASP A 671 35.62 15.87 18.38
CA ASP A 671 35.48 14.90 17.31
C ASP A 671 36.37 15.28 16.13
N GLY A 672 36.21 14.55 15.02
CA GLY A 672 36.78 14.94 13.75
C GLY A 672 38.28 14.74 13.65
N LYS A 673 39.08 15.47 14.42
CA LYS A 673 40.52 15.46 14.22
C LYS A 673 41.13 14.18 14.79
N LYS A 674 42.10 13.62 14.06
CA LYS A 674 42.67 12.34 14.43
C LYS A 674 43.61 12.46 15.62
N HIS A 675 44.19 13.64 15.83
CA HIS A 675 45.18 13.87 16.88
C HIS A 675 44.58 14.50 18.14
N SER A 676 43.55 13.88 18.71
CA SER A 676 42.94 14.43 19.91
C SER A 676 43.60 13.84 21.15
N VAL A 677 43.17 14.29 22.33
CA VAL A 677 43.65 13.69 23.58
C VAL A 677 43.12 12.28 23.72
N PHE A 678 41.80 12.11 23.64
CA PHE A 678 41.16 10.83 23.88
C PHE A 678 41.52 9.78 22.83
N TYR A 679 42.02 10.21 21.67
CA TYR A 679 42.56 9.24 20.71
C TYR A 679 43.90 8.67 21.16
N THR A 680 44.71 9.44 21.89
CA THR A 680 46.06 8.98 22.19
C THR A 680 46.05 7.90 23.28
N ILE A 681 45.23 8.08 24.32
CA ILE A 681 45.13 7.06 25.35
C ILE A 681 44.43 5.82 24.81
N LEU A 682 43.47 6.00 23.89
CA LEU A 682 42.86 4.87 23.21
C LEU A 682 43.88 4.08 22.38
N ARG A 683 44.85 4.78 21.77
CA ARG A 683 45.74 4.11 20.84
C ARG A 683 46.85 3.34 21.53
N ASP A 684 47.35 3.83 22.67
CA ASP A 684 48.55 3.27 23.28
C ASP A 684 48.29 2.46 24.54
N TYR A 685 47.08 2.51 25.11
CA TYR A 685 46.88 1.90 26.42
C TYR A 685 45.56 1.14 26.52
N GLY A 686 44.97 0.74 25.41
CA GLY A 686 43.70 0.06 25.42
C GLY A 686 42.55 1.03 25.54
N PRO A 687 41.32 0.54 25.34
CA PRO A 687 40.16 1.45 25.47
C PRO A 687 39.69 1.64 26.91
N GLN A 688 40.13 0.79 27.84
CA GLN A 688 39.70 0.95 29.23
C GLN A 688 40.29 2.21 29.85
N GLU A 689 41.57 2.47 29.59
CA GLU A 689 42.19 3.71 30.08
C GLU A 689 41.69 4.94 29.34
N ALA A 690 41.19 4.78 28.11
CA ALA A 690 40.56 5.89 27.42
C ALA A 690 39.22 6.25 28.07
N ALA A 691 38.40 5.24 28.37
CA ALA A 691 37.09 5.51 28.95
C ALA A 691 37.20 5.94 30.40
N ASN A 692 38.29 5.60 31.10
CA ASN A 692 38.47 6.08 32.46
C ASN A 692 38.85 7.54 32.50
N ALA A 693 39.47 8.05 31.43
CA ALA A 693 39.88 9.45 31.37
C ALA A 693 38.90 10.30 30.58
N MET A 694 37.85 9.72 30.03
CA MET A 694 36.84 10.45 29.27
C MET A 694 35.64 10.85 30.12
N ASN A 695 35.17 9.96 30.99
CA ASN A 695 34.13 10.30 31.94
C ASN A 695 34.65 10.98 33.20
N ARG A 696 35.98 11.12 33.34
CA ARG A 696 36.52 11.93 34.42
C ARG A 696 36.52 13.41 34.08
N MET A 697 36.44 13.76 32.80
CA MET A 697 36.16 15.11 32.38
C MET A 697 34.69 15.48 32.56
N ALA A 698 33.78 14.51 32.34
CA ALA A 698 32.35 14.81 32.35
C ALA A 698 31.81 14.98 33.76
N LYS A 699 32.38 14.30 34.75
CA LYS A 699 31.93 14.49 36.12
C LYS A 699 32.40 15.84 36.66
N LEU A 700 33.53 16.34 36.16
CA LEU A 700 34.02 17.65 36.54
C LEU A 700 33.22 18.76 35.86
N CYS A 701 33.16 18.71 34.52
CA CYS A 701 32.56 19.78 33.75
C CYS A 701 31.05 19.87 33.95
N ALA A 702 30.42 18.82 34.48
CA ALA A 702 29.07 18.94 34.98
C ALA A 702 29.03 19.81 36.24
N ARG A 703 29.86 19.47 37.23
CA ARG A 703 29.77 20.10 38.54
C ARG A 703 30.44 21.47 38.60
N PHE A 704 31.39 21.74 37.72
CA PHE A 704 32.26 22.91 37.90
C PHE A 704 31.57 24.21 37.51
N LEU A 705 31.20 24.35 36.23
CA LEU A 705 30.84 25.67 35.72
C LEU A 705 29.43 26.10 36.11
N GLY A 706 28.69 25.25 36.82
CA GLY A 706 27.49 25.73 37.49
C GLY A 706 27.74 26.50 38.76
N ASN A 707 28.97 26.48 39.26
CA ASN A 707 29.38 27.33 40.38
C ASN A 707 30.34 28.43 39.96
N ARG A 708 30.74 28.48 38.69
CA ARG A 708 31.54 29.59 38.17
C ARG A 708 30.65 30.65 37.52
N GLY A 709 29.94 30.29 36.46
CA GLY A 709 28.99 31.19 35.85
C GLY A 709 29.22 31.46 34.38
N PHE A 710 28.15 31.43 33.60
CA PHE A 710 28.22 31.64 32.16
C PHE A 710 26.81 31.93 31.67
N SER A 711 26.62 33.10 31.05
CA SER A 711 25.32 33.44 30.47
C SER A 711 25.52 34.28 29.21
N ILE A 712 24.40 34.61 28.57
CA ILE A 712 24.38 35.32 27.31
C ILE A 712 23.15 36.21 27.29
N GLY A 713 23.28 37.40 26.72
CA GLY A 713 22.18 38.33 26.73
C GLY A 713 22.36 39.48 25.78
N ILE A 714 21.56 40.53 26.00
CA ILE A 714 21.60 41.71 25.14
C ILE A 714 22.96 42.39 25.22
N ASN A 715 23.53 42.48 26.42
CA ASN A 715 24.71 43.31 26.62
C ASN A 715 25.94 42.80 25.88
N ASP A 716 25.94 41.53 25.48
CA ASP A 716 27.07 40.94 24.75
C ASP A 716 26.59 40.32 23.45
N VAL A 717 25.62 40.96 22.80
CA VAL A 717 25.34 40.71 21.39
C VAL A 717 25.16 42.03 20.66
N THR A 718 25.00 43.11 21.42
CA THR A 718 24.78 44.40 20.78
C THR A 718 26.08 45.01 20.29
N PRO A 719 26.04 45.73 19.16
CA PRO A 719 27.25 46.38 18.65
C PRO A 719 27.66 47.56 19.52
N ALA A 720 28.97 47.82 19.53
CA ALA A 720 29.60 48.67 20.52
C ALA A 720 29.51 50.16 20.17
N ASP A 721 28.75 50.49 19.12
CA ASP A 721 28.45 51.77 18.48
C ASP A 721 29.57 52.24 17.57
N ASP A 722 30.71 51.55 17.51
CA ASP A 722 31.66 51.71 16.43
C ASP A 722 31.41 50.73 15.29
N LEU A 723 30.98 49.50 15.61
CA LEU A 723 30.51 48.57 14.60
C LEU A 723 29.20 49.03 13.96
N LYS A 724 28.42 49.87 14.65
CA LYS A 724 27.23 50.46 14.04
C LYS A 724 27.57 51.66 13.17
N GLN A 725 28.57 52.46 13.56
CA GLN A 725 28.97 53.58 12.74
C GLN A 725 29.68 53.12 11.47
N LYS A 726 30.48 52.05 11.56
CA LYS A 726 31.29 51.64 10.43
C LYS A 726 30.48 50.85 9.41
N LYS A 727 29.50 50.07 9.88
CA LYS A 727 28.68 49.27 8.97
C LYS A 727 27.78 50.16 8.12
N GLU A 728 27.33 51.30 8.67
CA GLU A 728 26.30 52.09 8.02
C GLU A 728 26.78 52.65 6.69
N GLU A 729 28.07 52.96 6.57
CA GLU A 729 28.63 53.45 5.32
C GLU A 729 29.27 52.35 4.49
N LEU A 730 29.77 51.29 5.12
CA LEU A 730 30.50 50.26 4.38
C LEU A 730 29.54 49.43 3.53
N VAL A 731 28.27 49.36 3.92
CA VAL A 731 27.25 48.75 3.07
C VAL A 731 26.66 49.77 2.09
N GLU A 732 26.87 51.06 2.31
CA GLU A 732 26.46 52.07 1.35
C GLU A 732 27.54 52.36 0.32
N ILE A 733 28.82 52.16 0.68
CA ILE A 733 29.89 52.24 -0.31
C ILE A 733 29.89 51.02 -1.21
N ALA A 734 29.28 49.92 -0.75
CA ALA A 734 29.04 48.77 -1.61
C ALA A 734 27.81 48.99 -2.49
N TYR A 735 26.84 49.79 -2.02
CA TYR A 735 25.77 50.24 -2.90
C TYR A 735 26.27 51.20 -3.96
N HIS A 736 27.27 52.03 -3.64
CA HIS A 736 27.65 53.10 -4.55
C HIS A 736 28.43 52.58 -5.74
N LYS A 737 29.26 51.55 -5.54
CA LYS A 737 29.85 50.86 -6.68
C LYS A 737 28.80 50.05 -7.44
N CYS A 738 27.78 49.56 -6.75
CA CYS A 738 26.79 48.69 -7.39
C CYS A 738 25.80 49.50 -8.23
N ASP A 739 25.37 50.66 -7.72
CA ASP A 739 24.25 51.37 -8.33
C ASP A 739 24.64 52.04 -9.63
N GLU A 740 25.92 52.39 -9.79
CA GLU A 740 26.41 52.84 -11.08
C GLU A 740 26.62 51.69 -12.06
N LEU A 741 26.96 50.51 -11.54
CA LEU A 741 27.26 49.37 -12.42
C LEU A 741 26.01 48.83 -13.12
N ILE A 742 24.83 49.05 -12.55
CA ILE A 742 23.60 48.65 -13.24
C ILE A 742 23.28 49.63 -14.37
N THR A 743 23.72 50.88 -14.26
CA THR A 743 23.30 51.92 -15.20
C THR A 743 23.99 51.85 -16.55
N LEU A 744 24.86 50.88 -16.78
CA LEU A 744 25.47 50.68 -18.09
C LEU A 744 24.69 49.68 -18.94
N PHE A 745 23.38 49.87 -19.01
CA PHE A 745 22.54 49.17 -19.96
C PHE A 745 22.18 50.00 -21.19
N ASN A 746 22.07 51.33 -21.02
CA ASN A 746 21.98 52.22 -22.18
C ASN A 746 23.29 52.24 -22.95
N LYS A 747 24.42 52.36 -22.23
CA LYS A 747 25.72 52.32 -22.89
C LYS A 747 26.02 50.92 -23.44
N GLY A 748 25.54 49.87 -22.78
CA GLY A 748 25.70 48.53 -23.28
C GLY A 748 27.09 47.95 -23.10
N GLU A 749 27.73 48.21 -21.96
CA GLU A 749 28.99 47.56 -21.65
C GLU A 749 28.76 46.10 -21.31
N LEU A 750 29.64 45.24 -21.82
CA LEU A 750 29.53 43.80 -21.56
C LEU A 750 30.94 43.21 -21.54
N GLU A 751 31.37 42.77 -20.36
CA GLU A 751 32.78 42.46 -20.14
C GLU A 751 33.16 41.12 -20.76
N THR A 752 32.19 40.20 -20.88
CA THR A 752 32.33 38.94 -21.62
C THR A 752 33.48 38.09 -21.05
N GLN A 753 33.26 37.62 -19.83
CA GLN A 753 34.12 36.61 -19.25
C GLN A 753 34.03 35.32 -20.07
N PRO A 754 35.07 34.48 -20.04
CA PRO A 754 34.96 33.13 -20.61
C PRO A 754 33.97 32.30 -19.82
N GLY A 755 32.96 31.76 -20.50
CA GLY A 755 31.88 31.08 -19.82
C GLY A 755 30.50 31.47 -20.32
N CYS A 756 30.47 32.15 -21.47
CA CYS A 756 29.24 32.47 -22.22
C CYS A 756 28.21 33.16 -21.31
N ASN A 757 28.58 34.39 -20.94
CA ASN A 757 27.81 35.21 -20.01
C ASN A 757 26.39 35.46 -20.51
N GLU A 758 26.27 36.22 -21.59
CA GLU A 758 25.00 36.53 -22.24
C GLU A 758 24.04 37.19 -21.24
N GLU A 759 24.43 38.41 -20.85
CA GLU A 759 23.67 39.28 -19.96
C GLU A 759 23.49 38.63 -18.58
N GLN A 760 24.64 38.27 -17.98
CA GLN A 760 24.67 37.96 -16.56
C GLN A 760 25.96 38.45 -15.89
N THR A 761 26.81 39.19 -16.62
CA THR A 761 27.98 39.80 -16.00
C THR A 761 27.58 40.81 -14.95
N LEU A 762 26.56 41.61 -15.22
CA LEU A 762 26.00 42.51 -14.22
C LEU A 762 25.06 41.80 -13.26
N GLU A 763 25.00 40.47 -13.31
CA GLU A 763 24.30 39.67 -12.30
C GLU A 763 25.24 38.81 -11.47
N ALA A 764 26.37 38.39 -12.04
CA ALA A 764 27.31 37.55 -11.31
C ALA A 764 28.33 38.36 -10.54
N LYS A 765 28.68 39.57 -11.02
CA LYS A 765 29.63 40.41 -10.30
C LYS A 765 29.02 40.99 -9.04
N ILE A 766 27.68 41.15 -9.02
CA ILE A 766 27.03 41.74 -7.86
C ILE A 766 27.08 40.78 -6.68
N GLY A 767 27.16 39.48 -6.94
CA GLY A 767 27.15 38.49 -5.88
C GLY A 767 28.39 38.56 -5.03
N GLY A 768 29.56 38.42 -5.65
CA GLY A 768 30.82 38.57 -4.94
C GLY A 768 31.07 39.99 -4.45
N LEU A 769 30.46 40.98 -5.08
CA LEU A 769 30.47 42.33 -4.53
C LEU A 769 29.70 42.39 -3.21
N LEU A 770 28.59 41.67 -3.13
CA LEU A 770 27.84 41.55 -1.88
C LEU A 770 28.33 40.41 -1.00
N SER A 771 29.07 39.45 -1.56
CA SER A 771 29.71 38.42 -0.76
C SER A 771 31.06 38.86 -0.22
N LYS A 772 31.43 40.12 -0.42
CA LYS A 772 32.60 40.72 0.21
C LYS A 772 32.22 41.62 1.38
N VAL A 773 31.15 42.40 1.24
CA VAL A 773 30.64 43.20 2.35
C VAL A 773 29.96 42.32 3.39
N ARG A 774 29.54 41.11 3.01
CA ARG A 774 28.94 40.19 3.96
C ARG A 774 29.99 39.56 4.87
N GLU A 775 31.22 39.39 4.38
CA GLU A 775 32.27 38.75 5.15
C GLU A 775 33.23 39.74 5.80
N GLU A 776 33.47 40.90 5.17
CA GLU A 776 34.47 41.82 5.69
C GLU A 776 33.95 42.58 6.90
N VAL A 777 32.66 42.93 6.91
CA VAL A 777 32.03 43.45 8.11
C VAL A 777 31.96 42.39 9.19
N GLY A 778 31.86 41.12 8.79
CA GLY A 778 32.02 40.03 9.73
C GLY A 778 33.44 39.86 10.25
N ASP A 779 34.42 40.44 9.55
CA ASP A 779 35.78 40.48 10.07
C ASP A 779 36.04 41.69 10.96
N VAL A 780 35.30 42.78 10.75
CA VAL A 780 35.47 43.96 11.61
C VAL A 780 34.96 43.68 13.02
N CYS A 781 33.85 42.94 13.12
CA CYS A 781 33.17 42.75 14.40
C CYS A 781 33.89 41.77 15.32
N ILE A 782 34.90 41.04 14.83
CA ILE A 782 35.57 40.03 15.64
C ILE A 782 36.74 40.64 16.40
N ASN A 783 37.65 41.32 15.70
CA ASN A 783 38.85 41.82 16.36
C ASN A 783 38.57 43.07 17.18
N GLU A 784 37.52 43.82 16.82
CA GLU A 784 37.10 44.99 17.59
C GLU A 784 36.00 44.60 18.58
N LEU A 785 36.32 43.63 19.43
CA LEU A 785 35.32 43.02 20.30
C LEU A 785 36.01 42.43 21.52
N ASP A 786 35.54 42.80 22.70
CA ASP A 786 36.26 42.52 23.92
C ASP A 786 36.21 41.02 24.26
N ASN A 787 37.12 40.60 25.13
CA ASN A 787 37.04 39.27 25.70
C ASN A 787 35.89 39.16 26.69
N TRP A 788 35.60 37.92 27.10
CA TRP A 788 34.43 37.56 27.89
C TRP A 788 33.14 37.99 27.21
N ASN A 789 33.16 38.07 25.88
CA ASN A 789 31.94 38.12 25.08
C ASN A 789 31.46 36.67 24.91
N ALA A 790 30.16 36.44 25.11
CA ALA A 790 29.70 35.07 25.21
C ALA A 790 29.61 34.35 23.86
N PRO A 791 29.09 34.95 22.79
CA PRO A 791 29.18 34.29 21.49
C PRO A 791 30.55 34.37 20.84
N LEU A 792 31.51 35.05 21.48
CA LEU A 792 32.89 35.03 21.04
C LEU A 792 33.68 33.86 21.63
N ILE A 793 33.40 33.53 22.89
CA ILE A 793 34.19 32.54 23.63
C ILE A 793 33.73 31.11 23.38
N MET A 794 32.56 30.91 22.79
CA MET A 794 32.14 29.59 22.33
C MET A 794 32.24 29.44 20.82
N ALA A 795 32.76 30.46 20.12
CA ALA A 795 33.18 30.29 18.74
C ALA A 795 34.70 30.30 18.56
N THR A 796 35.45 30.84 19.52
CA THR A 796 36.88 30.60 19.56
C THR A 796 37.18 29.12 19.83
N CYS A 797 36.31 28.44 20.58
CA CYS A 797 36.30 26.99 20.66
C CYS A 797 35.63 26.42 19.41
N GLY A 798 35.29 25.13 19.46
CA GLY A 798 34.50 24.51 18.42
C GLY A 798 33.20 23.92 18.92
N SER A 799 32.74 24.36 20.09
CA SER A 799 31.56 23.78 20.72
C SER A 799 30.33 23.98 19.85
N LYS A 800 29.91 25.23 19.67
CA LYS A 800 28.77 25.54 18.82
C LYS A 800 28.90 26.96 18.30
N GLY A 801 28.73 27.13 17.00
CA GLY A 801 28.63 28.43 16.37
C GLY A 801 29.65 28.60 15.27
N SER A 802 29.77 29.83 14.79
CA SER A 802 30.76 30.20 13.80
C SER A 802 30.93 31.71 13.82
N THR A 803 31.95 32.19 13.09
CA THR A 803 32.08 33.61 12.83
C THR A 803 31.17 34.09 11.72
N LEU A 804 30.45 33.18 11.06
CA LEU A 804 29.35 33.55 10.19
C LEU A 804 28.07 33.81 11.00
N ASN A 805 27.78 32.94 11.97
CA ASN A 805 26.50 32.97 12.67
C ASN A 805 26.42 34.14 13.65
N VAL A 806 27.55 34.52 14.26
CA VAL A 806 27.55 35.70 15.12
C VAL A 806 27.56 36.99 14.31
N SER A 807 28.06 36.94 13.07
CA SER A 807 28.10 38.15 12.25
C SER A 807 26.72 38.55 11.75
N GLN A 808 25.83 37.56 11.57
CA GLN A 808 24.44 37.85 11.24
C GLN A 808 23.65 38.39 12.43
N MET A 809 24.14 38.19 13.64
CA MET A 809 23.45 38.67 14.83
C MET A 809 23.81 40.09 15.21
N VAL A 810 24.93 40.62 14.74
CA VAL A 810 25.42 41.91 15.22
C VAL A 810 25.64 42.88 14.06
N ALA A 811 25.94 42.36 12.87
CA ALA A 811 26.37 43.22 11.77
C ALA A 811 25.40 43.19 10.60
N VAL A 812 25.19 42.04 9.96
CA VAL A 812 24.43 41.97 8.71
C VAL A 812 24.10 40.51 8.43
N VAL A 813 22.90 40.26 7.90
CA VAL A 813 22.47 38.89 7.60
C VAL A 813 22.68 38.51 6.13
N GLY A 814 23.27 39.40 5.34
CA GLY A 814 23.69 39.05 4.00
C GLY A 814 22.54 38.89 3.02
N GLN A 815 22.89 38.30 1.87
CA GLN A 815 21.97 38.13 0.76
C GLN A 815 21.50 36.68 0.69
N GLN A 816 20.19 36.48 0.70
CA GLN A 816 19.64 35.13 0.65
C GLN A 816 19.73 34.55 -0.76
N ILE A 817 20.09 33.27 -0.84
CA ILE A 817 20.14 32.52 -2.08
C ILE A 817 18.92 31.61 -2.14
N ILE A 818 18.42 31.36 -3.36
CA ILE A 818 17.34 30.42 -3.59
C ILE A 818 17.81 29.45 -4.67
N SER A 819 18.42 28.34 -4.26
CA SER A 819 18.90 27.27 -5.13
C SER A 819 19.81 27.81 -6.24
N GLY A 820 20.86 28.50 -5.83
CA GLY A 820 21.78 29.07 -6.79
C GLY A 820 21.24 30.26 -7.56
N ASN A 821 20.30 31.00 -6.97
CA ASN A 821 19.68 32.14 -7.64
C ASN A 821 19.29 33.17 -6.61
N ARG A 822 19.57 34.44 -6.92
CA ARG A 822 19.47 35.52 -5.93
C ARG A 822 18.09 36.16 -5.99
N VAL A 823 17.11 35.37 -5.57
CA VAL A 823 15.70 35.75 -5.48
C VAL A 823 15.21 36.30 -6.82
N PRO A 824 14.88 35.44 -7.78
CA PRO A 824 14.38 35.93 -9.07
C PRO A 824 13.03 36.61 -8.93
N ASP A 825 12.59 37.20 -10.03
CA ASP A 825 11.43 38.10 -9.99
C ASP A 825 10.15 37.33 -9.70
N GLY A 826 9.22 38.00 -9.03
CA GLY A 826 7.94 37.40 -8.69
C GLY A 826 6.90 37.55 -9.78
N PHE A 827 6.66 38.78 -10.23
CA PHE A 827 5.65 39.05 -11.24
C PHE A 827 5.94 40.39 -11.91
N GLN A 828 5.94 40.39 -13.24
CA GLN A 828 6.13 41.60 -14.05
C GLN A 828 7.48 42.25 -13.76
N ASP A 829 8.54 41.45 -13.94
CA ASP A 829 9.93 41.89 -13.83
C ASP A 829 10.26 42.46 -12.45
N ARG A 830 9.49 42.10 -11.43
CA ARG A 830 9.81 42.49 -10.06
C ARG A 830 9.39 41.38 -9.11
N SER A 831 9.77 41.54 -7.84
CA SER A 831 9.57 40.51 -6.83
C SER A 831 8.35 40.73 -5.96
N LEU A 832 7.91 41.99 -5.82
CA LEU A 832 6.99 42.37 -4.76
C LEU A 832 6.44 43.76 -5.08
N PRO A 833 5.18 44.06 -4.73
CA PRO A 833 4.56 45.31 -5.21
C PRO A 833 5.15 46.57 -4.61
N HIS A 834 6.03 46.46 -3.61
CA HIS A 834 6.54 47.62 -2.88
C HIS A 834 7.78 48.20 -3.55
N PHE A 835 8.23 47.59 -4.64
CA PHE A 835 9.41 47.93 -5.42
C PHE A 835 9.01 48.21 -6.87
N PRO A 836 9.61 49.20 -7.52
CA PRO A 836 9.12 49.63 -8.84
C PRO A 836 9.44 48.63 -9.95
N LYS A 837 8.96 48.92 -11.15
CA LYS A 837 9.12 48.02 -12.28
C LYS A 837 10.59 47.89 -12.68
N ASN A 838 10.95 46.68 -13.12
CA ASN A 838 12.25 46.26 -13.65
C ASN A 838 13.45 46.95 -13.01
N SER A 839 13.49 47.02 -11.67
CA SER A 839 14.59 47.65 -10.96
C SER A 839 15.52 46.54 -10.47
N LYS A 840 16.71 46.47 -11.05
CA LYS A 840 17.66 45.41 -10.73
C LYS A 840 18.69 45.89 -9.70
N THR A 841 18.20 46.31 -8.54
CA THR A 841 19.12 46.71 -7.48
C THR A 841 19.05 45.73 -6.32
N PRO A 842 20.12 45.60 -5.54
CA PRO A 842 20.00 44.97 -4.23
C PRO A 842 19.38 45.89 -3.19
N GLN A 843 18.70 45.26 -2.23
CA GLN A 843 17.60 45.70 -1.38
C GLN A 843 16.26 45.59 -2.09
N SER A 844 16.23 45.24 -3.37
CA SER A 844 14.99 44.93 -4.08
C SER A 844 14.80 43.46 -4.37
N LYS A 845 15.87 42.73 -4.71
CA LYS A 845 15.76 41.29 -4.97
C LYS A 845 16.09 40.47 -3.73
N GLY A 846 17.34 40.48 -3.29
CA GLY A 846 17.75 39.57 -2.23
C GLY A 846 18.33 40.18 -0.98
N PHE A 847 19.04 41.29 -1.10
CA PHE A 847 19.93 41.72 -0.03
C PHE A 847 19.14 42.43 1.06
N VAL A 848 19.42 42.08 2.32
CA VAL A 848 18.83 42.71 3.48
C VAL A 848 19.96 43.15 4.40
N ARG A 849 20.04 44.46 4.66
CA ARG A 849 21.25 45.07 5.21
C ARG A 849 21.27 45.15 6.73
N ASN A 850 20.14 45.02 7.40
CA ASN A 850 20.07 45.25 8.82
C ASN A 850 20.04 43.96 9.62
N SER A 851 20.57 44.03 10.84
CA SER A 851 20.87 42.87 11.67
C SER A 851 19.59 42.31 12.30
N PHE A 852 19.75 41.14 12.94
CA PHE A 852 18.66 40.60 13.75
C PHE A 852 18.42 41.43 14.99
N PHE A 853 19.46 42.08 15.52
CA PHE A 853 19.29 42.92 16.70
C PHE A 853 18.53 44.19 16.38
N SER A 854 18.87 44.82 15.25
CA SER A 854 18.13 46.00 14.81
C SER A 854 16.68 45.65 14.48
N GLY A 855 16.48 44.83 13.47
CA GLY A 855 15.15 44.40 13.08
C GLY A 855 15.09 44.12 11.60
N LEU A 856 13.89 43.77 11.15
CA LEU A 856 13.60 43.59 9.73
C LEU A 856 12.41 44.43 9.33
N SER A 857 12.42 44.90 8.09
CA SER A 857 11.35 45.70 7.54
C SER A 857 10.37 44.81 6.77
N PRO A 858 9.13 45.25 6.61
CA PRO A 858 8.10 44.41 6.00
C PRO A 858 8.46 43.90 4.60
N PRO A 859 9.19 44.68 3.77
CA PRO A 859 9.65 44.08 2.51
C PRO A 859 10.75 43.05 2.67
N GLU A 860 11.75 43.31 3.51
CA GLU A 860 12.88 42.40 3.63
C GLU A 860 12.63 41.25 4.59
N PHE A 861 11.49 41.25 5.31
CA PHE A 861 11.13 40.09 6.11
C PHE A 861 10.74 38.89 5.25
N LEU A 862 10.12 39.13 4.09
CA LEU A 862 9.69 38.00 3.27
C LEU A 862 10.86 37.30 2.59
N PHE A 863 11.93 38.05 2.27
CA PHE A 863 13.07 37.44 1.61
C PHE A 863 13.86 36.52 2.54
N HIS A 864 13.72 36.70 3.85
CA HIS A 864 14.24 35.74 4.82
C HIS A 864 13.31 34.54 4.99
N ALA A 865 12.03 34.69 4.70
CA ALA A 865 11.06 33.61 4.79
C ALA A 865 11.02 32.74 3.54
N ILE A 866 12.00 32.84 2.66
CA ILE A 866 12.14 31.94 1.53
C ILE A 866 13.39 31.08 1.65
N SER A 867 14.51 31.67 2.05
CA SER A 867 15.65 30.86 2.47
C SER A 867 15.31 30.00 3.69
N GLY A 868 14.44 30.49 4.57
CA GLY A 868 13.96 29.69 5.69
C GLY A 868 13.00 28.60 5.29
N ARG A 869 12.43 28.67 4.09
CA ARG A 869 11.52 27.65 3.60
C ARG A 869 12.25 26.51 2.90
N GLU A 870 13.26 26.82 2.09
CA GLU A 870 14.04 25.79 1.44
C GLU A 870 14.99 25.08 2.38
N GLY A 871 15.18 25.59 3.60
CA GLY A 871 15.93 24.86 4.61
C GLY A 871 15.20 23.66 5.15
N LEU A 872 13.86 23.61 4.97
CA LEU A 872 13.05 22.48 5.40
C LEU A 872 12.53 21.64 4.26
N VAL A 873 12.41 22.21 3.05
CA VAL A 873 11.95 21.44 1.91
C VAL A 873 13.06 20.51 1.42
N ASP A 874 14.31 20.99 1.43
CA ASP A 874 15.41 20.24 0.83
C ASP A 874 15.69 18.94 1.58
N THR A 875 15.32 18.88 2.86
CA THR A 875 15.54 17.66 3.64
C THR A 875 14.60 16.53 3.21
N ALA A 876 13.43 16.87 2.65
CA ALA A 876 12.47 15.86 2.28
C ALA A 876 12.77 15.20 0.94
N VAL A 877 13.78 15.68 0.21
CA VAL A 877 14.14 15.12 -1.07
C VAL A 877 15.44 14.33 -1.02
N LYS A 878 16.27 14.52 0.02
CA LYS A 878 17.54 13.83 0.17
C LYS A 878 17.47 12.66 1.13
N THR A 879 16.67 12.77 2.21
CA THR A 879 16.75 11.80 3.29
C THR A 879 16.08 10.48 2.88
N ALA A 880 14.99 10.56 2.13
CA ALA A 880 14.30 9.35 1.70
C ALA A 880 14.99 8.68 0.52
N GLU A 881 15.87 9.39 -0.18
CA GLU A 881 16.61 8.84 -1.30
C GLU A 881 18.01 8.39 -0.93
N THR A 882 18.57 8.89 0.17
CA THR A 882 19.87 8.42 0.62
C THR A 882 19.77 7.03 1.22
N GLY A 883 18.75 6.78 2.05
CA GLY A 883 18.49 5.42 2.49
C GLY A 883 17.98 4.49 1.41
N TYR A 884 17.49 5.05 0.30
CA TYR A 884 17.28 4.26 -0.91
C TYR A 884 18.58 3.96 -1.63
N MET A 885 19.64 4.73 -1.38
CA MET A 885 20.94 4.49 -2.00
C MET A 885 21.88 3.69 -1.11
N SER A 886 21.76 3.81 0.22
CA SER A 886 22.56 3.01 1.13
C SER A 886 22.07 1.57 1.22
N ARG A 887 20.92 1.25 0.63
CA ARG A 887 20.40 -0.10 0.60
C ARG A 887 20.59 -0.78 -0.76
N ARG A 888 20.42 -0.03 -1.85
CA ARG A 888 20.77 -0.55 -3.17
C ARG A 888 22.23 -0.97 -3.23
N LEU A 889 23.13 -0.10 -2.72
CA LEU A 889 24.54 -0.46 -2.66
C LEU A 889 24.80 -1.57 -1.65
N MET A 890 23.94 -1.71 -0.64
CA MET A 890 24.15 -2.73 0.38
C MET A 890 23.92 -4.13 -0.17
N LYS A 891 22.84 -4.32 -0.91
CA LYS A 891 22.41 -5.67 -1.28
C LYS A 891 23.39 -6.33 -2.24
N SER A 892 24.01 -5.56 -3.13
CA SER A 892 24.94 -6.10 -4.11
C SER A 892 26.33 -6.36 -3.54
N LEU A 893 26.58 -5.99 -2.28
CA LEU A 893 27.94 -5.99 -1.76
C LEU A 893 27.98 -6.47 -0.31
N GLU A 894 26.92 -7.14 0.15
CA GLU A 894 26.72 -7.40 1.57
C GLU A 894 27.58 -8.52 2.12
N ASP A 895 28.15 -9.36 1.24
CA ASP A 895 28.86 -10.57 1.65
C ASP A 895 30.24 -10.63 0.98
N LEU A 896 31.22 -9.98 1.60
CA LEU A 896 32.61 -10.03 1.15
C LEU A 896 33.49 -10.00 2.39
N SER A 897 34.13 -11.11 2.70
CA SER A 897 34.89 -11.27 3.93
C SER A 897 36.27 -11.83 3.66
N CYS A 898 37.24 -11.38 4.45
CA CYS A 898 38.63 -11.78 4.29
C CYS A 898 38.81 -13.22 4.75
N GLN A 899 39.14 -14.12 3.82
CA GLN A 899 39.40 -15.50 4.20
C GLN A 899 40.75 -15.62 4.89
N TYR A 900 41.02 -16.81 5.41
CA TYR A 900 42.19 -17.01 6.27
C TYR A 900 43.51 -16.96 5.50
N ASP A 901 43.48 -16.86 4.17
CA ASP A 901 44.66 -16.59 3.38
C ASP A 901 44.76 -15.12 2.97
N ASN A 902 44.17 -14.24 3.77
CA ASN A 902 44.21 -12.78 3.52
C ASN A 902 43.62 -12.43 2.17
N THR A 903 42.51 -13.09 1.82
CA THR A 903 41.93 -12.99 0.48
C THR A 903 40.43 -12.72 0.61
N VAL A 904 40.03 -11.49 0.32
CA VAL A 904 38.62 -11.12 0.36
C VAL A 904 37.93 -11.63 -0.91
N ARG A 905 36.83 -12.35 -0.72
CA ARG A 905 36.17 -13.02 -1.84
C ARG A 905 34.69 -13.20 -1.51
N THR A 906 33.92 -13.56 -2.53
CA THR A 906 32.47 -13.55 -2.44
C THR A 906 31.98 -14.82 -1.74
N SER A 907 30.65 -14.98 -1.69
CA SER A 907 30.06 -16.10 -0.97
C SER A 907 30.15 -17.40 -1.76
N ALA A 908 30.25 -17.33 -3.08
CA ALA A 908 30.47 -18.50 -3.92
C ALA A 908 31.95 -18.80 -4.12
N ASN A 909 32.81 -18.31 -3.22
CA ASN A 909 34.20 -18.74 -3.11
C ASN A 909 35.04 -18.31 -4.32
N GLY A 910 34.69 -17.19 -4.94
CA GLY A 910 35.38 -16.69 -6.12
C GLY A 910 36.08 -15.38 -5.82
N ILE A 911 37.28 -15.22 -6.40
CA ILE A 911 38.14 -14.11 -6.04
C ILE A 911 37.53 -12.81 -6.54
N VAL A 912 37.38 -11.83 -5.65
CA VAL A 912 37.14 -10.46 -6.07
C VAL A 912 38.45 -9.70 -6.23
N GLN A 913 39.28 -9.71 -5.19
CA GLN A 913 40.64 -9.17 -5.25
C GLN A 913 41.51 -9.94 -4.28
N PHE A 914 42.80 -10.00 -4.57
CA PHE A 914 43.66 -10.94 -3.87
C PHE A 914 44.07 -10.43 -2.49
N THR A 915 44.19 -9.11 -2.33
CA THR A 915 44.26 -8.48 -1.03
C THR A 915 43.34 -7.27 -1.01
N TYR A 916 42.82 -6.95 0.18
CA TYR A 916 41.99 -5.76 0.34
C TYR A 916 42.88 -4.53 0.25
N GLY A 917 42.86 -3.87 -0.91
CA GLY A 917 43.84 -2.85 -1.21
C GLY A 917 45.16 -3.47 -1.61
N GLY A 918 46.18 -2.61 -1.69
CA GLY A 918 47.49 -3.09 -2.13
C GLY A 918 48.25 -3.88 -1.09
N ASP A 919 47.84 -3.79 0.18
CA ASP A 919 48.63 -4.37 1.25
C ASP A 919 47.80 -5.11 2.32
N GLY A 920 46.47 -5.12 2.21
CA GLY A 920 45.68 -5.99 3.06
C GLY A 920 45.71 -5.61 4.53
N LEU A 921 45.41 -4.36 4.85
CA LEU A 921 45.47 -3.89 6.22
C LEU A 921 44.23 -3.06 6.54
N ASP A 922 43.86 -3.05 7.81
CA ASP A 922 42.54 -2.60 8.27
C ASP A 922 42.38 -1.11 8.01
N PRO A 923 41.35 -0.68 7.28
CA PRO A 923 41.23 0.75 6.97
C PRO A 923 40.88 1.61 8.17
N LEU A 924 40.37 1.03 9.26
CA LEU A 924 40.00 1.82 10.43
C LEU A 924 41.16 1.98 11.40
N GLU A 925 42.03 0.98 11.47
CA GLU A 925 43.11 0.93 12.46
C GLU A 925 44.37 1.55 11.86
N MET A 926 44.27 2.83 11.51
CA MET A 926 45.35 3.54 10.85
C MET A 926 45.43 4.97 11.36
N GLU A 927 46.66 5.49 11.42
CA GLU A 927 46.93 6.87 11.78
C GLU A 927 46.97 7.74 10.51
N GLY A 928 47.53 8.94 10.63
CA GLY A 928 47.18 10.03 9.73
C GLY A 928 47.68 9.82 8.32
N ASN A 929 46.90 10.33 7.37
CA ASN A 929 47.20 10.25 5.93
C ASN A 929 47.35 8.80 5.48
N ALA A 930 46.51 7.93 6.06
CA ALA A 930 46.38 6.54 5.65
C ALA A 930 47.69 5.76 5.77
N GLN A 931 48.46 6.04 6.82
CA GLN A 931 49.56 5.16 7.15
C GLN A 931 49.52 4.82 8.63
N PRO A 932 49.79 3.56 8.99
CA PRO A 932 49.59 3.10 10.37
C PRO A 932 50.80 3.37 11.25
N VAL A 933 51.36 4.58 11.15
CA VAL A 933 52.61 4.87 11.85
C VAL A 933 52.53 6.15 12.66
N ASN A 934 52.24 7.28 12.00
CA ASN A 934 52.44 8.61 12.57
C ASN A 934 53.85 8.75 13.14
N PHE A 935 54.81 8.78 12.21
CA PHE A 935 56.23 8.72 12.57
C PHE A 935 56.65 9.85 13.50
N ASN A 936 55.95 10.99 13.46
CA ASN A 936 56.31 12.09 14.34
C ASN A 936 55.96 11.78 15.79
N ARG A 937 54.72 11.40 16.05
CA ARG A 937 54.27 11.22 17.43
C ARG A 937 54.89 9.98 18.05
N SER A 938 55.06 8.91 17.26
CA SER A 938 55.70 7.70 17.76
C SER A 938 57.17 7.92 18.11
N TRP A 939 57.83 8.86 17.43
CA TRP A 939 59.18 9.26 17.85
C TRP A 939 59.14 10.01 19.19
N ASP A 940 58.31 11.04 19.27
CA ASP A 940 58.23 11.83 20.50
C ASP A 940 57.62 11.07 21.66
N HIS A 941 56.80 10.05 21.39
CA HIS A 941 56.41 9.15 22.47
C HIS A 941 57.55 8.23 22.89
N ALA A 942 58.38 7.80 21.94
CA ALA A 942 59.53 6.97 22.29
C ALA A 942 60.63 7.77 22.96
N TYR A 943 60.71 9.07 22.67
CA TYR A 943 61.80 9.88 23.20
C TYR A 943 61.58 10.26 24.67
N ASN A 944 60.33 10.55 25.04
CA ASN A 944 60.05 10.89 26.43
C ASN A 944 60.08 9.65 27.32
N ILE A 945 59.61 8.51 26.81
CA ILE A 945 59.42 7.35 27.68
C ILE A 945 60.76 6.70 28.03
N THR A 946 61.80 6.97 27.27
CA THR A 946 63.14 6.43 27.51
C THR A 946 64.17 7.55 27.53
N PHE A 947 63.86 8.62 28.24
CA PHE A 947 64.73 9.79 28.33
C PHE A 947 65.59 9.72 29.58
N ASN A 948 66.88 10.02 29.41
CA ASN A 948 67.77 10.26 30.54
C ASN A 948 69.01 10.97 30.03
N ASN A 949 69.59 11.81 30.89
CA ASN A 949 70.88 12.43 30.62
C ASN A 949 72.05 11.68 31.25
N GLN A 950 71.78 10.74 32.16
CA GLN A 950 72.85 9.93 32.74
C GLN A 950 73.40 8.92 31.75
N ASP A 951 72.56 8.42 30.85
CA ASP A 951 73.03 7.63 29.73
C ASP A 951 73.84 8.49 28.76
N LYS A 952 74.66 7.82 27.96
CA LYS A 952 75.73 8.48 27.21
C LYS A 952 75.18 9.17 25.97
N GLY A 953 74.63 8.40 25.04
CA GLY A 953 74.36 8.86 23.69
C GLY A 953 75.28 8.19 22.68
N LEU A 954 74.97 8.44 21.41
CA LEU A 954 75.62 7.77 20.29
C LEU A 954 76.09 8.79 19.27
N LEU A 955 76.72 8.28 18.22
CA LEU A 955 77.25 9.04 17.10
C LEU A 955 76.41 8.79 15.86
N PRO A 956 76.44 9.71 14.88
CA PRO A 956 75.53 9.56 13.72
C PRO A 956 75.76 8.29 12.92
N TYR A 957 76.98 7.75 12.88
CA TYR A 957 77.20 6.52 12.13
C TYR A 957 76.63 5.31 12.87
N ALA A 958 76.55 5.38 14.20
CA ALA A 958 76.26 4.20 15.00
C ALA A 958 74.78 3.87 15.01
N ILE A 959 73.91 4.87 14.85
CA ILE A 959 72.49 4.68 15.05
C ILE A 959 71.86 3.95 13.87
N MET A 960 72.47 4.03 12.69
CA MET A 960 71.93 3.35 11.53
C MET A 960 72.16 1.85 11.61
N GLU A 961 73.25 1.42 12.27
CA GLU A 961 73.53 0.00 12.41
C GLU A 961 72.72 -0.64 13.52
N THR A 962 72.33 0.14 14.53
CA THR A 962 71.32 -0.32 15.47
C THR A 962 69.95 -0.44 14.83
N ALA A 963 69.67 0.39 13.82
CA ALA A 963 68.42 0.26 13.06
C ALA A 963 68.48 -0.94 12.13
N ASN A 964 69.59 -1.08 11.38
CA ASN A 964 69.74 -2.19 10.45
C ASN A 964 69.94 -3.53 11.16
N GLU A 965 70.14 -3.52 12.48
CA GLU A 965 70.23 -4.77 13.23
C GLU A 965 68.87 -5.43 13.39
N ILE A 966 67.80 -4.63 13.53
CA ILE A 966 66.46 -5.17 13.75
C ILE A 966 65.77 -5.43 12.42
N LEU A 967 65.54 -4.37 11.65
CA LEU A 967 64.84 -4.49 10.37
C LEU A 967 65.71 -5.04 9.25
N GLY A 968 66.99 -5.30 9.52
CA GLY A 968 67.82 -6.08 8.64
C GLY A 968 67.24 -7.47 8.39
N PRO A 969 67.23 -8.31 9.43
CA PRO A 969 66.66 -9.66 9.27
C PRO A 969 65.18 -9.68 8.94
N LEU A 970 64.48 -8.55 9.10
CA LEU A 970 63.09 -8.48 8.66
C LEU A 970 62.98 -8.55 7.14
N GLU A 971 63.98 -8.05 6.42
CA GLU A 971 63.86 -7.95 4.97
C GLU A 971 64.20 -9.27 4.28
N GLU A 972 65.18 -10.01 4.80
CA GLU A 972 65.59 -11.24 4.14
C GLU A 972 64.60 -12.38 4.35
N ARG A 973 63.65 -12.23 5.28
CA ARG A 973 62.51 -13.14 5.33
C ARG A 973 61.63 -13.01 4.10
N LEU A 974 61.52 -11.80 3.55
CA LEU A 974 60.89 -11.60 2.25
C LEU A 974 61.86 -12.06 1.16
N VAL A 975 61.45 -13.05 0.38
CA VAL A 975 62.40 -13.83 -0.41
C VAL A 975 62.51 -13.29 -1.82
N ARG A 976 61.42 -12.71 -2.34
CA ARG A 976 61.36 -12.23 -3.71
C ARG A 976 61.64 -13.38 -4.70
N TYR A 977 60.70 -14.31 -4.75
CA TYR A 977 60.71 -15.31 -5.80
C TYR A 977 60.27 -14.70 -7.13
N ASP A 978 60.54 -15.43 -8.21
CA ASP A 978 60.13 -14.99 -9.54
C ASP A 978 58.71 -15.49 -9.83
N ASN A 979 58.30 -15.42 -11.10
CA ASN A 979 56.98 -15.90 -11.48
C ASN A 979 56.87 -17.42 -11.48
N SER A 980 57.99 -18.14 -11.48
CA SER A 980 57.98 -19.60 -11.50
C SER A 980 58.82 -20.16 -10.36
N GLY A 981 58.24 -20.22 -9.17
CA GLY A 981 58.82 -20.98 -8.07
C GLY A 981 60.10 -20.42 -7.48
N CYS A 982 61.17 -20.45 -8.26
CA CYS A 982 62.52 -20.27 -7.75
C CYS A 982 62.79 -18.79 -7.46
N LEU A 983 64.03 -18.49 -7.08
CA LEU A 983 64.45 -17.13 -6.83
C LEU A 983 64.78 -16.43 -8.15
N VAL A 984 64.96 -15.12 -8.07
CA VAL A 984 65.35 -14.31 -9.22
C VAL A 984 66.72 -13.72 -8.94
N LYS A 985 67.42 -13.34 -10.01
CA LYS A 985 68.78 -12.84 -9.88
C LYS A 985 68.80 -11.48 -9.18
N ARG A 986 69.89 -11.22 -8.46
CA ARG A 986 70.00 -10.04 -7.62
C ARG A 986 70.20 -8.76 -8.42
N GLU A 987 70.40 -8.86 -9.73
CA GLU A 987 70.39 -7.71 -10.62
C GLU A 987 69.01 -7.45 -11.18
N ASP A 988 68.62 -6.18 -11.20
CA ASP A 988 67.36 -5.72 -11.79
C ASP A 988 66.17 -6.39 -11.11
N LEU A 989 66.02 -6.10 -9.82
CA LEU A 989 64.86 -6.55 -9.05
C LEU A 989 63.61 -5.74 -9.38
N ASN A 990 63.70 -4.41 -9.24
CA ASN A 990 62.60 -3.50 -9.54
C ASN A 990 62.47 -3.33 -11.05
N LYS A 991 61.71 -4.25 -11.67
CA LYS A 991 61.54 -4.25 -13.12
C LYS A 991 60.07 -4.33 -13.53
N ALA A 992 59.15 -4.14 -12.59
CA ALA A 992 57.70 -4.15 -12.81
C ALA A 992 57.20 -5.47 -13.41
N GLU A 993 57.95 -6.56 -13.21
CA GLU A 993 57.63 -7.83 -13.87
C GLU A 993 57.59 -9.00 -12.92
N TYR A 994 58.27 -8.94 -11.77
CA TYR A 994 58.23 -9.99 -10.75
C TYR A 994 57.64 -9.45 -9.45
N VAL A 995 56.70 -8.51 -9.54
CA VAL A 995 56.03 -8.00 -8.36
C VAL A 995 55.06 -9.08 -7.87
N ASP A 996 55.40 -9.69 -6.74
CA ASP A 996 54.68 -10.85 -6.22
C ASP A 996 53.58 -10.39 -5.26
N GLN A 997 53.08 -11.31 -4.43
CA GLN A 997 51.94 -11.09 -3.55
C GLN A 997 52.11 -9.92 -2.59
N TYR A 998 53.30 -9.32 -2.49
CA TYR A 998 53.44 -8.07 -1.76
C TYR A 998 54.58 -7.25 -2.34
N ASP A 999 54.41 -5.93 -2.30
CA ASP A 999 55.50 -4.98 -2.42
C ASP A 999 55.43 -3.83 -1.43
N ALA A 1000 54.26 -3.51 -0.87
CA ALA A 1000 54.12 -2.37 0.03
C ALA A 1000 54.70 -2.66 1.41
N GLU A 1001 54.62 -3.91 1.86
CA GLU A 1001 55.28 -4.29 3.11
C GLU A 1001 56.79 -4.24 2.96
N ARG A 1002 57.32 -4.66 1.81
CA ARG A 1002 58.74 -4.47 1.53
C ARG A 1002 59.09 -2.99 1.40
N ASP A 1003 58.18 -2.19 0.84
CA ASP A 1003 58.37 -0.75 0.75
C ASP A 1003 58.15 -0.04 2.08
N PHE A 1004 57.53 -0.71 3.05
CA PHE A 1004 57.31 -0.10 4.36
C PHE A 1004 58.62 0.04 5.13
N TYR A 1005 59.50 -0.97 5.04
CA TYR A 1005 60.75 -0.92 5.79
C TYR A 1005 61.72 0.09 5.17
N HIS A 1006 61.61 0.33 3.85
CA HIS A 1006 62.45 1.32 3.21
C HIS A 1006 62.10 2.74 3.65
N SER A 1007 60.84 2.97 4.01
CA SER A 1007 60.43 4.28 4.52
C SER A 1007 60.72 4.44 6.01
N LEU A 1008 60.80 3.34 6.76
CA LEU A 1008 61.20 3.44 8.16
C LEU A 1008 62.70 3.61 8.29
N ARG A 1009 63.47 3.09 7.33
CA ARG A 1009 64.91 3.34 7.30
C ARG A 1009 65.21 4.78 6.90
N GLU A 1010 64.51 5.29 5.87
CA GLU A 1010 64.82 6.61 5.35
C GLU A 1010 64.34 7.72 6.27
N TYR A 1011 63.38 7.43 7.16
CA TYR A 1011 63.01 8.43 8.15
C TYR A 1011 64.15 8.67 9.13
N ILE A 1012 64.81 7.60 9.58
CA ILE A 1012 65.92 7.74 10.52
C ILE A 1012 67.14 8.31 9.80
N ASN A 1013 67.29 7.96 8.51
CA ASN A 1013 68.40 8.49 7.72
C ASN A 1013 68.28 10.00 7.54
N GLY A 1014 67.06 10.52 7.38
CA GLY A 1014 66.86 11.95 7.36
C GLY A 1014 67.08 12.62 8.71
N LYS A 1015 67.08 11.85 9.79
CA LYS A 1015 67.43 12.37 11.11
C LYS A 1015 68.85 12.00 11.52
N ALA A 1016 69.45 11.00 10.87
CA ALA A 1016 70.86 10.70 11.11
C ALA A 1016 71.75 11.84 10.64
N THR A 1017 71.39 12.47 9.52
CA THR A 1017 72.20 13.57 9.00
C THR A 1017 72.05 14.83 9.83
N ALA A 1018 70.92 15.00 10.50
CA ALA A 1018 70.69 16.24 11.24
C ALA A 1018 71.60 16.35 12.45
N LEU A 1019 71.93 15.22 13.08
CA LEU A 1019 72.95 15.25 14.12
C LEU A 1019 74.34 15.50 13.53
N ALA A 1020 74.64 14.89 12.38
CA ALA A 1020 75.94 15.06 11.75
C ALA A 1020 76.13 16.49 11.26
N ASN A 1021 75.14 17.03 10.55
CA ASN A 1021 75.23 18.38 10.04
C ASN A 1021 75.13 19.43 11.14
N LEU A 1022 74.66 19.06 12.33
CA LEU A 1022 74.81 19.93 13.49
C LEU A 1022 76.26 19.92 13.98
N ARG A 1023 76.79 18.73 14.28
CA ARG A 1023 78.09 18.64 14.92
C ARG A 1023 79.23 18.99 13.96
N LYS A 1024 78.97 19.01 12.65
CA LYS A 1024 79.91 19.56 11.69
C LYS A 1024 80.11 21.05 11.95
N SER A 1025 79.04 21.84 11.81
CA SER A 1025 79.15 23.29 11.87
C SER A 1025 79.39 23.80 13.29
N ARG A 1026 79.19 22.97 14.31
CA ARG A 1026 79.51 23.31 15.68
C ARG A 1026 80.95 23.00 16.06
N GLY A 1027 81.81 22.76 15.06
CA GLY A 1027 83.24 22.68 15.27
C GLY A 1027 83.80 21.28 15.09
N MET A 1028 83.10 20.27 15.58
CA MET A 1028 83.62 18.91 15.54
C MET A 1028 83.53 18.36 14.12
N LEU A 1029 84.19 17.23 13.90
CA LEU A 1029 84.07 16.51 12.63
C LEU A 1029 82.82 15.63 12.68
N GLY A 1030 81.93 15.82 11.72
CA GLY A 1030 80.70 15.04 11.69
C GLY A 1030 80.85 13.77 10.86
N LEU A 1031 81.07 12.64 11.53
CA LEU A 1031 81.31 11.37 10.84
C LEU A 1031 79.98 10.65 10.62
N LEU A 1032 79.30 11.04 9.54
CA LEU A 1032 78.14 10.30 9.07
C LEU A 1032 78.56 8.93 8.52
N GLU A 1033 79.66 8.88 7.78
CA GLU A 1033 80.19 7.62 7.30
C GLU A 1033 80.86 6.85 8.44
N PRO A 1034 80.73 5.53 8.46
CA PRO A 1034 81.34 4.72 9.53
C PRO A 1034 82.80 4.45 9.22
N PRO A 1035 83.65 4.34 10.25
CA PRO A 1035 85.05 4.02 10.03
C PRO A 1035 85.26 2.53 9.78
N ALA A 1036 86.37 2.25 9.10
CA ALA A 1036 86.73 0.92 8.61
C ALA A 1036 87.59 0.20 9.63
N LYS A 1037 88.23 -0.89 9.20
CA LYS A 1037 89.12 -1.66 10.07
C LYS A 1037 90.42 -0.90 10.28
N GLU A 1038 90.44 -0.06 11.30
CA GLU A 1038 91.55 0.84 11.59
C GLU A 1038 91.62 1.02 13.11
N LEU A 1039 92.18 2.13 13.56
CA LEU A 1039 92.14 2.46 14.98
C LEU A 1039 90.70 2.62 15.44
N GLN A 1040 90.19 1.60 16.14
CA GLN A 1040 88.81 1.58 16.61
C GLN A 1040 88.68 2.42 17.88
N GLY A 1041 87.80 3.43 17.83
CA GLY A 1041 87.71 4.41 18.90
C GLY A 1041 88.65 5.58 18.75
N ILE A 1042 88.52 6.31 17.64
CA ILE A 1042 89.25 7.56 17.48
C ILE A 1042 88.75 8.60 18.49
N ASP A 1043 87.44 8.60 18.77
CA ASP A 1043 86.84 9.19 19.96
C ASP A 1043 87.23 10.66 20.14
N PRO A 1044 86.62 11.59 19.41
CA PRO A 1044 87.08 12.98 19.43
C PRO A 1044 86.70 13.71 20.72
N ASP A 1045 86.34 12.96 21.76
CA ASP A 1045 86.09 13.56 23.07
C ASP A 1045 87.30 14.36 23.56
N GLU A 1046 88.47 13.74 23.58
CA GLU A 1046 89.65 14.39 24.15
C GLU A 1046 90.22 15.48 23.24
N THR A 1047 89.83 15.50 21.97
CA THR A 1047 90.45 16.42 21.02
C THR A 1047 89.87 17.82 21.18
N VAL A 1048 88.57 17.97 20.95
CA VAL A 1048 87.88 19.24 21.11
C VAL A 1048 87.67 19.49 22.60
N PRO A 1049 87.55 20.75 23.03
CA PRO A 1049 87.44 21.02 24.47
C PRO A 1049 86.10 20.59 25.02
N ASP A 1050 85.99 20.64 26.35
CA ASP A 1050 84.79 20.16 27.04
C ASP A 1050 83.58 21.06 26.83
N ASN A 1051 83.77 22.23 26.21
CA ASN A 1051 82.62 23.07 25.87
C ASN A 1051 81.78 22.44 24.78
N VAL A 1052 82.39 21.65 23.90
CA VAL A 1052 81.68 21.09 22.76
C VAL A 1052 80.83 19.88 23.19
N LYS A 1053 81.32 19.09 24.15
CA LYS A 1053 80.54 17.94 24.62
C LYS A 1053 79.31 18.37 25.39
N THR A 1054 79.39 19.50 26.10
CA THR A 1054 78.22 20.17 26.66
C THR A 1054 77.66 21.25 25.73
N SER A 1055 77.85 21.09 24.42
CA SER A 1055 77.14 21.89 23.43
C SER A 1055 76.19 21.05 22.59
N VAL A 1056 76.68 19.99 21.94
CA VAL A 1056 75.84 19.20 21.05
C VAL A 1056 74.87 18.35 21.86
N SER A 1057 75.37 17.65 22.88
CA SER A 1057 74.51 16.76 23.67
C SER A 1057 73.58 17.52 24.60
N GLN A 1058 73.83 18.80 24.87
CA GLN A 1058 72.91 19.60 25.65
C GLN A 1058 71.74 20.10 24.81
N LEU A 1059 71.97 20.44 23.55
CA LEU A 1059 70.88 20.76 22.64
C LEU A 1059 69.96 19.57 22.42
N TYR A 1060 70.46 18.51 21.79
CA TYR A 1060 69.66 17.30 21.61
C TYR A 1060 70.58 16.12 21.37
N ARG A 1061 70.03 14.93 21.57
CA ARG A 1061 70.83 13.72 21.74
C ARG A 1061 69.91 12.52 21.57
N ILE A 1062 70.50 11.37 21.27
CA ILE A 1062 69.75 10.15 21.01
C ILE A 1062 70.48 9.00 21.70
N SER A 1063 69.80 8.35 22.63
CA SER A 1063 70.36 7.17 23.29
C SER A 1063 70.25 5.95 22.38
N GLU A 1064 70.96 4.88 22.74
CA GLU A 1064 70.76 3.61 22.08
C GLU A 1064 69.43 2.98 22.48
N LYS A 1065 68.95 3.29 23.68
CA LYS A 1065 67.63 2.83 24.11
C LYS A 1065 66.52 3.47 23.30
N SER A 1066 66.70 4.73 22.89
CA SER A 1066 65.66 5.48 22.19
C SER A 1066 65.49 5.05 20.74
N VAL A 1067 66.39 4.22 20.21
CA VAL A 1067 66.15 3.62 18.90
C VAL A 1067 65.71 2.16 19.02
N ARG A 1068 65.97 1.51 20.15
CA ARG A 1068 65.37 0.20 20.40
C ARG A 1068 63.87 0.29 20.62
N LYS A 1069 63.40 1.42 21.15
CA LYS A 1069 61.99 1.60 21.46
C LYS A 1069 61.23 2.41 20.41
N PHE A 1070 61.93 3.07 19.49
CA PHE A 1070 61.24 3.73 18.38
C PHE A 1070 60.70 2.70 17.39
N LEU A 1071 61.58 1.91 16.79
CA LEU A 1071 61.18 0.92 15.81
C LEU A 1071 60.64 -0.37 16.45
N GLU A 1072 60.46 -0.39 17.77
CA GLU A 1072 59.65 -1.43 18.39
C GLU A 1072 58.17 -1.08 18.35
N ILE A 1073 57.84 0.19 18.60
CA ILE A 1073 56.44 0.60 18.57
C ILE A 1073 55.99 1.01 17.18
N ALA A 1074 56.92 1.39 16.30
CA ALA A 1074 56.57 1.64 14.91
C ALA A 1074 56.37 0.36 14.12
N LEU A 1075 56.89 -0.77 14.62
CA LEU A 1075 56.65 -2.08 14.05
C LEU A 1075 55.61 -2.86 14.84
N PHE A 1076 55.15 -2.34 15.97
CA PHE A 1076 54.03 -2.93 16.68
C PHE A 1076 52.69 -2.46 16.10
N LYS A 1077 52.59 -1.17 15.78
CA LYS A 1077 51.32 -0.65 15.27
C LYS A 1077 51.08 -1.07 13.83
N TYR A 1078 52.13 -1.12 13.02
CA TYR A 1078 51.99 -1.67 11.68
C TYR A 1078 51.62 -3.15 11.72
N ARG A 1079 52.12 -3.87 12.73
CA ARG A 1079 51.84 -5.29 12.85
C ARG A 1079 50.44 -5.57 13.37
N LYS A 1080 49.85 -4.61 14.09
CA LYS A 1080 48.49 -4.74 14.59
C LYS A 1080 47.46 -4.25 13.56
N ALA A 1081 47.87 -3.37 12.66
CA ALA A 1081 46.96 -2.72 11.73
C ALA A 1081 46.58 -3.59 10.56
N ARG A 1082 47.14 -4.80 10.43
CA ARG A 1082 46.79 -5.66 9.32
C ARG A 1082 45.38 -6.19 9.51
N LEU A 1083 44.67 -6.35 8.38
CA LEU A 1083 43.25 -6.63 8.44
C LEU A 1083 43.02 -8.10 8.81
N GLU A 1084 42.34 -8.32 9.92
CA GLU A 1084 42.15 -9.66 10.46
C GLU A 1084 41.07 -10.41 9.69
N PRO A 1085 41.21 -11.74 9.56
CA PRO A 1085 40.24 -12.49 8.77
C PRO A 1085 38.88 -12.55 9.45
N GLY A 1086 37.83 -12.45 8.63
CA GLY A 1086 36.46 -12.54 9.09
C GLY A 1086 35.70 -11.23 9.07
N THR A 1087 36.39 -10.10 9.08
CA THR A 1087 35.73 -8.80 9.11
C THR A 1087 34.93 -8.58 7.84
N ALA A 1088 33.62 -8.43 7.99
CA ALA A 1088 32.73 -8.27 6.84
C ALA A 1088 32.94 -6.88 6.24
N ILE A 1089 34.04 -6.75 5.49
CA ILE A 1089 34.41 -5.48 4.89
C ILE A 1089 33.52 -5.08 3.72
N GLY A 1090 32.67 -6.00 3.25
CA GLY A 1090 31.57 -5.59 2.39
C GLY A 1090 30.55 -4.74 3.11
N ALA A 1091 30.05 -5.23 4.25
CA ALA A 1091 28.98 -4.52 4.94
C ALA A 1091 29.45 -3.20 5.54
N ILE A 1092 30.70 -3.15 6.01
CA ILE A 1092 31.26 -1.89 6.49
C ILE A 1092 31.54 -0.94 5.34
N GLY A 1093 31.77 -1.47 4.13
CA GLY A 1093 31.99 -0.61 2.99
C GLY A 1093 30.74 0.06 2.46
N ALA A 1094 29.60 -0.65 2.51
CA ALA A 1094 28.38 -0.12 1.92
C ALA A 1094 27.72 0.96 2.75
N GLN A 1095 28.13 1.13 4.00
CA GLN A 1095 27.52 2.10 4.90
C GLN A 1095 28.37 3.34 5.09
N SER A 1096 29.62 3.34 4.61
CA SER A 1096 30.47 4.52 4.63
C SER A 1096 30.35 5.34 3.35
N ILE A 1097 29.98 4.71 2.24
CA ILE A 1097 29.74 5.47 1.02
C ILE A 1097 28.33 6.06 1.00
N GLY A 1098 27.36 5.36 1.58
CA GLY A 1098 26.00 5.88 1.63
C GLY A 1098 25.67 6.57 2.93
N GLU A 1099 25.72 7.90 2.93
CA GLU A 1099 25.46 8.70 4.12
C GLU A 1099 25.25 10.15 3.74
N PRO A 1100 24.37 10.89 4.44
CA PRO A 1100 24.20 12.33 4.23
C PRO A 1100 25.42 13.13 4.67
N MET A 1117 30.90 23.48 -19.07
CA MET A 1117 30.09 24.55 -18.51
C MET A 1117 29.72 24.25 -17.06
N ASN A 1118 28.78 23.32 -16.87
CA ASN A 1118 28.28 22.99 -15.56
C ASN A 1118 28.18 21.47 -15.42
N VAL A 1119 28.08 21.02 -14.16
CA VAL A 1119 27.87 19.62 -13.86
C VAL A 1119 27.21 19.53 -12.49
N THR A 1120 26.40 18.50 -12.29
CA THR A 1120 25.94 18.14 -10.95
C THR A 1120 26.86 17.09 -10.34
N LEU A 1121 27.04 17.18 -9.02
CA LEU A 1121 28.11 16.46 -8.35
C LEU A 1121 27.69 15.82 -7.03
N GLY A 1122 26.45 15.96 -6.61
CA GLY A 1122 26.01 15.36 -5.36
C GLY A 1122 25.59 13.92 -5.44
N VAL A 1123 24.46 13.60 -4.81
CA VAL A 1123 23.78 12.32 -4.96
C VAL A 1123 23.51 11.97 -6.42
N PRO A 1124 23.12 12.93 -7.30
CA PRO A 1124 23.03 12.58 -8.72
C PRO A 1124 24.37 12.56 -9.45
N ARG A 1125 25.46 12.42 -8.71
CA ARG A 1125 26.71 11.92 -9.28
C ARG A 1125 27.00 10.48 -8.89
N ILE A 1126 26.73 10.12 -7.63
CA ILE A 1126 26.89 8.74 -7.18
C ILE A 1126 25.87 7.82 -7.85
N LYS A 1127 24.71 8.36 -8.26
CA LYS A 1127 23.63 7.51 -8.73
C LYS A 1127 23.97 6.81 -10.04
N GLU A 1128 24.48 7.55 -11.04
CA GLU A 1128 24.75 6.97 -12.34
C GLU A 1128 26.16 6.43 -12.49
N ILE A 1129 27.06 6.70 -11.54
CA ILE A 1129 28.32 5.98 -11.50
C ILE A 1129 28.08 4.50 -11.19
N ILE A 1130 27.32 4.21 -10.13
CA ILE A 1130 27.08 2.83 -9.73
C ILE A 1130 25.96 2.18 -10.53
N ASN A 1131 25.09 2.96 -11.17
CA ASN A 1131 24.14 2.39 -12.11
C ASN A 1131 24.76 2.07 -13.46
N ALA A 1132 25.82 2.77 -13.83
CA ALA A 1132 26.43 2.64 -15.16
C ALA A 1132 25.39 2.84 -16.26
N SER A 1133 24.63 3.92 -16.13
CA SER A 1133 23.51 4.17 -17.03
C SER A 1133 24.01 4.69 -18.37
N LYS A 1134 23.21 4.47 -19.41
CA LYS A 1134 23.65 4.80 -20.76
C LYS A 1134 23.60 6.31 -21.00
N VAL A 1135 22.42 6.91 -20.89
CA VAL A 1135 22.27 8.34 -21.11
C VAL A 1135 22.72 9.10 -19.87
N ILE A 1136 23.99 9.48 -19.84
CA ILE A 1136 24.53 10.26 -18.73
C ILE A 1136 24.25 11.73 -19.00
N SER A 1137 24.25 12.53 -17.93
CA SER A 1137 24.10 13.97 -18.06
C SER A 1137 25.45 14.67 -18.08
N THR A 1138 25.57 15.68 -18.94
CA THR A 1138 26.76 16.50 -19.15
C THR A 1138 28.02 15.67 -19.33
N PRO A 1139 28.18 14.95 -20.45
CA PRO A 1139 29.37 14.08 -20.60
C PRO A 1139 30.55 14.81 -21.22
N ILE A 1140 31.21 15.66 -20.44
CA ILE A 1140 32.35 16.42 -20.95
C ILE A 1140 33.56 15.51 -21.05
N ILE A 1141 34.39 15.76 -22.06
CA ILE A 1141 35.63 15.02 -22.27
C ILE A 1141 36.79 16.00 -22.19
N ASN A 1142 37.89 15.57 -21.58
CA ASN A 1142 39.01 16.45 -21.29
C ASN A 1142 40.20 16.04 -22.14
N ALA A 1143 40.74 16.99 -22.91
CA ALA A 1143 41.84 16.72 -23.83
C ALA A 1143 42.90 17.79 -23.70
N VAL A 1144 44.16 17.36 -23.67
CA VAL A 1144 45.30 18.27 -23.56
C VAL A 1144 45.94 18.40 -24.94
N LEU A 1145 46.46 19.60 -25.23
CA LEU A 1145 46.89 19.92 -26.59
C LEU A 1145 48.33 19.45 -26.79
N VAL A 1146 48.94 19.87 -27.89
CA VAL A 1146 50.34 19.58 -28.18
C VAL A 1146 51.26 20.73 -27.78
N ASN A 1147 50.90 21.95 -28.17
CA ASN A 1147 51.74 23.11 -27.92
C ASN A 1147 51.31 23.78 -26.61
N ASP A 1148 51.83 24.98 -26.35
CA ASP A 1148 51.48 25.74 -25.15
C ASP A 1148 50.88 27.11 -25.46
N ASN A 1149 51.24 27.73 -26.57
CA ASN A 1149 50.73 29.04 -26.92
C ASN A 1149 49.46 28.94 -27.75
N ASP A 1150 48.73 30.05 -27.83
CA ASP A 1150 47.59 30.13 -28.73
C ASP A 1150 48.05 30.14 -30.19
N GLU A 1151 48.91 31.11 -30.53
CA GLU A 1151 49.58 31.21 -31.84
C GLU A 1151 48.61 31.07 -33.01
N ARG A 1152 47.34 31.42 -32.77
CA ARG A 1152 46.24 31.09 -33.67
C ARG A 1152 46.22 29.60 -34.04
N ALA A 1153 46.58 28.75 -33.09
CA ALA A 1153 46.52 27.31 -33.30
C ALA A 1153 45.98 26.54 -32.10
N ALA A 1154 45.63 27.22 -31.01
CA ALA A 1154 44.94 26.58 -29.91
C ALA A 1154 43.43 26.48 -30.14
N ARG A 1155 42.87 27.40 -30.92
CA ARG A 1155 41.48 27.32 -31.34
C ARG A 1155 41.33 26.98 -32.82
N VAL A 1156 42.41 26.53 -33.47
CA VAL A 1156 42.27 25.93 -34.80
C VAL A 1156 41.82 24.48 -34.70
N VAL A 1157 41.96 23.86 -33.53
CA VAL A 1157 41.54 22.47 -33.33
C VAL A 1157 40.16 22.40 -32.68
N LYS A 1158 39.75 23.44 -31.95
CA LYS A 1158 38.34 23.60 -31.62
C LYS A 1158 37.49 23.86 -32.85
N GLY A 1159 38.09 24.44 -33.90
CA GLY A 1159 37.43 24.46 -35.19
C GLY A 1159 37.35 23.10 -35.84
N ARG A 1160 38.33 22.23 -35.57
CA ARG A 1160 38.37 20.91 -36.19
C ARG A 1160 37.46 19.90 -35.51
N VAL A 1161 36.87 20.24 -34.37
CA VAL A 1161 36.06 19.29 -33.61
C VAL A 1161 34.66 19.81 -33.31
N GLU A 1162 34.43 21.12 -33.30
CA GLU A 1162 33.09 21.64 -33.04
C GLU A 1162 32.18 21.40 -34.23
N LYS A 1163 30.92 21.06 -33.96
CA LYS A 1163 30.00 20.69 -35.02
C LYS A 1163 29.61 21.94 -35.80
N THR A 1164 30.42 22.29 -36.81
CA THR A 1164 30.27 23.56 -37.50
C THR A 1164 29.03 23.54 -38.38
N LEU A 1165 27.97 24.19 -37.91
CA LEU A 1165 26.74 24.25 -38.68
C LEU A 1165 26.90 25.22 -39.84
N LEU A 1166 26.30 24.88 -40.98
CA LEU A 1166 26.49 25.68 -42.19
C LEU A 1166 25.69 26.97 -42.19
N SER A 1167 24.75 27.13 -41.26
CA SER A 1167 24.07 28.42 -41.12
C SER A 1167 24.97 29.51 -40.54
N ASP A 1168 26.12 29.15 -39.99
CA ASP A 1168 27.12 30.13 -39.60
C ASP A 1168 28.06 30.51 -40.74
N VAL A 1169 28.13 29.70 -41.80
CA VAL A 1169 29.01 29.98 -42.92
C VAL A 1169 28.25 30.52 -44.13
N ALA A 1170 26.93 30.32 -44.18
CA ALA A 1170 26.12 30.83 -45.27
C ALA A 1170 25.51 32.17 -44.89
N PHE A 1171 25.04 32.91 -45.90
CA PHE A 1171 24.56 34.27 -45.71
C PHE A 1171 23.25 34.58 -46.41
N TYR A 1172 22.89 33.86 -47.48
CA TYR A 1172 21.75 34.24 -48.30
C TYR A 1172 21.37 33.02 -49.14
N VAL A 1173 20.16 32.49 -48.93
CA VAL A 1173 19.65 31.36 -49.68
C VAL A 1173 18.29 31.72 -50.25
N GLN A 1174 18.08 31.43 -51.54
CA GLN A 1174 16.88 31.86 -52.23
C GLN A 1174 16.62 30.93 -53.41
N ASP A 1175 15.38 30.95 -53.90
CA ASP A 1175 14.95 30.12 -55.01
C ASP A 1175 14.94 30.98 -56.28
N VAL A 1176 15.62 30.50 -57.32
CA VAL A 1176 15.80 31.27 -58.55
C VAL A 1176 15.09 30.54 -59.69
N TYR A 1177 14.15 31.24 -60.31
CA TYR A 1177 13.36 30.69 -61.42
C TYR A 1177 13.70 31.44 -62.70
N LYS A 1178 14.03 30.70 -63.75
CA LYS A 1178 14.14 31.33 -65.06
C LYS A 1178 12.85 31.15 -65.85
N ASP A 1179 12.57 29.92 -66.29
CA ASP A 1179 11.25 29.57 -66.78
C ASP A 1179 10.93 28.13 -66.42
N ASN A 1180 11.96 27.29 -66.29
CA ASN A 1180 11.79 25.84 -66.25
C ASN A 1180 12.72 25.21 -65.22
N LEU A 1181 13.24 25.99 -64.27
CA LEU A 1181 14.24 25.53 -63.33
C LEU A 1181 13.68 25.54 -61.92
N SER A 1182 13.99 24.48 -61.16
CA SER A 1182 13.60 24.36 -59.75
C SER A 1182 14.87 24.01 -58.99
N PHE A 1183 15.62 25.04 -58.59
CA PHE A 1183 16.85 24.85 -57.84
C PHE A 1183 16.96 25.91 -56.75
N ILE A 1184 17.20 25.46 -55.53
CA ILE A 1184 17.56 26.38 -54.45
C ILE A 1184 19.00 26.83 -54.64
N GLN A 1185 19.31 28.06 -54.25
CA GLN A 1185 20.61 28.65 -54.47
C GLN A 1185 21.22 29.10 -53.15
N VAL A 1186 22.46 28.69 -52.90
CA VAL A 1186 23.14 28.88 -51.63
C VAL A 1186 24.44 29.64 -51.91
N ARG A 1187 24.74 30.63 -51.07
CA ARG A 1187 26.03 31.29 -51.10
C ARG A 1187 26.64 31.29 -49.70
N ILE A 1188 27.97 31.18 -49.67
CA ILE A 1188 28.74 31.12 -48.44
C ILE A 1188 29.50 32.43 -48.25
N ASP A 1189 29.86 32.70 -47.00
CA ASP A 1189 30.79 33.78 -46.66
C ASP A 1189 32.18 33.18 -46.55
N LEU A 1190 33.02 33.44 -47.56
CA LEU A 1190 34.39 32.94 -47.55
C LEU A 1190 35.22 33.64 -46.49
N GLY A 1191 34.86 34.85 -46.10
CA GLY A 1191 35.61 35.56 -45.08
C GLY A 1191 35.44 35.00 -43.68
N THR A 1192 34.35 34.28 -43.44
CA THR A 1192 34.16 33.65 -42.14
C THR A 1192 35.11 32.50 -41.93
N ILE A 1193 35.57 31.87 -43.02
CA ILE A 1193 36.65 30.90 -42.94
C ILE A 1193 37.94 31.56 -42.45
N ASP A 1194 38.20 32.78 -42.93
CA ASP A 1194 39.31 33.57 -42.41
C ASP A 1194 39.06 34.00 -40.97
N LYS A 1195 37.80 34.17 -40.59
CA LYS A 1195 37.48 34.78 -39.29
C LYS A 1195 37.68 33.81 -38.14
N LEU A 1196 37.01 32.67 -38.16
CA LEU A 1196 37.11 31.69 -37.07
C LEU A 1196 38.11 30.59 -37.37
N GLN A 1197 39.02 30.82 -38.32
CA GLN A 1197 40.30 30.11 -38.46
C GLN A 1197 40.16 28.66 -38.88
N LEU A 1198 38.97 28.20 -39.24
CA LEU A 1198 38.83 26.82 -39.68
C LEU A 1198 39.40 26.66 -41.09
N GLU A 1199 39.57 25.41 -41.50
CA GLU A 1199 40.16 25.08 -42.80
C GLU A 1199 39.30 24.03 -43.49
N LEU A 1200 38.78 24.38 -44.67
CA LEU A 1200 38.02 23.46 -45.49
C LEU A 1200 37.97 24.00 -46.91
N THR A 1201 37.77 23.11 -47.87
CA THR A 1201 37.61 23.51 -49.25
C THR A 1201 36.16 23.93 -49.50
N ILE A 1202 35.80 24.08 -50.77
CA ILE A 1202 34.42 24.43 -51.14
C ILE A 1202 33.67 23.18 -51.57
N GLU A 1203 34.39 22.21 -52.14
CA GLU A 1203 33.74 21.01 -52.67
C GLU A 1203 33.27 20.05 -51.58
N ASP A 1204 33.86 20.12 -50.37
CA ASP A 1204 33.43 19.23 -49.30
C ASP A 1204 32.07 19.62 -48.74
N ILE A 1205 31.65 20.87 -48.90
CA ILE A 1205 30.25 21.23 -48.68
C ILE A 1205 29.35 20.44 -49.62
N ALA A 1206 29.66 20.45 -50.92
CA ALA A 1206 28.88 19.72 -51.90
C ALA A 1206 28.93 18.21 -51.69
N VAL A 1207 29.98 17.72 -51.05
CA VAL A 1207 29.95 16.36 -50.50
C VAL A 1207 28.92 16.26 -49.39
N ALA A 1208 28.89 17.23 -48.47
CA ALA A 1208 28.11 17.10 -47.25
C ALA A 1208 26.61 17.25 -47.45
N ILE A 1209 26.16 17.72 -48.62
CA ILE A 1209 24.73 17.67 -48.91
C ILE A 1209 24.26 16.24 -49.11
N THR A 1210 24.93 15.49 -49.99
CA THR A 1210 24.52 14.12 -50.28
C THR A 1210 24.94 13.13 -49.21
N ARG A 1211 25.73 13.55 -48.22
CA ARG A 1211 26.01 12.73 -47.04
C ARG A 1211 24.94 12.87 -45.96
N ALA A 1212 23.81 13.47 -46.28
CA ALA A 1212 22.70 13.65 -45.34
C ALA A 1212 21.54 12.75 -45.78
N SER A 1213 21.32 11.67 -45.02
CA SER A 1213 20.34 10.67 -45.43
C SER A 1213 18.91 11.06 -45.10
N LYS A 1214 18.71 12.12 -44.32
CA LYS A 1214 17.35 12.52 -43.94
C LYS A 1214 16.64 13.19 -45.12
N LEU A 1215 17.38 13.96 -45.92
CA LEU A 1215 16.88 14.50 -47.18
C LEU A 1215 17.12 13.48 -48.28
N LYS A 1216 16.09 12.68 -48.58
CA LYS A 1216 16.25 11.54 -49.47
C LYS A 1216 16.38 11.97 -50.92
N ILE A 1217 17.61 12.30 -51.33
CA ILE A 1217 17.88 12.85 -52.65
C ILE A 1217 18.74 11.85 -53.43
N GLN A 1218 18.96 12.17 -54.70
CA GLN A 1218 19.88 11.40 -55.52
C GLN A 1218 21.32 11.70 -55.12
N ALA A 1219 22.23 10.79 -55.47
CA ALA A 1219 23.60 10.86 -54.97
C ALA A 1219 24.35 12.05 -55.57
N SER A 1220 24.42 12.12 -56.90
CA SER A 1220 25.29 13.10 -57.57
C SER A 1220 24.46 13.94 -58.53
N ASP A 1221 23.98 15.09 -58.05
CA ASP A 1221 23.31 16.08 -58.88
C ASP A 1221 23.88 17.47 -58.69
N VAL A 1222 24.97 17.61 -57.94
CA VAL A 1222 25.40 18.91 -57.44
C VAL A 1222 26.42 19.52 -58.39
N ASN A 1223 26.30 20.82 -58.63
CA ASN A 1223 27.15 21.53 -59.56
C ASN A 1223 27.48 22.90 -58.98
N ILE A 1224 28.76 23.21 -58.87
CA ILE A 1224 29.19 24.54 -58.45
C ILE A 1224 29.06 25.51 -59.61
N ILE A 1225 28.64 26.73 -59.31
CA ILE A 1225 28.62 27.82 -60.28
C ILE A 1225 29.34 29.00 -59.63
N GLY A 1226 30.64 29.09 -59.86
CA GLY A 1226 31.44 30.17 -59.35
C GLY A 1226 32.31 29.76 -58.18
N LYS A 1227 32.75 30.76 -57.42
CA LYS A 1227 33.64 30.56 -56.27
C LYS A 1227 32.88 30.51 -54.96
N ASP A 1228 31.96 31.45 -54.73
CA ASP A 1228 31.23 31.55 -53.48
C ASP A 1228 29.75 31.21 -53.63
N ARG A 1229 29.38 30.47 -54.67
CA ARG A 1229 28.00 30.11 -54.92
C ARG A 1229 27.87 28.60 -55.09
N ILE A 1230 26.69 28.08 -54.81
CA ILE A 1230 26.40 26.66 -54.95
C ILE A 1230 24.88 26.49 -55.04
N ALA A 1231 24.45 25.65 -55.98
CA ALA A 1231 23.02 25.44 -56.20
C ALA A 1231 22.77 23.98 -56.54
N ILE A 1232 21.67 23.44 -56.01
CA ILE A 1232 21.25 22.06 -56.26
C ILE A 1232 19.83 22.09 -56.80
N ASN A 1233 19.58 21.31 -57.86
CA ASN A 1233 18.27 21.25 -58.49
C ASN A 1233 17.55 19.96 -58.14
N VAL A 1234 16.23 20.00 -58.30
CA VAL A 1234 15.35 18.87 -57.99
C VAL A 1234 14.41 18.65 -59.16
N PHE A 1235 13.93 17.41 -59.28
CA PHE A 1235 13.01 17.05 -60.36
C PHE A 1235 12.28 15.78 -59.95
N PRO A 1236 11.04 15.58 -60.42
CA PRO A 1236 10.28 14.36 -60.13
C PRO A 1236 10.72 13.18 -60.99
N GLU A 1253 1.86 12.67 -56.95
CA GLU A 1253 1.99 13.85 -57.80
C GLU A 1253 2.25 15.11 -56.95
N ASN A 1254 2.35 16.26 -57.63
CA ASN A 1254 2.69 17.52 -56.99
C ASN A 1254 3.98 17.40 -56.18
N ASP A 1255 4.99 16.77 -56.79
CA ASP A 1255 6.30 16.70 -56.16
C ASP A 1255 7.05 18.03 -56.24
N VAL A 1256 6.63 18.93 -57.12
CA VAL A 1256 7.47 20.05 -57.52
C VAL A 1256 7.57 21.08 -56.40
N PHE A 1257 6.43 21.68 -56.04
CA PHE A 1257 6.41 22.74 -55.03
C PHE A 1257 6.74 22.22 -53.64
N TYR A 1258 6.32 20.99 -53.32
CA TYR A 1258 6.37 20.54 -51.93
C TYR A 1258 7.80 20.22 -51.49
N ARG A 1259 8.57 19.54 -52.34
CA ARG A 1259 9.89 19.07 -51.94
C ARG A 1259 11.01 20.02 -52.33
N MET A 1260 10.70 21.13 -53.00
CA MET A 1260 11.62 22.27 -53.00
C MET A 1260 11.45 23.16 -51.77
N GLN A 1261 10.36 22.98 -51.01
CA GLN A 1261 10.10 23.77 -49.81
C GLN A 1261 10.33 23.00 -48.52
N GLN A 1262 10.03 21.71 -48.50
CA GLN A 1262 10.47 20.86 -47.40
C GLN A 1262 11.98 20.86 -47.28
N LEU A 1263 12.68 20.90 -48.42
CA LEU A 1263 14.13 20.90 -48.42
C LEU A 1263 14.71 22.30 -48.21
N ARG A 1264 13.90 23.36 -48.34
CA ARG A 1264 14.40 24.70 -48.09
C ARG A 1264 14.71 24.90 -46.61
N ARG A 1265 13.96 24.24 -45.74
CA ARG A 1265 14.18 24.35 -44.30
C ARG A 1265 15.12 23.28 -43.78
N ALA A 1266 15.32 22.20 -44.54
CA ALA A 1266 16.13 21.07 -44.11
C ALA A 1266 17.53 21.09 -44.71
N LEU A 1267 17.85 22.06 -45.58
CA LEU A 1267 19.22 22.28 -45.97
C LEU A 1267 20.03 23.09 -44.94
N PRO A 1268 19.49 24.17 -44.31
CA PRO A 1268 20.34 24.93 -43.40
C PRO A 1268 20.39 24.37 -41.99
N ASP A 1269 20.46 23.04 -41.85
CA ASP A 1269 20.72 22.44 -40.55
C ASP A 1269 21.58 21.19 -40.67
N VAL A 1270 22.48 21.14 -41.64
CA VAL A 1270 23.32 19.97 -41.87
C VAL A 1270 24.73 20.28 -41.39
N VAL A 1271 25.41 19.25 -40.89
CA VAL A 1271 26.80 19.39 -40.48
C VAL A 1271 27.70 19.28 -41.71
N VAL A 1272 28.62 20.24 -41.86
CA VAL A 1272 29.51 20.25 -43.01
C VAL A 1272 30.94 19.92 -42.62
N LYS A 1273 31.35 20.21 -41.39
CA LYS A 1273 32.68 19.85 -40.90
C LYS A 1273 32.60 19.79 -39.38
N GLY A 1274 33.30 18.83 -38.79
CA GLY A 1274 33.25 18.60 -37.36
C GLY A 1274 32.69 17.23 -37.01
N LEU A 1275 32.88 16.87 -35.75
CA LEU A 1275 32.56 15.53 -35.30
C LEU A 1275 31.07 15.43 -34.99
N PRO A 1276 30.37 14.42 -35.52
CA PRO A 1276 28.91 14.47 -35.56
C PRO A 1276 28.22 14.04 -34.27
N ASP A 1277 28.94 14.01 -33.14
CA ASP A 1277 28.33 13.60 -31.89
C ASP A 1277 28.58 14.56 -30.73
N ILE A 1278 29.53 15.47 -30.83
CA ILE A 1278 29.78 16.42 -29.75
C ILE A 1278 28.73 17.52 -29.80
N SER A 1279 28.66 18.35 -28.78
CA SER A 1279 27.71 19.47 -28.75
C SER A 1279 28.39 20.81 -28.96
N ARG A 1280 29.35 21.16 -28.11
CA ARG A 1280 29.88 22.53 -28.09
C ARG A 1280 31.25 22.49 -27.40
N ALA A 1281 32.31 22.63 -28.19
CA ALA A 1281 33.67 22.66 -27.63
C ALA A 1281 33.97 24.02 -27.02
N VAL A 1282 34.68 24.01 -25.90
CA VAL A 1282 35.08 25.24 -25.21
C VAL A 1282 36.53 25.13 -24.77
N ILE A 1283 37.34 26.11 -25.15
CA ILE A 1283 38.72 26.20 -24.71
C ILE A 1283 38.75 26.96 -23.39
N ASN A 1284 39.67 26.59 -22.50
CA ASN A 1284 39.83 27.29 -21.23
C ASN A 1284 41.30 27.39 -20.88
N ILE A 1285 41.58 27.93 -19.69
CA ILE A 1285 42.92 28.09 -19.15
C ILE A 1285 42.98 27.37 -17.81
N ARG A 1286 44.09 26.70 -17.55
CA ARG A 1286 44.33 26.11 -16.24
C ARG A 1286 45.21 27.06 -15.41
N ASP A 1287 45.58 26.61 -14.20
CA ASP A 1287 46.40 27.43 -13.32
C ASP A 1287 47.85 27.51 -13.76
N ASP A 1288 48.21 26.91 -14.89
CA ASP A 1288 49.51 27.10 -15.53
C ASP A 1288 49.32 27.70 -16.91
N GLY A 1289 50.43 27.91 -17.60
CA GLY A 1289 50.40 28.46 -18.95
C GLY A 1289 49.87 27.51 -20.00
N LYS A 1290 49.78 26.23 -19.68
CA LYS A 1290 49.26 25.25 -20.62
C LYS A 1290 47.74 25.27 -20.62
N ARG A 1291 47.16 25.20 -21.81
CA ARG A 1291 45.71 25.28 -21.99
C ARG A 1291 45.19 24.00 -22.63
N GLU A 1292 44.05 23.53 -22.14
CA GLU A 1292 43.44 22.29 -22.57
C GLU A 1292 42.14 22.58 -23.32
N LEU A 1293 41.42 21.52 -23.67
CA LEU A 1293 40.27 21.61 -24.58
C LEU A 1293 39.11 20.83 -23.98
N LEU A 1294 38.05 21.54 -23.59
CA LEU A 1294 36.88 20.94 -22.96
C LEU A 1294 35.78 20.81 -24.01
N VAL A 1295 35.32 19.59 -24.25
CA VAL A 1295 34.32 19.30 -25.27
C VAL A 1295 33.18 18.54 -24.61
N GLU A 1296 31.96 19.05 -24.76
CA GLU A 1296 30.79 18.53 -24.04
C GLU A 1296 30.01 17.59 -24.95
N GLY A 1297 30.64 16.46 -25.28
CA GLY A 1297 30.02 15.50 -26.17
C GLY A 1297 30.39 14.07 -25.82
N TYR A 1298 29.66 13.14 -26.44
CA TYR A 1298 29.75 11.73 -26.06
C TYR A 1298 30.98 11.06 -26.64
N GLY A 1299 31.23 11.25 -27.93
CA GLY A 1299 32.23 10.45 -28.62
C GLY A 1299 33.64 10.73 -28.15
N LEU A 1300 34.45 9.67 -28.10
CA LEU A 1300 35.80 9.75 -27.55
C LEU A 1300 36.79 9.09 -28.50
N ARG A 1301 36.31 8.10 -29.25
CA ARG A 1301 37.17 7.38 -30.20
C ARG A 1301 37.69 8.33 -31.28
N ASP A 1302 36.77 8.99 -31.99
CA ASP A 1302 37.15 9.92 -33.05
C ASP A 1302 37.85 11.15 -32.51
N VAL A 1303 37.58 11.52 -31.26
CA VAL A 1303 38.31 12.64 -30.65
C VAL A 1303 39.78 12.27 -30.46
N MET A 1304 40.06 11.02 -30.05
CA MET A 1304 41.44 10.55 -30.07
C MET A 1304 41.99 10.42 -31.49
N CYS A 1305 41.12 10.19 -32.47
CA CYS A 1305 41.56 10.00 -33.85
C CYS A 1305 41.88 11.29 -34.58
N THR A 1306 41.58 12.45 -34.01
CA THR A 1306 41.82 13.70 -34.72
C THR A 1306 43.27 14.14 -34.55
N ASP A 1307 43.66 15.12 -35.35
CA ASP A 1307 45.00 15.69 -35.30
C ASP A 1307 45.07 16.78 -34.22
N GLY A 1308 46.29 17.16 -33.88
CA GLY A 1308 46.52 18.22 -32.91
C GLY A 1308 46.24 17.86 -31.47
N VAL A 1309 45.79 16.65 -31.20
CA VAL A 1309 45.65 16.16 -29.83
C VAL A 1309 46.53 14.92 -29.67
N ILE A 1310 46.89 14.64 -28.42
CA ILE A 1310 47.69 13.47 -28.06
C ILE A 1310 46.78 12.48 -27.33
N GLY A 1311 46.75 11.25 -27.83
CA GLY A 1311 45.85 10.23 -27.31
C GLY A 1311 46.44 9.45 -26.15
N SER A 1312 47.40 10.04 -25.45
CA SER A 1312 47.97 9.44 -24.23
C SER A 1312 47.38 10.02 -22.95
N ARG A 1313 47.08 11.32 -22.92
CA ARG A 1313 46.55 11.99 -21.73
C ARG A 1313 45.25 12.67 -22.12
N THR A 1314 44.16 11.90 -22.14
CA THR A 1314 42.82 12.42 -22.43
C THR A 1314 41.83 11.67 -21.53
N THR A 1315 41.48 12.27 -20.39
CA THR A 1315 40.49 11.67 -19.51
C THR A 1315 39.10 12.13 -19.95
N THR A 1316 38.08 11.80 -19.15
CA THR A 1316 36.69 12.01 -19.55
C THR A 1316 35.80 11.76 -18.34
N ASN A 1317 34.50 11.77 -18.58
CA ASN A 1317 33.48 11.18 -17.72
C ASN A 1317 32.79 10.06 -18.48
N HIS A 1318 31.68 9.56 -17.93
CA HIS A 1318 30.89 8.49 -18.55
C HIS A 1318 31.76 7.24 -18.74
N VAL A 1319 32.05 6.64 -17.59
CA VAL A 1319 32.91 5.47 -17.41
C VAL A 1319 32.69 4.38 -18.46
N LEU A 1320 31.44 4.00 -18.70
CA LEU A 1320 31.15 2.86 -19.56
C LEU A 1320 31.22 3.18 -21.05
N GLU A 1321 31.84 4.29 -21.46
CA GLU A 1321 32.38 4.38 -22.81
C GLU A 1321 33.90 4.22 -22.84
N VAL A 1322 34.56 4.37 -21.69
CA VAL A 1322 35.96 3.95 -21.58
C VAL A 1322 36.07 2.44 -21.62
N PHE A 1323 35.08 1.73 -21.06
CA PHE A 1323 35.07 0.27 -21.14
C PHE A 1323 34.96 -0.22 -22.58
N SER A 1324 34.31 0.56 -23.46
CA SER A 1324 34.31 0.20 -24.87
C SER A 1324 35.63 0.54 -25.54
N VAL A 1325 36.18 1.72 -25.26
CA VAL A 1325 37.34 2.20 -26.00
C VAL A 1325 38.64 1.62 -25.43
N LEU A 1326 38.80 1.69 -24.11
CA LEU A 1326 40.08 1.45 -23.46
C LEU A 1326 40.09 0.17 -22.62
N GLY A 1327 39.34 -0.85 -23.04
CA GLY A 1327 39.43 -2.14 -22.39
C GLY A 1327 38.64 -2.20 -21.09
N ILE A 1328 39.15 -2.93 -20.10
CA ILE A 1328 38.43 -3.18 -18.86
C ILE A 1328 39.15 -2.59 -17.66
N GLU A 1329 40.48 -2.66 -17.63
CA GLU A 1329 41.25 -2.11 -16.52
C GLU A 1329 41.25 -0.59 -16.50
N ALA A 1330 40.88 0.06 -17.61
CA ALA A 1330 40.69 1.51 -17.59
C ALA A 1330 39.32 1.89 -17.05
N ALA A 1331 38.32 1.03 -17.19
CA ALA A 1331 37.04 1.27 -16.55
C ALA A 1331 37.14 1.14 -15.04
N ARG A 1332 37.98 0.22 -14.56
CA ARG A 1332 38.15 0.04 -13.12
C ARG A 1332 38.85 1.23 -12.48
N TYR A 1333 39.83 1.80 -13.17
CA TYR A 1333 40.52 2.98 -12.66
C TYR A 1333 39.73 4.26 -12.87
N SER A 1334 38.70 4.25 -13.71
CA SER A 1334 37.90 5.45 -13.91
C SER A 1334 36.83 5.58 -12.84
N ILE A 1335 36.21 4.46 -12.44
CA ILE A 1335 35.27 4.48 -11.33
C ILE A 1335 35.95 4.94 -10.04
N ILE A 1336 37.21 4.53 -9.85
CA ILE A 1336 37.99 5.03 -8.71
C ILE A 1336 38.10 6.55 -8.76
N ARG A 1337 38.52 7.08 -9.91
CA ARG A 1337 38.82 8.52 -9.99
C ARG A 1337 37.57 9.38 -10.02
N GLU A 1338 36.40 8.81 -10.28
CA GLU A 1338 35.16 9.57 -10.26
C GLU A 1338 34.54 9.70 -8.88
N ILE A 1339 34.53 8.61 -8.10
CA ILE A 1339 33.91 8.67 -6.77
C ILE A 1339 34.72 9.52 -5.82
N ASN A 1340 36.05 9.37 -5.83
CA ASN A 1340 36.88 10.15 -4.92
C ASN A 1340 37.16 11.56 -5.42
N TYR A 1341 36.64 11.94 -6.59
CA TYR A 1341 36.60 13.35 -6.97
C TYR A 1341 35.37 14.07 -6.43
N THR A 1342 34.21 13.43 -6.50
CA THR A 1342 32.96 14.03 -6.02
C THR A 1342 32.77 13.87 -4.51
N MET A 1343 33.75 13.33 -3.79
CA MET A 1343 33.78 13.42 -2.34
C MET A 1343 34.90 14.30 -1.80
N SER A 1344 35.79 14.78 -2.67
CA SER A 1344 36.83 15.70 -2.25
C SER A 1344 36.31 17.11 -2.05
N ASN A 1345 35.32 17.52 -2.85
CA ASN A 1345 34.77 18.88 -2.80
C ASN A 1345 33.43 18.95 -2.05
N HIS A 1346 33.14 17.98 -1.20
CA HIS A 1346 32.03 18.09 -0.26
C HIS A 1346 32.48 18.10 1.19
N GLY A 1347 33.76 17.83 1.46
CA GLY A 1347 34.34 17.93 2.78
C GLY A 1347 34.52 16.61 3.51
N MET A 1348 33.65 15.64 3.28
CA MET A 1348 33.81 14.37 3.98
C MET A 1348 34.92 13.54 3.35
N SER A 1349 35.47 12.63 4.15
CA SER A 1349 36.67 11.88 3.78
C SER A 1349 36.48 10.45 4.26
N VAL A 1350 36.31 9.51 3.32
CA VAL A 1350 36.07 8.13 3.72
C VAL A 1350 37.40 7.39 3.81
N ASP A 1351 37.99 7.06 2.67
CA ASP A 1351 39.29 6.42 2.52
C ASP A 1351 39.51 6.28 1.02
N PRO A 1352 40.72 5.97 0.55
CA PRO A 1352 40.82 5.42 -0.82
C PRO A 1352 40.32 3.99 -0.90
N ARG A 1353 40.46 3.23 0.19
CA ARG A 1353 40.27 1.78 0.11
C ARG A 1353 38.81 1.38 0.00
N HIS A 1354 37.90 2.20 0.51
CA HIS A 1354 36.48 1.90 0.43
C HIS A 1354 35.89 2.13 -0.95
N ILE A 1355 36.66 2.69 -1.89
CA ILE A 1355 36.22 2.77 -3.28
C ILE A 1355 36.95 1.71 -4.10
N GLN A 1356 38.17 1.35 -3.68
CA GLN A 1356 38.87 0.26 -4.35
C GLN A 1356 38.22 -1.09 -4.10
N LEU A 1357 37.42 -1.24 -3.05
CA LEU A 1357 36.62 -2.45 -2.91
C LEU A 1357 35.35 -2.37 -3.75
N LEU A 1358 34.85 -1.15 -4.01
CA LEU A 1358 33.67 -0.97 -4.85
C LEU A 1358 33.99 -1.08 -6.33
N GLY A 1359 35.21 -0.71 -6.73
CA GLY A 1359 35.60 -0.87 -8.12
C GLY A 1359 35.72 -2.31 -8.57
N ASP A 1360 36.13 -3.20 -7.68
CA ASP A 1360 36.37 -4.59 -8.07
C ASP A 1360 35.13 -5.45 -8.03
N VAL A 1361 34.08 -5.03 -7.31
CA VAL A 1361 32.85 -5.82 -7.30
C VAL A 1361 32.09 -5.66 -8.61
N MET A 1362 32.40 -4.62 -9.39
CA MET A 1362 31.74 -4.38 -10.66
C MET A 1362 32.46 -5.06 -11.83
N THR A 1363 33.79 -5.01 -11.84
CA THR A 1363 34.60 -5.46 -12.97
C THR A 1363 35.37 -6.74 -12.66
N TYR A 1364 34.74 -7.69 -11.97
CA TYR A 1364 35.35 -9.00 -11.76
C TYR A 1364 34.68 -10.10 -12.57
N LYS A 1365 33.66 -9.78 -13.36
CA LYS A 1365 33.02 -10.77 -14.22
C LYS A 1365 33.14 -10.44 -15.71
N GLY A 1366 33.83 -9.36 -16.07
CA GLY A 1366 34.13 -9.04 -17.45
C GLY A 1366 33.58 -7.71 -17.92
N GLU A 1367 32.56 -7.16 -17.27
CA GLU A 1367 31.99 -5.90 -17.73
C GLU A 1367 31.49 -5.09 -16.54
N VAL A 1368 31.62 -3.78 -16.64
CA VAL A 1368 30.97 -2.88 -15.70
C VAL A 1368 29.46 -3.04 -15.80
N LEU A 1369 28.81 -3.28 -14.66
CA LEU A 1369 27.39 -3.53 -14.65
C LEU A 1369 26.76 -2.96 -13.39
N GLY A 1370 25.60 -2.34 -13.54
CA GLY A 1370 25.04 -1.48 -12.53
C GLY A 1370 24.48 -2.25 -11.35
N ILE A 1371 23.74 -1.52 -10.51
CA ILE A 1371 23.13 -2.10 -9.32
C ILE A 1371 21.62 -1.96 -9.46
N THR A 1372 21.14 -2.04 -10.69
CA THR A 1372 19.72 -1.95 -10.99
C THR A 1372 19.11 -3.35 -10.99
N ARG A 1373 17.90 -3.48 -11.50
CA ARG A 1373 17.42 -4.80 -11.92
C ARG A 1373 18.34 -5.38 -12.99
N PHE A 1374 18.76 -4.55 -13.96
CA PHE A 1374 19.57 -5.02 -15.07
C PHE A 1374 20.97 -5.41 -14.63
N GLY A 1375 21.41 -4.95 -13.45
CA GLY A 1375 22.76 -5.16 -12.99
C GLY A 1375 22.96 -6.35 -12.08
N LEU A 1376 21.88 -6.80 -11.42
CA LEU A 1376 22.00 -7.93 -10.51
C LEU A 1376 21.75 -9.27 -11.17
N SER A 1377 20.98 -9.29 -12.26
CA SER A 1377 20.68 -10.56 -12.93
C SER A 1377 21.87 -11.11 -13.71
N LYS A 1378 22.94 -10.32 -13.87
CA LYS A 1378 24.18 -10.82 -14.43
C LYS A 1378 25.34 -10.85 -13.43
N MET A 1379 25.17 -10.26 -12.25
CA MET A 1379 26.23 -10.28 -11.25
C MET A 1379 26.20 -11.56 -10.43
N ARG A 1380 25.13 -11.79 -9.69
CA ARG A 1380 24.98 -12.97 -8.85
C ARG A 1380 23.55 -13.46 -8.97
N ASP A 1381 23.38 -14.73 -9.34
CA ASP A 1381 22.07 -15.34 -9.53
C ASP A 1381 21.84 -16.35 -8.42
N SER A 1382 20.86 -16.05 -7.56
CA SER A 1382 20.41 -16.95 -6.51
C SER A 1382 19.04 -16.46 -6.05
N VAL A 1383 18.05 -17.36 -6.07
CA VAL A 1383 16.67 -16.93 -6.22
C VAL A 1383 16.12 -16.39 -4.90
N LEU A 1384 16.59 -16.89 -3.76
CA LEU A 1384 16.09 -16.39 -2.49
C LEU A 1384 16.59 -14.98 -2.21
N GLN A 1385 17.81 -14.68 -2.65
CA GLN A 1385 18.37 -13.33 -2.47
C GLN A 1385 17.69 -12.33 -3.41
N LEU A 1386 17.39 -12.75 -4.64
CA LEU A 1386 16.74 -11.88 -5.60
C LEU A 1386 15.28 -11.63 -5.26
N ALA A 1387 14.66 -12.49 -4.45
CA ALA A 1387 13.27 -12.26 -4.07
C ALA A 1387 13.13 -11.11 -3.08
N SER A 1388 14.19 -10.84 -2.31
CA SER A 1388 14.19 -9.73 -1.37
C SER A 1388 14.49 -8.39 -2.04
N PHE A 1389 14.86 -8.40 -3.32
CA PHE A 1389 14.99 -7.17 -4.10
C PHE A 1389 13.66 -6.89 -4.81
N GLU A 1390 13.67 -5.97 -5.77
CA GLU A 1390 12.48 -5.25 -6.20
C GLU A 1390 11.43 -6.17 -6.81
N LYS A 1391 11.71 -6.73 -7.99
CA LYS A 1391 10.75 -7.57 -8.69
C LYS A 1391 10.87 -9.01 -8.18
N THR A 1392 9.90 -9.42 -7.37
CA THR A 1392 10.03 -10.67 -6.61
C THR A 1392 9.62 -11.87 -7.45
N THR A 1393 8.34 -11.92 -7.85
CA THR A 1393 7.77 -13.16 -8.36
C THR A 1393 8.21 -13.46 -9.79
N ASP A 1394 8.65 -12.46 -10.55
CA ASP A 1394 9.13 -12.73 -11.90
C ASP A 1394 10.44 -13.51 -11.90
N HIS A 1395 11.18 -13.50 -10.80
CA HIS A 1395 12.36 -14.34 -10.65
C HIS A 1395 12.04 -15.74 -10.14
N LEU A 1396 10.88 -15.93 -9.50
CA LEU A 1396 10.55 -17.21 -8.91
C LEU A 1396 9.83 -18.16 -9.85
N PHE A 1397 9.01 -17.65 -10.78
CA PHE A 1397 8.31 -18.54 -11.70
C PHE A 1397 9.26 -19.17 -12.72
N ASP A 1398 10.14 -18.35 -13.32
CA ASP A 1398 11.14 -18.89 -14.22
C ASP A 1398 12.26 -19.64 -13.49
N ALA A 1399 12.33 -19.52 -12.16
CA ALA A 1399 13.19 -20.40 -11.39
C ALA A 1399 12.65 -21.82 -11.36
N ALA A 1400 11.36 -21.97 -11.03
CA ALA A 1400 10.76 -23.30 -11.01
C ALA A 1400 10.53 -23.85 -12.42
N PHE A 1401 10.57 -23.01 -13.45
CA PHE A 1401 10.49 -23.54 -14.80
C PHE A 1401 11.78 -24.27 -15.18
N TYR A 1402 12.92 -23.60 -15.02
CA TYR A 1402 14.20 -24.22 -15.34
C TYR A 1402 14.63 -25.26 -14.31
N MET A 1403 13.94 -25.32 -13.17
CA MET A 1403 14.24 -26.24 -12.07
C MET A 1403 15.68 -26.04 -11.58
N LYS A 1404 15.90 -24.84 -11.05
CA LYS A 1404 17.24 -24.41 -10.66
C LYS A 1404 17.67 -25.06 -9.35
N LYS A 1405 18.86 -24.67 -8.88
CA LYS A 1405 19.41 -25.22 -7.65
C LYS A 1405 20.40 -24.21 -7.10
N ASP A 1406 20.07 -23.57 -5.98
CA ASP A 1406 20.96 -22.64 -5.31
C ASP A 1406 21.33 -23.21 -3.94
N ALA A 1407 22.62 -23.37 -3.70
CA ALA A 1407 23.10 -23.64 -2.36
C ALA A 1407 23.15 -22.34 -1.56
N VAL A 1408 22.59 -22.36 -0.36
CA VAL A 1408 22.45 -21.14 0.45
C VAL A 1408 23.73 -20.94 1.25
N GLU A 1409 24.46 -19.87 0.91
CA GLU A 1409 25.58 -19.41 1.72
C GLU A 1409 25.60 -17.90 1.87
N GLY A 1410 24.69 -17.17 1.22
CA GLY A 1410 24.63 -15.73 1.38
C GLY A 1410 24.18 -15.30 2.76
N VAL A 1411 24.41 -14.01 3.03
CA VAL A 1411 23.97 -13.43 4.30
C VAL A 1411 22.45 -13.38 4.35
N SER A 1412 21.82 -12.81 3.33
CA SER A 1412 20.38 -12.63 3.28
C SER A 1412 19.64 -13.89 2.85
N GLU A 1413 20.32 -15.05 2.84
CA GLU A 1413 19.67 -16.33 2.61
C GLU A 1413 19.67 -17.23 3.84
N CYS A 1414 20.64 -17.07 4.74
CA CYS A 1414 20.61 -17.73 6.03
C CYS A 1414 19.80 -16.96 7.08
N ILE A 1415 19.20 -15.84 6.71
CA ILE A 1415 18.24 -15.18 7.59
C ILE A 1415 16.87 -15.81 7.45
N ILE A 1416 16.45 -16.10 6.21
CA ILE A 1416 15.10 -16.58 5.97
C ILE A 1416 14.94 -18.00 6.52
N LEU A 1417 16.00 -18.80 6.50
CA LEU A 1417 15.93 -20.17 6.98
C LEU A 1417 16.32 -20.32 8.44
N GLY A 1418 16.87 -19.28 9.07
CA GLY A 1418 17.25 -19.39 10.46
C GLY A 1418 18.50 -20.23 10.69
N GLN A 1419 19.54 -20.00 9.88
CA GLN A 1419 20.79 -20.73 10.02
C GLN A 1419 21.96 -19.78 10.22
N THR A 1420 23.06 -20.35 10.71
CA THR A 1420 24.18 -19.57 11.22
C THR A 1420 24.99 -19.01 10.05
N MET A 1421 25.17 -17.69 10.04
CA MET A 1421 25.84 -17.02 8.94
C MET A 1421 27.30 -17.47 8.87
N SER A 1422 27.90 -17.31 7.68
CA SER A 1422 29.23 -17.84 7.42
C SER A 1422 30.36 -16.83 7.58
N ILE A 1423 30.06 -15.56 7.82
CA ILE A 1423 31.10 -14.54 7.87
C ILE A 1423 31.12 -13.94 9.27
N GLY A 1424 32.26 -13.36 9.62
CA GLY A 1424 32.43 -12.79 10.95
C GLY A 1424 32.77 -13.87 11.94
N THR A 1425 31.99 -13.98 13.01
CA THR A 1425 32.19 -14.98 14.04
C THR A 1425 31.40 -16.26 13.77
N GLY A 1426 31.16 -16.58 12.50
CA GLY A 1426 30.57 -17.85 12.12
C GLY A 1426 31.44 -18.62 11.16
N SER A 1427 32.60 -18.06 10.83
CA SER A 1427 33.44 -18.61 9.76
C SER A 1427 34.14 -19.86 10.23
N PHE A 1428 34.94 -19.75 11.29
CA PHE A 1428 35.57 -20.90 11.91
C PHE A 1428 34.53 -21.75 12.63
N LYS A 1429 34.97 -22.89 13.13
CA LYS A 1429 34.17 -23.72 14.04
C LYS A 1429 35.01 -24.10 15.25
N VAL A 1430 34.30 -24.44 16.33
CA VAL A 1430 34.90 -24.68 17.63
C VAL A 1430 34.85 -26.17 17.93
N VAL A 1431 35.95 -26.69 18.48
CA VAL A 1431 36.14 -28.11 18.76
C VAL A 1431 36.60 -28.26 20.20
N LYS A 1432 36.06 -29.26 20.89
CA LYS A 1432 36.57 -29.66 22.20
C LYS A 1432 37.62 -30.76 22.05
N GLY A 1433 38.77 -30.54 22.69
CA GLY A 1433 39.79 -31.57 22.71
C GLY A 1433 39.38 -32.78 23.52
N THR A 1434 39.88 -33.94 23.11
CA THR A 1434 39.55 -35.22 23.73
C THR A 1434 40.64 -35.71 24.67
N ASN A 1435 41.74 -34.95 24.78
CA ASN A 1435 42.89 -35.16 25.66
C ASN A 1435 43.24 -36.63 25.90
N ILE A 1436 43.29 -37.44 24.84
CA ILE A 1436 43.55 -38.86 24.95
C ILE A 1436 44.42 -39.29 23.77
N SER A 1437 45.04 -40.46 23.91
CA SER A 1437 45.90 -41.01 22.87
C SER A 1437 45.58 -42.49 22.73
N GLU A 1438 46.45 -43.21 22.02
CA GLU A 1438 46.23 -44.62 21.74
C GLU A 1438 46.66 -45.54 22.89
N LYS A 1439 47.19 -44.99 23.98
CA LYS A 1439 47.79 -45.81 25.02
C LYS A 1439 46.77 -46.58 25.84
N ASP A 1440 45.48 -46.22 25.77
CA ASP A 1440 44.44 -46.94 26.49
C ASP A 1440 43.31 -47.37 25.56
N LEU A 1441 43.54 -47.37 24.25
CA LEU A 1441 42.53 -47.74 23.27
C LEU A 1441 42.80 -49.13 22.69
N VAL A 1442 43.44 -49.99 23.46
CA VAL A 1442 43.68 -51.37 23.05
C VAL A 1442 42.41 -52.20 23.25
N PRO A 1443 42.15 -53.20 22.41
CA PRO A 1443 40.94 -54.02 22.59
C PRO A 1443 41.10 -54.94 23.78
N LYS A 1444 39.98 -55.58 24.14
CA LYS A 1444 39.94 -56.60 25.18
C LYS A 1444 39.78 -58.00 24.58
N ARG A 1445 40.39 -58.23 23.43
CA ARG A 1445 40.15 -59.44 22.65
C ARG A 1445 40.96 -60.59 23.21
N CYS A 1446 40.31 -61.72 23.45
CA CYS A 1446 41.00 -62.89 23.99
C CYS A 1446 40.19 -64.14 23.67
N LEU A 1447 40.91 -65.25 23.46
CA LEU A 1447 40.34 -66.58 23.25
C LEU A 1447 39.39 -66.56 22.05
N PHE A 1448 40.00 -66.38 20.87
CA PHE A 1448 39.23 -66.26 19.64
C PHE A 1448 38.62 -67.59 19.25
N GLU A 1449 39.45 -68.63 19.07
CA GLU A 1449 38.95 -69.91 18.58
C GLU A 1449 39.56 -71.13 19.29
N SER A 1450 40.77 -71.03 19.84
CA SER A 1450 41.53 -72.18 20.31
C SER A 1450 41.59 -73.28 19.25
N ASP B 36 -5.33 63.26 24.00
CA ASP B 36 -5.42 62.25 22.95
C ASP B 36 -5.53 62.90 21.58
N GLU B 37 -4.47 63.61 21.18
CA GLU B 37 -4.44 64.29 19.89
C GLU B 37 -4.15 63.25 18.81
N ILE B 38 -5.21 62.80 18.13
CA ILE B 38 -5.10 61.71 17.18
C ILE B 38 -4.49 62.23 15.88
N ASN B 39 -3.79 61.35 15.17
CA ASN B 39 -3.19 61.70 13.89
C ASN B 39 -3.14 60.46 13.01
N THR B 40 -3.02 60.68 11.71
CA THR B 40 -3.08 59.61 10.72
C THR B 40 -1.72 58.99 10.45
N ALA B 41 -0.76 59.12 11.36
CA ALA B 41 0.55 58.52 11.18
C ALA B 41 0.69 57.17 11.86
N GLN B 42 0.25 57.07 13.12
CA GLN B 42 0.34 55.82 13.88
C GLN B 42 -1.02 55.32 14.35
N ASP B 43 -2.11 55.87 13.83
CA ASP B 43 -3.45 55.44 14.24
C ASP B 43 -4.30 55.01 13.05
N LYS B 44 -3.67 54.49 11.99
CA LYS B 44 -4.41 53.73 11.00
C LYS B 44 -4.73 52.32 11.46
N TRP B 45 -4.07 51.85 12.53
CA TRP B 45 -4.42 50.57 13.14
C TRP B 45 -5.87 50.54 13.60
N HIS B 46 -6.40 51.66 14.06
CA HIS B 46 -7.72 51.71 14.71
C HIS B 46 -8.89 51.43 13.77
N LEU B 47 -8.65 51.21 12.48
CA LEU B 47 -9.71 50.72 11.59
C LEU B 47 -9.59 49.23 11.30
N LEU B 48 -8.61 48.55 11.88
CA LEU B 48 -8.50 47.11 11.79
C LEU B 48 -9.46 46.40 12.75
N PRO B 49 -9.70 46.94 13.95
CA PRO B 49 -10.89 46.50 14.70
C PRO B 49 -12.20 46.81 14.01
N ALA B 50 -12.26 47.89 13.22
CA ALA B 50 -13.48 48.19 12.48
C ALA B 50 -13.71 47.21 11.34
N PHE B 51 -12.67 46.47 10.94
CA PHE B 51 -12.84 45.39 9.97
C PHE B 51 -13.35 44.12 10.62
N LEU B 52 -12.70 43.68 11.70
CA LEU B 52 -13.04 42.40 12.31
C LEU B 52 -14.27 42.45 13.20
N LYS B 53 -14.85 43.64 13.45
CA LYS B 53 -16.07 43.71 14.24
C LYS B 53 -17.29 43.37 13.38
N VAL B 54 -17.47 44.09 12.28
CA VAL B 54 -18.57 43.82 11.36
C VAL B 54 -18.31 42.55 10.55
N LYS B 55 -17.05 42.14 10.40
CA LYS B 55 -16.66 41.16 9.40
C LYS B 55 -15.48 40.36 9.98
N GLY B 56 -15.81 39.22 10.59
CA GLY B 56 -14.94 38.57 11.56
C GLY B 56 -13.77 37.80 10.98
N LEU B 57 -13.50 36.62 11.53
CA LEU B 57 -12.41 35.77 11.11
C LEU B 57 -12.86 34.47 10.46
N VAL B 58 -14.15 34.13 10.58
CA VAL B 58 -14.70 32.94 9.94
C VAL B 58 -15.70 33.44 8.89
N LYS B 59 -15.33 34.55 8.24
CA LYS B 59 -16.05 35.05 7.07
C LYS B 59 -16.23 33.95 6.03
N GLN B 60 -15.15 33.24 5.69
CA GLN B 60 -15.17 32.37 4.52
C GLN B 60 -16.03 31.13 4.72
N HIS B 61 -16.29 30.73 5.97
CA HIS B 61 -17.17 29.60 6.20
C HIS B 61 -18.61 30.02 6.44
N LEU B 62 -18.82 31.11 7.19
CA LEU B 62 -20.19 31.50 7.54
C LEU B 62 -20.93 32.11 6.35
N ASP B 63 -20.26 32.98 5.58
CA ASP B 63 -20.92 33.65 4.47
C ASP B 63 -21.10 32.77 3.25
N SER B 64 -20.58 31.54 3.26
CA SER B 64 -20.78 30.64 2.13
C SER B 64 -22.03 29.78 2.30
N PHE B 65 -22.17 29.13 3.46
CA PHE B 65 -23.37 28.36 3.76
C PHE B 65 -24.60 29.24 3.85
N ASN B 66 -24.45 30.48 4.32
CA ASN B 66 -25.58 31.39 4.42
C ASN B 66 -26.05 31.86 3.05
N TYR B 67 -25.19 31.82 2.03
CA TYR B 67 -25.62 32.09 0.67
C TYR B 67 -26.22 30.84 0.02
N PHE B 68 -25.83 29.65 0.48
CA PHE B 68 -26.45 28.42 -0.01
C PHE B 68 -27.89 28.29 0.45
N VAL B 69 -28.15 28.57 1.73
CA VAL B 69 -29.48 28.38 2.29
C VAL B 69 -30.46 29.39 1.72
N ASP B 70 -30.06 30.66 1.65
CA ASP B 70 -30.97 31.71 1.25
C ASP B 70 -31.35 31.57 -0.22
N THR B 71 -30.37 31.67 -1.12
CA THR B 71 -30.63 31.80 -2.55
C THR B 71 -30.37 30.52 -3.32
N ASP B 72 -29.33 29.77 -2.96
CA ASP B 72 -28.80 28.72 -3.83
C ASP B 72 -29.54 27.39 -3.65
N LEU B 73 -30.64 27.39 -2.89
CA LEU B 73 -31.60 26.30 -2.96
C LEU B 73 -32.67 26.54 -4.01
N LYS B 74 -33.15 27.79 -4.13
CA LYS B 74 -34.18 28.11 -5.09
C LYS B 74 -33.70 27.99 -6.53
N LYS B 75 -32.38 28.08 -6.77
CA LYS B 75 -31.83 27.83 -8.09
C LYS B 75 -31.59 26.35 -8.36
N ILE B 76 -31.96 25.46 -7.43
CA ILE B 76 -31.89 24.02 -7.66
C ILE B 76 -33.24 23.46 -8.08
N ILE B 77 -34.28 23.75 -7.30
CA ILE B 77 -35.61 23.21 -7.61
C ILE B 77 -36.17 23.86 -8.87
N LYS B 78 -35.71 25.08 -9.19
CA LYS B 78 -36.03 25.70 -10.47
C LYS B 78 -35.26 25.09 -11.64
N ALA B 79 -34.33 24.16 -11.38
CA ALA B 79 -33.69 23.40 -12.44
C ALA B 79 -33.97 21.91 -12.36
N ASN B 80 -34.86 21.49 -11.45
CA ASN B 80 -35.33 20.11 -11.40
C ASN B 80 -36.82 20.06 -11.11
N GLN B 81 -37.55 21.08 -11.54
CA GLN B 81 -38.99 21.13 -11.37
C GLN B 81 -39.68 20.16 -12.35
N LEU B 82 -40.99 20.00 -12.14
CA LEU B 82 -41.87 19.30 -13.08
C LEU B 82 -41.44 17.84 -13.28
N ILE B 83 -41.59 17.07 -12.20
CA ILE B 83 -41.53 15.62 -12.30
C ILE B 83 -42.76 15.13 -13.04
N LEU B 84 -42.56 14.25 -14.02
CA LEU B 84 -43.62 13.85 -14.93
C LEU B 84 -43.64 12.34 -15.09
N SER B 85 -44.79 11.84 -15.55
CA SER B 85 -44.95 10.46 -15.97
C SER B 85 -45.41 10.42 -17.43
N ASP B 86 -45.03 9.35 -18.12
CA ASP B 86 -45.46 9.17 -19.50
C ASP B 86 -46.78 8.41 -19.60
N VAL B 87 -46.94 7.34 -18.81
CA VAL B 87 -48.26 6.77 -18.58
C VAL B 87 -49.13 7.77 -17.85
N ASP B 88 -50.40 7.86 -18.27
CA ASP B 88 -51.38 8.82 -17.74
C ASP B 88 -50.84 10.24 -17.85
N PRO B 89 -50.80 10.82 -19.06
CA PRO B 89 -50.05 12.06 -19.25
C PRO B 89 -50.68 13.30 -18.64
N GLU B 90 -51.83 13.21 -17.98
CA GLU B 90 -52.43 14.36 -17.30
C GLU B 90 -52.05 14.42 -15.82
N PHE B 91 -50.89 13.91 -15.45
CA PHE B 91 -50.38 14.01 -14.09
C PHE B 91 -49.13 14.87 -14.10
N TYR B 92 -49.05 15.83 -13.18
CA TYR B 92 -47.86 16.66 -13.05
C TYR B 92 -47.72 17.12 -11.61
N LEU B 93 -46.50 17.07 -11.10
CA LEU B 93 -46.14 17.62 -9.80
C LEU B 93 -44.99 18.58 -10.00
N LYS B 94 -45.16 19.82 -9.52
CA LYS B 94 -44.15 20.86 -9.66
C LYS B 94 -43.76 21.42 -8.30
N TYR B 95 -42.47 21.72 -8.15
CA TYR B 95 -41.95 22.31 -6.92
C TYR B 95 -41.89 23.83 -7.11
N VAL B 96 -42.67 24.56 -6.32
CA VAL B 96 -42.77 26.00 -6.51
C VAL B 96 -41.68 26.75 -5.74
N ASP B 97 -41.48 26.42 -4.47
CA ASP B 97 -40.44 27.09 -3.68
C ASP B 97 -40.04 26.19 -2.52
N ILE B 98 -38.92 26.52 -1.91
CA ILE B 98 -38.25 25.65 -0.94
C ILE B 98 -37.77 26.51 0.21
N ARG B 99 -37.87 25.98 1.43
CA ARG B 99 -37.48 26.72 2.62
C ARG B 99 -36.87 25.77 3.65
N VAL B 100 -35.96 26.32 4.46
CA VAL B 100 -35.28 25.56 5.52
C VAL B 100 -35.63 26.23 6.84
N GLY B 101 -36.20 25.47 7.76
CA GLY B 101 -36.55 26.03 9.05
C GLY B 101 -38.03 26.12 9.33
N LYS B 102 -38.57 27.33 9.28
CA LYS B 102 -39.92 27.62 9.74
C LYS B 102 -40.95 27.24 8.67
N LYS B 103 -42.17 26.99 9.14
CA LYS B 103 -43.29 26.67 8.28
C LYS B 103 -43.90 27.97 7.73
N SER B 104 -45.08 27.85 7.12
CA SER B 104 -45.90 29.01 6.78
C SER B 104 -47.19 29.09 7.57
N SER B 105 -47.52 28.07 8.36
CA SER B 105 -48.73 28.10 9.19
C SER B 105 -48.45 28.78 10.53
N SER B 106 -47.49 28.24 11.29
CA SER B 106 -47.14 28.86 12.56
C SER B 106 -46.23 30.06 12.35
N SER B 107 -45.22 29.92 11.48
CA SER B 107 -44.28 30.98 11.13
C SER B 107 -43.55 31.54 12.35
N THR B 108 -43.28 30.69 13.34
CA THR B 108 -42.46 31.11 14.47
C THR B 108 -40.99 30.89 14.12
N LYS B 109 -40.09 31.17 15.07
CA LYS B 109 -38.67 30.99 14.82
C LYS B 109 -38.34 29.51 14.60
N ASP B 110 -38.37 28.73 15.70
CA ASP B 110 -38.39 27.28 15.69
C ASP B 110 -38.40 26.77 17.12
N TYR B 111 -38.52 25.46 17.31
CA TYR B 111 -38.05 24.79 18.52
C TYR B 111 -37.02 23.74 18.12
N LEU B 112 -35.80 23.89 18.61
CA LEU B 112 -34.67 23.14 18.08
C LEU B 112 -33.87 22.51 19.22
N THR B 113 -33.38 21.31 18.99
CA THR B 113 -32.49 20.65 19.93
C THR B 113 -31.18 21.43 20.03
N PRO B 114 -30.77 21.88 21.22
CA PRO B 114 -29.66 22.83 21.31
C PRO B 114 -28.35 22.14 20.99
N PRO B 115 -27.32 22.89 20.58
CA PRO B 115 -26.12 22.22 20.05
C PRO B 115 -25.35 21.45 21.10
N HIS B 116 -25.20 21.98 22.32
CA HIS B 116 -24.53 21.22 23.36
C HIS B 116 -25.40 20.12 23.95
N GLU B 117 -26.73 20.24 23.82
CA GLU B 117 -27.62 19.13 24.11
C GLU B 117 -27.56 18.05 23.02
N CYS B 118 -27.08 18.41 21.84
CA CYS B 118 -27.06 17.49 20.70
C CYS B 118 -25.76 16.71 20.58
N ARG B 119 -24.68 17.17 21.21
CA ARG B 119 -23.40 16.48 21.16
C ARG B 119 -23.21 15.50 22.32
N LEU B 120 -24.09 15.52 23.31
CA LEU B 120 -24.03 14.56 24.42
C LEU B 120 -24.88 13.33 24.16
N ARG B 121 -25.52 13.22 22.99
CA ARG B 121 -26.42 12.10 22.69
C ARG B 121 -26.08 11.44 21.36
N ASP B 122 -24.98 11.82 20.72
CA ASP B 122 -24.59 11.34 19.40
C ASP B 122 -25.71 11.53 18.38
N MET B 123 -26.30 12.72 18.38
CA MET B 123 -27.29 13.13 17.40
C MET B 123 -26.69 14.16 16.46
N THR B 124 -27.34 14.35 15.32
CA THR B 124 -26.90 15.36 14.37
C THR B 124 -27.65 16.67 14.64
N TYR B 125 -26.93 17.79 14.50
CA TYR B 125 -27.52 19.11 14.69
C TYR B 125 -28.02 19.59 13.33
N SER B 126 -29.34 19.59 13.15
CA SER B 126 -29.89 19.75 11.80
C SER B 126 -31.25 20.42 11.86
N ALA B 127 -31.67 20.95 10.71
CA ALA B 127 -32.94 21.63 10.54
C ALA B 127 -33.62 21.10 9.28
N PRO B 128 -34.94 20.93 9.31
CA PRO B 128 -35.61 20.23 8.21
C PRO B 128 -35.85 21.11 6.98
N ILE B 129 -35.79 20.46 5.82
CA ILE B 129 -36.11 21.12 4.55
C ILE B 129 -37.62 21.08 4.34
N TYR B 130 -38.21 22.24 4.08
CA TYR B 130 -39.62 22.30 3.72
C TYR B 130 -39.75 22.74 2.27
N VAL B 131 -40.66 22.11 1.53
CA VAL B 131 -41.04 22.53 0.20
C VAL B 131 -42.54 22.80 0.17
N ASP B 132 -42.98 23.43 -0.92
CA ASP B 132 -44.39 23.57 -1.22
C ASP B 132 -44.65 23.01 -2.61
N ILE B 133 -45.82 22.39 -2.78
CA ILE B 133 -46.10 21.61 -3.99
C ILE B 133 -47.56 21.85 -4.41
N GLU B 134 -47.80 21.73 -5.71
CA GLU B 134 -49.13 21.47 -6.23
C GLU B 134 -49.06 20.34 -7.25
N TYR B 135 -50.13 19.56 -7.33
CA TYR B 135 -50.10 18.30 -8.06
C TYR B 135 -51.51 17.91 -8.44
N THR B 136 -51.60 16.90 -9.31
CA THR B 136 -52.87 16.43 -9.87
C THR B 136 -53.37 15.27 -9.02
N ARG B 137 -54.29 15.54 -8.10
CA ARG B 137 -54.87 14.46 -7.30
C ARG B 137 -55.84 13.62 -8.13
N GLY B 138 -56.62 14.27 -9.00
CA GLY B 138 -57.79 13.62 -9.56
C GLY B 138 -58.69 14.56 -10.34
N ARG B 139 -59.96 14.61 -9.95
CA ARG B 139 -60.91 15.58 -10.49
C ARG B 139 -60.34 16.98 -10.53
N ASN B 140 -59.60 17.37 -9.49
CA ASN B 140 -59.10 18.73 -9.36
C ASN B 140 -57.68 18.69 -8.82
N ILE B 141 -56.86 19.65 -9.25
CA ILE B 141 -55.50 19.78 -8.74
C ILE B 141 -55.53 20.45 -7.37
N ILE B 142 -54.48 20.21 -6.59
CA ILE B 142 -54.44 20.55 -5.18
C ILE B 142 -53.05 21.02 -4.81
N MET B 143 -52.97 22.11 -4.05
CA MET B 143 -51.71 22.74 -3.67
C MET B 143 -51.52 22.59 -2.17
N HIS B 144 -50.52 21.81 -1.77
CA HIS B 144 -50.29 21.46 -0.37
C HIS B 144 -48.92 21.98 0.06
N LYS B 145 -48.86 22.59 1.24
CA LYS B 145 -47.67 23.26 1.71
C LYS B 145 -46.96 22.46 2.80
N ASP B 146 -45.66 22.74 2.96
CA ASP B 146 -44.84 22.28 4.07
C ASP B 146 -44.78 20.75 4.11
N VAL B 147 -44.17 20.19 3.07
CA VAL B 147 -43.94 18.75 2.96
C VAL B 147 -42.52 18.46 3.43
N GLU B 148 -42.40 17.57 4.43
CA GLU B 148 -41.10 17.21 4.97
C GLU B 148 -40.39 16.25 4.03
N ILE B 149 -39.24 16.66 3.49
CA ILE B 149 -38.48 15.82 2.58
C ILE B 149 -37.07 15.52 3.08
N GLY B 150 -36.68 16.05 4.22
CA GLY B 150 -35.33 15.85 4.71
C GLY B 150 -35.00 16.81 5.83
N ARG B 151 -33.76 16.70 6.32
CA ARG B 151 -33.28 17.53 7.41
C ARG B 151 -31.89 18.01 7.08
N MET B 152 -31.73 19.29 6.79
CA MET B 152 -30.44 19.87 6.44
C MET B 152 -29.62 20.09 7.71
N PRO B 153 -28.37 19.66 7.75
CA PRO B 153 -27.50 20.09 8.85
C PRO B 153 -27.08 21.54 8.67
N ILE B 154 -26.98 22.26 9.78
CA ILE B 154 -26.69 23.68 9.78
C ILE B 154 -25.54 23.96 10.73
N MET B 155 -24.57 24.75 10.28
CA MET B 155 -23.37 25.02 11.04
C MET B 155 -23.63 26.10 12.08
N LEU B 156 -22.81 26.10 13.13
CA LEU B 156 -23.03 26.96 14.27
C LEU B 156 -22.70 28.41 13.95
N ARG B 157 -23.39 29.32 14.64
CA ARG B 157 -23.36 30.77 14.46
C ARG B 157 -23.84 31.21 13.09
N SER B 158 -24.47 30.32 12.32
CA SER B 158 -25.21 30.76 11.15
C SER B 158 -26.53 31.40 11.58
N ASN B 159 -27.20 32.06 10.63
CA ASN B 159 -28.43 32.75 11.01
C ASN B 159 -29.64 31.84 11.07
N LYS B 160 -29.50 30.56 10.74
CA LYS B 160 -30.57 29.59 10.90
C LYS B 160 -30.51 28.81 12.21
N CYS B 161 -29.42 28.92 12.97
CA CYS B 161 -29.32 28.27 14.26
C CYS B 161 -29.56 29.26 15.40
N ILE B 162 -29.80 28.70 16.59
CA ILE B 162 -30.29 29.49 17.72
C ILE B 162 -29.22 30.38 18.33
N LEU B 163 -27.96 30.20 17.94
CA LEU B 163 -26.84 30.95 18.50
C LEU B 163 -26.57 32.25 17.75
N TYR B 164 -27.43 32.62 16.80
CA TYR B 164 -27.22 33.82 15.99
C TYR B 164 -27.66 35.05 16.77
N ASP B 165 -26.69 35.89 17.14
CA ASP B 165 -26.93 37.11 17.92
C ASP B 165 -27.56 36.79 19.28
N ALA B 166 -26.78 36.12 20.11
CA ALA B 166 -27.08 35.99 21.53
C ALA B 166 -26.11 36.81 22.34
N ASP B 167 -26.46 37.03 23.61
CA ASP B 167 -25.87 38.10 24.42
C ASP B 167 -25.49 37.57 25.80
N GLU B 168 -24.81 36.43 25.85
CA GLU B 168 -24.22 35.87 27.06
C GLU B 168 -25.26 35.58 28.15
N SER B 169 -26.55 35.69 27.84
CA SER B 169 -27.62 35.25 28.72
C SER B 169 -28.46 34.16 28.10
N LYS B 170 -28.88 34.32 26.83
CA LYS B 170 -29.39 33.18 26.09
C LYS B 170 -28.32 32.11 25.91
N MET B 171 -27.08 32.53 25.66
CA MET B 171 -26.00 31.60 25.43
C MET B 171 -25.49 30.95 26.70
N ALA B 172 -25.70 31.58 27.86
CA ALA B 172 -25.42 30.92 29.13
C ALA B 172 -26.48 29.87 29.45
N LYS B 173 -27.72 30.07 29.00
CA LYS B 173 -28.76 29.08 29.21
C LYS B 173 -28.47 27.81 28.43
N LEU B 174 -27.86 27.96 27.25
CA LEU B 174 -27.55 26.86 26.35
C LEU B 174 -26.18 26.25 26.63
N ASN B 175 -25.56 26.63 27.75
CA ASN B 175 -24.20 26.30 28.19
C ASN B 175 -23.20 26.12 27.04
N GLU B 176 -23.16 27.11 26.14
CA GLU B 176 -22.22 27.14 25.04
C GLU B 176 -21.27 28.32 25.24
N CYS B 177 -20.05 28.18 24.73
CA CYS B 177 -19.05 29.19 25.01
C CYS B 177 -19.32 30.46 24.20
N PRO B 178 -19.14 31.64 24.79
CA PRO B 178 -19.19 32.88 23.99
C PRO B 178 -18.02 33.03 23.05
N LEU B 179 -16.84 32.56 23.43
CA LEU B 179 -15.62 32.75 22.66
C LEU B 179 -15.41 31.67 21.61
N ASP B 180 -16.37 30.77 21.42
CA ASP B 180 -16.21 29.73 20.42
C ASP B 180 -16.32 30.34 19.02
N PRO B 181 -15.50 29.88 18.07
CA PRO B 181 -15.57 30.45 16.72
C PRO B 181 -16.88 30.14 16.00
N GLY B 182 -17.30 28.87 16.06
CA GLY B 182 -18.42 28.41 15.27
C GLY B 182 -18.00 28.03 13.87
N GLY B 183 -18.91 27.36 13.17
CA GLY B 183 -18.65 27.06 11.78
C GLY B 183 -18.39 25.60 11.48
N TYR B 184 -19.05 24.69 12.22
CA TYR B 184 -18.68 23.28 12.14
C TYR B 184 -19.87 22.43 12.56
N PHE B 185 -20.09 21.34 11.84
CA PHE B 185 -21.23 20.47 12.06
C PHE B 185 -20.98 19.56 13.26
N ILE B 186 -22.06 19.14 13.91
CA ILE B 186 -22.00 18.22 15.04
C ILE B 186 -22.71 16.93 14.66
N VAL B 187 -22.45 16.43 13.45
CA VAL B 187 -23.12 15.22 12.99
C VAL B 187 -22.76 14.05 13.90
N ASN B 188 -23.80 13.45 14.49
CA ASN B 188 -23.82 12.29 15.39
C ASN B 188 -22.62 12.18 16.33
N GLY B 189 -22.44 13.16 17.20
CA GLY B 189 -21.30 13.15 18.11
C GLY B 189 -20.14 14.06 17.73
N THR B 190 -19.18 13.48 17.01
CA THR B 190 -18.00 14.21 16.56
C THR B 190 -18.38 15.47 15.80
N GLU B 191 -17.49 16.47 15.86
CA GLU B 191 -17.75 17.79 15.30
C GLU B 191 -16.71 18.08 14.23
N LYS B 192 -17.19 18.26 13.00
CA LYS B 192 -16.32 18.28 11.83
C LYS B 192 -16.48 19.59 11.07
N VAL B 193 -15.51 19.85 10.18
CA VAL B 193 -15.38 21.13 9.52
C VAL B 193 -14.97 20.88 8.07
N ILE B 194 -15.73 21.43 7.13
CA ILE B 194 -15.37 21.35 5.73
C ILE B 194 -14.21 22.32 5.47
N LEU B 195 -13.14 21.81 4.84
CA LEU B 195 -11.95 22.60 4.60
C LEU B 195 -12.01 23.30 3.26
N VAL B 196 -11.38 24.47 3.20
CA VAL B 196 -11.39 25.33 2.02
C VAL B 196 -10.43 24.72 0.99
N GLN B 197 -10.97 23.95 0.05
CA GLN B 197 -10.13 23.40 -1.01
C GLN B 197 -9.77 24.50 -2.01
N GLU B 198 -8.76 24.21 -2.83
CA GLU B 198 -8.46 25.03 -3.99
C GLU B 198 -7.88 24.16 -5.09
N GLN B 199 -8.05 24.60 -6.33
CA GLN B 199 -7.52 23.90 -7.49
C GLN B 199 -7.03 24.96 -8.47
N LEU B 200 -6.70 24.53 -9.69
CA LEU B 200 -6.33 25.46 -10.73
C LEU B 200 -7.57 26.23 -11.21
N SER B 201 -7.33 27.32 -11.93
CA SER B 201 -8.43 28.16 -12.40
C SER B 201 -9.14 27.45 -13.54
N LYS B 202 -10.40 27.07 -13.32
CA LYS B 202 -11.22 26.58 -14.41
C LYS B 202 -11.56 27.71 -15.39
N ASN B 203 -11.89 27.30 -16.61
CA ASN B 203 -12.34 28.21 -17.67
C ASN B 203 -11.26 29.21 -18.07
N ARG B 204 -9.99 28.84 -17.94
CA ARG B 204 -8.89 29.66 -18.40
C ARG B 204 -7.77 28.76 -18.89
N ILE B 205 -6.83 29.35 -19.62
CA ILE B 205 -5.79 28.60 -20.30
C ILE B 205 -4.46 28.86 -19.59
N ILE B 206 -3.55 27.90 -19.69
CA ILE B 206 -2.19 28.03 -19.17
C ILE B 206 -1.23 27.50 -20.22
N VAL B 207 -0.10 28.19 -20.39
CA VAL B 207 0.91 27.75 -21.35
C VAL B 207 1.92 26.88 -20.62
N GLU B 208 2.54 25.97 -21.37
CA GLU B 208 3.35 24.91 -20.79
C GLU B 208 4.59 24.72 -21.67
N ALA B 209 5.67 24.22 -21.06
CA ALA B 209 6.86 23.84 -21.82
C ALA B 209 7.40 22.52 -21.31
N ASP B 210 7.96 21.74 -22.24
CA ASP B 210 8.73 20.55 -21.90
C ASP B 210 9.75 20.32 -23.00
N GLU B 211 10.88 19.71 -22.66
CA GLU B 211 11.93 19.48 -23.64
C GLU B 211 11.70 18.18 -24.42
N LYS B 212 11.57 17.07 -23.70
CA LYS B 212 11.51 15.76 -24.35
C LYS B 212 10.12 15.44 -24.92
N LYS B 213 9.14 16.30 -24.69
CA LYS B 213 7.75 16.02 -25.02
C LYS B 213 7.12 17.05 -25.95
N GLY B 214 7.88 18.04 -26.41
CA GLY B 214 7.25 19.20 -26.98
C GLY B 214 6.53 19.99 -25.89
N ILE B 215 5.61 20.86 -26.33
CA ILE B 215 4.83 21.67 -25.42
C ILE B 215 3.36 21.34 -25.57
N VAL B 216 2.59 21.61 -24.53
CA VAL B 216 1.17 21.32 -24.48
C VAL B 216 0.44 22.62 -24.16
N GLN B 217 -0.87 22.63 -24.39
CA GLN B 217 -1.73 23.76 -24.01
C GLN B 217 -3.00 23.21 -23.38
N ALA B 218 -2.99 23.01 -22.07
CA ALA B 218 -4.21 22.61 -21.39
C ALA B 218 -5.16 23.80 -21.30
N SER B 219 -6.45 23.53 -21.50
CA SER B 219 -7.48 24.55 -21.28
C SER B 219 -8.75 23.83 -20.82
N VAL B 220 -8.90 23.69 -19.52
CA VAL B 220 -10.02 22.96 -18.96
C VAL B 220 -11.21 23.90 -18.84
N THR B 221 -12.41 23.37 -19.08
CA THR B 221 -13.63 24.16 -19.02
C THR B 221 -14.74 23.30 -18.42
N SER B 222 -15.45 23.85 -17.45
CA SER B 222 -16.50 23.12 -16.73
C SER B 222 -17.74 24.01 -16.65
N SER B 223 -18.57 23.96 -17.69
CA SER B 223 -19.91 24.49 -17.59
C SER B 223 -20.75 23.58 -16.70
N THR B 224 -21.69 24.19 -15.97
CA THR B 224 -22.28 23.52 -14.82
C THR B 224 -23.23 22.36 -15.19
N HIS B 225 -23.34 21.86 -16.42
CA HIS B 225 -24.27 20.78 -16.73
C HIS B 225 -23.55 19.65 -17.46
N GLU B 226 -23.06 18.67 -16.69
CA GLU B 226 -22.51 17.42 -17.18
C GLU B 226 -21.13 17.57 -17.81
N ARG B 227 -20.68 18.81 -18.04
CA ARG B 227 -19.51 19.05 -18.87
C ARG B 227 -18.24 19.08 -18.03
N LYS B 228 -17.34 18.15 -18.31
CA LYS B 228 -15.97 18.14 -17.76
C LYS B 228 -15.04 17.85 -18.94
N SER B 229 -14.52 18.90 -19.57
CA SER B 229 -13.77 18.77 -20.81
C SER B 229 -12.53 19.66 -20.77
N LYS B 230 -11.40 19.10 -21.16
CA LYS B 230 -10.16 19.85 -21.34
C LYS B 230 -9.62 19.61 -22.74
N THR B 231 -9.12 20.66 -23.36
CA THR B 231 -8.58 20.62 -24.72
C THR B 231 -7.08 20.89 -24.71
N TYR B 232 -6.39 20.33 -25.70
CA TYR B 232 -4.94 20.45 -25.81
C TYR B 232 -4.57 20.99 -27.18
N VAL B 233 -3.55 21.84 -27.20
CA VAL B 233 -3.00 22.39 -28.44
C VAL B 233 -1.52 21.98 -28.47
N ILE B 234 -1.23 20.85 -29.09
CA ILE B 234 0.08 20.22 -28.98
C ILE B 234 0.86 20.44 -30.26
N THR B 235 2.18 20.30 -30.16
CA THR B 235 3.11 20.44 -31.28
C THR B 235 3.84 19.12 -31.48
N LYS B 236 3.54 18.43 -32.57
CA LYS B 236 4.33 17.29 -33.02
C LYS B 236 5.32 17.75 -34.09
N ASN B 237 6.60 17.56 -33.81
CA ASN B 237 7.77 17.87 -34.65
C ASN B 237 7.62 19.13 -35.50
N GLY B 238 7.15 20.22 -34.92
CA GLY B 238 7.06 21.48 -35.64
C GLY B 238 5.73 21.79 -36.28
N LYS B 239 4.64 21.19 -35.80
CA LYS B 239 3.33 21.39 -36.40
C LYS B 239 2.29 21.53 -35.31
N ILE B 240 1.41 22.51 -35.44
CA ILE B 240 0.39 22.74 -34.43
C ILE B 240 -0.77 21.78 -34.66
N TYR B 241 -1.31 21.23 -33.56
CA TYR B 241 -2.48 20.37 -33.63
C TYR B 241 -3.52 20.77 -32.59
N LEU B 242 -4.57 19.96 -32.46
CA LEU B 242 -5.61 20.20 -31.46
C LEU B 242 -6.25 18.86 -31.18
N LYS B 243 -5.97 18.29 -30.01
CA LYS B 243 -6.53 17.00 -29.61
C LYS B 243 -7.52 17.17 -28.47
N HIS B 244 -8.40 16.18 -28.35
CA HIS B 244 -9.44 16.16 -27.32
C HIS B 244 -9.85 14.72 -27.10
N ASN B 245 -10.38 14.44 -25.90
CA ASN B 245 -10.68 13.07 -25.49
C ASN B 245 -12.07 12.64 -25.91
N SER B 246 -12.64 13.29 -26.92
CA SER B 246 -13.80 12.78 -27.64
C SER B 246 -13.56 12.68 -29.14
N ILE B 247 -12.38 13.10 -29.60
CA ILE B 247 -11.98 12.97 -31.00
C ILE B 247 -10.95 11.83 -31.09
N ALA B 248 -11.16 10.93 -32.05
CA ALA B 248 -10.36 9.71 -32.11
C ALA B 248 -8.90 10.01 -32.45
N GLU B 249 -8.64 11.11 -33.17
CA GLU B 249 -7.27 11.49 -33.48
C GLU B 249 -7.06 12.98 -33.17
N GLU B 250 -5.92 13.52 -33.58
CA GLU B 250 -5.70 14.96 -33.53
C GLU B 250 -6.05 15.62 -34.85
N ILE B 251 -6.27 16.93 -34.80
CA ILE B 251 -6.59 17.72 -35.97
C ILE B 251 -5.69 18.95 -36.00
N PRO B 252 -4.96 19.19 -37.09
CA PRO B 252 -4.17 20.43 -37.19
C PRO B 252 -5.09 21.64 -37.36
N ILE B 253 -4.63 22.77 -36.83
CA ILE B 253 -5.55 23.85 -36.49
C ILE B 253 -6.06 24.59 -37.72
N ALA B 254 -5.37 24.45 -38.86
CA ALA B 254 -5.85 25.10 -40.09
C ALA B 254 -7.18 24.54 -40.56
N ILE B 255 -7.52 23.32 -40.17
CA ILE B 255 -8.88 22.80 -40.39
C ILE B 255 -9.87 23.49 -39.47
N VAL B 256 -9.56 23.57 -38.17
CA VAL B 256 -10.56 23.97 -37.18
C VAL B 256 -10.75 25.48 -37.10
N LEU B 257 -10.08 26.24 -37.97
CA LEU B 257 -10.38 27.66 -38.15
C LEU B 257 -11.11 27.95 -39.44
N LYS B 258 -10.87 27.17 -40.50
CA LYS B 258 -11.76 27.16 -41.64
C LYS B 258 -13.10 26.52 -41.31
N ALA B 259 -13.15 25.68 -40.28
CA ALA B 259 -14.41 25.14 -39.78
C ALA B 259 -15.26 26.18 -39.10
N CYS B 260 -14.65 27.26 -38.61
CA CYS B 260 -15.36 28.32 -37.90
C CYS B 260 -15.56 29.57 -38.75
N GLY B 261 -15.23 29.51 -40.05
CA GLY B 261 -15.49 30.58 -40.99
C GLY B 261 -14.25 31.30 -41.47
N ILE B 262 -13.20 31.35 -40.65
CA ILE B 262 -11.96 32.01 -41.04
C ILE B 262 -11.25 31.12 -42.04
N LEU B 263 -11.44 31.40 -43.33
CA LEU B 263 -11.12 30.43 -44.37
C LEU B 263 -10.09 30.92 -45.38
N SER B 264 -9.95 32.24 -45.58
CA SER B 264 -9.23 32.76 -46.73
C SER B 264 -7.72 32.58 -46.64
N ASP B 265 -7.22 32.03 -45.53
CA ASP B 265 -5.89 31.43 -45.43
C ASP B 265 -4.79 32.50 -45.44
N LEU B 266 -5.16 33.74 -45.73
CA LEU B 266 -4.36 34.89 -45.31
C LEU B 266 -4.83 35.42 -43.98
N GLU B 267 -6.11 35.19 -43.65
CA GLU B 267 -6.67 35.65 -42.40
C GLU B 267 -6.15 34.81 -41.24
N ILE B 268 -5.73 33.58 -41.50
CA ILE B 268 -5.14 32.72 -40.47
C ILE B 268 -3.84 33.34 -39.97
N MET B 269 -2.88 33.53 -40.87
CA MET B 269 -1.60 34.14 -40.50
C MET B 269 -1.78 35.57 -40.01
N GLN B 270 -2.81 36.26 -40.51
CA GLN B 270 -3.07 37.63 -40.09
C GLN B 270 -3.56 37.70 -38.65
N LEU B 271 -4.21 36.64 -38.17
CA LEU B 271 -4.62 36.54 -36.77
C LEU B 271 -3.53 35.99 -35.88
N VAL B 272 -2.91 34.88 -36.28
CA VAL B 272 -1.95 34.20 -35.42
C VAL B 272 -0.66 35.01 -35.29
N CYS B 273 -0.06 35.38 -36.42
CA CYS B 273 1.32 35.86 -36.41
C CYS B 273 1.43 37.37 -36.17
N GLY B 274 0.81 38.17 -37.02
CA GLY B 274 1.06 39.59 -37.02
C GLY B 274 1.77 40.01 -38.28
N ASN B 275 2.75 40.92 -38.17
CA ASN B 275 3.50 41.35 -39.34
C ASN B 275 4.91 41.77 -38.93
N ASP B 276 5.82 41.67 -39.89
CA ASP B 276 7.25 41.96 -39.72
C ASP B 276 7.83 41.23 -38.52
N SER B 277 7.84 39.90 -38.61
CA SER B 277 8.17 39.07 -37.46
C SER B 277 8.77 37.76 -37.94
N SER B 278 9.30 36.98 -37.00
CA SER B 278 9.71 35.61 -37.26
C SER B 278 8.58 34.61 -37.03
N TYR B 279 7.41 35.09 -36.57
CA TYR B 279 6.27 34.22 -36.32
C TYR B 279 5.67 33.69 -37.61
N GLN B 280 5.81 34.42 -38.72
CA GLN B 280 5.42 33.90 -40.03
C GLN B 280 6.26 32.70 -40.44
N ASP B 281 7.50 32.60 -39.96
CA ASP B 281 8.37 31.51 -40.42
C ASP B 281 8.13 30.23 -39.63
N ILE B 282 7.85 30.34 -38.33
CA ILE B 282 7.57 29.16 -37.52
C ILE B 282 6.21 28.57 -37.89
N PHE B 283 5.24 29.44 -38.20
CA PHE B 283 3.86 29.01 -38.46
C PHE B 283 3.65 28.53 -39.89
N ALA B 284 4.61 28.74 -40.78
CA ALA B 284 4.40 28.58 -42.22
C ALA B 284 4.22 27.12 -42.63
N VAL B 285 4.51 26.16 -41.75
CA VAL B 285 4.32 24.76 -42.10
C VAL B 285 2.84 24.40 -42.11
N ASN B 286 2.06 24.99 -41.19
CA ASN B 286 0.66 24.60 -41.03
C ASN B 286 -0.22 25.13 -42.16
N LEU B 287 0.28 26.05 -42.98
CA LEU B 287 -0.53 26.59 -44.08
C LEU B 287 -0.69 25.59 -45.22
N GLU B 288 0.37 24.83 -45.53
CA GLU B 288 0.33 23.93 -46.66
C GLU B 288 -0.42 22.64 -46.39
N GLU B 289 -0.84 22.40 -45.14
CA GLU B 289 -1.66 21.23 -44.85
C GLU B 289 -3.13 21.45 -45.18
N SER B 290 -3.52 22.67 -45.53
CA SER B 290 -4.76 22.89 -46.26
C SER B 290 -4.63 22.42 -47.71
N SER B 291 -3.44 22.55 -48.30
CA SER B 291 -3.23 22.08 -49.66
C SER B 291 -3.16 20.55 -49.73
N LYS B 292 -2.67 19.90 -48.68
CA LYS B 292 -2.66 18.43 -48.67
C LYS B 292 -4.06 17.88 -48.56
N LEU B 293 -4.83 18.34 -47.56
CA LEU B 293 -6.16 17.79 -47.33
C LEU B 293 -7.19 18.32 -48.32
N ASP B 294 -6.87 19.42 -49.02
CA ASP B 294 -7.62 19.89 -50.18
C ASP B 294 -9.07 20.21 -49.81
N ILE B 295 -9.21 21.23 -48.96
CA ILE B 295 -10.50 21.54 -48.36
C ILE B 295 -10.95 22.91 -48.81
N TYR B 296 -10.17 23.94 -48.46
CA TYR B 296 -10.19 25.24 -49.11
C TYR B 296 -11.46 26.05 -48.86
N THR B 297 -12.45 25.48 -48.19
CA THR B 297 -13.72 26.18 -48.04
C THR B 297 -14.44 25.74 -46.77
N GLN B 298 -15.27 26.64 -46.24
CA GLN B 298 -15.87 26.47 -44.93
C GLN B 298 -16.92 25.37 -44.92
N GLN B 299 -17.54 25.09 -46.07
CA GLN B 299 -18.47 23.97 -46.18
C GLN B 299 -17.73 22.63 -46.10
N GLN B 300 -16.64 22.48 -46.85
CA GLN B 300 -15.86 21.25 -46.79
C GLN B 300 -15.05 21.13 -45.50
N ALA B 301 -14.95 22.20 -44.71
CA ALA B 301 -14.07 22.20 -43.55
C ALA B 301 -14.65 21.40 -42.40
N LEU B 302 -15.98 21.38 -42.25
CA LEU B 302 -16.59 20.77 -41.09
C LEU B 302 -16.43 19.25 -41.10
N GLU B 303 -16.85 18.60 -42.19
CA GLU B 303 -17.03 17.15 -42.20
C GLU B 303 -15.73 16.37 -42.05
N TYR B 304 -14.58 17.04 -42.15
CA TYR B 304 -13.32 16.36 -41.84
C TYR B 304 -13.16 16.12 -40.34
N ILE B 305 -13.79 16.95 -39.50
CA ILE B 305 -13.76 16.72 -38.07
C ILE B 305 -14.59 15.49 -37.71
N GLY B 306 -15.88 15.52 -38.04
CA GLY B 306 -16.80 14.48 -37.64
C GLY B 306 -16.69 13.16 -38.39
N ALA B 307 -15.84 13.11 -39.42
CA ALA B 307 -15.47 11.83 -40.01
C ALA B 307 -14.70 10.96 -39.03
N LYS B 308 -13.87 11.57 -38.18
CA LYS B 308 -13.09 10.83 -37.19
C LYS B 308 -13.44 11.24 -35.76
N VAL B 309 -14.64 11.75 -35.52
CA VAL B 309 -15.15 11.91 -34.16
C VAL B 309 -15.50 10.54 -33.59
N LYS B 310 -15.21 10.34 -32.31
CA LYS B 310 -15.74 9.21 -31.57
C LYS B 310 -17.23 9.43 -31.33
N THR B 311 -18.06 8.66 -32.03
CA THR B 311 -19.50 8.85 -31.99
C THR B 311 -20.08 8.37 -30.67
N MET B 312 -20.67 9.30 -29.91
CA MET B 312 -21.35 8.93 -28.68
C MET B 312 -22.69 8.27 -29.02
N ARG B 313 -23.04 7.25 -28.24
CA ARG B 313 -24.21 6.43 -28.55
C ARG B 313 -25.48 7.23 -28.27
N ARG B 314 -26.14 7.67 -29.34
CA ARG B 314 -27.29 8.57 -29.22
C ARG B 314 -28.59 7.79 -29.07
N GLN B 315 -28.59 6.51 -29.42
CA GLN B 315 -29.70 5.57 -29.40
C GLN B 315 -30.70 5.84 -30.51
N LYS B 316 -30.52 6.95 -31.24
CA LYS B 316 -31.28 7.20 -32.46
C LYS B 316 -30.37 7.42 -33.66
N LEU B 317 -29.32 8.21 -33.48
CA LEU B 317 -28.30 8.51 -34.49
C LEU B 317 -28.92 9.11 -35.76
N THR B 318 -29.44 10.33 -35.60
CA THR B 318 -29.98 11.08 -36.73
C THR B 318 -28.84 11.76 -37.50
N ILE B 319 -27.63 11.19 -37.43
CA ILE B 319 -26.44 11.91 -37.83
C ILE B 319 -26.54 12.40 -39.28
N LEU B 320 -26.40 13.71 -39.45
CA LEU B 320 -26.58 14.35 -40.74
C LEU B 320 -25.38 14.15 -41.64
N GLN B 321 -24.19 14.06 -41.02
CA GLN B 321 -22.88 14.31 -41.59
C GLN B 321 -22.74 15.78 -42.00
N GLU B 322 -23.59 16.62 -41.42
CA GLU B 322 -23.52 18.07 -41.58
C GLU B 322 -23.72 18.82 -40.26
N GLY B 323 -24.41 18.22 -39.29
CA GLY B 323 -24.74 18.84 -38.02
C GLY B 323 -23.93 18.27 -36.87
N ILE B 324 -23.38 17.07 -37.07
CA ILE B 324 -22.53 16.44 -36.07
C ILE B 324 -21.18 17.15 -36.00
N GLU B 325 -20.80 17.85 -37.07
CA GLU B 325 -19.61 18.68 -37.04
C GLU B 325 -19.91 20.10 -36.60
N ALA B 326 -21.13 20.58 -36.90
CA ALA B 326 -21.54 21.90 -36.43
C ALA B 326 -21.74 21.92 -34.92
N ILE B 327 -22.07 20.77 -34.32
CA ILE B 327 -22.07 20.67 -32.86
C ILE B 327 -20.70 20.26 -32.32
N ALA B 328 -19.81 19.75 -33.18
CA ALA B 328 -18.44 19.49 -32.74
C ALA B 328 -17.68 20.78 -32.51
N THR B 329 -18.19 21.90 -33.02
CA THR B 329 -17.77 23.24 -32.64
C THR B 329 -18.74 23.85 -31.64
N THR B 330 -19.45 23.01 -30.89
CA THR B 330 -20.19 23.42 -29.71
C THR B 330 -19.79 22.64 -28.46
N VAL B 331 -19.57 21.33 -28.56
CA VAL B 331 -18.97 20.61 -27.44
C VAL B 331 -17.46 20.62 -27.65
N ILE B 332 -16.86 21.80 -27.47
CA ILE B 332 -15.42 22.00 -27.38
C ILE B 332 -15.23 23.43 -26.89
N ALA B 333 -14.28 23.63 -25.97
CA ALA B 333 -13.95 24.96 -25.46
C ALA B 333 -15.22 25.69 -24.98
N HIS B 334 -15.81 25.13 -23.92
CA HIS B 334 -17.16 25.45 -23.48
C HIS B 334 -17.25 26.79 -22.76
N LEU B 335 -16.16 27.57 -22.74
CA LEU B 335 -16.26 29.00 -22.43
C LEU B 335 -17.37 29.68 -23.24
N THR B 336 -17.24 29.68 -24.56
CA THR B 336 -18.11 30.45 -25.44
C THR B 336 -19.00 29.51 -26.25
N VAL B 337 -20.28 29.83 -26.32
CA VAL B 337 -21.21 29.16 -27.21
C VAL B 337 -21.62 30.13 -28.31
N GLU B 338 -22.13 29.58 -29.40
CA GLU B 338 -22.40 30.32 -30.62
C GLU B 338 -23.90 30.29 -30.93
N ALA B 339 -24.32 31.20 -31.80
CA ALA B 339 -25.63 31.11 -32.43
C ALA B 339 -25.56 30.69 -33.89
N LEU B 340 -24.93 31.49 -34.74
CA LEU B 340 -24.89 31.19 -36.18
C LEU B 340 -23.50 31.36 -36.77
N ASP B 341 -22.74 32.36 -36.32
CA ASP B 341 -21.62 32.89 -37.09
C ASP B 341 -20.32 32.12 -36.88
N PHE B 342 -20.21 31.39 -35.77
CA PHE B 342 -19.00 30.66 -35.37
C PHE B 342 -17.78 31.58 -35.21
N ARG B 343 -17.99 32.89 -35.13
CA ARG B 343 -16.88 33.81 -35.35
C ARG B 343 -16.06 34.01 -34.07
N GLU B 344 -16.74 34.30 -32.96
CA GLU B 344 -16.05 34.62 -31.71
C GLU B 344 -15.34 33.41 -31.13
N LYS B 345 -15.79 32.21 -31.45
CA LYS B 345 -15.07 30.99 -31.10
C LYS B 345 -13.79 30.80 -31.92
N ALA B 346 -13.73 31.38 -33.11
CA ALA B 346 -12.56 31.16 -33.97
C ALA B 346 -11.34 31.90 -33.44
N LEU B 347 -11.44 33.23 -33.29
CA LEU B 347 -10.27 33.99 -32.83
C LEU B 347 -10.01 33.87 -31.34
N TYR B 348 -10.81 33.07 -30.61
CA TYR B 348 -10.37 32.58 -29.32
C TYR B 348 -9.48 31.35 -29.45
N ILE B 349 -9.68 30.54 -30.50
CA ILE B 349 -8.71 29.51 -30.83
C ILE B 349 -7.43 30.13 -31.41
N ALA B 350 -7.56 31.27 -32.09
CA ALA B 350 -6.39 31.92 -32.66
C ALA B 350 -5.51 32.55 -31.59
N MET B 351 -6.12 33.12 -30.55
CA MET B 351 -5.33 33.59 -29.41
C MET B 351 -4.77 32.44 -28.59
N MET B 352 -5.41 31.26 -28.66
CA MET B 352 -4.88 30.10 -27.94
C MET B 352 -3.64 29.53 -28.63
N THR B 353 -3.54 29.71 -29.94
CA THR B 353 -2.43 29.19 -30.72
C THR B 353 -1.37 30.24 -31.05
N ARG B 354 -1.62 31.51 -30.74
CA ARG B 354 -0.57 32.51 -30.82
C ARG B 354 0.45 32.34 -29.70
N ARG B 355 -0.03 32.12 -28.48
CA ARG B 355 0.86 31.86 -27.36
C ARG B 355 1.50 30.49 -27.40
N VAL B 356 1.11 29.64 -28.35
CA VAL B 356 1.92 28.47 -28.67
C VAL B 356 3.16 28.88 -29.45
N VAL B 357 2.99 29.73 -30.45
CA VAL B 357 4.10 30.09 -31.34
C VAL B 357 5.12 30.94 -30.60
N MET B 358 4.64 31.89 -29.78
CA MET B 358 5.52 32.71 -28.96
C MET B 358 6.31 31.87 -27.97
N ALA B 359 5.72 30.77 -27.48
CA ALA B 359 6.45 29.87 -26.59
C ALA B 359 7.54 29.10 -27.34
N MET B 360 7.33 28.83 -28.63
CA MET B 360 8.37 28.18 -29.43
C MET B 360 9.45 29.15 -29.86
N TYR B 361 9.17 30.45 -29.84
CA TYR B 361 10.15 31.46 -30.22
C TYR B 361 11.17 31.69 -29.10
N ASN B 362 10.70 31.73 -27.86
CA ASN B 362 11.55 31.64 -26.68
C ASN B 362 10.77 30.98 -25.55
N PRO B 363 11.36 29.99 -24.86
CA PRO B 363 10.63 29.35 -23.76
C PRO B 363 10.71 30.12 -22.46
N LYS B 364 11.07 31.41 -22.53
CA LYS B 364 10.99 32.27 -21.36
C LYS B 364 9.60 32.87 -21.17
N MET B 365 8.74 32.77 -22.18
CA MET B 365 7.42 33.38 -22.14
C MET B 365 6.40 32.48 -21.44
N ILE B 366 6.80 31.29 -21.01
CA ILE B 366 5.88 30.29 -20.46
C ILE B 366 5.41 30.72 -19.08
N ASP B 367 4.38 30.04 -18.58
CA ASP B 367 3.75 30.35 -17.31
C ASP B 367 3.83 29.14 -16.39
N ASP B 368 3.90 29.41 -15.08
CA ASP B 368 3.83 28.38 -14.06
C ASP B 368 2.41 28.28 -13.53
N ARG B 369 2.01 27.07 -13.16
CA ARG B 369 0.72 26.83 -12.53
C ARG B 369 0.79 26.91 -11.00
N ASP B 370 1.78 27.60 -10.46
CA ASP B 370 1.92 27.79 -9.03
C ASP B 370 1.83 29.25 -8.63
N TYR B 371 1.74 30.16 -9.59
CA TYR B 371 1.48 31.56 -9.29
C TYR B 371 0.11 31.71 -8.65
N VAL B 372 0.00 32.64 -7.69
CA VAL B 372 -1.19 32.66 -6.84
C VAL B 372 -2.38 33.24 -7.58
N GLY B 373 -2.15 33.95 -8.69
CA GLY B 373 -3.24 34.39 -9.54
C GLY B 373 -3.93 33.27 -10.29
N ASN B 374 -3.30 32.10 -10.37
CA ASN B 374 -3.86 30.95 -11.07
C ASN B 374 -4.43 29.92 -10.09
N LYS B 375 -5.00 30.37 -8.99
CA LYS B 375 -5.58 29.50 -7.98
C LYS B 375 -6.96 30.04 -7.61
N ARG B 376 -7.94 29.14 -7.54
CA ARG B 376 -9.32 29.52 -7.23
C ARG B 376 -9.74 28.84 -5.94
N LEU B 377 -9.75 29.60 -4.86
CA LEU B 377 -10.25 29.10 -3.58
C LEU B 377 -11.76 28.93 -3.65
N GLU B 378 -12.26 27.86 -3.03
CA GLU B 378 -13.68 27.57 -3.08
C GLU B 378 -14.15 27.09 -1.71
N LEU B 379 -15.31 27.59 -1.29
CA LEU B 379 -15.72 27.56 0.10
C LEU B 379 -16.54 26.30 0.39
N ALA B 380 -17.24 26.29 1.53
CA ALA B 380 -18.08 25.16 1.90
C ALA B 380 -19.42 25.19 1.18
N GLY B 381 -20.16 26.30 1.32
CA GLY B 381 -21.53 26.34 0.84
C GLY B 381 -21.67 26.32 -0.67
N GLN B 382 -20.61 26.67 -1.39
CA GLN B 382 -20.59 26.49 -2.84
C GLN B 382 -19.94 25.18 -3.25
N LEU B 383 -19.68 24.29 -2.29
CA LEU B 383 -19.27 22.92 -2.55
C LEU B 383 -20.24 21.90 -1.98
N ILE B 384 -20.95 22.23 -0.89
CA ILE B 384 -22.06 21.42 -0.43
C ILE B 384 -23.24 21.49 -1.38
N SER B 385 -23.25 22.46 -2.29
CA SER B 385 -24.29 22.52 -3.31
C SER B 385 -24.01 21.61 -4.50
N LEU B 386 -22.75 21.24 -4.73
CA LEU B 386 -22.49 20.20 -5.72
C LEU B 386 -22.96 18.84 -5.22
N LEU B 387 -22.96 18.63 -3.92
CA LEU B 387 -23.41 17.37 -3.34
C LEU B 387 -24.94 17.30 -3.33
N PHE B 388 -25.60 18.41 -3.00
CA PHE B 388 -27.03 18.37 -2.68
C PHE B 388 -27.86 18.13 -3.93
N GLU B 389 -27.50 18.77 -5.04
CA GLU B 389 -28.27 18.57 -6.27
C GLU B 389 -28.01 17.20 -6.89
N ASP B 390 -26.93 16.53 -6.50
CA ASP B 390 -26.79 15.11 -6.82
C ASP B 390 -27.81 14.29 -6.03
N LEU B 391 -27.93 14.58 -4.73
CA LEU B 391 -28.90 13.90 -3.88
C LEU B 391 -30.34 14.24 -4.28
N PHE B 392 -30.57 15.48 -4.73
CA PHE B 392 -31.93 15.93 -4.96
C PHE B 392 -32.50 15.35 -6.26
N LYS B 393 -31.66 15.20 -7.28
CA LYS B 393 -32.15 14.55 -8.50
C LYS B 393 -32.26 13.04 -8.30
N LYS B 394 -31.46 12.47 -7.41
CA LYS B 394 -31.60 11.07 -7.06
C LYS B 394 -32.84 10.82 -6.20
N PHE B 395 -33.34 11.87 -5.54
CA PHE B 395 -34.61 11.79 -4.84
C PHE B 395 -35.78 11.60 -5.81
N ASN B 396 -35.97 12.57 -6.71
CA ASN B 396 -37.15 12.60 -7.58
C ASN B 396 -36.95 11.87 -8.91
N ASN B 397 -36.07 10.87 -8.95
CA ASN B 397 -36.18 9.84 -9.96
C ASN B 397 -36.24 8.43 -9.37
N ASP B 398 -36.16 8.29 -8.05
CA ASP B 398 -36.73 7.15 -7.36
C ASP B 398 -38.20 7.37 -7.02
N PHE B 399 -38.57 8.62 -6.72
CA PHE B 399 -39.95 8.98 -6.47
C PHE B 399 -40.79 8.97 -7.74
N LYS B 400 -40.17 9.13 -8.90
CA LYS B 400 -40.91 9.00 -10.16
C LYS B 400 -41.31 7.56 -10.42
N LEU B 401 -40.36 6.63 -10.33
CA LEU B 401 -40.68 5.26 -10.70
C LEU B 401 -41.47 4.53 -9.63
N SER B 402 -41.62 5.12 -8.43
CA SER B 402 -42.55 4.59 -7.43
C SER B 402 -43.98 5.00 -7.71
N ILE B 403 -44.20 6.04 -8.51
CA ILE B 403 -45.56 6.46 -8.85
C ILE B 403 -46.18 5.50 -9.85
N ASP B 404 -45.54 5.34 -11.01
CA ASP B 404 -46.14 4.58 -12.10
C ASP B 404 -46.13 3.08 -11.86
N LYS B 405 -45.36 2.61 -10.87
CA LYS B 405 -45.55 1.26 -10.36
C LYS B 405 -46.92 1.08 -9.73
N VAL B 406 -47.52 2.15 -9.21
CA VAL B 406 -48.92 2.11 -8.81
C VAL B 406 -49.84 2.53 -9.97
N LEU B 407 -49.41 3.48 -10.80
CA LEU B 407 -50.28 3.94 -11.88
C LEU B 407 -50.33 2.98 -13.06
N LYS B 408 -49.70 1.82 -12.98
CA LYS B 408 -49.94 0.75 -13.95
C LYS B 408 -51.02 -0.21 -13.47
N LYS B 409 -52.12 0.35 -13.00
CA LYS B 409 -53.26 -0.40 -12.49
C LYS B 409 -54.54 0.21 -13.04
N PRO B 410 -55.54 -0.60 -13.37
CA PRO B 410 -56.78 -0.02 -13.88
C PRO B 410 -57.61 0.65 -12.80
N ASN B 411 -57.71 0.01 -11.63
CA ASN B 411 -58.50 0.58 -10.53
C ASN B 411 -57.76 1.73 -9.84
N ARG B 412 -56.43 1.63 -9.76
CA ARG B 412 -55.63 2.57 -8.97
C ARG B 412 -55.15 3.74 -9.84
N ALA B 413 -56.13 4.49 -10.35
CA ALA B 413 -55.82 5.70 -11.12
C ALA B 413 -56.75 6.86 -10.82
N MET B 414 -57.77 6.69 -9.96
CA MET B 414 -58.74 7.72 -9.67
C MET B 414 -58.52 8.35 -8.30
N GLU B 415 -58.48 7.53 -7.25
CA GLU B 415 -58.31 8.00 -5.88
C GLU B 415 -56.86 7.98 -5.42
N TYR B 416 -55.93 7.67 -6.32
CA TYR B 416 -54.53 7.57 -5.95
C TYR B 416 -53.94 8.95 -5.67
N ASP B 417 -53.30 9.07 -4.51
CA ASP B 417 -52.67 10.30 -4.06
C ASP B 417 -51.18 10.03 -3.86
N ALA B 418 -50.35 11.04 -4.14
CA ALA B 418 -48.92 10.81 -4.28
C ALA B 418 -48.14 11.15 -3.02
N LEU B 419 -48.66 12.01 -2.14
CA LEU B 419 -47.86 12.43 -1.01
C LEU B 419 -47.84 11.40 0.11
N LEU B 420 -48.62 10.32 0.00
CA LEU B 420 -48.59 9.26 1.00
C LEU B 420 -47.27 8.52 0.98
N SER B 421 -46.70 8.32 -0.21
CA SER B 421 -45.47 7.56 -0.39
C SER B 421 -44.26 8.46 -0.64
N ILE B 422 -44.23 9.65 -0.06
CA ILE B 422 -43.09 10.53 -0.24
C ILE B 422 -42.01 10.25 0.81
N ASN B 423 -42.41 9.72 1.97
CA ASN B 423 -41.50 9.64 3.12
C ASN B 423 -40.55 8.45 3.03
N VAL B 424 -40.85 7.48 2.17
CA VAL B 424 -39.93 6.37 1.95
C VAL B 424 -38.67 6.87 1.25
N HIS B 425 -38.80 7.88 0.40
CA HIS B 425 -37.66 8.40 -0.36
C HIS B 425 -36.95 9.54 0.35
N SER B 426 -37.55 10.08 1.42
CA SER B 426 -36.97 11.22 2.10
C SER B 426 -35.70 10.86 2.86
N ASN B 427 -35.52 9.59 3.21
CA ASN B 427 -34.41 9.16 4.05
C ASN B 427 -33.09 9.08 3.29
N ASN B 428 -33.12 9.19 1.97
CA ASN B 428 -31.88 9.23 1.19
C ASN B 428 -31.28 10.62 1.13
N ILE B 429 -32.01 11.65 1.57
CA ILE B 429 -31.44 12.99 1.67
C ILE B 429 -30.66 13.14 2.97
N THR B 430 -31.28 12.77 4.08
CA THR B 430 -30.62 12.90 5.39
C THR B 430 -29.41 11.97 5.47
N SER B 431 -29.62 10.68 5.20
CA SER B 431 -28.53 9.72 5.29
C SER B 431 -27.49 9.92 4.21
N GLY B 432 -27.83 10.63 3.13
CA GLY B 432 -26.81 11.00 2.15
C GLY B 432 -25.92 12.12 2.66
N LEU B 433 -26.50 13.07 3.37
CA LEU B 433 -25.74 14.23 3.84
C LEU B 433 -24.90 13.88 5.06
N ASN B 434 -25.43 13.07 5.96
CA ASN B 434 -24.70 12.74 7.19
C ASN B 434 -23.58 11.73 6.93
N ARG B 435 -23.71 10.91 5.89
CA ARG B 435 -22.65 9.95 5.58
C ARG B 435 -21.49 10.62 4.84
N ALA B 436 -21.77 11.71 4.12
CA ALA B 436 -20.77 12.42 3.35
C ALA B 436 -20.05 13.48 4.15
N ILE B 437 -20.51 13.79 5.36
CA ILE B 437 -19.79 14.66 6.28
C ILE B 437 -18.93 13.87 7.25
N SER B 438 -19.45 12.77 7.78
CA SER B 438 -18.67 11.94 8.71
C SER B 438 -17.49 11.30 7.99
N THR B 439 -17.76 10.43 7.02
CA THR B 439 -16.72 9.81 6.21
C THR B 439 -16.48 10.74 5.03
N GLY B 440 -15.39 11.52 5.11
CA GLY B 440 -15.25 12.69 4.26
C GLY B 440 -14.93 12.41 2.81
N ASN B 441 -15.67 11.51 2.16
CA ASN B 441 -15.52 11.27 0.74
C ASN B 441 -16.87 11.38 0.05
N TRP B 442 -16.92 12.19 -1.01
CA TRP B 442 -18.17 12.57 -1.64
C TRP B 442 -18.29 11.85 -2.99
N SER B 443 -19.26 10.94 -3.09
CA SER B 443 -19.43 10.13 -4.29
C SER B 443 -20.47 10.85 -5.16
N LEU B 444 -19.98 11.67 -6.10
CA LEU B 444 -20.85 12.36 -7.03
C LEU B 444 -21.09 11.51 -8.28
N LYS B 445 -22.04 11.95 -9.09
CA LYS B 445 -22.39 11.34 -10.37
C LYS B 445 -22.18 12.27 -11.55
N ARG B 446 -22.49 13.57 -11.41
CA ARG B 446 -22.45 14.47 -12.55
C ARG B 446 -21.03 14.68 -13.06
N PHE B 447 -20.05 14.81 -12.17
CA PHE B 447 -18.66 14.88 -12.60
C PHE B 447 -17.91 13.58 -12.43
N LYS B 448 -18.48 12.61 -11.70
CA LYS B 448 -17.89 11.29 -11.49
C LYS B 448 -16.47 11.41 -10.91
N MET B 449 -16.41 11.93 -9.69
CA MET B 449 -15.15 12.25 -9.06
C MET B 449 -15.26 12.07 -7.56
N GLU B 450 -14.18 11.59 -6.93
CA GLU B 450 -14.23 10.94 -5.63
C GLU B 450 -13.24 11.60 -4.67
N ARG B 451 -13.36 12.92 -4.51
CA ARG B 451 -12.56 13.61 -3.50
C ARG B 451 -12.84 13.05 -2.12
N ALA B 452 -11.80 12.54 -1.47
CA ALA B 452 -11.86 12.15 -0.07
C ALA B 452 -11.09 13.16 0.77
N GLY B 453 -11.11 12.95 2.09
CA GLY B 453 -10.39 13.85 2.97
C GLY B 453 -10.94 15.25 3.04
N VAL B 454 -12.22 15.46 2.68
CA VAL B 454 -12.76 16.81 2.58
C VAL B 454 -13.28 17.32 3.92
N THR B 455 -13.41 16.47 4.93
CA THR B 455 -13.75 16.90 6.27
C THR B 455 -12.73 16.34 7.25
N HIS B 456 -12.46 17.09 8.31
CA HIS B 456 -11.65 16.62 9.42
C HIS B 456 -12.33 16.92 10.74
N VAL B 457 -11.98 16.14 11.76
CA VAL B 457 -12.44 16.40 13.12
C VAL B 457 -11.57 17.49 13.71
N LEU B 458 -12.19 18.51 14.29
CA LEU B 458 -11.43 19.62 14.84
C LEU B 458 -10.83 19.25 16.20
N SER B 459 -9.67 19.82 16.48
CA SER B 459 -8.86 19.42 17.63
C SER B 459 -9.06 20.42 18.76
N ARG B 460 -9.58 19.93 19.89
CA ARG B 460 -9.77 20.74 21.09
C ARG B 460 -8.61 20.56 22.07
N LEU B 461 -7.39 20.46 21.54
CA LEU B 461 -6.20 20.49 22.38
C LEU B 461 -6.07 21.82 23.10
N SER B 462 -6.10 22.93 22.35
CA SER B 462 -5.98 24.27 22.92
C SER B 462 -7.00 25.18 22.25
N TYR B 463 -6.96 26.46 22.64
CA TYR B 463 -7.92 27.43 22.14
C TYR B 463 -7.69 27.73 20.66
N ILE B 464 -6.46 28.10 20.30
CA ILE B 464 -6.17 28.44 18.90
C ILE B 464 -5.81 27.22 18.08
N SER B 465 -5.75 26.03 18.69
CA SER B 465 -5.64 24.80 17.89
C SER B 465 -6.95 24.50 17.18
N ALA B 466 -8.08 24.97 17.72
CA ALA B 466 -9.38 24.79 17.08
C ALA B 466 -9.83 26.01 16.29
N LEU B 467 -9.20 27.16 16.51
CA LEU B 467 -9.44 28.32 15.67
C LEU B 467 -8.47 28.42 14.50
N GLY B 468 -7.23 27.95 14.68
CA GLY B 468 -6.28 27.93 13.58
C GLY B 468 -6.57 26.89 12.53
N MET B 469 -7.45 25.92 12.83
CA MET B 469 -7.88 24.97 11.81
C MET B 469 -8.93 25.57 10.90
N MET B 470 -9.77 26.47 11.42
CA MET B 470 -10.88 27.00 10.65
C MET B 470 -10.42 27.86 9.49
N THR B 471 -9.20 28.39 9.55
CA THR B 471 -8.60 29.16 8.46
C THR B 471 -7.37 28.38 8.00
N ARG B 472 -7.58 27.44 7.09
CA ARG B 472 -6.48 26.71 6.48
C ARG B 472 -6.91 26.24 5.09
N ILE B 473 -5.93 25.75 4.33
CA ILE B 473 -6.10 25.43 2.93
C ILE B 473 -5.61 24.00 2.71
N SER B 474 -6.44 23.17 2.09
CA SER B 474 -6.07 21.80 1.74
C SER B 474 -5.98 21.70 0.22
N SER B 475 -4.75 21.51 -0.27
CA SER B 475 -4.48 21.52 -1.70
C SER B 475 -4.89 20.20 -2.34
N GLN B 476 -4.46 19.98 -3.57
CA GLN B 476 -4.99 18.91 -4.42
C GLN B 476 -3.95 17.87 -4.79
N PHE B 477 -2.66 18.15 -4.58
CA PHE B 477 -1.54 17.27 -4.88
C PHE B 477 -1.64 16.65 -6.27
N GLU B 478 -1.36 17.44 -7.30
CA GLU B 478 -1.61 17.05 -8.68
C GLU B 478 -0.49 16.14 -9.18
N LYS B 479 0.16 15.42 -8.25
CA LYS B 479 1.07 14.33 -8.55
C LYS B 479 2.35 14.81 -9.22
N SER B 480 2.76 16.05 -8.93
CA SER B 480 4.11 16.51 -9.26
C SER B 480 5.04 16.33 -8.05
N ARG B 481 5.14 15.07 -7.60
CA ARG B 481 5.85 14.78 -6.36
C ARG B 481 7.37 14.96 -6.49
N LYS B 482 7.89 15.00 -7.72
CA LYS B 482 9.32 15.20 -7.91
C LYS B 482 9.73 16.66 -7.71
N VAL B 483 8.82 17.60 -7.97
CA VAL B 483 9.17 19.01 -8.15
C VAL B 483 8.92 19.75 -6.84
N SER B 484 9.92 20.49 -6.37
CA SER B 484 9.81 21.30 -5.17
C SER B 484 9.41 22.74 -5.48
N GLY B 485 9.00 23.02 -6.71
CA GLY B 485 8.42 24.30 -7.07
C GLY B 485 7.18 24.68 -6.27
N PRO B 486 6.10 23.91 -6.42
CA PRO B 486 4.90 24.18 -5.61
C PRO B 486 5.10 23.89 -4.13
N ARG B 487 6.11 23.11 -3.76
CA ARG B 487 6.44 22.93 -2.35
C ARG B 487 6.98 24.22 -1.75
N ALA B 488 7.62 25.06 -2.56
CA ALA B 488 8.20 26.32 -2.12
C ALA B 488 7.11 27.38 -1.97
N LEU B 489 7.54 28.59 -1.62
CA LEU B 489 6.64 29.70 -1.33
C LEU B 489 6.89 30.81 -2.35
N GLN B 490 5.80 31.42 -2.87
CA GLN B 490 5.98 32.44 -3.88
C GLN B 490 6.00 33.84 -3.27
N PRO B 491 6.77 34.75 -3.89
CA PRO B 491 6.77 36.14 -3.41
C PRO B 491 5.47 36.89 -3.67
N SER B 492 4.58 36.36 -4.50
CA SER B 492 3.27 36.97 -4.75
C SER B 492 2.24 36.52 -3.73
N GLN B 493 2.59 36.67 -2.45
CA GLN B 493 1.80 36.12 -1.37
C GLN B 493 1.76 37.06 -0.16
N PHE B 494 2.27 38.28 -0.29
CA PHE B 494 2.45 39.20 0.82
C PHE B 494 1.12 39.72 1.35
N GLY B 495 0.59 39.08 2.39
CA GLY B 495 -0.67 39.53 2.98
C GLY B 495 -1.92 38.91 2.39
N MET B 496 -1.80 38.15 1.31
CA MET B 496 -2.94 37.35 0.85
C MET B 496 -3.28 36.25 1.86
N LEU B 497 -2.34 35.34 2.09
CA LEU B 497 -2.49 34.33 3.13
C LEU B 497 -1.14 34.16 3.82
N CYS B 498 -1.18 33.59 5.03
CA CYS B 498 -0.07 33.74 5.95
C CYS B 498 1.19 33.04 5.43
N THR B 499 2.34 33.58 5.85
CA THR B 499 3.65 33.18 5.35
C THR B 499 4.47 32.35 6.33
N ALA B 500 4.14 32.38 7.63
CA ALA B 500 4.90 31.72 8.67
C ALA B 500 4.27 30.45 9.21
N ASP B 501 3.04 30.13 8.84
CA ASP B 501 2.38 28.90 9.28
C ASP B 501 2.27 27.96 8.09
N THR B 502 3.07 26.89 8.13
CA THR B 502 3.07 25.78 7.19
C THR B 502 3.72 24.58 7.88
N PRO B 503 3.12 23.39 7.81
CA PRO B 503 3.69 22.24 8.52
C PRO B 503 5.00 21.73 7.92
N GLU B 504 5.54 20.67 8.53
CA GLU B 504 6.78 20.05 8.07
C GLU B 504 6.66 18.55 8.20
N GLY B 505 7.60 17.83 7.60
CA GLY B 505 7.56 16.39 7.59
C GLY B 505 6.96 15.81 6.32
N GLU B 506 5.86 15.07 6.46
CA GLU B 506 5.21 14.50 5.28
C GLU B 506 4.47 15.59 4.50
N ALA B 507 3.79 16.50 5.20
CA ALA B 507 3.13 17.64 4.59
C ALA B 507 3.97 18.87 4.91
N CYS B 508 4.67 19.40 3.90
CA CYS B 508 5.67 20.43 4.11
C CYS B 508 5.36 21.74 3.42
N GLY B 509 4.63 21.72 2.30
CA GLY B 509 4.29 22.96 1.64
C GLY B 509 2.93 22.97 0.96
N LEU B 510 2.16 21.91 1.15
CA LEU B 510 0.85 21.80 0.52
C LEU B 510 -0.29 22.13 1.47
N VAL B 511 0.02 22.48 2.72
CA VAL B 511 -0.96 22.92 3.71
C VAL B 511 -0.59 24.32 4.14
N LYS B 512 -1.51 25.27 3.96
CA LYS B 512 -1.23 26.67 4.23
C LYS B 512 -2.45 27.31 4.88
N ASN B 513 -2.27 28.54 5.36
CA ASN B 513 -3.21 29.18 6.26
C ASN B 513 -3.49 30.60 5.78
N LEU B 514 -4.75 31.02 5.90
CA LEU B 514 -5.12 32.38 5.59
C LEU B 514 -4.46 33.34 6.57
N ALA B 515 -4.20 34.57 6.10
CA ALA B 515 -3.63 35.60 6.94
C ALA B 515 -4.75 36.26 7.76
N LEU B 516 -4.43 37.37 8.42
CA LEU B 516 -5.37 38.02 9.31
C LEU B 516 -6.30 38.98 8.58
N MET B 517 -5.89 39.50 7.43
CA MET B 517 -6.70 40.38 6.60
C MET B 517 -6.88 39.74 5.23
N THR B 518 -8.07 39.20 4.97
CA THR B 518 -8.30 38.41 3.77
C THR B 518 -9.79 38.21 3.53
N HIS B 519 -10.23 38.42 2.28
CA HIS B 519 -11.60 38.16 1.88
C HIS B 519 -11.60 37.47 0.53
N ILE B 520 -12.43 36.43 0.40
CA ILE B 520 -12.54 35.68 -0.84
C ILE B 520 -13.72 36.25 -1.63
N THR B 521 -13.49 36.56 -2.91
CA THR B 521 -14.48 37.31 -3.67
C THR B 521 -15.69 36.43 -3.99
N THR B 522 -16.67 37.03 -4.67
CA THR B 522 -17.85 36.32 -5.12
C THR B 522 -18.22 36.81 -6.52
N ASP B 523 -18.60 35.88 -7.39
CA ASP B 523 -18.92 36.25 -8.76
C ASP B 523 -20.29 36.92 -8.82
N ASP B 524 -20.41 37.95 -9.66
CA ASP B 524 -21.61 38.77 -9.71
C ASP B 524 -22.37 38.55 -11.01
N GLU B 525 -21.83 39.01 -12.14
CA GLU B 525 -22.48 38.91 -13.45
C GLU B 525 -21.54 39.48 -14.50
N GLU B 526 -21.58 38.94 -15.72
CA GLU B 526 -20.74 39.44 -16.81
C GLU B 526 -21.53 40.06 -17.94
N GLU B 527 -22.86 39.98 -17.92
CA GLU B 527 -23.65 40.67 -18.95
C GLU B 527 -23.59 42.18 -18.84
N PRO B 528 -23.79 42.81 -17.68
CA PRO B 528 -23.85 44.28 -17.65
C PRO B 528 -22.49 44.94 -17.83
N ILE B 529 -21.41 44.33 -17.35
CA ILE B 529 -20.09 44.94 -17.53
C ILE B 529 -19.63 44.83 -18.97
N LYS B 530 -20.09 43.82 -19.71
CA LYS B 530 -19.86 43.78 -21.15
C LYS B 530 -20.64 44.88 -21.87
N LYS B 531 -21.85 45.19 -21.39
CA LYS B 531 -22.56 46.37 -21.86
C LYS B 531 -21.94 47.66 -21.34
N LEU B 532 -21.21 47.63 -20.23
CA LEU B 532 -20.60 48.85 -19.71
C LEU B 532 -19.36 49.24 -20.49
N CYS B 533 -18.58 48.27 -20.97
CA CYS B 533 -17.33 48.58 -21.64
C CYS B 533 -17.55 49.13 -23.06
N TYR B 534 -18.69 48.82 -23.68
CA TYR B 534 -19.04 49.44 -24.95
C TYR B 534 -19.27 50.94 -24.77
N VAL B 535 -19.83 51.35 -23.63
CA VAL B 535 -20.13 52.76 -23.40
C VAL B 535 -18.86 53.58 -23.24
N LEU B 536 -17.85 53.02 -22.58
CA LEU B 536 -16.61 53.75 -22.34
C LEU B 536 -15.75 53.92 -23.58
N GLY B 537 -16.14 53.40 -24.74
CA GLY B 537 -15.46 53.75 -25.97
C GLY B 537 -14.66 52.64 -26.61
N VAL B 538 -15.05 51.39 -26.35
CA VAL B 538 -14.43 50.25 -27.01
C VAL B 538 -15.21 49.93 -28.28
N GLU B 539 -14.51 49.38 -29.26
CA GLU B 539 -15.14 48.87 -30.47
C GLU B 539 -15.58 47.43 -30.23
N ASP B 540 -16.03 46.75 -31.28
CA ASP B 540 -16.57 45.40 -31.13
C ASP B 540 -15.72 44.42 -31.91
N ILE B 541 -15.89 43.14 -31.59
CA ILE B 541 -15.14 42.07 -32.23
C ILE B 541 -15.58 41.83 -33.68
N THR B 542 -16.81 42.19 -34.03
CA THR B 542 -17.34 41.92 -35.36
C THR B 542 -17.08 43.04 -36.35
N LEU B 543 -16.26 44.04 -36.00
CA LEU B 543 -16.03 45.16 -36.91
C LEU B 543 -14.55 45.41 -37.17
N ILE B 544 -13.70 45.04 -36.21
CA ILE B 544 -12.29 45.41 -36.29
C ILE B 544 -11.59 44.55 -37.33
N ASP B 545 -10.71 45.17 -38.11
CA ASP B 545 -9.88 44.43 -39.04
C ASP B 545 -8.81 43.65 -38.30
N SER B 546 -8.43 42.50 -38.84
CA SER B 546 -7.50 41.63 -38.14
C SER B 546 -6.05 42.05 -38.32
N ALA B 547 -5.76 43.00 -39.22
CA ALA B 547 -4.43 43.60 -39.27
C ALA B 547 -4.16 44.49 -38.06
N SER B 548 -5.21 45.02 -37.43
CA SER B 548 -5.06 46.08 -36.45
C SER B 548 -5.32 45.62 -35.02
N LEU B 549 -5.70 44.36 -34.80
CA LEU B 549 -5.94 43.90 -33.45
C LEU B 549 -4.66 43.61 -32.69
N HIS B 550 -3.54 43.43 -33.39
CA HIS B 550 -2.25 43.31 -32.73
C HIS B 550 -1.55 44.66 -32.57
N LEU B 551 -1.97 45.68 -33.31
CA LEU B 551 -1.36 47.00 -33.15
C LEU B 551 -1.84 47.68 -31.88
N ASN B 552 -3.08 47.44 -31.49
CA ASN B 552 -3.70 48.02 -30.31
C ASN B 552 -3.61 47.00 -29.17
N TYR B 553 -4.25 47.30 -28.05
CA TYR B 553 -4.38 46.33 -26.98
C TYR B 553 -5.68 45.53 -27.18
N GLY B 554 -6.08 44.79 -26.17
CA GLY B 554 -7.36 44.10 -26.20
C GLY B 554 -7.92 43.83 -24.82
N VAL B 555 -9.19 44.18 -24.59
CA VAL B 555 -9.85 43.78 -23.36
C VAL B 555 -10.13 42.28 -23.41
N TYR B 556 -9.73 41.58 -22.34
CA TYR B 556 -9.99 40.16 -22.20
C TYR B 556 -10.98 39.96 -21.05
N LEU B 557 -12.17 39.46 -21.37
CA LEU B 557 -13.22 39.26 -20.39
C LEU B 557 -13.25 37.77 -20.07
N ASN B 558 -12.82 37.43 -18.86
CA ASN B 558 -12.68 36.04 -18.43
C ASN B 558 -11.83 35.24 -19.41
N GLY B 559 -10.81 35.88 -19.97
CA GLY B 559 -9.96 35.24 -20.95
C GLY B 559 -10.44 35.31 -22.39
N THR B 560 -11.56 35.97 -22.65
CA THR B 560 -12.10 36.10 -24.00
C THR B 560 -12.03 37.55 -24.49
N LEU B 561 -11.41 37.74 -25.65
CA LEU B 561 -11.31 39.06 -26.26
C LEU B 561 -12.68 39.44 -26.83
N ILE B 562 -13.12 40.66 -26.53
CA ILE B 562 -14.40 41.12 -27.09
C ILE B 562 -14.28 42.48 -27.79
N GLY B 563 -13.35 43.33 -27.36
CA GLY B 563 -13.49 44.71 -27.77
C GLY B 563 -12.30 45.40 -28.44
N SER B 564 -11.07 44.99 -28.11
CA SER B 564 -9.86 45.60 -28.69
C SER B 564 -9.85 47.12 -28.47
N ILE B 565 -9.71 47.50 -27.19
CA ILE B 565 -9.61 48.91 -26.85
C ILE B 565 -8.31 49.50 -27.38
N ARG B 566 -8.35 50.79 -27.69
CA ARG B 566 -7.17 51.62 -27.91
C ARG B 566 -7.05 52.66 -26.80
N PHE B 567 -5.81 53.10 -26.55
CA PHE B 567 -5.37 53.89 -25.39
C PHE B 567 -5.97 53.34 -24.10
N PRO B 568 -5.38 52.30 -23.54
CA PRO B 568 -5.98 51.64 -22.37
C PRO B 568 -5.97 52.50 -21.12
N THR B 569 -5.01 53.42 -20.97
CA THR B 569 -4.81 54.06 -19.69
C THR B 569 -5.85 55.14 -19.39
N LYS B 570 -6.51 55.67 -20.42
CA LYS B 570 -7.70 56.48 -20.16
C LYS B 570 -8.92 55.60 -19.90
N PHE B 571 -8.91 54.38 -20.43
CA PHE B 571 -10.03 53.46 -20.25
C PHE B 571 -10.04 52.83 -18.86
N VAL B 572 -8.86 52.43 -18.36
CA VAL B 572 -8.81 51.77 -17.07
C VAL B 572 -8.99 52.77 -15.93
N THR B 573 -8.46 53.99 -16.09
CA THR B 573 -8.56 54.96 -15.01
C THR B 573 -9.95 55.56 -14.89
N GLN B 574 -10.71 55.60 -15.99
CA GLN B 574 -12.13 55.91 -15.92
C GLN B 574 -12.96 54.74 -15.40
N PHE B 575 -12.40 53.53 -15.40
CA PHE B 575 -13.15 52.39 -14.87
C PHE B 575 -13.13 52.36 -13.35
N ARG B 576 -11.98 52.64 -12.74
CA ARG B 576 -11.88 52.64 -11.28
C ARG B 576 -12.72 53.75 -10.67
N HIS B 577 -12.87 54.88 -11.35
CA HIS B 577 -13.69 55.97 -10.82
C HIS B 577 -15.16 55.62 -10.83
N LEU B 578 -15.58 54.63 -11.62
CA LEU B 578 -16.89 54.03 -11.44
C LEU B 578 -16.90 53.04 -10.28
N ARG B 579 -15.75 52.45 -9.95
CA ARG B 579 -15.67 51.44 -8.91
C ARG B 579 -15.51 52.04 -7.52
N ARG B 580 -14.66 53.05 -7.39
CA ARG B 580 -14.47 53.70 -6.09
C ARG B 580 -15.70 54.51 -5.69
N THR B 581 -16.30 55.23 -6.64
CA THR B 581 -17.53 55.95 -6.36
C THR B 581 -18.75 55.03 -6.34
N GLY B 582 -18.63 53.83 -6.90
CA GLY B 582 -19.62 52.79 -6.68
C GLY B 582 -20.71 52.66 -7.72
N LYS B 583 -20.33 52.55 -9.00
CA LYS B 583 -21.27 52.11 -10.01
C LYS B 583 -21.18 50.61 -10.27
N VAL B 584 -19.99 50.05 -10.15
CA VAL B 584 -19.75 48.62 -10.32
C VAL B 584 -19.40 48.03 -8.96
N SER B 585 -19.61 46.74 -8.82
CA SER B 585 -19.23 46.08 -7.58
C SER B 585 -17.70 46.06 -7.45
N GLU B 586 -17.24 45.88 -6.21
CA GLU B 586 -15.86 46.14 -5.85
C GLU B 586 -14.94 44.94 -6.00
N PHE B 587 -15.48 43.76 -6.34
CA PHE B 587 -14.67 42.55 -6.43
C PHE B 587 -14.17 42.31 -7.85
N ILE B 588 -13.55 43.32 -8.47
CA ILE B 588 -13.08 43.22 -9.84
C ILE B 588 -11.58 43.47 -9.83
N SER B 589 -10.93 43.11 -10.94
CA SER B 589 -9.49 43.35 -11.09
C SER B 589 -9.20 43.80 -12.51
N ILE B 590 -8.38 44.85 -12.64
CA ILE B 590 -8.11 45.47 -13.93
C ILE B 590 -6.62 45.31 -14.21
N TYR B 591 -6.08 44.15 -13.86
CA TYR B 591 -4.76 43.71 -14.31
C TYR B 591 -4.54 44.02 -15.79
N SER B 592 -3.36 44.55 -16.10
CA SER B 592 -3.06 45.08 -17.44
C SER B 592 -1.56 44.92 -17.67
N ASN B 593 -1.18 43.83 -18.32
CA ASN B 593 0.23 43.54 -18.55
C ASN B 593 0.72 44.21 -19.83
N SER B 594 1.99 44.00 -20.14
CA SER B 594 2.60 44.57 -21.34
C SER B 594 3.54 43.62 -22.06
N HIS B 595 3.67 42.37 -21.61
CA HIS B 595 4.42 41.39 -22.39
C HIS B 595 3.73 41.08 -23.71
N GLN B 596 2.41 40.96 -23.70
CA GLN B 596 1.60 41.07 -24.90
C GLN B 596 0.75 42.33 -24.82
N MET B 597 -0.07 42.54 -25.85
CA MET B 597 -0.84 43.77 -25.99
C MET B 597 -2.28 43.45 -25.57
N ALA B 598 -2.49 43.42 -24.26
CA ALA B 598 -3.77 42.99 -23.73
C ALA B 598 -4.00 43.60 -22.35
N VAL B 599 -5.25 43.96 -22.07
CA VAL B 599 -5.68 44.36 -20.74
C VAL B 599 -6.76 43.39 -20.29
N HIS B 600 -6.80 43.09 -18.99
CA HIS B 600 -7.59 42.00 -18.48
C HIS B 600 -8.68 42.50 -17.54
N ILE B 601 -9.81 41.81 -17.57
CA ILE B 601 -10.88 41.94 -16.58
C ILE B 601 -11.12 40.55 -15.98
N ALA B 602 -11.51 40.52 -14.71
CA ALA B 602 -11.76 39.24 -14.05
C ALA B 602 -12.82 39.42 -12.98
N THR B 603 -13.94 38.71 -13.13
CA THR B 603 -15.08 38.80 -12.22
C THR B 603 -15.58 37.41 -11.84
N ASP B 604 -14.67 36.43 -11.83
CA ASP B 604 -15.07 35.03 -11.80
C ASP B 604 -15.42 34.54 -10.39
N GLY B 605 -14.98 35.23 -9.35
CA GLY B 605 -15.33 34.87 -8.00
C GLY B 605 -14.58 33.65 -7.51
N GLY B 606 -14.51 33.52 -6.19
CA GLY B 606 -13.70 32.46 -5.61
C GLY B 606 -12.21 32.66 -5.71
N ARG B 607 -11.76 33.91 -5.70
CA ARG B 607 -10.34 34.23 -5.71
C ARG B 607 -10.03 35.22 -4.58
N ILE B 608 -8.74 35.37 -4.29
CA ILE B 608 -8.32 36.04 -3.07
C ILE B 608 -8.39 37.55 -3.27
N CYS B 609 -8.39 38.30 -2.16
CA CYS B 609 -8.15 39.73 -2.19
C CYS B 609 -7.90 40.23 -0.77
N ARG B 610 -7.38 41.44 -0.67
CA ARG B 610 -7.28 42.17 0.58
C ARG B 610 -7.58 43.63 0.28
N PRO B 611 -7.96 44.41 1.29
CA PRO B 611 -8.20 45.83 1.07
C PRO B 611 -6.99 46.72 1.32
N LEU B 612 -6.93 47.79 0.53
CA LEU B 612 -5.87 48.79 0.59
C LEU B 612 -6.49 50.15 0.33
N ILE B 613 -5.96 51.18 0.99
CA ILE B 613 -6.49 52.53 0.86
C ILE B 613 -5.89 53.21 -0.36
N ILE B 614 -6.74 53.81 -1.19
CA ILE B 614 -6.31 54.43 -2.43
C ILE B 614 -5.49 55.67 -2.14
N VAL B 615 -4.33 55.78 -2.79
CA VAL B 615 -3.53 57.00 -2.77
C VAL B 615 -3.64 57.67 -4.13
N SER B 616 -4.12 58.91 -4.14
CA SER B 616 -4.41 59.61 -5.38
C SER B 616 -3.14 60.15 -6.02
N ASP B 617 -2.36 60.92 -5.26
CA ASP B 617 -1.10 61.51 -5.73
C ASP B 617 -0.12 61.59 -4.58
N GLY B 618 0.82 62.52 -4.63
CA GLY B 618 1.79 62.66 -3.55
C GLY B 618 1.20 63.01 -2.20
N GLN B 619 -0.12 63.05 -2.10
CA GLN B 619 -0.82 63.11 -0.82
C GLN B 619 -1.92 62.06 -0.82
N SER B 620 -2.02 61.30 0.26
CA SER B 620 -2.94 60.16 0.30
C SER B 620 -4.37 60.65 0.54
N ARG B 621 -5.29 59.69 0.66
CA ARG B 621 -6.69 59.96 1.00
C ARG B 621 -6.98 59.51 2.43
N VAL B 622 -6.04 59.73 3.34
CA VAL B 622 -6.18 59.23 4.70
C VAL B 622 -7.23 60.02 5.47
N LYS B 623 -7.08 61.35 5.52
CA LYS B 623 -8.13 62.26 5.96
C LYS B 623 -8.59 61.92 7.38
N ASP B 624 -7.71 62.24 8.33
CA ASP B 624 -7.87 61.81 9.72
C ASP B 624 -9.09 62.42 10.41
N ILE B 625 -9.80 63.35 9.78
CA ILE B 625 -11.12 63.73 10.29
C ILE B 625 -12.12 62.60 10.06
N HIS B 626 -11.94 61.81 9.00
CA HIS B 626 -12.76 60.60 8.85
C HIS B 626 -12.38 59.54 9.88
N LEU B 627 -11.11 59.48 10.27
CA LEU B 627 -10.64 58.42 11.15
C LEU B 627 -11.02 58.67 12.59
N ARG B 628 -11.05 59.93 13.02
CA ARG B 628 -11.56 60.26 14.35
C ARG B 628 -13.07 60.06 14.43
N LYS B 629 -13.78 60.30 13.33
CA LYS B 629 -15.22 60.06 13.30
C LYS B 629 -15.55 58.57 13.28
N LEU B 630 -14.57 57.72 12.95
CA LEU B 630 -14.76 56.28 13.11
C LEU B 630 -14.87 55.90 14.59
N LEU B 631 -13.99 56.45 15.42
CA LEU B 631 -14.01 56.12 16.84
C LEU B 631 -15.26 56.63 17.54
N ASP B 632 -15.91 57.67 17.01
CA ASP B 632 -17.20 58.09 17.53
C ASP B 632 -18.26 57.01 17.31
N GLY B 633 -18.14 56.24 16.24
CA GLY B 633 -18.91 55.01 16.07
C GLY B 633 -19.97 55.04 14.99
N GLU B 634 -20.09 56.13 14.23
CA GLU B 634 -21.07 56.18 13.15
C GLU B 634 -20.46 55.91 11.78
N LEU B 635 -19.15 56.07 11.63
CA LEU B 635 -18.46 55.90 10.35
C LEU B 635 -17.59 54.64 10.44
N ASP B 636 -18.19 53.50 10.11
CA ASP B 636 -17.50 52.22 10.25
C ASP B 636 -16.56 52.00 9.06
N PHE B 637 -16.05 50.77 8.93
CA PHE B 637 -15.16 50.46 7.82
C PHE B 637 -15.92 50.31 6.51
N ASP B 638 -17.18 49.86 6.57
CA ASP B 638 -17.94 49.62 5.35
C ASP B 638 -18.26 50.92 4.62
N ASP B 639 -18.45 52.02 5.37
CA ASP B 639 -18.67 53.32 4.75
C ASP B 639 -17.39 53.92 4.18
N PHE B 640 -16.22 53.41 4.57
CA PHE B 640 -14.98 53.87 3.96
C PHE B 640 -14.92 53.50 2.49
N LEU B 641 -15.24 52.25 2.14
CA LEU B 641 -15.25 51.84 0.74
C LEU B 641 -16.48 52.36 0.00
N LYS B 642 -17.53 52.75 0.72
CA LYS B 642 -18.69 53.36 0.07
C LYS B 642 -18.35 54.73 -0.49
N LEU B 643 -17.47 55.47 0.18
CA LEU B 643 -17.03 56.77 -0.30
C LEU B 643 -16.00 56.65 -1.40
N GLY B 644 -15.04 55.74 -1.24
CA GLY B 644 -13.93 55.63 -2.18
C GLY B 644 -12.59 55.92 -1.56
N LEU B 645 -12.44 55.58 -0.27
CA LEU B 645 -11.17 55.71 0.43
C LEU B 645 -10.39 54.41 0.49
N VAL B 646 -11.00 53.28 0.13
CA VAL B 646 -10.39 51.97 0.31
C VAL B 646 -11.11 50.99 -0.60
N GLU B 647 -10.37 50.03 -1.13
CA GLU B 647 -10.96 49.03 -2.02
C GLU B 647 -10.13 47.74 -1.93
N TYR B 648 -10.69 46.66 -2.47
CA TYR B 648 -10.06 45.36 -2.42
C TYR B 648 -9.22 45.13 -3.67
N LEU B 649 -7.95 44.77 -3.46
CA LEU B 649 -7.06 44.37 -4.54
C LEU B 649 -6.72 42.89 -4.38
N ASP B 650 -6.79 42.14 -5.48
CA ASP B 650 -6.33 40.77 -5.51
C ASP B 650 -4.85 40.74 -5.91
N VAL B 651 -4.33 39.54 -6.17
CA VAL B 651 -2.92 39.39 -6.49
C VAL B 651 -2.63 39.88 -7.91
N ASN B 652 -3.61 39.79 -8.81
CA ASN B 652 -3.39 40.24 -10.18
C ASN B 652 -3.45 41.76 -10.32
N GLU B 653 -4.26 42.44 -9.52
CA GLU B 653 -4.29 43.89 -9.52
C GLU B 653 -3.12 44.49 -8.74
N GLU B 654 -2.29 43.66 -8.11
CA GLU B 654 -1.01 44.09 -7.57
C GLU B 654 0.13 44.01 -8.57
N ASN B 655 -0.14 43.56 -9.81
CA ASN B 655 0.86 43.68 -10.86
C ASN B 655 1.14 45.14 -11.19
N ASP B 656 0.09 45.95 -11.30
CA ASP B 656 0.21 47.32 -11.77
C ASP B 656 0.46 48.32 -10.66
N SER B 657 0.07 48.00 -9.42
CA SER B 657 0.11 48.97 -8.33
C SER B 657 1.46 48.97 -7.64
N TYR B 658 1.69 50.01 -6.84
CA TYR B 658 3.01 50.34 -6.31
C TYR B 658 2.86 50.69 -4.83
N ILE B 659 2.42 49.69 -4.05
CA ILE B 659 2.04 49.89 -2.66
C ILE B 659 3.20 50.45 -1.85
N ALA B 660 2.93 51.52 -1.09
CA ALA B 660 3.88 52.12 -0.17
C ALA B 660 3.72 51.52 1.22
N LEU B 661 4.85 51.31 1.90
CA LEU B 661 4.82 50.77 3.26
C LEU B 661 4.28 51.80 4.25
N TYR B 662 4.97 52.93 4.40
CA TYR B 662 4.66 53.91 5.43
C TYR B 662 4.33 55.27 4.81
N GLU B 663 3.63 56.09 5.60
CA GLU B 663 3.23 57.41 5.17
C GLU B 663 4.42 58.35 4.97
N LYS B 664 5.57 58.01 5.55
CA LYS B 664 6.80 58.77 5.36
C LYS B 664 7.54 58.40 4.09
N ASP B 665 6.90 57.64 3.19
CA ASP B 665 7.54 57.07 2.01
C ASP B 665 6.75 57.40 0.75
N ILE B 666 5.87 58.40 0.82
CA ILE B 666 5.00 58.73 -0.31
C ILE B 666 5.82 59.42 -1.40
N VAL B 667 5.68 58.94 -2.62
CA VAL B 667 6.33 59.49 -3.80
C VAL B 667 5.23 60.12 -4.65
N PRO B 668 5.52 61.15 -5.46
CA PRO B 668 4.49 61.63 -6.40
C PRO B 668 4.20 60.67 -7.55
N SER B 669 4.80 59.47 -7.51
CA SER B 669 4.33 58.32 -8.28
C SER B 669 4.27 57.14 -7.31
N MET B 670 3.17 57.04 -6.57
CA MET B 670 3.06 56.06 -5.50
C MET B 670 1.59 55.91 -5.13
N THR B 671 1.03 54.73 -5.35
CA THR B 671 -0.36 54.47 -5.04
C THR B 671 -0.48 53.46 -3.90
N HIS B 672 -1.67 53.41 -3.30
CA HIS B 672 -2.15 52.31 -2.47
C HIS B 672 -1.25 52.10 -1.24
N LEU B 673 -1.35 53.05 -0.31
CA LEU B 673 -0.65 52.94 0.95
C LEU B 673 -1.08 51.69 1.70
N GLU B 674 -0.11 50.96 2.25
CA GLU B 674 -0.41 49.70 2.91
C GLU B 674 -1.03 49.96 4.26
N ILE B 675 -2.17 49.32 4.54
CA ILE B 675 -3.00 49.74 5.65
C ILE B 675 -2.40 49.37 6.99
N GLU B 676 -1.90 48.13 7.12
CA GLU B 676 -1.26 47.74 8.37
C GLU B 676 -0.28 46.59 8.14
N PRO B 677 1.01 46.77 8.42
CA PRO B 677 2.01 45.83 7.91
C PRO B 677 2.15 44.53 8.69
N PHE B 678 1.62 44.42 9.91
CA PHE B 678 1.71 43.15 10.62
C PHE B 678 0.53 42.22 10.34
N THR B 679 -0.32 42.56 9.38
CA THR B 679 -1.44 41.72 9.00
C THR B 679 -1.06 40.65 7.98
N ILE B 680 0.23 40.39 7.80
CA ILE B 680 0.69 39.33 6.92
C ILE B 680 0.91 38.06 7.73
N LEU B 681 0.47 38.09 8.99
CA LEU B 681 0.56 36.93 9.87
C LEU B 681 -0.81 36.66 10.49
N GLY B 682 -1.25 35.41 10.40
CA GLY B 682 -2.57 35.04 10.83
C GLY B 682 -2.72 35.07 12.35
N ALA B 683 -3.89 34.58 12.79
CA ALA B 683 -4.22 34.63 14.21
C ALA B 683 -3.53 33.54 15.02
N VAL B 684 -2.82 32.61 14.38
CA VAL B 684 -2.15 31.54 15.08
C VAL B 684 -0.64 31.63 15.00
N ALA B 685 -0.09 32.39 14.04
CA ALA B 685 1.29 32.83 14.08
C ALA B 685 1.45 34.15 14.83
N GLY B 686 0.35 34.84 15.14
CA GLY B 686 0.40 36.20 15.65
C GLY B 686 0.86 36.32 17.08
N LEU B 687 0.81 35.24 17.85
CA LEU B 687 1.13 35.31 19.27
C LEU B 687 2.63 35.29 19.54
N ILE B 688 3.46 35.15 18.52
CA ILE B 688 4.91 35.23 18.72
C ILE B 688 5.29 36.68 19.05
N PRO B 689 6.02 36.92 20.14
CA PRO B 689 6.45 38.29 20.43
C PRO B 689 7.80 38.63 19.82
N TYR B 690 7.87 39.84 19.25
CA TYR B 690 8.96 40.29 18.39
C TYR B 690 9.30 39.26 17.30
N PRO B 691 8.42 39.07 16.31
CA PRO B 691 8.74 38.09 15.26
C PRO B 691 9.81 38.57 14.31
N HIS B 692 9.96 39.90 14.14
CA HIS B 692 10.89 40.43 13.16
C HIS B 692 12.34 40.22 13.60
N HIS B 693 12.61 40.29 14.91
CA HIS B 693 13.97 40.06 15.39
C HIS B 693 14.37 38.60 15.20
N ASN B 694 13.41 37.69 15.25
CA ASN B 694 13.68 36.26 15.36
C ASN B 694 14.05 35.68 13.99
N GLN B 695 14.61 34.49 14.00
CA GLN B 695 14.98 33.85 12.74
C GLN B 695 13.73 33.31 12.04
N SER B 696 13.84 33.10 10.73
CA SER B 696 12.68 32.71 9.94
C SER B 696 12.24 31.25 10.07
N PRO B 697 13.14 30.27 10.23
CA PRO B 697 12.65 28.91 10.51
C PRO B 697 12.24 28.68 11.96
N ARG B 698 12.47 29.65 12.84
CA ARG B 698 11.99 29.59 14.21
C ARG B 698 10.61 30.21 14.39
N ASN B 699 9.95 30.56 13.28
CA ASN B 699 8.52 30.89 13.30
C ASN B 699 7.65 29.79 12.73
N THR B 700 8.18 28.98 11.81
CA THR B 700 7.46 27.81 11.33
C THR B 700 7.62 26.61 12.26
N TYR B 701 8.48 26.69 13.27
CA TYR B 701 8.56 25.67 14.31
C TYR B 701 7.62 25.93 15.47
N GLN B 702 7.05 27.13 15.58
CA GLN B 702 6.15 27.43 16.69
C GLN B 702 4.69 27.27 16.33
N CYS B 703 4.31 27.51 15.08
CA CYS B 703 2.93 27.29 14.66
C CYS B 703 2.56 25.82 14.71
N ALA B 704 3.52 24.93 14.46
CA ALA B 704 3.30 23.49 14.58
C ALA B 704 3.21 23.03 16.02
N MET B 705 3.61 23.86 16.99
CA MET B 705 3.56 23.50 18.39
C MET B 705 2.64 24.38 19.22
N GLY B 706 2.24 25.56 18.73
CA GLY B 706 1.23 26.34 19.42
C GLY B 706 -0.12 25.66 19.45
N LYS B 707 -0.39 24.79 18.47
CA LYS B 707 -1.60 23.99 18.43
C LYS B 707 -1.53 22.77 19.34
N GLN B 708 -0.45 22.61 20.10
CA GLN B 708 -0.32 21.49 21.03
C GLN B 708 -0.15 21.93 22.48
N ALA B 709 0.02 23.21 22.75
CA ALA B 709 0.31 23.67 24.11
C ALA B 709 -0.97 23.59 24.94
N ILE B 710 -0.91 22.86 26.05
CA ILE B 710 -2.09 22.71 26.90
C ILE B 710 -2.40 24.01 27.62
N GLY B 711 -3.65 24.13 28.07
CA GLY B 711 -4.16 25.37 28.60
C GLY B 711 -5.64 25.31 28.93
N ALA B 712 -6.40 26.30 28.46
CA ALA B 712 -7.85 26.33 28.60
C ALA B 712 -8.49 26.24 27.23
N ILE B 713 -9.77 25.87 27.22
CA ILE B 713 -10.47 25.49 25.99
C ILE B 713 -11.63 26.45 25.77
N ALA B 714 -12.58 26.44 26.71
CA ALA B 714 -13.78 27.26 26.61
C ALA B 714 -14.33 27.47 28.02
N TYR B 715 -15.42 28.22 28.11
CA TYR B 715 -16.02 28.45 29.42
C TYR B 715 -16.85 27.25 29.88
N ASN B 716 -17.41 26.49 28.94
CA ASN B 716 -18.27 25.35 29.26
C ASN B 716 -17.48 24.05 29.41
N GLN B 717 -16.20 24.14 29.77
CA GLN B 717 -15.31 23.00 29.59
C GLN B 717 -15.47 21.94 30.68
N PHE B 718 -16.08 22.27 31.81
CA PHE B 718 -16.46 21.27 32.79
C PHE B 718 -17.85 20.69 32.53
N LYS B 719 -18.55 21.15 31.49
CA LYS B 719 -19.83 20.58 31.11
C LYS B 719 -19.73 19.55 29.99
N ARG B 720 -18.74 19.68 29.11
CA ARG B 720 -18.68 18.84 27.92
C ARG B 720 -18.04 17.49 28.21
N ILE B 721 -18.42 16.50 27.41
CA ILE B 721 -17.88 15.15 27.48
C ILE B 721 -17.20 14.89 26.14
N ASP B 722 -15.89 15.10 26.07
CA ASP B 722 -15.13 14.84 24.86
C ASP B 722 -14.16 13.68 25.07
N THR B 723 -13.59 13.23 23.94
CA THR B 723 -12.80 12.01 23.95
C THR B 723 -11.55 12.14 24.81
N LEU B 724 -10.84 13.25 24.68
CA LEU B 724 -9.59 13.44 25.41
C LEU B 724 -9.30 14.94 25.46
N LEU B 725 -9.39 15.54 26.64
CA LEU B 725 -9.35 16.98 26.81
C LEU B 725 -8.32 17.34 27.87
N TYR B 726 -7.23 17.98 27.45
CA TYR B 726 -6.19 18.41 28.38
C TYR B 726 -6.55 19.76 29.00
N LEU B 727 -6.29 19.88 30.30
CA LEU B 727 -6.52 21.12 31.04
C LEU B 727 -5.28 21.45 31.87
N MET B 728 -5.06 22.73 32.10
CA MET B 728 -4.08 23.19 33.07
C MET B 728 -4.78 23.85 34.25
N THR B 729 -4.19 23.69 35.44
CA THR B 729 -4.88 24.12 36.65
C THR B 729 -4.90 25.64 36.76
N TYR B 730 -3.73 26.26 36.85
CA TYR B 730 -3.60 27.72 36.98
C TYR B 730 -2.86 28.27 35.76
N PRO B 731 -3.56 28.67 34.72
CA PRO B 731 -2.91 29.40 33.63
C PRO B 731 -2.81 30.88 33.91
N GLN B 732 -1.93 31.55 33.15
CA GLN B 732 -1.72 32.99 33.29
C GLN B 732 -1.56 33.59 31.90
N GLN B 733 -2.09 34.80 31.73
CA GLN B 733 -1.86 35.54 30.49
C GLN B 733 -0.38 35.92 30.38
N PRO B 734 0.13 36.06 29.16
CA PRO B 734 1.56 36.34 28.99
C PRO B 734 1.89 37.77 29.37
N MET B 735 3.18 38.03 29.53
CA MET B 735 3.65 39.37 29.89
C MET B 735 3.84 40.25 28.67
N VAL B 736 4.53 39.75 27.65
CA VAL B 736 4.73 40.48 26.41
C VAL B 736 3.61 40.04 25.46
N LYS B 737 2.55 40.85 25.39
CA LYS B 737 1.40 40.51 24.56
C LYS B 737 1.69 40.82 23.10
N THR B 738 0.63 40.83 22.28
CA THR B 738 0.68 41.28 20.90
C THR B 738 -0.67 41.92 20.60
N LYS B 739 -0.71 42.76 19.56
CA LYS B 739 -2.01 43.22 19.10
C LYS B 739 -2.84 42.10 18.51
N THR B 740 -2.21 41.04 18.02
CA THR B 740 -2.95 39.94 17.41
C THR B 740 -3.73 39.14 18.46
N ILE B 741 -3.17 38.99 19.66
CA ILE B 741 -3.82 38.18 20.69
C ILE B 741 -4.99 38.89 21.35
N GLU B 742 -5.07 40.22 21.23
CA GLU B 742 -6.22 40.97 21.75
C GLU B 742 -7.27 41.22 20.69
N LEU B 743 -7.04 40.80 19.45
CA LEU B 743 -8.04 40.87 18.40
C LEU B 743 -8.77 39.55 18.17
N ILE B 744 -8.28 38.46 18.76
CA ILE B 744 -8.99 37.19 18.83
C ILE B 744 -9.31 36.80 20.26
N ASP B 745 -9.00 37.66 21.23
CA ASP B 745 -9.28 37.43 22.65
C ASP B 745 -8.58 36.16 23.14
N TYR B 746 -7.30 36.04 22.81
CA TYR B 746 -6.52 34.90 23.27
C TYR B 746 -6.27 34.95 24.77
N ASP B 747 -5.90 36.12 25.29
CA ASP B 747 -5.57 36.27 26.70
C ASP B 747 -6.78 36.21 27.62
N LYS B 748 -7.99 36.19 27.07
CA LYS B 748 -9.17 35.94 27.90
C LYS B 748 -9.21 34.51 28.42
N LEU B 749 -8.60 33.57 27.69
CA LEU B 749 -8.40 32.22 28.20
C LEU B 749 -7.07 31.68 27.69
N PRO B 750 -5.98 31.94 28.42
CA PRO B 750 -4.64 31.66 27.89
C PRO B 750 -4.22 30.21 28.10
N ALA B 751 -2.97 29.91 27.76
CA ALA B 751 -2.46 28.53 27.82
C ALA B 751 -0.98 28.61 28.16
N GLY B 752 -0.62 28.14 29.35
CA GLY B 752 0.74 28.24 29.83
C GLY B 752 0.97 29.47 30.69
N GLN B 753 2.10 29.45 31.39
CA GLN B 753 2.39 30.45 32.41
C GLN B 753 3.86 30.83 32.32
N ASN B 754 4.18 32.03 32.79
CA ASN B 754 5.49 32.63 32.58
C ASN B 754 6.39 32.37 33.78
N ALA B 755 7.46 31.61 33.55
CA ALA B 755 8.40 31.26 34.60
C ALA B 755 9.44 32.37 34.75
N THR B 756 10.43 32.14 35.60
CA THR B 756 11.49 33.12 35.87
C THR B 756 12.80 32.48 35.42
N VAL B 757 13.12 32.66 34.14
CA VAL B 757 14.24 31.96 33.52
C VAL B 757 15.54 32.64 33.90
N ALA B 758 16.52 31.85 34.31
CA ALA B 758 17.88 32.31 34.57
C ALA B 758 18.82 31.54 33.65
N VAL B 759 19.06 32.06 32.46
CA VAL B 759 19.69 31.28 31.41
C VAL B 759 21.18 31.14 31.72
N MET B 760 21.62 29.90 31.93
CA MET B 760 22.97 29.56 32.34
C MET B 760 23.09 28.05 32.30
N SER B 761 24.32 27.56 32.32
CA SER B 761 24.53 26.12 32.40
C SER B 761 24.65 25.71 33.87
N TYR B 762 24.16 24.52 34.18
CA TYR B 762 23.96 24.12 35.57
C TYR B 762 23.94 22.61 35.66
N SER B 763 24.93 22.04 36.35
CA SER B 763 24.98 20.62 36.71
C SER B 763 25.01 19.69 35.50
N GLY B 764 25.18 20.22 34.28
CA GLY B 764 25.44 19.37 33.15
C GLY B 764 24.26 18.55 32.67
N TYR B 765 23.09 18.67 33.30
CA TYR B 765 21.88 18.05 32.80
C TYR B 765 21.12 18.94 31.82
N ASP B 766 21.71 20.06 31.39
CA ASP B 766 21.16 20.92 30.35
C ASP B 766 22.22 21.13 29.27
N ILE B 767 22.27 20.22 28.31
CA ILE B 767 23.33 20.24 27.30
C ILE B 767 22.70 20.46 25.92
N GLU B 768 21.90 19.50 25.47
CA GLU B 768 21.23 19.57 24.17
C GLU B 768 19.81 20.03 24.42
N ASP B 769 19.66 21.36 24.50
CA ASP B 769 18.43 22.12 24.79
C ASP B 769 17.48 21.37 25.73
N ALA B 770 18.03 20.77 26.78
CA ALA B 770 17.25 20.41 27.95
C ALA B 770 17.39 21.51 29.00
N LEU B 771 16.60 21.40 30.08
CA LEU B 771 16.43 22.52 30.97
C LEU B 771 16.09 22.04 32.37
N VAL B 772 16.30 22.93 33.34
CA VAL B 772 16.42 22.57 34.75
C VAL B 772 15.44 23.41 35.54
N LEU B 773 14.49 22.77 36.22
CA LEU B 773 13.56 23.47 37.08
C LEU B 773 13.61 22.86 38.48
N ASN B 774 13.08 23.62 39.44
CA ASN B 774 13.24 23.31 40.86
C ASN B 774 12.01 22.62 41.44
N LYS B 775 12.24 21.85 42.50
CA LYS B 775 11.21 20.98 43.05
C LYS B 775 10.20 21.77 43.89
N SER B 776 10.63 22.88 44.50
CA SER B 776 9.76 23.66 45.35
C SER B 776 8.74 24.46 44.55
N SER B 777 9.06 24.80 43.30
CA SER B 777 8.08 25.50 42.48
C SER B 777 7.01 24.57 41.93
N ILE B 778 7.35 23.29 41.71
CA ILE B 778 6.34 22.35 41.23
C ILE B 778 5.33 22.06 42.33
N ASP B 779 5.78 22.03 43.58
CA ASP B 779 4.86 21.73 44.69
C ASP B 779 3.94 22.89 44.99
N ARG B 780 4.35 24.12 44.65
CA ARG B 780 3.46 25.27 44.73
C ARG B 780 2.45 25.32 43.58
N GLY B 781 2.59 24.45 42.58
CA GLY B 781 1.62 24.36 41.51
C GLY B 781 2.08 24.97 40.20
N PHE B 782 3.33 24.68 39.81
CA PHE B 782 3.86 25.14 38.52
C PHE B 782 3.67 24.02 37.51
N GLY B 783 2.55 24.07 36.79
CA GLY B 783 2.37 23.23 35.63
C GLY B 783 1.77 21.88 35.96
N ARG B 784 0.72 21.87 36.77
CA ARG B 784 0.01 20.64 37.10
C ARG B 784 -1.17 20.53 36.13
N CYS B 785 -1.03 19.65 35.15
CA CYS B 785 -2.06 19.48 34.13
C CYS B 785 -3.18 18.58 34.66
N GLU B 786 -4.07 18.18 33.77
CA GLU B 786 -5.21 17.35 34.10
C GLU B 786 -5.76 16.74 32.82
N THR B 787 -6.06 15.45 32.85
CA THR B 787 -6.39 14.70 31.65
C THR B 787 -7.71 14.00 31.84
N ARG B 788 -8.65 14.27 30.94
CA ARG B 788 -10.00 13.71 30.96
C ARG B 788 -10.19 12.85 29.72
N ARG B 789 -10.91 11.75 29.86
CA ARG B 789 -11.01 10.79 28.77
C ARG B 789 -12.38 10.12 28.81
N LYS B 790 -13.20 10.40 27.80
CA LYS B 790 -14.48 9.75 27.65
C LYS B 790 -14.31 8.25 27.41
N THR B 791 -15.28 7.47 27.88
CA THR B 791 -15.54 6.15 27.33
C THR B 791 -17.03 5.88 27.43
N THR B 792 -17.54 5.04 26.53
CA THR B 792 -18.97 4.91 26.35
C THR B 792 -19.34 3.46 26.07
N THR B 793 -20.60 3.14 26.32
CA THR B 793 -21.20 1.87 25.92
C THR B 793 -22.59 2.14 25.36
N VAL B 794 -23.16 1.13 24.70
CA VAL B 794 -24.51 1.20 24.17
C VAL B 794 -25.23 -0.08 24.55
N LEU B 795 -26.40 0.06 25.17
CA LEU B 795 -27.23 -1.10 25.51
C LEU B 795 -28.08 -1.48 24.30
N LYS B 796 -27.76 -2.61 23.68
CA LYS B 796 -28.27 -2.94 22.37
C LYS B 796 -29.52 -3.81 22.50
N ARG B 797 -30.53 -3.51 21.69
CA ARG B 797 -31.76 -4.29 21.67
C ARG B 797 -31.72 -5.24 20.48
N TYR B 798 -32.00 -6.51 20.73
CA TYR B 798 -31.74 -7.57 19.77
C TYR B 798 -33.00 -7.90 18.96
N ALA B 799 -32.92 -8.96 18.17
CA ALA B 799 -34.03 -9.38 17.33
C ALA B 799 -35.09 -10.12 18.14
N ASN B 800 -34.66 -10.96 19.09
CA ASN B 800 -35.58 -11.73 19.92
C ASN B 800 -36.04 -10.98 21.16
N HIS B 801 -36.04 -9.64 21.13
CA HIS B 801 -36.62 -8.82 22.19
C HIS B 801 -35.88 -8.97 23.52
N THR B 802 -34.55 -8.98 23.46
CA THR B 802 -33.74 -9.11 24.66
C THR B 802 -32.84 -7.90 24.80
N GLN B 803 -32.84 -7.30 25.99
CA GLN B 803 -32.10 -6.08 26.27
C GLN B 803 -30.72 -6.43 26.84
N ASP B 804 -30.05 -5.44 27.42
CA ASP B 804 -28.87 -5.62 28.25
C ASP B 804 -29.16 -5.08 29.64
N ILE B 805 -28.44 -5.59 30.64
CA ILE B 805 -28.74 -5.29 32.03
C ILE B 805 -27.43 -4.91 32.73
N ILE B 806 -27.57 -4.12 33.80
CA ILE B 806 -26.41 -3.52 34.47
C ILE B 806 -26.38 -4.00 35.91
N GLY B 807 -26.73 -5.26 36.14
CA GLY B 807 -26.64 -5.81 37.48
C GLY B 807 -25.20 -5.89 37.95
N GLY B 808 -25.01 -5.74 39.26
CA GLY B 808 -23.65 -5.60 39.76
C GLY B 808 -23.55 -5.82 41.25
N MET B 809 -22.29 -5.84 41.70
CA MET B 809 -21.88 -6.12 43.07
C MET B 809 -22.38 -7.49 43.56
N ARG B 810 -21.83 -8.52 42.93
CA ARG B 810 -21.95 -9.86 43.47
C ARG B 810 -21.10 -9.97 44.74
N VAL B 811 -21.54 -10.80 45.68
CA VAL B 811 -21.08 -10.69 47.06
C VAL B 811 -20.26 -11.92 47.41
N ASP B 812 -19.56 -11.84 48.55
CA ASP B 812 -18.94 -13.00 49.17
C ASP B 812 -18.61 -12.67 50.62
N GLU B 813 -19.08 -13.51 51.54
CA GLU B 813 -18.60 -13.57 52.92
C GLU B 813 -18.79 -12.22 53.63
N ASN B 814 -20.08 -11.91 53.83
CA ASN B 814 -20.62 -10.76 54.57
C ASN B 814 -20.36 -9.41 53.90
N GLY B 815 -19.60 -9.39 52.81
CA GLY B 815 -19.32 -8.13 52.14
C GLY B 815 -19.73 -8.10 50.69
N ASP B 816 -20.46 -7.04 50.30
CA ASP B 816 -20.83 -6.88 48.89
C ASP B 816 -19.65 -6.65 47.95
N PRO B 817 -18.73 -5.72 48.21
CA PRO B 817 -17.71 -5.41 47.18
C PRO B 817 -16.62 -6.48 47.13
N ILE B 818 -16.27 -6.89 45.91
CA ILE B 818 -15.02 -7.59 45.62
C ILE B 818 -13.93 -6.54 45.51
N TRP B 819 -12.67 -6.97 45.38
CA TRP B 819 -11.61 -6.05 44.98
C TRP B 819 -11.99 -5.32 43.70
N GLN B 820 -12.67 -6.01 42.79
CA GLN B 820 -13.00 -5.41 41.49
C GLN B 820 -14.20 -4.48 41.55
N HIS B 821 -14.96 -4.45 42.65
CA HIS B 821 -16.20 -3.67 42.68
C HIS B 821 -16.25 -2.63 43.80
N GLN B 822 -15.11 -2.14 44.27
CA GLN B 822 -15.15 -1.16 45.36
C GLN B 822 -15.71 0.19 44.91
N SER B 823 -15.75 0.45 43.62
CA SER B 823 -16.21 1.74 43.08
C SER B 823 -17.20 1.54 41.95
N LEU B 824 -18.19 0.67 42.18
CA LEU B 824 -19.17 0.34 41.16
C LEU B 824 -20.58 0.77 41.51
N GLY B 825 -20.87 1.07 42.77
CA GLY B 825 -22.13 1.64 43.17
C GLY B 825 -23.26 0.62 43.20
N PRO B 826 -24.45 1.06 43.60
CA PRO B 826 -25.55 0.11 43.80
C PRO B 826 -26.27 -0.23 42.51
N ASP B 827 -26.28 0.71 41.57
CA ASP B 827 -27.11 0.61 40.38
C ASP B 827 -26.38 0.03 39.18
N GLY B 828 -25.12 -0.38 39.33
CA GLY B 828 -24.35 -0.96 38.25
C GLY B 828 -23.32 -0.02 37.64
N LEU B 829 -23.60 1.27 37.62
CA LEU B 829 -22.70 2.26 37.06
C LEU B 829 -21.76 2.78 38.14
N GLY B 830 -20.47 2.88 37.80
CA GLY B 830 -19.47 3.15 38.81
C GLY B 830 -19.65 4.52 39.45
N GLU B 831 -19.22 4.62 40.71
CA GLU B 831 -19.65 5.69 41.57
C GLU B 831 -18.83 6.95 41.35
N VAL B 832 -19.52 8.06 41.11
CA VAL B 832 -18.87 9.35 40.85
C VAL B 832 -18.27 9.88 42.14
N GLY B 833 -16.97 10.18 42.10
CA GLY B 833 -16.28 10.83 43.21
C GLY B 833 -15.13 10.05 43.82
N MET B 834 -15.02 8.75 43.54
CA MET B 834 -13.96 7.95 44.12
C MET B 834 -13.13 7.29 43.03
N LYS B 835 -11.91 6.91 43.39
CA LYS B 835 -10.90 6.53 42.42
C LYS B 835 -11.12 5.12 41.90
N VAL B 836 -10.50 4.82 40.77
CA VAL B 836 -10.37 3.46 40.28
C VAL B 836 -8.89 3.14 40.11
N GLN B 837 -8.56 1.87 40.25
CA GLN B 837 -7.21 1.36 40.05
C GLN B 837 -7.23 0.37 38.89
N SER B 838 -6.09 -0.30 38.66
CA SER B 838 -6.07 -1.32 37.63
C SER B 838 -6.93 -2.51 38.06
N GLY B 839 -7.64 -3.09 37.10
CA GLY B 839 -8.75 -3.95 37.45
C GLY B 839 -10.00 -3.12 37.65
N GLN B 840 -10.83 -3.51 38.62
CA GLN B 840 -11.87 -2.64 39.19
C GLN B 840 -12.85 -2.18 38.11
N ILE B 841 -13.71 -3.12 37.72
CA ILE B 841 -14.83 -2.84 36.82
C ILE B 841 -15.54 -1.57 37.28
N TYR B 842 -15.80 -0.66 36.34
CA TYR B 842 -16.50 0.57 36.62
C TYR B 842 -17.74 0.77 35.77
N ILE B 843 -17.94 -0.01 34.72
CA ILE B 843 -19.25 -0.23 34.12
C ILE B 843 -19.46 -1.73 34.01
N ASN B 844 -20.38 -2.27 34.80
CA ASN B 844 -20.76 -3.66 34.65
C ASN B 844 -21.75 -3.81 33.51
N LYS B 845 -21.68 -4.95 32.82
CA LYS B 845 -22.48 -5.15 31.62
C LYS B 845 -22.64 -6.65 31.39
N SER B 846 -23.85 -7.06 31.01
CA SER B 846 -24.14 -8.44 30.65
C SER B 846 -24.82 -8.48 29.30
N VAL B 847 -24.42 -9.44 28.48
CA VAL B 847 -24.92 -9.58 27.11
C VAL B 847 -25.51 -10.99 26.96
N PRO B 848 -26.68 -11.14 26.35
CA PRO B 848 -27.34 -12.45 26.33
C PRO B 848 -26.57 -13.45 25.47
N THR B 849 -26.91 -14.72 25.65
CA THR B 849 -26.23 -15.80 24.94
C THR B 849 -26.99 -16.29 23.72
N ASN B 850 -28.27 -15.96 23.59
CA ASN B 850 -29.02 -16.18 22.36
C ASN B 850 -29.06 -14.90 21.52
N SER B 851 -27.88 -14.48 21.08
CA SER B 851 -27.73 -13.16 20.48
C SER B 851 -28.27 -13.09 19.07
N ALA B 852 -28.45 -14.24 18.40
CA ALA B 852 -28.85 -14.24 17.00
C ALA B 852 -29.87 -15.32 16.68
N ASP B 853 -30.42 -16.00 17.68
CA ASP B 853 -31.36 -17.08 17.41
C ASP B 853 -32.74 -16.52 17.09
N ALA B 854 -33.53 -17.33 16.39
CA ALA B 854 -34.85 -16.88 15.97
C ALA B 854 -35.79 -16.76 17.17
N PRO B 855 -36.71 -15.80 17.14
CA PRO B 855 -37.64 -15.63 18.27
C PRO B 855 -38.61 -16.81 18.34
N ASN B 856 -38.55 -17.56 19.43
CA ASN B 856 -39.54 -18.60 19.68
C ASN B 856 -40.76 -17.96 20.32
N PRO B 857 -41.92 -17.96 19.65
CA PRO B 857 -43.09 -17.24 20.20
C PRO B 857 -43.77 -17.99 21.34
N ASN B 858 -43.07 -18.06 22.48
CA ASN B 858 -43.59 -18.73 23.66
C ASN B 858 -42.92 -18.13 24.89
N ASN B 859 -43.05 -18.81 26.03
CA ASN B 859 -42.38 -18.41 27.27
C ASN B 859 -42.09 -19.71 28.03
N VAL B 860 -40.88 -20.25 27.82
CA VAL B 860 -40.53 -21.54 28.40
C VAL B 860 -39.29 -21.43 29.27
N ASN B 861 -38.14 -21.10 28.66
CA ASN B 861 -36.85 -21.06 29.36
C ASN B 861 -36.19 -19.71 29.09
N VAL B 862 -36.60 -18.68 29.83
CA VAL B 862 -35.86 -17.42 29.85
C VAL B 862 -35.81 -16.91 31.29
N GLN B 863 -34.81 -17.36 32.04
CA GLN B 863 -34.55 -16.85 33.39
C GLN B 863 -33.10 -16.60 33.70
N THR B 864 -32.15 -17.25 33.03
CA THR B 864 -30.72 -17.01 33.26
C THR B 864 -29.99 -17.21 31.94
N GLN B 865 -29.72 -16.12 31.23
CA GLN B 865 -29.07 -16.20 29.92
C GLN B 865 -28.01 -15.11 29.75
N TYR B 866 -27.67 -14.38 30.79
CA TYR B 866 -26.80 -13.20 30.69
C TYR B 866 -25.38 -13.62 31.07
N ARG B 867 -24.48 -13.60 30.10
CA ARG B 867 -23.06 -13.73 30.39
C ARG B 867 -22.43 -12.35 30.51
N GLU B 868 -21.37 -12.28 31.32
CA GLU B 868 -20.76 -10.99 31.63
C GLU B 868 -19.82 -10.53 30.52
N ALA B 869 -19.74 -9.22 30.36
CA ALA B 869 -18.78 -8.55 29.47
C ALA B 869 -18.55 -7.15 30.00
N PRO B 870 -17.82 -6.99 31.09
CA PRO B 870 -17.69 -5.68 31.74
C PRO B 870 -16.66 -4.80 31.02
N VAL B 871 -16.49 -3.60 31.57
CA VAL B 871 -15.51 -2.63 31.09
C VAL B 871 -14.48 -2.43 32.20
N ILE B 872 -13.22 -2.75 31.89
CA ILE B 872 -12.15 -2.77 32.88
C ILE B 872 -11.27 -1.54 32.64
N TYR B 873 -10.98 -0.80 33.71
CA TYR B 873 -10.04 0.30 33.68
C TYR B 873 -8.62 -0.26 33.65
N ARG B 874 -7.95 -0.14 32.51
CA ARG B 874 -6.52 -0.39 32.43
C ARG B 874 -5.77 0.91 32.69
N GLY B 875 -4.48 0.94 32.40
CA GLY B 875 -3.67 2.11 32.63
C GLY B 875 -2.77 1.95 33.85
N PRO B 876 -1.63 2.63 33.84
CA PRO B 876 -0.61 2.41 34.87
C PRO B 876 -0.71 3.34 36.08
N GLU B 877 -1.74 4.18 36.17
CA GLU B 877 -1.91 5.06 37.32
C GLU B 877 -3.36 5.08 37.75
N PRO B 878 -3.62 5.27 39.04
CA PRO B 878 -5.00 5.40 39.52
C PRO B 878 -5.59 6.75 39.15
N SER B 879 -6.76 6.73 38.51
CA SER B 879 -7.47 7.93 38.11
C SER B 879 -8.87 7.93 38.73
N HIS B 880 -9.46 9.12 38.82
CA HIS B 880 -10.74 9.28 39.49
C HIS B 880 -11.87 9.39 38.47
N ILE B 881 -13.09 9.13 38.96
CA ILE B 881 -14.29 9.24 38.14
C ILE B 881 -14.85 10.65 38.33
N ASP B 882 -14.96 11.41 37.25
CA ASP B 882 -15.38 12.80 37.38
C ASP B 882 -16.91 12.92 37.36
N GLN B 883 -17.54 12.43 36.30
CA GLN B 883 -19.00 12.49 36.19
C GLN B 883 -19.45 11.41 35.22
N VAL B 884 -20.57 10.77 35.53
CA VAL B 884 -21.13 9.71 34.70
C VAL B 884 -22.60 10.00 34.48
N MET B 885 -23.01 10.12 33.21
CA MET B 885 -24.37 10.45 32.86
C MET B 885 -24.96 9.33 32.01
N MET B 886 -26.28 9.21 32.04
CA MET B 886 -26.99 8.28 31.17
C MET B 886 -28.19 8.95 30.54
N SER B 887 -28.39 8.68 29.25
CA SER B 887 -29.39 9.37 28.44
C SER B 887 -29.73 8.46 27.27
N VAL B 888 -30.50 8.98 26.31
CA VAL B 888 -30.91 8.19 25.15
C VAL B 888 -30.62 8.98 23.88
N SER B 889 -30.37 8.25 22.80
CA SER B 889 -29.96 8.84 21.53
C SER B 889 -31.21 9.19 20.72
N ASP B 890 -31.04 9.44 19.42
CA ASP B 890 -32.16 9.86 18.58
C ASP B 890 -33.20 8.74 18.45
N ASN B 891 -32.74 7.53 18.17
CA ASN B 891 -33.57 6.34 18.32
C ASN B 891 -33.39 5.75 19.71
N ASP B 892 -34.48 5.21 20.26
CA ASP B 892 -34.59 4.95 21.69
C ASP B 892 -33.73 3.74 22.05
N GLN B 893 -32.44 4.02 22.25
CA GLN B 893 -31.44 3.00 22.56
C GLN B 893 -30.41 3.65 23.47
N ALA B 894 -30.33 3.19 24.71
CA ALA B 894 -29.79 4.01 25.78
C ALA B 894 -28.29 4.20 25.62
N LEU B 895 -27.79 5.31 26.18
CA LEU B 895 -26.38 5.64 26.14
C LEU B 895 -25.82 5.71 27.56
N ILE B 896 -24.53 5.40 27.68
CA ILE B 896 -23.76 5.58 28.91
C ILE B 896 -22.47 6.28 28.54
N LYS B 897 -22.17 7.39 29.21
CA LYS B 897 -20.93 8.13 28.93
C LYS B 897 -20.29 8.59 30.25
N VAL B 898 -19.39 7.76 30.78
CA VAL B 898 -18.63 8.09 31.98
C VAL B 898 -17.34 8.78 31.55
N LEU B 899 -16.90 9.77 32.33
CA LEU B 899 -15.71 10.54 32.00
C LEU B 899 -14.77 10.50 33.18
N LEU B 900 -13.61 9.87 33.00
CA LEU B 900 -12.61 9.73 34.04
C LEU B 900 -11.89 11.06 34.28
N ARG B 901 -10.93 11.04 35.20
CA ARG B 901 -10.21 12.25 35.59
C ARG B 901 -8.96 11.83 36.36
N GLN B 902 -7.81 12.33 35.93
CA GLN B 902 -6.61 12.33 36.76
C GLN B 902 -5.81 13.60 36.49
N ASN B 903 -5.18 14.11 37.55
CA ASN B 903 -4.18 15.16 37.43
C ASN B 903 -2.82 14.64 37.86
N ARG B 904 -1.77 15.30 37.37
CA ARG B 904 -0.42 14.82 37.54
C ARG B 904 0.53 16.01 37.62
N ARG B 905 1.79 15.72 37.90
CA ARG B 905 2.79 16.76 38.14
C ARG B 905 3.97 16.56 37.19
N PRO B 906 4.64 17.65 36.80
CA PRO B 906 5.61 17.54 35.70
C PRO B 906 6.96 17.00 36.13
N GLU B 907 7.08 15.67 36.18
CA GLU B 907 8.39 15.04 36.39
C GLU B 907 9.15 14.97 35.06
N LEU B 908 10.39 14.50 35.12
CA LEU B 908 11.30 14.68 34.00
C LEU B 908 10.94 13.75 32.85
N GLY B 909 11.14 14.25 31.62
CA GLY B 909 10.54 13.69 30.43
C GLY B 909 9.42 14.53 29.86
N ASP B 910 8.79 15.37 30.67
CA ASP B 910 7.64 16.14 30.24
C ASP B 910 8.12 17.36 29.45
N LYS B 911 7.61 17.51 28.23
CA LYS B 911 8.23 18.35 27.23
C LYS B 911 7.68 19.77 27.32
N PHE B 912 8.57 20.72 27.59
CA PHE B 912 8.25 22.13 27.64
C PHE B 912 8.79 22.84 26.39
N SER B 913 8.36 24.10 26.22
CA SER B 913 8.74 24.91 25.07
C SER B 913 8.97 26.34 25.55
N SER B 914 9.03 27.27 24.61
CA SER B 914 9.40 28.64 24.93
C SER B 914 8.55 29.69 24.22
N ARG B 915 7.59 29.28 23.38
CA ARG B 915 6.80 30.14 22.49
C ARG B 915 7.62 30.74 21.35
N HIS B 916 8.92 30.46 21.27
CA HIS B 916 9.71 30.82 20.09
C HIS B 916 10.27 29.62 19.35
N GLY B 917 10.04 28.40 19.82
CA GLY B 917 10.43 27.24 19.04
C GLY B 917 11.70 26.58 19.54
N GLN B 918 11.84 26.44 20.85
CA GLN B 918 12.98 25.75 21.45
C GLN B 918 12.46 24.63 22.35
N LYS B 919 12.33 23.43 21.78
CA LYS B 919 11.83 22.30 22.53
C LYS B 919 12.80 21.91 23.64
N GLY B 920 12.29 21.20 24.64
CA GLY B 920 13.17 20.71 25.69
C GLY B 920 12.58 19.65 26.60
N VAL B 921 13.29 18.52 26.73
CA VAL B 921 12.95 17.53 27.75
C VAL B 921 13.39 18.06 29.11
N CYS B 922 12.49 18.03 30.09
CA CYS B 922 12.88 18.25 31.48
C CYS B 922 13.94 17.24 31.88
N GLY B 923 15.10 17.74 32.34
CA GLY B 923 16.25 16.89 32.51
C GLY B 923 16.49 16.44 33.94
N ILE B 924 16.29 17.35 34.89
CA ILE B 924 16.45 17.04 36.31
C ILE B 924 15.52 17.96 37.10
N ILE B 925 15.15 17.51 38.30
CA ILE B 925 14.36 18.30 39.24
C ILE B 925 15.17 18.40 40.51
N VAL B 926 15.91 19.50 40.67
CA VAL B 926 16.72 19.72 41.87
C VAL B 926 15.91 20.49 42.90
N LYS B 927 16.40 20.53 44.13
CA LYS B 927 15.72 21.20 45.22
C LYS B 927 15.91 22.72 45.12
N GLN B 928 15.18 23.44 45.98
CA GLN B 928 15.23 24.90 45.97
C GLN B 928 16.58 25.41 46.45
N GLU B 929 17.12 24.79 47.50
CA GLU B 929 18.33 25.31 48.14
C GLU B 929 19.56 25.15 47.27
N ASP B 930 19.51 24.27 46.26
CA ASP B 930 20.63 24.13 45.33
C ASP B 930 20.53 25.10 44.17
N MET B 931 19.35 25.67 43.93
CA MET B 931 19.20 26.70 42.92
C MET B 931 19.89 27.98 43.37
N PRO B 932 20.32 28.83 42.44
CA PRO B 932 20.93 30.11 42.84
C PRO B 932 19.89 31.10 43.34
N PHE B 933 20.34 32.26 43.80
CA PHE B 933 19.45 33.30 44.28
C PHE B 933 20.11 34.66 44.11
N ASN B 934 19.29 35.66 43.80
CA ASN B 934 19.79 37.03 43.71
C ASN B 934 19.90 37.69 45.08
N ASP B 935 20.05 39.01 45.10
CA ASP B 935 20.20 39.73 46.36
C ASP B 935 18.93 39.69 47.20
N GLN B 936 17.77 39.55 46.56
CA GLN B 936 16.50 39.63 47.25
C GLN B 936 15.94 38.27 47.67
N GLY B 937 16.47 37.18 47.13
CA GLY B 937 15.96 35.86 47.45
C GLY B 937 15.13 35.22 46.37
N ILE B 938 15.12 35.77 45.16
CA ILE B 938 14.31 35.25 44.07
C ILE B 938 15.03 34.04 43.47
N VAL B 939 14.47 32.86 43.70
CA VAL B 939 15.00 31.61 43.12
C VAL B 939 14.38 31.46 41.73
N PRO B 940 15.18 31.23 40.70
CA PRO B 940 14.62 31.03 39.36
C PRO B 940 13.75 29.78 39.31
N ASP B 941 12.74 29.83 38.44
CA ASP B 941 11.87 28.67 38.24
C ASP B 941 12.52 27.65 37.31
N ILE B 942 13.17 28.11 36.24
CA ILE B 942 13.66 27.24 35.18
C ILE B 942 14.99 27.79 34.69
N ILE B 943 15.99 26.91 34.53
CA ILE B 943 17.28 27.28 33.98
C ILE B 943 17.44 26.58 32.63
N MET B 944 17.71 27.38 31.60
CA MET B 944 18.01 26.89 30.26
C MET B 944 19.45 27.27 29.89
N ASN B 945 20.10 26.43 29.10
CA ASN B 945 21.51 26.62 28.85
C ASN B 945 21.73 27.78 27.89
N PRO B 946 22.91 28.40 27.90
CA PRO B 946 23.19 29.49 26.95
C PRO B 946 23.44 29.02 25.53
N HIS B 947 23.56 27.72 25.27
CA HIS B 947 24.10 27.23 24.01
C HIS B 947 23.03 26.99 22.96
N GLY B 948 21.94 27.75 22.96
CA GLY B 948 21.02 27.72 21.84
C GLY B 948 21.10 28.97 20.97
N PHE B 949 21.35 30.11 21.61
CA PHE B 949 21.18 31.42 20.98
C PHE B 949 22.15 31.71 19.84
N PRO B 950 23.35 31.12 19.79
CA PRO B 950 24.17 31.31 18.57
C PRO B 950 23.65 30.53 17.38
N SER B 951 23.23 29.28 17.55
CA SER B 951 22.78 28.51 16.40
C SER B 951 21.34 28.85 16.04
N ARG B 952 20.46 28.95 17.04
CA ARG B 952 19.06 29.20 16.80
C ARG B 952 18.77 30.66 16.46
N MET B 953 19.67 31.57 16.85
CA MET B 953 19.61 32.98 16.46
C MET B 953 18.30 33.63 16.93
N THR B 954 17.79 33.18 18.07
CA THR B 954 16.55 33.72 18.64
C THR B 954 16.92 34.92 19.51
N VAL B 955 16.89 36.12 18.91
CA VAL B 955 17.03 37.35 19.69
C VAL B 955 15.70 37.79 20.28
N GLY B 956 14.60 37.09 19.96
CA GLY B 956 13.33 37.40 20.58
C GLY B 956 13.32 37.13 22.08
N LYS B 957 13.78 35.95 22.49
CA LYS B 957 13.82 35.62 23.91
C LYS B 957 14.74 36.53 24.69
N MET B 958 15.78 37.05 24.04
CA MET B 958 16.64 38.03 24.72
C MET B 958 15.97 39.38 24.86
N ILE B 959 15.02 39.69 23.98
CA ILE B 959 14.24 40.93 24.09
C ILE B 959 12.98 40.72 24.92
N GLU B 960 12.31 39.58 24.74
CA GLU B 960 11.13 39.24 25.54
C GLU B 960 11.44 39.27 27.03
N LEU B 961 12.66 38.93 27.41
CA LEU B 961 13.04 38.96 28.82
C LEU B 961 13.23 40.40 29.31
N ILE B 962 13.70 41.30 28.44
CA ILE B 962 13.87 42.68 28.85
C ILE B 962 12.53 43.41 28.87
N SER B 963 11.72 43.22 27.84
CA SER B 963 10.40 43.83 27.81
C SER B 963 9.43 43.22 28.82
N GLY B 964 9.78 42.06 29.40
CA GLY B 964 8.97 41.47 30.43
C GLY B 964 9.33 41.87 31.84
N LYS B 965 10.62 41.89 32.15
CA LYS B 965 11.07 42.32 33.48
C LYS B 965 10.70 43.78 33.74
N ALA B 966 10.85 44.64 32.72
CA ALA B 966 10.52 46.05 32.90
C ALA B 966 9.02 46.26 33.04
N GLY B 967 8.20 45.33 32.55
CA GLY B 967 6.77 45.44 32.74
C GLY B 967 6.32 45.05 34.13
N VAL B 968 7.00 44.09 34.75
CA VAL B 968 6.68 43.70 36.12
C VAL B 968 6.97 44.85 37.08
N LEU B 969 8.16 45.45 36.97
CA LEU B 969 8.55 46.53 37.86
C LEU B 969 7.70 47.79 37.65
N ASN B 970 7.12 47.96 36.46
CA ASN B 970 6.27 49.11 36.19
C ASN B 970 4.79 48.80 36.35
N GLY B 971 4.43 47.52 36.51
CA GLY B 971 3.05 47.14 36.71
C GLY B 971 2.18 47.14 35.47
N THR B 972 2.74 47.31 34.28
CA THR B 972 1.97 47.37 33.06
C THR B 972 2.47 46.34 32.07
N LEU B 973 1.53 45.65 31.42
CA LEU B 973 1.88 44.71 30.37
C LEU B 973 2.31 45.45 29.10
N GLU B 974 3.24 44.85 28.38
CA GLU B 974 3.86 45.49 27.22
C GLU B 974 3.53 44.69 25.97
N TYR B 975 3.61 45.37 24.82
CA TYR B 975 3.29 44.76 23.54
C TYR B 975 4.58 44.37 22.82
N GLY B 976 4.67 43.11 22.41
CA GLY B 976 5.53 42.75 21.29
C GLY B 976 4.77 42.38 20.05
N THR B 977 4.68 43.30 19.10
CA THR B 977 3.98 43.07 17.84
C THR B 977 4.98 42.69 16.76
N CYS B 978 4.47 42.54 15.54
CA CYS B 978 5.33 42.38 14.37
C CYS B 978 5.55 43.72 13.71
N PHE B 979 6.78 43.95 13.25
CA PHE B 979 7.13 45.15 12.48
C PHE B 979 6.90 46.40 13.31
N GLY B 980 7.26 46.33 14.59
CA GLY B 980 6.98 47.40 15.53
C GLY B 980 7.23 46.99 16.96
N GLY B 981 6.26 47.22 17.83
CA GLY B 981 6.36 46.77 19.21
C GLY B 981 7.08 47.76 20.09
N SER B 982 7.21 47.37 21.36
CA SER B 982 7.86 48.24 22.34
C SER B 982 9.38 48.25 22.10
N LYS B 983 9.94 49.46 22.01
CA LYS B 983 11.35 49.62 21.65
C LYS B 983 12.23 49.24 22.84
N LEU B 984 13.54 49.27 22.60
CA LEU B 984 14.51 48.86 23.60
C LEU B 984 15.06 50.03 24.41
N GLU B 985 15.35 51.16 23.75
CA GLU B 985 16.00 52.26 24.45
C GLU B 985 15.07 52.94 25.45
N ASP B 986 13.76 52.87 25.23
CA ASP B 986 12.79 53.39 26.18
C ASP B 986 12.44 52.38 27.25
N MET B 987 13.01 51.17 27.19
CA MET B 987 12.70 50.10 28.13
C MET B 987 13.83 49.82 29.10
N SER B 988 15.07 50.21 28.77
CA SER B 988 16.15 50.23 29.73
C SER B 988 16.10 51.45 30.65
N LYS B 989 15.35 52.49 30.28
CA LYS B 989 15.19 53.64 31.17
C LYS B 989 14.32 53.29 32.38
N ILE B 990 13.33 52.43 32.19
CA ILE B 990 12.56 51.93 33.32
C ILE B 990 13.42 50.98 34.16
N LEU B 991 14.29 50.21 33.50
CA LEU B 991 15.05 49.14 34.14
C LEU B 991 16.27 49.66 34.90
N VAL B 992 16.61 50.94 34.74
CA VAL B 992 17.68 51.55 35.50
C VAL B 992 17.13 52.43 36.64
N ASP B 993 15.87 52.85 36.57
CA ASP B 993 15.27 53.61 37.66
C ASP B 993 14.98 52.72 38.85
N GLN B 994 14.48 51.51 38.60
CA GLN B 994 14.11 50.60 39.67
C GLN B 994 15.32 50.05 40.41
N GLY B 995 16.50 50.06 39.79
CA GLY B 995 17.72 49.74 40.50
C GLY B 995 18.56 48.63 39.88
N PHE B 996 18.07 48.03 38.81
CA PHE B 996 18.72 46.86 38.23
C PHE B 996 19.63 47.30 37.08
N ASN B 997 20.23 46.31 36.42
CA ASN B 997 21.17 46.59 35.34
C ASN B 997 20.42 47.09 34.11
N TYR B 998 21.15 47.82 33.25
CA TYR B 998 20.50 48.44 32.10
C TYR B 998 20.18 47.42 31.01
N SER B 999 20.81 46.25 31.04
CA SER B 999 20.56 45.19 30.07
C SER B 999 19.85 44.00 30.70
N GLY B 1000 19.22 44.19 31.86
CA GLY B 1000 18.57 43.11 32.57
C GLY B 1000 19.48 42.07 33.18
N LYS B 1001 20.79 42.17 32.95
CA LYS B 1001 21.71 41.09 33.32
C LYS B 1001 22.16 41.29 34.75
N ASP B 1002 21.42 40.71 35.68
CA ASP B 1002 21.65 40.90 37.10
C ASP B 1002 22.81 40.02 37.56
N MET B 1003 23.21 40.16 38.82
CA MET B 1003 24.18 39.25 39.42
C MET B 1003 23.54 38.55 40.61
N LEU B 1004 23.98 37.32 40.85
CA LEU B 1004 23.38 36.47 41.86
C LEU B 1004 24.41 35.49 42.39
N TYR B 1005 24.08 34.86 43.51
CA TYR B 1005 25.01 34.00 44.23
C TYR B 1005 24.86 32.57 43.72
N SER B 1006 25.44 31.62 44.43
CA SER B 1006 25.24 30.20 44.15
C SER B 1006 24.80 29.49 45.42
N GLY B 1007 24.03 28.41 45.23
CA GLY B 1007 23.39 27.75 46.35
C GLY B 1007 24.12 26.51 46.81
N ILE B 1008 25.07 26.04 46.00
CA ILE B 1008 25.94 24.93 46.41
C ILE B 1008 27.10 25.45 47.24
N THR B 1009 27.80 26.47 46.74
CA THR B 1009 29.08 26.87 47.31
C THR B 1009 29.02 28.16 48.11
N GLY B 1010 28.04 29.03 47.87
CA GLY B 1010 27.84 30.18 48.72
C GLY B 1010 28.33 31.50 48.14
N GLU B 1011 29.50 31.49 47.50
CA GLU B 1011 30.10 32.74 47.02
C GLU B 1011 29.49 33.14 45.67
N CYS B 1012 29.90 34.30 45.19
CA CYS B 1012 29.38 34.86 43.95
C CYS B 1012 29.84 34.02 42.75
N LEU B 1013 29.22 34.30 41.60
CA LEU B 1013 29.57 33.65 40.34
C LEU B 1013 30.49 34.58 39.56
N GLN B 1014 31.57 34.01 39.01
CA GLN B 1014 32.58 34.83 38.34
C GLN B 1014 32.08 35.50 37.07
N ALA B 1015 30.85 35.22 36.63
CA ALA B 1015 30.26 35.91 35.51
C ALA B 1015 28.93 36.52 35.94
N TYR B 1016 28.21 37.09 34.97
CA TYR B 1016 26.88 37.64 35.20
C TYR B 1016 25.84 36.83 34.45
N ILE B 1017 24.67 36.68 35.06
CA ILE B 1017 23.64 35.75 34.60
C ILE B 1017 22.48 36.57 34.06
N PHE B 1018 21.98 36.18 32.89
CA PHE B 1018 20.87 36.90 32.29
C PHE B 1018 19.56 36.38 32.89
N PHE B 1019 18.86 37.27 33.60
CA PHE B 1019 17.85 36.88 34.57
C PHE B 1019 16.55 37.60 34.27
N GLY B 1020 15.44 36.87 34.25
CA GLY B 1020 14.15 37.47 34.06
C GLY B 1020 13.03 36.51 33.73
N PRO B 1021 11.81 37.04 33.59
CA PRO B 1021 10.65 36.19 33.32
C PRO B 1021 10.41 35.91 31.85
N ILE B 1022 10.23 34.64 31.49
CA ILE B 1022 9.93 34.25 30.12
C ILE B 1022 8.71 33.33 30.14
N TYR B 1023 7.80 33.55 29.20
CA TYR B 1023 6.59 32.73 29.07
C TYR B 1023 6.94 31.35 28.54
N TYR B 1024 6.86 30.33 29.40
CA TYR B 1024 7.06 28.94 29.00
C TYR B 1024 5.72 28.21 29.00
N GLN B 1025 5.15 28.04 27.81
CA GLN B 1025 3.98 27.20 27.65
C GLN B 1025 4.34 25.73 27.74
N LYS B 1026 3.48 24.93 28.37
CA LYS B 1026 3.70 23.49 28.45
C LYS B 1026 3.01 22.81 27.27
N LEU B 1027 3.73 21.87 26.65
CA LEU B 1027 3.18 21.12 25.52
C LEU B 1027 2.51 19.82 25.96
N LYS B 1028 2.08 19.06 24.94
CA LYS B 1028 1.57 17.70 25.06
C LYS B 1028 2.76 16.74 25.06
N HIS B 1029 2.52 15.46 24.76
CA HIS B 1029 3.59 14.48 24.55
C HIS B 1029 4.38 14.22 25.83
N MET B 1030 3.66 13.89 26.91
CA MET B 1030 4.26 13.59 28.19
C MET B 1030 4.62 12.11 28.25
N VAL B 1031 5.45 11.76 29.24
CA VAL B 1031 5.98 10.41 29.32
C VAL B 1031 5.13 9.47 30.17
N LEU B 1032 4.05 9.97 30.79
CA LEU B 1032 3.17 9.09 31.53
C LEU B 1032 2.43 8.14 30.61
N ASP B 1033 2.20 8.54 29.36
CA ASP B 1033 1.55 7.72 28.35
C ASP B 1033 2.44 7.54 27.13
N LYS B 1034 3.75 7.39 27.36
CA LYS B 1034 4.65 6.88 26.34
C LYS B 1034 5.58 5.77 26.81
N MET B 1035 5.69 5.52 28.11
CA MET B 1035 6.47 4.39 28.59
C MET B 1035 5.79 3.09 28.19
N HIS B 1036 6.51 2.24 27.46
CA HIS B 1036 6.00 0.96 26.99
C HIS B 1036 6.95 -0.15 27.38
N ALA B 1037 6.39 -1.34 27.61
CA ALA B 1037 7.19 -2.47 28.10
C ALA B 1037 6.45 -3.74 27.72
N ARG B 1038 6.97 -4.48 26.73
CA ARG B 1038 6.41 -5.75 26.32
C ARG B 1038 7.46 -6.84 26.46
N ALA B 1039 7.17 -7.84 27.29
CA ALA B 1039 8.08 -8.96 27.51
C ALA B 1039 7.71 -10.13 26.60
N ARG B 1040 6.48 -10.64 26.75
CA ARG B 1040 6.02 -11.79 25.99
C ARG B 1040 4.49 -11.72 26.02
N GLY B 1041 3.88 -11.31 24.91
CA GLY B 1041 2.50 -10.93 24.91
C GLY B 1041 1.69 -11.52 23.77
N PRO B 1042 0.68 -10.77 23.32
CA PRO B 1042 -0.11 -11.23 22.17
C PRO B 1042 0.71 -11.32 20.90
N ARG B 1043 0.27 -12.19 20.00
CA ARG B 1043 0.89 -12.43 18.71
C ARG B 1043 -0.18 -12.44 17.63
N ALA B 1044 0.17 -11.93 16.46
CA ALA B 1044 -0.79 -11.85 15.37
C ALA B 1044 -0.99 -13.24 14.77
N VAL B 1045 -2.06 -13.38 14.00
CA VAL B 1045 -2.53 -14.71 13.62
C VAL B 1045 -1.89 -15.18 12.31
N LEU B 1046 -1.75 -14.30 11.32
CA LEU B 1046 -1.23 -14.75 10.03
C LEU B 1046 0.28 -14.82 10.00
N THR B 1047 0.96 -14.09 10.89
CA THR B 1047 2.42 -14.01 10.89
C THR B 1047 3.07 -14.57 12.16
N ARG B 1048 2.32 -14.71 13.25
CA ARG B 1048 2.83 -15.25 14.51
C ARG B 1048 4.03 -14.45 15.02
N GLN B 1049 3.99 -13.15 14.80
CA GLN B 1049 4.95 -12.19 15.31
C GLN B 1049 4.30 -11.31 16.38
N PRO B 1050 5.10 -10.54 17.12
CA PRO B 1050 4.52 -9.56 18.04
C PRO B 1050 3.63 -8.55 17.30
N THR B 1051 2.72 -7.96 18.07
CA THR B 1051 1.62 -7.19 17.52
C THR B 1051 2.01 -5.72 17.45
N GLU B 1052 1.88 -5.11 16.26
CA GLU B 1052 2.22 -3.71 16.11
C GLU B 1052 1.19 -2.83 16.81
N GLY B 1053 1.67 -1.87 17.59
CA GLY B 1053 0.77 -0.92 18.24
C GLY B 1053 0.97 -0.96 19.74
N ARG B 1054 1.18 0.23 20.32
CA ARG B 1054 1.29 0.33 21.77
C ARG B 1054 -0.03 -0.05 22.45
N SER B 1055 -1.15 0.35 21.85
CA SER B 1055 -2.45 -0.07 22.35
C SER B 1055 -2.72 -1.54 22.06
N ARG B 1056 -2.07 -2.10 21.05
CA ARG B 1056 -2.12 -3.52 20.75
C ARG B 1056 -1.05 -4.32 21.47
N ASP B 1057 -0.44 -3.74 22.51
CA ASP B 1057 0.54 -4.40 23.37
C ASP B 1057 1.81 -4.76 22.61
N GLY B 1058 2.25 -3.83 21.76
CA GLY B 1058 3.59 -3.51 21.33
C GLY B 1058 4.45 -4.70 20.95
N GLY B 1059 5.76 -4.52 21.13
CA GLY B 1059 6.77 -5.32 20.48
C GLY B 1059 7.28 -4.56 19.28
N LEU B 1060 8.58 -4.29 19.20
CA LEU B 1060 9.09 -3.29 18.28
C LEU B 1060 9.81 -3.93 17.11
N ARG B 1061 9.92 -3.16 16.03
CA ARG B 1061 10.26 -3.66 14.71
C ARG B 1061 11.77 -3.53 14.50
N LEU B 1062 12.48 -4.66 14.47
CA LEU B 1062 13.88 -4.65 14.07
C LEU B 1062 13.93 -4.78 12.56
N GLY B 1063 14.10 -3.65 11.88
CA GLY B 1063 13.82 -3.55 10.46
C GLY B 1063 14.92 -4.11 9.58
N GLU B 1064 15.04 -3.52 8.39
CA GLU B 1064 16.08 -3.85 7.43
C GLU B 1064 17.24 -2.86 7.44
N MET B 1065 16.97 -1.61 7.84
CA MET B 1065 18.05 -0.65 8.08
C MET B 1065 18.90 -1.06 9.29
N GLU B 1066 18.28 -1.68 10.29
CA GLU B 1066 19.00 -2.11 11.48
C GLU B 1066 19.53 -3.55 11.37
N ARG B 1067 19.10 -4.29 10.36
CA ARG B 1067 19.67 -5.62 10.14
C ARG B 1067 21.06 -5.53 9.51
N ASP B 1068 21.26 -4.58 8.61
CA ASP B 1068 22.56 -4.44 7.97
C ASP B 1068 23.59 -3.85 8.93
N CYS B 1069 23.15 -3.10 9.93
CA CYS B 1069 24.06 -2.56 10.92
C CYS B 1069 24.63 -3.65 11.82
N VAL B 1070 23.89 -4.74 12.00
CA VAL B 1070 24.37 -5.84 12.83
C VAL B 1070 25.44 -6.64 12.11
N ILE B 1071 25.21 -6.98 10.85
CA ILE B 1071 26.15 -7.82 10.11
C ILE B 1071 27.46 -7.09 9.83
N ALA B 1072 27.47 -5.75 9.92
CA ALA B 1072 28.71 -5.02 9.75
C ALA B 1072 29.66 -5.23 10.91
N TYR B 1073 29.12 -5.56 12.09
CA TYR B 1073 29.96 -5.95 13.21
C TYR B 1073 30.55 -7.34 13.04
N GLY B 1074 29.97 -8.16 12.16
CA GLY B 1074 30.34 -9.55 12.03
C GLY B 1074 29.64 -10.49 12.99
N ALA B 1075 28.74 -9.98 13.83
CA ALA B 1075 28.13 -10.78 14.88
C ALA B 1075 27.11 -11.74 14.27
N SER B 1076 27.34 -13.04 14.46
CA SER B 1076 26.54 -14.07 13.79
C SER B 1076 25.85 -15.02 14.77
N GLN B 1077 25.58 -14.59 16.00
CA GLN B 1077 24.76 -15.45 16.86
C GLN B 1077 23.54 -14.76 17.46
N LEU B 1078 23.63 -13.45 17.75
CA LEU B 1078 22.42 -12.73 18.13
C LEU B 1078 21.59 -12.30 16.93
N LEU B 1079 22.19 -12.26 15.75
CA LEU B 1079 21.41 -12.09 14.51
C LEU B 1079 20.47 -13.26 14.31
N LEU B 1080 20.92 -14.47 14.60
CA LEU B 1080 20.03 -15.63 14.64
C LEU B 1080 19.08 -15.58 15.83
N GLU B 1081 19.51 -14.99 16.96
CA GLU B 1081 18.64 -14.96 18.14
C GLU B 1081 17.59 -13.87 18.07
N ARG B 1082 17.94 -12.68 17.56
CA ARG B 1082 16.98 -11.59 17.49
C ARG B 1082 15.97 -11.74 16.35
N LEU B 1083 16.17 -12.69 15.43
CA LEU B 1083 15.32 -12.79 14.26
C LEU B 1083 14.67 -14.15 14.06
N MET B 1084 14.92 -15.14 14.93
CA MET B 1084 13.98 -16.24 15.04
C MET B 1084 13.70 -16.72 16.47
N ILE B 1085 14.59 -16.52 17.44
CA ILE B 1085 14.35 -17.07 18.77
C ILE B 1085 13.37 -16.20 19.54
N SER B 1086 13.73 -14.94 19.79
CA SER B 1086 12.84 -14.05 20.54
C SER B 1086 11.70 -13.49 19.70
N SER B 1087 11.60 -13.86 18.41
CA SER B 1087 10.53 -13.33 17.57
C SER B 1087 9.62 -14.41 17.00
N ASP B 1088 10.17 -15.39 16.29
CA ASP B 1088 9.38 -16.14 15.32
C ASP B 1088 9.72 -17.63 15.29
N ALA B 1089 10.07 -18.22 16.43
CA ALA B 1089 10.51 -19.60 16.43
C ALA B 1089 9.33 -20.55 16.19
N PHE B 1090 9.62 -21.68 15.56
CA PHE B 1090 8.63 -22.67 15.17
C PHE B 1090 9.35 -23.95 14.78
N GLU B 1091 8.80 -25.09 15.16
CA GLU B 1091 9.48 -26.37 15.04
C GLU B 1091 8.85 -27.18 13.91
N VAL B 1092 9.55 -27.23 12.78
CA VAL B 1092 9.08 -27.91 11.57
C VAL B 1092 9.78 -29.26 11.46
N ASP B 1093 9.01 -30.31 11.19
CA ASP B 1093 9.56 -31.62 10.85
C ASP B 1093 9.35 -31.88 9.37
N VAL B 1094 10.45 -31.96 8.63
CA VAL B 1094 10.43 -32.03 7.17
C VAL B 1094 10.98 -33.37 6.74
N CYS B 1095 10.38 -33.96 5.70
CA CYS B 1095 10.86 -35.22 5.16
C CYS B 1095 12.20 -35.02 4.45
N ASP B 1096 12.94 -36.10 4.31
CA ASP B 1096 14.30 -36.01 3.76
C ASP B 1096 14.30 -36.08 2.23
N LYS B 1097 13.78 -37.16 1.68
CA LYS B 1097 13.67 -37.32 0.23
C LYS B 1097 12.24 -36.98 -0.20
N CYS B 1098 12.12 -36.43 -1.41
CA CYS B 1098 11.04 -35.53 -1.79
C CYS B 1098 10.73 -34.56 -0.65
N GLY B 1099 11.74 -33.76 -0.32
CA GLY B 1099 11.74 -33.03 0.93
C GLY B 1099 10.82 -31.83 0.95
N LEU B 1100 9.69 -31.97 1.62
CA LEU B 1100 8.80 -30.86 1.93
C LEU B 1100 8.03 -31.19 3.19
N MET B 1101 7.68 -30.14 3.94
CA MET B 1101 7.29 -30.28 5.33
C MET B 1101 5.93 -30.97 5.46
N GLY B 1102 5.75 -31.67 6.58
CA GLY B 1102 4.48 -32.27 6.94
C GLY B 1102 4.16 -32.02 8.39
N TYR B 1103 3.05 -32.61 8.84
CA TYR B 1103 2.55 -32.37 10.18
C TYR B 1103 3.12 -33.41 11.15
N SER B 1104 2.49 -33.52 12.34
CA SER B 1104 3.11 -34.06 13.55
C SER B 1104 4.08 -35.22 13.32
N GLY B 1105 3.70 -36.20 12.51
CA GLY B 1105 4.62 -37.28 12.21
C GLY B 1105 4.55 -37.82 10.79
N TRP B 1106 3.88 -37.12 9.89
CA TRP B 1106 3.66 -37.63 8.54
C TRP B 1106 4.43 -36.82 7.52
N CYS B 1107 4.50 -37.39 6.31
CA CYS B 1107 4.88 -36.68 5.10
C CYS B 1107 3.69 -36.40 4.18
N THR B 1108 2.67 -37.26 4.24
CA THR B 1108 1.42 -37.21 3.46
C THR B 1108 1.63 -36.93 1.98
N THR B 1109 2.80 -37.21 1.42
CA THR B 1109 2.94 -37.37 -0.02
C THR B 1109 3.75 -38.59 -0.43
N CYS B 1110 4.61 -39.11 0.43
CA CYS B 1110 5.10 -40.49 0.37
C CYS B 1110 4.70 -41.12 1.69
N LYS B 1111 3.49 -41.70 1.72
CA LYS B 1111 2.85 -42.07 2.99
C LYS B 1111 3.54 -43.29 3.57
N SER B 1112 4.67 -43.05 4.22
CA SER B 1112 5.44 -44.11 4.87
C SER B 1112 5.80 -43.67 6.29
N ALA B 1113 5.91 -42.35 6.49
CA ALA B 1113 6.16 -41.75 7.80
C ALA B 1113 7.47 -42.25 8.41
N GLU B 1114 8.49 -42.43 7.56
CA GLU B 1114 9.76 -43.02 7.99
C GLU B 1114 10.90 -42.01 7.98
N ASN B 1115 11.17 -41.38 6.84
CA ASN B 1115 12.27 -40.43 6.71
C ASN B 1115 11.80 -39.04 7.13
N ILE B 1116 12.06 -38.66 8.37
CA ILE B 1116 11.68 -37.36 8.89
C ILE B 1116 12.82 -36.83 9.76
N ILE B 1117 13.14 -35.55 9.60
CA ILE B 1117 14.13 -34.88 10.45
C ILE B 1117 13.41 -33.76 11.20
N LYS B 1118 13.55 -33.76 12.52
CA LYS B 1118 13.13 -32.61 13.32
C LYS B 1118 14.15 -31.49 13.18
N MET B 1119 13.66 -30.30 12.82
CA MET B 1119 14.48 -29.09 12.82
C MET B 1119 13.63 -27.95 13.38
N THR B 1120 14.14 -26.73 13.26
CA THR B 1120 13.36 -25.54 13.63
C THR B 1120 13.73 -24.39 12.72
N ILE B 1121 12.72 -23.70 12.18
CA ILE B 1121 12.92 -22.57 11.28
C ILE B 1121 12.01 -21.44 11.75
N PRO B 1122 12.15 -20.22 11.23
CA PRO B 1122 11.14 -19.20 11.53
C PRO B 1122 9.77 -19.61 11.02
N TYR B 1123 8.73 -19.13 11.72
CA TYR B 1123 7.37 -19.38 11.25
C TYR B 1123 7.10 -18.67 9.93
N ALA B 1124 7.69 -17.51 9.71
CA ALA B 1124 7.46 -16.76 8.48
C ALA B 1124 8.18 -17.37 7.28
N ALA B 1125 8.93 -18.45 7.45
CA ALA B 1125 9.36 -19.26 6.33
C ALA B 1125 8.60 -20.58 6.22
N LYS B 1126 7.85 -20.96 7.25
CA LYS B 1126 6.88 -22.03 7.09
C LYS B 1126 5.71 -21.59 6.21
N LEU B 1127 5.33 -20.31 6.30
CA LEU B 1127 4.17 -19.81 5.59
C LEU B 1127 4.53 -19.23 4.23
N LEU B 1128 5.80 -18.93 3.99
CA LEU B 1128 6.27 -18.73 2.62
C LEU B 1128 6.30 -20.04 1.85
N PHE B 1129 6.80 -21.10 2.48
CA PHE B 1129 6.88 -22.41 1.84
C PHE B 1129 5.52 -23.07 1.63
N GLN B 1130 4.43 -22.42 2.07
CA GLN B 1130 3.09 -22.86 1.72
C GLN B 1130 2.34 -21.88 0.82
N GLU B 1131 2.69 -20.59 0.86
CA GLU B 1131 2.19 -19.66 -0.14
C GLU B 1131 2.86 -19.91 -1.49
N LEU B 1132 4.18 -20.09 -1.48
CA LEU B 1132 4.93 -20.39 -2.70
C LEU B 1132 4.58 -21.78 -3.23
N LEU B 1133 4.07 -22.65 -2.38
CA LEU B 1133 3.58 -23.97 -2.78
C LEU B 1133 2.14 -23.95 -3.27
N SER B 1134 1.35 -22.94 -2.89
CA SER B 1134 -0.05 -22.90 -3.28
C SER B 1134 -0.20 -22.56 -4.76
N MET B 1135 0.58 -21.62 -5.28
CA MET B 1135 0.82 -21.58 -6.71
C MET B 1135 1.88 -22.61 -7.07
N ASN B 1136 1.84 -23.07 -8.32
CA ASN B 1136 2.57 -24.29 -8.66
C ASN B 1136 4.08 -24.06 -8.69
N ILE B 1137 4.67 -23.94 -7.51
CA ILE B 1137 6.13 -23.91 -7.32
C ILE B 1137 6.46 -24.81 -6.15
N ALA B 1138 7.38 -25.75 -6.33
CA ALA B 1138 7.67 -26.72 -5.28
C ALA B 1138 9.07 -26.51 -4.75
N PRO B 1139 9.25 -25.93 -3.56
CA PRO B 1139 10.60 -25.77 -3.02
C PRO B 1139 11.09 -27.02 -2.31
N ARG B 1140 11.68 -27.95 -3.07
CA ARG B 1140 12.20 -29.17 -2.46
C ARG B 1140 13.39 -28.84 -1.57
N LEU B 1141 13.39 -29.38 -0.35
CA LEU B 1141 14.49 -29.19 0.57
C LEU B 1141 15.49 -30.33 0.48
N ARG B 1142 16.77 -29.97 0.55
CA ARG B 1142 17.87 -30.93 0.46
C ARG B 1142 18.76 -30.72 1.68
N LEU B 1143 18.98 -31.78 2.45
CA LEU B 1143 19.60 -31.65 3.75
C LEU B 1143 20.96 -32.33 3.78
N GLU B 1144 21.85 -31.76 4.59
CA GLU B 1144 23.09 -32.40 5.03
C GLU B 1144 23.10 -32.44 6.55
N ASP B 1145 24.02 -33.22 7.11
CA ASP B 1145 24.29 -33.17 8.54
C ASP B 1145 25.47 -32.23 8.82
N ILE B 1146 25.49 -31.72 10.05
CA ILE B 1146 26.43 -30.65 10.40
C ILE B 1146 27.85 -31.17 10.41
N PHE B 1147 28.05 -32.43 10.80
CA PHE B 1147 29.35 -32.94 11.20
C PHE B 1147 30.02 -33.67 10.04
N GLN B 1148 31.27 -34.08 10.26
CA GLN B 1148 32.01 -34.94 9.33
C GLN B 1148 32.13 -34.27 7.96
N GLN B 1149 32.86 -33.16 7.96
CA GLN B 1149 33.04 -32.35 6.75
C GLN B 1149 33.61 -33.16 5.59
N MET C 1 43.82 38.81 48.30
CA MET C 1 43.54 38.93 49.72
C MET C 1 42.71 40.19 49.97
N SER C 2 42.69 40.69 51.20
CA SER C 2 41.93 41.87 51.59
C SER C 2 40.42 41.71 51.39
N ASN C 3 39.97 40.45 51.32
CA ASN C 3 38.57 40.02 51.40
C ASN C 3 37.55 40.99 50.79
N ILE C 4 37.84 41.49 49.60
CA ILE C 4 36.92 42.39 48.89
C ILE C 4 36.68 41.78 47.50
N VAL C 5 35.45 41.33 47.26
CA VAL C 5 35.06 40.90 45.93
C VAL C 5 35.08 42.10 45.00
N GLY C 6 35.77 41.96 43.86
CA GLY C 6 36.01 43.10 43.00
C GLY C 6 35.02 43.20 41.85
N ILE C 7 34.03 44.08 42.01
CA ILE C 7 33.07 44.34 40.94
C ILE C 7 33.74 45.13 39.84
N GLU C 8 33.63 44.65 38.60
CA GLU C 8 33.94 45.46 37.42
C GLU C 8 32.90 45.14 36.35
N TYR C 9 33.13 45.65 35.14
CA TYR C 9 32.05 45.77 34.18
C TYR C 9 31.71 44.47 33.47
N ASN C 10 32.55 43.43 33.61
CA ASN C 10 32.20 42.13 33.07
C ASN C 10 32.53 40.95 33.98
N ARG C 11 33.17 41.17 35.13
CA ARG C 11 33.60 40.08 35.98
C ARG C 11 33.40 40.44 37.44
N VAL C 12 33.59 39.44 38.30
CA VAL C 12 33.93 39.63 39.71
C VAL C 12 35.18 38.80 40.00
N THR C 13 35.95 39.23 40.99
CA THR C 13 37.28 38.65 41.23
C THR C 13 37.41 38.20 42.68
N ASN C 14 38.39 37.30 42.87
CA ASN C 14 38.74 36.59 44.10
C ASN C 14 37.53 36.32 45.01
N THR C 15 36.53 35.63 44.49
CA THR C 15 35.33 35.36 45.28
C THR C 15 35.52 34.23 46.29
N THR C 16 36.62 33.48 46.22
CA THR C 16 36.76 32.29 47.02
C THR C 16 37.35 32.65 48.39
N SER C 17 37.79 31.63 49.13
CA SER C 17 37.94 31.76 50.58
C SER C 17 39.25 32.48 50.93
N THR C 18 40.37 31.88 50.52
CA THR C 18 41.74 32.26 50.91
C THR C 18 41.83 32.69 52.38
N ASP C 19 41.50 31.73 53.25
CA ASP C 19 41.50 31.95 54.70
C ASP C 19 42.05 30.73 55.41
N PHE C 20 43.09 30.12 54.87
CA PHE C 20 43.55 28.84 55.36
C PHE C 20 45.07 28.77 55.35
N PRO C 21 45.66 28.02 56.29
CA PRO C 21 47.12 27.88 56.33
C PRO C 21 47.61 26.96 55.23
N GLY C 22 48.79 27.27 54.69
CA GLY C 22 49.21 26.67 53.45
C GLY C 22 48.86 27.45 52.21
N PHE C 23 48.53 28.73 52.33
CA PHE C 23 48.30 29.62 51.21
C PHE C 23 49.48 30.53 50.92
N SER C 24 50.17 30.99 51.95
CA SER C 24 51.46 31.65 51.79
C SER C 24 52.49 30.95 52.67
N LYS C 25 53.76 31.36 52.50
CA LYS C 25 54.84 30.71 53.24
C LYS C 25 54.72 30.98 54.74
N ASP C 26 54.44 32.23 55.11
CA ASP C 26 54.14 32.58 56.49
C ASP C 26 52.74 32.10 56.82
N ALA C 27 52.65 30.80 57.17
CA ALA C 27 51.37 30.09 57.25
C ALA C 27 50.62 30.58 58.49
N GLU C 28 49.95 31.72 58.34
CA GLU C 28 49.17 32.33 59.39
C GLU C 28 47.71 31.85 59.31
N ASN C 29 46.82 32.55 60.02
CA ASN C 29 45.42 32.25 60.24
C ASN C 29 45.12 30.76 60.33
N GLU C 30 45.82 30.07 61.23
CA GLU C 30 45.39 28.76 61.69
C GLU C 30 44.09 28.88 62.49
N TRP C 31 43.49 27.73 62.77
CA TRP C 31 42.29 27.72 63.61
C TRP C 31 42.65 28.01 65.06
N ASN C 32 41.88 28.91 65.68
CA ASN C 32 42.03 29.23 67.10
C ASN C 32 40.72 29.86 67.55
N VAL C 33 40.13 29.30 68.61
CA VAL C 33 38.79 29.72 69.01
C VAL C 33 38.84 31.14 69.59
N GLU C 34 39.86 31.45 70.38
CA GLU C 34 39.93 32.77 70.99
C GLU C 34 40.26 33.84 69.95
N LYS C 35 40.99 33.47 68.89
CA LYS C 35 41.21 34.39 67.79
C LYS C 35 39.97 34.57 66.92
N PHE C 36 39.01 33.64 67.02
CA PHE C 36 37.72 33.79 66.35
C PHE C 36 36.71 34.55 67.21
N LYS C 37 36.77 34.36 68.53
CA LYS C 37 35.75 34.89 69.42
C LYS C 37 35.82 36.39 69.56
N LYS C 38 36.97 37.00 69.25
CA LYS C 38 37.13 38.43 69.39
C LYS C 38 36.57 39.18 68.18
N ASP C 39 36.71 38.61 66.99
CA ASP C 39 36.41 39.34 65.76
C ASP C 39 34.97 39.12 65.28
N PHE C 40 34.34 38.00 65.65
CA PHE C 40 32.95 37.77 65.30
C PHE C 40 32.06 38.71 66.10
N GLU C 41 31.31 39.55 65.38
CA GLU C 41 30.33 40.44 66.00
C GLU C 41 29.03 40.39 65.23
N VAL C 42 27.94 40.74 65.92
CA VAL C 42 26.59 40.70 65.37
C VAL C 42 25.96 42.07 65.60
N ASN C 43 25.39 42.64 64.54
CA ASN C 43 24.69 43.92 64.63
C ASN C 43 23.26 43.76 64.14
N ILE C 44 22.30 43.92 65.06
CA ILE C 44 20.89 43.72 64.76
C ILE C 44 20.30 45.05 64.29
N SER C 45 19.87 45.09 63.03
CA SER C 45 19.13 46.23 62.51
C SER C 45 17.64 46.04 62.82
N SER C 46 16.77 46.76 62.11
CA SER C 46 15.34 46.83 62.40
C SER C 46 14.72 45.45 62.57
N LEU C 47 14.25 45.15 63.78
CA LEU C 47 13.67 43.86 64.11
C LEU C 47 12.23 44.05 64.56
N ASP C 48 11.32 43.29 63.96
CA ASP C 48 9.94 43.21 64.40
C ASP C 48 9.50 41.75 64.33
N ALA C 49 8.20 41.51 64.47
CA ALA C 49 7.65 40.22 64.10
C ALA C 49 7.51 40.10 62.59
N ARG C 50 7.59 38.86 62.10
CA ARG C 50 7.41 38.48 60.71
C ARG C 50 8.53 38.99 59.80
N GLU C 51 9.58 39.59 60.38
CA GLU C 51 10.74 40.02 59.62
C GLU C 51 11.91 40.22 60.58
N ALA C 52 13.09 39.80 60.15
CA ALA C 52 14.32 40.10 60.86
C ALA C 52 15.33 40.69 59.89
N ASN C 53 16.27 41.47 60.44
CA ASN C 53 17.32 42.08 59.63
C ASN C 53 18.53 42.30 60.52
N PHE C 54 19.59 41.54 60.28
CA PHE C 54 20.73 41.49 61.17
C PHE C 54 21.95 41.04 60.39
N ASP C 55 23.13 41.41 60.89
CA ASP C 55 24.39 41.17 60.20
C ASP C 55 25.22 40.12 60.91
N LEU C 56 25.99 39.36 60.12
CA LEU C 56 26.95 38.40 60.64
C LEU C 56 28.32 38.74 60.04
N ILE C 57 29.28 39.01 60.91
CA ILE C 57 30.55 39.62 60.52
C ILE C 57 31.66 38.59 60.67
N ASN C 58 32.57 38.57 59.68
CA ASN C 58 33.86 37.88 59.79
C ASN C 58 33.72 36.37 59.88
N ILE C 59 32.68 35.81 59.27
CA ILE C 59 32.59 34.39 59.01
C ILE C 59 32.73 34.15 57.50
N ASP C 60 33.36 33.04 57.15
CA ASP C 60 33.64 32.76 55.75
C ASP C 60 32.38 32.29 55.03
N THR C 61 32.31 32.61 53.74
CA THR C 61 31.07 32.45 52.97
C THR C 61 30.65 31.00 52.82
N SER C 62 31.45 30.07 53.33
CA SER C 62 31.05 28.68 53.35
C SER C 62 29.94 28.42 54.37
N ILE C 63 30.07 29.01 55.56
CA ILE C 63 29.12 28.73 56.65
C ILE C 63 27.95 29.69 56.68
N ALA C 64 28.02 30.82 55.98
CA ALA C 64 26.84 31.65 55.82
C ALA C 64 25.83 31.01 54.87
N ASN C 65 26.31 30.20 53.92
CA ASN C 65 25.40 29.41 53.10
C ASN C 65 24.82 28.23 53.88
N ALA C 66 25.55 27.74 54.88
CA ALA C 66 25.05 26.62 55.67
C ALA C 66 23.84 27.01 56.51
N PHE C 67 23.72 28.28 56.90
CA PHE C 67 22.55 28.70 57.67
C PHE C 67 21.36 29.02 56.79
N ARG C 68 21.58 29.29 55.50
CA ARG C 68 20.47 29.54 54.59
C ARG C 68 19.76 28.25 54.21
N ARG C 69 20.52 27.20 53.91
CA ARG C 69 19.94 25.94 53.45
C ARG C 69 19.23 25.19 54.56
N ILE C 70 19.51 25.49 55.82
CA ILE C 70 18.85 24.80 56.92
C ILE C 70 17.52 25.46 57.28
N MET C 71 17.41 26.78 57.17
CA MET C 71 16.14 27.44 57.44
C MET C 71 15.08 27.07 56.41
N ILE C 72 15.47 26.78 55.18
CA ILE C 72 14.50 26.40 54.16
C ILE C 72 14.14 24.92 54.28
N SER C 73 15.13 24.06 54.50
CA SER C 73 14.89 22.62 54.54
C SER C 73 14.64 22.08 55.94
N GLU C 74 15.63 22.21 56.83
CA GLU C 74 15.73 21.28 57.96
C GLU C 74 14.81 21.64 59.12
N VAL C 75 14.48 22.91 59.31
CA VAL C 75 13.71 23.31 60.47
C VAL C 75 12.24 22.94 60.25
N PRO C 76 11.68 22.06 61.08
CA PRO C 76 10.38 21.47 60.75
C PRO C 76 9.22 22.39 61.12
N SER C 77 8.06 22.06 60.58
CA SER C 77 6.85 22.85 60.78
C SER C 77 5.65 21.93 60.56
N VAL C 78 4.46 22.52 60.49
CA VAL C 78 3.22 21.76 60.34
C VAL C 78 2.47 22.26 59.12
N ALA C 79 1.85 21.32 58.40
CA ALA C 79 0.88 21.64 57.36
C ALA C 79 0.06 20.38 57.10
N ALA C 80 -0.94 20.51 56.23
CA ALA C 80 -1.84 19.40 55.95
C ALA C 80 -1.08 18.26 55.26
N GLU C 81 -1.55 17.04 55.48
CA GLU C 81 -1.00 15.89 54.76
C GLU C 81 -2.04 14.92 54.25
N TYR C 82 -3.23 14.85 54.85
CA TYR C 82 -4.32 14.02 54.34
C TYR C 82 -5.61 14.83 54.42
N VAL C 83 -6.32 14.93 53.32
CA VAL C 83 -7.62 15.61 53.27
C VAL C 83 -8.71 14.59 52.99
N TYR C 84 -9.72 14.56 53.84
CA TYR C 84 -10.80 13.58 53.75
C TYR C 84 -12.04 14.36 53.32
N PHE C 85 -12.62 13.98 52.18
CA PHE C 85 -13.75 14.71 51.62
C PHE C 85 -15.08 14.05 51.99
N PHE C 86 -16.01 14.87 52.47
CA PHE C 86 -17.42 14.54 52.46
C PHE C 86 -18.02 15.08 51.15
N ASN C 87 -19.34 15.27 51.10
CA ASN C 87 -19.98 15.73 49.88
C ASN C 87 -19.39 17.06 49.43
N ASN C 88 -18.79 17.06 48.24
CA ASN C 88 -18.33 18.27 47.56
C ASN C 88 -19.00 18.32 46.18
N THR C 89 -19.86 19.31 45.97
CA THR C 89 -20.45 19.57 44.66
C THR C 89 -20.08 20.96 44.16
N SER C 90 -18.85 21.39 44.40
CA SER C 90 -18.34 22.64 43.88
C SER C 90 -17.64 22.41 42.54
N VAL C 91 -17.41 23.51 41.81
CA VAL C 91 -16.74 23.40 40.53
C VAL C 91 -15.25 23.11 40.70
N ILE C 92 -14.67 23.46 41.85
CA ILE C 92 -13.27 23.15 42.14
C ILE C 92 -13.17 21.66 42.48
N GLN C 93 -12.43 20.91 41.65
CA GLN C 93 -12.30 19.49 41.86
C GLN C 93 -11.45 19.18 43.09
N ASP C 94 -11.53 17.93 43.54
CA ASP C 94 -11.24 17.61 44.94
C ASP C 94 -9.77 17.84 45.27
N GLU C 95 -8.87 17.14 44.59
CA GLU C 95 -7.46 17.17 44.92
C GLU C 95 -6.75 18.41 44.40
N VAL C 96 -7.48 19.37 43.84
CA VAL C 96 -7.01 20.75 43.75
C VAL C 96 -7.36 21.53 44.99
N LEU C 97 -8.60 21.40 45.47
CA LEU C 97 -9.01 22.00 46.72
C LEU C 97 -8.26 21.40 47.91
N ALA C 98 -7.95 20.11 47.85
CA ALA C 98 -7.10 19.49 48.86
C ALA C 98 -5.63 19.88 48.72
N HIS C 99 -5.24 20.49 47.62
CA HIS C 99 -3.86 20.95 47.48
C HIS C 99 -3.69 22.39 47.99
N ARG C 100 -4.70 23.23 47.79
CA ARG C 100 -4.64 24.60 48.30
C ARG C 100 -4.77 24.66 49.81
N ILE C 101 -5.33 23.62 50.45
CA ILE C 101 -5.38 23.57 51.90
C ILE C 101 -4.00 23.25 52.48
N GLY C 102 -3.20 22.46 51.77
CA GLY C 102 -1.91 22.06 52.29
C GLY C 102 -0.93 23.20 52.45
N LEU C 103 -1.04 24.22 51.60
CA LEU C 103 -0.07 25.31 51.59
C LEU C 103 -0.44 26.44 52.55
N VAL C 104 -1.54 26.32 53.28
CA VAL C 104 -1.97 27.38 54.18
C VAL C 104 -1.09 27.36 55.43
N PRO C 105 -0.55 28.49 55.85
CA PRO C 105 0.26 28.51 57.08
C PRO C 105 -0.63 28.32 58.31
N LEU C 106 0.01 27.84 59.38
CA LEU C 106 -0.66 27.65 60.67
C LEU C 106 0.18 28.27 61.78
N LYS C 107 -0.49 28.87 62.76
CA LYS C 107 0.19 29.63 63.78
C LYS C 107 0.67 28.77 64.95
N VAL C 108 0.32 27.48 64.95
CA VAL C 108 0.82 26.57 65.97
C VAL C 108 2.29 26.30 65.72
N ASP C 109 3.11 26.39 66.79
CA ASP C 109 4.50 26.09 66.49
C ASP C 109 4.81 24.61 66.66
N PRO C 110 5.82 24.10 65.94
CA PRO C 110 6.43 22.82 66.30
C PRO C 110 7.13 22.88 67.65
N ASP C 111 7.50 21.68 68.12
CA ASP C 111 7.81 21.17 69.46
C ASP C 111 6.55 20.85 70.25
N MET C 112 5.35 21.17 69.76
CA MET C 112 4.13 20.70 70.39
C MET C 112 3.77 19.28 69.97
N LEU C 113 4.40 18.75 68.93
CA LEU C 113 4.07 17.46 68.35
C LEU C 113 5.33 16.61 68.27
N THR C 114 5.14 15.33 67.97
CA THR C 114 6.23 14.39 67.74
C THR C 114 6.24 13.95 66.29
N TRP C 115 7.39 13.42 65.86
CA TRP C 115 7.50 12.87 64.52
C TRP C 115 6.65 11.61 64.38
N VAL C 116 5.81 11.59 63.34
CA VAL C 116 5.00 10.41 63.05
C VAL C 116 5.89 9.26 62.60
N ASP C 117 5.50 8.03 62.97
CA ASP C 117 6.20 6.83 62.56
C ASP C 117 5.28 6.04 61.64
N SER C 118 5.61 5.98 60.36
CA SER C 118 4.77 5.31 59.36
C SER C 118 5.06 3.82 59.25
N ASN C 119 5.94 3.27 60.08
CA ASN C 119 6.14 1.82 60.10
C ASN C 119 4.94 1.10 60.70
N LEU C 120 4.23 1.74 61.61
CA LEU C 120 3.08 1.12 62.27
C LEU C 120 1.91 0.99 61.30
N PRO C 121 0.99 0.06 61.56
CA PRO C 121 -0.22 -0.03 60.74
C PRO C 121 -1.11 1.19 60.94
N ASP C 122 -1.86 1.50 59.89
CA ASP C 122 -2.42 2.84 59.72
C ASP C 122 -3.70 3.08 60.51
N ASP C 123 -3.69 2.74 61.80
CA ASP C 123 -4.77 3.17 62.68
C ASP C 123 -4.30 3.67 64.05
N GLU C 124 -3.12 3.25 64.53
CA GLU C 124 -2.45 3.91 65.63
C GLU C 124 -1.27 4.76 65.16
N LYS C 125 -1.14 4.97 63.84
CA LYS C 125 -0.12 5.88 63.32
C LYS C 125 -0.40 7.31 63.72
N PHE C 126 -1.67 7.73 63.69
CA PHE C 126 -2.07 9.06 64.10
C PHE C 126 -2.54 8.98 65.54
N THR C 127 -1.61 9.15 66.47
CA THR C 127 -1.93 9.13 67.89
C THR C 127 -2.51 10.48 68.32
N ASP C 128 -2.57 10.71 69.63
CA ASP C 128 -3.29 11.85 70.17
C ASP C 128 -2.40 13.07 70.40
N GLU C 129 -1.09 12.94 70.21
CA GLU C 129 -0.16 14.03 70.51
C GLU C 129 0.80 14.33 69.35
N ASN C 130 0.61 13.70 68.19
CA ASN C 130 1.38 14.04 67.00
C ASN C 130 0.50 14.49 65.85
N THR C 131 -0.75 14.87 66.13
CA THR C 131 -1.70 15.22 65.08
C THR C 131 -2.84 16.02 65.70
N ILE C 132 -3.08 17.21 65.17
CA ILE C 132 -4.29 17.97 65.46
C ILE C 132 -5.19 17.94 64.22
N VAL C 133 -6.50 17.84 64.45
CA VAL C 133 -7.48 17.68 63.38
C VAL C 133 -8.32 18.94 63.32
N LEU C 134 -8.53 19.45 62.11
CA LEU C 134 -9.35 20.63 61.90
C LEU C 134 -10.19 20.44 60.64
N SER C 135 -11.40 20.99 60.67
CA SER C 135 -12.43 20.68 59.69
C SER C 135 -13.18 21.96 59.33
N LEU C 136 -14.13 21.84 58.41
CA LEU C 136 -15.01 22.93 58.06
C LEU C 136 -16.26 22.36 57.40
N ASN C 137 -17.40 22.98 57.68
CA ASN C 137 -18.65 22.71 56.98
C ASN C 137 -19.29 24.03 56.60
N VAL C 138 -19.57 24.21 55.31
CA VAL C 138 -20.09 25.47 54.81
C VAL C 138 -20.92 25.19 53.56
N LYS C 139 -22.05 25.90 53.46
CA LYS C 139 -23.02 25.71 52.39
C LYS C 139 -23.48 27.07 51.90
N CYS C 140 -23.53 27.24 50.58
CA CYS C 140 -23.98 28.49 49.98
C CYS C 140 -25.47 28.40 49.65
N THR C 141 -26.23 29.41 50.06
CA THR C 141 -27.65 29.52 49.83
C THR C 141 -27.97 30.91 49.29
N ARG C 142 -29.24 31.15 48.97
CA ARG C 142 -29.68 32.42 48.45
C ARG C 142 -29.98 33.39 49.58
N ASN C 143 -29.54 34.64 49.41
CA ASN C 143 -29.80 35.69 50.39
C ASN C 143 -31.12 36.37 50.04
N PRO C 144 -32.15 36.31 50.89
CA PRO C 144 -33.43 36.94 50.58
C PRO C 144 -33.52 38.39 51.03
N ASP C 145 -32.79 39.26 50.34
CA ASP C 145 -33.00 40.70 50.43
C ASP C 145 -33.39 41.24 49.05
N ALA C 146 -33.52 42.57 48.96
CA ALA C 146 -33.95 43.24 47.73
C ALA C 146 -32.92 44.27 47.28
N PRO C 147 -31.78 43.85 46.71
CA PRO C 147 -31.03 44.78 45.85
C PRO C 147 -31.53 44.71 44.42
N LYS C 148 -30.87 45.39 43.49
CA LYS C 148 -31.17 45.22 42.08
C LYS C 148 -30.09 44.36 41.43
N GLY C 149 -30.22 44.17 40.11
CA GLY C 149 -29.42 43.17 39.43
C GLY C 149 -27.97 43.60 39.28
N SER C 150 -27.15 42.61 38.89
CA SER C 150 -25.75 42.81 38.53
C SER C 150 -24.90 43.39 39.65
N THR C 151 -25.37 43.34 40.89
CA THR C 151 -24.61 43.94 41.99
C THR C 151 -23.57 42.95 42.50
N ASP C 152 -23.01 43.26 43.67
CA ASP C 152 -21.94 42.45 44.24
C ASP C 152 -22.47 41.07 44.65
N PRO C 153 -21.87 39.97 44.19
CA PRO C 153 -22.23 38.65 44.73
C PRO C 153 -21.58 38.40 46.08
N LYS C 154 -21.63 39.40 46.96
CA LYS C 154 -21.45 39.24 48.39
C LYS C 154 -22.73 39.45 49.19
N GLU C 155 -23.81 39.88 48.55
CA GLU C 155 -25.10 40.01 49.23
C GLU C 155 -26.28 39.41 48.47
N LEU C 156 -26.11 39.02 47.21
CA LEU C 156 -27.10 38.12 46.60
C LEU C 156 -27.04 36.75 47.26
N TYR C 157 -25.85 36.32 47.67
CA TYR C 157 -25.61 35.01 48.26
C TYR C 157 -24.98 35.24 49.62
N ASN C 158 -25.41 34.49 50.63
CA ASN C 158 -24.62 34.45 51.85
C ASN C 158 -23.48 33.44 51.74
N ASN C 159 -22.40 33.74 52.46
CA ASN C 159 -21.12 33.02 52.51
C ASN C 159 -20.76 32.35 51.19
N ALA C 160 -20.76 33.10 50.09
CA ALA C 160 -20.41 32.52 48.80
C ALA C 160 -18.91 32.52 48.54
N HIS C 161 -18.12 33.11 49.43
CA HIS C 161 -16.67 33.04 49.40
C HIS C 161 -16.21 32.38 50.69
N VAL C 162 -15.50 31.26 50.57
CA VAL C 162 -14.91 30.63 51.74
C VAL C 162 -13.50 31.15 51.92
N TYR C 163 -13.13 31.36 53.18
CA TYR C 163 -11.84 31.94 53.54
C TYR C 163 -11.05 30.95 54.40
N ALA C 164 -9.79 31.30 54.65
CA ALA C 164 -8.93 30.46 55.46
C ALA C 164 -9.41 30.38 56.91
N ARG C 165 -10.14 31.40 57.38
CA ARG C 165 -10.65 31.40 58.74
C ARG C 165 -11.75 30.38 58.97
N ASP C 166 -12.22 29.70 57.93
CA ASP C 166 -13.29 28.73 58.09
C ASP C 166 -12.79 27.38 58.60
N LEU C 167 -11.48 27.20 58.72
CA LEU C 167 -10.92 25.97 59.26
C LEU C 167 -11.10 25.93 60.77
N LYS C 168 -12.26 25.47 61.24
CA LYS C 168 -12.54 25.43 62.66
C LYS C 168 -11.72 24.32 63.31
N PHE C 169 -10.79 24.71 64.18
CA PHE C 169 -9.95 23.75 64.89
C PHE C 169 -10.80 22.87 65.79
N GLU C 170 -10.76 21.56 65.54
CA GLU C 170 -11.62 20.57 66.19
C GLU C 170 -10.76 19.73 67.11
N PRO C 171 -10.64 20.08 68.40
CA PRO C 171 -9.62 19.47 69.25
C PRO C 171 -10.01 18.05 69.66
N GLN C 172 -9.07 17.12 69.51
CA GLN C 172 -9.28 15.74 69.89
C GLN C 172 -8.99 15.60 71.38
N GLY C 173 -8.99 14.38 71.90
CA GLY C 173 -8.80 14.18 73.32
C GLY C 173 -7.39 14.54 73.77
N ARG C 174 -7.23 14.63 75.09
CA ARG C 174 -5.93 14.75 75.75
C ARG C 174 -5.26 16.08 75.43
N GLN C 175 -5.86 16.88 74.54
CA GLN C 175 -5.30 18.15 74.13
C GLN C 175 -6.31 19.28 74.20
N SER C 176 -7.49 19.04 74.79
CA SER C 176 -8.41 20.12 75.08
C SER C 176 -7.91 21.02 76.20
N THR C 177 -7.03 20.52 77.07
CA THR C 177 -6.41 21.35 78.10
C THR C 177 -5.02 21.83 77.73
N THR C 178 -4.40 21.29 76.68
CA THR C 178 -3.06 21.72 76.33
C THR C 178 -3.07 22.85 75.31
N PHE C 179 -3.97 22.80 74.32
CA PHE C 179 -4.12 23.86 73.34
C PHE C 179 -5.23 24.83 73.69
N ALA C 180 -5.57 24.94 74.98
CA ALA C 180 -6.69 25.79 75.39
C ALA C 180 -6.29 27.26 75.42
N ASP C 181 -5.12 27.58 75.98
CA ASP C 181 -4.71 28.98 76.05
C ASP C 181 -4.29 29.52 74.69
N CYS C 182 -3.73 28.68 73.84
CA CYS C 182 -3.32 29.08 72.50
C CYS C 182 -3.94 28.17 71.44
N PRO C 183 -5.13 28.50 70.94
CA PRO C 183 -5.73 27.70 69.88
C PRO C 183 -5.01 27.97 68.55
N VAL C 184 -5.16 27.05 67.61
CA VAL C 184 -4.45 27.15 66.35
C VAL C 184 -5.29 27.95 65.37
N VAL C 185 -4.63 28.82 64.60
CA VAL C 185 -5.29 29.60 63.57
C VAL C 185 -4.41 29.64 62.33
N PRO C 186 -5.01 29.77 61.16
CA PRO C 186 -4.22 30.06 59.96
C PRO C 186 -3.54 31.41 60.10
N ALA C 187 -2.23 31.44 59.79
CA ALA C 187 -1.44 32.62 60.12
C ALA C 187 -1.82 33.84 59.29
N ASP C 188 -2.42 33.64 58.11
CA ASP C 188 -2.97 34.71 57.30
C ASP C 188 -4.41 34.35 56.97
N PRO C 189 -5.37 34.76 57.81
CA PRO C 189 -6.70 34.16 57.79
C PRO C 189 -7.65 34.74 56.74
N ASP C 190 -7.15 35.53 55.79
CA ASP C 190 -7.98 36.11 54.74
C ASP C 190 -7.71 35.50 53.38
N ILE C 191 -7.09 34.32 53.33
CA ILE C 191 -6.74 33.70 52.06
C ILE C 191 -8.03 33.19 51.39
N LEU C 192 -8.28 33.65 50.17
CA LEU C 192 -9.37 33.11 49.39
C LEU C 192 -9.09 31.66 49.02
N LEU C 193 -10.08 30.78 49.23
CA LEU C 193 -9.85 29.34 49.21
C LEU C 193 -10.70 28.64 48.16
N ALA C 194 -11.94 29.08 47.96
CA ALA C 194 -12.78 28.61 46.86
C ALA C 194 -13.87 29.65 46.64
N LYS C 195 -14.75 29.36 45.68
CA LYS C 195 -15.91 30.19 45.41
C LYS C 195 -17.11 29.29 45.18
N LEU C 196 -18.27 29.72 45.64
CA LEU C 196 -19.48 28.90 45.65
C LEU C 196 -20.66 29.66 45.05
N ARG C 197 -21.60 28.89 44.52
CA ARG C 197 -22.89 29.35 44.04
C ARG C 197 -23.96 28.52 44.73
N PRO C 198 -25.20 29.01 44.83
CA PRO C 198 -26.14 28.38 45.76
C PRO C 198 -26.56 27.00 45.28
N GLY C 199 -26.57 26.06 46.22
CA GLY C 199 -26.71 24.65 45.91
C GLY C 199 -25.43 23.85 45.97
N GLN C 200 -24.33 24.47 46.38
CA GLN C 200 -23.00 23.85 46.31
C GLN C 200 -22.33 23.97 47.68
N GLU C 201 -21.89 22.85 48.23
CA GLU C 201 -21.38 22.81 49.59
C GLU C 201 -20.00 22.16 49.60
N ILE C 202 -19.23 22.49 50.62
CA ILE C 202 -17.90 21.91 50.83
C ILE C 202 -17.83 21.40 52.27
N SER C 203 -17.41 20.15 52.43
CA SER C 203 -17.37 19.54 53.74
C SER C 203 -16.22 18.55 53.80
N LEU C 204 -15.24 18.80 54.67
CA LEU C 204 -14.05 17.96 54.71
C LEU C 204 -13.41 18.09 56.10
N LYS C 205 -12.38 17.29 56.31
CA LYS C 205 -11.51 17.43 57.47
C LYS C 205 -10.08 17.05 57.07
N ALA C 206 -9.10 17.71 57.70
CA ALA C 206 -7.70 17.50 57.36
C ALA C 206 -6.93 17.05 58.59
N HIS C 207 -5.92 16.23 58.36
CA HIS C 207 -5.03 15.71 59.40
C HIS C 207 -3.64 16.29 59.19
N CYS C 208 -3.40 17.48 59.75
CA CYS C 208 -2.13 18.15 59.57
C CYS C 208 -1.11 17.63 60.59
N ILE C 209 0.10 17.33 60.11
CA ILE C 209 1.09 16.58 60.87
C ILE C 209 2.40 17.37 60.91
N LEU C 210 3.45 16.76 61.45
CA LEU C 210 4.74 17.41 61.61
C LEU C 210 5.62 16.94 60.46
N GLY C 211 6.11 17.89 59.66
CA GLY C 211 6.86 17.57 58.48
C GLY C 211 8.10 18.43 58.33
N ILE C 212 9.03 17.91 57.53
CA ILE C 212 10.33 18.55 57.27
C ILE C 212 10.24 19.33 55.98
N GLY C 213 10.88 20.50 55.95
CA GLY C 213 10.66 21.44 54.86
C GLY C 213 11.23 20.97 53.54
N GLY C 214 12.39 20.32 53.56
CA GLY C 214 13.01 19.85 52.32
C GLY C 214 12.33 18.67 51.68
N ASP C 215 11.32 18.08 52.33
CA ASP C 215 10.53 17.03 51.70
C ASP C 215 9.50 17.63 50.75
N HIS C 216 8.73 18.61 51.23
CA HIS C 216 7.71 19.27 50.42
C HIS C 216 7.56 20.69 50.96
N ALA C 217 7.25 21.63 50.06
CA ALA C 217 7.32 23.04 50.42
C ALA C 217 6.04 23.55 51.06
N LYS C 218 5.11 22.67 51.42
CA LYS C 218 4.14 22.99 52.46
C LYS C 218 4.85 23.34 53.76
N PHE C 219 5.83 22.52 54.12
CA PHE C 219 6.40 22.45 55.47
C PHE C 219 7.42 23.55 55.75
N SER C 220 7.75 24.39 54.78
CA SER C 220 8.83 25.34 55.00
C SER C 220 8.33 26.52 55.83
N PRO C 221 9.05 26.89 56.90
CA PRO C 221 8.53 27.92 57.81
C PRO C 221 8.73 29.33 57.29
N VAL C 222 9.75 29.53 56.46
CA VAL C 222 10.06 30.86 55.96
C VAL C 222 9.20 31.17 54.74
N SER C 223 8.92 32.46 54.56
CA SER C 223 8.51 32.99 53.27
C SER C 223 9.63 32.78 52.25
N THR C 224 10.75 33.47 52.46
CA THR C 224 12.00 33.19 51.79
C THR C 224 13.13 33.70 52.67
N ALA C 225 14.29 33.06 52.57
CA ALA C 225 15.41 33.34 53.48
C ALA C 225 16.72 33.33 52.70
N SER C 226 17.28 34.50 52.47
CA SER C 226 18.51 34.65 51.70
C SER C 226 19.31 35.80 52.31
N TYR C 227 20.45 36.12 51.69
CA TYR C 227 21.32 37.15 52.24
C TYR C 227 21.96 37.96 51.12
N ARG C 228 22.63 39.04 51.51
CA ARG C 228 23.44 39.84 50.60
C ARG C 228 24.85 39.97 51.15
N LEU C 229 25.66 40.81 50.52
CA LEU C 229 26.93 41.26 51.08
C LEU C 229 26.96 42.78 51.04
N LEU C 230 27.87 43.37 51.81
CA LEU C 230 27.88 44.81 51.95
C LEU C 230 28.62 45.45 50.79
N PRO C 231 28.00 46.37 50.05
CA PRO C 231 28.70 47.03 48.94
C PRO C 231 29.68 48.08 49.43
N GLN C 232 30.67 48.37 48.60
CA GLN C 232 31.76 49.26 48.99
C GLN C 232 32.20 50.05 47.78
N ILE C 233 32.18 51.37 47.89
CA ILE C 233 32.51 52.28 46.79
C ILE C 233 33.73 53.11 47.20
N ASN C 234 34.76 53.10 46.36
CA ASN C 234 35.95 53.92 46.59
C ASN C 234 36.01 55.02 45.54
N ILE C 235 36.35 56.23 45.98
CA ILE C 235 36.45 57.40 45.11
C ILE C 235 37.92 57.79 45.04
N LEU C 236 38.51 57.75 43.84
CA LEU C 236 39.92 58.07 43.70
C LEU C 236 40.13 59.58 43.58
N GLN C 237 39.59 60.19 42.51
CA GLN C 237 39.77 61.62 42.34
C GLN C 237 38.51 62.37 42.78
N PRO C 238 38.65 63.61 43.25
CA PRO C 238 37.46 64.38 43.64
C PRO C 238 36.62 64.79 42.44
N ILE C 239 35.40 64.28 42.34
CA ILE C 239 34.45 64.74 41.34
C ILE C 239 33.87 66.07 41.81
N LYS C 240 34.01 67.11 40.99
CA LYS C 240 33.60 68.45 41.36
C LYS C 240 32.75 69.08 40.26
N GLY C 241 31.83 69.93 40.67
CA GLY C 241 31.13 70.80 39.73
C GLY C 241 29.89 70.15 39.16
N GLU C 242 29.72 70.26 37.84
CA GLU C 242 28.52 69.76 37.18
C GLU C 242 28.44 68.24 37.21
N SER C 243 29.59 67.57 37.19
CA SER C 243 29.62 66.12 37.02
C SER C 243 29.07 65.39 38.24
N ALA C 244 29.15 66.00 39.43
CA ALA C 244 28.76 65.30 40.65
C ALA C 244 27.26 65.17 40.81
N ARG C 245 26.46 65.95 40.08
CA ARG C 245 25.03 65.66 40.01
C ARG C 245 24.72 64.62 38.93
N ARG C 246 25.52 64.59 37.86
CA ARG C 246 25.44 63.48 36.91
C ARG C 246 25.89 62.17 37.54
N PHE C 247 26.87 62.24 38.45
CA PHE C 247 27.31 61.10 39.23
C PHE C 247 26.27 60.64 40.24
N GLN C 248 25.24 61.45 40.49
CA GLN C 248 24.27 61.16 41.54
C GLN C 248 23.00 60.51 41.04
N LYS C 249 22.60 60.77 39.80
CA LYS C 249 21.41 60.13 39.27
C LYS C 249 21.68 58.74 38.69
N CYS C 250 22.91 58.23 38.82
CA CYS C 250 23.23 56.85 38.45
C CYS C 250 23.37 55.97 39.68
N PHE C 251 22.54 56.19 40.69
CA PHE C 251 22.56 55.41 41.91
C PHE C 251 21.16 55.37 42.47
N PRO C 252 20.88 54.50 43.45
CA PRO C 252 19.70 54.68 44.27
C PRO C 252 19.79 55.98 45.03
N PRO C 253 18.65 56.60 45.36
CA PRO C 253 18.66 58.02 45.73
C PRO C 253 19.24 58.31 47.11
N GLY C 254 19.58 57.29 47.90
CA GLY C 254 20.11 57.53 49.22
C GLY C 254 21.61 57.44 49.40
N VAL C 255 22.31 56.80 48.46
CA VAL C 255 23.58 56.18 48.82
C VAL C 255 24.73 57.17 48.80
N ILE C 256 24.73 58.11 47.84
CA ILE C 256 25.74 59.16 47.79
C ILE C 256 25.05 60.52 47.68
N GLY C 257 25.56 61.50 48.41
CA GLY C 257 24.96 62.82 48.42
C GLY C 257 26.03 63.90 48.35
N ILE C 258 25.61 65.06 47.87
CA ILE C 258 26.55 66.15 47.60
C ILE C 258 26.95 66.79 48.92
N ASP C 259 28.25 67.03 49.09
CA ASP C 259 28.70 67.93 50.16
C ASP C 259 28.21 69.34 49.89
N GLU C 260 27.39 69.87 50.80
CA GLU C 260 26.77 71.16 50.56
C GLU C 260 27.75 72.33 50.69
N GLY C 261 28.85 72.15 51.41
CA GLY C 261 29.85 73.19 51.51
C GLY C 261 30.64 73.37 50.22
N SER C 262 31.49 72.40 49.92
CA SER C 262 32.26 72.35 48.67
C SER C 262 31.69 71.27 47.77
N ASP C 263 31.57 71.57 46.47
CA ASP C 263 30.86 70.68 45.57
C ASP C 263 31.71 69.43 45.31
N GLU C 264 31.59 68.45 46.19
CA GLU C 264 32.35 67.21 46.11
C GLU C 264 31.45 66.05 46.53
N ALA C 265 31.59 64.92 45.84
CA ALA C 265 30.76 63.77 46.13
C ALA C 265 31.36 62.95 47.27
N TYR C 266 30.49 62.40 48.11
CA TYR C 266 30.90 61.49 49.17
C TYR C 266 29.76 60.51 49.44
N VAL C 267 30.06 59.48 50.21
CA VAL C 267 29.14 58.38 50.44
C VAL C 267 28.26 58.69 51.65
N LYS C 268 26.95 58.73 51.43
CA LYS C 268 25.96 58.82 52.50
C LYS C 268 25.75 57.48 53.19
N ASP C 269 24.56 57.29 53.77
CA ASP C 269 24.11 55.99 54.25
C ASP C 269 24.31 54.92 53.18
N ALA C 270 25.21 53.97 53.47
CA ALA C 270 25.43 52.80 52.62
C ALA C 270 24.40 51.72 52.87
N ARG C 271 24.70 50.49 52.43
CA ARG C 271 23.89 49.29 52.57
C ARG C 271 22.59 49.37 51.77
N LYS C 272 22.44 50.38 50.91
CA LYS C 272 21.27 50.53 50.06
C LYS C 272 21.61 50.46 48.58
N ASP C 273 22.89 50.50 48.22
CA ASP C 273 23.37 50.39 46.85
C ASP C 273 23.23 48.97 46.32
N THR C 274 22.11 48.68 45.66
CA THR C 274 22.07 47.54 44.76
C THR C 274 22.96 47.80 43.55
N VAL C 275 23.70 46.77 43.14
CA VAL C 275 24.82 46.95 42.21
C VAL C 275 24.34 47.04 40.77
N SER C 276 24.00 48.25 40.34
CA SER C 276 23.53 48.50 38.98
C SER C 276 24.67 48.81 38.02
N ARG C 277 25.91 48.88 38.53
CA ARG C 277 27.15 49.16 37.79
C ARG C 277 26.96 50.20 36.70
N GLU C 278 26.17 51.23 36.99
CA GLU C 278 25.85 52.25 35.99
C GLU C 278 27.02 53.19 35.73
N VAL C 279 27.93 53.34 36.69
CA VAL C 279 29.10 54.18 36.52
C VAL C 279 30.13 53.60 35.56
N LEU C 280 29.99 52.32 35.18
CA LEU C 280 30.95 51.74 34.25
C LEU C 280 30.68 52.13 32.81
N ARG C 281 29.46 52.57 32.49
CA ARG C 281 29.09 52.78 31.10
C ARG C 281 29.69 54.04 30.50
N TYR C 282 30.11 54.99 31.33
CA TYR C 282 30.14 56.39 30.94
C TYR C 282 31.53 56.90 30.62
N GLU C 283 32.57 56.08 30.82
CA GLU C 283 33.94 56.25 30.31
C GLU C 283 34.57 57.59 30.72
N GLU C 284 33.85 58.40 31.48
CA GLU C 284 34.44 59.51 32.21
C GLU C 284 34.69 59.20 33.69
N PHE C 285 33.94 58.26 34.27
CA PHE C 285 34.23 57.72 35.59
C PHE C 285 35.00 56.40 35.51
N ALA C 286 35.80 56.22 34.46
CA ALA C 286 36.58 54.99 34.35
C ALA C 286 37.73 54.92 35.36
N ASP C 287 38.17 56.07 35.88
CA ASP C 287 39.24 56.08 36.87
C ASP C 287 38.81 56.63 38.22
N LYS C 288 37.70 57.36 38.28
CA LYS C 288 37.35 58.09 39.50
C LYS C 288 36.76 57.18 40.57
N VAL C 289 36.20 56.04 40.17
CA VAL C 289 35.49 55.14 41.07
C VAL C 289 36.08 53.74 40.91
N LYS C 290 36.43 53.11 42.03
CA LYS C 290 36.73 51.67 42.06
C LYS C 290 35.83 51.06 43.13
N LEU C 291 34.67 50.57 42.70
CA LEU C 291 33.66 50.05 43.62
C LEU C 291 33.83 48.55 43.77
N GLY C 292 33.35 48.03 44.91
CA GLY C 292 33.52 46.64 45.23
C GLY C 292 32.46 46.10 46.17
N ARG C 293 32.77 44.97 46.81
CA ARG C 293 31.83 44.35 47.74
C ARG C 293 32.63 43.50 48.73
N VAL C 294 32.50 43.80 50.01
CA VAL C 294 33.34 43.15 51.02
C VAL C 294 32.79 41.75 51.29
N ARG C 295 33.72 40.84 51.59
CA ARG C 295 33.44 39.40 51.54
C ARG C 295 33.15 38.81 52.92
N ASN C 296 33.05 39.63 53.97
CA ASN C 296 32.77 39.07 55.29
C ASN C 296 31.67 39.84 56.02
N HIS C 297 30.76 40.49 55.28
CA HIS C 297 29.72 41.32 55.89
C HIS C 297 28.39 40.90 55.28
N PHE C 298 27.77 39.87 55.85
CA PHE C 298 26.55 39.31 55.29
C PHE C 298 25.33 40.06 55.82
N ILE C 299 24.56 40.65 54.91
CA ILE C 299 23.30 41.29 55.26
C ILE C 299 22.24 40.20 55.17
N PHE C 300 21.92 39.57 56.30
CA PHE C 300 20.81 38.61 56.26
C PHE C 300 19.47 39.33 56.11
N ASN C 301 18.47 38.57 55.66
CA ASN C 301 17.08 39.01 55.71
C ASN C 301 16.21 37.76 55.70
N VAL C 302 15.76 37.33 56.88
CA VAL C 302 14.83 36.22 56.97
C VAL C 302 13.42 36.75 57.11
N GLU C 303 12.44 35.94 56.69
CA GLU C 303 11.04 36.22 56.92
C GLU C 303 10.36 34.95 57.40
N SER C 304 9.20 35.10 58.04
CA SER C 304 8.43 33.96 58.51
C SER C 304 7.12 33.86 57.74
N ALA C 305 6.60 32.64 57.65
CA ALA C 305 5.27 32.42 57.10
C ALA C 305 4.16 32.70 58.09
N GLY C 306 4.50 32.91 59.36
CA GLY C 306 3.53 33.25 60.39
C GLY C 306 3.55 32.31 61.59
N ALA C 307 4.31 31.22 61.51
CA ALA C 307 4.28 30.19 62.56
C ALA C 307 5.01 30.64 63.81
N MET C 308 6.13 31.35 63.65
CA MET C 308 6.95 31.72 64.79
C MET C 308 7.77 32.96 64.43
N THR C 309 8.38 33.56 65.45
CA THR C 309 9.15 34.76 65.27
C THR C 309 10.36 34.50 64.39
N PRO C 310 10.81 35.49 63.61
CA PRO C 310 11.95 35.28 62.72
C PRO C 310 13.27 35.10 63.44
N GLU C 311 13.39 35.58 64.68
CA GLU C 311 14.59 35.34 65.47
C GLU C 311 14.60 33.98 66.15
N GLU C 312 13.58 33.15 65.90
CA GLU C 312 13.53 31.80 66.46
C GLU C 312 14.11 30.77 65.51
N ILE C 313 13.83 30.90 64.22
CA ILE C 313 14.32 29.93 63.23
C ILE C 313 15.82 30.05 63.05
N PHE C 314 16.35 31.28 63.11
CA PHE C 314 17.80 31.45 63.02
C PHE C 314 18.51 30.99 64.28
N PHE C 315 17.83 31.04 65.43
CA PHE C 315 18.33 30.32 66.60
C PHE C 315 18.26 28.81 66.39
N LYS C 316 17.21 28.34 65.70
CA LYS C 316 17.01 26.91 65.54
C LYS C 316 17.81 26.32 64.39
N SER C 317 18.22 27.15 63.43
CA SER C 317 19.10 26.68 62.36
C SER C 317 20.49 26.38 62.88
N VAL C 318 21.07 27.33 63.64
CA VAL C 318 22.41 27.13 64.18
C VAL C 318 22.41 26.07 65.27
N ARG C 319 21.26 25.81 65.91
CA ARG C 319 21.20 24.78 66.93
C ARG C 319 21.28 23.38 66.33
N ILE C 320 20.78 23.20 65.10
CA ILE C 320 20.71 21.87 64.50
C ILE C 320 21.80 21.65 63.45
N LEU C 321 22.62 22.66 63.16
CA LEU C 321 23.89 22.38 62.49
C LEU C 321 24.86 21.71 63.44
N LYS C 322 24.81 22.08 64.72
CA LYS C 322 25.70 21.47 65.71
C LYS C 322 25.33 20.00 65.90
N ASN C 323 24.05 19.71 66.06
CA ASN C 323 23.59 18.33 66.22
C ASN C 323 23.82 17.52 64.94
N LYS C 324 23.80 18.17 63.78
CA LYS C 324 24.13 17.48 62.53
C LYS C 324 25.59 17.07 62.48
N ALA C 325 26.47 17.80 63.18
CA ALA C 325 27.87 17.43 63.28
C ALA C 325 28.22 16.84 64.65
N GLU C 326 27.23 16.67 65.52
CA GLU C 326 27.38 15.95 66.78
C GLU C 326 26.94 14.51 66.70
N TYR C 327 25.97 14.20 65.83
CA TYR C 327 25.45 12.84 65.71
C TYR C 327 26.48 11.85 65.17
N LEU C 328 27.49 12.32 64.42
CA LEU C 328 28.53 11.43 63.92
C LEU C 328 29.90 11.74 64.52
N LYS C 329 29.95 12.47 65.63
CA LYS C 329 31.06 12.34 66.56
C LYS C 329 30.95 11.10 67.43
N ASN C 330 29.77 10.50 67.53
CA ASN C 330 29.47 9.45 68.50
C ASN C 330 28.89 8.22 67.81
N CYS C 331 29.48 7.82 66.69
CA CYS C 331 29.12 6.56 66.06
C CYS C 331 30.32 5.97 65.35
N PRO C 332 30.49 4.65 65.37
CA PRO C 332 31.74 4.05 64.92
C PRO C 332 31.85 4.04 63.40
N ILE C 333 33.08 3.86 62.93
CA ILE C 333 33.40 3.95 61.51
C ILE C 333 33.59 2.53 61.00
N THR C 334 32.59 2.02 60.27
CA THR C 334 32.60 0.63 59.82
C THR C 334 33.53 0.48 58.63
N GLN C 335 34.39 -0.54 58.68
CA GLN C 335 35.21 -0.89 57.53
C GLN C 335 34.49 -1.87 56.62
N MET D 1 24.59 -44.11 12.15
CA MET D 1 24.36 -45.53 12.42
C MET D 1 24.79 -46.40 11.25
N LYS D 2 26.07 -46.79 11.24
CA LYS D 2 26.65 -47.58 10.16
C LYS D 2 27.27 -48.83 10.76
N VAL D 3 26.72 -50.00 10.42
CA VAL D 3 27.25 -51.27 10.87
C VAL D 3 28.35 -51.68 9.91
N LEU D 4 29.61 -51.59 10.36
CA LEU D 4 30.74 -51.83 9.47
C LEU D 4 30.92 -53.32 9.18
N GLU D 5 30.97 -54.14 10.23
CA GLU D 5 31.00 -55.59 10.09
C GLU D 5 30.03 -56.22 11.08
N GLU D 6 29.07 -56.98 10.55
CA GLU D 6 27.95 -57.46 11.36
C GLU D 6 28.36 -58.63 12.24
N ARG D 7 29.24 -59.50 11.73
CA ARG D 7 29.65 -60.73 12.39
C ARG D 7 31.18 -60.75 12.51
N ASN D 8 31.70 -59.72 13.15
CA ASN D 8 33.14 -59.44 13.14
C ASN D 8 33.97 -60.66 13.52
N ALA D 9 33.61 -61.32 14.62
CA ALA D 9 34.34 -62.50 15.07
C ALA D 9 33.44 -63.35 15.95
N PHE D 10 34.02 -64.34 16.60
CA PHE D 10 33.38 -65.11 17.66
C PHE D 10 34.01 -64.79 19.01
N LEU D 11 33.20 -64.92 20.06
CA LEU D 11 33.69 -64.90 21.44
C LEU D 11 33.01 -66.01 22.22
N SER D 12 33.80 -66.71 23.03
CA SER D 12 33.30 -67.86 23.77
C SER D 12 32.38 -67.41 24.91
N ASP D 13 31.58 -68.36 25.39
CA ASP D 13 30.59 -68.10 26.43
C ASP D 13 31.22 -67.83 27.80
N TYR D 14 32.51 -68.14 27.98
CA TYR D 14 33.13 -67.91 29.27
C TYR D 14 33.36 -66.42 29.51
N GLU D 15 33.75 -65.68 28.46
CA GLU D 15 33.95 -64.25 28.60
C GLU D 15 32.62 -63.50 28.72
N VAL D 16 31.51 -64.13 28.32
CA VAL D 16 30.19 -63.61 28.64
C VAL D 16 29.91 -63.70 30.13
N LEU D 17 30.60 -64.59 30.85
CA LEU D 17 30.58 -64.61 32.30
C LEU D 17 31.82 -63.98 32.94
N LYS D 18 32.93 -63.90 32.23
CA LYS D 18 34.19 -63.48 32.85
C LYS D 18 34.32 -61.97 32.89
N PHE D 19 34.19 -61.31 31.74
CA PHE D 19 34.23 -59.85 31.73
C PHE D 19 32.99 -59.24 32.37
N LEU D 20 31.87 -59.95 32.34
CA LEU D 20 30.64 -59.45 32.93
C LEU D 20 30.67 -59.54 34.46
N THR D 21 31.40 -60.51 35.01
CA THR D 21 31.56 -60.59 36.46
C THR D 21 32.44 -59.47 36.98
N ASP D 22 33.45 -59.06 36.21
CA ASP D 22 34.22 -57.87 36.57
C ASP D 22 33.41 -56.59 36.42
N LEU D 23 32.36 -56.60 35.59
CA LEU D 23 31.38 -55.52 35.61
C LEU D 23 30.45 -55.62 36.81
N GLU D 24 30.14 -56.84 37.25
CA GLU D 24 29.39 -57.01 38.48
C GLU D 24 30.19 -56.59 39.70
N LYS D 25 31.53 -56.68 39.63
CA LYS D 25 32.36 -56.37 40.78
C LYS D 25 32.40 -54.88 41.07
N LYS D 26 32.58 -54.06 40.03
CA LYS D 26 32.53 -52.61 40.18
C LYS D 26 31.13 -52.07 39.86
N HIS D 27 30.15 -52.62 40.56
CA HIS D 27 28.75 -52.23 40.39
C HIS D 27 28.09 -52.01 41.75
N LEU D 28 28.87 -51.58 42.73
CA LEU D 28 28.37 -51.17 44.05
C LEU D 28 27.69 -52.32 44.78
N TRP D 29 28.38 -53.45 44.85
CA TRP D 29 28.04 -54.59 45.73
C TRP D 29 26.65 -55.13 45.41
N ASP D 30 26.55 -55.74 44.24
CA ASP D 30 25.30 -56.35 43.80
C ASP D 30 24.97 -57.61 44.60
N GLN D 31 23.66 -57.93 44.63
CA GLN D 31 23.13 -59.23 45.01
C GLN D 31 23.21 -59.46 46.53
N LYS D 32 23.93 -58.60 47.25
CA LYS D 32 24.08 -58.75 48.68
C LYS D 32 23.68 -57.50 49.45
N SER D 33 23.12 -56.50 48.78
CA SER D 33 22.64 -55.28 49.43
C SER D 33 21.20 -55.40 49.90
N LEU D 34 20.69 -56.62 50.09
CA LEU D 34 19.31 -56.80 50.52
C LEU D 34 19.10 -56.42 51.97
N ALA D 35 20.16 -56.40 52.78
CA ALA D 35 20.05 -56.02 54.18
C ALA D 35 21.21 -55.11 54.58
N PRO D 53 19.44 -48.77 37.61
CA PRO D 53 18.18 -48.67 36.85
C PRO D 53 17.90 -49.93 36.03
N GLU D 54 17.45 -49.74 34.79
CA GLU D 54 17.03 -50.87 33.96
C GLU D 54 18.21 -51.63 33.38
N LEU D 55 19.40 -51.04 33.37
CA LEU D 55 20.56 -51.68 32.77
C LEU D 55 21.10 -52.81 33.63
N GLN D 56 20.82 -52.80 34.93
CA GLN D 56 21.38 -53.79 35.84
C GLN D 56 20.51 -55.03 36.00
N GLY D 57 19.22 -54.94 35.68
CA GLY D 57 18.38 -56.13 35.72
C GLY D 57 18.70 -57.09 34.58
N ILE D 58 18.89 -56.56 33.37
CA ILE D 58 19.30 -57.41 32.25
C ILE D 58 20.72 -57.93 32.47
N THR D 59 21.58 -57.11 33.06
CA THR D 59 22.93 -57.54 33.40
C THR D 59 22.92 -58.65 34.44
N ARG D 60 21.98 -58.59 35.38
CA ARG D 60 21.83 -59.66 36.35
C ARG D 60 21.23 -60.91 35.74
N ASN D 61 20.33 -60.76 34.78
CA ASN D 61 19.64 -61.90 34.18
C ASN D 61 20.50 -62.65 33.18
N VAL D 62 21.66 -62.12 32.80
CA VAL D 62 22.59 -62.87 31.97
C VAL D 62 23.47 -63.77 32.83
N VAL D 63 23.90 -63.28 34.00
CA VAL D 63 24.87 -64.01 34.80
C VAL D 63 24.25 -65.27 35.39
N ASN D 64 23.05 -65.14 35.97
CA ASN D 64 22.40 -66.28 36.61
C ASN D 64 21.88 -67.29 35.61
N TYR D 65 21.62 -66.88 34.36
CA TYR D 65 21.09 -67.82 33.38
C TYR D 65 22.14 -68.84 32.97
N LEU D 66 23.31 -68.37 32.54
CA LEU D 66 24.27 -69.25 31.88
C LEU D 66 25.19 -69.96 32.85
N SER D 67 25.45 -69.35 34.01
CA SER D 67 26.34 -69.97 34.99
C SER D 67 25.67 -71.16 35.66
N ILE D 68 24.36 -71.08 35.90
CA ILE D 68 23.61 -72.23 36.38
C ILE D 68 23.67 -73.36 35.37
N ASN D 69 23.65 -73.03 34.07
CA ASN D 69 23.73 -74.06 33.04
C ASN D 69 25.09 -74.75 33.05
N LYS D 70 26.15 -74.03 33.43
CA LYS D 70 27.43 -74.68 33.69
C LYS D 70 27.42 -75.43 35.01
N ASN D 71 26.79 -74.86 36.04
CA ASN D 71 26.86 -75.44 37.38
C ASN D 71 25.87 -76.59 37.54
N PHE D 72 24.63 -76.40 37.11
CA PHE D 72 23.56 -77.35 37.39
C PHE D 72 23.15 -78.10 36.14
N MET D 98 36.88 -72.07 38.07
CA MET D 98 37.18 -72.56 36.72
C MET D 98 38.24 -71.70 36.04
N SER D 99 39.03 -72.33 35.17
CA SER D 99 40.15 -71.67 34.50
C SER D 99 39.99 -71.81 32.99
N ASP D 100 40.57 -70.85 32.26
CA ASP D 100 40.43 -70.80 30.82
C ASP D 100 41.51 -71.58 30.09
N GLU D 101 42.63 -71.88 30.75
CA GLU D 101 43.69 -72.66 30.10
C GLU D 101 43.28 -74.11 29.93
N SER D 102 42.54 -74.66 30.89
CA SER D 102 41.97 -75.99 30.75
C SER D 102 40.79 -76.01 29.78
N PHE D 103 40.14 -74.86 29.58
CA PHE D 103 39.09 -74.79 28.57
C PHE D 103 39.66 -74.88 27.17
N ALA D 104 40.93 -74.50 26.97
CA ALA D 104 41.52 -74.45 25.65
C ALA D 104 42.07 -75.80 25.20
N GLU D 105 42.61 -76.59 26.13
CA GLU D 105 43.22 -77.86 25.75
C GLU D 105 42.18 -78.87 25.28
N LEU D 106 40.96 -78.78 25.81
CA LEU D 106 39.91 -79.72 25.42
C LEU D 106 39.35 -79.41 24.05
N MET D 107 39.35 -78.13 23.65
CA MET D 107 38.74 -77.73 22.39
C MET D 107 39.68 -77.95 21.21
N THR D 108 40.99 -77.82 21.43
CA THR D 108 41.95 -78.04 20.34
C THR D 108 41.99 -79.51 19.94
N LYS D 109 41.74 -80.41 20.88
CA LYS D 109 41.53 -81.82 20.55
C LYS D 109 40.14 -82.07 20.00
N LEU D 110 39.18 -81.20 20.31
CA LEU D 110 37.79 -81.42 19.90
C LEU D 110 37.61 -81.17 18.41
N ASN D 111 38.30 -80.17 17.86
CA ASN D 111 38.24 -79.89 16.42
C ASN D 111 39.35 -80.64 15.70
N SER D 112 39.15 -81.96 15.61
CA SER D 112 39.89 -82.82 14.71
C SER D 112 39.28 -82.88 13.32
N PHE D 113 38.44 -81.91 12.96
CA PHE D 113 37.82 -81.87 11.65
C PHE D 113 38.82 -81.36 10.61
N LYS D 114 38.47 -81.59 9.34
CA LYS D 114 39.28 -81.06 8.24
C LYS D 114 39.04 -79.56 8.07
N LEU D 115 37.82 -79.17 7.73
CA LEU D 115 37.49 -77.75 7.62
C LEU D 115 36.22 -77.38 8.37
N PHE D 116 35.19 -78.23 8.34
CA PHE D 116 33.93 -77.95 9.02
C PHE D 116 34.10 -78.20 10.52
N LYS D 117 34.64 -77.19 11.20
CA LYS D 117 34.97 -77.27 12.62
C LYS D 117 34.03 -76.48 13.52
N ALA D 118 33.52 -75.34 13.03
CA ALA D 118 32.93 -74.29 13.86
C ALA D 118 31.88 -74.78 14.85
N GLU D 119 31.34 -75.98 14.66
CA GLU D 119 30.50 -76.61 15.68
C GLU D 119 31.25 -77.05 16.92
N LYS D 120 32.59 -77.01 16.92
CA LYS D 120 33.33 -77.34 18.14
C LYS D 120 33.17 -76.28 19.21
N LEU D 121 32.83 -75.05 18.83
CA LEU D 121 32.68 -73.97 19.81
C LEU D 121 31.31 -74.01 20.49
N GLN D 122 30.26 -74.45 19.80
CA GLN D 122 28.93 -74.43 20.38
C GLN D 122 28.70 -75.51 21.43
N ILE D 123 29.47 -76.60 21.37
CA ILE D 123 29.30 -77.70 22.35
C ILE D 123 30.23 -77.36 23.52
N VAL D 124 29.75 -76.47 24.39
CA VAL D 124 30.42 -76.20 25.65
C VAL D 124 29.47 -76.36 26.82
N ASN D 125 28.17 -76.11 26.59
CA ASN D 125 27.18 -76.28 27.64
C ASN D 125 25.85 -76.80 27.08
N GLN D 126 25.90 -77.53 25.97
CA GLN D 126 24.68 -78.03 25.32
C GLN D 126 24.55 -79.52 25.64
N LEU D 127 23.89 -79.81 26.75
CA LEU D 127 23.65 -81.15 27.27
C LEU D 127 24.94 -81.96 27.36
N PRO D 128 25.80 -81.67 28.34
CA PRO D 128 27.08 -82.38 28.42
C PRO D 128 26.92 -83.84 28.81
N ALA D 129 27.96 -84.61 28.52
CA ALA D 129 28.06 -86.02 28.90
C ALA D 129 26.97 -86.88 28.25
N ASN D 130 26.63 -86.57 27.00
CA ASN D 130 25.66 -87.38 26.29
C ASN D 130 26.02 -87.40 24.81
N MET D 131 25.89 -88.56 24.18
CA MET D 131 26.11 -88.70 22.75
C MET D 131 24.82 -88.80 21.94
N VAL D 132 23.68 -89.05 22.59
CA VAL D 132 22.40 -89.04 21.90
C VAL D 132 21.89 -87.64 21.64
N HIS D 133 22.46 -86.63 22.30
CA HIS D 133 22.26 -85.24 21.89
C HIS D 133 23.25 -84.81 20.82
N LEU D 134 24.48 -85.33 20.85
CA LEU D 134 25.45 -85.07 19.80
C LEU D 134 25.05 -85.70 18.47
N TYR D 135 24.17 -86.69 18.49
CA TYR D 135 23.62 -87.22 17.24
C TYR D 135 22.72 -86.21 16.55
N SER D 136 22.02 -85.37 17.31
CA SER D 136 21.05 -84.44 16.76
C SER D 136 21.63 -83.04 16.54
N ILE D 137 22.89 -82.82 16.89
CA ILE D 137 23.52 -81.52 16.69
C ILE D 137 23.95 -81.36 15.23
N VAL D 138 24.84 -82.22 14.77
CA VAL D 138 25.53 -82.03 13.50
C VAL D 138 25.12 -83.16 12.56
N GLU D 139 24.83 -82.80 11.31
CA GLU D 139 24.39 -83.75 10.31
C GLU D 139 25.55 -84.64 9.82
N GLU D 140 25.17 -85.79 9.26
CA GLU D 140 26.07 -86.75 8.59
C GLU D 140 27.28 -87.14 9.43
N CYS D 141 27.17 -87.04 10.76
CA CYS D 141 28.18 -87.61 11.64
C CYS D 141 27.80 -88.97 12.19
N ASP D 142 26.57 -89.43 11.97
CA ASP D 142 26.22 -90.83 12.21
C ASP D 142 26.84 -91.77 11.19
N ALA D 143 27.23 -91.26 10.03
CA ALA D 143 27.84 -92.07 8.98
C ALA D 143 29.28 -91.69 8.67
N ARG D 144 29.91 -90.89 9.53
CA ARG D 144 31.31 -90.51 9.34
C ARG D 144 32.21 -90.89 10.51
N PHE D 145 31.72 -90.80 11.74
CA PHE D 145 32.53 -91.05 12.93
C PHE D 145 32.10 -92.40 13.52
N ASP D 146 32.80 -93.46 13.12
CA ASP D 146 32.52 -94.82 13.54
C ASP D 146 33.74 -95.45 14.21
N GLU D 147 34.52 -94.64 14.93
CA GLU D 147 35.73 -95.11 15.59
C GLU D 147 35.65 -94.73 17.07
N LYS D 148 36.75 -94.90 17.81
CA LYS D 148 36.85 -94.45 19.19
C LYS D 148 37.01 -92.94 19.31
N THR D 149 36.86 -92.19 18.21
CA THR D 149 36.73 -90.75 18.30
C THR D 149 35.46 -90.35 19.03
N ILE D 150 34.34 -90.99 18.69
CA ILE D 150 33.04 -90.60 19.27
C ILE D 150 32.96 -90.99 20.74
N GLU D 151 33.76 -91.95 21.18
CA GLU D 151 33.91 -92.23 22.61
C GLU D 151 34.97 -91.36 23.26
N GLU D 152 35.88 -90.77 22.48
CA GLU D 152 36.84 -89.82 23.02
C GLU D 152 36.22 -88.44 23.19
N MET D 153 35.36 -88.05 22.25
CA MET D 153 34.52 -86.86 22.46
C MET D 153 33.52 -87.05 23.60
N LEU D 154 33.17 -88.30 23.92
CA LEU D 154 32.46 -88.57 25.17
C LEU D 154 33.35 -88.29 26.37
N GLU D 155 34.64 -88.64 26.27
CA GLU D 155 35.54 -88.46 27.41
C GLU D 155 35.88 -86.99 27.63
N ILE D 156 35.95 -86.20 26.56
CA ILE D 156 36.20 -84.77 26.69
C ILE D 156 34.97 -84.06 27.26
N ILE D 157 33.78 -84.46 26.80
CA ILE D 157 32.56 -83.80 27.28
C ILE D 157 32.18 -84.25 28.69
N SER D 158 32.67 -85.40 29.14
CA SER D 158 32.58 -85.78 30.55
C SER D 158 33.74 -85.26 31.38
N GLY D 159 34.77 -84.71 30.76
CA GLY D 159 35.91 -84.21 31.52
C GLY D 159 35.60 -82.95 32.30
N TYR D 160 35.08 -81.93 31.61
CA TYR D 160 34.76 -80.67 32.28
C TYR D 160 33.43 -80.70 32.99
N ALA D 161 32.59 -81.71 32.73
CA ALA D 161 31.33 -81.86 33.43
C ALA D 161 31.50 -82.72 34.68
N ASP E 2 42.22 19.09 -52.26
CA ASP E 2 42.80 17.76 -52.42
C ASP E 2 43.78 17.44 -51.29
N GLN E 3 43.48 17.95 -50.10
CA GLN E 3 44.38 17.84 -48.96
C GLN E 3 44.24 16.51 -48.22
N GLU E 4 43.42 15.60 -48.72
CA GLU E 4 43.44 14.21 -48.28
C GLU E 4 44.61 13.43 -48.84
N ASN E 5 45.34 14.00 -49.80
CA ASN E 5 46.49 13.34 -50.40
C ASN E 5 47.73 13.39 -49.52
N GLU E 6 47.69 14.11 -48.40
CA GLU E 6 48.85 14.28 -47.54
C GLU E 6 48.62 13.84 -46.10
N ARG E 7 47.40 13.95 -45.58
CA ARG E 7 47.13 13.61 -44.18
C ARG E 7 46.30 12.34 -44.01
N ASN E 8 45.49 11.97 -44.99
CA ASN E 8 44.84 10.67 -44.94
C ASN E 8 45.84 9.53 -45.13
N ILE E 9 46.92 9.78 -45.87
CA ILE E 9 48.04 8.85 -45.88
C ILE E 9 48.80 8.90 -44.55
N SER E 10 48.80 10.07 -43.90
CA SER E 10 49.40 10.16 -42.57
C SER E 10 48.51 9.51 -41.52
N ARG E 11 47.20 9.51 -41.73
CA ARG E 11 46.32 8.67 -40.94
C ARG E 11 46.57 7.19 -41.21
N LEU E 12 46.81 6.85 -42.49
CA LEU E 12 47.18 5.48 -42.82
C LEU E 12 48.60 5.15 -42.37
N TRP E 13 49.45 6.17 -42.18
CA TRP E 13 50.80 5.92 -41.68
C TRP E 13 50.79 5.59 -40.19
N ARG E 14 50.01 6.34 -39.41
CA ARG E 14 49.95 6.10 -37.97
C ARG E 14 49.30 4.76 -37.66
N ALA E 15 48.37 4.31 -38.53
CA ALA E 15 47.77 3.00 -38.35
C ALA E 15 48.80 1.88 -38.53
N PHE E 16 49.71 2.04 -39.50
CA PHE E 16 50.72 1.03 -39.73
C PHE E 16 51.76 0.98 -38.62
N ARG E 17 51.94 2.08 -37.88
CA ARG E 17 52.87 2.08 -36.76
C ARG E 17 52.39 1.16 -35.65
N THR E 18 51.08 1.10 -35.43
CA THR E 18 50.53 0.30 -34.34
C THR E 18 50.72 -1.19 -34.60
N VAL E 19 50.62 -1.62 -35.86
CA VAL E 19 50.73 -3.04 -36.18
C VAL E 19 52.14 -3.54 -35.94
N LYS E 20 53.15 -2.70 -36.16
CA LYS E 20 54.51 -3.09 -35.82
C LYS E 20 54.78 -2.95 -34.32
N GLU E 21 54.08 -2.01 -33.66
CA GLU E 21 54.13 -1.94 -32.20
C GLU E 21 53.48 -3.16 -31.57
N MET E 22 52.45 -3.72 -32.23
CA MET E 22 51.68 -4.81 -31.65
C MET E 22 52.41 -6.14 -31.78
N VAL E 23 53.11 -6.35 -32.90
CA VAL E 23 53.83 -7.60 -33.11
C VAL E 23 55.17 -7.60 -32.38
N LYS E 24 55.69 -6.41 -32.04
CA LYS E 24 56.90 -6.32 -31.23
C LYS E 24 56.68 -6.85 -29.81
N ASP E 25 55.71 -6.27 -29.09
CA ASP E 25 55.52 -6.61 -27.69
C ASP E 25 54.77 -7.93 -27.48
N ARG E 26 54.11 -8.46 -28.51
CA ARG E 26 53.61 -9.83 -28.41
C ARG E 26 54.74 -10.85 -28.36
N GLY E 27 55.86 -10.56 -29.01
CA GLY E 27 57.06 -11.34 -28.79
C GLY E 27 57.88 -11.62 -30.03
N TYR E 28 57.33 -11.28 -31.20
CA TYR E 28 57.95 -11.68 -32.44
C TYR E 28 59.09 -10.72 -32.80
N PHE E 29 59.99 -11.19 -33.66
CA PHE E 29 61.26 -10.53 -33.88
C PHE E 29 61.06 -9.33 -34.80
N ILE E 30 61.02 -8.14 -34.20
CA ILE E 30 61.13 -6.88 -34.92
C ILE E 30 62.16 -6.03 -34.20
N THR E 31 63.11 -5.47 -34.96
CA THR E 31 64.12 -4.61 -34.35
C THR E 31 63.52 -3.27 -33.96
N GLN E 32 64.30 -2.49 -33.21
CA GLN E 32 63.77 -1.34 -32.49
C GLN E 32 63.58 -0.12 -33.39
N GLU E 33 64.42 0.02 -34.42
CA GLU E 33 64.42 1.22 -35.25
C GLU E 33 63.46 1.15 -36.43
N GLU E 34 62.64 0.09 -36.52
CA GLU E 34 61.66 0.00 -37.59
C GLU E 34 60.24 0.32 -37.13
N VAL E 35 59.93 0.20 -35.84
CA VAL E 35 58.61 0.53 -35.36
C VAL E 35 58.35 2.03 -35.36
N GLU E 36 59.40 2.85 -35.34
CA GLU E 36 59.32 4.26 -35.68
C GLU E 36 60.11 4.55 -36.95
N LEU E 37 59.74 5.65 -37.59
CA LEU E 37 60.46 6.18 -38.75
C LEU E 37 59.91 7.58 -39.03
N PRO E 38 60.66 8.40 -39.76
CA PRO E 38 60.09 9.65 -40.30
C PRO E 38 59.03 9.37 -41.35
N LEU E 39 58.17 10.38 -41.55
CA LEU E 39 57.03 10.23 -42.46
C LEU E 39 57.48 10.09 -43.91
N GLU E 40 58.52 10.83 -44.29
CA GLU E 40 58.96 10.86 -45.68
C GLU E 40 59.68 9.58 -46.09
N ASP E 41 60.18 8.80 -45.14
CA ASP E 41 60.77 7.50 -45.49
C ASP E 41 59.69 6.54 -45.98
N PHE E 42 58.60 6.43 -45.23
CA PHE E 42 57.46 5.63 -45.70
C PHE E 42 56.81 6.25 -46.93
N LYS E 43 56.84 7.57 -47.04
CA LYS E 43 56.21 8.24 -48.18
C LYS E 43 57.01 8.04 -49.46
N ALA E 44 58.34 7.96 -49.36
CA ALA E 44 59.16 7.81 -50.56
C ALA E 44 59.06 6.40 -51.13
N LYS E 45 59.46 5.39 -50.33
CA LYS E 45 59.81 4.08 -50.87
C LYS E 45 58.68 3.06 -50.78
N TYR E 46 57.65 3.30 -49.97
CA TYR E 46 56.66 2.26 -49.68
C TYR E 46 55.26 2.65 -50.14
N CYS E 47 55.12 3.65 -50.99
CA CYS E 47 53.84 3.99 -51.59
C CYS E 47 54.08 4.67 -52.94
N ASP E 48 52.99 4.98 -53.63
CA ASP E 48 53.09 5.56 -54.96
C ASP E 48 53.54 7.01 -54.88
N SER E 49 54.49 7.37 -55.75
CA SER E 49 55.08 8.70 -55.70
C SER E 49 54.19 9.79 -56.27
N MET E 50 53.04 9.42 -56.87
CA MET E 50 52.07 10.45 -57.24
C MET E 50 51.41 11.05 -56.00
N GLY E 51 51.29 10.27 -54.93
CA GLY E 51 50.72 10.74 -53.69
C GLY E 51 49.83 9.72 -53.02
N ARG E 52 49.20 8.86 -53.80
CA ARG E 52 48.34 7.83 -53.24
C ARG E 52 49.18 6.74 -52.59
N PRO E 53 48.60 5.97 -51.67
CA PRO E 53 49.27 4.78 -51.16
C PRO E 53 48.93 3.54 -51.98
N GLN E 54 49.85 2.57 -51.94
CA GLN E 54 49.57 1.20 -52.30
C GLN E 54 49.35 0.37 -51.04
N ARG E 55 48.40 -0.57 -51.10
CA ARG E 55 48.00 -1.33 -49.93
C ARG E 55 48.58 -2.74 -49.92
N LYS E 56 49.63 -3.00 -50.69
CA LYS E 56 50.17 -4.35 -50.80
C LYS E 56 51.62 -4.46 -50.38
N MET E 57 52.50 -3.61 -50.91
CA MET E 57 53.93 -3.87 -50.85
C MET E 57 54.53 -3.60 -49.47
N MET E 58 53.87 -2.80 -48.63
CA MET E 58 54.38 -2.55 -47.29
C MET E 58 54.06 -3.66 -46.31
N SER E 59 53.43 -4.75 -46.74
CA SER E 59 53.14 -5.85 -45.83
C SER E 59 54.44 -6.59 -45.49
N PHE E 60 54.33 -7.49 -44.52
CA PHE E 60 55.53 -8.01 -43.85
C PHE E 60 55.17 -9.30 -43.13
N GLN E 61 56.14 -9.83 -42.39
CA GLN E 61 56.04 -11.09 -41.66
C GLN E 61 57.27 -11.21 -40.79
N ALA E 62 57.09 -11.74 -39.58
CA ALA E 62 58.22 -11.90 -38.68
C ALA E 62 58.15 -13.23 -37.94
N ASN E 63 59.32 -13.82 -37.72
CA ASN E 63 59.46 -15.00 -36.88
C ASN E 63 59.50 -14.60 -35.41
N PRO E 64 59.25 -15.54 -34.50
CA PRO E 64 59.45 -15.24 -33.08
C PRO E 64 60.93 -15.08 -32.76
N THR E 65 61.19 -14.39 -31.66
CA THR E 65 62.56 -14.23 -31.17
C THR E 65 63.03 -15.50 -30.48
N GLU E 66 64.32 -15.51 -30.13
CA GLU E 66 64.95 -16.72 -29.63
C GLU E 66 64.56 -17.06 -28.19
N GLU E 67 64.00 -16.09 -27.45
CA GLU E 67 63.61 -16.33 -26.06
C GLU E 67 62.12 -16.45 -25.85
N SER E 68 61.29 -15.95 -26.78
CA SER E 68 59.86 -16.21 -26.71
C SER E 68 59.53 -17.65 -27.05
N ILE E 69 60.37 -18.29 -27.87
CA ILE E 69 60.12 -19.68 -28.25
C ILE E 69 60.42 -20.66 -27.13
N SER E 70 61.11 -20.22 -26.07
CA SER E 70 61.23 -21.03 -24.87
C SER E 70 59.99 -20.95 -24.01
N LYS E 71 59.37 -19.76 -23.93
CA LYS E 71 58.16 -19.61 -23.14
C LYS E 71 56.96 -20.26 -23.85
N PHE E 72 56.88 -20.12 -25.16
CA PHE E 72 55.85 -20.81 -25.95
C PHE E 72 56.51 -21.75 -26.97
N PRO E 73 56.43 -23.06 -26.77
CA PRO E 73 57.02 -23.96 -27.78
C PRO E 73 56.26 -23.95 -29.10
N ASP E 74 54.92 -23.96 -29.05
CA ASP E 74 54.09 -24.06 -30.24
C ASP E 74 53.61 -22.66 -30.63
N MET E 75 54.49 -21.91 -31.27
CA MET E 75 54.17 -20.55 -31.71
C MET E 75 55.06 -20.22 -32.90
N GLY E 76 54.49 -20.17 -34.09
CA GLY E 76 55.26 -19.93 -35.30
C GLY E 76 55.15 -18.53 -35.86
N SER E 77 54.89 -18.43 -37.15
CA SER E 77 54.89 -17.18 -37.89
C SER E 77 53.49 -16.61 -38.00
N LEU E 78 53.42 -15.30 -38.28
CA LEU E 78 52.16 -14.58 -38.35
C LEU E 78 52.19 -13.67 -39.58
N TRP E 79 51.04 -13.54 -40.23
CA TRP E 79 50.97 -12.96 -41.57
C TRP E 79 49.81 -11.99 -41.65
N VAL E 80 50.05 -10.79 -42.19
CA VAL E 80 49.09 -9.70 -42.15
C VAL E 80 49.19 -8.90 -43.45
N GLU E 81 48.04 -8.63 -44.07
CA GLU E 81 47.98 -7.77 -45.24
C GLU E 81 46.80 -6.80 -45.14
N PHE E 82 46.99 -5.61 -45.72
CA PHE E 82 45.96 -4.60 -45.82
C PHE E 82 45.06 -4.89 -47.03
N CYS E 83 44.08 -4.03 -47.26
CA CYS E 83 43.06 -4.25 -48.28
C CYS E 83 42.91 -3.02 -49.15
N ASP E 84 42.77 -3.25 -50.46
CA ASP E 84 42.57 -2.16 -51.41
C ASP E 84 41.18 -1.56 -51.27
N GLU E 85 40.14 -2.35 -51.52
CA GLU E 85 38.77 -1.90 -51.65
C GLU E 85 38.15 -1.62 -50.28
N PRO E 86 37.27 -0.63 -50.19
CA PRO E 86 36.60 -0.33 -48.91
C PRO E 86 35.45 -1.25 -48.56
N SER E 87 35.32 -2.38 -49.25
CA SER E 87 34.27 -3.35 -48.94
C SER E 87 34.68 -4.68 -49.54
N VAL E 88 34.88 -5.68 -48.69
CA VAL E 88 35.25 -7.01 -49.16
C VAL E 88 34.06 -7.71 -49.82
N GLY E 89 34.37 -8.52 -50.84
CA GLY E 89 33.47 -9.53 -51.31
C GLY E 89 33.78 -10.87 -50.68
N VAL E 90 32.90 -11.84 -50.92
CA VAL E 90 33.09 -13.16 -50.32
C VAL E 90 34.34 -13.84 -50.90
N LYS E 91 34.68 -13.52 -52.15
CA LYS E 91 35.85 -14.14 -52.78
C LYS E 91 37.17 -13.59 -52.26
N THR E 92 37.23 -12.30 -51.92
CA THR E 92 38.51 -11.64 -51.70
C THR E 92 39.10 -11.88 -50.31
N MET E 93 38.34 -12.41 -49.35
CA MET E 93 38.96 -12.92 -48.13
C MET E 93 39.14 -14.43 -48.14
N LYS E 94 38.36 -15.16 -48.94
CA LYS E 94 38.68 -16.56 -49.19
C LYS E 94 39.95 -16.71 -50.02
N THR E 95 40.23 -15.73 -50.88
CA THR E 95 41.57 -15.61 -51.46
C THR E 95 42.63 -15.41 -50.38
N PHE E 96 42.33 -14.60 -49.37
CA PHE E 96 43.29 -14.36 -48.30
C PHE E 96 43.42 -15.56 -47.38
N VAL E 97 42.31 -16.25 -47.11
CA VAL E 97 42.29 -17.33 -46.13
C VAL E 97 43.16 -18.50 -46.60
N ILE E 98 43.09 -18.83 -47.90
CA ILE E 98 43.69 -20.07 -48.39
C ILE E 98 45.21 -20.08 -48.36
N HIS E 99 45.84 -18.93 -48.09
CA HIS E 99 47.29 -18.93 -47.89
C HIS E 99 47.64 -19.58 -46.57
N ILE E 100 46.90 -19.25 -45.50
CA ILE E 100 47.24 -19.71 -44.15
C ILE E 100 47.17 -21.23 -44.06
N GLN E 101 46.34 -21.85 -44.90
CA GLN E 101 46.12 -23.29 -44.83
C GLN E 101 47.34 -24.13 -45.15
N GLU E 102 48.33 -23.61 -45.89
CA GLU E 102 49.46 -24.45 -46.24
C GLU E 102 50.83 -23.77 -46.22
N LYS E 103 50.94 -22.51 -45.78
CA LYS E 103 52.23 -21.84 -45.76
C LYS E 103 52.93 -21.97 -44.40
N ASN E 104 52.72 -23.09 -43.71
CA ASN E 104 53.17 -23.31 -42.33
C ASN E 104 52.60 -22.26 -41.37
N PHE E 105 51.47 -21.65 -41.73
CA PHE E 105 50.86 -20.64 -40.89
C PHE E 105 49.98 -21.29 -39.82
N GLN E 106 49.93 -20.66 -38.64
CA GLN E 106 48.98 -21.05 -37.61
C GLN E 106 47.90 -20.01 -37.36
N THR E 107 48.13 -18.75 -37.74
CA THR E 107 47.15 -17.70 -37.53
C THR E 107 47.46 -16.55 -38.48
N GLY E 108 46.44 -15.71 -38.71
CA GLY E 108 46.58 -14.58 -39.60
C GLY E 108 45.83 -13.38 -39.07
N ILE E 109 46.15 -12.22 -39.65
CA ILE E 109 45.49 -10.96 -39.31
C ILE E 109 44.87 -10.40 -40.57
N PHE E 110 43.65 -9.89 -40.44
CA PHE E 110 42.91 -9.31 -41.57
C PHE E 110 42.57 -7.86 -41.23
N VAL E 111 43.48 -6.96 -41.59
CA VAL E 111 43.23 -5.53 -41.38
C VAL E 111 42.21 -5.06 -42.41
N TYR E 112 41.10 -4.53 -41.93
CA TYR E 112 40.03 -4.07 -42.80
C TYR E 112 40.22 -2.58 -43.07
N GLN E 113 39.27 -1.93 -43.75
CA GLN E 113 39.43 -0.52 -44.05
C GLN E 113 38.24 0.34 -43.60
N ASN E 114 37.03 -0.21 -43.65
CA ASN E 114 35.84 0.63 -43.66
C ASN E 114 34.66 -0.06 -42.98
N ASN E 115 33.44 0.26 -43.39
CA ASN E 115 32.28 -0.50 -42.93
C ASN E 115 32.35 -1.94 -43.44
N ILE E 116 31.98 -2.88 -42.57
CA ILE E 116 32.18 -4.30 -42.82
C ILE E 116 30.90 -4.89 -43.40
N THR E 117 31.05 -5.83 -44.34
CA THR E 117 29.95 -6.65 -44.81
C THR E 117 29.69 -7.79 -43.82
N PRO E 118 28.42 -8.14 -43.57
CA PRO E 118 28.13 -9.25 -42.65
C PRO E 118 28.45 -10.63 -43.23
N SER E 119 28.74 -10.72 -44.53
CA SER E 119 29.16 -11.99 -45.12
C SER E 119 30.62 -12.34 -44.84
N ALA E 120 31.38 -11.41 -44.23
CA ALA E 120 32.82 -11.55 -44.07
C ALA E 120 33.21 -12.36 -42.84
N MET E 121 32.28 -13.11 -42.26
CA MET E 121 32.56 -13.90 -41.07
C MET E 121 32.25 -15.38 -41.21
N LYS E 122 31.52 -15.80 -42.24
CA LYS E 122 31.06 -17.18 -42.31
C LYS E 122 32.15 -18.15 -42.75
N LEU E 123 33.34 -17.67 -43.11
CA LEU E 123 34.48 -18.53 -43.37
C LEU E 123 35.70 -18.11 -42.56
N VAL E 124 35.51 -17.29 -41.52
CA VAL E 124 36.59 -17.02 -40.57
C VAL E 124 36.98 -18.28 -39.81
N PRO E 125 36.06 -19.14 -39.36
CA PRO E 125 36.49 -20.47 -38.89
C PRO E 125 36.89 -21.40 -40.01
N SER E 126 38.20 -21.65 -40.14
CA SER E 126 38.74 -22.75 -40.91
C SER E 126 39.24 -23.87 -40.00
N ILE E 127 38.82 -23.84 -38.74
CA ILE E 127 39.39 -24.57 -37.60
C ILE E 127 40.90 -24.77 -37.73
N PRO E 128 41.70 -23.70 -37.70
CA PRO E 128 43.15 -23.88 -37.60
C PRO E 128 43.54 -24.00 -36.13
N PRO E 129 44.83 -24.06 -35.81
CA PRO E 129 45.24 -23.87 -34.41
C PRO E 129 44.91 -22.49 -33.84
N ALA E 130 44.75 -21.46 -34.68
CA ALA E 130 44.29 -20.16 -34.22
C ALA E 130 43.62 -19.43 -35.37
N THR E 131 42.32 -19.14 -35.24
CA THR E 131 41.63 -18.53 -36.36
C THR E 131 42.02 -17.06 -36.50
N ILE E 132 41.63 -16.46 -37.63
CA ILE E 132 42.15 -15.16 -38.01
C ILE E 132 41.37 -14.06 -37.30
N GLU E 133 41.88 -12.83 -37.35
CA GLU E 133 41.35 -11.70 -36.59
C GLU E 133 40.77 -10.68 -37.56
N THR E 134 40.32 -9.55 -37.00
CA THR E 134 39.62 -8.53 -37.78
C THR E 134 39.86 -7.18 -37.13
N PHE E 135 40.58 -6.29 -37.81
CA PHE E 135 40.96 -5.00 -37.27
C PHE E 135 40.41 -3.87 -38.15
N ASN E 136 40.86 -2.66 -37.85
CA ASN E 136 40.34 -1.44 -38.47
C ASN E 136 41.33 -0.32 -38.19
N GLU E 137 41.48 0.58 -39.17
CA GLU E 137 42.32 1.76 -38.93
C GLU E 137 41.68 2.75 -37.99
N ALA E 138 40.35 2.71 -37.82
CA ALA E 138 39.70 3.61 -36.88
C ALA E 138 40.04 3.26 -35.44
N ALA E 139 40.42 2.02 -35.16
CA ALA E 139 40.89 1.62 -33.84
C ALA E 139 42.40 1.58 -33.71
N LEU E 140 43.11 1.31 -34.80
CA LEU E 140 44.55 1.09 -34.77
C LEU E 140 45.35 2.32 -35.21
N VAL E 141 44.72 3.49 -35.30
CA VAL E 141 45.45 4.70 -35.64
C VAL E 141 46.33 5.15 -34.47
N VAL E 142 46.00 4.70 -33.26
CA VAL E 142 46.87 4.85 -32.10
C VAL E 142 46.64 3.65 -31.20
N ASN E 143 47.72 3.11 -30.64
CA ASN E 143 47.58 1.99 -29.72
C ASN E 143 47.00 2.46 -28.39
N ILE E 144 46.09 1.65 -27.83
CA ILE E 144 45.51 1.97 -26.54
C ILE E 144 46.48 1.73 -25.40
N THR E 145 47.47 0.86 -25.61
CA THR E 145 48.36 0.46 -24.53
C THR E 145 49.32 1.57 -24.12
N HIS E 146 49.49 2.60 -24.94
CA HIS E 146 50.21 3.81 -24.53
C HIS E 146 49.24 4.90 -24.08
N HIS E 147 48.53 4.60 -22.99
CA HIS E 147 47.60 5.55 -22.40
C HIS E 147 47.79 5.54 -20.89
N GLU E 148 47.41 6.65 -20.25
CA GLU E 148 47.60 6.77 -18.81
C GLU E 148 46.67 5.86 -18.02
N LEU E 149 45.54 5.45 -18.60
CA LEU E 149 44.56 4.66 -17.87
C LEU E 149 44.99 3.19 -17.78
N VAL E 150 45.21 2.55 -18.92
CA VAL E 150 45.37 1.10 -18.95
C VAL E 150 46.77 0.75 -18.46
N PRO E 151 46.91 -0.20 -17.54
CA PRO E 151 48.25 -0.57 -17.05
C PRO E 151 48.94 -1.60 -17.92
N LYS E 152 50.08 -2.09 -17.46
CA LYS E 152 50.95 -2.97 -18.26
C LYS E 152 50.46 -4.42 -18.10
N HIS E 153 49.57 -4.82 -19.00
CA HIS E 153 49.24 -6.23 -19.14
C HIS E 153 50.43 -7.00 -19.74
N ILE E 154 50.78 -8.12 -19.11
CA ILE E 154 51.79 -9.02 -19.64
C ILE E 154 51.25 -10.45 -19.55
N ARG E 155 51.19 -11.13 -20.70
CA ARG E 155 50.73 -12.51 -20.74
C ARG E 155 51.78 -13.45 -20.16
N LEU E 156 51.32 -14.42 -19.38
CA LEU E 156 52.20 -15.45 -18.82
C LEU E 156 51.79 -16.81 -19.36
N SER E 157 52.75 -17.74 -19.38
CA SER E 157 52.56 -19.03 -20.03
C SER E 157 51.90 -20.03 -19.10
N SER E 158 51.49 -21.16 -19.69
CA SER E 158 50.82 -22.25 -18.99
C SER E 158 51.78 -23.09 -18.14
N ASP E 159 53.09 -22.81 -18.19
CA ASP E 159 54.03 -23.50 -17.31
C ASP E 159 54.06 -22.92 -15.90
N GLU E 160 53.63 -21.67 -15.71
CA GLU E 160 53.55 -21.07 -14.39
C GLU E 160 52.14 -20.71 -13.99
N LYS E 161 51.14 -20.94 -14.85
CA LYS E 161 49.75 -20.95 -14.40
C LYS E 161 49.46 -22.16 -13.51
N ARG E 162 50.09 -23.30 -13.81
CA ARG E 162 49.83 -24.50 -13.02
C ARG E 162 50.31 -24.35 -11.58
N GLU E 163 51.43 -23.64 -11.38
CA GLU E 163 51.95 -23.35 -10.05
C GLU E 163 51.60 -21.94 -9.59
N LEU E 164 50.75 -21.22 -10.32
CA LEU E 164 50.03 -20.10 -9.75
C LEU E 164 48.78 -20.57 -9.01
N LEU E 165 48.04 -21.52 -9.60
CA LEU E 165 46.82 -22.06 -9.00
C LEU E 165 47.11 -23.06 -7.89
N LYS E 166 48.38 -23.24 -7.52
CA LYS E 166 48.75 -23.92 -6.29
C LYS E 166 49.50 -23.04 -5.31
N ARG E 167 49.89 -21.82 -5.69
CA ARG E 167 50.34 -20.85 -4.70
C ARG E 167 49.19 -20.38 -3.82
N TYR E 168 47.99 -20.28 -4.39
CA TYR E 168 46.78 -20.00 -3.62
C TYR E 168 45.91 -21.23 -3.42
N ARG E 169 46.16 -22.30 -4.17
CA ARG E 169 45.40 -23.55 -4.09
C ARG E 169 43.91 -23.30 -4.35
N LEU E 170 43.62 -22.86 -5.58
CA LEU E 170 42.26 -22.57 -6.00
C LEU E 170 42.01 -23.20 -7.36
N LYS E 171 40.73 -23.40 -7.67
CA LYS E 171 40.36 -23.94 -8.98
C LYS E 171 40.40 -22.81 -10.00
N GLU E 172 39.97 -23.09 -11.24
CA GLU E 172 40.23 -22.16 -12.32
C GLU E 172 39.02 -21.31 -12.70
N SER E 173 37.81 -21.72 -12.36
CA SER E 173 36.64 -20.86 -12.56
C SER E 173 36.26 -20.11 -11.28
N GLN E 174 37.22 -19.51 -10.58
CA GLN E 174 36.84 -18.68 -9.44
C GLN E 174 37.77 -17.46 -9.24
N LEU E 175 38.45 -17.01 -10.28
CA LEU E 175 39.21 -15.77 -10.27
C LEU E 175 38.63 -14.81 -11.30
N PRO E 176 38.87 -13.50 -11.16
CA PRO E 176 38.19 -12.53 -12.02
C PRO E 176 38.49 -12.78 -13.49
N ARG E 177 37.50 -12.53 -14.34
CA ARG E 177 37.52 -12.94 -15.74
C ARG E 177 37.40 -11.71 -16.63
N ILE E 178 38.35 -11.53 -17.53
CA ILE E 178 38.24 -10.61 -18.65
C ILE E 178 37.55 -11.33 -19.81
N GLN E 179 36.63 -10.65 -20.47
CA GLN E 179 36.00 -11.21 -21.65
C GLN E 179 36.78 -10.84 -22.91
N ARG E 180 36.53 -11.58 -23.97
CA ARG E 180 37.12 -11.30 -25.27
C ARG E 180 36.47 -10.07 -25.91
N ALA E 181 37.07 -9.64 -27.02
CA ALA E 181 36.66 -8.50 -27.83
C ALA E 181 36.73 -7.16 -27.10
N ASP E 182 37.31 -7.13 -25.88
CA ASP E 182 37.63 -5.78 -25.46
C ASP E 182 39.04 -5.38 -25.94
N PRO E 183 39.29 -4.09 -26.14
CA PRO E 183 40.47 -3.66 -26.92
C PRO E 183 41.82 -4.01 -26.30
N VAL E 184 41.83 -4.78 -25.22
CA VAL E 184 43.04 -5.44 -24.74
C VAL E 184 43.09 -6.89 -25.19
N ALA E 185 41.94 -7.57 -25.25
CA ALA E 185 41.90 -8.92 -25.80
C ALA E 185 42.07 -8.93 -27.31
N LEU E 186 41.86 -7.79 -27.97
CA LEU E 186 42.22 -7.63 -29.37
C LEU E 186 43.59 -6.98 -29.57
N TYR E 187 44.49 -7.14 -28.59
CA TYR E 187 45.83 -6.56 -28.69
C TYR E 187 46.93 -7.56 -28.40
N LEU E 188 46.66 -8.64 -27.67
CA LEU E 188 47.66 -9.64 -27.34
C LEU E 188 47.27 -11.04 -27.81
N GLY E 189 46.13 -11.18 -28.47
CA GLY E 189 45.68 -12.46 -28.99
C GLY E 189 45.39 -13.46 -27.88
N LEU E 190 44.44 -13.13 -27.01
CA LEU E 190 44.16 -13.93 -25.83
C LEU E 190 43.43 -15.20 -26.23
N LYS E 191 44.11 -16.34 -26.13
CA LYS E 191 43.41 -17.61 -26.21
C LYS E 191 42.42 -17.76 -25.06
N ARG E 192 41.27 -18.35 -25.34
CA ARG E 192 40.23 -18.57 -24.33
C ARG E 192 40.74 -19.59 -23.32
N GLY E 193 41.12 -19.12 -22.13
CA GLY E 193 41.57 -20.03 -21.11
C GLY E 193 43.01 -19.85 -20.69
N GLU E 194 43.51 -18.62 -20.76
CA GLU E 194 44.86 -18.31 -20.29
C GLU E 194 44.84 -17.01 -19.49
N VAL E 195 45.58 -17.00 -18.38
CA VAL E 195 45.53 -15.92 -17.41
C VAL E 195 46.43 -14.78 -17.86
N VAL E 196 46.35 -13.65 -17.16
CA VAL E 196 47.21 -12.49 -17.37
C VAL E 196 47.49 -11.87 -16.02
N LYS E 197 48.70 -11.34 -15.84
CA LYS E 197 49.05 -10.59 -14.64
C LYS E 197 48.92 -9.11 -14.91
N ILE E 198 48.11 -8.43 -14.09
CA ILE E 198 47.75 -7.04 -14.28
C ILE E 198 48.37 -6.26 -13.13
N ILE E 199 49.45 -5.55 -13.38
CA ILE E 199 50.00 -4.66 -12.35
C ILE E 199 49.17 -3.38 -12.30
N ARG E 200 49.28 -2.67 -11.18
CA ARG E 200 48.60 -1.38 -11.03
C ARG E 200 49.53 -0.43 -10.28
N LYS E 201 49.09 0.83 -10.18
CA LYS E 201 49.78 1.84 -9.38
C LYS E 201 48.71 2.59 -8.58
N SER E 202 48.36 2.06 -7.42
CA SER E 202 47.46 2.75 -6.50
C SER E 202 48.26 3.69 -5.61
N GLU E 203 47.69 4.85 -5.32
CA GLU E 203 48.38 5.85 -4.51
C GLU E 203 48.08 5.65 -3.02
N THR E 204 48.16 4.41 -2.56
CA THR E 204 48.24 4.11 -1.13
C THR E 204 49.27 3.04 -0.78
N SER E 205 49.70 2.20 -1.72
CA SER E 205 50.55 1.06 -1.43
C SER E 205 51.60 0.85 -2.51
N GLY E 206 51.99 1.92 -3.21
CA GLY E 206 53.00 1.84 -4.24
C GLY E 206 52.52 1.11 -5.48
N ARG E 207 53.00 -0.11 -5.68
CA ARG E 207 52.52 -0.95 -6.78
C ARG E 207 52.08 -2.30 -6.23
N TYR E 208 51.20 -2.96 -6.99
CA TYR E 208 50.81 -4.34 -6.73
C TYR E 208 50.26 -4.93 -8.02
N ALA E 209 50.02 -6.23 -7.99
CA ALA E 209 49.68 -6.97 -9.21
C ALA E 209 48.61 -8.02 -8.88
N SER E 210 47.56 -8.05 -9.68
CA SER E 210 46.49 -9.02 -9.56
C SER E 210 46.28 -9.73 -10.89
N TYR E 211 45.72 -10.92 -10.83
CA TYR E 211 45.64 -11.82 -11.98
C TYR E 211 44.19 -11.87 -12.48
N ARG E 212 44.03 -12.42 -13.68
CA ARG E 212 42.73 -12.40 -14.34
C ARG E 212 42.72 -13.41 -15.48
N ILE E 213 41.75 -14.31 -15.46
CA ILE E 213 41.59 -15.31 -16.51
C ILE E 213 40.84 -14.70 -17.69
N CYS E 214 41.15 -15.16 -18.89
CA CYS E 214 40.41 -14.78 -20.10
C CYS E 214 39.52 -15.94 -20.51
N MET E 215 38.21 -15.76 -20.37
CA MET E 215 37.24 -16.73 -20.87
C MET E 215 36.44 -16.16 -22.03
N GLU F 71 43.45 -31.36 2.53
CA GLU F 71 42.04 -31.53 2.87
C GLU F 71 41.89 -32.38 4.14
N LYS F 72 42.93 -32.38 4.96
CA LYS F 72 42.98 -33.22 6.15
C LYS F 72 43.61 -32.41 7.27
N ALA F 73 44.05 -33.08 8.32
CA ALA F 73 44.70 -32.40 9.43
C ALA F 73 46.07 -31.87 9.02
N ILE F 74 46.34 -30.62 9.36
CA ILE F 74 47.51 -29.90 8.87
C ILE F 74 48.43 -29.64 10.07
N PRO F 75 49.56 -30.33 10.17
CA PRO F 75 50.38 -30.25 11.38
C PRO F 75 51.17 -28.95 11.45
N LYS F 76 52.01 -28.86 12.48
CA LYS F 76 52.67 -27.61 12.83
C LYS F 76 53.73 -27.17 11.83
N ASP F 77 54.13 -28.03 10.89
CA ASP F 77 55.07 -27.60 9.87
C ASP F 77 54.39 -26.72 8.82
N GLN F 78 53.21 -27.12 8.35
CA GLN F 78 52.47 -26.35 7.36
C GLN F 78 51.46 -25.41 8.02
N ARG F 79 51.93 -24.69 9.04
CA ARG F 79 51.06 -23.90 9.91
C ARG F 79 51.21 -22.44 9.50
N ALA F 80 50.38 -22.01 8.55
CA ALA F 80 50.63 -20.75 7.87
C ALA F 80 49.48 -19.75 8.00
N THR F 81 48.96 -19.56 9.21
CA THR F 81 48.04 -18.48 9.50
C THR F 81 48.58 -17.64 10.65
N THR F 82 47.88 -16.55 10.93
CA THR F 82 48.39 -15.59 11.91
C THR F 82 48.28 -16.18 13.32
N PRO F 83 49.25 -15.91 14.19
CA PRO F 83 49.25 -16.54 15.52
C PRO F 83 48.46 -15.74 16.54
N TYR F 84 47.57 -14.87 16.08
CA TYR F 84 46.93 -13.88 16.94
C TYR F 84 45.45 -14.17 17.07
N MET F 85 44.96 -14.14 18.31
CA MET F 85 43.55 -14.37 18.61
C MET F 85 42.75 -13.15 18.15
N THR F 86 42.08 -13.26 17.02
CA THR F 86 41.42 -12.12 16.39
C THR F 86 40.20 -11.67 17.20
N LYS F 87 39.57 -10.60 16.72
CA LYS F 87 38.45 -9.97 17.44
C LYS F 87 37.23 -10.88 17.50
N TYR F 88 37.10 -11.81 16.56
CA TYR F 88 35.96 -12.71 16.53
C TYR F 88 36.21 -14.01 17.28
N GLU F 89 37.46 -14.31 17.62
CA GLU F 89 37.73 -15.51 18.40
C GLU F 89 37.29 -15.32 19.84
N ARG F 90 37.74 -14.24 20.49
CA ARG F 90 37.46 -14.06 21.90
C ARG F 90 36.03 -13.63 22.17
N ALA F 91 35.26 -13.28 21.13
CA ALA F 91 33.83 -13.10 21.27
C ALA F 91 33.04 -14.39 21.09
N ARG F 92 33.69 -15.44 20.58
CA ARG F 92 33.07 -16.75 20.40
C ARG F 92 33.50 -17.76 21.46
N ILE F 93 34.78 -17.76 21.83
CA ILE F 93 35.26 -18.67 22.87
C ILE F 93 34.65 -18.31 24.21
N LEU F 94 34.62 -17.02 24.55
CA LEU F 94 33.84 -16.56 25.69
C LEU F 94 32.34 -16.77 25.47
N GLY F 95 31.90 -16.70 24.22
CA GLY F 95 30.48 -16.92 23.93
C GLY F 95 30.06 -18.36 24.16
N THR F 96 30.94 -19.32 23.84
CA THR F 96 30.58 -20.72 23.94
C THR F 96 31.09 -21.38 25.23
N ARG F 97 31.99 -20.72 25.95
CA ARG F 97 32.34 -21.17 27.30
C ARG F 97 31.25 -20.79 28.30
N ALA F 98 30.64 -19.62 28.13
CA ALA F 98 29.77 -19.06 29.16
C ALA F 98 28.50 -19.88 29.35
N LEU F 99 27.93 -20.42 28.27
CA LEU F 99 26.74 -21.23 28.43
C LEU F 99 27.05 -22.68 28.82
N GLN F 100 28.33 -23.05 28.88
CA GLN F 100 28.71 -24.29 29.55
C GLN F 100 28.65 -24.14 31.05
N ILE F 101 29.02 -22.96 31.56
CA ILE F 101 28.95 -22.70 33.00
C ILE F 101 27.51 -22.67 33.47
N SER F 102 26.58 -22.24 32.61
CA SER F 102 25.16 -22.29 32.95
C SER F 102 24.56 -23.66 32.70
N MET F 103 25.36 -24.64 32.29
CA MET F 103 24.94 -26.03 32.21
C MET F 103 25.79 -26.89 33.13
N ASN F 104 26.16 -26.32 34.28
CA ASN F 104 26.75 -27.05 35.40
C ASN F 104 28.11 -27.63 35.05
N ALA F 105 28.82 -27.04 34.08
CA ALA F 105 30.17 -27.50 33.81
C ALA F 105 31.13 -27.00 34.88
N PRO F 106 32.19 -27.75 35.18
CA PRO F 106 33.10 -27.34 36.24
C PRO F 106 34.09 -26.29 35.76
N VAL F 107 34.29 -25.26 36.59
CA VAL F 107 35.27 -24.22 36.30
C VAL F 107 36.66 -24.78 36.63
N PHE F 108 37.70 -24.09 36.19
CA PHE F 108 39.06 -24.49 36.54
C PHE F 108 39.76 -23.53 37.47
N VAL F 109 39.20 -22.34 37.71
CA VAL F 109 39.93 -21.24 38.32
C VAL F 109 39.41 -21.03 39.73
N ASP F 110 40.25 -20.42 40.57
CA ASP F 110 39.83 -20.06 41.92
C ASP F 110 38.89 -18.86 41.84
N LEU F 111 37.59 -19.10 41.66
CA LEU F 111 36.62 -18.02 41.80
C LEU F 111 36.45 -17.60 43.25
N GLU F 112 36.14 -16.33 43.44
CA GLU F 112 35.67 -15.82 44.72
C GLU F 112 34.15 -15.94 44.77
N GLY F 113 33.52 -15.34 45.77
CA GLY F 113 32.07 -15.36 45.85
C GLY F 113 31.46 -14.55 44.72
N GLU F 114 30.94 -15.22 43.69
CA GLU F 114 30.76 -14.55 42.42
C GLU F 114 29.77 -15.31 41.56
N THR F 115 29.09 -14.56 40.68
CA THR F 115 27.82 -14.96 40.07
C THR F 115 28.02 -14.84 38.56
N ASP F 116 26.94 -14.85 37.77
CA ASP F 116 26.98 -14.32 36.40
C ASP F 116 27.97 -15.09 35.54
N PRO F 117 27.56 -16.26 35.01
CA PRO F 117 28.53 -17.16 34.37
C PRO F 117 29.30 -16.55 33.19
N LEU F 118 28.92 -15.36 32.72
CA LEU F 118 29.80 -14.67 31.78
C LEU F 118 31.02 -14.09 32.49
N ARG F 119 30.83 -13.49 33.67
CA ARG F 119 31.93 -12.82 34.34
C ARG F 119 32.95 -13.80 34.90
N ILE F 120 32.53 -15.04 35.17
CA ILE F 120 33.46 -16.12 35.50
C ILE F 120 34.10 -16.73 34.28
N ALA F 121 33.60 -16.43 33.09
CA ALA F 121 34.17 -16.95 31.85
C ALA F 121 35.28 -16.06 31.30
N MET F 122 35.15 -14.75 31.41
CA MET F 122 36.22 -13.85 30.98
C MET F 122 37.34 -13.73 32.01
N LYS F 123 37.10 -14.16 33.25
CA LYS F 123 38.20 -14.32 34.19
C LYS F 123 39.06 -15.53 33.84
N GLU F 124 38.43 -16.60 33.36
CA GLU F 124 39.14 -17.83 33.03
C GLU F 124 39.97 -17.68 31.76
N LEU F 125 39.67 -16.69 30.92
CA LEU F 125 40.49 -16.39 29.76
C LEU F 125 41.77 -15.66 30.11
N ALA F 126 41.84 -15.02 31.28
CA ALA F 126 43.03 -14.27 31.65
C ALA F 126 44.18 -15.19 32.04
N GLU F 127 43.88 -16.29 32.73
CA GLU F 127 44.90 -17.28 33.07
C GLU F 127 45.02 -18.38 32.02
N LYS F 128 44.30 -18.26 30.90
CA LYS F 128 44.44 -19.16 29.75
C LYS F 128 44.15 -20.61 30.14
N LYS F 129 43.02 -20.81 30.83
CA LYS F 129 42.60 -22.14 31.26
C LYS F 129 41.33 -22.59 30.54
N ILE F 130 41.08 -22.07 29.35
CA ILE F 130 39.99 -22.59 28.51
C ILE F 130 40.44 -23.93 27.91
N PRO F 131 39.64 -25.00 28.04
CA PRO F 131 40.02 -26.30 27.51
C PRO F 131 39.50 -26.57 26.09
N LEU F 132 39.79 -25.65 25.17
CA LEU F 132 39.21 -25.71 23.83
C LEU F 132 40.31 -25.58 22.78
N VAL F 133 39.90 -25.59 21.51
CA VAL F 133 40.82 -25.50 20.39
C VAL F 133 40.05 -24.99 19.18
N ILE F 134 40.66 -24.05 18.45
CA ILE F 134 40.02 -23.38 17.33
C ILE F 134 40.48 -24.04 16.03
N ARG F 135 39.52 -24.40 15.19
CA ARG F 135 39.80 -25.11 13.94
C ARG F 135 39.53 -24.18 12.75
N ARG F 136 40.60 -23.55 12.26
CA ARG F 136 40.49 -22.57 11.18
C ARG F 136 40.43 -23.31 9.85
N TYR F 137 39.35 -23.08 9.08
CA TYR F 137 39.22 -23.67 7.76
C TYR F 137 39.73 -22.69 6.70
N LEU F 138 40.67 -23.16 5.88
CA LEU F 138 41.07 -22.43 4.70
C LEU F 138 39.98 -22.54 3.62
N PRO F 139 39.94 -21.60 2.68
CA PRO F 139 38.86 -21.64 1.68
C PRO F 139 38.97 -22.74 0.65
N ASP F 140 40.05 -23.54 0.67
CA ASP F 140 40.21 -24.66 -0.25
C ASP F 140 39.88 -26.00 0.40
N GLY F 141 39.20 -25.99 1.54
CA GLY F 141 38.78 -27.23 2.17
C GLY F 141 39.84 -27.85 3.04
N SER F 142 40.70 -27.03 3.65
CA SER F 142 41.82 -27.49 4.45
C SER F 142 41.58 -27.13 5.91
N PHE F 143 42.01 -28.00 6.82
CA PHE F 143 41.88 -27.66 8.23
C PHE F 143 42.96 -26.67 8.63
N GLU F 144 42.88 -26.20 9.87
CA GLU F 144 44.04 -25.72 10.63
C GLU F 144 43.65 -25.59 12.10
N ASP F 145 44.39 -26.22 13.01
CA ASP F 145 44.04 -26.22 14.42
C ASP F 145 44.97 -25.31 15.21
N TRP F 146 44.41 -24.73 16.27
CA TRP F 146 45.14 -23.83 17.17
C TRP F 146 44.52 -24.00 18.55
N SER F 147 45.28 -24.55 19.49
CA SER F 147 44.78 -24.61 20.86
C SER F 147 44.65 -23.20 21.43
N VAL F 148 43.67 -23.03 22.33
CA VAL F 148 43.34 -21.68 22.77
C VAL F 148 44.34 -21.11 23.77
N GLU F 149 45.25 -21.95 24.29
CA GLU F 149 46.39 -21.43 25.04
C GLU F 149 47.46 -20.87 24.11
N GLU F 150 47.52 -21.38 22.87
CA GLU F 150 48.63 -21.03 21.98
C GLU F 150 48.50 -19.62 21.44
N LEU F 151 47.28 -19.11 21.31
CA LEU F 151 47.08 -17.75 20.84
C LEU F 151 47.26 -16.76 21.99
N ILE F 152 47.75 -15.58 21.66
CA ILE F 152 48.00 -14.51 22.62
C ILE F 152 47.21 -13.28 22.20
N VAL F 153 46.67 -12.56 23.18
CA VAL F 153 45.89 -11.37 22.90
C VAL F 153 46.14 -10.31 23.97
N PHE G 2 27.24 -63.40 21.85
CA PHE G 2 28.60 -63.92 22.01
C PHE G 2 29.45 -63.61 20.79
N ILE G 3 28.92 -62.81 19.88
CA ILE G 3 29.67 -62.27 18.75
C ILE G 3 29.67 -60.75 18.84
N LEU G 4 30.70 -60.14 18.27
CA LEU G 4 30.81 -58.69 18.21
C LEU G 4 30.28 -58.17 16.88
N SER G 5 29.95 -56.88 16.86
CA SER G 5 29.40 -56.24 15.67
C SER G 5 29.97 -54.82 15.57
N LYS G 6 30.88 -54.61 14.63
CA LYS G 6 31.58 -53.35 14.49
C LYS G 6 30.65 -52.32 13.86
N ILE G 7 30.15 -51.39 14.67
CA ILE G 7 29.25 -50.35 14.20
C ILE G 7 29.86 -48.98 14.47
N ALA G 8 29.24 -47.95 13.90
CA ALA G 8 29.65 -46.57 14.10
C ALA G 8 28.47 -45.75 14.60
N ASP G 9 28.76 -44.76 15.45
CA ASP G 9 27.73 -43.92 16.03
C ASP G 9 28.36 -42.63 16.52
N LEU G 10 27.54 -41.59 16.64
CA LEU G 10 27.92 -40.38 17.36
C LEU G 10 27.20 -40.34 18.70
N VAL G 11 27.87 -39.75 19.69
CA VAL G 11 27.38 -39.72 21.06
C VAL G 11 27.54 -38.31 21.60
N ARG G 12 26.53 -37.83 22.31
CA ARG G 12 26.56 -36.52 22.94
C ARG G 12 26.94 -36.64 24.41
N ILE G 13 27.50 -35.56 24.96
CA ILE G 13 27.87 -35.48 26.35
C ILE G 13 27.36 -34.17 26.93
N PRO G 14 26.44 -34.18 27.90
CA PRO G 14 26.06 -32.93 28.54
C PRO G 14 27.23 -32.34 29.31
N PRO G 15 27.30 -31.01 29.42
CA PRO G 15 28.52 -30.37 29.93
C PRO G 15 28.77 -30.56 31.42
N ASP G 16 27.85 -31.17 32.16
CA ASP G 16 28.13 -31.53 33.55
C ASP G 16 28.97 -32.80 33.68
N GLN G 17 29.21 -33.52 32.59
CA GLN G 17 30.09 -34.69 32.58
C GLN G 17 31.49 -34.35 32.07
N PHE G 18 32.00 -33.15 32.37
CA PHE G 18 33.37 -32.81 32.01
C PHE G 18 34.37 -33.17 33.10
N HIS G 19 33.92 -33.35 34.34
CA HIS G 19 34.83 -33.79 35.39
C HIS G 19 35.19 -35.27 35.22
N ARG G 20 34.23 -36.07 34.79
CA ARG G 20 34.50 -37.46 34.42
C ARG G 20 35.29 -37.52 33.12
N ASP G 21 36.29 -38.40 33.08
CA ASP G 21 37.17 -38.48 31.92
C ASP G 21 36.45 -39.14 30.75
N THR G 22 37.15 -39.21 29.61
CA THR G 22 36.47 -39.32 28.33
C THR G 22 35.88 -40.71 28.10
N ILE G 23 36.63 -41.76 28.44
CA ILE G 23 36.16 -43.12 28.16
C ILE G 23 35.07 -43.54 29.16
N SER G 24 35.09 -43.01 30.38
CA SER G 24 34.06 -43.34 31.35
C SER G 24 32.69 -42.74 31.00
N ALA G 25 32.66 -41.67 30.22
CA ALA G 25 31.41 -41.02 29.87
C ALA G 25 30.82 -41.56 28.57
N ILE G 26 31.66 -41.83 27.57
CA ILE G 26 31.18 -42.42 26.33
C ILE G 26 30.61 -43.81 26.59
N THR G 27 31.15 -44.53 27.57
CA THR G 27 30.59 -45.82 27.97
C THR G 27 29.21 -45.65 28.58
N HIS G 28 29.00 -44.60 29.37
CA HIS G 28 27.71 -44.42 30.02
C HIS G 28 26.64 -44.03 29.02
N GLN G 29 26.90 -43.01 28.20
CA GLN G 29 25.86 -42.48 27.33
C GLN G 29 25.54 -43.40 26.16
N LEU G 30 26.37 -44.41 25.91
CA LEU G 30 26.02 -45.48 24.98
C LEU G 30 25.29 -46.64 25.64
N ASN G 31 25.45 -46.83 26.95
CA ASN G 31 24.74 -47.90 27.64
C ASN G 31 23.24 -47.68 27.60
N ASN G 32 22.78 -46.54 28.11
CA ASN G 32 21.35 -46.24 28.13
C ASN G 32 20.77 -46.06 26.73
N LYS G 33 21.61 -45.88 25.71
CA LYS G 33 21.16 -45.91 24.33
C LYS G 33 21.08 -47.33 23.77
N PHE G 34 21.91 -48.24 24.26
CA PHE G 34 22.00 -49.58 23.69
C PHE G 34 21.64 -50.72 24.63
N ALA G 35 21.55 -50.49 25.94
CA ALA G 35 21.31 -51.59 26.87
C ALA G 35 19.85 -52.01 26.79
N ASN G 36 19.62 -53.33 26.72
CA ASN G 36 18.29 -53.91 26.51
C ASN G 36 17.59 -53.28 25.31
N LYS G 37 18.32 -53.17 24.21
CA LYS G 37 17.81 -52.58 22.99
C LYS G 37 17.97 -53.57 21.83
N ILE G 38 17.18 -53.33 20.78
CA ILE G 38 17.30 -54.11 19.55
C ILE G 38 17.88 -53.22 18.46
N ILE G 39 18.65 -53.82 17.56
CA ILE G 39 19.15 -53.12 16.38
C ILE G 39 18.23 -53.47 15.22
N PRO G 40 17.88 -52.51 14.36
CA PRO G 40 17.19 -52.88 13.12
C PRO G 40 18.03 -53.80 12.25
N ASN G 41 17.53 -55.02 12.05
CA ASN G 41 18.11 -56.04 11.18
C ASN G 41 19.46 -56.56 11.65
N VAL G 42 19.80 -56.46 12.94
CA VAL G 42 21.03 -57.08 13.41
C VAL G 42 20.75 -58.00 14.58
N GLY G 43 20.25 -57.44 15.68
CA GLY G 43 20.06 -58.23 16.89
C GLY G 43 19.93 -57.34 18.11
N LEU G 44 20.35 -57.89 19.26
CA LEU G 44 20.18 -57.27 20.57
C LEU G 44 21.54 -57.05 21.19
N CYS G 45 22.06 -55.82 21.11
CA CYS G 45 23.25 -55.45 21.85
C CYS G 45 22.96 -55.39 23.35
N ILE G 46 23.80 -56.05 24.13
CA ILE G 46 23.61 -56.13 25.58
C ILE G 46 24.42 -55.02 26.25
N THR G 47 25.73 -55.06 26.08
CA THR G 47 26.61 -54.09 26.72
C THR G 47 27.83 -53.86 25.83
N ILE G 48 28.29 -52.61 25.77
CA ILE G 48 29.39 -52.25 24.90
C ILE G 48 30.67 -52.92 25.39
N TYR G 49 31.41 -53.55 24.47
CA TYR G 49 32.57 -54.33 24.87
C TYR G 49 33.80 -53.44 25.07
N ASP G 50 34.19 -52.69 24.05
CA ASP G 50 35.35 -51.81 24.15
C ASP G 50 35.17 -50.64 23.19
N LEU G 51 36.25 -49.88 23.01
CA LEU G 51 36.29 -48.73 22.12
C LEU G 51 37.38 -48.95 21.08
N LEU G 52 37.04 -48.78 19.80
CA LEU G 52 37.99 -49.09 18.73
C LEU G 52 38.81 -47.86 18.33
N THR G 53 38.15 -46.80 17.87
CA THR G 53 38.80 -45.51 17.71
C THR G 53 37.84 -44.39 18.10
N VAL G 54 38.41 -43.31 18.61
CA VAL G 54 37.66 -42.15 19.07
C VAL G 54 38.23 -40.89 18.43
N GLU G 55 37.36 -40.02 17.96
CA GLU G 55 37.74 -38.81 17.25
C GLU G 55 37.64 -37.61 18.20
N GLU G 56 37.75 -36.41 17.65
CA GLU G 56 37.86 -35.20 18.45
C GLU G 56 36.51 -34.51 18.52
N GLY G 57 36.17 -34.02 19.72
CA GLY G 57 34.83 -33.59 20.03
C GLY G 57 34.40 -32.26 19.44
N GLN G 58 33.36 -32.28 18.63
CA GLN G 58 32.88 -31.10 17.92
C GLN G 58 31.76 -30.43 18.71
N LEU G 59 31.49 -29.18 18.37
CA LEU G 59 30.46 -28.39 19.05
C LEU G 59 29.47 -27.85 18.02
N LYS G 60 28.20 -28.23 18.18
CA LYS G 60 27.13 -27.47 17.57
C LYS G 60 27.14 -26.04 18.14
N PRO G 61 27.00 -25.02 17.28
CA PRO G 61 27.18 -23.65 17.78
C PRO G 61 26.06 -23.16 18.68
N GLY G 62 24.82 -23.57 18.43
CA GLY G 62 23.75 -23.16 19.31
C GLY G 62 23.62 -23.94 20.60
N ASP G 63 24.33 -25.05 20.74
CA ASP G 63 24.10 -25.99 21.83
C ASP G 63 25.04 -25.76 23.00
N GLY G 64 26.35 -25.89 22.77
CA GLY G 64 27.35 -25.77 23.80
C GLY G 64 27.90 -27.08 24.32
N SER G 65 27.27 -28.20 24.00
CA SER G 65 27.79 -29.51 24.36
C SER G 65 28.86 -29.95 23.36
N SER G 66 29.48 -31.10 23.64
CA SER G 66 30.52 -31.65 22.79
C SER G 66 30.07 -33.01 22.26
N TYR G 67 30.09 -33.16 20.93
CA TYR G 67 29.54 -34.32 20.25
C TYR G 67 30.69 -35.07 19.56
N ILE G 68 30.89 -36.33 19.94
CA ILE G 68 31.97 -37.16 19.43
C ILE G 68 31.35 -38.29 18.62
N ASN G 69 31.82 -38.45 17.38
CA ASN G 69 31.57 -39.66 16.62
C ASN G 69 32.62 -40.71 16.95
N VAL G 70 32.18 -41.95 17.10
CA VAL G 70 33.01 -43.00 17.67
C VAL G 70 32.59 -44.34 17.06
N THR G 71 33.58 -45.16 16.73
CA THR G 71 33.33 -46.50 16.23
C THR G 71 33.73 -47.52 17.30
N PHE G 72 32.89 -48.54 17.45
CA PHE G 72 33.11 -49.56 18.47
C PHE G 72 32.35 -50.81 18.07
N ARG G 73 32.67 -51.91 18.74
CA ARG G 73 31.87 -53.13 18.68
C ARG G 73 31.30 -53.43 20.06
N ALA G 74 30.08 -53.95 20.07
CA ALA G 74 29.41 -54.41 21.29
C ALA G 74 29.07 -55.88 21.13
N VAL G 75 28.87 -56.55 22.27
CA VAL G 75 28.59 -57.98 22.28
C VAL G 75 27.09 -58.20 22.11
N VAL G 76 26.74 -59.09 21.19
CA VAL G 76 25.36 -59.36 20.80
C VAL G 76 25.25 -60.85 20.54
N PHE G 77 24.16 -61.45 21.01
CA PHE G 77 23.96 -62.88 20.83
C PHE G 77 23.26 -63.15 19.51
N LYS G 78 23.86 -64.01 18.69
CA LYS G 78 23.23 -64.59 17.51
C LYS G 78 23.56 -66.07 17.52
N PRO G 79 22.65 -66.92 18.00
CA PRO G 79 23.03 -68.29 18.36
C PRO G 79 23.54 -69.11 17.19
N PHE G 80 22.63 -69.44 16.26
CA PHE G 80 22.94 -70.09 14.98
C PHE G 80 21.60 -70.31 14.30
N LEU G 81 21.65 -70.76 13.05
CA LEU G 81 20.43 -71.25 12.41
C LEU G 81 20.14 -72.71 12.74
N GLY G 82 20.92 -73.31 13.63
CA GLY G 82 20.66 -74.66 14.11
C GLY G 82 21.07 -74.83 15.56
N GLU G 83 21.11 -73.75 16.32
CA GLU G 83 21.64 -73.77 17.67
C GLU G 83 20.66 -74.40 18.65
N ILE G 84 21.19 -75.26 19.51
CA ILE G 84 20.41 -75.82 20.62
C ILE G 84 20.33 -74.79 21.73
N VAL G 85 19.13 -74.58 22.27
CA VAL G 85 18.91 -73.66 23.37
C VAL G 85 18.00 -74.33 24.40
N THR G 86 18.45 -74.42 25.65
CA THR G 86 17.70 -75.07 26.72
C THR G 86 17.00 -74.00 27.54
N GLY G 87 15.92 -73.46 26.99
CA GLY G 87 15.14 -72.43 27.65
C GLY G 87 14.10 -73.01 28.60
N TRP G 88 13.23 -72.12 29.07
CA TRP G 88 12.09 -72.49 29.90
C TRP G 88 10.80 -72.09 29.18
N ILE G 89 9.68 -72.14 29.90
CA ILE G 89 8.40 -71.70 29.38
C ILE G 89 7.56 -71.18 30.53
N SER G 90 6.65 -70.23 30.23
CA SER G 90 5.61 -69.87 31.18
C SER G 90 4.28 -69.55 30.50
N LYS G 91 4.02 -70.06 29.30
CA LYS G 91 2.75 -69.81 28.62
C LYS G 91 2.45 -70.93 27.65
N CYS G 92 1.17 -71.29 27.55
CA CYS G 92 0.70 -72.30 26.62
C CYS G 92 -0.64 -71.87 26.03
N THR G 93 -0.81 -72.14 24.73
CA THR G 93 -2.04 -71.75 24.04
C THR G 93 -2.51 -72.93 23.19
N ALA G 94 -3.51 -72.72 22.33
CA ALA G 94 -4.22 -73.81 21.67
C ALA G 94 -3.96 -73.87 20.18
N GLU G 95 -2.88 -73.26 19.70
CA GLU G 95 -2.49 -73.37 18.30
C GLU G 95 -1.01 -73.66 18.10
N GLY G 96 -0.16 -73.35 19.07
CA GLY G 96 1.25 -73.73 19.02
C GLY G 96 1.75 -73.97 20.42
N ILE G 97 2.95 -73.47 20.71
CA ILE G 97 3.49 -73.51 22.06
C ILE G 97 4.30 -72.23 22.29
N LYS G 98 4.06 -71.60 23.44
CA LYS G 98 4.61 -70.26 23.72
C LYS G 98 5.94 -70.37 24.48
N VAL G 99 6.92 -70.97 23.84
CA VAL G 99 8.22 -71.19 24.47
C VAL G 99 8.98 -69.87 24.46
N SER G 100 9.22 -69.32 25.65
CA SER G 100 9.97 -68.08 25.80
C SER G 100 11.06 -68.28 26.86
N LEU G 101 12.27 -67.87 26.53
CA LEU G 101 13.38 -67.94 27.49
C LEU G 101 13.10 -66.97 28.64
N LEU G 102 13.07 -67.50 29.87
CA LEU G 102 12.75 -66.68 31.02
C LEU G 102 13.94 -65.82 31.43
N GLY G 103 13.67 -64.55 31.72
CA GLY G 103 14.69 -63.64 32.20
C GLY G 103 15.11 -62.57 31.20
N ILE G 104 15.26 -62.94 29.94
CA ILE G 104 15.84 -62.03 28.96
C ILE G 104 14.75 -61.44 28.08
N PHE G 105 14.07 -62.28 27.31
CA PHE G 105 13.04 -61.82 26.39
C PHE G 105 11.91 -62.83 26.32
N ASP G 106 10.70 -62.34 26.05
CA ASP G 106 9.51 -63.17 25.94
C ASP G 106 8.67 -62.74 24.75
N ASP G 107 9.34 -62.41 23.64
CA ASP G 107 8.67 -62.04 22.39
C ASP G 107 8.78 -63.12 21.33
N ILE G 108 8.68 -64.38 21.73
CA ILE G 108 8.98 -65.52 20.86
C ILE G 108 7.76 -66.43 20.81
N PHE G 109 7.37 -66.82 19.60
CA PHE G 109 6.41 -67.89 19.38
C PHE G 109 7.01 -68.87 18.39
N ILE G 110 7.25 -70.11 18.84
CA ILE G 110 7.83 -71.15 18.01
C ILE G 110 6.79 -72.25 17.83
N PRO G 111 6.58 -72.75 16.62
CA PRO G 111 5.51 -73.74 16.40
C PRO G 111 6.00 -75.17 16.58
N GLN G 112 5.10 -76.14 16.33
CA GLN G 112 5.47 -77.55 16.19
C GLN G 112 4.97 -78.05 14.83
N ASN G 113 5.75 -77.80 13.79
CA ASN G 113 5.40 -78.15 12.42
C ASN G 113 6.37 -79.17 11.83
N MET G 114 7.16 -79.83 12.67
CA MET G 114 8.08 -80.87 12.25
C MET G 114 7.91 -82.14 13.07
N LEU G 115 6.69 -82.40 13.53
CA LEU G 115 6.41 -83.52 14.42
C LEU G 115 5.41 -84.47 13.74
N PHE G 116 4.89 -85.41 14.52
CA PHE G 116 4.09 -86.50 13.97
C PHE G 116 2.67 -86.01 13.69
N GLU G 117 1.78 -86.95 13.37
CA GLU G 117 0.48 -86.66 12.77
C GLU G 117 -0.65 -86.67 13.77
N GLY G 118 -0.36 -86.72 15.07
CA GLY G 118 -1.37 -86.84 16.09
C GLY G 118 -1.32 -85.76 17.14
N CYS G 119 -1.07 -84.52 16.71
CA CYS G 119 -0.87 -83.39 17.61
C CYS G 119 -2.08 -82.47 17.53
N TYR G 120 -2.63 -82.14 18.70
CA TYR G 120 -3.61 -81.08 18.85
C TYR G 120 -3.47 -80.52 20.26
N TYR G 121 -4.50 -79.83 20.74
CA TYR G 121 -4.48 -79.24 22.08
C TYR G 121 -5.53 -79.89 22.96
N THR G 122 -5.14 -80.19 24.20
CA THR G 122 -6.02 -80.76 25.23
C THR G 122 -6.04 -79.80 26.41
N PRO G 123 -7.20 -79.22 26.75
CA PRO G 123 -7.26 -78.20 27.82
C PRO G 123 -7.39 -78.81 29.21
N GLU G 124 -6.48 -79.71 29.55
CA GLU G 124 -6.42 -80.33 30.87
C GLU G 124 -4.97 -80.33 31.36
N GLU G 125 -4.36 -79.14 31.32
CA GLU G 125 -3.00 -78.85 31.80
C GLU G 125 -1.95 -79.46 30.88
N SER G 126 -2.36 -80.26 29.91
CA SER G 126 -1.44 -80.98 29.05
C SER G 126 -1.33 -80.29 27.69
N ALA G 127 -0.29 -80.66 26.94
CA ALA G 127 -0.18 -80.20 25.57
C ALA G 127 -1.12 -80.99 24.65
N TRP G 128 -0.91 -82.30 24.56
CA TRP G 128 -1.87 -83.20 23.94
C TRP G 128 -1.73 -84.57 24.59
N ILE G 129 -2.62 -85.49 24.21
CA ILE G 129 -2.57 -86.85 24.70
C ILE G 129 -1.51 -87.64 23.93
N TRP G 130 -0.67 -88.36 24.66
CA TRP G 130 0.53 -88.96 24.09
C TRP G 130 0.36 -90.46 23.97
N PRO G 131 0.68 -91.05 22.81
CA PRO G 131 0.55 -92.50 22.59
C PRO G 131 1.63 -93.30 23.30
N LYS G 137 6.20 -91.61 28.78
CA LYS G 137 5.79 -90.33 28.22
C LYS G 137 5.50 -89.33 29.33
N LEU G 138 6.54 -89.01 30.10
CA LEU G 138 6.40 -88.05 31.19
C LEU G 138 6.24 -86.64 30.64
N TYR G 139 5.21 -85.94 31.10
CA TYR G 139 4.86 -84.65 30.54
C TYR G 139 5.89 -83.59 30.93
N PHE G 140 5.74 -82.41 30.33
CA PHE G 140 6.56 -81.25 30.66
C PHE G 140 5.66 -80.07 30.98
N ASP G 141 6.14 -79.20 31.87
CA ASP G 141 5.35 -78.08 32.34
C ASP G 141 6.25 -76.86 32.45
N VAL G 142 5.76 -75.84 33.16
CA VAL G 142 6.42 -74.54 33.19
C VAL G 142 7.52 -74.53 34.24
N ASN G 143 8.43 -73.57 34.10
CA ASN G 143 9.50 -73.31 35.08
C ASN G 143 10.43 -74.52 35.24
N GLU G 144 10.85 -75.07 34.10
CA GLU G 144 11.91 -76.07 34.10
C GLU G 144 12.59 -76.05 32.74
N LYS G 145 13.77 -76.68 32.68
CA LYS G 145 14.65 -76.56 31.52
C LYS G 145 14.08 -77.35 30.34
N ILE G 146 13.84 -76.65 29.22
CA ILE G 146 13.20 -77.25 28.05
C ILE G 146 14.10 -76.98 26.86
N ARG G 147 14.47 -78.04 26.14
CA ARG G 147 15.33 -77.89 24.97
C ARG G 147 14.50 -77.52 23.74
N PHE G 148 15.01 -76.58 22.96
CA PHE G 148 14.39 -76.19 21.70
C PHE G 148 15.45 -75.50 20.85
N ARG G 149 15.50 -75.85 19.57
CA ARG G 149 16.47 -75.27 18.65
C ARG G 149 15.77 -74.30 17.71
N ILE G 150 16.55 -73.76 16.76
CA ILE G 150 16.21 -72.56 16.01
C ILE G 150 16.41 -72.87 14.54
N GLU G 151 15.45 -72.48 13.70
CA GLU G 151 15.62 -72.52 12.26
C GLU G 151 15.86 -71.13 11.67
N ARG G 152 14.97 -70.18 11.92
CA ARG G 152 14.98 -68.91 11.19
C ARG G 152 14.53 -67.80 12.13
N GLU G 153 14.54 -66.58 11.60
CA GLU G 153 14.05 -65.40 12.29
C GLU G 153 13.58 -64.39 11.24
N VAL G 154 12.68 -63.50 11.66
CA VAL G 154 12.10 -62.51 10.78
C VAL G 154 12.26 -61.13 11.42
N PHE G 155 12.85 -60.20 10.67
CA PHE G 155 13.15 -58.85 11.14
C PHE G 155 12.36 -57.86 10.30
N VAL G 156 11.48 -57.08 10.94
CA VAL G 156 10.80 -55.98 10.28
C VAL G 156 10.96 -54.72 11.13
N ASP G 157 10.82 -53.57 10.47
CA ASP G 157 11.07 -52.27 11.07
C ASP G 157 9.97 -51.29 10.68
N VAL G 158 8.73 -51.73 10.73
CA VAL G 158 7.62 -51.00 10.10
C VAL G 158 6.84 -50.26 11.17
N LYS G 159 6.30 -49.10 10.81
CA LYS G 159 5.39 -48.34 11.66
C LYS G 159 4.25 -47.82 10.78
N PRO G 160 3.21 -48.63 10.60
CA PRO G 160 2.02 -48.13 9.90
C PRO G 160 1.07 -47.36 10.81
N LYS G 161 1.33 -46.06 10.97
CA LYS G 161 0.53 -45.25 11.87
C LYS G 161 -0.86 -45.01 11.28
N SER G 162 -1.85 -44.95 12.17
CA SER G 162 -3.22 -44.62 11.78
C SER G 162 -3.99 -44.01 12.94
N GLU G 189 -0.79 -57.95 21.30
CA GLU G 189 -0.01 -56.86 20.73
C GLU G 189 0.92 -57.36 19.63
N LYS G 190 1.44 -58.58 19.83
CA LYS G 190 2.29 -59.26 18.86
C LYS G 190 3.48 -58.39 18.46
N PRO G 191 4.48 -58.24 19.33
CA PRO G 191 5.65 -57.42 18.99
C PRO G 191 6.48 -58.08 17.89
N PRO G 192 6.56 -57.45 16.72
CA PRO G 192 7.16 -58.10 15.55
C PRO G 192 8.67 -57.88 15.40
N ALA G 193 9.34 -57.41 16.44
CA ALA G 193 10.75 -57.03 16.33
C ALA G 193 11.64 -58.25 16.19
N TYR G 194 11.58 -59.17 17.15
CA TYR G 194 12.57 -60.23 17.31
C TYR G 194 11.82 -61.54 17.61
N ALA G 195 11.50 -62.29 16.56
CA ALA G 195 10.72 -63.51 16.67
C ALA G 195 11.47 -64.65 15.99
N LEU G 196 11.74 -65.72 16.74
CA LEU G 196 12.50 -66.85 16.25
C LEU G 196 11.57 -67.99 15.81
N LEU G 197 12.13 -68.91 15.03
CA LEU G 197 11.40 -70.07 14.52
C LEU G 197 12.02 -71.33 15.12
N GLY G 198 11.18 -72.13 15.79
CA GLY G 198 11.66 -73.29 16.50
C GLY G 198 10.80 -74.50 16.23
N SER G 199 11.33 -75.66 16.60
CA SER G 199 10.66 -76.93 16.34
C SER G 199 11.10 -77.95 17.38
N CYS G 200 10.43 -79.10 17.37
CA CYS G 200 10.65 -80.17 18.34
C CYS G 200 10.68 -81.52 17.63
N GLN G 201 11.48 -81.60 16.57
CA GLN G 201 11.25 -82.62 15.55
C GLN G 201 11.64 -84.02 16.03
N THR G 202 12.66 -84.14 16.87
CA THR G 202 13.13 -85.46 17.28
C THR G 202 12.64 -85.78 18.69
N ASP G 203 13.11 -86.89 19.23
CA ASP G 203 12.82 -87.28 20.60
C ASP G 203 13.59 -86.39 21.59
N GLY G 204 13.17 -86.43 22.84
CA GLY G 204 13.77 -85.61 23.87
C GLY G 204 13.47 -84.13 23.78
N MET G 205 12.57 -83.72 22.88
CA MET G 205 12.32 -82.31 22.61
C MET G 205 11.08 -81.89 23.40
N GLY G 206 11.27 -81.07 24.42
CA GLY G 206 10.20 -80.69 25.31
C GLY G 206 10.64 -80.68 26.77
N LEU G 207 11.71 -81.41 27.07
CA LEU G 207 12.24 -81.46 28.42
C LEU G 207 13.67 -82.00 28.36
N VAL G 208 14.53 -81.46 29.23
CA VAL G 208 15.91 -81.93 29.30
C VAL G 208 16.03 -83.17 30.18
N SER G 209 15.06 -83.43 31.05
CA SER G 209 15.09 -84.58 31.93
C SER G 209 14.55 -85.85 31.27
N TRP G 210 14.08 -85.77 30.04
CA TRP G 210 13.77 -86.97 29.28
C TRP G 210 15.02 -87.75 28.93
N TRP G 211 16.15 -87.06 28.75
CA TRP G 211 17.45 -87.68 28.58
C TRP G 211 18.32 -87.44 29.81
N GLU G 212 19.50 -88.06 29.81
CA GLU G 212 20.52 -87.82 30.84
C GLU G 212 20.00 -88.10 32.24
N MET H 1 74.16 31.41 45.30
CA MET H 1 75.49 31.41 44.69
C MET H 1 75.91 30.01 44.30
N SER H 2 75.83 29.07 45.24
CA SER H 2 76.14 27.67 44.94
C SER H 2 75.08 27.02 44.08
N ASN H 3 73.86 27.53 44.09
CA ASN H 3 72.76 26.94 43.32
C ASN H 3 72.35 27.77 42.12
N THR H 4 72.78 29.02 42.02
CA THR H 4 72.37 29.89 40.93
C THR H 4 73.00 29.43 39.62
N LEU H 5 72.14 29.20 38.62
CA LEU H 5 72.63 28.79 37.30
C LEU H 5 72.85 29.97 36.37
N PHE H 6 72.20 31.10 36.61
CA PHE H 6 72.17 32.21 35.66
C PHE H 6 71.62 33.44 36.35
N ASP H 7 72.14 34.60 35.97
CA ASP H 7 71.77 35.86 36.59
C ASP H 7 72.21 37.01 35.70
N ASP H 8 71.31 37.94 35.43
CA ASP H 8 71.60 39.16 34.68
C ASP H 8 70.64 40.25 35.13
N ILE H 9 70.72 41.40 34.46
CA ILE H 9 69.89 42.57 34.76
C ILE H 9 69.29 43.03 33.43
N PHE H 10 67.97 43.17 33.41
CA PHE H 10 67.26 43.47 32.16
C PHE H 10 66.52 44.79 32.26
N GLN H 11 66.40 45.46 31.11
CA GLN H 11 65.55 46.64 30.95
C GLN H 11 64.43 46.29 29.99
N VAL H 12 63.19 46.31 30.48
CA VAL H 12 62.08 45.78 29.68
C VAL H 12 61.71 46.77 28.58
N SER H 13 61.10 46.26 27.52
CA SER H 13 60.83 47.03 26.32
C SER H 13 59.33 47.23 26.08
N GLU H 14 58.57 46.13 25.98
CA GLU H 14 57.18 46.19 25.54
C GLU H 14 56.32 45.30 26.43
N VAL H 15 55.14 45.81 26.78
CA VAL H 15 54.17 45.08 27.61
C VAL H 15 52.86 45.04 26.83
N ASP H 16 52.53 43.88 26.26
CA ASP H 16 51.37 43.72 25.38
C ASP H 16 50.40 42.71 26.00
N PRO H 17 49.40 43.18 26.73
CA PRO H 17 48.32 42.28 27.22
C PRO H 17 47.29 41.97 26.14
N GLY H 18 47.61 40.99 25.29
CA GLY H 18 46.72 40.65 24.20
C GLY H 18 45.52 39.82 24.60
N ARG H 19 44.36 40.47 24.66
CA ARG H 19 43.05 39.85 24.93
C ARG H 19 42.97 39.22 26.31
N TYR H 20 43.84 39.61 27.24
CA TYR H 20 43.79 39.14 28.61
C TYR H 20 43.52 40.32 29.54
N ASN H 21 43.36 40.01 30.84
CA ASN H 21 43.19 41.05 31.85
C ASN H 21 44.09 40.84 33.06
N LYS H 22 44.82 39.73 33.13
CA LYS H 22 45.60 39.41 34.33
C LYS H 22 46.95 38.79 33.99
N VAL H 23 47.24 38.56 32.72
CA VAL H 23 48.53 38.03 32.26
C VAL H 23 48.93 38.80 31.02
N CYS H 24 50.15 39.34 31.00
CA CYS H 24 50.65 40.04 29.84
C CYS H 24 52.10 39.66 29.57
N ARG H 25 52.41 39.45 28.30
CA ARG H 25 53.76 39.08 27.88
C ARG H 25 54.65 40.31 27.88
N ILE H 26 55.86 40.17 28.39
CA ILE H 26 56.81 41.27 28.46
C ILE H 26 57.93 41.03 27.46
N GLU H 27 58.74 42.06 27.25
CA GLU H 27 59.96 42.01 26.46
C GLU H 27 61.11 42.49 27.32
N ALA H 28 62.34 42.15 26.93
CA ALA H 28 63.49 42.48 27.74
C ALA H 28 64.71 42.69 26.85
N ALA H 29 65.77 43.21 27.47
CA ALA H 29 67.04 43.44 26.80
C ALA H 29 68.11 43.57 27.87
N SER H 30 69.18 42.78 27.74
CA SER H 30 70.19 42.71 28.77
C SER H 30 71.11 43.92 28.69
N THR H 31 71.33 44.57 29.84
CA THR H 31 72.08 45.82 29.88
C THR H 31 73.58 45.62 30.10
N THR H 32 74.03 44.40 30.37
CA THR H 32 75.44 44.15 30.59
C THR H 32 76.03 43.28 29.48
N GLN H 33 75.51 42.07 29.27
CA GLN H 33 75.74 41.36 28.02
C GLN H 33 74.88 41.97 26.92
N ASP H 34 75.47 42.14 25.74
CA ASP H 34 74.81 42.88 24.67
C ASP H 34 74.19 41.96 23.62
N GLN H 35 73.91 40.71 23.97
CA GLN H 35 73.32 39.78 23.00
C GLN H 35 71.98 39.20 23.45
N CYS H 36 71.89 38.71 24.67
CA CYS H 36 70.73 37.93 25.08
C CYS H 36 69.52 38.80 25.40
N LYS H 37 68.35 38.20 25.26
CA LYS H 37 67.07 38.85 25.48
C LYS H 37 66.01 37.76 25.63
N LEU H 38 64.88 38.10 26.25
CA LEU H 38 63.86 37.08 26.47
C LEU H 38 62.48 37.70 26.41
N THR H 39 61.49 36.83 26.23
CA THR H 39 60.07 37.14 26.42
C THR H 39 59.54 36.31 27.57
N LEU H 40 58.63 36.88 28.36
CA LEU H 40 58.20 36.25 29.60
C LEU H 40 56.77 36.65 29.91
N ASP H 41 56.04 35.74 30.55
CA ASP H 41 54.68 35.96 31.01
C ASP H 41 54.68 36.34 32.48
N ILE H 42 54.04 37.46 32.82
CA ILE H 42 53.93 37.94 34.19
C ILE H 42 52.46 38.19 34.49
N ASN H 43 51.98 37.59 35.59
CA ASN H 43 50.66 37.90 36.11
C ASN H 43 50.75 39.15 36.98
N VAL H 44 50.18 40.25 36.49
CA VAL H 44 50.48 41.58 37.03
C VAL H 44 49.38 42.05 37.98
N GLU H 45 48.57 41.15 38.54
CA GLU H 45 47.78 41.55 39.69
C GLU H 45 48.56 41.52 40.99
N LEU H 46 49.74 40.90 40.99
CA LEU H 46 50.52 40.74 42.21
C LEU H 46 52.00 41.02 42.00
N PHE H 47 52.41 41.41 40.79
CA PHE H 47 53.74 41.97 40.56
C PHE H 47 53.65 42.92 39.38
N PRO H 48 53.18 44.15 39.61
CA PRO H 48 52.88 45.04 38.47
C PRO H 48 54.16 45.55 37.84
N VAL H 49 54.25 45.36 36.52
CA VAL H 49 55.41 45.75 35.72
C VAL H 49 55.02 46.86 34.76
N ALA H 50 55.91 47.83 34.60
CA ALA H 50 55.73 48.92 33.66
C ALA H 50 56.85 48.88 32.62
N ALA H 51 56.61 49.58 31.51
CA ALA H 51 57.60 49.61 30.44
C ALA H 51 58.82 50.42 30.84
N GLN H 52 59.97 50.02 30.30
CA GLN H 52 61.27 50.66 30.54
C GLN H 52 61.60 50.67 32.04
N ASP H 53 61.79 49.46 32.56
CA ASP H 53 62.04 49.23 33.97
C ASP H 53 63.13 48.19 34.13
N SER H 54 63.88 48.30 35.22
CA SER H 54 64.99 47.39 35.49
C SER H 54 64.56 46.31 36.47
N LEU H 55 64.99 45.08 36.19
CA LEU H 55 64.63 43.94 37.03
C LEU H 55 65.62 42.81 36.79
N THR H 56 65.69 41.90 37.76
CA THR H 56 66.67 40.82 37.77
C THR H 56 66.01 39.50 37.41
N VAL H 57 66.71 38.69 36.63
CA VAL H 57 66.35 37.30 36.36
C VAL H 57 67.41 36.41 36.99
N THR H 58 66.98 35.39 37.73
CA THR H 58 67.88 34.47 38.40
C THR H 58 67.30 33.06 38.34
N ILE H 59 67.90 32.21 37.51
CA ILE H 59 67.44 30.83 37.38
C ILE H 59 68.25 30.01 38.38
N ALA H 60 67.67 29.83 39.56
CA ALA H 60 68.26 29.01 40.60
C ALA H 60 67.84 27.54 40.44
N SER H 61 68.11 26.74 41.47
CA SER H 61 67.67 25.35 41.55
C SER H 61 67.83 24.87 42.99
N SER H 62 66.74 24.35 43.56
CA SER H 62 66.74 23.82 44.94
C SER H 62 67.14 24.93 45.91
N LEU H 63 66.22 25.88 46.05
CA LEU H 63 66.40 27.12 46.80
C LEU H 63 66.87 26.94 48.24
N ASN H 64 66.94 25.71 48.74
CA ASN H 64 67.15 25.50 50.17
C ASN H 64 68.53 25.93 50.65
N LEU H 65 69.42 26.34 49.75
CA LEU H 65 70.58 27.16 50.06
C LEU H 65 71.66 26.37 50.80
N GLU H 66 71.36 25.14 51.21
CA GLU H 66 72.36 24.23 51.73
C GLU H 66 71.82 22.81 51.71
N ASP H 67 72.74 21.86 51.76
CA ASP H 67 72.41 20.44 51.62
C ASP H 67 71.65 20.18 50.32
N SER H 74 58.63 13.15 53.20
CA SER H 74 58.17 12.15 54.17
C SER H 74 57.60 10.92 53.46
N ALA H 75 58.18 10.61 52.30
CA ALA H 75 57.80 9.44 51.52
C ALA H 75 56.31 9.42 51.17
N THR H 76 55.78 10.60 50.81
CA THR H 76 54.38 10.73 50.46
C THR H 76 54.15 11.07 48.99
N ARG H 77 55.22 11.36 48.24
CA ARG H 77 55.16 11.59 46.79
C ARG H 77 54.44 12.88 46.45
N SER H 78 53.86 13.54 47.45
CA SER H 78 53.16 14.81 47.24
C SER H 78 54.16 15.96 47.30
N TRP H 79 53.66 17.17 47.43
CA TRP H 79 54.48 18.35 47.67
C TRP H 79 54.01 19.06 48.93
N ARG H 80 54.95 19.55 49.72
CA ARG H 80 54.65 20.29 50.93
C ARG H 80 55.49 21.56 51.00
N PRO H 81 54.94 22.62 51.57
CA PRO H 81 55.71 23.86 51.70
C PRO H 81 56.77 23.75 52.79
N PRO H 82 57.76 24.63 52.80
CA PRO H 82 58.67 24.70 53.94
C PRO H 82 57.96 25.29 55.16
N GLN H 83 58.63 25.15 56.31
CA GLN H 83 58.10 25.65 57.56
C GLN H 83 58.15 27.19 57.58
N ALA H 84 57.47 27.77 58.58
CA ALA H 84 57.29 29.21 58.59
C ALA H 84 58.60 29.92 58.92
N GLY H 85 59.27 29.50 59.99
CA GLY H 85 60.59 30.04 60.28
C GLY H 85 61.69 29.25 59.61
N ASP H 86 62.11 29.71 58.43
CA ASP H 86 63.23 29.10 57.70
C ASP H 86 63.88 30.17 56.83
N ARG H 87 65.16 30.42 57.05
CA ARG H 87 65.93 31.20 56.11
C ARG H 87 66.14 30.41 54.83
N SER H 88 66.04 31.08 53.69
CA SER H 88 66.13 30.42 52.40
C SER H 88 66.50 31.44 51.33
N LEU H 89 66.86 30.93 50.16
CA LEU H 89 66.92 31.77 48.98
C LEU H 89 65.53 32.29 48.63
N ALA H 90 65.49 33.48 48.00
CA ALA H 90 64.25 34.21 47.75
C ALA H 90 63.51 34.52 49.06
N ASP H 91 64.27 34.92 50.07
CA ASP H 91 63.76 35.76 51.15
C ASP H 91 64.04 37.23 50.91
N ASP H 92 64.51 37.59 49.71
CA ASP H 92 64.96 38.94 49.40
C ASP H 92 64.42 39.46 48.08
N TYR H 93 63.86 38.61 47.23
CA TYR H 93 63.29 39.02 45.97
C TYR H 93 61.80 39.28 46.14
N ASP H 94 61.09 39.53 45.04
CA ASP H 94 59.68 39.87 45.09
C ASP H 94 58.76 38.84 44.46
N TYR H 95 59.26 38.05 43.49
CA TYR H 95 58.37 37.25 42.66
C TYR H 95 59.17 36.13 42.01
N VAL H 96 58.91 34.89 42.44
CA VAL H 96 59.56 33.72 41.87
C VAL H 96 58.51 32.88 41.13
N MET H 97 58.98 32.02 40.23
CA MET H 97 58.09 31.11 39.54
C MET H 97 58.69 29.70 39.51
N TYR H 98 58.08 28.81 38.73
CA TYR H 98 58.50 27.41 38.75
C TYR H 98 57.99 26.72 37.49
N GLY H 99 58.82 25.85 36.92
CA GLY H 99 58.45 25.16 35.71
C GLY H 99 59.62 24.39 35.14
N THR H 100 59.37 23.79 33.98
CA THR H 100 60.27 22.83 33.36
C THR H 100 60.80 23.39 32.04
N ALA H 101 61.94 22.87 31.62
CA ALA H 101 62.37 23.02 30.23
C ALA H 101 61.76 21.91 29.39
N TYR H 102 61.54 22.20 28.11
CA TYR H 102 61.07 21.14 27.21
C TYR H 102 61.76 21.10 25.84
N LYS H 103 62.36 22.18 25.35
CA LYS H 103 62.91 22.19 24.01
C LYS H 103 64.12 23.10 23.93
N PHE H 104 65.21 22.58 23.39
CA PHE H 104 66.42 23.36 23.12
C PHE H 104 66.68 23.36 21.62
N GLU H 105 66.82 24.54 21.03
CA GLU H 105 67.07 24.67 19.60
C GLU H 105 67.89 25.92 19.35
N GLU H 106 68.80 25.86 18.38
CA GLU H 106 69.72 26.94 18.14
C GLU H 106 69.08 28.01 17.26
N VAL H 107 69.34 29.27 17.59
CA VAL H 107 68.84 30.37 16.79
C VAL H 107 69.60 30.47 15.47
N SER H 108 70.92 30.63 15.56
CA SER H 108 71.78 30.79 14.40
C SER H 108 73.13 30.17 14.74
N LYS H 109 74.18 30.58 14.02
CA LYS H 109 75.53 30.29 14.46
C LYS H 109 75.77 30.89 15.84
N ASP H 110 76.43 30.10 16.70
CA ASP H 110 76.75 30.33 18.11
C ASP H 110 75.66 31.08 18.87
N LEU H 111 74.40 30.73 18.61
CA LEU H 111 73.25 31.31 19.32
C LEU H 111 72.23 30.20 19.54
N ILE H 112 72.02 29.82 20.80
CA ILE H 112 71.07 28.78 21.14
C ILE H 112 69.97 29.38 22.01
N ALA H 113 68.74 28.93 21.79
CA ALA H 113 67.58 29.37 22.54
C ALA H 113 67.09 28.28 23.47
N VAL H 114 66.35 28.69 24.50
CA VAL H 114 65.94 27.81 25.59
C VAL H 114 64.49 28.12 25.92
N TYR H 115 63.65 27.09 25.99
CA TYR H 115 62.22 27.24 26.21
C TYR H 115 61.85 26.70 27.60
N TYR H 116 61.57 27.62 28.53
CA TYR H 116 60.97 27.25 29.80
C TYR H 116 59.48 27.55 29.77
N SER H 117 58.69 26.67 30.36
CA SER H 117 57.25 26.85 30.45
C SER H 117 56.82 26.61 31.89
N PHE H 118 56.26 27.64 32.53
CA PHE H 118 55.98 27.60 33.96
C PHE H 118 54.54 27.19 34.24
N GLY H 119 54.12 26.06 33.69
CA GLY H 119 52.73 25.67 33.78
C GLY H 119 51.81 26.58 33.00
N GLY H 120 51.88 26.56 31.68
CA GLY H 120 51.04 27.42 30.89
C GLY H 120 51.71 28.71 30.45
N LEU H 121 52.53 29.27 31.33
CA LEU H 121 53.19 30.55 31.07
C LEU H 121 54.57 30.29 30.50
N LEU H 122 54.78 30.68 29.25
CA LEU H 122 55.97 30.33 28.49
C LEU H 122 57.09 31.34 28.72
N MET H 123 58.31 30.93 28.35
CA MET H 123 59.45 31.82 28.32
C MET H 123 60.42 31.34 27.25
N ARG H 124 60.98 32.29 26.50
CA ARG H 124 62.03 32.00 25.53
C ARG H 124 63.17 33.00 25.72
N LEU H 125 64.34 32.50 26.13
CA LEU H 125 65.57 33.26 26.09
C LEU H 125 66.59 32.57 25.20
N GLU H 126 67.44 33.36 24.56
CA GLU H 126 68.48 32.83 23.70
C GLU H 126 69.82 33.44 24.08
N GLY H 127 70.83 32.59 24.24
CA GLY H 127 72.15 33.02 24.62
C GLY H 127 73.19 32.73 23.56
N ASN H 128 74.46 32.81 23.92
CA ASN H 128 75.57 32.53 23.00
C ASN H 128 76.59 31.63 23.68
N TYR H 129 76.10 30.56 24.30
CA TYR H 129 76.85 29.66 25.18
C TYR H 129 77.34 30.35 26.44
N ARG H 130 76.85 31.57 26.73
CA ARG H 130 77.06 32.15 28.05
C ARG H 130 76.26 31.42 29.11
N ASN H 131 75.05 30.98 28.76
CA ASN H 131 74.20 30.24 29.68
C ASN H 131 74.49 28.74 29.61
N LEU H 132 75.71 28.37 30.00
CA LEU H 132 76.19 27.02 29.75
C LEU H 132 75.61 26.03 30.76
N ASN H 133 75.21 26.50 31.94
CA ASN H 133 74.84 25.62 33.03
C ASN H 133 73.40 25.13 32.94
N ASN H 134 72.62 25.64 32.00
CA ASN H 134 71.21 25.29 31.87
C ASN H 134 71.11 23.93 31.21
N LEU H 135 71.02 22.88 32.03
CA LEU H 135 70.74 21.55 31.53
C LEU H 135 69.27 21.42 31.12
N LYS H 136 68.91 20.23 30.68
CA LYS H 136 67.50 19.85 30.53
C LYS H 136 66.99 19.14 31.78
N GLN H 137 67.18 19.78 32.93
CA GLN H 137 66.75 19.19 34.19
C GLN H 137 65.26 19.42 34.40
N GLU H 138 64.71 18.73 35.40
CA GLU H 138 63.27 18.80 35.63
C GLU H 138 62.87 20.14 36.21
N ASN H 139 63.57 20.60 37.24
CA ASN H 139 63.11 21.70 38.07
C ASN H 139 64.09 22.86 37.98
N ALA H 140 63.62 24.00 37.47
CA ALA H 140 64.32 25.26 37.57
C ALA H 140 63.35 26.33 38.05
N TYR H 141 63.86 27.32 38.78
CA TYR H 141 63.04 28.40 39.32
C TYR H 141 63.59 29.73 38.83
N LEU H 142 62.72 30.54 38.24
CA LEU H 142 62.97 31.97 38.10
C LEU H 142 62.92 32.69 39.43
N LEU H 143 63.67 33.79 39.53
CA LEU H 143 63.70 34.61 40.73
C LEU H 143 63.92 36.05 40.30
N ILE H 144 63.03 36.94 40.74
CA ILE H 144 62.95 38.30 40.22
C ILE H 144 62.85 39.27 41.39
N ARG H 145 63.73 40.27 41.40
CA ARG H 145 63.54 41.48 42.19
C ARG H 145 63.12 42.64 41.29
N ARG H 146 62.56 43.67 41.91
CA ARG H 146 62.23 44.90 41.19
C ARG H 146 63.42 45.86 41.19
N MET I 1 5.08 31.95 -48.72
CA MET I 1 6.12 32.87 -49.15
C MET I 1 5.53 34.08 -49.86
N LEU I 2 4.65 34.80 -49.16
CA LEU I 2 3.91 35.93 -49.71
C LEU I 2 3.10 35.51 -50.94
N SER I 3 2.64 34.26 -50.95
CA SER I 3 1.94 33.69 -52.10
C SER I 3 0.44 33.91 -51.96
N PHE I 4 0.05 35.19 -51.98
CA PHE I 4 -1.36 35.56 -51.92
C PHE I 4 -1.97 35.53 -53.32
N CYS I 5 -3.08 34.80 -53.45
CA CYS I 5 -3.87 34.80 -54.69
C CYS I 5 -4.98 35.84 -54.54
N PRO I 6 -4.86 36.99 -55.20
CA PRO I 6 -5.83 38.07 -54.99
C PRO I 6 -7.24 37.68 -55.40
N SER I 7 -8.20 38.36 -54.76
CA SER I 7 -9.64 38.08 -54.74
C SER I 7 -10.00 36.86 -53.91
N CYS I 8 -9.00 36.12 -53.42
CA CYS I 8 -9.23 35.14 -52.37
C CYS I 8 -8.15 35.08 -51.32
N ASN I 9 -6.94 35.58 -51.60
CA ASN I 9 -5.84 35.65 -50.63
C ASN I 9 -5.44 34.27 -50.12
N ASN I 10 -5.70 33.23 -50.91
CA ASN I 10 -5.66 31.86 -50.38
C ASN I 10 -4.23 31.33 -50.30
N MET I 11 -3.60 31.14 -51.47
CA MET I 11 -2.40 30.34 -51.60
C MET I 11 -1.97 30.43 -53.06
N LEU I 12 -0.69 30.12 -53.31
CA LEU I 12 -0.25 29.73 -54.65
C LEU I 12 0.45 28.38 -54.58
N LEU I 13 0.63 27.77 -55.74
CA LEU I 13 1.10 26.39 -55.84
C LEU I 13 1.82 26.25 -57.17
N ILE I 14 3.09 25.84 -57.13
CA ILE I 14 3.81 25.52 -58.36
C ILE I 14 3.21 24.25 -58.95
N THR I 15 2.57 24.38 -60.11
CA THR I 15 1.90 23.27 -60.76
C THR I 15 2.70 22.81 -61.98
N SER I 16 2.61 21.51 -62.26
CA SER I 16 3.22 20.95 -63.46
C SER I 16 2.52 21.52 -64.69
N GLY I 17 3.20 22.39 -65.43
CA GLY I 17 2.62 23.09 -66.54
C GLY I 17 2.89 22.40 -67.88
N ASP I 18 2.50 23.09 -68.94
CA ASP I 18 2.67 22.55 -70.29
C ASP I 18 4.13 22.60 -70.72
N SER I 19 4.55 21.56 -71.43
CA SER I 19 5.97 21.33 -71.76
C SER I 19 6.86 21.33 -70.52
N GLY I 20 6.32 20.88 -69.39
CA GLY I 20 7.08 20.84 -68.16
C GLY I 20 7.32 22.18 -67.49
N VAL I 21 6.62 23.23 -67.90
CA VAL I 21 6.93 24.56 -67.39
C VAL I 21 6.53 24.65 -65.92
N TYR I 22 7.25 25.49 -65.18
CA TYR I 22 7.01 25.64 -63.74
C TYR I 22 6.14 26.87 -63.48
N THR I 23 4.88 26.73 -63.86
CA THR I 23 3.88 27.74 -63.58
C THR I 23 3.37 27.60 -62.15
N LEU I 24 2.85 28.70 -61.60
CA LEU I 24 2.25 28.69 -60.28
C LEU I 24 0.78 29.09 -60.38
N ALA I 25 -0.08 28.27 -59.79
CA ALA I 25 -1.52 28.43 -59.88
C ALA I 25 -2.17 27.62 -58.77
N CYS I 26 -3.19 28.19 -58.13
CA CYS I 26 -3.81 27.58 -56.98
C CYS I 26 -5.09 26.85 -57.38
N ARG I 27 -5.53 25.96 -56.50
CA ARG I 27 -6.84 25.35 -56.63
C ARG I 27 -7.91 26.23 -56.00
N SER I 28 -9.17 25.83 -56.19
CA SER I 28 -10.35 26.51 -55.64
C SER I 28 -10.43 27.97 -56.08
N CYS I 29 -9.77 28.32 -57.19
CA CYS I 29 -9.80 29.66 -57.75
C CYS I 29 -9.26 29.64 -59.17
N PRO I 30 -9.99 30.17 -60.14
CA PRO I 30 -9.44 30.25 -61.51
C PRO I 30 -8.41 31.37 -61.65
N TYR I 31 -7.16 31.07 -61.32
CA TYR I 31 -6.10 32.06 -61.35
C TYR I 31 -4.80 31.40 -61.84
N GLU I 32 -3.95 32.22 -62.45
CA GLU I 32 -2.63 31.75 -62.86
C GLU I 32 -1.66 32.93 -62.88
N PHE I 33 -0.37 32.61 -62.86
CA PHE I 33 0.67 33.61 -62.95
C PHE I 33 1.96 32.94 -63.41
N PRO I 34 2.78 33.59 -64.23
CA PRO I 34 4.12 33.11 -64.59
C PRO I 34 5.00 32.85 -63.37
N MET J 1 -7.66 29.46 37.14
CA MET J 1 -8.84 29.50 38.00
C MET J 1 -8.74 30.61 39.03
N ILE J 2 -8.61 30.22 40.30
CA ILE J 2 -8.46 31.18 41.38
C ILE J 2 -6.98 31.41 41.67
N VAL J 3 -6.70 32.49 42.38
CA VAL J 3 -5.31 32.94 42.58
C VAL J 3 -4.55 31.86 43.35
N PRO J 4 -3.28 31.58 43.02
CA PRO J 4 -2.54 30.55 43.75
C PRO J 4 -2.19 31.02 45.16
N VAL J 5 -2.35 30.12 46.12
CA VAL J 5 -2.22 30.47 47.54
C VAL J 5 -0.80 30.86 47.90
N ARG J 6 0.20 30.43 47.13
CA ARG J 6 1.58 30.85 47.37
C ARG J 6 2.23 31.21 46.05
N CYS J 7 3.32 31.98 46.15
CA CYS J 7 4.12 32.30 44.99
C CYS J 7 4.93 31.10 44.51
N PHE J 8 5.18 31.04 43.21
CA PHE J 8 5.79 29.86 42.60
C PHE J 8 7.30 29.81 42.85
N SER J 9 7.96 30.96 42.88
CA SER J 9 9.42 31.02 42.89
C SER J 9 10.02 31.30 44.26
N CYS J 10 9.44 32.22 45.04
CA CYS J 10 9.96 32.53 46.36
C CYS J 10 9.24 31.75 47.45
N GLY J 11 7.93 31.91 47.58
CA GLY J 11 7.17 31.05 48.46
C GLY J 11 6.11 31.74 49.30
N LYS J 12 6.05 33.06 49.26
CA LYS J 12 5.13 33.77 50.13
C LYS J 12 3.70 33.65 49.61
N VAL J 13 2.76 33.98 50.49
CA VAL J 13 1.35 33.69 50.27
C VAL J 13 0.70 34.85 49.54
N VAL J 14 -0.02 34.55 48.47
CA VAL J 14 -0.92 35.52 47.85
C VAL J 14 -2.31 34.91 47.68
N GLY J 15 -3.11 34.94 48.74
CA GLY J 15 -4.50 34.56 48.65
C GLY J 15 -5.40 35.61 49.26
N ASP J 16 -4.83 36.45 50.11
CA ASP J 16 -5.55 37.52 50.79
C ASP J 16 -5.34 38.87 50.12
N LYS J 17 -4.82 38.88 48.89
CA LYS J 17 -4.53 40.11 48.19
C LYS J 17 -5.26 40.25 46.85
N TRP J 18 -5.98 39.22 46.39
CA TRP J 18 -6.67 39.34 45.12
C TRP J 18 -7.90 40.22 45.25
N GLU J 19 -8.67 40.06 46.33
CA GLU J 19 -9.82 40.93 46.55
C GLU J 19 -9.38 42.33 46.95
N SER J 20 -8.23 42.45 47.62
CA SER J 20 -7.71 43.75 48.03
C SER J 20 -7.23 44.54 46.81
N TYR J 21 -6.48 43.90 45.91
CA TYR J 21 -5.98 44.58 44.73
C TYR J 21 -7.11 45.03 43.81
N LEU J 22 -8.23 44.30 43.82
CA LEU J 22 -9.39 44.77 43.06
C LEU J 22 -10.08 45.93 43.76
N ASN J 23 -10.19 45.85 45.09
CA ASN J 23 -10.85 46.92 45.83
C ASN J 23 -10.04 48.21 45.81
N LEU J 24 -8.73 48.13 45.54
CA LEU J 24 -7.89 49.27 45.21
C LEU J 24 -8.01 49.69 43.74
N LEU J 25 -9.00 49.19 43.02
CA LEU J 25 -9.23 49.60 41.64
C LEU J 25 -10.65 50.07 41.38
N GLN J 26 -11.65 49.44 41.99
CA GLN J 26 -13.02 49.93 41.86
C GLN J 26 -13.16 51.30 42.48
N GLU J 27 -13.00 51.38 43.81
CA GLU J 27 -12.85 52.67 44.46
C GLU J 27 -11.40 53.13 44.40
N ASP J 28 -11.21 54.45 44.32
CA ASP J 28 -9.88 55.05 44.20
C ASP J 28 -9.14 54.51 42.98
N GLU J 29 -9.63 54.91 41.81
CA GLU J 29 -9.02 54.54 40.54
C GLU J 29 -7.53 54.84 40.54
N LEU J 30 -6.73 53.78 40.41
CA LEU J 30 -5.31 53.83 40.76
C LEU J 30 -4.53 53.02 39.74
N ASP J 31 -3.25 53.35 39.58
CA ASP J 31 -2.41 52.64 38.63
C ASP J 31 -2.22 51.20 39.07
N GLU J 32 -2.12 50.30 38.08
CA GLU J 32 -1.79 48.92 38.36
C GLU J 32 -0.39 48.76 38.94
N GLY J 33 0.53 49.67 38.58
CA GLY J 33 1.88 49.58 39.11
C GLY J 33 2.00 50.01 40.57
N THR J 34 1.38 51.13 40.92
CA THR J 34 1.47 51.65 42.28
C THR J 34 0.48 51.01 43.24
N ALA J 35 -0.42 50.16 42.77
CA ALA J 35 -1.35 49.50 43.68
C ALA J 35 -0.65 48.46 44.53
N LEU J 36 -0.07 47.44 43.88
CA LEU J 36 0.49 46.28 44.56
C LEU J 36 1.93 46.50 45.03
N SER J 37 2.40 47.75 45.05
CA SER J 37 3.54 48.13 45.88
C SER J 37 3.11 48.60 47.25
N ARG J 38 2.07 49.45 47.30
CA ARG J 38 1.44 49.77 48.58
C ARG J 38 0.96 48.51 49.30
N LEU J 39 0.53 47.51 48.54
CA LEU J 39 -0.09 46.32 49.11
C LEU J 39 0.92 45.42 49.81
N GLY J 40 2.19 45.46 49.39
CA GLY J 40 3.21 44.75 50.11
C GLY J 40 4.04 43.77 49.29
N LEU J 41 3.95 43.87 47.97
CA LEU J 41 4.64 42.95 47.07
C LEU J 41 5.82 43.70 46.48
N LYS J 42 7.00 43.52 47.09
CA LYS J 42 8.17 44.31 46.73
C LYS J 42 8.85 43.77 45.48
N ARG J 43 9.31 42.53 45.52
CA ARG J 43 10.15 42.01 44.46
C ARG J 43 9.33 41.65 43.23
N TYR J 44 10.02 41.45 42.10
CA TYR J 44 9.37 41.25 40.81
C TYR J 44 8.99 39.80 40.53
N CYS J 45 9.03 38.91 41.53
CA CYS J 45 8.55 37.56 41.31
C CYS J 45 7.16 37.31 41.88
N CYS J 46 6.71 38.16 42.80
CA CYS J 46 5.35 38.13 43.30
C CYS J 46 4.40 38.98 42.47
N ARG J 47 4.92 40.04 41.83
CA ARG J 47 4.08 40.95 41.06
C ARG J 47 3.55 40.32 39.77
N ARG J 48 4.21 39.29 39.26
CA ARG J 48 3.66 38.59 38.10
C ARG J 48 2.47 37.71 38.47
N MET J 49 2.32 37.37 39.76
CA MET J 49 1.26 36.46 40.17
C MET J 49 -0.11 37.13 40.16
N ILE J 50 -0.14 38.46 40.23
CA ILE J 50 -1.39 39.20 40.24
C ILE J 50 -1.58 40.06 39.00
N LEU J 51 -0.48 40.52 38.37
CA LEU J 51 -0.57 41.13 37.05
C LEU J 51 -1.22 40.18 36.04
N THR J 52 -0.71 38.97 35.94
CA THR J 52 -1.04 38.08 34.84
C THR J 52 -2.06 37.01 35.21
N HIS J 53 -2.69 37.09 36.37
CA HIS J 53 -3.63 36.07 36.80
C HIS J 53 -4.94 36.27 36.04
N VAL J 54 -5.20 35.41 35.06
CA VAL J 54 -6.53 35.30 34.47
C VAL J 54 -7.45 34.61 35.46
N ASP J 55 -8.61 35.19 35.69
CA ASP J 55 -9.54 34.72 36.72
C ASP J 55 -10.75 34.10 36.01
N LEU J 56 -10.63 32.82 35.69
CA LEU J 56 -11.66 32.08 34.97
C LEU J 56 -12.74 31.52 35.89
N ILE J 57 -12.64 31.75 37.20
CA ILE J 57 -13.63 31.21 38.12
C ILE J 57 -14.95 31.97 38.08
N GLU J 58 -14.96 33.22 37.64
CA GLU J 58 -16.21 33.96 37.58
C GLU J 58 -17.04 33.62 36.34
N LYS J 59 -16.40 33.03 35.33
CA LYS J 59 -17.09 32.64 34.10
C LYS J 59 -17.46 31.17 34.06
N PHE J 60 -16.75 30.32 34.81
CA PHE J 60 -17.15 28.92 34.94
C PHE J 60 -18.39 28.75 35.79
N LEU J 61 -18.62 29.65 36.75
CA LEU J 61 -19.69 29.44 37.72
C LEU J 61 -21.07 29.71 37.15
N ARG J 62 -21.18 30.46 36.05
CA ARG J 62 -22.49 30.73 35.46
C ARG J 62 -23.09 29.51 34.77
N TYR J 63 -22.33 28.43 34.63
CA TYR J 63 -22.82 27.18 34.06
C TYR J 63 -23.12 26.15 35.14
N ASN J 64 -23.61 26.58 36.29
CA ASN J 64 -23.86 25.66 37.39
C ASN J 64 -25.09 24.81 37.10
N PRO J 65 -25.09 23.54 37.52
CA PRO J 65 -26.19 22.63 37.17
C PRO J 65 -27.44 22.80 38.02
N LEU J 66 -27.52 23.85 38.84
CA LEU J 66 -28.61 24.02 39.80
C LEU J 66 -29.48 25.22 39.46
N GLU J 67 -29.51 25.61 38.19
CA GLU J 67 -30.42 26.65 37.68
C GLU J 67 -30.18 27.99 38.36
N PRO K 42 24.93 1.39 69.05
CA PRO K 42 24.73 2.56 68.20
C PRO K 42 24.29 2.20 66.79
N ASP K 43 24.32 3.18 65.89
CA ASP K 43 24.08 2.95 64.47
C ASP K 43 25.40 2.77 63.72
N ARG K 44 25.31 2.07 62.59
CA ARG K 44 26.48 1.85 61.74
C ARG K 44 26.16 1.97 60.26
N GLU K 45 24.99 2.49 59.89
CA GLU K 45 24.72 2.94 58.53
C GLU K 45 24.97 4.44 58.41
N LYS K 46 26.23 4.81 58.62
CA LYS K 46 26.66 6.21 58.69
C LYS K 46 28.07 6.34 58.13
N ILE K 47 28.83 7.31 58.63
CA ILE K 47 30.25 7.47 58.31
C ILE K 47 30.95 6.11 58.26
N LYS K 48 31.69 5.87 57.18
CA LYS K 48 32.08 4.51 56.81
C LYS K 48 33.27 4.57 55.88
N LEU K 49 34.35 3.89 56.24
CA LEU K 49 35.63 4.03 55.54
C LEU K 49 35.63 3.10 54.33
N LEU K 50 35.86 3.66 53.15
CA LEU K 50 36.07 2.84 51.95
C LEU K 50 37.44 2.17 52.03
N THR K 51 37.45 0.86 52.24
CA THR K 51 38.70 0.12 52.28
C THR K 51 39.37 0.02 50.92
N GLN K 52 38.60 0.15 49.84
CA GLN K 52 39.14 0.01 48.49
C GLN K 52 40.05 1.18 48.10
N ALA K 53 39.91 2.33 48.76
CA ALA K 53 40.57 3.56 48.32
C ALA K 53 41.37 4.20 49.45
N THR K 54 41.87 3.39 50.38
CA THR K 54 42.65 3.88 51.51
C THR K 54 44.08 3.35 51.42
N SER K 55 44.99 4.07 52.07
CA SER K 55 46.37 3.64 52.19
C SER K 55 46.51 2.56 53.26
N GLU K 56 47.72 2.02 53.35
CA GLU K 56 47.98 0.92 54.29
C GLU K 56 47.90 1.38 55.74
N ASP K 57 48.11 2.66 56.01
CA ASP K 57 47.78 3.29 57.28
C ASP K 57 46.75 4.39 57.04
N GLY K 58 46.36 5.06 58.12
CA GLY K 58 45.25 5.99 58.04
C GLY K 58 45.64 7.38 57.57
N THR K 59 46.68 7.46 56.73
CA THR K 59 47.07 8.76 56.17
C THR K 59 46.07 9.23 55.13
N SER K 60 45.70 8.36 54.19
CA SER K 60 44.71 8.67 53.19
C SER K 60 43.50 7.76 53.38
N ALA K 61 42.31 8.35 53.45
CA ALA K 61 41.10 7.59 53.69
C ALA K 61 39.93 8.29 53.01
N SER K 62 38.92 7.50 52.63
CA SER K 62 37.80 8.00 51.86
C SER K 62 36.51 7.42 52.41
N PHE K 63 35.56 8.29 52.73
CA PHE K 63 34.40 7.93 53.52
C PHE K 63 33.11 8.08 52.70
N GLN K 64 32.01 7.64 53.30
CA GLN K 64 30.71 7.61 52.61
C GLN K 64 29.63 7.86 53.64
N ILE K 65 29.02 9.04 53.61
CA ILE K 65 28.10 9.48 54.66
C ILE K 65 26.70 9.56 54.07
N VAL K 66 25.75 8.91 54.74
CA VAL K 66 24.36 8.84 54.30
C VAL K 66 23.60 10.03 54.84
N GLU K 67 22.52 10.40 54.15
CA GLU K 67 21.46 11.27 54.65
C GLU K 67 21.87 12.74 54.74
N GLU K 68 23.06 13.10 54.26
CA GLU K 68 23.61 14.43 54.49
C GLU K 68 24.17 14.96 53.18
N ASP K 69 23.64 16.10 52.73
CA ASP K 69 24.03 16.77 51.51
C ASP K 69 25.05 17.89 51.78
N HIS K 70 25.16 18.82 50.82
CA HIS K 70 26.13 19.92 50.83
C HIS K 70 26.15 20.71 52.13
N THR K 71 25.07 20.71 52.91
CA THR K 71 25.01 21.58 54.08
C THR K 71 26.06 21.21 55.12
N LEU K 72 26.34 19.91 55.28
CA LEU K 72 27.50 19.50 56.06
C LEU K 72 28.75 19.39 55.20
N GLY K 73 28.59 18.89 53.98
CA GLY K 73 29.74 18.54 53.15
C GLY K 73 30.61 19.72 52.79
N ASN K 74 30.04 20.93 52.77
CA ASN K 74 30.84 22.12 52.52
C ASN K 74 31.24 22.85 53.80
N ALA K 75 30.45 22.70 54.88
CA ALA K 75 30.85 23.29 56.16
C ALA K 75 32.07 22.57 56.71
N LEU K 76 32.09 21.23 56.60
CA LEU K 76 33.17 20.41 57.10
C LEU K 76 34.46 20.61 56.31
N ARG K 77 34.36 21.04 55.06
CA ARG K 77 35.55 21.31 54.25
C ARG K 77 36.28 22.56 54.74
N TYR K 78 35.53 23.57 55.20
CA TYR K 78 36.17 24.80 55.66
C TYR K 78 36.90 24.59 56.98
N VAL K 79 36.29 23.86 57.91
CA VAL K 79 36.89 23.72 59.24
C VAL K 79 38.02 22.68 59.25
N ILE K 80 38.07 21.79 58.27
CA ILE K 80 39.14 20.79 58.23
C ILE K 80 40.42 21.39 57.65
N MET K 81 40.29 22.16 56.56
CA MET K 81 41.46 22.66 55.86
C MET K 81 42.22 23.73 56.64
N LYS K 82 41.70 24.17 57.78
CA LYS K 82 42.46 25.04 58.66
C LYS K 82 43.42 24.28 59.56
N ASN K 83 43.34 22.95 59.57
CA ASN K 83 44.38 22.14 60.20
C ASN K 83 45.68 22.30 59.42
N PRO K 84 46.80 22.58 60.08
CA PRO K 84 48.07 22.71 59.36
C PRO K 84 48.64 21.39 58.88
N ASP K 85 47.89 20.30 59.05
CA ASP K 85 48.39 18.97 58.71
C ASP K 85 47.74 18.39 57.46
N VAL K 86 46.51 18.79 57.14
CA VAL K 86 45.79 18.24 56.00
C VAL K 86 46.29 18.92 54.73
N GLU K 87 46.52 18.14 53.68
CA GLU K 87 46.85 18.69 52.37
C GLU K 87 45.72 18.58 51.36
N PHE K 88 44.75 17.72 51.57
CA PHE K 88 43.75 17.42 50.54
C PHE K 88 42.47 16.98 51.23
N CYS K 89 41.43 17.81 51.15
CA CYS K 89 40.12 17.46 51.70
C CYS K 89 39.05 18.06 50.78
N GLY K 90 38.48 17.22 49.91
CA GLY K 90 37.30 17.58 49.15
C GLY K 90 36.19 16.56 49.36
N TYR K 91 35.02 16.88 48.79
CA TYR K 91 33.87 15.99 48.81
C TYR K 91 33.28 15.89 47.42
N SER K 92 32.35 14.96 47.25
CA SER K 92 31.67 14.79 45.97
C SER K 92 30.36 14.04 46.19
N ILE K 93 29.26 14.59 45.69
CA ILE K 93 28.00 13.86 45.62
C ILE K 93 28.06 12.99 44.36
N PRO K 94 27.95 11.67 44.47
CA PRO K 94 28.07 10.84 43.27
C PRO K 94 26.87 10.94 42.33
N HIS K 95 25.65 10.93 42.86
CA HIS K 95 24.47 10.94 42.00
C HIS K 95 23.31 11.55 42.78
N PRO K 96 22.51 12.42 42.14
CA PRO K 96 21.44 13.10 42.88
C PRO K 96 20.14 12.32 43.02
N SER K 97 20.05 11.13 42.42
CA SER K 97 18.89 10.28 42.66
C SER K 97 18.94 9.66 44.04
N GLU K 98 20.05 8.99 44.36
CA GLU K 98 20.29 8.48 45.71
C GLU K 98 20.82 9.60 46.59
N ASN K 99 21.00 9.30 47.87
CA ASN K 99 21.31 10.31 48.88
C ASN K 99 22.44 9.79 49.77
N LEU K 100 23.67 10.09 49.39
CA LEU K 100 24.84 9.77 50.21
C LEU K 100 26.00 10.63 49.73
N LEU K 101 26.81 11.09 50.68
CA LEU K 101 27.95 11.95 50.41
C LEU K 101 29.25 11.16 50.58
N ASN K 102 30.23 11.45 49.74
CA ASN K 102 31.59 10.92 49.90
C ASN K 102 32.51 12.07 50.26
N ILE K 103 33.12 12.00 51.43
CA ILE K 103 34.11 12.98 51.88
C ILE K 103 35.50 12.37 51.78
N ARG K 104 36.43 13.15 51.26
CA ARG K 104 37.81 12.72 51.04
C ARG K 104 38.72 13.49 51.97
N ILE K 105 39.73 12.80 52.51
CA ILE K 105 40.63 13.40 53.49
C ILE K 105 42.00 12.76 53.36
N GLN K 106 43.04 13.59 53.37
CA GLN K 106 44.37 13.18 52.94
C GLN K 106 45.38 14.21 53.45
N THR K 107 46.40 13.73 54.15
CA THR K 107 47.21 14.59 55.01
C THR K 107 48.68 14.20 54.81
N TYR K 108 49.54 14.79 55.63
CA TYR K 108 50.96 14.43 55.66
C TYR K 108 51.16 13.29 56.66
N GLY K 109 52.42 12.98 56.98
CA GLY K 109 52.71 11.84 57.80
C GLY K 109 52.53 12.04 59.30
N GLU K 110 52.05 13.20 59.73
CA GLU K 110 52.07 13.52 61.16
C GLU K 110 50.95 12.79 61.89
N THR K 111 49.70 13.08 61.54
CA THR K 111 48.53 12.46 62.15
C THR K 111 47.75 11.71 61.09
N THR K 112 47.04 10.66 61.52
CA THR K 112 46.21 9.90 60.60
C THR K 112 44.96 10.71 60.21
N ALA K 113 44.45 10.42 59.02
CA ALA K 113 43.30 11.20 58.53
C ALA K 113 42.03 10.87 59.29
N VAL K 114 41.90 9.63 59.79
CA VAL K 114 40.74 9.28 60.61
C VAL K 114 40.78 10.00 61.96
N ASP K 115 41.98 10.40 62.41
CA ASP K 115 42.11 11.29 63.56
C ASP K 115 42.06 12.76 63.17
N ALA K 116 42.09 13.08 61.87
CA ALA K 116 42.07 14.48 61.46
C ALA K 116 40.65 15.01 61.38
N LEU K 117 39.71 14.20 60.87
CA LEU K 117 38.33 14.68 60.76
C LEU K 117 37.56 14.52 62.06
N GLN K 118 37.93 13.53 62.89
CA GLN K 118 37.36 13.46 64.23
C GLN K 118 37.77 14.65 65.07
N LYS K 119 38.94 15.22 64.79
CA LYS K 119 39.29 16.55 65.29
C LYS K 119 38.59 17.63 64.48
N GLY K 120 38.31 17.37 63.21
CA GLY K 120 37.74 18.41 62.36
C GLY K 120 36.28 18.68 62.68
N LEU K 121 35.48 17.63 62.84
CA LEU K 121 34.07 17.83 63.16
C LEU K 121 33.82 17.94 64.65
N LYS K 122 34.86 17.81 65.47
CA LYS K 122 34.81 18.30 66.84
C LYS K 122 34.99 19.82 66.88
N ASP K 123 35.54 20.38 65.81
CA ASP K 123 35.92 21.79 65.75
C ASP K 123 34.88 22.65 65.03
N LEU K 124 33.99 22.02 64.28
CA LEU K 124 32.77 22.68 63.83
C LEU K 124 31.75 22.77 64.95
N MET K 125 31.75 21.78 65.85
CA MET K 125 30.88 21.84 67.02
C MET K 125 31.21 23.05 67.87
N ASP K 126 32.50 23.34 68.05
CA ASP K 126 32.91 24.50 68.83
C ASP K 126 32.75 25.80 68.06
N LEU K 127 32.56 25.72 66.74
CA LEU K 127 32.38 26.92 65.93
C LEU K 127 30.97 27.48 66.07
N CYS K 128 29.98 26.62 66.31
CA CYS K 128 28.61 27.07 66.50
C CYS K 128 28.36 27.61 67.90
N ASP K 129 29.22 27.27 68.86
CA ASP K 129 29.03 27.75 70.22
C ASP K 129 29.38 29.23 70.34
N VAL K 130 30.30 29.71 69.50
CA VAL K 130 30.60 31.14 69.47
C VAL K 130 29.47 31.90 68.82
N VAL K 131 28.85 31.32 67.79
CA VAL K 131 27.82 32.01 67.04
C VAL K 131 26.51 32.05 67.83
N GLU K 132 26.16 30.93 68.48
CA GLU K 132 24.90 30.86 69.21
C GLU K 132 24.95 31.74 70.45
N SER K 133 26.11 31.82 71.10
CA SER K 133 26.22 32.63 72.32
C SER K 133 26.20 34.11 72.00
N LYS K 134 26.97 34.52 70.98
CA LYS K 134 27.09 35.94 70.67
C LYS K 134 25.78 36.50 70.10
N PHE K 135 25.04 35.67 69.36
CA PHE K 135 23.77 36.13 68.80
C PHE K 135 22.69 36.26 69.86
N THR K 136 22.70 35.37 70.87
CA THR K 136 21.61 35.37 71.84
C THR K 136 21.77 36.44 72.91
N GLU K 137 22.99 36.91 73.16
CA GLU K 137 23.20 37.97 74.14
C GLU K 137 22.95 39.35 73.55
N LYS K 138 22.83 39.45 72.24
CA LYS K 138 22.50 40.72 71.58
C LYS K 138 21.00 40.86 71.37
N ILE K 139 20.28 39.75 71.23
CA ILE K 139 18.81 39.80 71.18
C ILE K 139 18.24 40.29 72.50
N LYS K 140 18.72 39.73 73.61
CA LYS K 140 18.26 40.18 74.93
C LYS K 140 18.60 41.65 75.14
N SER K 141 19.77 42.09 74.68
CA SER K 141 20.07 43.52 74.66
C SER K 141 19.14 44.26 73.70
N MET K 142 19.09 43.81 72.45
CA MET K 142 18.34 44.48 71.39
C MET K 142 18.69 45.97 71.29
N THR L 26 -29.43 7.52 49.70
CA THR L 26 -29.74 7.22 48.31
C THR L 26 -29.38 8.39 47.40
N LEU L 27 -30.32 9.33 47.26
CA LEU L 27 -30.12 10.59 46.55
C LEU L 27 -29.74 10.31 45.09
N LYS L 28 -30.72 9.77 44.36
CA LYS L 28 -30.47 9.23 43.04
C LYS L 28 -30.35 10.28 41.94
N TYR L 29 -30.54 9.83 40.70
CA TYR L 29 -30.30 10.63 39.49
C TYR L 29 -30.92 12.02 39.58
N ILE L 30 -30.23 13.01 39.02
CA ILE L 30 -30.74 14.36 38.92
C ILE L 30 -30.90 14.70 37.44
N CYS L 31 -31.54 15.84 37.17
CA CYS L 31 -31.78 16.29 35.81
C CYS L 31 -30.68 17.27 35.37
N ALA L 32 -30.72 17.65 34.09
CA ALA L 32 -29.69 18.53 33.55
C ALA L 32 -29.93 19.98 33.97
N GLU L 33 -31.04 20.56 33.54
CA GLU L 33 -31.34 21.96 33.87
C GLU L 33 -32.52 22.11 34.82
N CYS L 34 -33.43 21.13 34.87
CA CYS L 34 -34.46 21.13 35.90
C CYS L 34 -33.88 20.88 37.28
N SER L 35 -32.84 20.05 37.35
CA SER L 35 -32.11 19.74 38.59
C SER L 35 -33.05 19.22 39.67
N SER L 36 -33.87 18.25 39.29
CA SER L 36 -34.81 17.60 40.20
C SER L 36 -34.35 16.16 40.43
N LYS L 37 -34.31 15.76 41.70
CA LYS L 37 -33.79 14.44 42.04
C LYS L 37 -34.80 13.35 41.64
N LEU L 38 -34.42 12.50 40.70
CA LEU L 38 -35.28 11.43 40.19
C LEU L 38 -34.74 10.11 40.69
N SER L 39 -35.58 9.33 41.36
CA SER L 39 -35.30 7.92 41.63
C SER L 39 -36.20 7.07 40.75
N LEU L 40 -35.74 6.83 39.52
CA LEU L 40 -36.54 6.09 38.55
C LEU L 40 -36.48 4.61 38.85
N SER L 41 -37.65 3.95 38.82
CA SER L 41 -37.68 2.49 38.89
C SER L 41 -37.04 1.91 37.64
N ARG L 42 -36.26 0.84 37.80
CA ARG L 42 -35.38 0.41 36.73
C ARG L 42 -36.14 -0.31 35.63
N THR L 43 -35.63 -0.15 34.40
CA THR L 43 -36.26 -0.64 33.17
C THR L 43 -37.70 -0.14 33.04
N ASP L 44 -37.91 1.14 33.30
CA ASP L 44 -39.20 1.77 33.03
C ASP L 44 -39.10 2.94 32.07
N ALA L 45 -38.25 3.93 32.37
CA ALA L 45 -38.18 5.15 31.59
C ALA L 45 -36.80 5.77 31.77
N VAL L 46 -36.51 6.75 30.90
CA VAL L 46 -35.24 7.44 30.92
C VAL L 46 -35.40 8.95 30.85
N ARG L 47 -36.63 9.45 30.83
CA ARG L 47 -36.90 10.87 30.94
C ARG L 47 -36.96 11.27 32.42
N CYS L 48 -37.25 12.55 32.66
CA CYS L 48 -37.48 13.05 34.02
C CYS L 48 -38.86 13.72 34.08
N LYS L 49 -39.32 13.95 35.31
CA LYS L 49 -40.54 14.72 35.51
C LYS L 49 -40.23 16.22 35.49
N ASP L 50 -41.29 17.02 35.62
CA ASP L 50 -41.20 18.47 35.81
C ASP L 50 -40.67 19.17 34.56
N CYS L 51 -40.25 18.38 33.57
CA CYS L 51 -39.54 18.89 32.39
C CYS L 51 -39.28 17.73 31.44
N GLY L 52 -39.24 18.00 30.14
CA GLY L 52 -39.15 16.90 29.20
C GLY L 52 -37.73 16.48 28.87
N HIS L 53 -36.73 16.99 29.59
CA HIS L 53 -35.35 16.84 29.18
C HIS L 53 -34.89 15.40 29.43
N ARG L 54 -33.97 14.93 28.58
CA ARG L 54 -33.70 13.49 28.49
C ARG L 54 -32.28 13.16 28.90
N ILE L 55 -31.64 14.01 29.69
CA ILE L 55 -30.26 13.81 30.13
C ILE L 55 -30.25 13.78 31.66
N LEU L 56 -29.80 12.66 32.23
CA LEU L 56 -29.88 12.41 33.66
C LEU L 56 -28.47 12.23 34.20
N LEU L 57 -28.04 13.17 35.04
CA LEU L 57 -26.73 13.10 35.67
C LEU L 57 -26.82 12.35 37.00
N LYS L 58 -25.90 11.41 37.20
CA LYS L 58 -25.77 10.75 38.50
C LYS L 58 -25.22 11.73 39.52
N ALA L 59 -25.82 11.76 40.71
CA ALA L 59 -25.37 12.68 41.74
C ALA L 59 -24.25 12.04 42.56
N ARG L 60 -23.50 12.89 43.25
CA ARG L 60 -22.32 12.41 43.96
C ARG L 60 -22.70 11.56 45.16
N THR L 61 -21.88 10.55 45.44
CA THR L 61 -22.04 9.69 46.59
C THR L 61 -21.94 10.48 47.90
N LYS L 62 -22.28 9.80 48.99
CA LYS L 62 -22.02 10.27 50.35
C LYS L 62 -20.75 9.66 50.94
N ARG L 63 -20.26 8.57 50.36
CA ARG L 63 -19.18 7.80 50.97
C ARG L 63 -17.90 8.63 51.02
N LEU L 64 -17.17 8.49 52.13
CA LEU L 64 -15.89 9.17 52.29
C LEU L 64 -14.91 8.70 51.23
N VAL L 65 -14.08 9.65 50.75
CA VAL L 65 -12.97 9.36 49.87
C VAL L 65 -11.72 10.04 50.43
N GLN L 66 -10.58 9.38 50.29
CA GLN L 66 -9.36 9.70 51.04
C GLN L 66 -8.31 10.21 50.06
N PHE L 67 -7.95 11.48 50.20
CA PHE L 67 -6.97 12.14 49.35
C PHE L 67 -5.73 12.48 50.16
N GLU L 68 -4.64 12.78 49.45
CA GLU L 68 -3.50 13.49 50.02
C GLU L 68 -3.67 14.99 49.81
N ALA L 69 -2.69 15.75 50.31
CA ALA L 69 -2.70 17.21 50.21
C ALA L 69 -1.38 17.70 49.63
N ARG L 70 -0.95 17.09 48.53
CA ARG L 70 0.22 17.57 47.81
C ARG L 70 0.07 17.35 46.31
N ILE M 71 -16.01 77.74 -29.17
CA ILE M 71 -16.14 78.81 -30.14
C ILE M 71 -17.16 78.42 -31.20
N GLU M 72 -16.73 77.63 -32.18
CA GLU M 72 -17.65 77.11 -33.19
C GLU M 72 -18.37 75.88 -32.66
N GLU M 73 -19.56 75.62 -33.21
CA GLU M 73 -20.31 74.44 -32.84
C GLU M 73 -21.17 73.97 -34.00
N PHE M 74 -21.20 72.65 -34.21
CA PHE M 74 -21.87 72.03 -35.34
C PHE M 74 -23.04 71.19 -34.84
N PRO M 75 -24.28 71.68 -34.93
CA PRO M 75 -25.41 70.92 -34.39
C PRO M 75 -25.78 69.73 -35.27
N LEU M 76 -25.98 68.58 -34.63
CA LEU M 76 -26.42 67.37 -35.30
C LEU M 76 -27.81 66.99 -34.81
N LYS M 77 -28.64 66.46 -35.69
CA LYS M 77 -29.92 65.88 -35.32
C LYS M 77 -30.12 64.54 -36.00
N ILE M 78 -31.02 63.74 -35.44
CA ILE M 78 -31.18 62.34 -35.82
C ILE M 78 -32.51 62.15 -36.55
N SER M 79 -32.48 62.29 -37.87
CA SER M 79 -33.63 61.98 -38.73
C SER M 79 -33.26 60.76 -39.58
N GLY M 80 -33.45 59.58 -39.00
CA GLY M 80 -33.49 58.36 -39.79
C GLY M 80 -34.34 57.27 -39.17
N GLU M 81 -35.37 56.84 -39.90
CA GLU M 81 -36.15 55.66 -39.56
C GLU M 81 -36.54 54.95 -40.85
N GLU M 82 -37.32 53.87 -40.70
CA GLU M 82 -38.08 53.25 -41.78
C GLU M 82 -37.17 52.53 -42.77
N GLU M 83 -35.85 52.71 -42.63
CA GLU M 83 -34.88 52.17 -43.56
C GLU M 83 -33.83 51.42 -42.76
N SER M 84 -33.86 50.09 -42.80
CA SER M 84 -32.87 49.25 -42.15
C SER M 84 -31.68 49.06 -43.09
N LEU M 85 -30.74 50.01 -43.03
CA LEU M 85 -29.61 50.01 -43.95
C LEU M 85 -28.45 49.24 -43.35
N HIS M 86 -27.77 48.45 -44.18
CA HIS M 86 -26.69 47.58 -43.74
C HIS M 86 -25.34 48.14 -44.18
N VAL M 87 -24.28 47.60 -43.58
CA VAL M 87 -22.90 47.92 -43.93
C VAL M 87 -22.18 46.60 -44.17
N PHE M 88 -21.38 46.54 -45.23
CA PHE M 88 -20.54 45.40 -45.52
C PHE M 88 -19.08 45.70 -45.18
N GLN M 89 -18.27 44.65 -45.18
CA GLN M 89 -16.82 44.76 -44.97
C GLN M 89 -16.13 43.80 -45.92
N TYR M 90 -15.52 44.32 -46.97
CA TYR M 90 -14.73 43.51 -47.89
C TYR M 90 -13.40 43.16 -47.23
N ALA M 91 -13.22 41.88 -46.88
CA ALA M 91 -11.95 41.38 -46.37
C ALA M 91 -10.94 41.07 -47.46
N ASN M 92 -11.31 41.26 -48.73
CA ASN M 92 -10.43 40.91 -49.85
C ASN M 92 -9.77 42.15 -50.44
N ARG M 93 -10.57 43.13 -50.87
CA ARG M 93 -9.99 44.26 -51.58
C ARG M 93 -9.50 45.31 -50.59
N PRO M 94 -8.32 45.88 -50.80
CA PRO M 94 -7.82 46.90 -49.88
C PRO M 94 -8.49 48.24 -50.13
N ARG M 95 -8.27 49.17 -49.20
CA ARG M 95 -8.81 50.51 -49.33
C ARG M 95 -7.98 51.35 -50.32
N LEU M 96 -6.68 51.44 -50.08
CA LEU M 96 -5.80 52.28 -50.89
C LEU M 96 -4.65 51.45 -51.43
N VAL M 97 -4.21 51.79 -52.65
CA VAL M 97 -3.20 51.04 -53.38
C VAL M 97 -2.08 52.02 -53.71
N GLY M 98 -0.98 51.94 -52.97
CA GLY M 98 0.14 52.84 -53.15
C GLY M 98 -0.21 54.28 -52.86
N ARG M 99 -0.91 54.49 -51.74
CA ARG M 99 -1.41 55.78 -51.27
C ARG M 99 -2.59 56.26 -52.12
N LYS M 100 -2.85 55.57 -53.24
CA LYS M 100 -3.95 55.94 -54.11
C LYS M 100 -5.21 55.18 -53.72
N PRO M 101 -6.34 55.85 -53.55
CA PRO M 101 -7.57 55.13 -53.18
C PRO M 101 -8.07 54.26 -54.32
N ALA M 102 -8.54 53.06 -53.99
CA ALA M 102 -8.93 52.10 -54.99
C ALA M 102 -10.41 52.25 -55.32
N GLU M 103 -10.90 51.40 -56.22
CA GLU M 103 -12.30 51.40 -56.62
C GLU M 103 -13.00 50.17 -56.05
N HIS M 104 -14.33 50.25 -56.01
CA HIS M 104 -15.07 49.03 -55.69
C HIS M 104 -15.46 48.30 -56.98
N PRO M 105 -15.35 46.98 -57.00
CA PRO M 105 -15.76 46.23 -58.19
C PRO M 105 -17.27 46.20 -58.34
N PHE M 106 -17.71 45.95 -59.56
CA PHE M 106 -19.11 46.18 -59.95
C PHE M 106 -19.92 44.92 -59.70
N ILE M 107 -20.95 45.03 -58.87
CA ILE M 107 -21.75 43.86 -58.52
C ILE M 107 -22.64 43.50 -59.70
N SER M 108 -22.58 42.24 -60.12
CA SER M 108 -23.49 41.76 -61.16
C SER M 108 -24.92 41.68 -60.64
N ALA M 109 -25.14 40.88 -59.60
CA ALA M 109 -26.42 40.87 -58.89
C ALA M 109 -26.18 40.49 -57.44
N ALA M 110 -27.16 40.79 -56.60
CA ALA M 110 -27.12 40.47 -55.18
C ALA M 110 -28.09 39.34 -54.87
N ARG M 111 -28.09 38.91 -53.61
CA ARG M 111 -28.83 37.73 -53.20
C ARG M 111 -28.97 37.75 -51.69
N TYR M 112 -30.19 37.67 -51.19
CA TYR M 112 -30.46 37.86 -49.76
C TYR M 112 -31.41 36.78 -49.26
N LYS M 113 -31.14 36.29 -48.07
CA LYS M 113 -31.94 35.24 -47.42
C LYS M 113 -32.54 35.80 -46.13
N PRO M 114 -33.83 36.09 -46.08
CA PRO M 114 -34.43 36.51 -44.82
C PRO M 114 -34.50 35.37 -43.82
N LYS M 115 -34.54 35.76 -42.54
CA LYS M 115 -34.51 34.90 -41.35
C LYS M 115 -33.17 34.21 -41.16
N SER M 116 -32.23 34.38 -42.09
CA SER M 116 -30.86 33.92 -41.91
C SER M 116 -29.81 34.93 -42.35
N HIS M 117 -30.19 35.98 -43.06
CA HIS M 117 -29.45 37.24 -43.16
C HIS M 117 -28.16 37.10 -43.97
N LEU M 118 -28.10 36.08 -44.82
CA LEU M 118 -26.93 35.87 -45.66
C LEU M 118 -26.90 36.89 -46.81
N TRP M 119 -25.75 36.98 -47.46
CA TRP M 119 -25.56 37.91 -48.57
C TRP M 119 -24.59 37.26 -49.55
N GLU M 120 -25.13 36.67 -50.62
CA GLU M 120 -24.29 36.08 -51.67
C GLU M 120 -24.07 37.11 -52.77
N ILE M 121 -23.17 38.04 -52.49
CA ILE M 121 -22.80 39.06 -53.47
C ILE M 121 -21.99 38.41 -54.58
N ASP M 122 -22.45 38.54 -55.81
CA ASP M 122 -21.71 38.00 -56.95
C ASP M 122 -20.76 39.06 -57.48
N ILE M 123 -19.59 38.62 -57.93
CA ILE M 123 -18.61 39.52 -58.55
C ILE M 123 -18.07 38.87 -59.82
N PRO M 124 -17.74 39.64 -60.85
CA PRO M 124 -16.99 39.09 -61.98
C PRO M 124 -15.49 39.28 -61.84
N LEU M 125 -14.74 38.24 -62.22
CA LEU M 125 -13.29 38.29 -62.29
C LEU M 125 -12.86 38.33 -63.75
N ASP M 126 -11.72 38.97 -64.01
CA ASP M 126 -11.39 39.38 -65.36
C ASP M 126 -10.92 38.20 -66.21
N GLU M 127 -10.91 38.42 -67.52
CA GLU M 127 -10.86 37.35 -68.51
C GLU M 127 -9.45 36.78 -68.72
N GLN M 128 -9.30 36.05 -69.83
CA GLN M 128 -8.26 35.07 -70.10
C GLN M 128 -6.88 35.42 -69.58
N ALA M 129 -6.51 36.70 -69.63
CA ALA M 129 -5.15 37.13 -69.30
C ALA M 129 -4.73 36.70 -67.91
N PHE M 130 -5.59 36.88 -66.90
CA PHE M 130 -5.31 36.38 -65.57
C PHE M 130 -6.34 35.36 -65.09
N TYR M 131 -6.81 34.50 -66.00
CA TYR M 131 -8.02 33.74 -65.68
C TYR M 131 -7.81 32.23 -65.66
N ASN M 132 -7.07 31.69 -66.64
CA ASN M 132 -6.83 30.25 -66.77
C ASN M 132 -8.16 29.48 -66.85
N LYS M 133 -8.89 29.72 -67.94
CA LYS M 133 -10.19 29.08 -68.10
C LYS M 133 -10.06 27.59 -68.39
N ASP M 134 -8.91 27.12 -68.89
CA ASP M 134 -8.79 25.72 -69.26
C ASP M 134 -8.80 24.81 -68.04
N LYS M 135 -8.39 25.32 -66.88
CA LYS M 135 -8.61 24.62 -65.62
C LYS M 135 -9.99 24.90 -65.04
N ALA M 136 -10.51 26.11 -65.23
CA ALA M 136 -11.82 26.46 -64.67
C ALA M 136 -12.95 25.75 -65.40
N GLU M 137 -12.82 25.57 -66.72
CA GLU M 137 -13.89 24.94 -67.49
C GLU M 137 -13.94 23.43 -67.24
N SER M 138 -12.79 22.76 -67.30
CA SER M 138 -12.78 21.30 -67.30
C SER M 138 -13.07 20.72 -65.92
N GLU M 139 -12.86 21.48 -64.85
CA GLU M 139 -13.00 20.95 -63.49
C GLU M 139 -14.42 21.13 -62.95
N TRP M 140 -14.93 22.36 -62.92
CA TRP M 140 -16.22 22.64 -62.31
C TRP M 140 -17.25 23.27 -63.25
N ASN M 141 -16.84 23.68 -64.46
CA ASN M 141 -17.76 24.21 -65.48
C ASN M 141 -18.54 25.44 -64.99
N GLY M 142 -17.95 26.20 -64.08
CA GLY M 142 -18.57 27.42 -63.61
C GLY M 142 -17.64 28.62 -63.75
N VAL M 143 -18.00 29.57 -64.61
CA VAL M 143 -17.07 30.60 -65.04
C VAL M 143 -17.57 31.98 -64.63
N ASN M 144 -16.60 32.87 -64.40
CA ASN M 144 -16.78 34.32 -64.29
C ASN M 144 -17.64 34.76 -63.10
N VAL M 145 -17.90 33.87 -62.15
CA VAL M 145 -18.73 34.22 -61.00
C VAL M 145 -17.99 33.83 -59.73
N GLN M 146 -17.69 34.82 -58.89
CA GLN M 146 -17.08 34.59 -57.58
C GLN M 146 -18.02 35.15 -56.51
N THR M 147 -18.74 34.29 -55.81
CA THR M 147 -19.61 34.75 -54.74
C THR M 147 -18.83 34.81 -53.42
N LEU M 148 -19.36 35.57 -52.47
CA LEU M 148 -18.70 35.75 -51.17
C LEU M 148 -19.77 35.98 -50.12
N LYS M 149 -19.79 35.12 -49.10
CA LYS M 149 -20.88 35.08 -48.14
C LYS M 149 -20.65 36.04 -46.99
N GLY M 150 -21.70 36.77 -46.61
CA GLY M 150 -21.66 37.65 -45.46
C GLY M 150 -22.82 37.43 -44.54
N VAL M 151 -22.55 37.15 -43.26
CA VAL M 151 -23.59 36.97 -42.26
C VAL M 151 -23.89 38.31 -41.60
N GLY M 152 -25.17 38.68 -41.59
CA GLY M 152 -25.58 39.94 -41.01
C GLY M 152 -25.48 39.91 -39.49
N VAL M 153 -24.60 40.73 -38.92
CA VAL M 153 -24.39 40.79 -37.48
C VAL M 153 -24.87 42.14 -36.99
N GLU M 154 -25.67 42.13 -35.94
CA GLU M 154 -26.32 43.33 -35.42
C GLU M 154 -25.64 43.82 -34.15
N ASN M 155 -25.78 45.11 -33.89
CA ASN M 155 -25.27 45.73 -32.67
C ASN M 155 -25.93 47.09 -32.50
N ASN M 156 -25.78 47.65 -31.31
CA ASN M 156 -26.31 48.99 -31.04
C ASN M 156 -25.22 50.04 -31.27
N GLY M 157 -25.60 51.30 -31.14
CA GLY M 157 -24.70 52.37 -31.54
C GLY M 157 -24.49 52.41 -33.05
N GLN M 158 -23.42 53.11 -33.42
CA GLN M 158 -22.88 53.10 -34.78
C GLN M 158 -23.92 53.59 -35.79
N TYR M 159 -24.24 54.87 -35.66
CA TYR M 159 -25.06 55.55 -36.64
C TYR M 159 -24.25 55.89 -37.89
N ALA M 160 -24.94 56.09 -39.01
CA ALA M 160 -24.31 56.46 -40.26
C ALA M 160 -24.55 57.95 -40.51
N ALA M 161 -23.47 58.68 -40.77
CA ALA M 161 -23.53 60.14 -40.85
C ALA M 161 -23.01 60.62 -42.20
N PHE M 162 -23.86 61.32 -42.94
CA PHE M 162 -23.44 62.14 -44.07
C PHE M 162 -23.41 63.58 -43.58
N VAL M 163 -22.45 64.36 -44.08
CA VAL M 163 -22.12 65.65 -43.49
C VAL M 163 -22.42 66.76 -44.49
N LYS M 164 -23.32 67.66 -44.09
CA LYS M 164 -23.65 68.88 -44.81
C LYS M 164 -22.66 69.98 -44.43
N ASP M 165 -22.69 71.09 -45.16
CA ASP M 165 -21.94 72.26 -44.74
C ASP M 165 -22.42 72.76 -43.38
N MET M 166 -21.58 72.58 -42.36
CA MET M 166 -21.88 72.93 -40.97
C MET M 166 -23.14 72.23 -40.46
N GLN M 167 -23.41 71.03 -40.97
CA GLN M 167 -24.44 70.16 -40.45
C GLN M 167 -23.98 68.71 -40.60
N VAL M 168 -24.48 67.84 -39.73
CA VAL M 168 -24.16 66.42 -39.84
C VAL M 168 -25.35 65.58 -39.38
N TYR M 169 -25.85 64.73 -40.28
CA TYR M 169 -27.17 64.13 -40.15
C TYR M 169 -27.02 62.61 -40.03
N LEU M 170 -27.65 62.04 -39.02
CA LEU M 170 -27.41 60.67 -38.62
C LEU M 170 -28.58 59.76 -39.02
N VAL M 171 -28.28 58.48 -39.16
CA VAL M 171 -29.27 57.45 -39.45
C VAL M 171 -28.75 56.14 -38.86
N PRO M 172 -29.59 55.35 -38.18
CA PRO M 172 -29.07 54.15 -37.53
C PRO M 172 -28.75 53.03 -38.51
N ILE M 173 -27.66 52.33 -38.22
CA ILE M 173 -27.22 51.17 -39.00
C ILE M 173 -27.80 49.92 -38.36
N GLU M 174 -28.45 49.08 -39.17
CA GLU M 174 -29.19 47.97 -38.61
C GLU M 174 -28.31 46.74 -38.39
N ARG M 175 -27.49 46.37 -39.37
CA ARG M 175 -26.55 45.28 -39.21
C ARG M 175 -25.23 45.63 -39.88
N VAL M 176 -24.19 44.88 -39.53
CA VAL M 176 -22.88 44.97 -40.15
C VAL M 176 -22.45 43.56 -40.51
N ALA M 177 -22.45 43.24 -41.80
CA ALA M 177 -22.05 41.91 -42.27
C ALA M 177 -20.62 41.92 -42.79
N GLN M 178 -19.93 40.80 -42.59
CA GLN M 178 -18.51 40.67 -42.91
C GLN M 178 -18.39 39.68 -44.06
N LEU M 179 -17.76 40.12 -45.15
CA LEU M 179 -17.80 39.39 -46.41
C LEU M 179 -16.55 38.52 -46.54
N LYS M 180 -16.75 37.19 -46.52
CA LYS M 180 -15.72 36.20 -46.69
C LYS M 180 -15.90 35.46 -48.01
N PRO M 181 -14.82 35.07 -48.69
CA PRO M 181 -14.98 34.44 -50.01
C PRO M 181 -15.62 33.07 -49.95
N PHE M 182 -16.87 32.97 -50.39
CA PHE M 182 -17.61 31.72 -50.35
C PHE M 182 -17.36 30.95 -51.64
N PHE M 183 -16.63 29.85 -51.55
CA PHE M 183 -16.34 29.03 -52.73
C PHE M 183 -17.56 28.17 -53.04
N LYS M 184 -18.29 28.53 -54.10
CA LYS M 184 -19.57 27.90 -54.40
C LYS M 184 -19.40 26.70 -55.34
N TYR M 185 -18.52 26.82 -56.33
CA TYR M 185 -18.50 25.88 -57.45
C TYR M 185 -17.84 24.56 -57.06
N ILE M 186 -16.78 24.60 -56.25
CA ILE M 186 -16.14 23.36 -55.82
C ILE M 186 -16.87 22.72 -54.66
N ASP M 187 -17.71 23.47 -53.94
CA ASP M 187 -18.71 22.87 -53.08
C ASP M 187 -19.67 22.00 -53.89
N ASP M 188 -20.11 22.50 -55.05
CA ASP M 188 -21.08 21.81 -55.89
C ASP M 188 -20.44 20.81 -56.83
N ALA M 189 -19.11 20.85 -56.99
CA ALA M 189 -18.43 19.86 -57.81
C ALA M 189 -18.44 18.49 -57.18
N ASN M 190 -18.58 18.41 -55.86
CA ASN M 190 -18.70 17.14 -55.16
C ASN M 190 -20.14 16.66 -55.06
N VAL M 191 -21.11 17.45 -55.54
CA VAL M 191 -22.50 17.02 -55.52
C VAL M 191 -22.77 16.01 -56.62
N THR M 192 -22.26 16.27 -57.83
CA THR M 192 -22.33 15.27 -58.88
C THR M 192 -21.40 14.09 -58.60
N ARG M 193 -20.30 14.34 -57.88
CA ARG M 193 -19.42 13.25 -57.47
C ARG M 193 -20.10 12.37 -56.43
N LYS M 194 -20.86 12.98 -55.52
CA LYS M 194 -21.68 12.20 -54.60
C LYS M 194 -22.84 11.54 -55.32
N GLN M 195 -23.36 12.16 -56.38
CA GLN M 195 -24.45 11.57 -57.14
C GLN M 195 -23.98 10.31 -57.87
N GLU M 196 -22.76 10.34 -58.42
CA GLU M 196 -22.26 9.22 -59.21
C GLU M 196 -21.74 8.09 -58.34
N ASP M 197 -21.64 8.29 -57.03
CA ASP M 197 -21.22 7.22 -56.14
C ASP M 197 -22.24 6.09 -56.11
N ALA M 198 -23.51 6.41 -55.82
CA ALA M 198 -24.54 5.40 -55.69
C ALA M 198 -25.09 4.94 -57.04
N ARG M 199 -24.71 5.59 -58.14
CA ARG M 199 -25.10 5.11 -59.46
C ARG M 199 -24.21 3.98 -59.93
N ARG M 200 -22.92 4.00 -59.57
CA ARG M 200 -22.05 2.86 -59.80
C ARG M 200 -22.24 1.76 -58.75
N ASN M 201 -22.81 2.11 -57.59
CA ASN M 201 -23.10 1.15 -56.52
C ASN M 201 -24.55 1.30 -56.10
N PRO M 202 -25.50 0.87 -56.93
CA PRO M 202 -26.92 0.85 -56.50
C PRO M 202 -27.22 -0.42 -55.71
N ASN M 203 -27.48 -0.24 -54.41
CA ASN M 203 -27.80 -1.36 -53.52
C ASN M 203 -28.81 -0.87 -52.50
N PRO M 204 -30.10 -1.20 -52.68
CA PRO M 204 -31.11 -1.01 -51.63
C PRO M 204 -31.07 -2.11 -50.58
N MET M 214 -43.50 3.76 -45.15
CA MET M 214 -42.42 3.49 -44.20
C MET M 214 -42.05 4.76 -43.43
N SER M 215 -43.06 5.58 -43.13
CA SER M 215 -42.87 6.82 -42.37
C SER M 215 -44.06 6.96 -41.44
N VAL M 216 -43.93 6.42 -40.23
CA VAL M 216 -45.04 6.26 -39.31
C VAL M 216 -44.73 7.03 -38.03
N LYS M 217 -45.77 7.58 -37.42
CA LYS M 217 -45.61 8.50 -36.31
C LYS M 217 -45.03 7.80 -35.08
N SER M 218 -44.49 8.61 -34.18
CA SER M 218 -43.99 8.16 -32.89
C SER M 218 -44.40 9.19 -31.85
N VAL M 219 -43.88 9.06 -30.64
CA VAL M 219 -44.31 9.87 -29.50
C VAL M 219 -43.09 10.50 -28.87
N ASN M 220 -43.16 11.81 -28.61
CA ASN M 220 -42.16 12.49 -27.80
C ASN M 220 -42.12 11.90 -26.39
N ASP M 221 -40.96 11.38 -26.00
CA ASP M 221 -40.73 10.80 -24.69
C ASP M 221 -39.99 11.79 -23.79
N PRO M 222 -40.41 11.92 -22.53
CA PRO M 222 -39.77 12.88 -21.62
C PRO M 222 -38.45 12.41 -21.03
N SER M 223 -37.88 11.32 -21.54
CA SER M 223 -36.52 10.90 -21.22
C SER M 223 -35.66 10.85 -22.47
N GLN M 224 -35.94 11.71 -23.44
CA GLN M 224 -35.19 11.77 -24.68
C GLN M 224 -35.22 13.20 -25.21
N ASN M 225 -34.15 13.59 -25.90
CA ASN M 225 -33.94 14.96 -26.32
C ASN M 225 -33.89 15.05 -27.85
N ARG M 226 -34.03 16.27 -28.35
CA ARG M 226 -34.04 16.55 -29.78
C ARG M 226 -33.08 17.68 -30.07
N LEU M 227 -32.58 17.71 -31.31
CA LEU M 227 -31.61 18.73 -31.70
C LEU M 227 -32.25 20.11 -31.70
N THR M 228 -31.48 21.09 -31.24
CA THR M 228 -31.92 22.48 -31.16
C THR M 228 -30.70 23.37 -31.05
N GLY M 229 -30.93 24.68 -31.05
CA GLY M 229 -29.85 25.62 -30.86
C GLY M 229 -29.01 25.88 -32.11
N SER M 230 -27.74 25.47 -32.07
CA SER M 230 -26.82 25.85 -33.14
C SER M 230 -27.07 25.06 -34.41
N LEU M 231 -27.17 23.73 -34.31
CA LEU M 231 -27.30 22.91 -35.51
C LEU M 231 -28.70 22.97 -36.10
N LEU M 232 -29.71 23.33 -35.31
CA LEU M 232 -31.05 23.53 -35.86
C LEU M 232 -31.12 24.77 -36.75
N ALA M 233 -30.29 25.77 -36.47
CA ALA M 233 -30.28 26.98 -37.28
C ALA M 233 -29.62 26.78 -38.63
N HIS M 234 -28.81 25.73 -38.79
CA HIS M 234 -28.29 25.40 -40.12
C HIS M 234 -29.29 24.58 -40.93
N LYS M 235 -30.17 23.82 -40.26
CA LYS M 235 -31.24 23.13 -40.97
C LYS M 235 -32.27 24.08 -41.55
N VAL M 236 -32.44 25.26 -40.93
CA VAL M 236 -33.41 26.23 -41.42
C VAL M 236 -32.81 27.28 -42.35
N ALA M 237 -31.49 27.37 -42.43
CA ALA M 237 -30.86 28.43 -43.22
C ALA M 237 -30.44 27.97 -44.60
N ASP M 238 -30.59 26.69 -44.94
CA ASP M 238 -30.31 26.23 -46.30
C ASP M 238 -31.54 26.23 -47.19
N GLU M 239 -32.74 26.15 -46.62
CA GLU M 239 -33.99 26.07 -47.39
C GLU M 239 -34.88 27.27 -47.05
N GLU M 240 -34.69 28.36 -47.80
CA GLU M 240 -35.61 29.49 -47.73
C GLU M 240 -35.56 30.23 -49.06
N ALA M 241 -36.37 31.29 -49.16
CA ALA M 241 -36.70 31.87 -50.46
C ALA M 241 -35.51 32.68 -50.97
N ASN M 242 -35.12 32.41 -52.22
CA ASN M 242 -34.14 33.26 -52.89
C ASN M 242 -34.77 34.57 -53.34
N ILE M 243 -33.96 35.62 -53.30
CA ILE M 243 -34.36 36.94 -53.79
C ILE M 243 -33.18 37.51 -54.57
N GLU M 244 -33.39 37.77 -55.86
CA GLU M 244 -32.36 38.32 -56.73
C GLU M 244 -32.53 39.83 -56.80
N LEU M 245 -31.64 40.56 -56.14
CA LEU M 245 -31.85 41.98 -55.90
C LEU M 245 -31.54 42.79 -57.14
N THR M 246 -32.41 43.77 -57.44
CA THR M 246 -32.18 44.74 -58.51
C THR M 246 -31.20 45.78 -58.00
N TRP M 247 -29.92 45.56 -58.25
CA TRP M 247 -28.89 46.44 -57.71
C TRP M 247 -28.82 47.72 -58.53
N ALA M 248 -28.96 48.86 -57.85
CA ALA M 248 -28.97 50.18 -58.45
C ALA M 248 -27.90 51.04 -57.77
N GLU M 249 -27.76 52.28 -58.24
CA GLU M 249 -26.91 53.26 -57.55
C GLU M 249 -27.54 54.63 -57.76
N GLY M 250 -28.39 55.01 -56.81
CA GLY M 250 -29.18 56.22 -56.87
C GLY M 250 -28.80 57.20 -55.77
N THR M 251 -29.57 57.14 -54.69
CA THR M 251 -29.34 57.58 -53.31
C THR M 251 -29.51 59.08 -53.12
N PHE M 252 -29.79 59.86 -54.16
CA PHE M 252 -30.19 61.24 -53.93
C PHE M 252 -31.64 61.32 -53.45
N GLU M 253 -32.46 60.33 -53.80
CA GLU M 253 -33.79 60.21 -53.21
C GLU M 253 -33.72 59.97 -51.71
N GLN M 254 -32.76 59.15 -51.27
CA GLN M 254 -32.53 58.96 -49.84
C GLN M 254 -31.93 60.20 -49.19
N PHE M 255 -31.19 61.00 -49.95
CA PHE M 255 -30.54 62.17 -49.35
C PHE M 255 -31.57 63.25 -49.03
N LYS M 256 -32.27 63.75 -50.04
CA LYS M 256 -33.11 64.93 -49.86
C LYS M 256 -34.35 64.63 -49.03
N ASP M 257 -34.80 63.37 -48.99
CA ASP M 257 -35.86 62.99 -48.08
C ASP M 257 -35.44 63.16 -46.63
N THR M 258 -34.16 62.92 -46.33
CA THR M 258 -33.65 63.15 -44.98
C THR M 258 -33.44 64.64 -44.70
N ILE M 259 -33.05 65.40 -45.72
CA ILE M 259 -32.75 66.81 -45.51
C ILE M 259 -34.01 67.58 -45.14
N VAL M 260 -35.13 67.27 -45.81
CA VAL M 260 -36.35 68.05 -45.62
C VAL M 260 -36.99 67.76 -44.27
N LYS M 261 -36.66 66.64 -43.65
CA LYS M 261 -37.13 66.34 -42.30
C LYS M 261 -36.16 66.91 -41.29
N GLU M 262 -36.70 67.62 -40.29
CA GLU M 262 -35.88 68.23 -39.25
C GLU M 262 -35.20 67.18 -38.38
N LYS N 274 4.21 59.77 -17.32
CA LYS N 274 5.25 59.07 -18.08
C LYS N 274 4.75 58.69 -19.47
N GLU N 275 4.34 57.43 -19.62
CA GLU N 275 3.72 56.97 -20.86
C GLU N 275 2.28 57.42 -21.00
N ALA N 276 1.65 57.90 -19.94
CA ALA N 276 0.37 58.59 -20.05
C ALA N 276 0.51 59.96 -20.73
N ALA N 277 1.69 60.57 -20.65
CA ALA N 277 1.93 61.81 -21.40
C ALA N 277 2.12 61.56 -22.88
N ALA N 278 2.45 60.33 -23.28
CA ALA N 278 2.41 59.98 -24.69
C ALA N 278 0.99 59.83 -25.22
N GLU N 279 0.01 59.68 -24.33
CA GLU N 279 -1.37 59.43 -24.75
C GLU N 279 -2.11 60.71 -25.04
N LEU N 280 -1.99 61.72 -24.16
CA LEU N 280 -2.70 62.97 -24.33
C LEU N 280 -2.21 63.74 -25.54
N GLU N 281 -0.91 63.66 -25.85
CA GLU N 281 -0.40 64.35 -27.03
C GLU N 281 -0.85 63.68 -28.32
N LEU N 282 -1.05 62.37 -28.31
CA LEU N 282 -1.61 61.70 -29.47
C LEU N 282 -3.09 62.01 -29.63
N LEU N 283 -3.81 62.22 -28.53
CA LEU N 283 -5.20 62.61 -28.61
C LEU N 283 -5.37 64.05 -29.08
N ASN N 284 -4.38 64.90 -28.81
CA ASN N 284 -4.30 66.20 -29.48
C ASN N 284 -4.08 66.03 -30.98
N ALA N 285 -3.13 65.17 -31.35
CA ALA N 285 -2.87 64.89 -32.75
C ALA N 285 -4.01 64.13 -33.44
N ASP N 286 -4.98 63.64 -32.68
CA ASP N 286 -6.16 63.02 -33.28
C ASP N 286 -7.21 64.05 -33.63
N HIS N 287 -7.35 65.12 -32.84
CA HIS N 287 -8.33 66.15 -33.13
C HIS N 287 -7.93 66.95 -34.36
N GLN N 288 -6.64 67.27 -34.48
CA GLN N 288 -6.15 68.04 -35.62
C GLN N 288 -6.18 67.24 -36.92
N HIS N 289 -6.28 65.92 -36.84
CA HIS N 289 -6.51 65.09 -38.03
C HIS N 289 -7.99 64.88 -38.33
N ILE N 290 -8.88 65.11 -37.37
CA ILE N 290 -10.30 64.84 -37.58
C ILE N 290 -11.10 66.10 -37.86
N LEU N 291 -10.60 67.28 -37.47
CA LEU N 291 -11.20 68.52 -37.94
C LEU N 291 -10.88 68.75 -39.40
N ARG N 292 -9.74 68.24 -39.88
CA ARG N 292 -9.40 68.32 -41.29
C ARG N 292 -10.38 67.53 -42.14
N LYS N 293 -10.63 66.27 -41.76
CA LYS N 293 -11.52 65.40 -42.51
C LYS N 293 -12.99 65.78 -42.30
N LEU N 294 -13.31 66.49 -41.22
CA LEU N 294 -14.66 67.04 -41.08
C LEU N 294 -14.88 68.21 -42.03
N LYS N 295 -13.82 68.96 -42.33
CA LYS N 295 -13.96 70.22 -43.07
C LYS N 295 -13.79 70.04 -44.56
N LYS N 296 -12.99 69.05 -44.98
CA LYS N 296 -12.86 68.73 -46.40
C LYS N 296 -14.11 68.08 -46.96
N MET N 297 -14.97 67.51 -46.11
CA MET N 297 -16.19 66.83 -46.51
C MET N 297 -17.42 67.72 -46.36
N ASN N 298 -17.23 69.04 -46.28
CA ASN N 298 -18.36 69.97 -46.24
C ASN N 298 -19.08 70.05 -47.57
N ASN N 299 -18.46 69.57 -48.65
CA ASN N 299 -19.02 69.68 -50.01
C ASN N 299 -20.03 68.58 -50.32
N LYS N 300 -20.60 67.94 -49.29
CA LYS N 300 -21.65 66.92 -49.33
C LYS N 300 -21.58 65.96 -50.51
N PRO N 301 -20.38 65.42 -50.85
CA PRO N 301 -20.17 64.77 -52.14
C PRO N 301 -20.63 63.31 -52.16
N GLU N 302 -21.82 63.06 -51.60
CA GLU N 302 -22.27 61.74 -51.20
C GLU N 302 -21.19 61.00 -50.43
N ARG N 303 -20.83 61.55 -49.28
CA ARG N 303 -19.81 60.99 -48.41
C ARG N 303 -20.43 60.60 -47.07
N PHE N 304 -20.06 59.42 -46.57
CA PHE N 304 -20.64 58.87 -45.35
C PHE N 304 -19.53 58.63 -44.33
N MET N 305 -19.90 58.67 -43.06
CA MET N 305 -19.03 58.16 -42.00
C MET N 305 -19.89 57.59 -40.88
N VAL N 306 -19.37 56.55 -40.23
CA VAL N 306 -20.06 55.88 -39.13
C VAL N 306 -19.35 56.26 -37.84
N PHE N 307 -20.13 56.62 -36.81
CA PHE N 307 -19.59 56.73 -35.47
C PHE N 307 -20.63 56.31 -34.44
N GLN N 308 -20.14 55.78 -33.32
CA GLN N 308 -20.96 55.12 -32.31
C GLN N 308 -21.41 56.12 -31.25
N LEU N 309 -22.69 56.05 -30.89
CA LEU N 309 -23.15 56.84 -29.76
C LEU N 309 -23.41 55.96 -28.54
N PRO N 310 -23.08 56.44 -27.34
CA PRO N 310 -23.35 55.65 -26.13
C PRO N 310 -24.84 55.55 -25.86
N THR N 311 -25.36 54.33 -25.89
CA THR N 311 -26.79 54.10 -25.67
C THR N 311 -27.06 54.08 -24.17
N ARG N 312 -28.27 53.63 -23.79
CA ARG N 312 -28.71 53.56 -22.41
C ARG N 312 -28.65 54.94 -21.75
N LEU N 313 -29.54 55.81 -22.23
CA LEU N 313 -29.48 57.21 -21.87
C LEU N 313 -29.94 57.41 -20.43
N PRO N 314 -29.19 58.15 -19.60
CA PRO N 314 -29.62 58.49 -18.24
C PRO N 314 -30.51 59.73 -18.21
N VAL N 360 -28.31 64.89 -31.63
CA VAL N 360 -29.15 65.82 -30.88
C VAL N 360 -28.34 67.05 -30.48
N GLY N 361 -27.13 66.81 -30.00
CA GLY N 361 -26.31 67.88 -29.45
C GLY N 361 -25.54 68.64 -30.51
N SER N 362 -24.24 68.87 -30.26
CA SER N 362 -23.46 69.77 -31.10
C SER N 362 -21.99 69.42 -30.96
N ILE N 363 -21.37 68.98 -32.06
CA ILE N 363 -19.91 68.96 -32.13
C ILE N 363 -19.40 70.39 -32.07
N ARG N 364 -18.44 70.65 -31.20
CA ARG N 364 -18.05 72.02 -30.92
C ARG N 364 -16.58 72.08 -30.52
N VAL N 365 -15.95 73.20 -30.86
CA VAL N 365 -14.51 73.40 -30.71
C VAL N 365 -14.25 74.22 -29.46
N HIS N 366 -13.36 73.72 -28.61
CA HIS N 366 -12.97 74.44 -27.40
C HIS N 366 -11.78 75.36 -27.70
N LYS N 367 -11.15 75.87 -26.64
CA LYS N 367 -9.93 76.63 -26.78
C LYS N 367 -8.74 75.73 -27.12
N SER N 368 -8.05 76.05 -28.21
CA SER N 368 -6.83 75.38 -28.64
C SER N 368 -7.05 73.89 -28.89
N GLY N 369 -7.89 73.61 -29.89
CA GLY N 369 -7.97 72.27 -30.44
C GLY N 369 -8.55 71.22 -29.52
N LYS N 370 -9.84 71.30 -29.23
CA LYS N 370 -10.48 70.34 -28.33
C LYS N 370 -11.95 70.22 -28.69
N LEU N 371 -12.41 68.98 -28.85
CA LEU N 371 -13.76 68.69 -29.30
C LEU N 371 -14.57 68.03 -28.20
N SER N 372 -15.88 68.26 -28.23
CA SER N 372 -16.79 67.64 -27.27
C SER N 372 -18.20 67.70 -27.83
N VAL N 373 -19.04 66.78 -27.39
CA VAL N 373 -20.46 66.79 -27.72
C VAL N 373 -21.28 66.77 -26.44
N LYS N 374 -22.47 67.38 -26.51
CA LYS N 374 -23.41 67.45 -25.39
C LYS N 374 -24.77 67.04 -25.95
N ILE N 375 -25.02 65.73 -26.02
CA ILE N 375 -26.16 65.26 -26.80
C ILE N 375 -27.44 65.15 -25.99
N GLY N 376 -27.37 65.09 -24.67
CA GLY N 376 -28.54 65.18 -23.83
C GLY N 376 -28.97 66.61 -23.63
N ASN N 377 -29.94 66.79 -22.74
CA ASN N 377 -30.27 68.15 -22.30
C ASN N 377 -29.10 68.73 -21.52
N VAL N 378 -28.46 67.92 -20.68
CA VAL N 378 -27.28 68.32 -19.94
C VAL N 378 -26.08 67.40 -20.19
N VAL N 379 -26.31 66.17 -20.63
CA VAL N 379 -25.34 65.09 -20.54
C VAL N 379 -24.17 65.37 -21.48
N MET N 380 -23.03 65.76 -20.90
CA MET N 380 -21.83 66.10 -21.67
C MET N 380 -21.05 64.84 -21.99
N ASP N 381 -20.54 64.76 -23.22
CA ASP N 381 -19.64 63.69 -23.64
C ASP N 381 -18.39 64.36 -24.23
N ILE N 382 -17.39 64.58 -23.39
CA ILE N 382 -16.19 65.30 -23.82
C ILE N 382 -15.42 64.51 -24.86
N GLY N 383 -15.14 63.23 -24.60
CA GLY N 383 -14.18 62.49 -25.41
C GLY N 383 -14.72 62.08 -26.77
N LYS N 384 -13.91 62.31 -27.80
CA LYS N 384 -14.06 61.70 -29.11
C LYS N 384 -12.70 61.29 -29.63
N GLY N 385 -12.67 60.29 -30.51
CA GLY N 385 -11.40 59.88 -31.09
C GLY N 385 -11.53 59.19 -32.42
N ALA N 386 -10.79 59.70 -33.42
CA ALA N 386 -10.75 59.14 -34.77
C ALA N 386 -9.80 57.95 -34.84
N GLU N 387 -10.23 56.83 -34.26
CA GLU N 387 -9.29 55.74 -33.98
C GLU N 387 -9.87 54.42 -34.47
N THR N 388 -9.31 53.91 -35.57
CA THR N 388 -9.22 52.52 -35.96
C THR N 388 -8.41 52.47 -37.24
N THR N 389 -7.87 51.29 -37.56
CA THR N 389 -7.21 51.07 -38.84
C THR N 389 -7.89 49.94 -39.56
N PHE N 390 -8.32 50.19 -40.80
CA PHE N 390 -9.02 49.19 -41.60
C PHE N 390 -8.49 49.26 -43.02
N LEU N 391 -7.91 48.16 -43.50
CA LEU N 391 -7.53 48.09 -44.93
C LEU N 391 -8.60 47.36 -45.72
N GLN N 392 -9.86 47.78 -45.54
CA GLN N 392 -11.01 47.12 -46.12
C GLN N 392 -11.77 48.10 -47.01
N ASP N 393 -12.67 47.55 -47.82
CA ASP N 393 -13.68 48.33 -48.51
C ASP N 393 -15.00 48.19 -47.75
N VAL N 394 -15.60 49.33 -47.41
CA VAL N 394 -16.81 49.37 -46.59
C VAL N 394 -17.82 50.28 -47.26
N ILE N 395 -19.02 49.74 -47.51
CA ILE N 395 -20.01 50.39 -48.35
C ILE N 395 -21.38 50.26 -47.69
N ALA N 396 -22.16 51.34 -47.73
CA ALA N 396 -23.47 51.40 -47.09
C ALA N 396 -24.57 51.20 -48.12
N LEU N 397 -25.50 50.30 -47.83
CA LEU N 397 -26.65 50.05 -48.69
C LEU N 397 -27.91 49.99 -47.84
N SER N 398 -29.00 50.47 -48.41
CA SER N 398 -30.31 50.50 -47.76
C SER N 398 -31.22 49.46 -48.37
N ILE N 399 -31.69 48.51 -47.57
CA ILE N 399 -32.69 47.56 -47.99
C ILE N 399 -34.06 48.07 -47.54
N ALA N 400 -35.11 47.57 -48.20
CA ALA N 400 -36.48 47.95 -47.83
C ALA N 400 -37.42 46.82 -48.19
N ASP N 401 -37.88 46.09 -47.18
CA ASP N 401 -39.02 45.18 -47.28
C ASP N 401 -38.74 43.97 -48.18
N ASP N 402 -37.47 43.72 -48.48
CA ASP N 402 -37.04 42.57 -49.28
C ASP N 402 -37.72 42.57 -50.65
N ALA N 403 -37.35 43.58 -51.44
CA ALA N 403 -38.00 43.85 -52.72
C ALA N 403 -36.96 44.46 -53.64
N SER N 404 -37.41 45.17 -54.68
CA SER N 404 -36.50 45.89 -55.55
C SER N 404 -35.94 47.11 -54.82
N SER N 405 -35.05 46.87 -53.84
CA SER N 405 -34.66 47.91 -52.89
C SER N 405 -33.17 47.80 -52.59
N ALA N 406 -32.36 47.65 -53.64
CA ALA N 406 -30.92 47.49 -53.50
C ALA N 406 -30.24 48.66 -54.20
N GLU N 407 -29.68 49.58 -53.41
CA GLU N 407 -28.90 50.68 -53.93
C GLU N 407 -27.69 50.92 -53.04
N LEU N 408 -26.51 50.97 -53.64
CA LEU N 408 -25.29 51.30 -52.90
C LEU N 408 -25.26 52.81 -52.67
N LEU N 409 -25.31 53.22 -51.40
CA LEU N 409 -25.32 54.65 -51.08
C LEU N 409 -23.95 55.27 -51.29
N GLY N 410 -22.94 54.75 -50.61
CA GLY N 410 -21.58 55.24 -50.79
C GLY N 410 -20.61 54.39 -50.02
N ARG N 411 -19.32 54.66 -50.25
CA ARG N 411 -18.26 54.08 -49.45
C ARG N 411 -18.03 54.92 -48.20
N VAL N 412 -17.31 54.35 -47.24
CA VAL N 412 -17.10 54.95 -45.92
C VAL N 412 -15.64 55.37 -45.82
N ASP N 413 -15.42 56.63 -45.49
CA ASP N 413 -14.07 57.19 -45.41
C ASP N 413 -13.42 56.93 -44.06
N GLY N 414 -14.07 57.32 -42.97
CA GLY N 414 -13.48 57.22 -41.65
C GLY N 414 -14.47 56.73 -40.63
N LYS N 415 -13.98 56.53 -39.40
CA LYS N 415 -14.81 56.07 -38.29
C LYS N 415 -14.24 56.65 -37.01
N ILE N 416 -15.06 57.43 -36.29
CA ILE N 416 -14.65 57.93 -34.98
C ILE N 416 -15.56 57.31 -33.93
N VAL N 417 -15.30 57.61 -32.65
CA VAL N 417 -16.12 57.09 -31.56
C VAL N 417 -16.39 58.22 -30.57
N VAL N 418 -17.46 58.04 -29.78
CA VAL N 418 -17.84 58.96 -28.73
C VAL N 418 -17.83 58.20 -27.41
N THR N 419 -17.19 58.76 -26.40
CA THR N 419 -17.20 58.17 -25.07
C THR N 419 -17.44 59.23 -24.00
N PRO N 420 -18.30 58.95 -23.03
CA PRO N 420 -18.58 59.94 -21.98
C PRO N 420 -17.43 60.03 -20.99
N GLN N 421 -17.28 61.22 -20.40
CA GLN N 421 -16.27 61.41 -19.38
C GLN N 421 -16.81 60.99 -18.02
N ILE N 422 -15.91 60.52 -17.16
CA ILE N 422 -16.26 60.12 -15.81
C ILE N 422 -15.23 60.66 -14.83
N SER O 36 -5.41 -45.19 -10.19
CA SER O 36 -4.07 -45.32 -10.77
C SER O 36 -3.61 -44.00 -11.38
N LEU O 37 -3.86 -42.90 -10.67
CA LEU O 37 -3.60 -41.57 -11.22
C LEU O 37 -2.11 -41.27 -11.28
N GLU O 38 -1.29 -41.94 -10.49
CA GLU O 38 0.16 -41.77 -10.57
C GLU O 38 0.70 -42.19 -11.93
N GLN O 39 0.09 -43.20 -12.55
CA GLN O 39 0.52 -43.66 -13.86
C GLN O 39 -0.02 -42.78 -14.98
N ARG O 40 -1.31 -42.44 -14.93
CA ARG O 40 -2.03 -41.98 -16.11
C ARG O 40 -1.65 -40.58 -16.55
N THR O 41 -0.75 -39.90 -15.85
CA THR O 41 -0.52 -38.47 -16.06
C THR O 41 0.85 -38.19 -16.67
N LEU O 42 1.92 -38.61 -16.01
CA LEU O 42 3.27 -38.17 -16.34
C LEU O 42 4.08 -39.24 -17.08
N ASN O 43 3.44 -39.95 -18.01
CA ASN O 43 4.06 -41.11 -18.65
C ASN O 43 3.79 -41.07 -20.15
N PRO O 44 4.78 -40.68 -20.96
CA PRO O 44 4.63 -40.80 -22.42
C PRO O 44 4.85 -42.22 -22.92
N ASP O 45 5.13 -42.35 -24.21
CA ASP O 45 5.63 -43.61 -24.78
C ASP O 45 6.90 -44.11 -24.11
N LEU O 46 7.58 -43.29 -23.31
CA LEU O 46 8.62 -43.78 -22.41
C LEU O 46 8.08 -44.83 -21.45
N PHE O 47 6.80 -44.75 -21.08
CA PHE O 47 6.22 -45.78 -20.24
C PHE O 47 6.00 -47.09 -20.98
N LEU O 48 5.97 -47.06 -22.32
CA LEU O 48 5.91 -48.29 -23.09
C LEU O 48 7.28 -48.94 -23.20
N TYR O 49 8.32 -48.15 -23.51
CA TYR O 49 9.64 -48.69 -23.78
C TYR O 49 10.38 -49.09 -22.51
N LYS O 50 9.95 -48.59 -21.35
CA LYS O 50 10.60 -48.92 -20.09
C LYS O 50 10.21 -50.32 -19.60
N GLU O 51 8.95 -50.70 -19.79
CA GLU O 51 8.41 -51.93 -19.21
C GLU O 51 8.41 -53.09 -20.19
N LEU O 52 8.81 -52.87 -21.45
CA LEU O 52 9.10 -53.99 -22.35
C LEU O 52 10.35 -54.73 -21.89
N VAL O 53 11.44 -54.00 -21.67
CA VAL O 53 12.68 -54.62 -21.21
C VAL O 53 12.56 -55.04 -19.76
N LYS O 54 11.67 -54.40 -18.99
CA LYS O 54 11.44 -54.79 -17.60
C LYS O 54 10.67 -56.09 -17.48
N ALA O 55 9.89 -56.45 -18.51
CA ALA O 55 9.05 -57.63 -18.45
C ALA O 55 9.88 -58.90 -18.57
N HIS O 56 10.56 -59.08 -19.70
CA HIS O 56 11.30 -60.30 -19.99
C HIS O 56 12.77 -59.93 -20.22
N LEU O 57 13.43 -59.53 -19.14
CA LEU O 57 14.85 -59.24 -19.04
C LEU O 57 15.07 -58.77 -17.60
N GLY O 58 16.32 -58.54 -17.22
CA GLY O 58 16.61 -58.12 -15.87
C GLY O 58 16.24 -56.66 -15.61
N GLU O 59 16.26 -56.32 -14.32
CA GLU O 59 15.97 -54.95 -13.89
C GLU O 59 17.11 -53.98 -14.23
N ARG O 60 18.34 -54.49 -14.33
CA ARG O 60 19.50 -53.62 -14.52
C ARG O 60 19.52 -52.92 -15.87
N ALA O 61 18.75 -53.40 -16.86
CA ALA O 61 18.72 -52.77 -18.17
C ALA O 61 17.49 -51.91 -18.40
N ALA O 62 16.47 -52.00 -17.54
CA ALA O 62 15.34 -51.08 -17.64
C ALA O 62 15.71 -49.66 -17.23
N SER O 63 16.78 -49.50 -16.43
CA SER O 63 17.24 -48.19 -16.00
C SER O 63 18.13 -47.49 -17.02
N VAL O 64 18.79 -48.23 -17.90
CA VAL O 64 19.69 -47.61 -18.88
C VAL O 64 18.94 -47.19 -20.13
N ILE O 65 18.02 -48.01 -20.65
CA ILE O 65 17.25 -47.60 -21.82
C ILE O 65 16.16 -46.59 -21.47
N GLY O 66 15.76 -46.53 -20.20
CA GLY O 66 14.93 -45.42 -19.75
C GLY O 66 15.68 -44.10 -19.74
N MET O 67 17.01 -44.14 -19.61
CA MET O 67 17.81 -42.93 -19.62
C MET O 67 18.15 -42.46 -21.03
N LEU O 68 18.31 -43.39 -21.97
CA LEU O 68 18.61 -43.00 -23.35
C LEU O 68 17.42 -42.30 -24.00
N VAL O 69 16.20 -42.78 -23.74
CA VAL O 69 15.03 -42.14 -24.33
C VAL O 69 14.77 -40.79 -23.68
N ALA O 70 15.01 -40.69 -22.36
CA ALA O 70 14.74 -39.47 -21.64
C ALA O 70 15.76 -38.37 -21.94
N LEU O 71 16.95 -38.75 -22.42
CA LEU O 71 18.03 -37.80 -22.65
C LEU O 71 18.45 -37.70 -24.11
N GLY O 72 18.03 -38.62 -24.97
CA GLY O 72 18.49 -38.61 -26.35
C GLY O 72 19.67 -39.52 -26.59
N ARG O 73 20.88 -38.96 -26.59
CA ARG O 73 22.08 -39.73 -26.84
C ARG O 73 23.21 -39.24 -25.96
N LEU O 74 24.01 -40.19 -25.45
CA LEU O 74 25.10 -39.89 -24.55
C LEU O 74 26.01 -41.11 -24.45
N SER O 75 27.31 -40.86 -24.35
CA SER O 75 28.30 -41.94 -24.32
C SER O 75 28.42 -42.51 -22.91
N VAL O 76 29.30 -43.50 -22.77
CA VAL O 76 29.43 -44.24 -21.51
C VAL O 76 30.11 -43.39 -20.46
N ARG O 77 30.95 -42.43 -20.89
CA ARG O 77 31.66 -41.56 -19.97
C ARG O 77 30.74 -40.61 -19.21
N GLU O 78 29.54 -40.36 -19.73
CA GLU O 78 28.56 -39.56 -19.01
C GLU O 78 27.25 -40.31 -18.75
N LEU O 79 27.15 -41.57 -19.18
CA LEU O 79 25.99 -42.38 -18.80
C LEU O 79 26.05 -42.75 -17.33
N VAL O 80 27.25 -43.05 -16.83
CA VAL O 80 27.41 -43.45 -15.44
C VAL O 80 27.14 -42.27 -14.50
N GLU O 81 27.35 -41.04 -14.98
CA GLU O 81 27.03 -39.86 -14.18
C GLU O 81 25.53 -39.69 -14.00
N LYS O 82 24.72 -40.15 -14.96
CA LYS O 82 23.28 -39.90 -14.89
C LYS O 82 22.58 -40.95 -14.03
N ILE O 83 22.87 -42.23 -14.26
CA ILE O 83 22.35 -43.27 -13.40
C ILE O 83 23.14 -43.33 -12.10
N ASP O 84 22.58 -44.01 -11.10
CA ASP O 84 23.21 -44.12 -9.79
C ASP O 84 22.95 -45.53 -9.26
N GLY O 85 24.00 -46.32 -9.12
CA GLY O 85 23.88 -47.67 -8.58
C GLY O 85 24.44 -48.71 -9.52
N MET O 86 25.21 -48.28 -10.51
CA MET O 86 25.77 -49.17 -11.51
C MET O 86 27.22 -48.78 -11.78
N ASP O 87 28.12 -49.75 -11.64
CA ASP O 87 29.54 -49.50 -11.84
C ASP O 87 29.85 -49.32 -13.32
N VAL O 88 31.04 -48.79 -13.60
CA VAL O 88 31.39 -48.39 -14.96
C VAL O 88 31.47 -49.61 -15.88
N ASP O 89 32.20 -50.65 -15.45
CA ASP O 89 32.23 -51.90 -16.18
C ASP O 89 30.96 -52.73 -15.97
N SER O 90 30.15 -52.40 -14.97
CA SER O 90 28.82 -53.00 -14.83
C SER O 90 27.80 -52.40 -15.78
N VAL O 91 28.04 -51.18 -16.27
CA VAL O 91 27.27 -50.66 -17.39
C VAL O 91 27.57 -51.45 -18.66
N LYS O 92 28.86 -51.68 -18.94
CA LYS O 92 29.24 -52.42 -20.13
C LYS O 92 28.70 -53.83 -20.10
N THR O 93 28.67 -54.45 -18.92
CA THR O 93 28.03 -55.76 -18.78
C THR O 93 26.53 -55.65 -19.00
N THR O 94 25.92 -54.54 -18.55
CA THR O 94 24.51 -54.31 -18.78
C THR O 94 24.24 -53.92 -20.23
N LEU O 95 25.17 -53.19 -20.85
CA LEU O 95 24.97 -52.67 -22.19
C LEU O 95 25.14 -53.75 -23.26
N VAL O 96 25.88 -54.82 -22.96
CA VAL O 96 26.03 -55.92 -23.90
C VAL O 96 24.82 -56.83 -23.91
N SER O 97 23.94 -56.72 -22.91
CA SER O 97 22.73 -57.55 -22.88
C SER O 97 21.74 -57.10 -23.95
N LEU O 98 21.43 -55.80 -23.97
CA LEU O 98 20.57 -55.23 -25.00
C LEU O 98 21.31 -54.95 -26.29
N THR O 99 22.64 -55.09 -26.30
CA THR O 99 23.40 -55.11 -27.54
C THR O 99 23.05 -56.34 -28.38
N GLN O 100 22.97 -57.50 -27.73
CA GLN O 100 22.84 -58.76 -28.47
C GLN O 100 21.45 -58.88 -29.08
N LEU O 101 20.42 -58.43 -28.37
CA LEU O 101 19.05 -58.45 -28.88
C LEU O 101 18.76 -57.25 -29.78
N ARG O 102 19.78 -56.45 -30.12
CA ARG O 102 19.64 -55.33 -31.06
C ARG O 102 18.67 -54.28 -30.52
N CYS O 103 18.72 -54.03 -29.21
CA CYS O 103 17.83 -53.07 -28.57
C CYS O 103 18.40 -51.65 -28.53
N VAL O 104 19.65 -51.46 -28.92
CA VAL O 104 20.25 -50.14 -29.07
C VAL O 104 20.98 -50.08 -30.42
N LYS O 105 21.49 -48.91 -30.74
CA LYS O 105 22.27 -48.68 -31.94
C LYS O 105 23.42 -47.74 -31.61
N TYR O 106 24.60 -48.03 -32.15
CA TYR O 106 25.82 -47.34 -31.78
C TYR O 106 26.16 -46.24 -32.78
N LEU O 107 27.21 -45.48 -32.47
CA LEU O 107 27.83 -44.55 -33.38
C LEU O 107 29.20 -44.19 -32.83
N GLN O 108 30.16 -43.97 -33.72
CA GLN O 108 31.47 -43.44 -33.37
C GLN O 108 31.75 -42.19 -34.19
N GLU O 109 32.21 -41.13 -33.52
CA GLU O 109 32.70 -39.93 -34.18
C GLU O 109 33.90 -39.42 -33.39
N THR O 110 35.05 -39.32 -34.07
CA THR O 110 36.28 -38.90 -33.41
C THR O 110 36.42 -37.38 -33.47
N ALA O 111 37.31 -36.86 -32.63
CA ALA O 111 37.70 -35.47 -32.65
C ALA O 111 39.13 -35.33 -33.18
N ILE O 112 39.44 -34.13 -33.68
CA ILE O 112 40.80 -33.85 -34.11
C ILE O 112 41.76 -33.85 -32.92
N SER O 113 41.31 -33.31 -31.79
CA SER O 113 42.14 -33.27 -30.59
C SER O 113 41.98 -34.50 -29.71
N GLY O 114 40.78 -35.08 -29.64
CA GLY O 114 40.50 -36.17 -28.74
C GLY O 114 40.51 -37.53 -29.43
N LYS O 115 40.19 -38.55 -28.64
CA LYS O 115 40.13 -39.92 -29.12
C LYS O 115 38.75 -40.20 -29.70
N LYS O 116 38.46 -41.47 -29.94
CA LYS O 116 37.20 -41.89 -30.54
C LYS O 116 36.14 -42.06 -29.45
N THR O 117 34.97 -41.47 -29.68
CA THR O 117 33.89 -41.45 -28.70
C THR O 117 32.73 -42.28 -29.22
N THR O 118 32.23 -43.18 -28.38
CA THR O 118 31.20 -44.15 -28.77
C THR O 118 29.85 -43.66 -28.27
N TYR O 119 29.18 -42.86 -29.11
CA TYR O 119 27.82 -42.44 -28.81
C TYR O 119 26.84 -43.57 -29.12
N TYR O 120 26.00 -43.89 -28.15
CA TYR O 120 25.04 -44.99 -28.26
C TYR O 120 23.62 -44.43 -28.24
N TYR O 121 22.80 -44.89 -29.18
CA TYR O 121 21.44 -44.40 -29.34
C TYR O 121 20.46 -45.48 -28.91
N TYR O 122 19.17 -45.20 -29.08
CA TYR O 122 18.11 -46.15 -28.77
C TYR O 122 17.51 -46.70 -30.06
N ASN O 123 17.21 -48.00 -30.06
CA ASN O 123 16.65 -48.69 -31.20
C ASN O 123 15.14 -48.79 -31.01
N GLU O 124 14.36 -48.15 -31.88
CA GLU O 124 12.91 -48.25 -31.81
C GLU O 124 12.34 -49.43 -32.58
N GLU O 125 13.07 -49.98 -33.55
CA GLU O 125 12.58 -51.14 -34.29
C GLU O 125 13.07 -52.45 -33.73
N GLY O 126 14.18 -52.45 -32.98
CA GLY O 126 14.66 -53.67 -32.36
C GLY O 126 13.80 -54.14 -31.20
N ILE O 127 13.11 -53.21 -30.53
CA ILE O 127 12.26 -53.59 -29.40
C ILE O 127 10.81 -53.82 -29.81
N HIS O 128 10.39 -53.31 -30.96
CA HIS O 128 9.09 -53.71 -31.50
C HIS O 128 9.05 -55.19 -31.82
N ILE O 129 10.20 -55.78 -32.17
CA ILE O 129 10.30 -57.23 -32.26
C ILE O 129 9.91 -57.89 -30.94
N LEU O 130 10.38 -57.32 -29.83
CA LEU O 130 10.00 -57.84 -28.51
C LEU O 130 8.53 -57.56 -28.20
N LEU O 131 7.89 -56.65 -28.94
CA LEU O 131 6.46 -56.40 -28.76
C LEU O 131 5.64 -57.40 -29.57
N TYR O 132 5.99 -57.58 -30.84
CA TYR O 132 5.26 -58.46 -31.75
C TYR O 132 5.62 -59.93 -31.58
N SER O 133 6.43 -60.25 -30.56
CA SER O 133 7.19 -61.50 -30.56
C SER O 133 6.29 -62.72 -30.54
N GLY O 134 5.08 -62.60 -29.99
CA GLY O 134 4.14 -63.70 -30.04
C GLY O 134 3.47 -63.88 -31.38
N LEU O 135 3.52 -62.87 -32.24
CA LEU O 135 2.74 -62.87 -33.48
C LEU O 135 3.52 -63.38 -34.68
N ILE O 136 4.86 -63.35 -34.64
CA ILE O 136 5.65 -63.92 -35.72
C ILE O 136 5.54 -65.44 -35.72
N ILE O 137 5.37 -66.04 -34.54
CA ILE O 137 5.22 -67.50 -34.46
C ILE O 137 3.97 -67.94 -35.22
N ASP O 138 2.90 -67.15 -35.16
CA ASP O 138 1.70 -67.43 -35.91
C ASP O 138 1.71 -66.76 -37.29
N GLU O 139 2.82 -66.12 -37.67
CA GLU O 139 2.97 -65.57 -39.00
C GLU O 139 3.77 -66.49 -39.92
N ILE O 140 4.62 -67.35 -39.36
CA ILE O 140 5.23 -68.43 -40.13
C ILE O 140 4.17 -69.38 -40.66
N ILE O 141 3.16 -69.67 -39.83
CA ILE O 141 2.16 -70.67 -40.17
C ILE O 141 1.22 -70.15 -41.25
N THR O 142 0.74 -68.92 -41.09
CA THR O 142 -0.23 -68.35 -42.03
C THR O 142 0.40 -67.89 -43.34
N GLN O 143 1.71 -68.01 -43.50
CA GLN O 143 2.37 -67.65 -44.76
C GLN O 143 3.08 -68.81 -45.42
N MET O 144 3.56 -69.80 -44.65
CA MET O 144 4.17 -71.00 -45.20
C MET O 144 3.10 -72.10 -45.22
N ARG O 145 2.23 -72.04 -46.23
CA ARG O 145 1.21 -73.06 -46.44
C ARG O 145 1.48 -73.74 -47.77
N VAL O 146 2.42 -74.68 -47.76
CA VAL O 146 2.60 -75.66 -48.82
C VAL O 146 2.64 -77.03 -48.15
N ASN O 147 3.07 -77.04 -46.90
CA ASN O 147 3.33 -78.25 -46.14
C ASN O 147 2.17 -78.53 -45.18
N ASP O 148 1.99 -79.80 -44.84
CA ASP O 148 0.97 -80.20 -43.88
C ASP O 148 1.39 -81.51 -43.25
N GLU O 149 1.06 -81.66 -41.96
CA GLU O 149 1.40 -82.84 -41.17
C GLU O 149 2.91 -83.09 -41.20
N GLU O 150 3.67 -82.04 -40.89
CA GLU O 150 5.13 -82.10 -40.85
C GLU O 150 5.63 -82.26 -39.42
N GLU O 151 6.81 -82.86 -39.29
CA GLU O 151 7.42 -83.13 -38.00
C GLU O 151 8.38 -82.03 -37.57
N HIS O 152 8.27 -80.84 -38.16
CA HIS O 152 8.96 -79.65 -37.68
C HIS O 152 7.99 -78.52 -37.32
N LYS O 153 6.71 -78.84 -37.17
CA LYS O 153 5.75 -77.88 -36.63
C LYS O 153 6.16 -77.44 -35.23
N GLN O 154 6.62 -78.38 -34.40
CA GLN O 154 7.20 -78.05 -33.11
C GLN O 154 8.58 -77.43 -33.24
N LEU O 155 9.23 -77.55 -34.39
CA LEU O 155 10.56 -77.00 -34.61
C LEU O 155 10.56 -75.68 -35.37
N VAL O 156 9.72 -75.53 -36.40
CA VAL O 156 9.70 -74.26 -37.12
C VAL O 156 9.04 -73.16 -36.29
N ALA O 157 8.21 -73.53 -35.31
CA ALA O 157 7.78 -72.57 -34.30
C ALA O 157 8.92 -72.20 -33.35
N GLU O 158 9.93 -73.05 -33.23
CA GLU O 158 11.04 -72.82 -32.31
C GLU O 158 12.22 -72.12 -32.97
N ILE O 159 12.35 -72.21 -34.30
CA ILE O 159 13.47 -71.57 -34.98
C ILE O 159 13.39 -70.06 -34.87
N VAL O 160 12.18 -69.50 -34.93
CA VAL O 160 12.03 -68.07 -34.69
C VAL O 160 12.30 -67.74 -33.22
N GLN O 161 11.96 -68.66 -32.32
CA GLN O 161 12.38 -68.52 -30.93
C GLN O 161 13.86 -68.82 -30.75
N ASN O 162 14.48 -69.49 -31.72
CA ASN O 162 15.92 -69.77 -31.67
C ASN O 162 16.77 -68.68 -32.30
N VAL O 163 16.23 -67.95 -33.27
CA VAL O 163 17.06 -67.04 -34.07
C VAL O 163 17.37 -65.76 -33.29
N ILE O 164 16.42 -65.27 -32.50
CA ILE O 164 16.54 -63.91 -31.96
C ILE O 164 16.41 -63.86 -30.44
N SER O 165 15.85 -64.86 -29.77
CA SER O 165 15.96 -64.92 -28.32
C SER O 165 17.38 -65.21 -27.86
N LEU O 166 18.19 -65.82 -28.72
CA LEU O 166 19.64 -65.86 -28.54
C LEU O 166 20.30 -64.55 -28.89
N GLY O 167 19.61 -63.67 -29.63
CA GLY O 167 20.19 -62.41 -30.04
C GLY O 167 20.48 -62.39 -31.53
N SER O 168 21.76 -62.43 -31.89
CA SER O 168 22.13 -62.76 -33.27
C SER O 168 22.10 -64.27 -33.47
N LEU O 169 22.37 -64.70 -34.70
CA LEU O 169 22.34 -66.12 -35.02
C LEU O 169 23.22 -66.37 -36.23
N THR O 170 23.90 -67.51 -36.23
CA THR O 170 24.64 -68.01 -37.39
C THR O 170 24.33 -69.49 -37.55
N VAL O 171 24.78 -70.05 -38.68
CA VAL O 171 24.31 -71.36 -39.11
C VAL O 171 24.93 -72.46 -38.25
N GLU O 172 26.16 -72.24 -37.77
CA GLU O 172 26.84 -73.27 -36.99
C GLU O 172 26.25 -73.45 -35.60
N ASP O 173 25.42 -72.51 -35.14
CA ASP O 173 24.96 -72.54 -33.75
C ASP O 173 23.87 -73.58 -33.52
N TYR O 174 23.12 -73.95 -34.56
CA TYR O 174 22.07 -74.96 -34.38
C TYR O 174 22.46 -76.33 -34.91
N LEU O 175 23.40 -76.41 -35.86
CA LEU O 175 23.83 -77.72 -36.37
C LEU O 175 24.80 -78.41 -35.43
N SER O 176 25.49 -77.67 -34.56
CA SER O 176 26.38 -78.23 -33.55
C SER O 176 25.65 -78.52 -32.23
N SER O 177 24.34 -78.74 -32.27
CA SER O 177 23.54 -78.85 -31.06
C SER O 177 23.68 -80.23 -30.44
N VAL O 178 22.76 -80.57 -29.53
CA VAL O 178 22.82 -81.85 -28.83
C VAL O 178 22.66 -83.01 -29.80
N THR O 179 22.00 -82.78 -30.94
CA THR O 179 21.80 -83.80 -31.96
C THR O 179 22.78 -83.58 -33.11
N SER O 180 23.47 -84.64 -33.51
CA SER O 180 24.56 -84.51 -34.47
C SER O 180 24.04 -84.42 -35.90
N ASP O 181 23.23 -85.39 -36.32
CA ASP O 181 22.70 -85.43 -37.69
C ASP O 181 21.22 -85.12 -37.73
N SER O 182 20.39 -85.95 -37.08
CA SER O 182 18.97 -85.65 -36.82
C SER O 182 18.21 -85.30 -38.11
N MET O 183 18.71 -85.81 -39.24
CA MET O 183 18.25 -85.38 -40.57
C MET O 183 18.22 -83.86 -40.71
N LYS O 184 19.29 -83.21 -40.25
CA LYS O 184 19.35 -81.76 -40.34
C LYS O 184 19.71 -81.25 -41.74
N TYR O 185 20.13 -82.13 -42.65
CA TYR O 185 20.24 -81.72 -44.05
C TYR O 185 18.88 -81.35 -44.62
N THR O 186 17.81 -82.00 -44.15
CA THR O 186 16.47 -81.51 -44.43
C THR O 186 16.21 -80.18 -43.73
N ILE O 187 16.66 -80.06 -42.48
CA ILE O 187 16.38 -78.87 -41.68
C ILE O 187 17.19 -77.68 -42.19
N SER O 188 18.41 -77.91 -42.67
CA SER O 188 19.21 -76.82 -43.22
C SER O 188 18.67 -76.38 -44.57
N SER O 189 18.22 -77.31 -45.39
CA SER O 189 17.58 -76.97 -46.65
C SER O 189 16.14 -76.51 -46.46
N LEU O 190 15.58 -76.69 -45.27
CA LEU O 190 14.27 -76.13 -44.95
C LEU O 190 14.34 -74.61 -44.80
N PHE O 191 15.51 -74.08 -44.45
CA PHE O 191 15.64 -72.67 -44.10
C PHE O 191 15.87 -71.78 -45.32
N VAL O 192 16.38 -72.33 -46.42
CA VAL O 192 16.44 -71.55 -47.65
C VAL O 192 15.06 -71.40 -48.26
N GLN O 193 14.13 -72.31 -47.93
CA GLN O 193 12.71 -72.05 -48.20
C GLN O 193 12.19 -70.92 -47.33
N LEU O 194 12.74 -70.76 -46.13
CA LEU O 194 12.25 -69.82 -45.13
C LEU O 194 13.07 -68.54 -45.06
N CYS O 195 14.22 -68.47 -45.74
CA CYS O 195 14.99 -67.24 -45.89
C CYS O 195 14.74 -66.55 -47.23
N GLU O 196 14.58 -67.33 -48.31
CA GLU O 196 14.37 -66.75 -49.62
C GLU O 196 12.96 -66.21 -49.78
N MET O 197 12.04 -66.61 -48.90
CA MET O 197 10.74 -65.95 -48.82
C MET O 197 10.79 -64.65 -48.02
N GLY O 198 11.88 -64.35 -47.33
CA GLY O 198 12.07 -63.04 -46.76
C GLY O 198 12.36 -63.05 -45.28
N TYR O 199 12.49 -61.84 -44.74
CA TYR O 199 12.66 -61.52 -43.31
C TYR O 199 13.70 -62.39 -42.59
N LEU O 200 14.72 -62.84 -43.32
CA LEU O 200 15.90 -63.46 -42.70
C LEU O 200 17.17 -62.88 -43.30
N ILE O 201 17.24 -61.56 -43.35
CA ILE O 201 18.34 -60.88 -44.03
C ILE O 201 19.58 -60.93 -43.14
N GLN O 202 20.73 -61.20 -43.75
CA GLN O 202 22.01 -61.08 -43.06
C GLN O 202 22.14 -59.71 -42.40
N ILE O 203 22.52 -59.69 -41.13
CA ILE O 203 22.73 -58.42 -40.43
C ILE O 203 24.05 -57.81 -40.91
N SER O 204 24.25 -56.54 -40.58
CA SER O 204 25.41 -55.79 -41.05
C SER O 204 25.60 -54.60 -40.10
N LYS O 205 26.40 -53.63 -40.52
CA LYS O 205 26.45 -52.36 -39.82
C LYS O 205 25.30 -51.44 -40.20
N LEU O 206 24.52 -51.78 -41.24
CA LEU O 206 23.39 -50.95 -41.63
C LEU O 206 22.24 -51.08 -40.64
N HIS O 207 21.90 -52.32 -40.26
CA HIS O 207 20.76 -52.55 -39.38
C HIS O 207 21.07 -52.16 -37.93
N TYR O 208 22.34 -52.06 -37.55
CA TYR O 208 22.72 -51.81 -36.18
C TYR O 208 23.28 -50.40 -35.98
N THR O 209 23.34 -49.59 -37.04
CA THR O 209 23.45 -48.14 -36.99
C THR O 209 22.13 -47.49 -37.35
N PRO O 210 21.87 -46.28 -36.84
CA PRO O 210 20.66 -45.55 -37.28
C PRO O 210 20.82 -44.98 -38.68
N ILE O 211 19.83 -44.18 -39.10
CA ILE O 211 19.71 -43.78 -40.50
C ILE O 211 20.31 -42.40 -40.74
N GLU O 212 20.29 -41.54 -39.73
CA GLU O 212 20.85 -40.21 -39.92
C GLU O 212 22.38 -40.19 -39.83
N ASP O 213 22.96 -40.98 -38.94
CA ASP O 213 24.43 -41.00 -38.83
C ASP O 213 25.11 -41.79 -39.95
N LEU O 214 24.36 -42.43 -40.85
CA LEU O 214 24.96 -42.93 -42.08
C LEU O 214 24.89 -41.93 -43.22
N TRP O 215 23.81 -41.13 -43.27
CA TRP O 215 23.58 -40.23 -44.40
C TRP O 215 24.58 -39.09 -44.42
N GLN O 216 25.14 -38.72 -43.26
CA GLN O 216 26.00 -37.54 -43.20
C GLN O 216 27.35 -37.81 -43.84
N PHE O 217 28.05 -38.87 -43.42
CA PHE O 217 29.43 -39.07 -43.88
C PHE O 217 29.50 -39.55 -45.32
N LEU O 218 28.40 -40.05 -45.88
CA LEU O 218 28.36 -40.29 -47.33
C LEU O 218 28.05 -39.00 -48.10
N TYR O 219 27.21 -38.13 -47.53
CA TYR O 219 27.02 -36.80 -48.09
C TYR O 219 28.30 -35.99 -48.03
N GLU O 220 29.13 -36.20 -47.00
CA GLU O 220 30.44 -35.59 -46.96
C GLU O 220 31.47 -36.33 -47.81
N LYS O 221 31.24 -37.62 -48.09
CA LYS O 221 32.09 -38.32 -49.05
C LYS O 221 31.79 -37.89 -50.48
N HIS O 222 30.51 -37.75 -50.82
CA HIS O 222 30.12 -37.27 -52.14
C HIS O 222 30.45 -35.80 -52.35
N TYR O 223 30.60 -35.05 -51.27
CA TYR O 223 31.08 -33.66 -51.38
C TYR O 223 32.58 -33.58 -51.57
N LYS O 224 33.34 -34.50 -50.95
CA LYS O 224 34.77 -34.62 -51.23
C LYS O 224 35.06 -35.38 -52.51
N ASN O 225 34.05 -36.01 -53.12
CA ASN O 225 34.24 -36.61 -54.43
C ASN O 225 34.33 -35.56 -55.52
N ILE O 226 33.71 -34.39 -55.34
CA ILE O 226 33.71 -33.32 -56.32
C ILE O 226 34.52 -32.16 -55.74
N PRO O 227 35.66 -31.80 -56.32
CA PRO O 227 36.50 -30.76 -55.73
C PRO O 227 36.16 -29.33 -56.12
N ARG O 228 37.07 -28.43 -55.79
CA ARG O 228 37.10 -27.06 -56.30
C ARG O 228 37.37 -27.09 -57.82
N ASN O 229 37.57 -25.90 -58.40
CA ASN O 229 37.76 -25.70 -59.85
C ASN O 229 36.44 -25.84 -60.62
N SER O 230 35.35 -25.36 -60.02
CA SER O 230 34.16 -24.99 -60.78
C SER O 230 33.39 -23.92 -60.02
N PRO O 231 33.43 -22.67 -60.46
CA PRO O 231 32.74 -21.60 -59.71
C PRO O 231 31.26 -21.45 -60.04
N LEU O 232 30.80 -21.94 -61.18
CA LEU O 232 29.46 -21.62 -61.66
C LEU O 232 28.40 -22.45 -60.94
N SER O 233 27.33 -21.79 -60.51
CA SER O 233 26.17 -22.44 -59.90
C SER O 233 26.56 -23.28 -58.69
N ASP O 234 27.17 -22.64 -57.71
CA ASP O 234 27.72 -23.38 -56.58
C ASP O 234 26.62 -23.96 -55.69
N LEU O 235 25.42 -23.37 -55.71
CA LEU O 235 24.30 -23.98 -55.00
C LEU O 235 23.91 -25.31 -55.64
N LYS O 236 24.03 -25.42 -56.96
CA LYS O 236 23.86 -26.71 -57.62
C LYS O 236 25.05 -27.63 -57.37
N LYS O 237 26.24 -27.07 -57.20
CA LYS O 237 27.40 -27.89 -56.86
C LYS O 237 27.29 -28.47 -55.46
N ARG O 238 26.65 -27.74 -54.53
CA ARG O 238 26.35 -28.31 -53.22
C ARG O 238 25.30 -29.39 -53.31
N SER O 239 24.36 -29.27 -54.27
CA SER O 239 23.38 -30.32 -54.53
C SER O 239 23.88 -31.37 -55.50
N GLN O 240 25.06 -31.19 -56.08
CA GLN O 240 25.61 -32.19 -56.98
C GLN O 240 25.95 -33.48 -56.24
N ALA O 241 26.38 -33.36 -54.99
CA ALA O 241 26.52 -34.53 -54.13
C ALA O 241 25.16 -35.10 -53.75
N LYS O 242 24.14 -34.25 -53.65
CA LYS O 242 22.84 -34.68 -53.14
C LYS O 242 22.10 -35.53 -54.17
N MET O 243 22.22 -35.19 -55.46
CA MET O 243 21.67 -36.07 -56.50
C MET O 243 22.40 -37.40 -56.55
N ASN O 244 23.69 -37.41 -56.22
CA ASN O 244 24.46 -38.65 -56.21
C ASN O 244 24.25 -39.44 -54.92
N ALA O 245 24.02 -38.75 -53.80
CA ALA O 245 23.83 -39.42 -52.53
C ALA O 245 22.46 -40.08 -52.43
N LYS O 246 21.48 -39.63 -53.22
CA LYS O 246 20.24 -40.40 -53.34
C LYS O 246 20.49 -41.74 -54.01
N THR O 247 21.30 -41.75 -55.07
CA THR O 247 21.59 -43.01 -55.76
C THR O 247 22.45 -43.93 -54.91
N ASP O 248 23.25 -43.36 -54.00
CA ASP O 248 23.96 -44.17 -53.02
C ASP O 248 23.02 -44.68 -51.94
N PHE O 249 21.98 -43.91 -51.60
CA PHE O 249 21.14 -44.25 -50.46
C PHE O 249 20.32 -45.51 -50.76
N ALA O 250 19.63 -45.53 -51.89
CA ALA O 250 18.84 -46.71 -52.26
C ALA O 250 19.73 -47.88 -52.65
N LYS O 251 20.96 -47.61 -53.06
CA LYS O 251 21.92 -48.69 -53.32
C LYS O 251 22.34 -49.37 -52.03
N ILE O 252 22.76 -48.59 -51.04
CA ILE O 252 23.40 -49.15 -49.86
C ILE O 252 22.38 -49.85 -48.96
N ILE O 253 21.08 -49.55 -49.11
CA ILE O 253 20.07 -50.27 -48.36
C ILE O 253 19.63 -51.54 -49.07
N ASN O 254 19.98 -51.71 -50.35
CA ASN O 254 19.75 -52.94 -51.07
C ASN O 254 20.85 -53.96 -50.85
N LYS O 255 22.03 -53.51 -50.43
CA LYS O 255 23.13 -54.42 -50.10
C LYS O 255 22.76 -55.51 -49.10
N PRO O 256 21.93 -55.28 -48.07
CA PRO O 256 21.40 -56.42 -47.30
C PRO O 256 20.30 -57.16 -48.06
N ASN O 257 19.50 -56.44 -48.84
CA ASN O 257 18.38 -57.07 -49.50
C ASN O 257 18.83 -57.94 -50.68
N GLU O 258 19.98 -57.63 -51.27
CA GLU O 258 20.42 -58.31 -52.48
C GLU O 258 20.77 -59.76 -52.19
N LEU O 259 20.18 -60.67 -52.96
CA LEU O 259 20.16 -62.09 -52.63
C LEU O 259 21.20 -62.89 -53.42
N SER O 260 22.03 -62.22 -54.22
CA SER O 260 23.03 -62.90 -55.03
C SER O 260 24.29 -63.27 -54.24
N GLN O 261 24.35 -62.93 -52.95
CA GLN O 261 25.54 -63.22 -52.16
C GLN O 261 25.20 -63.78 -50.78
N ILE O 262 24.02 -64.38 -50.62
CA ILE O 262 23.53 -64.84 -49.33
C ILE O 262 23.44 -66.36 -49.27
N LEU O 263 23.83 -67.07 -50.32
CA LEU O 263 23.71 -68.52 -50.36
C LEU O 263 24.78 -69.10 -51.27
N THR O 264 25.15 -70.34 -50.99
CA THR O 264 26.30 -71.00 -51.59
C THR O 264 25.81 -72.04 -52.59
N VAL O 265 26.24 -71.91 -53.84
CA VAL O 265 26.08 -72.96 -54.84
C VAL O 265 27.17 -74.00 -54.64
N ASP O 266 26.78 -75.25 -54.41
CA ASP O 266 27.73 -76.28 -54.04
C ASP O 266 27.38 -77.58 -54.76
N PRO O 267 28.27 -78.10 -55.59
CA PRO O 267 27.91 -79.22 -56.49
C PRO O 267 27.86 -80.60 -55.82
N LYS O 268 28.09 -80.72 -54.53
CA LYS O 268 28.02 -82.03 -53.88
C LYS O 268 26.85 -82.09 -52.90
N THR O 269 26.28 -83.29 -52.80
CA THR O 269 25.34 -83.74 -51.77
C THR O 269 24.08 -82.89 -51.66
N SER O 270 23.94 -81.89 -52.52
CA SER O 270 22.77 -81.02 -52.52
C SER O 270 22.72 -80.27 -53.84
N LEU O 271 21.83 -79.28 -53.93
CA LEU O 271 21.75 -78.39 -55.07
C LEU O 271 22.03 -76.95 -54.69
N ARG O 272 21.33 -76.40 -53.71
CA ARG O 272 21.48 -75.01 -53.30
C ARG O 272 21.34 -74.95 -51.77
N ILE O 273 22.13 -74.09 -51.14
CA ILE O 273 22.09 -73.95 -49.69
C ILE O 273 22.59 -72.55 -49.34
N VAL O 274 22.10 -72.02 -48.21
CA VAL O 274 22.60 -70.75 -47.71
C VAL O 274 24.06 -70.89 -47.28
N LYS O 275 24.78 -69.78 -47.30
CA LYS O 275 26.18 -69.80 -46.89
C LYS O 275 26.24 -70.01 -45.38
N PRO O 276 26.94 -71.03 -44.90
CA PRO O 276 26.93 -71.30 -43.44
C PRO O 276 27.68 -70.27 -42.62
N THR O 277 28.49 -69.39 -43.24
CA THR O 277 29.22 -68.38 -42.51
C THR O 277 28.47 -67.05 -42.41
N VAL O 278 27.14 -67.08 -42.42
CA VAL O 278 26.32 -65.88 -42.46
C VAL O 278 25.70 -65.66 -41.09
N SER O 279 25.89 -64.46 -40.54
CA SER O 279 25.25 -64.06 -39.29
C SER O 279 23.95 -63.36 -39.63
N LEU O 280 22.81 -63.97 -39.27
CA LEU O 280 21.52 -63.47 -39.70
C LEU O 280 20.55 -63.43 -38.52
N THR O 281 19.65 -62.45 -38.56
CA THR O 281 18.51 -62.39 -37.65
C THR O 281 17.22 -62.25 -38.44
N ILE O 282 16.11 -61.98 -37.75
CA ILE O 282 14.85 -61.75 -38.43
C ILE O 282 14.77 -60.29 -38.86
N ASN O 283 13.88 -60.01 -39.81
CA ASN O 283 13.63 -58.64 -40.26
C ASN O 283 12.18 -58.26 -40.00
N LEU O 284 11.98 -56.99 -39.65
CA LEU O 284 10.66 -56.50 -39.24
C LEU O 284 9.82 -56.11 -40.44
N ASP O 285 10.44 -55.76 -41.56
CA ASP O 285 9.74 -55.02 -42.61
C ASP O 285 8.73 -55.91 -43.33
N ARG O 286 9.16 -57.09 -43.78
CA ARG O 286 8.25 -57.97 -44.51
C ARG O 286 7.21 -58.59 -43.59
N PHE O 287 7.50 -58.67 -42.28
CA PHE O 287 6.44 -58.91 -41.30
C PHE O 287 5.50 -57.72 -41.25
N MET O 288 6.06 -56.49 -41.25
CA MET O 288 5.23 -55.29 -41.15
C MET O 288 4.46 -55.06 -42.44
N LYS O 289 5.07 -55.39 -43.59
CA LYS O 289 4.34 -55.31 -44.85
C LYS O 289 3.30 -56.42 -44.96
N GLY O 290 3.59 -57.60 -44.38
CA GLY O 290 2.60 -58.65 -44.37
C GLY O 290 1.46 -58.36 -43.41
N ARG O 291 1.74 -57.60 -42.35
CA ARG O 291 0.70 -57.24 -41.39
C ARG O 291 -0.21 -56.17 -41.97
N ARG O 292 0.36 -55.20 -42.69
CA ARG O 292 -0.45 -54.19 -43.37
C ARG O 292 -1.33 -54.84 -44.43
N SER O 293 -0.82 -55.85 -45.12
CA SER O 293 -1.64 -56.59 -46.07
C SER O 293 -2.71 -57.41 -45.35
N LYS O 294 -2.37 -57.97 -44.19
CA LYS O 294 -3.37 -58.62 -43.35
C LYS O 294 -4.35 -57.59 -42.80
N GLN O 295 -3.91 -56.35 -42.62
CA GLN O 295 -4.78 -55.30 -42.08
C GLN O 295 -5.84 -54.89 -43.10
N LEU O 296 -5.55 -55.01 -44.39
CA LEU O 296 -6.35 -54.38 -45.44
C LEU O 296 -7.35 -55.34 -46.06
N ILE O 297 -7.16 -56.65 -45.88
CA ILE O 297 -8.15 -57.62 -46.37
C ILE O 297 -9.41 -57.59 -45.50
N ASN O 298 -9.30 -57.09 -44.26
CA ASN O 298 -10.47 -56.97 -43.41
C ASN O 298 -11.37 -55.83 -43.82
N LEU O 299 -10.85 -54.84 -44.56
CA LEU O 299 -11.70 -53.83 -45.15
C LEU O 299 -12.50 -54.39 -46.32
N ALA O 300 -11.99 -55.45 -46.96
CA ALA O 300 -12.72 -56.07 -48.07
C ALA O 300 -13.94 -56.83 -47.56
N LYS O 301 -13.78 -57.59 -46.48
CA LYS O 301 -14.88 -58.40 -45.96
C LYS O 301 -16.04 -57.54 -45.46
N THR O 302 -15.82 -56.24 -45.27
CA THR O 302 -16.89 -55.32 -44.91
C THR O 302 -17.56 -54.72 -46.15
N ARG O 303 -16.77 -54.32 -47.14
CA ARG O 303 -17.29 -53.65 -48.33
C ARG O 303 -17.84 -54.64 -49.36
N VAL O 304 -17.66 -55.94 -49.15
CA VAL O 304 -18.24 -56.98 -50.00
C VAL O 304 -18.58 -58.15 -49.10
N GLY O 305 -19.11 -59.23 -49.67
CA GLY O 305 -19.47 -60.39 -48.86
C GLY O 305 -18.26 -61.23 -48.50
N SER O 306 -18.34 -62.55 -48.70
CA SER O 306 -17.21 -63.42 -48.44
C SER O 306 -16.74 -64.20 -49.66
N VAL O 307 -17.49 -64.18 -50.77
CA VAL O 307 -17.00 -64.74 -52.02
C VAL O 307 -15.84 -63.90 -52.55
N THR O 308 -16.09 -62.61 -52.79
CA THR O 308 -15.06 -61.72 -53.30
C THR O 308 -13.98 -61.45 -52.25
N ALA O 309 -14.34 -61.52 -50.96
CA ALA O 309 -13.34 -61.47 -49.91
C ALA O 309 -12.39 -62.67 -49.99
N GLN O 310 -12.89 -63.83 -50.40
CA GLN O 310 -12.00 -64.96 -50.65
C GLN O 310 -11.19 -64.76 -51.92
N VAL O 311 -11.73 -64.04 -52.90
CA VAL O 311 -10.99 -63.81 -54.14
C VAL O 311 -9.79 -62.91 -53.88
N TYR O 312 -9.97 -61.88 -53.06
CA TYR O 312 -8.95 -60.84 -52.91
C TYR O 312 -7.74 -61.33 -52.15
N LYS O 313 -7.88 -62.40 -51.37
CA LYS O 313 -6.76 -62.89 -50.55
C LYS O 313 -5.61 -63.39 -51.43
N ILE O 314 -5.92 -64.00 -52.57
CA ILE O 314 -4.90 -64.73 -53.32
C ILE O 314 -3.97 -63.74 -54.02
N ALA O 315 -4.54 -62.75 -54.71
CA ALA O 315 -3.71 -61.74 -55.35
C ALA O 315 -3.02 -60.84 -54.35
N LEU O 316 -3.56 -60.74 -53.14
CA LEU O 316 -2.92 -59.97 -52.08
C LEU O 316 -1.64 -60.66 -51.60
N ARG O 317 -1.74 -61.94 -51.24
CA ARG O 317 -0.64 -62.62 -50.57
C ARG O 317 0.57 -62.79 -51.48
N LEU O 318 0.36 -62.84 -52.80
CA LEU O 318 1.45 -63.10 -53.72
C LEU O 318 2.35 -61.90 -53.94
N THR O 319 1.85 -60.69 -53.69
CA THR O 319 2.65 -59.49 -53.88
C THR O 319 3.37 -59.05 -52.61
N GLU O 320 3.30 -59.85 -51.54
CA GLU O 320 3.85 -59.44 -50.26
C GLU O 320 5.37 -59.54 -50.24
N GLN O 321 5.95 -60.52 -50.94
CA GLN O 321 7.39 -60.73 -50.88
C GLN O 321 8.16 -59.61 -51.56
N LYS O 322 7.54 -58.95 -52.55
CA LYS O 322 8.05 -57.69 -53.10
C LYS O 322 6.90 -56.69 -53.15
N SER O 323 6.77 -55.91 -52.09
CA SER O 323 5.85 -54.78 -52.02
C SER O 323 6.65 -53.52 -51.75
N PRO O 324 6.08 -52.34 -52.01
CA PRO O 324 6.78 -51.09 -51.66
C PRO O 324 6.93 -50.96 -50.15
N LYS O 325 7.87 -50.12 -49.76
CA LYS O 325 8.25 -50.02 -48.36
C LYS O 325 7.19 -49.29 -47.55
N ILE O 326 6.88 -49.82 -46.36
CA ILE O 326 5.88 -49.18 -45.51
C ILE O 326 6.50 -48.00 -44.76
N ARG O 327 7.64 -48.21 -44.12
CA ARG O 327 8.19 -47.22 -43.19
C ARG O 327 8.88 -46.08 -43.93
N ASP O 328 9.26 -46.30 -45.20
CA ASP O 328 9.87 -45.31 -46.08
C ASP O 328 11.12 -44.68 -45.48
N PRO O 329 12.26 -45.38 -45.48
CA PRO O 329 13.51 -44.78 -45.00
C PRO O 329 13.98 -43.59 -45.83
N LEU O 330 13.37 -43.32 -46.98
CA LEU O 330 13.58 -42.04 -47.65
C LEU O 330 13.08 -40.87 -46.81
N THR O 331 11.89 -41.00 -46.22
CA THR O 331 11.22 -39.86 -45.61
C THR O 331 11.53 -39.71 -44.13
N GLN O 332 12.42 -40.53 -43.57
CA GLN O 332 12.71 -40.51 -42.14
C GLN O 332 13.31 -39.18 -41.70
N THR O 333 14.52 -38.89 -42.18
CA THR O 333 15.22 -37.67 -41.78
C THR O 333 16.10 -37.19 -42.94
N GLY O 334 15.97 -35.91 -43.27
CA GLY O 334 16.64 -35.35 -44.43
C GLY O 334 15.99 -34.09 -44.95
N LEU O 335 15.79 -34.01 -46.26
CA LEU O 335 15.22 -32.81 -46.88
C LEU O 335 13.71 -32.94 -47.07
N LEU O 336 12.99 -33.26 -46.01
CA LEU O 336 11.54 -33.22 -46.02
C LEU O 336 11.00 -31.82 -45.70
N GLN O 337 11.88 -30.87 -45.43
CA GLN O 337 11.45 -29.52 -45.05
C GLN O 337 10.88 -28.76 -46.25
N ASP O 338 11.58 -28.78 -47.38
CA ASP O 338 11.19 -27.98 -48.53
C ASP O 338 10.32 -28.79 -49.50
N LEU O 339 9.31 -28.13 -50.04
CA LEU O 339 8.27 -28.84 -50.80
C LEU O 339 8.80 -29.35 -52.14
N GLU O 340 9.69 -28.59 -52.77
CA GLU O 340 10.23 -28.98 -54.07
C GLU O 340 11.10 -30.23 -53.98
N GLU O 341 11.60 -30.57 -52.79
CA GLU O 341 12.11 -31.91 -52.54
C GLU O 341 11.05 -32.84 -51.96
N ALA O 342 10.15 -32.31 -51.13
CA ALA O 342 9.14 -33.17 -50.51
C ALA O 342 8.10 -33.68 -51.51
N LYS O 343 7.90 -32.97 -52.62
CA LYS O 343 7.10 -33.50 -53.71
C LYS O 343 7.72 -34.76 -54.29
N SER O 344 9.04 -34.76 -54.49
CA SER O 344 9.74 -35.87 -55.11
C SER O 344 9.78 -37.12 -54.24
N PHE O 345 9.45 -37.02 -52.95
CA PHE O 345 9.37 -38.21 -52.12
C PHE O 345 8.15 -39.08 -52.43
N GLN O 346 7.16 -38.55 -53.16
CA GLN O 346 6.08 -39.39 -53.67
C GLN O 346 5.87 -39.26 -55.17
N ASP O 347 6.54 -38.32 -55.85
CA ASP O 347 6.44 -38.24 -57.30
C ASP O 347 7.07 -39.47 -57.95
N GLU O 348 8.36 -39.70 -57.67
CA GLU O 348 9.03 -40.89 -58.18
C GLU O 348 8.59 -42.14 -57.45
N ALA O 349 8.14 -42.01 -56.20
CA ALA O 349 7.72 -43.18 -55.43
C ALA O 349 6.42 -43.75 -55.96
N GLU O 350 5.51 -42.90 -56.45
CA GLU O 350 4.35 -43.41 -57.18
C GLU O 350 4.76 -43.99 -58.52
N LEU O 351 5.76 -43.38 -59.17
CA LEU O 351 6.30 -43.96 -60.39
C LEU O 351 7.09 -45.23 -60.12
N VAL O 352 7.64 -45.38 -58.91
CA VAL O 352 8.15 -46.68 -58.48
C VAL O 352 7.02 -47.69 -58.43
N GLU O 353 5.89 -47.32 -57.84
CA GLU O 353 4.79 -48.27 -57.66
C GLU O 353 4.11 -48.58 -58.99
N GLU O 354 4.05 -47.60 -59.90
CA GLU O 354 3.38 -47.81 -61.17
C GLU O 354 4.25 -48.57 -62.17
N LYS O 355 5.55 -48.28 -62.18
CA LYS O 355 6.49 -48.90 -63.12
C LYS O 355 7.39 -49.92 -62.42
N THR O 356 6.82 -50.66 -61.48
CA THR O 356 7.46 -51.87 -60.96
C THR O 356 6.87 -53.10 -61.64
N PRO O 357 7.70 -53.96 -62.22
CA PRO O 357 7.16 -55.10 -62.99
C PRO O 357 6.66 -56.24 -62.12
N GLY O 358 7.22 -56.41 -60.93
CA GLY O 358 7.00 -57.62 -60.18
C GLY O 358 5.79 -57.64 -59.26
N LEU O 359 4.83 -56.74 -59.49
CA LEU O 359 3.57 -56.80 -58.77
C LEU O 359 2.33 -56.61 -59.66
N THR O 360 2.47 -56.02 -60.84
CA THR O 360 1.34 -55.76 -61.73
C THR O 360 0.93 -57.07 -62.39
N PHE O 361 0.06 -57.80 -61.73
CA PHE O 361 -0.30 -59.13 -62.19
C PHE O 361 -1.21 -59.06 -63.42
N ASN O 362 -1.19 -60.13 -64.22
CA ASN O 362 -1.84 -60.15 -65.51
C ASN O 362 -3.34 -60.41 -65.41
N ALA O 363 -3.84 -60.75 -64.23
CA ALA O 363 -5.22 -61.17 -63.99
C ALA O 363 -5.58 -62.44 -64.75
N ILE O 364 -4.57 -63.24 -65.11
CA ILE O 364 -4.78 -64.49 -65.83
C ILE O 364 -4.33 -65.69 -64.99
N ASP O 365 -3.20 -65.58 -64.31
CA ASP O 365 -2.61 -66.66 -63.54
C ASP O 365 -3.25 -66.80 -62.16
N LEU O 366 -4.32 -66.05 -61.87
CA LEU O 366 -4.99 -66.16 -60.58
C LEU O 366 -5.86 -67.41 -60.48
N ALA O 367 -6.33 -67.96 -61.60
CA ALA O 367 -7.23 -69.11 -61.52
C ALA O 367 -6.50 -70.37 -61.07
N ARG O 368 -5.23 -70.53 -61.44
CA ARG O 368 -4.47 -71.69 -61.00
C ARG O 368 -4.08 -71.62 -59.53
N HIS O 369 -4.03 -70.41 -58.96
CA HIS O 369 -3.66 -70.25 -57.55
C HIS O 369 -4.83 -70.53 -56.62
N LEU O 370 -6.06 -70.32 -57.08
CA LEU O 370 -7.23 -70.61 -56.27
C LEU O 370 -7.57 -72.09 -56.36
N PRO O 371 -7.63 -72.82 -55.23
CA PRO O 371 -8.06 -74.21 -55.20
C PRO O 371 -9.57 -74.36 -55.39
N SER O 449 -10.95 -69.78 -64.65
CA SER O 449 -12.21 -69.19 -65.07
C SER O 449 -12.05 -67.71 -65.36
N ALA O 450 -11.38 -67.40 -66.48
CA ALA O 450 -10.98 -66.02 -66.77
C ALA O 450 -12.17 -65.09 -66.93
N SER O 451 -13.38 -65.62 -67.13
CA SER O 451 -14.59 -64.83 -66.96
C SER O 451 -14.79 -64.43 -65.50
N LEU O 452 -14.91 -65.42 -64.61
CA LEU O 452 -15.14 -65.12 -63.20
C LEU O 452 -13.91 -64.55 -62.51
N ILE O 453 -12.72 -64.77 -63.06
CA ILE O 453 -11.52 -64.10 -62.56
C ILE O 453 -11.60 -62.60 -62.82
N ASN O 454 -12.06 -62.21 -64.01
CA ASN O 454 -12.24 -60.79 -64.32
C ASN O 454 -13.51 -60.23 -63.70
N SER O 455 -14.56 -61.05 -63.56
CA SER O 455 -15.85 -60.54 -63.10
C SER O 455 -15.84 -60.27 -61.60
N HIS O 456 -15.28 -61.20 -60.81
CA HIS O 456 -15.16 -60.98 -59.37
C HIS O 456 -14.10 -59.93 -59.04
N LEU O 457 -13.21 -59.61 -59.98
CA LEU O 457 -12.29 -58.49 -59.85
C LEU O 457 -12.86 -57.20 -60.43
N LYS O 458 -13.93 -57.28 -61.24
CA LYS O 458 -14.55 -56.07 -61.78
C LYS O 458 -15.26 -55.27 -60.68
N ILE O 459 -15.74 -55.93 -59.63
CA ILE O 459 -16.39 -55.23 -58.54
C ILE O 459 -15.39 -54.49 -57.67
N LEU O 460 -14.10 -54.85 -57.73
CA LEU O 460 -13.08 -54.12 -56.99
C LEU O 460 -12.89 -52.71 -57.55
N ALA O 461 -12.83 -52.58 -58.89
CA ALA O 461 -12.68 -51.26 -59.49
C ALA O 461 -13.95 -50.42 -59.35
N SER O 462 -15.12 -51.07 -59.27
CA SER O 462 -16.37 -50.32 -59.21
C SER O 462 -16.60 -49.69 -57.84
N SER O 463 -16.11 -50.33 -56.78
CA SER O 463 -16.20 -49.75 -55.45
C SER O 463 -15.29 -48.53 -55.34
N ASN O 464 -15.75 -47.52 -54.60
CA ASN O 464 -15.11 -46.22 -54.54
C ASN O 464 -13.91 -46.17 -53.61
N PHE O 465 -13.39 -47.33 -53.20
CA PHE O 465 -12.14 -47.40 -52.44
C PHE O 465 -11.04 -47.84 -53.39
N PRO O 466 -10.04 -47.01 -53.67
CA PRO O 466 -9.14 -47.24 -54.82
C PRO O 466 -8.11 -48.33 -54.56
N PHE O 467 -8.59 -49.57 -54.44
CA PHE O 467 -7.75 -50.76 -54.54
C PHE O 467 -8.17 -51.55 -55.77
N LEU O 468 -7.20 -51.92 -56.60
CA LEU O 468 -7.44 -52.43 -57.94
C LEU O 468 -8.34 -51.50 -58.75
N ASN O 469 -8.00 -50.21 -58.74
CA ASN O 469 -8.76 -49.21 -59.49
C ASN O 469 -7.98 -48.67 -60.68
N GLU O 470 -6.80 -48.09 -60.44
CA GLU O 470 -6.04 -47.44 -61.50
C GLU O 470 -5.00 -48.41 -62.05
N THR O 471 -4.80 -48.36 -63.36
CA THR O 471 -4.11 -49.45 -64.06
C THR O 471 -3.86 -49.01 -65.50
N LYS O 472 -3.40 -49.95 -66.32
CA LYS O 472 -3.34 -50.22 -67.75
C LYS O 472 -4.39 -51.28 -68.10
N PRO O 473 -5.04 -51.19 -69.27
CA PRO O 473 -6.06 -52.19 -69.61
C PRO O 473 -5.47 -53.57 -69.81
N GLY O 474 -6.03 -54.55 -69.10
CA GLY O 474 -5.60 -55.93 -69.18
C GLY O 474 -4.69 -56.39 -68.08
N VAL O 475 -3.78 -55.51 -67.63
CA VAL O 475 -2.86 -55.80 -66.54
C VAL O 475 -3.17 -54.85 -65.38
N TYR O 476 -3.73 -55.39 -64.30
CA TYR O 476 -4.25 -54.56 -63.21
C TYR O 476 -3.41 -54.78 -61.96
N TYR O 477 -3.39 -53.76 -61.10
CA TYR O 477 -2.57 -53.79 -59.90
C TYR O 477 -3.21 -52.89 -58.85
N VAL O 478 -2.87 -53.14 -57.59
CA VAL O 478 -3.40 -52.38 -56.46
C VAL O 478 -2.43 -51.25 -56.14
N PRO O 479 -2.86 -49.99 -56.23
CA PRO O 479 -2.01 -48.89 -55.77
C PRO O 479 -1.98 -48.83 -54.25
N TYR O 480 -0.91 -48.21 -53.75
CA TYR O 480 -0.70 -48.09 -52.30
C TYR O 480 -0.76 -46.64 -51.81
N SER O 481 0.00 -45.75 -52.43
CA SER O 481 0.21 -44.41 -51.87
C SER O 481 -1.06 -43.57 -51.82
N LYS O 482 -2.07 -43.90 -52.62
CA LYS O 482 -3.37 -43.25 -52.56
C LYS O 482 -4.46 -44.16 -51.99
N LEU O 483 -4.07 -45.17 -51.23
CA LEU O 483 -5.04 -46.07 -50.58
C LEU O 483 -4.98 -46.00 -49.08
N MET O 484 -3.81 -46.22 -48.47
CA MET O 484 -3.68 -46.25 -47.02
C MET O 484 -4.04 -44.95 -46.30
N PRO O 485 -4.02 -43.77 -46.95
CA PRO O 485 -4.70 -42.63 -46.34
C PRO O 485 -6.21 -42.80 -46.20
N VAL O 486 -6.82 -43.67 -46.99
CA VAL O 486 -8.27 -43.89 -46.85
C VAL O 486 -8.57 -44.99 -45.84
N LEU O 487 -7.64 -45.93 -45.65
CA LEU O 487 -7.82 -46.95 -44.61
C LEU O 487 -7.76 -46.32 -43.22
N LYS O 488 -6.81 -45.39 -42.99
CA LYS O 488 -6.62 -44.84 -41.66
C LYS O 488 -7.81 -44.00 -41.21
N SER O 489 -8.45 -43.29 -42.14
CA SER O 489 -9.64 -42.54 -41.80
C SER O 489 -10.89 -43.40 -41.70
N SER O 490 -10.88 -44.59 -42.29
CA SER O 490 -12.04 -45.47 -42.19
C SER O 490 -12.05 -46.23 -40.87
N VAL O 491 -10.90 -46.70 -40.42
CA VAL O 491 -10.83 -47.43 -39.16
C VAL O 491 -11.03 -46.49 -37.97
N TYR O 492 -10.58 -45.24 -38.09
CA TYR O 492 -10.66 -44.33 -36.95
C TYR O 492 -12.09 -43.88 -36.67
N GLU O 493 -12.87 -43.65 -37.73
CA GLU O 493 -14.25 -43.20 -37.55
C GLU O 493 -15.14 -44.30 -36.99
N TYR O 494 -14.79 -45.56 -37.24
CA TYR O 494 -15.54 -46.67 -36.67
C TYR O 494 -15.21 -46.89 -35.19
N VAL O 495 -14.00 -46.50 -34.76
CA VAL O 495 -13.66 -46.56 -33.35
C VAL O 495 -14.52 -45.57 -32.56
N ILE O 496 -14.70 -44.37 -33.09
CA ILE O 496 -15.61 -43.39 -32.48
C ILE O 496 -17.03 -43.94 -32.42
N ALA O 497 -17.49 -44.56 -33.52
CA ALA O 497 -18.82 -45.15 -33.52
C ALA O 497 -18.94 -46.37 -32.62
N SER O 498 -17.82 -47.03 -32.31
CA SER O 498 -17.89 -48.23 -31.49
C SER O 498 -17.92 -47.90 -29.99
N THR O 499 -17.08 -46.98 -29.54
CA THR O 499 -16.96 -46.73 -28.11
C THR O 499 -17.89 -45.61 -27.62
N LEU O 500 -18.25 -44.66 -28.48
CA LEU O 500 -19.29 -43.70 -28.14
C LEU O 500 -20.35 -43.66 -29.24
N GLY O 501 -21.26 -42.69 -29.15
CA GLY O 501 -22.52 -42.74 -29.85
C GLY O 501 -22.42 -42.71 -31.36
N PRO O 502 -23.43 -43.28 -32.03
CA PRO O 502 -23.51 -43.17 -33.50
C PRO O 502 -23.83 -41.77 -33.99
N SER O 503 -24.25 -40.86 -33.11
CA SER O 503 -24.39 -39.46 -33.51
C SER O 503 -23.03 -38.83 -33.82
N ALA O 504 -21.97 -39.30 -33.17
CA ALA O 504 -20.64 -38.76 -33.46
C ALA O 504 -20.12 -39.25 -34.80
N MET O 505 -20.50 -40.47 -35.22
CA MET O 505 -20.19 -40.92 -36.57
C MET O 505 -20.85 -40.04 -37.61
N ARG O 506 -22.05 -39.53 -37.33
CA ARG O 506 -22.72 -38.62 -38.24
C ARG O 506 -22.03 -37.27 -38.29
N LEU O 507 -21.63 -36.76 -37.12
CA LEU O 507 -21.04 -35.41 -37.05
C LEU O 507 -19.62 -35.39 -37.61
N SER O 508 -18.83 -36.44 -37.33
CA SER O 508 -17.45 -36.45 -37.77
C SER O 508 -17.34 -36.62 -39.28
N ARG O 509 -18.26 -37.35 -39.90
CA ARG O 509 -18.33 -37.38 -41.35
C ARG O 509 -18.84 -36.07 -41.92
N CYS O 510 -19.69 -35.36 -41.16
CA CYS O 510 -20.31 -34.15 -41.68
C CYS O 510 -19.29 -33.02 -41.81
N ILE O 511 -18.47 -32.83 -40.78
CA ILE O 511 -17.46 -31.78 -40.82
C ILE O 511 -16.28 -32.18 -41.69
N ARG O 512 -16.16 -33.47 -42.03
CA ARG O 512 -15.07 -33.94 -42.86
C ARG O 512 -15.18 -33.39 -44.28
N ASP O 513 -16.27 -33.74 -44.98
CA ASP O 513 -16.41 -33.32 -46.37
C ASP O 513 -16.89 -31.87 -46.50
N ASN O 514 -17.66 -31.38 -45.54
CA ASN O 514 -18.09 -29.98 -45.53
C ASN O 514 -17.02 -29.16 -44.84
N LYS O 515 -16.25 -28.41 -45.63
CA LYS O 515 -15.11 -27.67 -45.09
C LYS O 515 -15.57 -26.45 -44.30
N LEU O 516 -15.07 -26.33 -43.07
CA LEU O 516 -15.31 -25.20 -42.18
C LEU O 516 -16.80 -24.96 -41.96
N VAL O 517 -17.42 -25.90 -41.24
CA VAL O 517 -18.83 -25.80 -40.96
C VAL O 517 -19.05 -24.80 -39.84
N SER O 518 -20.21 -24.14 -39.86
CA SER O 518 -20.67 -23.37 -38.71
C SER O 518 -21.84 -24.10 -38.04
N GLU O 519 -22.45 -23.44 -37.05
CA GLU O 519 -23.46 -24.11 -36.24
C GLU O 519 -24.86 -24.01 -36.82
N LYS O 520 -25.05 -23.22 -37.88
CA LYS O 520 -26.33 -23.15 -38.56
C LYS O 520 -26.43 -24.11 -39.74
N ILE O 521 -25.36 -24.20 -40.53
CA ILE O 521 -25.28 -25.16 -41.63
C ILE O 521 -25.16 -26.60 -41.13
N ILE O 522 -24.67 -26.80 -39.90
CA ILE O 522 -24.59 -28.15 -39.34
C ILE O 522 -25.98 -28.73 -39.11
N ASN O 523 -27.01 -27.88 -38.99
CA ASN O 523 -28.39 -28.32 -38.92
C ASN O 523 -29.09 -28.26 -40.27
N SER O 524 -28.49 -27.60 -41.26
CA SER O 524 -28.93 -27.75 -42.64
C SER O 524 -28.41 -29.04 -43.26
N THR O 525 -27.14 -29.38 -43.01
CA THR O 525 -26.52 -30.53 -43.64
C THR O 525 -26.94 -31.82 -42.96
N ALA O 526 -26.77 -31.89 -41.63
CA ALA O 526 -27.26 -32.99 -40.83
C ALA O 526 -28.62 -32.64 -40.24
N LEU O 527 -29.31 -33.65 -39.71
CA LEU O 527 -30.65 -33.50 -39.14
C LEU O 527 -30.69 -34.20 -37.79
N MET O 528 -30.46 -33.43 -36.72
CA MET O 528 -30.75 -33.85 -35.35
C MET O 528 -31.39 -32.67 -34.63
N LYS O 529 -31.98 -32.95 -33.47
CA LYS O 529 -32.52 -31.87 -32.66
C LYS O 529 -31.37 -31.08 -32.01
N GLU O 530 -31.68 -29.84 -31.64
CA GLU O 530 -30.62 -28.91 -31.26
C GLU O 530 -30.03 -29.25 -29.90
N LYS O 531 -30.85 -29.78 -28.98
CA LYS O 531 -30.34 -30.15 -27.66
C LYS O 531 -29.41 -31.36 -27.71
N ASP O 532 -29.57 -32.24 -28.71
CA ASP O 532 -28.76 -33.44 -28.76
C ASP O 532 -27.40 -33.22 -29.42
N ILE O 533 -27.24 -32.16 -30.22
CA ILE O 533 -25.96 -31.95 -30.88
C ILE O 533 -24.92 -31.35 -29.95
N ARG O 534 -25.34 -30.65 -28.89
CA ARG O 534 -24.40 -30.21 -27.88
C ARG O 534 -23.86 -31.38 -27.07
N SER O 535 -24.70 -32.39 -26.81
CA SER O 535 -24.31 -33.55 -26.03
C SER O 535 -23.52 -34.57 -26.83
N THR O 536 -23.19 -34.27 -28.09
CA THR O 536 -22.33 -35.12 -28.89
C THR O 536 -21.11 -34.40 -29.43
N LEU O 537 -21.25 -33.12 -29.78
CA LEU O 537 -20.10 -32.34 -30.25
C LEU O 537 -19.13 -32.04 -29.12
N ALA O 538 -19.65 -31.77 -27.92
CA ALA O 538 -18.80 -31.48 -26.76
C ALA O 538 -18.01 -32.69 -26.28
N SER O 539 -18.34 -33.89 -26.75
CA SER O 539 -17.48 -35.04 -26.56
C SER O 539 -16.39 -35.15 -27.62
N LEU O 540 -16.32 -34.22 -28.57
CA LEU O 540 -15.30 -34.25 -29.60
C LEU O 540 -14.28 -33.13 -29.51
N ILE O 541 -14.57 -32.07 -28.76
CA ILE O 541 -13.52 -31.12 -28.40
C ILE O 541 -12.61 -31.72 -27.34
N ARG O 542 -13.17 -32.55 -26.46
CA ARG O 542 -12.40 -33.15 -25.37
C ARG O 542 -11.36 -34.13 -25.89
N TYR O 543 -11.59 -34.74 -27.05
CA TYR O 543 -10.72 -35.77 -27.59
C TYR O 543 -10.04 -35.34 -28.88
N ASN O 544 -10.30 -34.11 -29.35
CA ASN O 544 -9.66 -33.53 -30.53
C ASN O 544 -9.90 -34.36 -31.79
N SER O 545 -11.18 -34.42 -32.18
CA SER O 545 -11.52 -34.72 -33.57
C SER O 545 -12.14 -33.54 -34.29
N VAL O 546 -12.67 -32.55 -33.55
CA VAL O 546 -13.03 -31.26 -34.09
C VAL O 546 -12.14 -30.21 -33.46
N GLU O 547 -12.12 -29.02 -34.07
CA GLU O 547 -11.40 -27.90 -33.50
C GLU O 547 -12.25 -26.64 -33.49
N ILE O 548 -11.65 -25.51 -33.12
CA ILE O 548 -12.32 -24.22 -33.10
C ILE O 548 -11.58 -23.26 -34.00
N GLN O 549 -12.33 -22.50 -34.80
CA GLN O 549 -11.77 -21.38 -35.55
C GLN O 549 -12.63 -20.14 -35.28
N GLU O 550 -11.97 -19.05 -34.89
CA GLU O 550 -12.64 -17.89 -34.35
C GLU O 550 -12.48 -16.70 -35.29
N VAL O 551 -13.50 -15.86 -35.36
CA VAL O 551 -13.43 -14.59 -36.08
C VAL O 551 -13.81 -13.47 -35.12
N PRO O 552 -12.90 -12.56 -34.79
CA PRO O 552 -13.24 -11.44 -33.90
C PRO O 552 -13.95 -10.33 -34.64
N ARG O 553 -15.26 -10.22 -34.43
CA ARG O 553 -16.04 -9.19 -35.10
C ARG O 553 -16.05 -7.86 -34.34
N THR O 554 -15.47 -7.82 -33.15
CA THR O 554 -15.28 -6.60 -32.37
C THR O 554 -13.80 -6.37 -32.13
N ALA O 555 -13.49 -5.39 -31.27
CA ALA O 555 -12.12 -5.05 -30.96
C ALA O 555 -11.56 -6.00 -29.90
N ASP O 556 -10.29 -6.37 -30.07
CA ASP O 556 -9.51 -7.11 -29.07
C ASP O 556 -10.12 -8.48 -28.77
N ARG O 557 -10.71 -9.12 -29.77
CA ARG O 557 -10.96 -10.57 -29.75
C ARG O 557 -11.91 -10.97 -28.61
N SER O 558 -12.97 -10.19 -28.42
CA SER O 558 -13.92 -10.47 -27.35
C SER O 558 -14.81 -11.64 -27.71
N ALA O 559 -15.16 -12.45 -26.70
CA ALA O 559 -15.66 -13.80 -26.93
C ALA O 559 -17.16 -13.88 -27.09
N SER O 560 -17.92 -13.03 -26.38
CA SER O 560 -19.37 -13.08 -26.47
C SER O 560 -19.88 -12.48 -27.78
N ARG O 561 -19.17 -11.49 -28.32
CA ARG O 561 -19.45 -10.97 -29.65
C ARG O 561 -18.46 -11.59 -30.65
N ALA O 562 -18.68 -12.89 -30.88
CA ALA O 562 -17.84 -13.66 -31.81
C ALA O 562 -18.53 -14.99 -32.10
N VAL O 563 -18.33 -15.48 -33.32
CA VAL O 563 -18.88 -16.75 -33.76
C VAL O 563 -17.71 -17.68 -34.09
N PHE O 564 -18.00 -18.99 -34.03
CA PHE O 564 -16.98 -20.01 -33.98
C PHE O 564 -17.15 -20.99 -35.14
N LEU O 565 -16.04 -21.41 -35.73
CA LEU O 565 -16.03 -22.30 -36.88
C LEU O 565 -15.26 -23.57 -36.52
N PHE O 566 -15.55 -24.64 -37.27
CA PHE O 566 -15.04 -25.96 -36.98
C PHE O 566 -14.14 -26.45 -38.10
N ARG O 567 -13.39 -27.51 -37.82
CA ARG O 567 -12.45 -28.06 -38.77
C ARG O 567 -12.16 -29.50 -38.38
N CYS O 568 -11.67 -30.28 -39.36
CA CYS O 568 -11.23 -31.65 -39.10
C CYS O 568 -9.78 -31.69 -38.64
N LYS O 569 -8.88 -31.06 -39.40
CA LYS O 569 -7.45 -30.96 -39.07
C LYS O 569 -6.84 -32.36 -38.95
N GLU O 570 -6.65 -32.98 -40.11
CA GLU O 570 -6.59 -34.43 -40.26
C GLU O 570 -5.23 -35.01 -39.88
N THR O 571 -4.44 -34.30 -39.06
CA THR O 571 -3.25 -34.87 -38.44
C THR O 571 -3.31 -34.89 -36.92
N HIS O 572 -3.79 -33.81 -36.30
CA HIS O 572 -3.88 -33.75 -34.84
C HIS O 572 -4.82 -34.80 -34.27
N SER O 573 -5.83 -35.23 -35.04
CA SER O 573 -6.77 -36.21 -34.51
C SER O 573 -6.22 -37.63 -34.50
N TYR O 574 -5.18 -37.90 -35.31
CA TYR O 574 -4.59 -39.22 -35.41
C TYR O 574 -3.36 -39.39 -34.52
N ASN O 575 -2.68 -38.29 -34.19
CA ASN O 575 -1.60 -38.34 -33.21
C ASN O 575 -2.13 -38.64 -31.82
N PHE O 576 -3.21 -37.95 -31.42
CA PHE O 576 -3.80 -38.19 -30.12
C PHE O 576 -4.41 -39.57 -30.02
N MET O 577 -4.94 -40.10 -31.12
CA MET O 577 -5.50 -41.44 -31.12
C MET O 577 -4.41 -42.51 -31.15
N ARG O 578 -3.25 -42.20 -31.73
CA ARG O 578 -2.09 -43.08 -31.60
C ARG O 578 -1.68 -43.25 -30.15
N GLN O 579 -1.40 -42.13 -29.46
CA GLN O 579 -0.87 -42.18 -28.10
C GLN O 579 -1.95 -42.49 -27.07
N ASN O 580 -3.23 -42.42 -27.44
CA ASN O 580 -4.29 -42.95 -26.60
C ASN O 580 -4.25 -44.47 -26.55
N LEU O 581 -3.54 -45.11 -27.48
CA LEU O 581 -3.41 -46.56 -27.52
C LEU O 581 -2.02 -47.04 -27.13
N GLU O 582 -0.99 -46.23 -27.32
CA GLU O 582 0.35 -46.61 -26.86
C GLU O 582 0.41 -46.63 -25.33
N TRP O 583 -0.39 -45.82 -24.66
CA TRP O 583 -0.51 -45.89 -23.21
C TRP O 583 -1.34 -47.09 -22.78
N ASN O 584 -2.46 -47.35 -23.45
CA ASN O 584 -3.33 -48.45 -23.04
C ASN O 584 -2.68 -49.80 -23.29
N MET O 585 -1.78 -49.91 -24.28
CA MET O 585 -0.97 -51.12 -24.39
C MET O 585 -0.06 -51.26 -23.19
N ALA O 586 0.58 -50.17 -22.76
CA ALA O 586 1.56 -50.26 -21.69
C ALA O 586 0.91 -50.30 -20.31
N ASN O 587 -0.31 -49.76 -20.19
CA ASN O 587 -1.01 -49.87 -18.91
C ASN O 587 -1.48 -51.30 -18.68
N LEU O 588 -1.91 -51.99 -19.74
CA LEU O 588 -2.19 -53.42 -19.63
C LEU O 588 -0.90 -54.21 -19.39
N LEU O 589 0.21 -53.74 -19.93
CA LEU O 589 1.51 -54.33 -19.60
C LEU O 589 1.92 -54.04 -18.16
N PHE O 590 1.39 -52.97 -17.56
CA PHE O 590 1.74 -52.68 -16.17
C PHE O 590 1.10 -53.66 -15.22
N LYS O 591 -0.11 -54.14 -15.54
CA LYS O 591 -0.81 -55.12 -14.74
C LYS O 591 -0.43 -56.55 -15.12
N LYS O 592 0.57 -56.73 -15.99
CA LYS O 592 1.11 -58.05 -16.28
C LYS O 592 2.05 -58.52 -15.19
N GLU O 593 3.16 -57.79 -14.98
CA GLU O 593 4.13 -58.20 -13.98
C GLU O 593 3.67 -57.86 -12.57
N LYS O 594 2.87 -56.82 -12.40
CA LYS O 594 2.41 -56.46 -11.06
C LYS O 594 1.42 -57.49 -10.51
N LEU O 595 0.71 -58.20 -11.40
CA LEU O 595 -0.07 -59.35 -10.97
C LEU O 595 0.83 -60.50 -10.53
N LYS O 596 2.00 -60.64 -11.15
CA LYS O 596 2.93 -61.70 -10.82
C LYS O 596 3.80 -61.39 -9.60
N GLN O 597 3.58 -60.25 -8.94
CA GLN O 597 4.30 -59.97 -7.72
C GLN O 597 3.61 -60.54 -6.49
N GLU O 598 2.30 -60.39 -6.39
CA GLU O 598 1.51 -61.22 -5.49
C GLU O 598 1.39 -62.64 -6.05
N ASN O 599 1.19 -63.60 -5.15
CA ASN O 599 1.20 -65.03 -5.50
C ASN O 599 2.51 -65.45 -6.16
N SER O 600 3.62 -64.86 -5.70
CA SER O 600 4.93 -65.20 -6.24
C SER O 600 5.60 -66.35 -5.51
N THR O 601 5.23 -66.59 -4.24
CA THR O 601 5.91 -67.61 -3.47
C THR O 601 5.58 -69.03 -3.94
N LEU O 602 4.47 -69.20 -4.67
CA LEU O 602 4.15 -70.48 -5.30
C LEU O 602 4.46 -70.51 -6.78
N LEU O 603 4.74 -69.36 -7.41
CA LEU O 603 5.34 -69.38 -8.74
C LEU O 603 6.78 -69.86 -8.69
N LYS O 604 7.46 -69.69 -7.56
CA LYS O 604 8.76 -70.32 -7.39
C LYS O 604 8.61 -71.82 -7.13
N LYS O 605 7.56 -72.23 -6.42
CA LYS O 605 7.30 -73.65 -6.23
C LYS O 605 6.84 -74.31 -7.52
N ALA O 606 6.16 -73.57 -8.39
CA ALA O 606 5.87 -74.04 -9.75
C ALA O 606 7.08 -73.96 -10.66
N ASN O 607 8.22 -73.46 -10.19
CA ASN O 607 9.46 -73.45 -10.95
C ASN O 607 10.61 -74.13 -10.23
N ARG O 608 10.37 -74.73 -9.06
CA ARG O 608 11.36 -75.56 -8.40
C ARG O 608 11.10 -77.06 -8.58
N ASP O 609 9.94 -77.43 -9.10
CA ASP O 609 9.60 -78.85 -9.28
C ASP O 609 9.99 -79.38 -10.65
N ASP O 610 10.08 -78.51 -11.65
CA ASP O 610 10.45 -78.92 -13.00
C ASP O 610 11.65 -78.14 -13.50
N LEU O 619 2.46 -80.68 -3.34
CA LEU O 619 1.16 -80.52 -4.00
C LEU O 619 0.04 -80.38 -2.99
N LEU O 620 -0.21 -79.15 -2.56
CA LEU O 620 -1.35 -78.87 -1.69
C LEU O 620 -2.62 -78.85 -2.54
N PRO O 621 -3.63 -79.66 -2.22
CA PRO O 621 -4.78 -79.81 -3.12
C PRO O 621 -5.73 -78.62 -3.12
N SER O 622 -5.57 -77.66 -2.20
CA SER O 622 -6.39 -76.46 -2.21
C SER O 622 -5.65 -75.23 -2.71
N GLU O 623 -4.31 -75.26 -2.72
CA GLU O 623 -3.54 -74.13 -3.19
C GLU O 623 -3.64 -73.96 -4.70
N LEU O 624 -3.96 -75.04 -5.43
CA LEU O 624 -3.96 -75.01 -6.89
C LEU O 624 -5.08 -74.14 -7.45
N ASN O 625 -6.10 -73.85 -6.65
CA ASN O 625 -7.12 -72.90 -7.07
C ASN O 625 -6.53 -71.50 -7.26
N GLN O 626 -5.60 -71.11 -6.39
CA GLN O 626 -5.00 -69.77 -6.43
C GLN O 626 -3.87 -69.66 -7.43
N LEU O 627 -3.70 -70.67 -8.30
CA LEU O 627 -2.77 -70.61 -9.41
C LEU O 627 -3.43 -70.61 -10.78
N LYS O 628 -4.65 -71.17 -10.89
CA LYS O 628 -5.35 -71.18 -12.17
C LYS O 628 -6.17 -69.92 -12.39
N MET O 629 -6.84 -69.42 -11.36
CA MET O 629 -7.69 -68.25 -11.55
C MET O 629 -6.89 -66.97 -11.74
N VAL O 630 -5.61 -66.96 -11.32
CA VAL O 630 -4.72 -65.88 -11.74
C VAL O 630 -4.14 -66.15 -13.13
N ASN O 631 -4.16 -67.39 -13.60
CA ASN O 631 -3.58 -67.74 -14.88
C ASN O 631 -4.61 -67.71 -16.02
N GLU O 632 -5.88 -68.01 -15.72
CA GLU O 632 -6.92 -67.80 -16.72
C GLU O 632 -7.24 -66.33 -16.90
N ARG O 633 -7.01 -65.51 -15.89
CA ARG O 633 -7.33 -64.09 -16.00
C ARG O 633 -6.25 -63.34 -16.77
N GLU O 634 -4.99 -63.74 -16.65
CA GLU O 634 -3.93 -63.20 -17.49
C GLU O 634 -3.93 -63.82 -18.88
N LEU O 635 -4.70 -64.88 -19.10
CA LEU O 635 -4.91 -65.38 -20.46
C LEU O 635 -5.74 -64.40 -21.28
N ASN O 636 -6.61 -63.64 -20.63
CA ASN O 636 -7.39 -62.62 -21.33
C ASN O 636 -6.52 -61.48 -21.80
N VAL O 637 -5.40 -61.22 -21.10
CA VAL O 637 -4.66 -59.98 -21.32
C VAL O 637 -3.93 -60.02 -22.65
N PHE O 638 -3.38 -61.18 -23.01
CA PHE O 638 -2.62 -61.27 -24.27
C PHE O 638 -3.54 -61.23 -25.47
N ALA O 639 -4.80 -61.65 -25.31
CA ALA O 639 -5.77 -61.52 -26.39
C ALA O 639 -6.29 -60.08 -26.49
N ARG O 640 -6.47 -59.42 -25.35
CA ARG O 640 -6.86 -58.01 -25.37
C ARG O 640 -5.75 -57.13 -25.90
N LEU O 641 -4.48 -57.52 -25.69
CA LEU O 641 -3.37 -56.74 -26.21
C LEU O 641 -3.24 -56.91 -27.72
N SER O 642 -3.55 -58.10 -28.25
CA SER O 642 -3.40 -58.34 -29.68
C SER O 642 -4.46 -57.59 -30.47
N ARG O 643 -5.67 -57.50 -29.93
CA ARG O 643 -6.72 -56.75 -30.63
C ARG O 643 -6.43 -55.26 -30.62
N LEU O 644 -5.90 -54.74 -29.51
CA LEU O 644 -5.54 -53.33 -29.45
C LEU O 644 -4.31 -53.04 -30.31
N LEU O 645 -3.40 -54.01 -30.44
CA LEU O 645 -2.24 -53.84 -31.30
C LEU O 645 -2.64 -53.80 -32.76
N SER O 646 -3.69 -54.55 -33.14
CA SER O 646 -4.29 -54.40 -34.45
C SER O 646 -4.94 -53.05 -34.63
N LEU O 647 -5.49 -52.48 -33.55
CA LEU O 647 -6.07 -51.14 -33.61
C LEU O 647 -5.02 -50.04 -33.66
N TRP O 648 -3.80 -50.32 -33.22
CA TRP O 648 -2.76 -49.30 -33.13
C TRP O 648 -1.91 -49.21 -34.39
N GLU O 649 -1.52 -50.36 -34.94
CA GLU O 649 -0.51 -50.41 -35.99
C GLU O 649 -0.99 -49.79 -37.30
N VAL O 650 -2.28 -49.50 -37.43
CA VAL O 650 -2.77 -48.83 -38.64
C VAL O 650 -2.22 -47.42 -38.73
N PHE O 651 -1.90 -46.80 -37.58
CA PHE O 651 -1.45 -45.42 -37.53
C PHE O 651 0.06 -45.29 -37.72
N GLN O 652 0.72 -46.32 -38.23
CA GLN O 652 2.15 -46.28 -38.50
C GLN O 652 2.46 -46.18 -40.00
N MET O 653 1.45 -46.11 -40.85
CA MET O 653 1.66 -45.99 -42.30
C MET O 653 1.78 -44.52 -42.71
N ALA O 654 2.80 -43.86 -42.16
CA ALA O 654 2.94 -42.42 -42.29
C ALA O 654 3.37 -42.04 -43.70
N LEU P 11 -65.15 20.14 -53.80
CA LEU P 11 -64.45 19.84 -52.56
C LEU P 11 -64.57 18.35 -52.24
N SER P 12 -65.70 17.96 -51.64
CA SER P 12 -65.90 16.57 -51.27
C SER P 12 -66.23 15.70 -52.49
N ASP P 13 -66.85 16.28 -53.51
CA ASP P 13 -67.17 15.51 -54.72
C ASP P 13 -65.92 15.16 -55.50
N ASN P 14 -64.92 16.04 -55.50
CA ASN P 14 -63.64 15.73 -56.13
C ASN P 14 -62.87 14.67 -55.34
N ALA P 15 -63.06 14.63 -54.02
CA ALA P 15 -62.51 13.53 -53.22
C ALA P 15 -63.19 12.22 -53.54
N LYS P 16 -64.47 12.25 -53.93
CA LYS P 16 -65.14 11.03 -54.39
C LYS P 16 -64.58 10.57 -55.74
N THR P 17 -64.10 11.50 -56.56
CA THR P 17 -63.39 11.15 -57.78
C THR P 17 -61.94 10.77 -57.52
N LEU P 18 -61.35 11.25 -56.41
CA LEU P 18 -59.94 10.98 -56.15
C LEU P 18 -59.73 9.53 -55.70
N HIS P 19 -60.55 9.05 -54.77
CA HIS P 19 -60.35 7.70 -54.25
C HIS P 19 -60.92 6.63 -55.18
N SER P 20 -61.76 7.03 -56.14
CA SER P 20 -62.15 6.14 -57.22
C SER P 20 -60.93 5.73 -58.04
N GLN P 21 -60.02 6.68 -58.28
CA GLN P 21 -58.75 6.35 -58.93
C GLN P 21 -57.87 5.47 -58.05
N MET P 22 -57.96 5.64 -56.72
CA MET P 22 -57.23 4.73 -55.84
C MET P 22 -57.86 3.35 -55.81
N MET P 23 -59.16 3.26 -56.04
CA MET P 23 -59.86 1.99 -56.12
C MET P 23 -59.81 1.38 -57.52
N SER P 24 -59.43 2.18 -58.52
CA SER P 24 -59.47 1.75 -59.91
C SER P 24 -58.49 0.60 -60.17
N LYS P 25 -57.26 0.74 -59.67
CA LYS P 25 -56.24 -0.28 -59.83
C LYS P 25 -56.21 -1.23 -58.64
N GLY P 26 -55.94 -2.50 -58.93
CA GLY P 26 -55.61 -3.44 -57.88
C GLY P 26 -54.36 -3.06 -57.12
N ILE P 27 -54.41 -3.25 -55.80
CA ILE P 27 -53.63 -2.55 -54.77
C ILE P 27 -52.18 -2.35 -55.13
N GLY P 28 -51.56 -3.35 -55.76
CA GLY P 28 -50.20 -3.21 -56.24
C GLY P 28 -50.05 -2.16 -57.32
N ALA P 29 -48.83 -2.09 -57.85
CA ALA P 29 -48.40 -1.05 -58.80
C ALA P 29 -48.69 0.33 -58.22
N LEU P 30 -47.98 0.61 -57.13
CA LEU P 30 -48.30 1.72 -56.22
C LEU P 30 -48.19 3.07 -56.93
N PHE P 31 -49.05 3.99 -56.51
CA PHE P 31 -49.30 5.25 -57.21
C PHE P 31 -48.37 6.35 -56.71
N THR P 32 -48.17 7.35 -57.57
CA THR P 32 -47.43 8.56 -57.20
C THR P 32 -48.07 9.75 -57.90
N GLN P 33 -47.53 10.94 -57.62
CA GLN P 33 -48.20 12.18 -57.99
C GLN P 33 -48.02 12.50 -59.46
N GLN P 34 -46.83 12.22 -60.01
CA GLN P 34 -46.53 12.63 -61.39
C GLN P 34 -47.39 11.89 -62.41
N GLU P 35 -47.89 10.71 -62.06
CA GLU P 35 -48.96 10.08 -62.81
C GLU P 35 -50.33 10.60 -62.41
N LEU P 36 -50.51 10.93 -61.12
CA LEU P 36 -51.81 11.37 -60.63
C LEU P 36 -52.11 12.80 -61.03
N GLN P 37 -51.09 13.62 -61.28
CA GLN P 37 -51.32 14.95 -61.84
C GLN P 37 -51.75 14.85 -63.30
N LYS P 38 -51.17 13.91 -64.05
CA LYS P 38 -51.63 13.66 -65.40
C LYS P 38 -52.98 12.95 -65.41
N GLN P 39 -53.26 12.15 -64.37
CA GLN P 39 -54.58 11.54 -64.24
C GLN P 39 -55.63 12.58 -63.89
N MET P 40 -55.34 13.45 -62.93
CA MET P 40 -56.27 14.49 -62.50
C MET P 40 -55.53 15.83 -62.51
N GLY P 41 -55.90 16.70 -63.45
CA GLY P 41 -55.35 18.04 -63.51
C GLY P 41 -56.42 19.10 -63.70
N ILE P 42 -57.65 18.78 -63.32
CA ILE P 42 -58.73 19.77 -63.38
C ILE P 42 -58.50 20.88 -62.37
N GLY P 43 -57.97 20.53 -61.19
CA GLY P 43 -57.56 21.52 -60.21
C GLY P 43 -56.08 21.80 -60.27
N SER P 44 -55.71 23.03 -59.97
CA SER P 44 -54.32 23.39 -59.80
C SER P 44 -53.77 22.83 -58.49
N LEU P 45 -52.44 22.76 -58.42
CA LEU P 45 -51.78 22.09 -57.30
C LEU P 45 -51.95 22.84 -55.99
N THR P 46 -52.32 24.13 -56.05
CA THR P 46 -52.67 24.86 -54.84
C THR P 46 -53.90 24.27 -54.16
N ASP P 47 -54.78 23.61 -54.93
CA ASP P 47 -55.97 22.99 -54.37
C ASP P 47 -55.93 21.48 -54.41
N LEU P 48 -55.05 20.88 -55.21
CA LEU P 48 -54.90 19.42 -55.20
C LEU P 48 -54.33 18.95 -53.86
N MET P 49 -53.31 19.64 -53.36
CA MET P 49 -52.66 19.24 -52.11
C MET P 49 -53.59 19.43 -50.92
N SER P 50 -54.46 20.44 -50.97
CA SER P 50 -55.27 20.79 -49.81
C SER P 50 -56.30 19.71 -49.50
N ILE P 51 -56.88 19.09 -50.53
CA ILE P 51 -57.87 18.05 -50.29
C ILE P 51 -57.21 16.73 -49.91
N VAL P 52 -55.95 16.52 -50.31
CA VAL P 52 -55.24 15.30 -49.93
C VAL P 52 -54.80 15.37 -48.48
N GLN P 53 -54.34 16.55 -48.04
CA GLN P 53 -54.07 16.79 -46.63
C GLN P 53 -55.35 16.73 -45.80
N GLU P 54 -56.48 17.15 -46.38
CA GLU P 54 -57.76 16.92 -45.73
C GLU P 54 -58.12 15.44 -45.72
N LEU P 55 -57.64 14.68 -46.71
CA LEU P 55 -57.88 13.25 -46.78
C LEU P 55 -56.87 12.46 -45.96
N LEU P 56 -55.71 13.03 -45.68
CA LEU P 56 -54.86 12.56 -44.59
C LEU P 56 -55.55 12.77 -43.24
N ASP P 57 -56.30 13.87 -43.11
CA ASP P 57 -57.11 14.08 -41.91
C ASP P 57 -58.36 13.20 -41.92
N LYS P 58 -58.77 12.72 -43.09
CA LYS P 58 -59.77 11.66 -43.19
C LYS P 58 -59.14 10.28 -43.30
N ASN P 59 -57.84 10.19 -42.95
CA ASN P 59 -57.10 8.95 -42.68
C ASN P 59 -57.49 7.78 -43.59
N LEU P 60 -57.54 8.06 -44.89
CA LEU P 60 -57.76 7.01 -45.88
C LEU P 60 -56.58 6.83 -46.81
N ILE P 61 -55.84 7.89 -47.11
CA ILE P 61 -54.58 7.82 -47.85
C ILE P 61 -53.45 7.65 -46.85
N LYS P 62 -52.42 6.89 -47.23
CA LYS P 62 -51.26 6.70 -46.40
C LYS P 62 -50.01 7.13 -47.14
N LEU P 63 -48.89 7.13 -46.44
CA LEU P 63 -47.60 7.57 -46.99
C LEU P 63 -46.66 6.38 -47.07
N VAL P 64 -46.66 5.72 -48.22
CA VAL P 64 -45.75 4.60 -48.45
C VAL P 64 -44.44 5.16 -48.95
N LYS P 65 -43.37 4.37 -48.80
CA LYS P 65 -42.04 4.75 -49.26
C LYS P 65 -41.54 3.72 -50.26
N GLN P 66 -41.46 4.12 -51.53
CA GLN P 66 -40.53 3.52 -52.47
C GLN P 66 -39.20 4.28 -52.41
N ASN P 67 -38.11 3.55 -52.64
CA ASN P 67 -36.81 3.92 -52.10
C ASN P 67 -36.37 5.30 -52.55
N ASP P 68 -35.95 6.12 -51.58
CA ASP P 68 -35.26 7.39 -51.72
C ASP P 68 -36.12 8.53 -52.25
N GLU P 69 -37.37 8.30 -52.62
CA GLU P 69 -38.15 9.33 -53.28
C GLU P 69 -39.61 9.26 -52.85
N LEU P 70 -40.43 10.12 -53.47
CA LEU P 70 -41.76 10.44 -52.99
C LEU P 70 -42.79 9.48 -53.60
N LYS P 71 -43.71 8.99 -52.78
CA LYS P 71 -44.58 7.90 -53.20
C LYS P 71 -45.83 7.88 -52.33
N PHE P 72 -46.94 7.45 -52.92
CA PHE P 72 -48.23 7.37 -52.24
C PHE P 72 -48.81 5.96 -52.35
N GLN P 73 -49.79 5.68 -51.50
CA GLN P 73 -50.59 4.47 -51.63
C GLN P 73 -51.95 4.69 -50.98
N GLY P 74 -53.01 4.32 -51.69
CA GLY P 74 -54.36 4.41 -51.17
C GLY P 74 -54.89 3.03 -50.80
N VAL P 75 -55.52 2.95 -49.63
CA VAL P 75 -55.94 1.67 -49.07
C VAL P 75 -57.46 1.55 -49.17
N LEU P 76 -57.97 0.36 -48.81
CA LEU P 76 -59.39 0.12 -48.78
C LEU P 76 -60.05 0.91 -47.66
N GLU P 77 -61.30 1.33 -47.88
CA GLU P 77 -62.04 2.05 -46.85
C GLU P 77 -62.60 1.11 -45.80
N SER P 78 -62.86 -0.16 -46.19
CA SER P 78 -63.53 -1.09 -45.29
C SER P 78 -62.65 -1.46 -44.10
N GLU P 79 -61.32 -1.45 -44.28
CA GLU P 79 -60.38 -1.58 -43.17
C GLU P 79 -59.88 -0.25 -42.63
N ALA P 80 -60.31 0.87 -43.23
CA ALA P 80 -59.93 2.17 -42.66
C ALA P 80 -60.83 2.53 -41.49
N GLN P 81 -62.13 2.23 -41.58
CA GLN P 81 -63.02 2.39 -40.45
C GLN P 81 -62.75 1.35 -39.37
N LYS P 82 -62.09 0.24 -39.73
CA LYS P 82 -61.67 -0.74 -38.75
C LYS P 82 -60.70 -0.13 -37.74
N LYS P 83 -59.70 0.60 -38.23
CA LYS P 83 -58.71 1.19 -37.34
C LYS P 83 -59.15 2.53 -36.76
N ALA P 84 -60.14 3.18 -37.36
CA ALA P 84 -60.71 4.39 -36.79
C ALA P 84 -61.62 4.11 -35.59
N THR P 85 -61.98 2.85 -35.35
CA THR P 85 -62.59 2.48 -34.09
C THR P 85 -61.64 2.69 -32.93
N MET P 86 -60.34 2.48 -33.14
CA MET P 86 -59.35 2.59 -32.08
C MET P 86 -59.04 4.05 -31.78
N SER P 87 -58.62 4.28 -30.54
CA SER P 87 -57.96 5.53 -30.18
C SER P 87 -56.54 5.58 -30.74
N ALA P 88 -55.96 6.78 -30.74
CA ALA P 88 -54.78 7.06 -31.53
C ALA P 88 -53.57 6.24 -31.08
N GLU P 89 -53.54 5.77 -29.83
CA GLU P 89 -52.42 4.95 -29.40
C GLU P 89 -52.55 3.52 -29.93
N GLU P 90 -53.78 2.98 -29.94
CA GLU P 90 -54.00 1.65 -30.48
C GLU P 90 -53.81 1.64 -32.00
N ALA P 91 -54.16 2.74 -32.66
CA ALA P 91 -53.88 2.90 -34.08
C ALA P 91 -52.40 3.09 -34.36
N LEU P 92 -51.63 3.56 -33.37
CA LEU P 92 -50.20 3.78 -33.58
C LEU P 92 -49.44 2.46 -33.61
N VAL P 93 -49.82 1.51 -32.75
CA VAL P 93 -49.17 0.21 -32.77
C VAL P 93 -49.70 -0.62 -33.93
N TYR P 94 -50.93 -0.37 -34.38
CA TYR P 94 -51.51 -1.14 -35.47
C TYR P 94 -50.84 -0.82 -36.80
N SER P 95 -50.32 0.40 -36.94
CA SER P 95 -49.77 0.83 -38.22
C SER P 95 -48.43 0.17 -38.49
N TYR P 96 -47.59 0.01 -37.47
CA TYR P 96 -46.31 -0.66 -37.65
C TYR P 96 -46.50 -2.17 -37.86
N ILE P 97 -47.54 -2.75 -37.27
CA ILE P 97 -47.67 -4.20 -37.25
C ILE P 97 -48.23 -4.75 -38.56
N GLU P 98 -48.86 -3.89 -39.36
CA GLU P 98 -49.16 -4.23 -40.74
C GLU P 98 -48.07 -3.82 -41.72
N ALA P 99 -47.18 -2.90 -41.32
CA ALA P 99 -46.09 -2.50 -42.19
C ALA P 99 -45.03 -3.58 -42.30
N SER P 100 -44.89 -4.44 -41.29
CA SER P 100 -44.13 -5.67 -41.42
C SER P 100 -44.90 -6.70 -42.24
N GLY P 101 -46.03 -7.17 -41.70
CA GLY P 101 -46.98 -7.91 -42.51
C GLY P 101 -46.50 -9.29 -42.91
N ARG P 102 -45.50 -9.34 -43.79
CA ARG P 102 -45.07 -10.59 -44.40
C ARG P 102 -44.15 -11.40 -43.51
N GLU P 103 -43.56 -10.78 -42.49
CA GLU P 103 -42.60 -11.47 -41.62
C GLU P 103 -42.81 -11.23 -40.13
N GLY P 104 -43.63 -10.26 -39.73
CA GLY P 104 -43.92 -10.07 -38.32
C GLY P 104 -43.01 -9.06 -37.65
N ILE P 105 -43.31 -8.80 -36.38
CA ILE P 105 -42.57 -7.81 -35.60
C ILE P 105 -42.37 -8.36 -34.19
N TRP P 106 -41.28 -7.95 -33.56
CA TRP P 106 -40.92 -8.36 -32.20
C TRP P 106 -41.31 -7.26 -31.20
N SER P 107 -41.78 -7.70 -30.03
CA SER P 107 -42.33 -6.78 -29.04
C SER P 107 -41.30 -5.78 -28.53
N LYS P 108 -40.01 -6.09 -28.63
CA LYS P 108 -38.99 -5.10 -28.32
C LYS P 108 -38.88 -4.06 -29.43
N THR P 109 -38.97 -4.50 -30.69
CA THR P 109 -38.89 -3.56 -31.80
C THR P 109 -40.12 -2.68 -31.87
N ILE P 110 -41.27 -3.20 -31.45
CA ILE P 110 -42.51 -2.44 -31.47
C ILE P 110 -42.57 -1.46 -30.30
N LYS P 111 -41.73 -1.67 -29.29
CA LYS P 111 -41.59 -0.76 -28.15
C LYS P 111 -40.56 0.33 -28.41
N ALA P 112 -39.55 0.05 -29.23
CA ALA P 112 -38.48 1.01 -29.46
C ALA P 112 -38.92 2.15 -30.38
N ARG P 113 -39.63 1.83 -31.46
CA ARG P 113 -39.95 2.80 -32.49
C ARG P 113 -41.08 3.76 -32.09
N THR P 114 -41.74 3.52 -30.95
CA THR P 114 -42.90 4.30 -30.55
C THR P 114 -42.66 5.14 -29.31
N ASN P 115 -41.61 4.86 -28.54
CA ASN P 115 -41.29 5.43 -27.23
C ASN P 115 -42.27 5.03 -26.15
N LEU P 116 -43.30 4.25 -26.46
CA LEU P 116 -44.22 3.78 -25.44
C LEU P 116 -43.51 2.76 -24.55
N HIS P 117 -43.59 2.94 -23.24
CA HIS P 117 -42.80 2.12 -22.33
C HIS P 117 -43.53 0.79 -22.06
N GLN P 118 -42.98 0.00 -21.14
CA GLN P 118 -43.27 -1.43 -21.15
C GLN P 118 -44.72 -1.74 -20.76
N HIS P 119 -45.33 -0.92 -19.91
CA HIS P 119 -46.72 -1.18 -19.53
C HIS P 119 -47.70 -0.73 -20.61
N VAL P 120 -47.45 0.44 -21.22
CA VAL P 120 -48.43 1.05 -22.11
C VAL P 120 -48.45 0.40 -23.48
N VAL P 121 -47.47 -0.44 -23.80
CA VAL P 121 -47.51 -1.21 -25.04
C VAL P 121 -48.09 -2.59 -24.75
N LEU P 122 -47.82 -3.13 -23.55
CA LEU P 122 -48.34 -4.45 -23.21
C LEU P 122 -49.82 -4.40 -22.90
N LYS P 123 -50.31 -3.26 -22.41
CA LYS P 123 -51.74 -3.04 -22.25
C LYS P 123 -52.42 -2.71 -23.59
N CYS P 124 -51.66 -2.23 -24.56
CA CYS P 124 -52.24 -1.78 -25.82
C CYS P 124 -52.64 -2.97 -26.69
N LEU P 125 -51.71 -3.90 -26.92
CA LEU P 125 -51.97 -5.02 -27.80
C LEU P 125 -52.86 -6.08 -27.15
N LYS P 126 -52.87 -6.14 -25.82
CA LYS P 126 -53.79 -7.03 -25.11
C LYS P 126 -55.25 -6.64 -25.39
N SER P 127 -55.53 -5.34 -25.43
CA SER P 127 -56.83 -4.89 -25.89
C SER P 127 -57.02 -5.15 -27.38
N LEU P 128 -55.94 -5.10 -28.15
CA LEU P 128 -56.03 -5.28 -29.60
C LEU P 128 -56.23 -6.75 -29.99
N GLU P 129 -55.81 -7.68 -29.13
CA GLU P 129 -56.00 -9.10 -29.43
C GLU P 129 -57.44 -9.54 -29.22
N SER P 130 -58.13 -8.94 -28.25
CA SER P 130 -59.55 -9.25 -28.06
C SER P 130 -60.38 -8.80 -29.26
N GLN P 131 -59.96 -7.74 -29.94
CA GLN P 131 -60.63 -7.26 -31.15
C GLN P 131 -60.17 -7.98 -32.41
N ARG P 132 -59.50 -9.13 -32.26
CA ARG P 132 -59.20 -10.03 -33.37
C ARG P 132 -58.30 -9.37 -34.41
N TYR P 133 -57.32 -8.59 -33.95
CA TYR P 133 -56.47 -7.81 -34.85
C TYR P 133 -55.00 -8.15 -34.72
N VAL P 134 -54.62 -9.09 -33.87
CA VAL P 134 -53.23 -9.54 -33.77
C VAL P 134 -53.21 -10.98 -33.27
N LYS P 135 -52.43 -11.84 -33.93
CA LYS P 135 -52.18 -13.19 -33.47
C LYS P 135 -50.70 -13.35 -33.14
N SER P 136 -50.39 -14.39 -32.37
CA SER P 136 -49.08 -14.57 -31.76
C SER P 136 -48.49 -15.90 -32.23
N VAL P 137 -47.39 -15.83 -32.96
CA VAL P 137 -46.72 -17.03 -33.45
C VAL P 137 -45.30 -17.06 -32.91
N LYS P 138 -44.77 -18.27 -32.75
CA LYS P 138 -43.38 -18.48 -32.35
C LYS P 138 -42.55 -18.84 -33.57
N SER P 139 -41.32 -18.34 -33.61
CA SER P 139 -40.48 -18.46 -34.80
C SER P 139 -39.58 -19.69 -34.69
N VAL P 140 -38.95 -20.05 -35.80
CA VAL P 140 -38.06 -21.20 -35.80
C VAL P 140 -36.65 -20.78 -36.19
N LYS P 141 -36.52 -19.70 -36.96
CA LYS P 141 -35.19 -19.15 -37.24
C LYS P 141 -34.58 -18.54 -35.99
N PHE P 142 -35.41 -18.00 -35.09
CA PHE P 142 -35.01 -17.67 -33.73
C PHE P 142 -36.15 -18.01 -32.81
N PRO P 143 -36.10 -19.15 -32.13
CA PRO P 143 -37.17 -19.53 -31.20
C PRO P 143 -37.08 -18.76 -29.90
N THR P 144 -38.08 -18.98 -29.06
CA THR P 144 -38.24 -18.27 -27.78
C THR P 144 -38.28 -16.76 -27.98
N ARG P 145 -38.97 -16.31 -29.02
CA ARG P 145 -39.19 -14.89 -29.27
C ARG P 145 -40.61 -14.70 -29.76
N LYS P 146 -41.32 -13.72 -29.19
CA LYS P 146 -42.73 -13.51 -29.50
C LYS P 146 -42.83 -12.64 -30.75
N ILE P 147 -43.34 -13.22 -31.84
CA ILE P 147 -43.55 -12.51 -33.09
C ILE P 147 -45.06 -12.37 -33.31
N TYR P 148 -45.50 -11.15 -33.64
CA TYR P 148 -46.92 -10.89 -33.84
C TYR P 148 -47.19 -10.62 -35.32
N MET P 149 -48.39 -11.00 -35.77
CA MET P 149 -48.84 -10.68 -37.11
C MET P 149 -50.31 -10.28 -37.06
N LEU P 150 -50.88 -10.04 -38.23
CA LEU P 150 -52.32 -9.85 -38.39
C LEU P 150 -52.97 -11.22 -38.55
N TYR P 151 -54.22 -11.27 -39.02
CA TYR P 151 -54.84 -12.53 -39.38
C TYR P 151 -54.67 -12.83 -40.88
N SER P 152 -53.70 -12.20 -41.53
CA SER P 152 -53.38 -12.52 -42.91
C SER P 152 -52.80 -13.92 -43.05
N LEU P 153 -52.17 -14.42 -41.98
CA LEU P 153 -51.55 -15.75 -41.95
C LEU P 153 -50.49 -15.87 -43.05
N GLN P 154 -49.41 -15.13 -42.83
CA GLN P 154 -48.20 -15.18 -43.65
C GLN P 154 -47.03 -15.60 -42.77
N PRO P 155 -46.95 -16.90 -42.40
CA PRO P 155 -45.72 -17.36 -41.72
C PRO P 155 -44.67 -17.93 -42.69
N SER P 156 -43.96 -17.02 -43.35
CA SER P 156 -42.89 -17.43 -44.26
C SER P 156 -41.71 -18.05 -43.52
N VAL P 157 -41.56 -17.76 -42.23
CA VAL P 157 -40.61 -18.48 -41.38
C VAL P 157 -41.16 -19.85 -41.00
N GLU P 169 -37.92 -31.17 -42.47
CA GLU P 169 -38.70 -29.98 -42.77
C GLU P 169 -39.08 -29.24 -41.49
N LEU P 170 -39.98 -29.86 -40.71
CA LEU P 170 -40.37 -29.29 -39.42
C LEU P 170 -39.37 -29.69 -38.35
N ASP P 171 -39.13 -28.78 -37.40
CA ASP P 171 -37.96 -28.89 -36.53
C ASP P 171 -38.10 -29.99 -35.49
N ILE P 172 -39.33 -30.40 -35.16
CA ILE P 172 -39.55 -31.44 -34.17
C ILE P 172 -39.34 -32.78 -34.84
N GLU P 173 -39.26 -33.86 -34.05
CA GLU P 173 -38.70 -35.13 -34.50
C GLU P 173 -39.63 -35.88 -35.44
N PHE P 174 -39.34 -37.18 -35.62
CA PHE P 174 -39.97 -38.05 -36.63
C PHE P 174 -39.45 -37.73 -38.03
N ILE P 175 -38.22 -37.20 -38.10
CA ILE P 175 -37.50 -37.16 -39.36
C ILE P 175 -37.15 -38.56 -39.83
N ASN P 176 -36.51 -39.35 -38.94
CA ASN P 176 -35.95 -40.64 -39.31
C ASN P 176 -37.01 -41.71 -39.55
N SER P 177 -38.27 -41.41 -39.26
CA SER P 177 -39.35 -42.36 -39.54
C SER P 177 -39.57 -42.55 -41.03
N LEU P 178 -39.13 -41.60 -41.86
CA LEU P 178 -39.18 -41.77 -43.31
C LEU P 178 -37.85 -42.22 -43.90
N LEU P 179 -36.74 -42.05 -43.19
CA LEU P 179 -35.44 -42.48 -43.70
C LEU P 179 -35.25 -43.98 -43.61
N THR P 180 -35.97 -44.66 -42.72
CA THR P 180 -36.00 -46.12 -42.76
C THR P 180 -36.77 -46.65 -43.97
N ILE P 181 -37.69 -45.84 -44.51
CA ILE P 181 -38.46 -46.29 -45.67
C ILE P 181 -37.61 -46.26 -46.92
N VAL P 182 -36.82 -45.20 -47.10
CA VAL P 182 -35.97 -45.09 -48.29
C VAL P 182 -34.83 -46.09 -48.25
N TRP P 183 -34.42 -46.52 -47.06
CA TRP P 183 -33.32 -47.47 -46.96
C TRP P 183 -33.79 -48.91 -47.16
N ARG P 184 -35.02 -49.24 -46.75
CA ARG P 184 -35.62 -50.50 -47.14
C ARG P 184 -35.90 -50.54 -48.64
N PHE P 185 -36.12 -49.38 -49.25
CA PHE P 185 -36.45 -49.32 -50.68
C PHE P 185 -35.24 -49.65 -51.53
N ILE P 186 -34.05 -49.22 -51.12
CA ILE P 186 -32.86 -49.40 -51.94
C ILE P 186 -32.17 -50.73 -51.66
N SER P 187 -32.44 -51.34 -50.50
CA SER P 187 -31.69 -52.53 -50.10
C SER P 187 -31.96 -53.72 -51.01
N GLU P 188 -33.12 -53.75 -51.66
CA GLU P 188 -33.39 -54.78 -52.66
C GLU P 188 -32.60 -54.55 -53.94
N ASN P 189 -32.26 -53.29 -54.23
CA ASN P 189 -31.65 -52.91 -55.50
C ASN P 189 -32.48 -53.38 -56.69
N THR P 218 -32.06 -39.93 -58.98
CA THR P 218 -32.75 -39.73 -57.72
C THR P 218 -34.19 -39.28 -57.94
N GLN P 219 -34.58 -39.16 -59.22
CA GLN P 219 -35.94 -38.77 -59.54
C GLN P 219 -36.94 -39.86 -59.23
N GLU P 220 -36.54 -41.13 -59.33
CA GLU P 220 -37.43 -42.24 -59.04
C GLU P 220 -37.80 -42.31 -57.56
N ILE P 221 -36.97 -41.73 -56.69
CA ILE P 221 -37.17 -41.84 -55.24
C ILE P 221 -38.41 -41.05 -54.82
N LEU P 222 -38.79 -40.03 -55.58
CA LEU P 222 -39.93 -39.20 -55.21
C LEU P 222 -41.23 -40.00 -55.24
N GLU P 223 -41.45 -40.78 -56.30
CA GLU P 223 -42.77 -41.35 -56.52
C GLU P 223 -43.06 -42.57 -55.66
N PHE P 224 -42.04 -43.19 -55.08
CA PHE P 224 -42.28 -44.22 -54.08
C PHE P 224 -42.82 -43.62 -52.78
N ILE P 225 -42.46 -42.38 -52.47
CA ILE P 225 -42.88 -41.76 -51.22
C ILE P 225 -44.32 -41.26 -51.31
N THR P 226 -44.79 -40.93 -52.52
CA THR P 226 -46.11 -40.37 -52.66
C THR P 226 -47.21 -41.37 -52.32
N ALA P 227 -46.98 -42.66 -52.60
CA ALA P 227 -47.91 -43.71 -52.22
C ALA P 227 -47.69 -44.12 -50.76
N ALA P 228 -48.28 -45.26 -50.39
CA ALA P 228 -48.00 -45.97 -49.14
C ALA P 228 -48.33 -45.13 -47.91
N GLN P 229 -49.46 -44.41 -47.97
CA GLN P 229 -50.03 -43.65 -46.85
C GLN P 229 -48.99 -42.81 -46.11
N VAL P 230 -48.04 -42.25 -46.85
CA VAL P 230 -47.01 -41.43 -46.23
C VAL P 230 -47.62 -40.13 -45.74
N ALA P 231 -47.42 -39.83 -44.45
CA ALA P 231 -47.88 -38.58 -43.85
C ALA P 231 -46.94 -37.45 -44.26
N ASN P 232 -47.20 -36.89 -45.43
CA ASN P 232 -46.35 -35.85 -46.01
C ASN P 232 -47.22 -34.73 -46.55
N VAL P 233 -46.60 -33.57 -46.76
CA VAL P 233 -47.30 -32.43 -47.36
C VAL P 233 -46.57 -31.84 -48.55
N GLU P 234 -45.25 -31.97 -48.66
CA GLU P 234 -44.53 -31.33 -49.76
C GLU P 234 -43.24 -32.10 -50.01
N LEU P 235 -43.04 -32.54 -51.25
CA LEU P 235 -41.83 -33.21 -51.67
C LEU P 235 -41.19 -32.44 -52.82
N THR P 236 -39.86 -32.47 -52.87
CA THR P 236 -39.10 -31.83 -53.93
C THR P 236 -37.71 -32.46 -53.98
N PRO P 237 -37.10 -32.55 -55.17
CA PRO P 237 -35.76 -33.15 -55.25
C PRO P 237 -34.70 -32.40 -54.47
N SER P 238 -34.88 -31.09 -54.25
CA SER P 238 -33.95 -30.35 -53.40
C SER P 238 -33.99 -30.85 -51.96
N ASN P 239 -35.18 -31.25 -51.48
CA ASN P 239 -35.29 -31.76 -50.13
C ASN P 239 -34.71 -33.17 -50.01
N ILE P 240 -35.02 -34.03 -50.99
CA ILE P 240 -34.71 -35.46 -50.86
C ILE P 240 -33.21 -35.68 -50.94
N ARG P 241 -32.48 -34.81 -51.64
CA ARG P 241 -31.02 -34.83 -51.59
C ARG P 241 -30.52 -34.49 -50.19
N SER P 242 -31.09 -33.46 -49.57
CA SER P 242 -30.77 -33.16 -48.17
C SER P 242 -31.27 -34.26 -47.24
N LEU P 243 -32.37 -34.94 -47.60
CA LEU P 243 -32.78 -36.14 -46.88
C LEU P 243 -31.85 -37.32 -47.15
N CYS P 244 -31.11 -37.31 -48.26
CA CYS P 244 -30.24 -38.43 -48.58
C CYS P 244 -28.84 -38.26 -47.98
N GLU P 245 -28.40 -37.03 -47.73
CA GLU P 245 -27.08 -36.79 -47.17
C GLU P 245 -26.95 -37.26 -45.73
N VAL P 246 -28.06 -37.56 -45.05
CA VAL P 246 -28.01 -38.05 -43.68
C VAL P 246 -27.40 -39.45 -43.65
N LEU P 247 -27.87 -40.33 -44.52
CA LEU P 247 -27.39 -41.72 -44.52
C LEU P 247 -26.05 -41.86 -45.25
N VAL P 248 -25.61 -40.83 -45.96
CA VAL P 248 -24.23 -40.77 -46.43
C VAL P 248 -23.27 -40.71 -45.25
N TYR P 249 -23.66 -39.98 -44.20
CA TYR P 249 -22.80 -39.78 -43.04
C TYR P 249 -22.82 -40.98 -42.11
N ASP P 250 -23.92 -41.73 -42.09
CA ASP P 250 -23.98 -42.98 -41.35
C ASP P 250 -23.40 -44.15 -42.13
N ASP P 251 -23.00 -43.92 -43.39
CA ASP P 251 -22.56 -44.96 -44.32
C ASP P 251 -23.60 -46.07 -44.49
N LYS P 252 -24.89 -45.71 -44.40
CA LYS P 252 -25.93 -46.68 -44.70
C LYS P 252 -26.24 -46.73 -46.20
N LEU P 253 -25.83 -45.72 -46.96
CA LEU P 253 -25.87 -45.77 -48.41
C LEU P 253 -24.67 -45.00 -48.95
N GLU P 254 -24.43 -45.16 -50.25
CA GLU P 254 -23.22 -44.69 -50.91
C GLU P 254 -23.63 -43.79 -52.07
N LYS P 255 -22.76 -42.84 -52.41
CA LYS P 255 -22.98 -41.92 -53.52
C LYS P 255 -22.05 -42.26 -54.67
N VAL P 256 -22.61 -42.69 -55.79
CA VAL P 256 -21.84 -43.03 -56.98
C VAL P 256 -22.44 -42.32 -58.19
N THR P 257 -21.56 -41.91 -59.11
CA THR P 257 -21.92 -41.26 -60.37
C THR P 257 -22.77 -40.00 -60.17
N HIS P 258 -22.54 -39.30 -59.06
CA HIS P 258 -23.01 -37.93 -58.83
C HIS P 258 -24.51 -37.85 -58.59
N ASP P 259 -25.26 -38.91 -58.92
CA ASP P 259 -26.67 -38.98 -58.55
C ASP P 259 -27.15 -40.36 -58.11
N CYS P 260 -26.43 -41.43 -58.39
CA CYS P 260 -26.88 -42.77 -58.05
C CYS P 260 -26.48 -43.13 -56.63
N TYR P 261 -27.22 -44.08 -56.05
CA TYR P 261 -27.00 -44.46 -54.65
C TYR P 261 -27.10 -45.97 -54.52
N ARG P 262 -26.08 -46.56 -53.91
CA ARG P 262 -26.04 -47.98 -53.59
C ARG P 262 -26.05 -48.18 -52.08
N VAL P 263 -26.33 -49.42 -51.67
CA VAL P 263 -26.25 -49.79 -50.27
C VAL P 263 -24.81 -50.18 -49.96
N THR P 264 -24.32 -49.75 -48.79
CA THR P 264 -22.97 -50.07 -48.36
C THR P 264 -22.85 -51.45 -47.74
N LEU P 265 -23.88 -52.30 -47.89
CA LEU P 265 -24.06 -53.51 -47.10
C LEU P 265 -23.75 -53.28 -45.62
N GLU P 266 -24.55 -52.40 -45.01
CA GLU P 266 -24.77 -52.40 -43.58
C GLU P 266 -26.07 -53.08 -43.17
N SER P 267 -26.82 -53.62 -44.14
CA SER P 267 -27.91 -54.53 -43.82
C SER P 267 -27.39 -55.80 -43.14
N ILE P 268 -26.25 -56.30 -43.59
CA ILE P 268 -25.64 -57.45 -42.94
C ILE P 268 -25.14 -57.11 -41.55
N LEU P 269 -24.80 -55.84 -41.31
CA LEU P 269 -24.58 -55.39 -39.93
C LEU P 269 -25.88 -55.04 -39.23
N GLN P 270 -26.92 -54.70 -39.98
CA GLN P 270 -28.24 -54.48 -39.38
C GLN P 270 -28.87 -55.80 -38.96
N MET P 271 -29.11 -56.70 -39.91
CA MET P 271 -29.75 -58.00 -39.71
C MET P 271 -30.86 -57.99 -38.66
N ILE P 293 -11.70 -55.36 -37.24
CA ILE P 293 -12.70 -56.40 -36.95
C ILE P 293 -14.10 -55.90 -37.25
N PHE P 294 -14.35 -54.62 -36.98
CA PHE P 294 -15.53 -53.89 -37.46
C PHE P 294 -16.85 -54.53 -37.00
N ASN P 295 -16.81 -55.41 -36.00
CA ASN P 295 -17.98 -56.20 -35.60
C ASN P 295 -18.32 -55.80 -34.17
N TYR P 296 -19.13 -54.75 -34.03
CA TYR P 296 -19.19 -53.98 -32.79
C TYR P 296 -20.37 -54.36 -31.90
N PHE P 297 -21.39 -55.02 -32.44
CA PHE P 297 -22.21 -55.93 -31.66
C PHE P 297 -21.61 -57.33 -31.67
N LYS P 298 -22.31 -58.26 -31.01
CA LYS P 298 -21.79 -59.58 -30.61
C LYS P 298 -20.39 -59.49 -29.99
N MET P 299 -20.09 -58.36 -29.34
CA MET P 299 -18.95 -58.24 -28.44
C MET P 299 -19.48 -57.77 -27.09
N PHE P 300 -19.95 -58.72 -26.28
CA PHE P 300 -20.49 -58.28 -25.01
C PHE P 300 -19.41 -58.28 -23.93
N PRO P 301 -19.41 -57.27 -23.06
CA PRO P 301 -18.31 -57.10 -22.12
C PRO P 301 -18.45 -58.06 -20.94
N ALA P 302 -17.38 -58.13 -20.14
CA ALA P 302 -17.43 -58.83 -18.86
C ALA P 302 -17.93 -57.91 -17.76
N SER P 303 -17.24 -56.80 -17.52
CA SER P 303 -17.72 -55.62 -16.82
C SER P 303 -18.01 -55.85 -15.35
N LYS P 304 -17.89 -57.07 -14.84
CA LYS P 304 -18.30 -57.40 -13.48
C LYS P 304 -17.18 -58.15 -12.78
N HIS P 305 -16.70 -57.58 -11.67
CA HIS P 305 -15.58 -58.11 -10.90
C HIS P 305 -14.33 -58.30 -11.74
N ASP P 306 -14.16 -57.50 -12.79
CA ASP P 306 -13.01 -57.59 -13.68
C ASP P 306 -12.24 -56.28 -13.61
N LYS P 307 -10.94 -56.38 -13.32
CA LYS P 307 -10.14 -55.19 -13.08
C LYS P 307 -9.39 -54.71 -14.33
N GLU P 308 -8.94 -55.63 -15.17
CA GLU P 308 -8.02 -55.30 -16.27
C GLU P 308 -8.79 -55.06 -17.57
N VAL P 309 -9.71 -54.11 -17.54
CA VAL P 309 -10.52 -53.79 -18.71
C VAL P 309 -10.06 -52.44 -19.26
N VAL P 310 -10.28 -52.24 -20.56
CA VAL P 310 -9.70 -51.13 -21.30
C VAL P 310 -10.77 -50.05 -21.44
N TYR P 311 -10.41 -48.81 -21.12
CA TYR P 311 -11.34 -47.69 -21.20
C TYR P 311 -10.83 -46.67 -22.21
N PHE P 312 -11.77 -45.94 -22.81
CA PHE P 312 -11.37 -44.97 -23.83
C PHE P 312 -10.96 -43.64 -23.21
N ASP P 313 -11.58 -43.25 -22.09
CA ASP P 313 -11.17 -42.08 -21.34
C ASP P 313 -9.97 -42.39 -20.46
N GLU P 314 -9.79 -41.63 -19.38
CA GLU P 314 -8.88 -41.92 -18.26
C GLU P 314 -7.43 -41.99 -18.70
N TRP P 315 -7.09 -41.42 -19.86
CA TRP P 315 -5.74 -40.98 -20.15
C TRP P 315 -5.61 -39.47 -20.27
N THR P 316 -6.66 -38.77 -20.67
CA THR P 316 -6.65 -37.31 -20.72
C THR P 316 -6.37 -36.70 -19.35
N PHE Q 36 -14.24 -45.93 -11.93
CA PHE Q 36 -14.55 -44.50 -11.93
C PHE Q 36 -14.69 -43.89 -13.34
N PRO Q 37 -13.88 -44.32 -14.31
CA PRO Q 37 -14.13 -43.88 -15.69
C PRO Q 37 -15.07 -44.82 -16.43
N SER Q 38 -15.89 -44.21 -17.30
CA SER Q 38 -16.83 -44.92 -18.14
C SER Q 38 -16.21 -45.22 -19.51
N ILE Q 39 -17.06 -45.49 -20.50
CA ILE Q 39 -16.77 -45.56 -21.94
C ILE Q 39 -15.60 -46.50 -22.25
N PRO Q 40 -15.83 -47.80 -22.24
CA PRO Q 40 -14.76 -48.75 -22.54
C PRO Q 40 -14.55 -48.89 -24.05
N LEU Q 41 -13.38 -49.40 -24.41
CA LEU Q 41 -13.18 -49.86 -25.79
C LEU Q 41 -14.02 -51.11 -26.05
N PRO Q 42 -14.41 -51.35 -27.30
CA PRO Q 42 -15.25 -52.51 -27.62
C PRO Q 42 -14.50 -53.83 -27.68
N ILE Q 43 -13.21 -53.84 -27.37
CA ILE Q 43 -12.41 -55.09 -27.42
C ILE Q 43 -12.51 -55.73 -26.04
N ASN Q 44 -13.65 -56.37 -25.80
CA ASN Q 44 -13.91 -57.04 -24.52
C ASN Q 44 -14.62 -58.35 -24.83
N GLY Q 45 -13.84 -59.41 -25.05
CA GLY Q 45 -14.36 -60.68 -25.45
C GLY Q 45 -13.79 -61.84 -24.65
N PRO Q 46 -14.62 -62.79 -24.28
CA PRO Q 46 -14.09 -64.07 -23.78
C PRO Q 46 -13.23 -64.75 -24.84
N ILE Q 47 -12.10 -65.29 -24.41
CA ILE Q 47 -11.02 -65.58 -25.34
C ILE Q 47 -11.40 -66.77 -26.22
N THR Q 48 -11.19 -66.63 -27.52
CA THR Q 48 -11.47 -67.68 -28.48
C THR Q 48 -10.25 -68.60 -28.61
N ASN Q 49 -10.51 -69.90 -28.78
CA ASN Q 49 -9.43 -70.86 -28.95
C ASN Q 49 -8.65 -70.65 -30.24
N LYS Q 50 -9.16 -69.84 -31.17
CA LYS Q 50 -8.34 -69.39 -32.29
C LYS Q 50 -7.15 -68.55 -31.85
N GLU Q 51 -7.29 -67.78 -30.77
CA GLU Q 51 -6.19 -67.01 -30.21
C GLU Q 51 -5.80 -67.42 -28.80
N ARG Q 52 -6.45 -68.44 -28.23
CA ARG Q 52 -6.00 -68.95 -26.94
C ARG Q 52 -4.65 -69.66 -27.07
N SER Q 53 -4.41 -70.33 -28.19
CA SER Q 53 -3.07 -70.84 -28.48
C SER Q 53 -2.08 -69.71 -28.72
N LEU Q 54 -2.57 -68.57 -29.21
CA LEU Q 54 -1.67 -67.44 -29.49
C LEU Q 54 -1.14 -66.83 -28.20
N ALA Q 55 -1.89 -66.93 -27.10
CA ALA Q 55 -1.45 -66.42 -25.81
C ALA Q 55 -0.49 -67.37 -25.10
N VAL Q 56 -0.37 -68.61 -25.57
CA VAL Q 56 0.61 -69.52 -25.00
C VAL Q 56 2.01 -69.19 -25.52
N LYS Q 57 2.11 -68.67 -26.74
CA LYS Q 57 3.41 -68.38 -27.34
C LYS Q 57 4.10 -67.20 -26.68
N TYR Q 58 3.35 -66.34 -25.98
CA TYR Q 58 3.96 -65.21 -25.29
C TYR Q 58 4.63 -65.65 -23.99
N ILE Q 59 3.95 -66.45 -23.18
CA ILE Q 59 4.41 -66.69 -21.82
C ILE Q 59 5.65 -67.59 -21.79
N ASN Q 60 5.81 -68.46 -22.79
CA ASN Q 60 7.02 -69.26 -22.91
C ASN Q 60 8.12 -68.55 -23.69
N PHE Q 61 7.80 -67.46 -24.39
CA PHE Q 61 8.85 -66.66 -25.03
C PHE Q 61 9.70 -65.94 -23.98
N GLY Q 62 9.05 -65.23 -23.05
CA GLY Q 62 9.79 -64.59 -21.98
C GLY Q 62 10.40 -65.56 -21.00
N LYS Q 63 9.78 -66.73 -20.82
CA LYS Q 63 10.36 -67.77 -19.98
C LYS Q 63 11.66 -68.30 -20.57
N THR Q 64 11.80 -68.29 -21.90
CA THR Q 64 13.09 -68.61 -22.51
C THR Q 64 14.11 -67.51 -22.23
N VAL Q 65 13.72 -66.24 -22.39
CA VAL Q 65 14.69 -65.16 -22.37
C VAL Q 65 15.11 -64.82 -20.96
N LYS Q 66 14.15 -64.78 -20.03
CA LYS Q 66 14.47 -64.45 -18.64
C LYS Q 66 15.30 -65.55 -17.99
N ASP Q 67 14.92 -66.82 -18.20
CA ASP Q 67 15.70 -67.94 -17.69
C ASP Q 67 16.90 -68.29 -18.53
N GLY Q 68 17.14 -67.57 -19.63
CA GLY Q 68 18.31 -67.78 -20.44
C GLY Q 68 19.54 -67.08 -19.88
N PRO Q 69 20.24 -66.32 -20.72
CA PRO Q 69 21.41 -65.58 -20.23
C PRO Q 69 21.03 -64.39 -19.37
N PHE Q 70 19.91 -63.74 -19.66
CA PHE Q 70 19.66 -62.39 -19.16
C PHE Q 70 18.43 -62.35 -18.26
N SER R 61 -79.89 -21.09 37.16
CA SER R 61 -80.74 -20.91 35.99
C SER R 61 -80.38 -21.91 34.90
N GLY R 62 -81.06 -23.06 34.91
CA GLY R 62 -80.78 -24.11 33.94
C GLY R 62 -81.37 -23.83 32.58
N ILE R 63 -80.81 -22.86 31.87
CA ILE R 63 -81.34 -22.42 30.58
C ILE R 63 -81.05 -23.48 29.52
N VAL R 64 -81.67 -23.33 28.35
CA VAL R 64 -81.36 -24.14 27.18
C VAL R 64 -80.98 -23.21 26.05
N PRO R 65 -79.82 -23.40 25.42
CA PRO R 65 -79.43 -22.53 24.29
C PRO R 65 -80.12 -22.96 23.01
N THR R 66 -80.86 -22.03 22.40
CA THR R 66 -81.59 -22.30 21.17
C THR R 66 -80.63 -22.32 19.97
N LEU R 67 -81.06 -23.03 18.93
CA LEU R 67 -80.24 -23.31 17.75
C LEU R 67 -80.93 -22.67 16.55
N GLN R 68 -80.27 -21.68 15.95
CA GLN R 68 -80.97 -20.80 15.01
C GLN R 68 -80.98 -21.33 13.58
N ASN R 69 -79.83 -21.75 13.06
CA ASN R 69 -79.73 -22.07 11.64
C ASN R 69 -78.86 -23.30 11.41
N ILE R 70 -79.37 -24.22 10.60
CA ILE R 70 -78.64 -25.41 10.19
C ILE R 70 -78.07 -25.17 8.81
N VAL R 71 -77.05 -25.96 8.46
CA VAL R 71 -76.76 -26.24 7.05
C VAL R 71 -76.62 -27.75 6.87
N ALA R 72 -76.91 -28.19 5.65
CA ALA R 72 -76.86 -29.61 5.31
C ALA R 72 -76.87 -29.73 3.79
N THR R 73 -76.06 -30.63 3.26
CA THR R 73 -76.07 -30.93 1.84
C THR R 73 -76.37 -32.40 1.60
N VAL R 74 -76.91 -32.70 0.42
CA VAL R 74 -77.09 -34.07 -0.04
C VAL R 74 -76.52 -34.18 -1.46
N THR R 75 -75.78 -35.26 -1.72
CA THR R 75 -75.40 -35.56 -3.08
C THR R 75 -76.58 -36.11 -3.86
N LEU R 76 -76.60 -35.84 -5.16
CA LEU R 76 -77.70 -36.25 -6.03
C LEU R 76 -77.15 -36.97 -7.25
N GLY R 77 -77.75 -38.12 -7.58
CA GLY R 77 -77.30 -38.95 -8.66
C GLY R 77 -77.63 -38.45 -10.06
N CYS R 78 -78.21 -37.26 -10.17
CA CYS R 78 -78.57 -36.68 -11.46
C CYS R 78 -77.91 -35.33 -11.62
N ARG R 79 -77.41 -35.05 -12.83
CA ARG R 79 -76.84 -33.75 -13.13
C ARG R 79 -77.95 -32.73 -13.39
N LEU R 80 -77.75 -31.52 -12.85
CA LEU R 80 -78.77 -30.47 -12.90
C LEU R 80 -78.48 -29.54 -14.07
N ASP R 81 -79.54 -29.18 -14.79
CA ASP R 81 -79.47 -28.13 -15.80
C ASP R 81 -80.18 -26.87 -15.30
N LEU R 82 -79.60 -25.71 -15.61
CA LEU R 82 -80.03 -24.46 -15.00
C LEU R 82 -81.22 -23.85 -15.71
N LYS R 83 -81.41 -24.17 -17.00
CA LYS R 83 -82.48 -23.58 -17.78
C LYS R 83 -83.84 -24.10 -17.33
N THR R 84 -83.96 -25.40 -17.13
CA THR R 84 -85.24 -26.07 -16.94
C THR R 84 -85.72 -26.05 -15.50
N VAL R 85 -85.02 -25.35 -14.60
CA VAL R 85 -85.44 -25.23 -13.22
C VAL R 85 -85.57 -23.79 -12.76
N ALA R 86 -85.14 -22.82 -13.57
CA ALA R 86 -85.17 -21.41 -13.21
C ALA R 86 -86.14 -20.59 -14.03
N LEU R 87 -86.23 -20.86 -15.34
CA LEU R 87 -87.09 -20.08 -16.23
C LEU R 87 -88.57 -20.40 -16.06
N HIS R 88 -88.91 -21.51 -15.41
CA HIS R 88 -90.32 -21.86 -15.22
C HIS R 88 -90.55 -22.34 -13.79
N ALA R 89 -90.00 -21.61 -12.83
CA ALA R 89 -90.33 -21.77 -11.42
C ALA R 89 -90.94 -20.48 -10.89
N ARG R 90 -91.14 -20.41 -9.57
CA ARG R 90 -91.77 -19.27 -8.94
C ARG R 90 -90.76 -18.30 -8.33
N ASN R 91 -89.87 -18.81 -7.47
CA ASN R 91 -88.89 -17.96 -6.79
C ASN R 91 -87.60 -17.91 -7.61
N ALA R 92 -87.76 -17.46 -8.85
CA ALA R 92 -86.69 -17.57 -9.84
C ALA R 92 -85.58 -16.57 -9.54
N GLU R 93 -84.41 -17.07 -9.17
CA GLU R 93 -83.19 -16.28 -9.08
C GLU R 93 -82.08 -17.04 -9.77
N TYR R 94 -81.68 -16.59 -10.96
CA TYR R 94 -80.51 -17.14 -11.65
C TYR R 94 -79.89 -16.02 -12.47
N ASN R 95 -78.93 -15.32 -11.87
CA ASN R 95 -78.09 -14.40 -12.62
C ASN R 95 -76.82 -15.10 -13.05
N PRO R 96 -76.52 -15.18 -14.36
CA PRO R 96 -75.40 -16.02 -14.79
C PRO R 96 -74.05 -15.44 -14.44
N LYS R 97 -73.90 -14.11 -14.53
CA LYS R 97 -72.61 -13.49 -14.24
C LYS R 97 -72.33 -13.36 -12.76
N ARG R 98 -73.38 -13.31 -11.92
CA ARG R 98 -73.16 -13.14 -10.49
C ARG R 98 -72.73 -14.44 -9.83
N PHE R 99 -73.47 -15.53 -10.08
CA PHE R 99 -73.27 -16.75 -9.31
C PHE R 99 -73.79 -17.93 -10.13
N ALA R 100 -73.24 -19.11 -9.87
CA ALA R 100 -73.46 -20.29 -10.70
C ALA R 100 -74.44 -21.27 -10.07
N ALA R 101 -75.50 -20.79 -9.44
CA ALA R 101 -76.51 -21.66 -8.85
C ALA R 101 -77.83 -20.89 -8.74
N VAL R 102 -78.81 -21.52 -8.13
CA VAL R 102 -80.16 -20.98 -8.00
C VAL R 102 -80.55 -21.03 -6.52
N ILE R 103 -81.30 -20.04 -6.07
CA ILE R 103 -81.84 -20.01 -4.71
C ILE R 103 -83.36 -20.00 -4.74
N MET R 104 -83.96 -20.80 -3.87
CA MET R 104 -85.39 -20.79 -3.61
C MET R 104 -85.64 -20.17 -2.24
N ARG R 105 -86.66 -19.32 -2.14
CA ARG R 105 -87.06 -18.71 -0.89
C ARG R 105 -88.53 -19.01 -0.63
N ILE R 106 -88.78 -19.85 0.37
CA ILE R 106 -90.12 -20.24 0.79
C ILE R 106 -90.21 -20.09 2.30
N ARG R 107 -91.41 -19.73 2.78
CA ARG R 107 -91.56 -19.19 4.12
C ARG R 107 -92.12 -20.20 5.12
N GLU R 108 -92.65 -21.33 4.66
CA GLU R 108 -92.71 -22.52 5.49
C GLU R 108 -91.92 -23.65 4.82
N PRO R 109 -90.95 -24.26 5.51
CA PRO R 109 -90.59 -23.94 6.89
C PRO R 109 -89.47 -22.90 6.98
N LYS R 110 -89.67 -21.77 6.28
CA LYS R 110 -88.78 -20.61 6.26
C LYS R 110 -87.33 -20.99 5.97
N THR R 111 -87.14 -22.00 5.12
CA THR R 111 -85.81 -22.46 4.76
C THR R 111 -85.40 -21.88 3.41
N THR R 112 -84.16 -22.16 3.01
CA THR R 112 -83.63 -21.76 1.71
C THR R 112 -83.03 -22.96 1.01
N ALA R 113 -83.06 -22.92 -0.33
CA ALA R 113 -82.61 -24.04 -1.16
C ALA R 113 -81.48 -23.55 -2.05
N LEU R 114 -80.26 -24.01 -1.79
CA LEU R 114 -79.10 -23.72 -2.62
C LEU R 114 -78.69 -24.97 -3.39
N ILE R 115 -78.55 -24.84 -4.70
CA ILE R 115 -78.33 -25.99 -5.58
C ILE R 115 -76.92 -25.88 -6.16
N PHE R 116 -76.55 -26.83 -7.02
CA PHE R 116 -75.35 -26.70 -7.83
C PHE R 116 -75.61 -27.24 -9.22
N ALA R 117 -74.78 -26.78 -10.17
CA ALA R 117 -74.91 -27.24 -11.55
C ALA R 117 -74.54 -28.72 -11.68
N SER R 118 -73.46 -29.14 -11.02
CA SER R 118 -72.96 -30.50 -11.19
C SER R 118 -73.86 -31.56 -10.57
N GLY R 119 -74.85 -31.17 -9.77
CA GLY R 119 -75.83 -32.11 -9.27
C GLY R 119 -76.13 -31.94 -7.81
N LYS R 120 -75.13 -31.51 -7.04
CA LYS R 120 -75.25 -31.46 -5.59
C LYS R 120 -76.15 -30.30 -5.16
N MET R 121 -76.54 -30.34 -3.88
CA MET R 121 -77.51 -29.40 -3.35
C MET R 121 -77.31 -29.31 -1.85
N VAL R 122 -77.48 -28.10 -1.31
CA VAL R 122 -77.22 -27.82 0.10
C VAL R 122 -78.38 -27.01 0.66
N VAL R 123 -78.94 -27.47 1.78
CA VAL R 123 -80.12 -26.86 2.38
C VAL R 123 -79.68 -26.09 3.62
N THR R 124 -80.37 -24.98 3.88
CA THR R 124 -79.99 -24.06 4.95
C THR R 124 -81.20 -23.17 5.26
N GLY R 125 -81.48 -22.98 6.54
CA GLY R 125 -82.50 -22.03 6.93
C GLY R 125 -83.58 -22.59 7.82
N ALA R 126 -83.29 -23.69 8.50
CA ALA R 126 -84.27 -24.34 9.38
C ALA R 126 -83.95 -24.03 10.83
N LYS R 127 -84.90 -24.38 11.70
CA LYS R 127 -84.77 -24.19 13.15
C LYS R 127 -84.37 -25.49 13.85
N SER R 128 -85.16 -26.55 13.69
CA SER R 128 -84.87 -27.84 14.25
C SER R 128 -84.42 -28.82 13.17
N GLU R 129 -83.80 -29.91 13.61
CA GLU R 129 -83.20 -30.86 12.68
C GLU R 129 -84.26 -31.63 11.90
N ASP R 130 -85.35 -32.02 12.55
CA ASP R 130 -86.46 -32.64 11.83
C ASP R 130 -87.14 -31.66 10.90
N ASP R 131 -87.11 -30.36 11.23
CA ASP R 131 -87.74 -29.36 10.36
C ASP R 131 -86.95 -29.16 9.07
N SER R 132 -85.65 -29.47 9.08
CA SER R 132 -84.85 -29.40 7.87
C SER R 132 -85.10 -30.60 6.95
N LYS R 133 -85.51 -31.73 7.52
CA LYS R 133 -85.64 -32.95 6.72
C LYS R 133 -86.85 -32.88 5.80
N LEU R 134 -88.00 -32.47 6.33
CA LEU R 134 -89.15 -32.23 5.47
C LEU R 134 -88.91 -31.04 4.55
N ALA R 135 -88.07 -30.10 4.97
CA ALA R 135 -87.65 -29.01 4.08
C ALA R 135 -86.83 -29.54 2.91
N SER R 136 -85.94 -30.50 3.18
CA SER R 136 -84.97 -30.92 2.17
C SER R 136 -85.62 -31.75 1.06
N ARG R 137 -86.73 -32.42 1.33
CA ARG R 137 -87.38 -33.25 0.33
C ARG R 137 -88.69 -32.65 -0.18
N LYS R 138 -89.10 -31.49 0.31
CA LYS R 138 -89.99 -30.63 -0.47
C LYS R 138 -89.23 -29.93 -1.59
N TYR R 139 -87.93 -29.69 -1.38
CA TYR R 139 -87.09 -29.09 -2.40
C TYR R 139 -86.85 -30.07 -3.56
N ALA R 140 -86.72 -31.36 -3.24
CA ALA R 140 -86.65 -32.39 -4.26
C ALA R 140 -88.00 -32.73 -4.87
N ARG R 141 -89.10 -32.25 -4.28
CA ARG R 141 -90.41 -32.47 -4.88
C ARG R 141 -90.62 -31.58 -6.10
N ILE R 142 -89.99 -30.41 -6.12
CA ILE R 142 -89.94 -29.62 -7.35
C ILE R 142 -89.01 -30.30 -8.36
N ILE R 143 -88.00 -31.02 -7.88
CA ILE R 143 -87.15 -31.83 -8.73
C ILE R 143 -87.90 -33.08 -9.21
N GLN R 144 -88.98 -33.45 -8.54
CA GLN R 144 -89.87 -34.48 -9.07
C GLN R 144 -90.71 -33.97 -10.24
N LYS R 145 -90.87 -32.66 -10.38
CA LYS R 145 -91.66 -32.13 -11.49
C LYS R 145 -90.88 -32.31 -12.79
N ILE R 146 -89.71 -31.68 -12.89
CA ILE R 146 -88.86 -31.86 -14.06
C ILE R 146 -88.31 -33.28 -14.06
N GLY R 147 -88.11 -33.85 -15.25
CA GLY R 147 -87.75 -35.25 -15.35
C GLY R 147 -86.34 -35.55 -14.90
N PHE R 148 -86.10 -35.46 -13.60
CA PHE R 148 -84.79 -35.71 -13.01
C PHE R 148 -84.90 -36.81 -11.96
N ALA R 149 -83.76 -37.39 -11.61
CA ALA R 149 -83.76 -38.57 -10.74
C ALA R 149 -83.89 -38.18 -9.27
N ALA R 150 -83.06 -37.23 -8.81
CA ALA R 150 -83.04 -36.77 -7.42
C ALA R 150 -82.77 -37.94 -6.47
N LYS R 151 -81.57 -38.48 -6.59
CA LYS R 151 -81.15 -39.67 -5.84
C LYS R 151 -80.21 -39.23 -4.72
N PHE R 152 -80.74 -39.09 -3.51
CA PHE R 152 -79.96 -38.73 -2.35
C PHE R 152 -79.74 -39.95 -1.46
N THR R 153 -78.55 -40.06 -0.89
CA THR R 153 -78.22 -41.14 0.03
C THR R 153 -77.89 -40.67 1.43
N ASP R 154 -77.02 -39.66 1.58
CA ASP R 154 -76.50 -39.24 2.87
C ASP R 154 -76.96 -37.81 3.18
N PHE R 155 -77.82 -37.67 4.17
CA PHE R 155 -78.26 -36.35 4.65
C PHE R 155 -77.24 -35.83 5.66
N LYS R 156 -76.06 -35.50 5.14
CA LYS R 156 -74.93 -35.12 5.99
C LYS R 156 -75.12 -33.70 6.53
N ILE R 157 -74.65 -33.49 7.75
CA ILE R 157 -74.78 -32.22 8.46
C ILE R 157 -73.41 -31.82 9.00
N GLN R 158 -73.08 -30.55 8.87
CA GLN R 158 -71.72 -30.09 9.17
C GLN R 158 -71.68 -28.76 9.91
N ASN R 159 -72.81 -28.11 10.18
CA ASN R 159 -72.80 -26.86 10.92
C ASN R 159 -74.19 -26.60 11.47
N ILE R 160 -74.23 -26.17 12.73
CA ILE R 160 -75.44 -25.66 13.37
C ILE R 160 -75.02 -24.58 14.36
N VAL R 161 -75.64 -23.41 14.27
CA VAL R 161 -75.27 -22.29 15.12
C VAL R 161 -76.27 -22.15 16.26
N GLY R 162 -75.77 -21.69 17.40
CA GLY R 162 -76.61 -21.52 18.58
C GLY R 162 -76.18 -20.29 19.36
N SER R 163 -77.13 -19.71 20.08
CA SER R 163 -76.87 -18.52 20.87
C SER R 163 -77.33 -18.75 22.30
N CYS R 164 -76.84 -17.91 23.21
CA CYS R 164 -77.16 -18.03 24.62
C CYS R 164 -77.20 -16.65 25.27
N ASP R 165 -77.63 -16.62 26.51
CA ASP R 165 -77.58 -15.42 27.32
C ASP R 165 -77.55 -15.81 28.79
N VAL R 166 -76.50 -15.42 29.50
CA VAL R 166 -76.37 -15.72 30.92
C VAL R 166 -76.53 -14.47 31.79
N LYS R 167 -76.41 -13.28 31.20
CA LYS R 167 -76.92 -12.04 31.78
C LYS R 167 -76.19 -11.67 33.08
N PHE R 168 -74.87 -11.52 32.97
CA PHE R 168 -74.10 -10.86 34.01
C PHE R 168 -72.81 -10.28 33.41
N PRO R 169 -72.57 -8.98 33.57
CA PRO R 169 -71.39 -8.35 32.96
C PRO R 169 -70.09 -8.86 33.55
N ILE R 170 -69.13 -9.18 32.68
CA ILE R 170 -67.86 -9.74 33.09
C ILE R 170 -66.73 -9.00 32.38
N ARG R 171 -65.56 -8.99 33.02
CA ARG R 171 -64.31 -8.82 32.31
C ARG R 171 -64.13 -9.89 31.24
N LEU R 172 -63.56 -9.50 30.11
CA LEU R 172 -63.05 -10.44 29.13
C LEU R 172 -61.59 -10.21 28.78
N GLU R 173 -61.01 -9.09 29.19
CA GLU R 173 -59.58 -8.82 29.01
C GLU R 173 -58.73 -9.48 30.09
N GLY R 174 -59.34 -9.87 31.21
CA GLY R 174 -58.59 -10.60 32.23
C GLY R 174 -58.26 -12.01 31.80
N LEU R 175 -59.18 -12.69 31.12
CA LEU R 175 -58.90 -14.02 30.61
C LEU R 175 -58.02 -13.99 29.36
N ALA R 176 -57.95 -12.85 28.66
CA ALA R 176 -56.91 -12.66 27.67
C ALA R 176 -55.52 -12.63 28.31
N PHE R 177 -55.44 -12.26 29.59
CA PHE R 177 -54.25 -12.48 30.38
C PHE R 177 -54.24 -13.84 31.07
N SER R 178 -55.40 -14.31 31.51
CA SER R 178 -55.45 -15.53 32.34
C SER R 178 -55.38 -16.77 31.45
N HIS R 179 -56.40 -16.98 30.62
CA HIS R 179 -56.39 -18.06 29.64
C HIS R 179 -55.95 -17.54 28.28
N GLY R 180 -54.82 -16.83 28.27
CA GLY R 180 -54.37 -16.12 27.09
C GLY R 180 -53.27 -16.84 26.34
N THR R 181 -52.76 -17.92 26.92
CA THR R 181 -51.82 -18.79 26.21
C THR R 181 -52.51 -19.70 25.21
N PHE R 182 -53.85 -19.78 25.22
CA PHE R 182 -54.58 -20.61 24.28
C PHE R 182 -55.59 -19.81 23.46
N SER R 183 -56.41 -19.00 24.10
CA SER R 183 -57.45 -18.24 23.43
C SER R 183 -57.25 -16.74 23.64
N SER R 184 -57.62 -15.96 22.63
CA SER R 184 -57.30 -14.54 22.59
C SER R 184 -58.33 -13.84 21.71
N TYR R 185 -58.18 -12.52 21.58
CA TYR R 185 -59.07 -11.72 20.75
C TYR R 185 -58.30 -10.51 20.24
N GLU R 186 -59.00 -9.68 19.48
CA GLU R 186 -58.45 -8.40 19.03
C GLU R 186 -59.53 -7.34 19.31
N PRO R 187 -59.24 -6.30 20.08
CA PRO R 187 -60.30 -5.37 20.49
C PRO R 187 -60.74 -4.38 19.42
N GLU R 188 -59.80 -3.87 18.62
CA GLU R 188 -60.11 -2.81 17.66
C GLU R 188 -60.61 -3.33 16.32
N LEU R 189 -60.81 -4.63 16.16
CA LEU R 189 -61.42 -5.17 14.95
C LEU R 189 -62.77 -5.82 15.19
N PHE R 190 -62.95 -6.52 16.31
CA PHE R 190 -64.22 -7.15 16.64
C PHE R 190 -64.52 -6.90 18.11
N PRO R 191 -65.72 -6.43 18.45
CA PRO R 191 -65.98 -6.02 19.84
C PRO R 191 -66.08 -7.19 20.80
N GLY R 192 -66.39 -8.39 20.31
CA GLY R 192 -66.42 -9.56 21.15
C GLY R 192 -65.10 -10.32 21.13
N LEU R 193 -65.04 -11.35 21.96
CA LEU R 193 -63.88 -12.23 22.02
C LEU R 193 -64.18 -13.51 21.26
N ILE R 194 -63.12 -14.17 20.78
CA ILE R 194 -63.25 -15.44 20.07
C ILE R 194 -62.57 -16.50 20.92
N TYR R 195 -63.36 -17.39 21.50
CA TYR R 195 -62.86 -18.41 22.41
C TYR R 195 -62.79 -19.75 21.69
N ARG R 196 -61.87 -20.60 22.12
CA ARG R 196 -61.65 -21.90 21.49
C ARG R 196 -61.62 -23.01 22.53
N MET R 197 -61.98 -24.21 22.09
CA MET R 197 -61.98 -25.40 22.94
C MET R 197 -61.58 -26.60 22.10
N VAL R 198 -60.41 -27.18 22.41
CA VAL R 198 -59.96 -28.38 21.72
C VAL R 198 -60.74 -29.60 22.16
N LYS R 199 -61.16 -29.62 23.44
CA LYS R 199 -61.77 -30.82 24.01
C LYS R 199 -63.03 -31.27 23.29
N PRO R 200 -63.90 -30.40 22.78
CA PRO R 200 -64.82 -30.82 21.71
C PRO R 200 -64.41 -30.43 20.30
N LYS R 201 -63.29 -29.73 20.12
CA LYS R 201 -62.90 -29.12 18.85
C LYS R 201 -63.99 -28.17 18.34
N ILE R 202 -64.18 -27.09 19.09
CA ILE R 202 -65.21 -26.10 18.77
C ILE R 202 -64.61 -24.70 18.91
N VAL R 203 -65.20 -23.74 18.21
CA VAL R 203 -64.97 -22.33 18.44
C VAL R 203 -66.27 -21.68 18.88
N LEU R 204 -66.14 -20.53 19.52
CA LEU R 204 -67.28 -19.82 20.09
C LEU R 204 -66.87 -18.38 20.38
N LEU R 205 -67.82 -17.48 20.22
CA LEU R 205 -67.59 -16.05 20.44
C LEU R 205 -68.34 -15.62 21.69
N ILE R 206 -67.63 -14.96 22.60
CA ILE R 206 -68.23 -14.46 23.83
C ILE R 206 -68.25 -12.92 23.77
N PHE R 207 -68.97 -12.32 24.71
CA PHE R 207 -69.19 -10.88 24.69
C PHE R 207 -68.90 -10.24 26.05
N VAL R 208 -69.24 -8.96 26.18
CA VAL R 208 -69.25 -8.30 27.48
C VAL R 208 -70.66 -8.23 28.06
N SER R 209 -71.69 -8.37 27.22
CA SER R 209 -73.08 -8.37 27.66
C SER R 209 -73.50 -9.68 28.31
N GLY R 210 -72.67 -10.72 28.21
CA GLY R 210 -72.98 -12.01 28.78
C GLY R 210 -73.47 -13.04 27.78
N LYS R 211 -73.86 -12.62 26.58
CA LYS R 211 -74.31 -13.56 25.56
C LYS R 211 -73.12 -14.28 24.93
N ILE R 212 -73.37 -15.51 24.48
CA ILE R 212 -72.37 -16.31 23.78
C ILE R 212 -73.05 -16.99 22.61
N VAL R 213 -72.45 -16.89 21.43
CA VAL R 213 -72.91 -17.59 20.23
C VAL R 213 -72.03 -18.80 19.98
N LEU R 214 -72.65 -19.94 19.72
CA LEU R 214 -71.96 -21.20 19.52
C LEU R 214 -72.07 -21.58 18.05
N THR R 215 -70.93 -21.67 17.37
CA THR R 215 -70.91 -21.94 15.94
C THR R 215 -69.84 -22.98 15.63
N GLY R 216 -69.77 -23.37 14.36
CA GLY R 216 -68.83 -24.37 13.92
C GLY R 216 -69.13 -25.77 14.40
N ALA R 217 -70.38 -26.07 14.72
CA ALA R 217 -70.75 -27.30 15.40
C ALA R 217 -70.95 -28.41 14.36
N LYS R 218 -70.04 -29.38 14.34
CA LYS R 218 -70.13 -30.47 13.38
C LYS R 218 -71.26 -31.42 13.73
N GLN R 219 -71.34 -31.82 15.00
CA GLN R 219 -72.43 -32.61 15.53
C GLN R 219 -73.27 -31.78 16.48
N ARG R 220 -74.58 -32.01 16.48
CA ARG R 220 -75.46 -31.29 17.39
C ARG R 220 -75.12 -31.61 18.84
N GLU R 221 -74.86 -32.89 19.15
CA GLU R 221 -74.54 -33.31 20.51
C GLU R 221 -73.19 -32.77 20.97
N GLU R 222 -72.30 -32.47 20.03
CA GLU R 222 -70.90 -32.19 20.36
C GLU R 222 -70.75 -30.93 21.19
N ILE R 223 -71.70 -29.98 21.06
CA ILE R 223 -71.66 -28.75 21.83
C ILE R 223 -72.46 -28.80 23.12
N TYR R 224 -73.32 -29.82 23.29
CA TYR R 224 -74.17 -29.83 24.49
C TYR R 224 -73.37 -30.11 25.74
N GLN R 225 -72.42 -31.05 25.68
CA GLN R 225 -71.53 -31.26 26.81
C GLN R 225 -70.44 -30.19 26.88
N ALA R 226 -70.20 -29.48 25.77
CA ALA R 226 -69.22 -28.40 25.76
C ALA R 226 -69.79 -27.14 26.38
N PHE R 227 -71.09 -26.89 26.15
CA PHE R 227 -71.71 -25.65 26.63
C PHE R 227 -71.75 -25.60 28.16
N GLU R 228 -71.93 -26.74 28.81
CA GLU R 228 -71.81 -26.78 30.26
C GLU R 228 -70.36 -26.80 30.71
N ALA R 229 -69.45 -27.31 29.86
CA ALA R 229 -68.04 -27.35 30.25
C ALA R 229 -67.43 -25.97 30.24
N ILE R 230 -67.82 -25.13 29.28
CA ILE R 230 -67.29 -23.76 29.18
C ILE R 230 -67.88 -22.81 30.21
N TYR R 231 -68.95 -23.21 30.88
CA TYR R 231 -69.66 -22.33 31.81
C TYR R 231 -68.85 -21.97 33.06
N PRO R 232 -68.14 -22.92 33.71
CA PRO R 232 -67.44 -22.55 34.95
C PRO R 232 -66.25 -21.63 34.75
N VAL R 233 -65.70 -21.52 33.53
CA VAL R 233 -64.51 -20.71 33.34
C VAL R 233 -64.84 -19.22 33.41
N LEU R 234 -66.11 -18.86 33.22
CA LEU R 234 -66.55 -17.48 33.44
C LEU R 234 -66.72 -17.16 34.91
N SER R 235 -67.01 -18.17 35.74
CA SER R 235 -67.53 -17.93 37.09
C SER R 235 -66.44 -17.47 38.06
N GLU R 236 -65.17 -17.74 37.76
CA GLU R 236 -64.11 -17.27 38.65
C GLU R 236 -63.90 -15.77 38.56
N PHE R 237 -64.28 -15.15 37.44
CA PHE R 237 -64.32 -13.69 37.33
C PHE R 237 -65.65 -13.21 37.91
N ARG R 238 -65.65 -12.95 39.21
CA ARG R 238 -66.72 -12.21 39.85
C ARG R 238 -66.42 -10.71 39.93
N LYS R 239 -65.41 -10.25 39.19
CA LYS R 239 -64.97 -8.85 39.15
C LYS R 239 -64.94 -8.23 40.54
N MET R 240 -64.37 -8.98 41.48
CA MET R 240 -64.49 -8.71 42.92
C MET R 240 -64.09 -7.28 43.28
N PRO S 2 -9.04 -25.24 29.77
CA PRO S 2 -10.15 -25.49 30.70
C PRO S 2 -9.71 -26.24 31.95
N VAL S 3 -8.90 -27.29 31.78
CA VAL S 3 -8.49 -28.18 32.85
C VAL S 3 -6.97 -28.17 32.92
N CYS S 4 -6.43 -27.96 34.11
CA CYS S 4 -4.99 -27.95 34.31
C CYS S 4 -4.43 -29.37 34.18
N LYS S 5 -3.11 -29.44 34.06
CA LYS S 5 -2.41 -30.72 33.98
C LYS S 5 -1.89 -31.20 35.33
N ASN S 6 -1.99 -30.39 36.37
CA ASN S 6 -1.42 -30.75 37.66
C ASN S 6 -2.43 -30.69 38.79
N CYS S 7 -3.33 -29.70 38.78
CA CYS S 7 -4.37 -29.58 39.79
C CYS S 7 -5.76 -29.89 39.26
N HIS S 8 -5.95 -29.85 37.94
CA HIS S 8 -7.23 -30.14 37.29
C HIS S 8 -8.34 -29.24 37.81
N GLY S 9 -8.03 -27.95 37.98
CA GLY S 9 -9.06 -26.98 38.25
C GLY S 9 -9.84 -26.60 37.01
N THR S 10 -10.98 -25.93 37.22
CA THR S 10 -11.82 -25.50 36.12
C THR S 10 -11.90 -23.99 35.97
N GLU S 11 -11.31 -23.22 36.89
CA GLU S 11 -11.33 -21.77 36.82
C GLU S 11 -9.96 -21.24 36.46
N PHE S 12 -9.90 -20.44 35.41
CA PHE S 12 -8.65 -19.82 34.97
C PHE S 12 -8.79 -18.30 35.05
N GLU S 13 -7.66 -17.62 35.22
CA GLU S 13 -7.63 -16.17 35.37
C GLU S 13 -6.64 -15.57 34.40
N ARG S 14 -7.15 -14.80 33.43
CA ARG S 14 -6.30 -14.14 32.44
C ARG S 14 -5.61 -12.95 33.09
N ASP S 15 -4.30 -13.03 33.25
CA ASP S 15 -3.52 -12.02 33.97
C ASP S 15 -2.96 -11.01 32.97
N LEU S 16 -3.37 -9.75 33.11
CA LEU S 16 -2.93 -8.67 32.26
C LEU S 16 -2.17 -7.60 33.04
N SER S 17 -1.58 -7.99 34.17
CA SER S 17 -0.95 -7.03 35.05
C SER S 17 0.38 -6.52 34.52
N ASN S 18 1.06 -7.30 33.67
CA ASN S 18 2.34 -6.90 33.11
C ASN S 18 2.39 -7.20 31.61
N ALA S 19 1.24 -7.03 30.94
CA ALA S 19 1.14 -7.07 29.49
C ALA S 19 1.56 -8.42 28.91
N ASN S 20 1.39 -9.50 29.67
CA ASN S 20 1.64 -10.84 29.16
C ASN S 20 0.38 -11.54 28.67
N ASN S 21 -0.75 -11.29 29.34
CA ASN S 21 -2.06 -11.83 28.92
C ASN S 21 -2.04 -13.36 28.90
N ASP S 22 -1.30 -13.95 29.84
CA ASP S 22 -1.26 -15.40 29.97
C ASP S 22 -2.57 -15.92 30.55
N LEU S 23 -2.69 -17.24 30.57
CA LEU S 23 -3.88 -17.91 31.09
C LEU S 23 -3.44 -18.94 32.11
N VAL S 24 -3.88 -18.78 33.36
CA VAL S 24 -3.32 -19.53 34.48
C VAL S 24 -4.35 -19.60 35.58
N CYS S 25 -4.30 -20.67 36.37
CA CYS S 25 -5.21 -20.88 37.49
C CYS S 25 -4.60 -20.34 38.78
N LYS S 26 -5.47 -20.15 39.77
CA LYS S 26 -5.04 -19.66 41.08
C LYS S 26 -4.76 -20.79 42.07
N ALA S 27 -4.99 -22.05 41.67
CA ALA S 27 -4.70 -23.17 42.55
C ALA S 27 -3.20 -23.40 42.67
N CYS S 28 -2.54 -23.68 41.54
CA CYS S 28 -1.11 -23.97 41.53
C CYS S 28 -0.27 -22.90 40.87
N GLY S 29 -0.73 -22.35 39.74
CA GLY S 29 0.06 -21.36 39.03
C GLY S 29 0.82 -21.90 37.84
N VAL S 30 0.21 -22.81 37.07
CA VAL S 30 0.79 -23.32 35.84
C VAL S 30 0.03 -22.74 34.67
N VAL S 31 0.76 -22.09 33.76
CA VAL S 31 0.12 -21.35 32.67
C VAL S 31 -0.48 -22.32 31.66
N SER S 32 -1.69 -22.03 31.21
CA SER S 32 -2.42 -22.96 30.35
C SER S 32 -2.14 -22.74 28.87
N GLU S 33 -2.02 -21.48 28.45
CA GLU S 33 -1.57 -21.17 27.10
C GLU S 33 -0.74 -19.89 27.12
N ASP S 34 0.42 -19.93 26.47
CA ASP S 34 1.28 -18.77 26.32
C ASP S 34 1.21 -18.27 24.88
N ASN S 35 1.68 -17.03 24.69
CA ASN S 35 1.69 -16.35 23.40
C ASN S 35 0.30 -16.34 22.77
N PRO S 36 -0.61 -15.49 23.24
CA PRO S 36 -1.98 -15.50 22.69
C PRO S 36 -1.99 -15.12 21.22
N ILE S 37 -3.00 -15.62 20.51
CA ILE S 37 -3.14 -15.40 19.07
C ILE S 37 -4.40 -14.56 18.88
N VAL S 38 -4.22 -13.25 18.73
CA VAL S 38 -5.35 -12.33 18.64
C VAL S 38 -5.98 -12.43 17.27
N SER S 39 -7.27 -12.10 17.20
CA SER S 39 -8.01 -12.07 15.94
C SER S 39 -7.85 -10.68 15.33
N GLU S 40 -6.82 -10.51 14.51
CA GLU S 40 -6.49 -9.21 13.94
C GLU S 40 -7.57 -8.76 12.95
N LEU S 73 -32.23 -20.59 -1.89
CA LEU S 73 -31.98 -20.51 -3.31
C LEU S 73 -31.60 -19.10 -3.73
N GLU S 74 -31.12 -18.95 -4.97
CA GLU S 74 -30.93 -17.63 -5.55
C GLU S 74 -32.27 -16.92 -5.75
N SER S 75 -33.28 -17.65 -6.21
CA SER S 75 -34.63 -17.08 -6.28
C SER S 75 -35.23 -16.88 -4.90
N ARG S 76 -34.80 -17.68 -3.91
CA ARG S 76 -35.28 -17.47 -2.55
C ARG S 76 -34.51 -16.36 -1.85
N GLU S 77 -33.26 -16.12 -2.25
CA GLU S 77 -32.55 -14.92 -1.78
C GLU S 77 -33.10 -13.66 -2.43
N ALA S 78 -33.47 -13.75 -3.72
CA ALA S 78 -33.97 -12.58 -4.43
C ALA S 78 -35.37 -12.19 -3.98
N THR S 79 -36.15 -13.14 -3.45
CA THR S 79 -37.48 -12.81 -2.98
C THR S 79 -37.49 -12.22 -1.57
N LEU S 80 -36.35 -12.22 -0.87
CA LEU S 80 -36.24 -11.52 0.40
C LEU S 80 -35.40 -10.25 0.31
N ASN S 81 -34.48 -10.17 -0.65
CA ASN S 81 -33.82 -8.90 -0.93
C ASN S 81 -34.83 -7.84 -1.39
N ASN S 82 -35.77 -8.25 -2.24
CA ASN S 82 -36.93 -7.38 -2.52
C ASN S 82 -37.78 -7.16 -1.28
N ALA S 83 -38.01 -8.22 -0.50
CA ALA S 83 -38.85 -8.11 0.68
C ALA S 83 -38.15 -7.42 1.85
N ARG S 84 -36.85 -7.12 1.72
CA ARG S 84 -36.17 -6.27 2.68
C ARG S 84 -36.34 -4.80 2.38
N ARG S 85 -36.55 -4.46 1.10
CA ARG S 85 -36.89 -3.08 0.74
C ARG S 85 -38.27 -2.69 1.24
N LYS S 86 -39.19 -3.67 1.35
CA LYS S 86 -40.55 -3.36 1.77
C LYS S 86 -40.61 -2.97 3.24
N LEU S 87 -39.89 -3.71 4.09
CA LEU S 87 -39.95 -3.44 5.53
C LEU S 87 -39.21 -2.14 5.87
N ARG S 88 -38.10 -1.88 5.18
CA ARG S 88 -37.41 -0.60 5.33
C ARG S 88 -38.16 0.55 4.68
N ALA S 89 -39.14 0.25 3.81
CA ALA S 89 -39.93 1.31 3.19
C ALA S 89 -40.89 1.93 4.20
N VAL S 90 -41.67 1.10 4.89
CA VAL S 90 -42.68 1.62 5.80
C VAL S 90 -42.04 2.10 7.11
N SER S 91 -40.90 1.53 7.50
CA SER S 91 -40.27 1.91 8.75
C SER S 91 -39.56 3.25 8.64
N TYR S 92 -39.10 3.63 7.44
CA TYR S 92 -38.64 4.99 7.23
C TYR S 92 -39.78 6.00 7.29
N ALA S 93 -41.00 5.56 6.98
CA ALA S 93 -42.14 6.45 6.83
C ALA S 93 -42.82 6.74 8.17
N LEU S 94 -43.03 5.71 8.98
CA LEU S 94 -43.69 5.82 10.27
C LEU S 94 -42.72 6.03 11.42
N HIS S 95 -41.45 6.32 11.13
CA HIS S 95 -40.42 6.58 12.13
C HIS S 95 -40.25 5.38 13.07
N ILE S 96 -40.43 4.18 12.53
CA ILE S 96 -40.07 2.94 13.23
C ILE S 96 -38.56 2.88 13.34
N PRO S 97 -37.99 2.80 14.54
CA PRO S 97 -36.53 2.71 14.67
C PRO S 97 -36.03 1.33 14.27
N GLU S 98 -34.71 1.27 14.05
CA GLU S 98 -34.11 0.19 13.28
C GLU S 98 -34.03 -1.14 14.03
N TYR S 99 -34.35 -1.18 15.32
CA TYR S 99 -34.35 -2.44 16.06
C TYR S 99 -35.68 -3.19 15.98
N ILE S 100 -36.60 -2.75 15.12
CA ILE S 100 -37.86 -3.44 14.89
C ILE S 100 -37.91 -4.05 13.49
N THR S 101 -37.39 -3.33 12.49
CA THR S 101 -37.26 -3.88 11.14
C THR S 101 -36.49 -5.21 11.15
N ASP S 102 -35.34 -5.23 11.80
CA ASP S 102 -34.58 -6.48 11.91
C ASP S 102 -35.30 -7.50 12.77
N ALA S 103 -36.08 -7.05 13.76
CA ALA S 103 -36.88 -7.99 14.53
C ALA S 103 -38.09 -8.48 13.75
N ALA S 104 -38.57 -7.69 12.80
CA ALA S 104 -39.75 -8.06 12.02
C ALA S 104 -39.46 -9.13 10.97
N PHE S 105 -38.20 -9.25 10.54
CA PHE S 105 -37.88 -10.08 9.38
C PHE S 105 -37.97 -11.56 9.70
N GLN S 106 -37.65 -11.97 10.93
CA GLN S 106 -37.80 -13.37 11.29
C GLN S 106 -39.25 -13.80 11.34
N TRP S 107 -40.17 -12.88 11.68
CA TRP S 107 -41.59 -13.19 11.59
C TRP S 107 -42.01 -13.37 10.14
N TYR S 108 -41.44 -12.57 9.22
CA TYR S 108 -41.63 -12.81 7.79
C TYR S 108 -40.92 -14.08 7.34
N LYS S 109 -39.80 -14.43 7.97
CA LYS S 109 -38.98 -15.54 7.50
C LYS S 109 -39.64 -16.88 7.81
N LEU S 110 -40.20 -17.03 9.01
CA LEU S 110 -40.92 -18.25 9.33
C LEU S 110 -42.25 -18.34 8.59
N ALA S 111 -42.90 -17.20 8.35
CA ALA S 111 -44.12 -17.22 7.55
C ALA S 111 -43.82 -17.42 6.07
N LEU S 112 -42.59 -17.14 5.64
CA LEU S 112 -42.18 -17.44 4.27
C LEU S 112 -42.18 -18.94 4.01
N ALA S 113 -41.55 -19.70 4.91
CA ALA S 113 -41.38 -21.14 4.71
C ALA S 113 -42.71 -21.89 4.81
N ASN S 114 -43.65 -21.41 5.61
CA ASN S 114 -44.88 -22.13 5.91
C ASN S 114 -46.03 -21.70 5.00
N ASN S 115 -45.73 -21.31 3.76
CA ASN S 115 -46.72 -21.23 2.69
C ASN S 115 -47.80 -20.19 2.99
N PHE S 116 -47.39 -19.07 3.59
CA PHE S 116 -48.33 -18.01 3.91
C PHE S 116 -48.27 -16.84 2.95
N VAL S 117 -47.17 -16.68 2.20
CA VAL S 117 -47.02 -15.53 1.32
C VAL S 117 -47.62 -15.80 -0.06
N GLN S 118 -47.88 -17.06 -0.40
CA GLN S 118 -48.39 -17.39 -1.72
C GLN S 118 -49.85 -16.96 -1.87
N GLY S 119 -50.16 -16.32 -2.98
CA GLY S 119 -51.52 -15.88 -3.25
C GLY S 119 -51.86 -14.48 -2.78
N ARG S 120 -51.57 -14.18 -1.51
CA ARG S 120 -51.90 -12.87 -0.97
C ARG S 120 -50.96 -11.80 -1.54
N ARG S 121 -51.37 -10.55 -1.35
CA ARG S 121 -50.60 -9.42 -1.86
C ARG S 121 -49.28 -9.29 -1.10
N SER S 122 -48.21 -8.94 -1.82
CA SER S 122 -46.91 -8.74 -1.19
C SER S 122 -46.96 -7.58 -0.19
N GLN S 123 -47.57 -6.47 -0.59
CA GLN S 123 -47.60 -5.28 0.26
C GLN S 123 -48.67 -5.36 1.34
N ASN S 124 -49.47 -6.43 1.37
CA ASN S 124 -50.49 -6.61 2.37
C ASN S 124 -50.06 -7.53 3.51
N VAL S 125 -49.05 -8.36 3.29
CA VAL S 125 -48.56 -9.27 4.31
C VAL S 125 -47.43 -8.65 5.14
N ILE S 126 -46.67 -7.72 4.57
CA ILE S 126 -45.48 -7.22 5.27
C ILE S 126 -45.88 -6.19 6.33
N ALA S 127 -46.96 -5.46 6.13
CA ALA S 127 -47.43 -4.53 7.15
C ALA S 127 -48.11 -5.28 8.29
N SER S 128 -48.83 -6.37 7.97
CA SER S 128 -49.37 -7.24 9.01
C SER S 128 -48.27 -7.95 9.77
N CYS S 129 -47.16 -8.29 9.10
CA CYS S 129 -46.01 -8.87 9.77
C CYS S 129 -45.30 -7.84 10.64
N LEU S 130 -45.27 -6.58 10.21
CA LEU S 130 -44.62 -5.54 11.00
C LEU S 130 -45.40 -5.22 12.26
N TYR S 131 -46.73 -5.32 12.21
CA TYR S 131 -47.54 -4.95 13.38
C TYR S 131 -47.38 -5.96 14.51
N VAL S 132 -47.03 -7.20 14.18
CA VAL S 132 -46.67 -8.17 15.21
C VAL S 132 -45.42 -7.71 15.95
N ALA S 133 -44.44 -7.17 15.23
CA ALA S 133 -43.22 -6.69 15.84
C ALA S 133 -43.45 -5.39 16.61
N CYS S 134 -44.39 -4.57 16.16
CA CYS S 134 -44.71 -3.34 16.87
C CYS S 134 -45.61 -3.56 18.08
N ARG S 135 -46.37 -4.66 18.10
CA ARG S 135 -47.15 -4.97 19.29
C ARG S 135 -46.26 -5.52 20.41
N LYS S 136 -45.31 -6.39 20.05
CA LYS S 136 -44.44 -7.01 21.05
C LYS S 136 -43.60 -5.97 21.79
N GLU S 137 -43.21 -4.89 21.12
CA GLU S 137 -42.46 -3.82 21.76
C GLU S 137 -43.32 -2.97 22.70
N LYS S 138 -44.65 -3.07 22.60
CA LYS S 138 -45.56 -2.14 23.27
C LYS S 138 -45.22 -0.69 22.94
N THR S 139 -45.41 -0.36 21.66
CA THR S 139 -45.20 0.99 21.18
C THR S 139 -46.51 1.61 20.70
N HIS S 140 -46.48 2.93 20.53
CA HIS S 140 -47.67 3.76 20.36
C HIS S 140 -48.35 3.60 19.01
N HIS S 141 -47.82 2.76 18.12
CA HIS S 141 -48.32 2.72 16.75
C HIS S 141 -49.59 1.89 16.66
N MET S 142 -50.60 2.46 16.00
CA MET S 142 -51.89 1.79 15.83
C MET S 142 -51.83 0.79 14.68
N LEU S 143 -52.99 0.36 14.21
CA LEU S 143 -53.06 -0.48 13.02
C LEU S 143 -53.45 0.29 11.77
N ILE S 144 -54.21 1.38 11.92
CA ILE S 144 -54.71 2.11 10.75
C ILE S 144 -53.68 3.05 10.14
N ASP S 145 -52.57 3.31 10.84
CA ASP S 145 -51.48 4.08 10.25
C ASP S 145 -50.71 3.27 9.21
N PHE S 146 -50.86 1.94 9.24
CA PHE S 146 -50.36 1.09 8.16
C PHE S 146 -51.26 1.17 6.94
N SER S 147 -52.58 1.19 7.15
CA SER S 147 -53.52 1.04 6.06
C SER S 147 -53.78 2.35 5.32
N SER S 148 -53.63 3.49 6.00
CA SER S 148 -53.98 4.76 5.37
C SER S 148 -52.95 5.16 4.32
N ARG S 149 -51.70 4.75 4.50
CA ARG S 149 -50.72 4.88 3.41
C ARG S 149 -51.11 4.01 2.24
N LEU S 150 -51.58 2.79 2.52
CA LEU S 150 -51.91 1.80 1.51
C LEU S 150 -53.30 2.04 0.90
N GLN S 151 -54.08 2.97 1.46
CA GLN S 151 -55.35 3.40 0.91
C GLN S 151 -56.32 2.23 0.73
N VAL S 152 -56.26 1.26 1.63
CA VAL S 152 -57.24 0.19 1.71
C VAL S 152 -58.02 0.37 3.00
N SER S 153 -59.00 -0.50 3.24
CA SER S 153 -59.73 -0.41 4.49
C SER S 153 -58.91 -0.99 5.64
N VAL S 154 -59.28 -0.58 6.86
CA VAL S 154 -58.69 -1.20 8.05
C VAL S 154 -59.04 -2.68 8.10
N TYR S 155 -60.26 -3.03 7.70
CA TYR S 155 -60.73 -4.40 7.82
C TYR S 155 -60.14 -5.33 6.77
N SER S 156 -59.60 -4.80 5.68
CA SER S 156 -58.90 -5.62 4.71
C SER S 156 -57.58 -6.12 5.29
N ILE S 157 -56.75 -5.22 5.80
CA ILE S 157 -55.46 -5.61 6.36
C ILE S 157 -55.64 -6.26 7.72
N GLY S 158 -56.73 -5.96 8.43
CA GLY S 158 -56.98 -6.60 9.70
C GLY S 158 -57.41 -8.04 9.57
N ALA S 159 -58.05 -8.40 8.46
CA ALA S 159 -58.52 -9.77 8.28
C ALA S 159 -57.35 -10.72 8.02
N THR S 160 -56.39 -10.30 7.21
CA THR S 160 -55.18 -11.09 7.00
C THR S 160 -54.22 -11.03 8.18
N PHE S 161 -54.45 -10.15 9.15
CA PHE S 161 -53.73 -10.23 10.42
C PHE S 161 -54.26 -11.36 11.29
N LEU S 162 -55.58 -11.60 11.28
CA LEU S 162 -56.15 -12.63 12.12
C LEU S 162 -55.78 -14.02 11.62
N LYS S 163 -55.71 -14.20 10.30
CA LYS S 163 -55.28 -15.46 9.71
C LYS S 163 -53.77 -15.66 9.79
N MET S 164 -53.02 -14.67 10.26
CA MET S 164 -51.60 -14.87 10.57
C MET S 164 -51.38 -15.38 11.98
N VAL S 165 -52.10 -14.81 12.96
CA VAL S 165 -51.75 -15.04 14.36
C VAL S 165 -52.20 -16.41 14.82
N LYS S 166 -53.41 -16.82 14.46
CA LYS S 166 -53.94 -18.11 14.90
C LYS S 166 -53.37 -19.27 14.07
N LYS S 167 -53.00 -19.00 12.81
CA LYS S 167 -52.37 -20.03 11.99
C LYS S 167 -50.95 -20.33 12.46
N LEU S 168 -50.16 -19.28 12.71
CA LEU S 168 -48.75 -19.44 13.02
C LEU S 168 -48.47 -19.44 14.52
N HIS S 169 -49.47 -19.77 15.34
CA HIS S 169 -49.26 -20.28 16.70
C HIS S 169 -48.64 -19.20 17.60
N ILE S 170 -49.09 -17.96 17.44
CA ILE S 170 -48.67 -16.87 18.31
C ILE S 170 -49.62 -16.87 19.50
N THR S 171 -49.13 -17.37 20.65
CA THR S 171 -49.97 -17.49 21.83
C THR S 171 -49.83 -16.28 22.76
N GLU S 172 -48.61 -16.04 23.25
CA GLU S 172 -48.37 -14.85 24.05
C GLU S 172 -48.34 -13.60 23.18
N LEU S 173 -48.98 -12.52 23.69
CA LEU S 173 -49.09 -11.27 22.96
C LEU S 173 -49.42 -10.17 23.95
N PRO S 174 -48.87 -8.97 23.78
CA PRO S 174 -49.30 -7.84 24.62
C PRO S 174 -50.71 -7.38 24.27
N LEU S 175 -51.38 -6.81 25.27
CA LEU S 175 -52.68 -6.20 25.02
C LEU S 175 -52.49 -4.76 24.52
N ALA S 176 -53.48 -4.28 23.79
CA ALA S 176 -53.50 -2.89 23.33
C ALA S 176 -53.82 -1.97 24.51
N ASP S 177 -52.78 -1.63 25.26
CA ASP S 177 -52.96 -0.80 26.44
C ASP S 177 -53.22 0.64 26.03
N PRO S 178 -54.37 1.23 26.37
CA PRO S 178 -54.67 2.58 25.87
C PRO S 178 -53.88 3.68 26.57
N SER S 179 -53.27 3.38 27.71
CA SER S 179 -52.47 4.37 28.44
C SER S 179 -51.19 4.71 27.72
N LEU S 180 -50.77 3.89 26.76
CA LEU S 180 -49.62 4.24 25.92
C LEU S 180 -49.92 5.41 24.98
N PHE S 181 -51.17 5.55 24.55
CA PHE S 181 -51.46 6.47 23.45
C PHE S 181 -51.60 7.91 23.92
N ILE S 182 -51.78 8.14 25.21
CA ILE S 182 -51.91 9.51 25.71
C ILE S 182 -50.59 10.27 25.56
N GLN S 183 -49.48 9.63 25.89
CA GLN S 183 -48.19 10.32 25.93
C GLN S 183 -47.69 10.70 24.55
N HIS S 184 -48.12 10.01 23.50
CA HIS S 184 -47.64 10.29 22.15
C HIS S 184 -48.52 11.28 21.39
N PHE S 185 -49.76 11.49 21.85
CA PHE S 185 -50.68 12.37 21.14
C PHE S 185 -50.23 13.83 21.20
N ALA S 186 -49.62 14.24 22.31
CA ALA S 186 -49.47 15.66 22.62
C ALA S 186 -48.43 16.34 21.75
N GLU S 187 -47.41 15.62 21.31
CA GLU S 187 -46.21 16.27 20.79
C GLU S 187 -46.45 16.87 19.40
N LYS S 188 -47.13 16.14 18.52
CA LYS S 188 -47.55 16.73 17.26
C LYS S 188 -48.89 17.45 17.34
N LEU S 189 -49.56 17.42 18.50
CA LEU S 189 -50.76 18.21 18.68
C LEU S 189 -50.45 19.69 18.89
N ASP S 190 -49.20 20.00 19.25
CA ASP S 190 -48.72 21.38 19.39
C ASP S 190 -49.53 22.15 20.44
N LEU S 191 -49.63 21.57 21.64
CA LEU S 191 -50.28 22.24 22.75
C LEU S 191 -49.28 23.11 23.50
N ALA S 192 -49.67 23.58 24.68
CA ALA S 192 -48.86 24.53 25.42
C ALA S 192 -47.60 23.86 25.98
N ASP S 193 -46.64 24.70 26.40
CA ASP S 193 -45.35 24.19 26.84
C ASP S 193 -45.42 23.56 28.23
N LYS S 194 -46.56 23.67 28.91
CA LYS S 194 -46.84 22.89 30.12
C LYS S 194 -47.51 21.57 29.75
N LYS S 195 -46.77 20.76 28.99
CA LYS S 195 -47.29 19.53 28.42
C LYS S 195 -47.24 18.34 29.38
N ILE S 196 -46.87 18.57 30.64
CA ILE S 196 -46.85 17.49 31.62
C ILE S 196 -48.15 17.43 32.41
N LYS S 197 -48.72 18.60 32.73
CA LYS S 197 -49.97 18.63 33.48
C LYS S 197 -51.16 18.15 32.65
N VAL S 198 -51.07 18.25 31.32
CA VAL S 198 -52.09 17.62 30.47
C VAL S 198 -51.91 16.12 30.41
N VAL S 199 -50.76 15.60 30.84
CA VAL S 199 -50.49 14.17 30.82
C VAL S 199 -50.66 13.55 32.20
N LYS S 200 -50.12 14.23 33.23
CA LYS S 200 -50.25 13.72 34.59
C LYS S 200 -51.70 13.66 35.02
N ASP S 201 -52.51 14.64 34.60
CA ASP S 201 -53.95 14.58 34.85
C ASP S 201 -54.64 13.52 34.01
N ALA S 202 -54.07 13.15 32.88
CA ALA S 202 -54.76 12.29 31.92
C ALA S 202 -54.59 10.81 32.27
N VAL S 203 -53.39 10.39 32.64
CA VAL S 203 -53.18 9.00 33.04
C VAL S 203 -53.86 8.73 34.38
N LYS S 204 -53.93 9.74 35.25
CA LYS S 204 -54.74 9.62 36.45
C LYS S 204 -56.23 9.62 36.13
N LEU S 205 -56.62 10.25 35.01
CA LEU S 205 -57.97 10.06 34.50
C LEU S 205 -58.11 8.71 33.84
N ALA S 206 -57.06 8.20 33.20
CA ALA S 206 -57.12 6.89 32.58
C ALA S 206 -57.08 5.78 33.64
N GLN S 207 -56.34 6.00 34.72
CA GLN S 207 -56.42 5.09 35.87
C GLN S 207 -57.81 5.15 36.49
N ARG S 208 -58.41 6.34 36.56
CA ARG S 208 -59.80 6.45 36.96
C ARG S 208 -60.71 5.78 35.94
N MET S 209 -60.37 5.90 34.65
CA MET S 209 -61.13 5.23 33.60
C MET S 209 -60.91 3.72 33.63
N SER S 210 -59.79 3.26 34.17
CA SER S 210 -59.44 1.84 34.12
C SER S 210 -60.35 1.03 35.04
N LYS S 211 -60.47 1.45 36.30
CA LYS S 211 -61.34 0.73 37.23
C LYS S 211 -62.81 0.88 36.85
N ASP S 212 -63.19 2.01 36.26
CA ASP S 212 -64.56 2.21 35.83
C ASP S 212 -64.82 1.45 34.54
N TRP S 213 -66.10 1.16 34.31
CA TRP S 213 -66.52 0.11 33.38
C TRP S 213 -67.10 0.72 32.11
N MET S 214 -66.22 1.05 31.17
CA MET S 214 -66.70 1.48 29.85
C MET S 214 -65.98 0.79 28.70
N PHE S 215 -64.68 0.54 28.80
CA PHE S 215 -63.91 0.00 27.68
C PHE S 215 -63.55 -1.45 27.98
N GLU S 216 -64.30 -2.37 27.37
CA GLU S 216 -64.04 -3.80 27.46
C GLU S 216 -64.20 -4.51 26.13
N GLY S 217 -64.97 -3.95 25.20
CA GLY S 217 -65.20 -4.48 23.88
C GLY S 217 -65.13 -3.33 22.89
N ARG S 218 -64.96 -2.13 23.44
CA ARG S 218 -64.83 -0.91 22.65
C ARG S 218 -63.40 -0.76 22.14
N ARG S 219 -63.07 0.43 21.65
CA ARG S 219 -61.83 0.63 20.92
C ARG S 219 -60.74 1.22 21.81
N PRO S 220 -59.52 0.69 21.69
CA PRO S 220 -58.39 1.28 22.44
C PRO S 220 -58.10 2.73 22.07
N ALA S 221 -58.15 3.06 20.78
CA ALA S 221 -57.97 4.45 20.34
C ALA S 221 -59.20 5.31 20.57
N GLY S 222 -60.36 4.72 20.84
CA GLY S 222 -61.56 5.50 21.07
C GLY S 222 -61.57 6.11 22.46
N ILE S 223 -61.51 5.26 23.48
CA ILE S 223 -61.64 5.72 24.86
C ILE S 223 -60.41 6.52 25.29
N ALA S 224 -59.26 6.27 24.66
CA ALA S 224 -58.07 7.09 24.84
C ALA S 224 -58.07 8.34 23.98
N GLY S 225 -59.14 8.59 23.22
CA GLY S 225 -59.25 9.77 22.41
C GLY S 225 -60.24 10.77 22.98
N ALA S 226 -60.93 10.37 24.04
CA ALA S 226 -61.81 11.26 24.78
C ALA S 226 -61.31 11.64 26.16
N CYS S 227 -60.37 10.87 26.72
CA CYS S 227 -59.75 11.27 27.98
C CYS S 227 -58.90 12.52 27.81
N ILE S 228 -58.02 12.52 26.80
CA ILE S 228 -57.14 13.66 26.57
C ILE S 228 -57.93 14.85 26.04
N LEU S 229 -59.14 14.61 25.52
CA LEU S 229 -60.09 15.69 25.31
C LEU S 229 -60.51 16.31 26.63
N LEU S 230 -60.87 15.47 27.60
CA LEU S 230 -61.41 15.95 28.87
C LEU S 230 -60.30 16.40 29.81
N ALA S 231 -59.09 15.83 29.68
CA ALA S 231 -57.97 16.28 30.50
C ALA S 231 -57.49 17.66 30.06
N CYS S 232 -57.53 17.95 28.77
CA CYS S 232 -57.20 19.26 28.25
C CYS S 232 -58.39 20.21 28.25
N ARG S 233 -59.59 19.72 28.59
CA ARG S 233 -60.76 20.57 28.70
C ARG S 233 -60.58 21.63 29.78
N MET S 234 -60.25 21.21 31.00
CA MET S 234 -60.26 22.09 32.15
C MET S 234 -59.13 23.11 32.15
N ASN S 235 -58.12 22.94 31.30
CA ASN S 235 -56.98 23.86 31.28
C ASN S 235 -56.89 24.70 30.02
N ASN S 236 -57.26 24.15 28.86
CA ASN S 236 -57.12 24.85 27.59
C ASN S 236 -58.46 24.84 26.86
N LEU S 237 -58.52 25.59 25.77
CA LEU S 237 -59.62 25.51 24.82
C LEU S 237 -59.16 24.82 23.54
N ARG S 238 -58.38 23.75 23.69
CA ARG S 238 -57.97 22.95 22.54
C ARG S 238 -59.09 22.05 22.02
N ARG S 239 -60.10 21.77 22.84
CA ARG S 239 -61.25 20.98 22.40
C ARG S 239 -62.05 21.73 21.35
N THR S 240 -61.93 21.31 20.09
CA THR S 240 -62.88 21.67 19.05
C THR S 240 -63.37 20.44 18.28
N HIS S 241 -63.05 19.25 18.76
CA HIS S 241 -63.46 17.96 18.20
C HIS S 241 -62.98 17.74 16.78
N THR S 242 -62.03 18.55 16.30
CA THR S 242 -61.48 18.32 14.97
C THR S 242 -59.97 18.21 14.98
N GLU S 243 -59.27 19.00 15.78
CA GLU S 243 -57.83 18.86 15.92
C GLU S 243 -57.44 17.63 16.72
N ILE S 244 -58.31 17.16 17.60
CA ILE S 244 -58.07 15.90 18.29
C ILE S 244 -58.46 14.71 17.43
N VAL S 245 -59.44 14.88 16.54
CA VAL S 245 -59.79 13.81 15.62
C VAL S 245 -58.75 13.68 14.51
N ALA S 246 -58.11 14.79 14.13
CA ALA S 246 -56.99 14.73 13.22
C ALA S 246 -55.76 14.09 13.84
N VAL S 247 -55.75 13.90 15.16
CA VAL S 247 -54.72 13.13 15.83
C VAL S 247 -55.12 11.67 16.00
N SER S 248 -56.33 11.44 16.52
CA SER S 248 -56.74 10.09 16.90
C SER S 248 -57.24 9.28 15.72
N HIS S 249 -57.64 9.95 14.63
CA HIS S 249 -58.22 9.29 13.46
C HIS S 249 -59.39 8.39 13.84
N VAL S 250 -60.24 8.89 14.73
CA VAL S 250 -61.51 8.23 15.05
C VAL S 250 -62.60 9.31 15.03
N ALA S 251 -63.80 8.90 14.66
CA ALA S 251 -64.80 9.84 14.17
C ALA S 251 -65.19 10.84 15.25
N GLU S 252 -65.82 11.93 14.80
CA GLU S 252 -66.11 13.06 15.69
C GLU S 252 -67.19 12.71 16.70
N GLU S 253 -68.25 12.04 16.26
CA GLU S 253 -69.40 11.78 17.12
C GLU S 253 -69.25 10.53 17.98
N THR S 254 -68.24 9.70 17.72
CA THR S 254 -68.05 8.50 18.52
C THR S 254 -67.26 8.76 19.79
N LEU S 255 -66.68 9.94 19.96
CA LEU S 255 -66.08 10.33 21.23
C LEU S 255 -66.97 11.24 22.06
N GLN S 256 -67.91 11.96 21.45
CA GLN S 256 -68.95 12.61 22.21
C GLN S 256 -69.87 11.60 22.89
N GLN S 257 -70.08 10.45 22.24
CA GLN S 257 -70.77 9.35 22.91
C GLN S 257 -70.01 8.88 24.14
N ARG S 258 -68.67 8.90 24.07
CA ARG S 258 -67.87 8.57 25.26
C ARG S 258 -68.03 9.63 26.34
N LEU S 259 -68.11 10.90 25.94
CA LEU S 259 -68.26 11.97 26.92
C LEU S 259 -69.65 11.96 27.56
N ASN S 260 -70.66 11.54 26.82
CA ASN S 260 -71.97 11.28 27.40
C ASN S 260 -71.99 10.04 28.27
N GLU S 261 -71.08 9.09 28.02
CA GLU S 261 -71.10 7.84 28.78
C GLU S 261 -70.52 8.02 30.17
N PHE S 262 -69.31 8.59 30.27
CA PHE S 262 -68.66 8.67 31.57
C PHE S 262 -69.28 9.74 32.47
N LYS S 263 -69.96 10.72 31.89
CA LYS S 263 -70.68 11.69 32.71
C LYS S 263 -71.75 11.02 33.57
N ASN S 264 -72.35 9.94 33.07
CA ASN S 264 -73.53 9.35 33.67
C ASN S 264 -73.29 7.93 34.19
N THR S 265 -72.11 7.68 34.77
CA THR S 265 -71.86 6.40 35.43
C THR S 265 -71.98 6.50 36.94
N LYS S 266 -71.09 7.27 37.58
CA LYS S 266 -71.18 7.60 39.00
C LYS S 266 -70.08 8.61 39.31
N ALA S 267 -70.38 9.52 40.24
CA ALA S 267 -69.43 10.45 40.83
C ALA S 267 -68.78 11.38 39.81
N ALA S 268 -69.25 11.39 38.56
CA ALA S 268 -68.79 12.38 37.60
C ALA S 268 -69.58 13.68 37.63
N LYS S 269 -70.83 13.66 38.10
CA LYS S 269 -71.54 14.91 38.38
C LYS S 269 -70.82 15.72 39.46
N LEU S 270 -70.15 15.05 40.38
CA LEU S 270 -69.26 15.72 41.31
C LEU S 270 -68.10 16.40 40.58
N SER S 271 -67.60 15.78 39.51
CA SER S 271 -66.41 16.26 38.81
C SER S 271 -66.73 16.90 37.46
N VAL S 272 -67.92 17.48 37.32
CA VAL S 272 -68.26 18.19 36.09
C VAL S 272 -67.55 19.53 36.03
N GLN S 273 -67.70 20.34 37.09
CA GLN S 273 -67.35 21.75 37.06
C GLN S 273 -66.27 22.13 38.06
N LYS S 274 -65.98 21.28 39.04
CA LYS S 274 -65.25 21.67 40.25
C LYS S 274 -64.60 20.41 40.82
N PHE S 275 -64.34 20.41 42.13
CA PHE S 275 -63.89 19.23 42.85
C PHE S 275 -62.53 18.78 42.35
N ARG S 276 -61.47 19.43 42.85
CA ARG S 276 -60.07 19.09 42.62
C ARG S 276 -59.79 17.60 42.48
N GLU S 277 -58.98 17.26 41.47
CA GLU S 277 -58.83 15.90 40.97
C GLU S 277 -58.01 15.03 41.92
N ASN S 278 -58.60 14.65 43.05
CA ASN S 278 -57.97 13.71 43.97
C ASN S 278 -58.98 12.74 44.58
N ASP S 279 -60.02 12.40 43.82
CA ASP S 279 -61.02 11.46 44.31
C ASP S 279 -60.45 10.05 44.34
N VAL S 280 -60.83 9.30 45.38
CA VAL S 280 -60.42 7.90 45.55
C VAL S 280 -61.69 7.11 45.84
N GLU S 281 -62.33 6.60 44.77
CA GLU S 281 -63.53 5.79 44.88
C GLU S 281 -63.48 4.68 43.85
N ASP S 282 -64.34 3.68 44.04
CA ASP S 282 -64.61 2.66 43.04
C ASP S 282 -66.00 2.77 42.43
N GLY S 283 -67.03 2.90 43.25
CA GLY S 283 -68.37 3.04 42.72
C GLY S 283 -68.92 1.74 42.13
N GLU S 284 -70.06 1.87 41.48
CA GLU S 284 -70.74 0.72 40.89
C GLU S 284 -70.07 0.32 39.57
N ALA S 285 -70.50 -0.83 39.05
CA ALA S 285 -69.99 -1.37 37.80
C ALA S 285 -71.14 -1.58 36.83
N ARG S 286 -71.22 -0.72 35.80
CA ARG S 286 -72.27 -0.82 34.79
C ARG S 286 -71.66 -0.53 33.42
N PRO S 287 -71.26 -1.56 32.70
CA PRO S 287 -71.00 -1.41 31.27
C PRO S 287 -72.28 -1.39 30.47
N PRO S 288 -72.38 -0.54 29.45
CA PRO S 288 -73.68 -0.22 28.84
C PRO S 288 -74.28 -1.35 28.02
N SER S 289 -73.57 -2.46 27.83
CA SER S 289 -74.11 -3.57 27.04
C SER S 289 -75.27 -4.26 27.74
N PHE S 290 -75.13 -4.56 29.04
CA PHE S 290 -76.26 -5.12 29.76
C PHE S 290 -77.23 -4.05 30.28
N VAL S 291 -76.82 -2.78 30.27
CA VAL S 291 -77.76 -1.71 30.57
C VAL S 291 -78.83 -1.61 29.48
N LYS S 292 -78.47 -1.91 28.23
CA LYS S 292 -79.47 -2.06 27.19
C LYS S 292 -80.31 -3.32 27.39
N ASN S 293 -79.76 -4.34 28.06
CA ASN S 293 -80.54 -5.49 28.47
C ASN S 293 -81.45 -5.18 29.66
N ARG S 294 -81.11 -4.16 30.45
CA ARG S 294 -82.04 -3.65 31.46
C ARG S 294 -83.16 -2.82 30.85
N LYS S 295 -83.06 -2.45 29.59
CA LYS S 295 -84.19 -1.87 28.85
C LYS S 295 -85.07 -2.93 28.22
N LYS S 296 -84.53 -4.12 27.93
CA LYS S 296 -85.28 -5.13 27.19
C LYS S 296 -86.45 -5.68 27.99
N GLU S 297 -86.33 -5.69 29.31
CA GLU S 297 -87.41 -6.16 30.17
C GLU S 297 -87.96 -5.01 31.02
N CYS S 438 -75.59 -29.74 42.13
CA CYS S 438 -75.40 -30.83 41.18
C CYS S 438 -75.40 -30.31 39.74
N PRO S 439 -74.59 -30.91 38.89
CA PRO S 439 -74.57 -30.53 37.48
C PRO S 439 -75.79 -31.10 36.74
N ARG S 440 -75.86 -30.78 35.44
CA ARG S 440 -76.85 -31.40 34.57
C ARG S 440 -76.56 -32.89 34.40
N ASN S 441 -77.63 -33.68 34.32
CA ASN S 441 -77.53 -35.12 34.20
C ASN S 441 -77.14 -35.50 32.76
N LEU S 442 -76.98 -36.81 32.54
CA LEU S 442 -76.58 -37.29 31.22
C LEU S 442 -77.74 -37.24 30.23
N HIS S 443 -78.80 -38.02 30.48
CA HIS S 443 -79.98 -38.01 29.62
C HIS S 443 -81.07 -37.15 30.25
N LEU S 444 -80.87 -35.83 30.16
CA LEU S 444 -81.88 -34.85 30.54
C LEU S 444 -82.23 -33.91 29.39
N LEU S 445 -81.32 -33.73 28.43
CA LEU S 445 -81.37 -32.84 27.29
C LEU S 445 -82.12 -33.50 26.14
N PRO S 446 -82.81 -32.73 25.31
CA PRO S 446 -83.35 -33.30 24.08
C PRO S 446 -82.21 -33.64 23.13
N THR S 447 -82.21 -34.87 22.63
CA THR S 447 -81.14 -35.39 21.80
C THR S 447 -81.38 -35.08 20.32
N THR S 448 -80.60 -35.72 19.46
CA THR S 448 -80.71 -35.56 18.02
C THR S 448 -81.18 -36.83 17.32
N ASP S 449 -80.99 -38.00 17.92
CA ASP S 449 -81.27 -39.26 17.24
C ASP S 449 -82.76 -39.61 17.26
N THR S 450 -83.53 -38.97 18.15
CA THR S 450 -84.98 -39.04 18.06
C THR S 450 -85.51 -38.23 16.87
N TYR S 451 -84.73 -37.27 16.40
CA TYR S 451 -85.10 -36.41 15.28
C TYR S 451 -84.66 -36.98 13.94
N LEU S 452 -83.61 -37.80 13.94
CA LEU S 452 -83.19 -38.48 12.71
C LEU S 452 -84.24 -39.49 12.26
N SER S 453 -84.84 -40.21 13.22
CA SER S 453 -85.80 -41.25 12.90
C SER S 453 -87.24 -40.73 12.80
N LYS S 454 -87.41 -39.42 12.61
CA LYS S 454 -88.75 -38.86 12.46
C LYS S 454 -89.37 -39.29 11.13
N VAL S 455 -88.76 -38.89 10.03
CA VAL S 455 -89.24 -39.20 8.70
C VAL S 455 -88.56 -40.48 8.21
N SER S 456 -89.35 -41.36 7.59
CA SER S 456 -88.78 -42.55 6.97
C SER S 456 -87.72 -42.19 5.94
N ASP S 457 -86.59 -42.90 5.99
CA ASP S 457 -85.40 -42.51 5.23
C ASP S 457 -85.40 -43.19 3.87
N ASP S 458 -86.48 -42.97 3.14
CA ASP S 458 -86.64 -43.51 1.79
C ASP S 458 -85.73 -42.77 0.81
N PRO S 459 -84.71 -43.43 0.23
CA PRO S 459 -83.71 -42.69 -0.55
C PRO S 459 -84.19 -42.36 -1.96
N ASP S 460 -85.12 -43.16 -2.48
CA ASP S 460 -85.66 -42.94 -3.82
C ASP S 460 -87.00 -42.22 -3.81
N ASN S 461 -87.90 -42.58 -2.89
CA ASN S 461 -89.19 -41.93 -2.78
C ASN S 461 -89.10 -40.74 -1.82
N LEU S 462 -90.06 -39.81 -1.98
CA LEU S 462 -90.15 -38.68 -1.06
C LEU S 462 -91.60 -38.29 -0.76
N GLU S 463 -92.55 -39.20 -0.97
CA GLU S 463 -93.97 -38.84 -0.98
C GLU S 463 -94.63 -39.06 0.37
N ASP S 464 -93.91 -38.84 1.47
CA ASP S 464 -94.47 -38.92 2.81
C ASP S 464 -94.49 -37.58 3.53
N VAL S 465 -93.99 -36.52 2.91
CA VAL S 465 -93.89 -35.21 3.55
C VAL S 465 -94.65 -34.18 2.71
N ASP S 466 -95.73 -34.61 2.07
CA ASP S 466 -96.35 -33.81 1.04
C ASP S 466 -97.33 -32.80 1.65
N ASP S 467 -97.73 -31.83 0.82
CA ASP S 467 -98.65 -30.78 1.24
C ASP S 467 -99.51 -30.40 0.04
N GLU S 468 -100.16 -29.23 0.13
CA GLU S 468 -101.11 -28.79 -0.87
C GLU S 468 -100.69 -27.53 -1.62
N GLU S 469 -99.80 -26.72 -1.05
CA GLU S 469 -99.38 -25.47 -1.65
C GLU S 469 -98.07 -25.57 -2.40
N LEU S 470 -97.11 -26.34 -1.87
CA LEU S 470 -95.88 -26.62 -2.63
C LEU S 470 -96.11 -27.56 -3.79
N ASN S 471 -97.25 -28.26 -3.81
CA ASN S 471 -97.65 -28.98 -5.02
C ASN S 471 -98.08 -28.02 -6.12
N ALA S 472 -98.63 -26.88 -5.76
CA ALA S 472 -98.94 -25.80 -6.69
C ALA S 472 -97.75 -24.90 -6.98
N HIS S 473 -96.62 -25.12 -6.29
CA HIS S 473 -95.41 -24.31 -6.50
C HIS S 473 -94.81 -24.70 -7.86
N LEU S 474 -95.07 -23.87 -8.86
CA LEU S 474 -94.80 -24.20 -10.25
C LEU S 474 -95.02 -22.92 -11.06
N LEU S 475 -94.70 -22.96 -12.34
CA LEU S 475 -94.90 -21.77 -13.16
C LEU S 475 -96.38 -21.56 -13.47
N ASN S 476 -96.73 -20.30 -13.76
CA ASN S 476 -97.91 -20.01 -14.55
C ASN S 476 -97.68 -20.44 -16.00
N GLU S 477 -98.47 -21.40 -16.47
CA GLU S 477 -98.07 -22.19 -17.62
C GLU S 477 -98.05 -21.36 -18.90
N GLU S 478 -98.98 -20.42 -19.04
CA GLU S 478 -98.95 -19.49 -20.17
C GLU S 478 -97.93 -18.37 -19.97
N ALA S 479 -97.52 -18.10 -18.73
CA ALA S 479 -96.70 -16.94 -18.41
C ALA S 479 -95.21 -17.28 -18.33
N SER S 480 -94.75 -18.23 -19.16
CA SER S 480 -93.31 -18.49 -19.26
C SER S 480 -92.64 -17.48 -20.17
N LYS S 481 -93.03 -17.44 -21.44
CA LYS S 481 -92.46 -16.49 -22.40
C LYS S 481 -92.84 -15.05 -22.10
N LEU S 482 -93.83 -14.82 -21.24
CA LEU S 482 -94.00 -13.51 -20.62
C LEU S 482 -92.75 -13.11 -19.83
N LYS S 483 -92.39 -13.90 -18.83
CA LYS S 483 -91.24 -13.57 -17.99
C LYS S 483 -89.91 -13.85 -18.69
N GLU S 484 -89.87 -14.86 -19.56
CA GLU S 484 -88.64 -15.17 -20.27
C GLU S 484 -88.23 -14.05 -21.23
N ARG S 485 -89.20 -13.36 -21.83
CA ARG S 485 -88.88 -12.25 -22.71
C ARG S 485 -88.28 -11.09 -21.94
N ILE S 486 -88.74 -10.86 -20.71
CA ILE S 486 -88.08 -9.91 -19.84
C ILE S 486 -86.74 -10.45 -19.35
N TRP S 487 -86.67 -11.75 -19.06
CA TRP S 487 -85.42 -12.36 -18.64
C TRP S 487 -84.39 -12.38 -19.75
N ILE S 488 -84.83 -12.53 -21.01
CA ILE S 488 -83.91 -12.37 -22.13
C ILE S 488 -83.73 -10.91 -22.53
N GLY S 489 -84.60 -10.02 -22.07
CA GLY S 489 -84.42 -8.60 -22.35
C GLY S 489 -83.43 -7.93 -21.43
N LEU S 490 -83.27 -8.46 -20.21
CA LEU S 490 -82.18 -8.09 -19.32
C LEU S 490 -80.90 -8.85 -19.59
N ASN S 491 -80.90 -9.76 -20.56
CA ASN S 491 -79.77 -10.66 -20.79
C ASN S 491 -78.73 -9.98 -21.67
N ALA S 492 -77.48 -10.02 -21.22
CA ALA S 492 -76.33 -9.85 -22.11
C ALA S 492 -75.21 -10.86 -21.87
N ASP S 493 -75.28 -11.69 -20.83
CA ASP S 493 -74.20 -12.63 -20.55
C ASP S 493 -74.22 -13.80 -21.52
N PHE S 494 -75.41 -14.33 -21.85
CA PHE S 494 -75.47 -15.50 -22.70
C PHE S 494 -75.20 -15.19 -24.16
N LEU S 495 -75.37 -13.95 -24.59
CA LEU S 495 -74.75 -13.50 -25.83
C LEU S 495 -73.23 -13.55 -25.70
N LEU S 496 -72.68 -12.91 -24.67
CA LEU S 496 -71.24 -12.88 -24.46
C LEU S 496 -70.68 -14.28 -24.29
N GLU S 497 -71.46 -15.18 -23.67
CA GLU S 497 -71.06 -16.57 -23.52
C GLU S 497 -71.04 -17.30 -24.86
N GLN S 498 -71.87 -16.86 -25.82
CA GLN S 498 -71.99 -17.61 -27.07
C GLN S 498 -70.87 -17.28 -28.05
N GLU S 499 -70.51 -16.00 -28.20
CA GLU S 499 -69.47 -15.70 -29.19
C GLU S 499 -68.08 -16.07 -28.69
N SER S 500 -67.91 -16.22 -27.37
CA SER S 500 -66.68 -16.80 -26.84
C SER S 500 -66.57 -18.28 -27.22
N LYS S 501 -67.71 -18.97 -27.30
CA LYS S 501 -67.70 -20.34 -27.79
C LYS S 501 -67.43 -20.39 -29.29
N ARG S 502 -67.94 -19.39 -30.03
CA ARG S 502 -67.67 -19.31 -31.45
C ARG S 502 -66.25 -18.82 -31.74
N LEU S 503 -65.58 -18.22 -30.76
CA LEU S 503 -64.21 -17.78 -30.94
C LEU S 503 -63.20 -18.84 -30.50
N LYS S 504 -63.56 -19.66 -29.51
CA LYS S 504 -62.65 -20.73 -29.09
C LYS S 504 -62.50 -21.78 -30.17
N GLN S 505 -63.56 -22.02 -30.95
CA GLN S 505 -63.44 -22.81 -32.16
C GLN S 505 -62.65 -22.06 -33.22
N GLU S 506 -62.82 -20.74 -33.29
CA GLU S 506 -62.15 -19.96 -34.33
C GLU S 506 -60.66 -19.88 -34.09
N ALA S 507 -60.23 -19.62 -32.86
CA ALA S 507 -58.81 -19.57 -32.55
C ALA S 507 -58.16 -20.95 -32.49
N ASP S 508 -58.95 -22.02 -32.49
CA ASP S 508 -58.38 -23.36 -32.45
C ASP S 508 -57.67 -23.70 -33.76
N ILE S 509 -58.28 -23.33 -34.90
CA ILE S 509 -57.64 -23.52 -36.20
C ILE S 509 -56.80 -22.33 -36.62
N ALA S 510 -56.95 -21.18 -35.98
CA ALA S 510 -56.16 -20.00 -36.31
C ALA S 510 -54.79 -20.05 -35.65
N CYS T 280 -70.88 24.15 34.28
CA CYS T 280 -69.87 24.07 33.22
C CYS T 280 -69.76 22.65 32.68
N LYS T 281 -70.67 22.29 31.76
CA LYS T 281 -70.78 20.93 31.30
C LYS T 281 -69.54 20.53 30.50
N PRO T 282 -69.33 19.23 30.30
CA PRO T 282 -68.26 18.76 29.41
C PRO T 282 -68.56 18.87 27.92
N ASN T 283 -69.69 19.46 27.52
CA ASN T 283 -69.95 19.72 26.11
C ASN T 283 -69.82 21.22 25.84
N PHE T 284 -68.78 21.58 25.07
CA PHE T 284 -68.52 22.89 24.50
C PHE T 284 -68.65 24.02 25.53
N PRO T 285 -67.68 24.18 26.44
CA PRO T 285 -67.45 25.52 27.01
C PRO T 285 -66.41 26.28 26.22
N ILE T 286 -66.67 27.54 25.88
CA ILE T 286 -65.61 28.45 25.43
C ILE T 286 -64.89 29.00 26.65
N GLY T 287 -63.60 28.70 26.79
CA GLY T 287 -62.98 28.96 28.08
C GLY T 287 -61.58 29.52 28.18
N GLN T 288 -60.81 29.58 27.07
CA GLN T 288 -59.61 30.41 26.99
C GLN T 288 -58.99 30.49 25.59
N ILE T 289 -57.71 30.85 25.57
CA ILE T 289 -57.01 31.58 24.51
C ILE T 289 -57.38 31.10 23.11
N SER T 290 -57.26 29.79 22.88
CA SER T 290 -57.74 29.11 21.68
C SER T 290 -57.17 29.75 20.41
N GLU T 291 -55.86 29.60 20.27
CA GLU T 291 -55.11 30.17 19.16
C GLU T 291 -55.10 29.21 17.98
N ASN T 292 -55.25 29.76 16.77
CA ASN T 292 -55.21 29.00 15.52
C ASN T 292 -56.31 27.93 15.48
N PHE T 293 -57.55 28.41 15.54
CA PHE T 293 -58.73 27.59 15.27
C PHE T 293 -59.54 28.07 14.07
N GLU T 294 -59.05 29.06 13.33
CA GLU T 294 -59.81 29.55 12.18
C GLU T 294 -59.82 28.53 11.04
N LYS T 295 -58.77 27.72 10.90
CA LYS T 295 -58.80 26.69 9.88
C LYS T 295 -59.51 25.43 10.37
N SER T 296 -59.54 25.20 11.68
CA SER T 296 -60.32 24.10 12.24
C SER T 296 -61.81 24.39 12.17
N LYS T 297 -62.19 25.66 12.30
CA LYS T 297 -63.60 26.04 12.19
C LYS T 297 -64.09 25.97 10.75
N MET T 298 -63.34 26.54 9.81
CA MET T 298 -63.86 26.68 8.45
C MET T 298 -63.83 25.36 7.69
N ALA T 299 -62.94 24.44 8.06
CA ALA T 299 -62.94 23.15 7.38
C ALA T 299 -64.06 22.25 7.89
N LYS T 300 -64.48 22.44 9.16
CA LYS T 300 -65.72 21.84 9.63
C LYS T 300 -66.92 22.44 8.93
N LYS T 301 -66.90 23.77 8.73
CA LYS T 301 -67.97 24.45 8.04
C LYS T 301 -67.98 24.12 6.55
N ALA T 302 -66.81 23.79 5.98
CA ALA T 302 -66.76 23.45 4.57
C ALA T 302 -67.20 22.01 4.31
N LYS T 303 -67.18 21.16 5.33
CA LYS T 303 -67.65 19.79 5.16
C LYS T 303 -69.17 19.73 5.08
N LEU T 304 -69.84 20.79 5.56
CA LEU T 304 -71.30 20.83 5.52
C LEU T 304 -71.80 20.78 4.08
N GLU T 305 -71.07 21.38 3.15
CA GLU T 305 -71.47 21.41 1.75
C GLU T 305 -70.97 20.21 0.97
N LYS T 306 -69.88 19.58 1.42
CA LYS T 306 -69.40 18.38 0.74
C LYS T 306 -70.40 17.24 0.89
N ARG T 307 -71.02 17.13 2.06
CA ARG T 307 -72.12 16.18 2.26
C ARG T 307 -73.42 16.67 1.63
N ARG T 308 -73.56 17.99 1.43
CA ARG T 308 -74.83 18.55 0.96
C ARG T 308 -75.01 18.38 -0.54
N HIS T 309 -73.93 18.50 -1.32
CA HIS T 309 -74.06 18.40 -2.77
C HIS T 309 -74.12 16.95 -3.23
N LEU T 310 -73.92 16.00 -2.32
CA LEU T 310 -74.37 14.62 -2.55
C LEU T 310 -75.89 14.55 -2.56
N ARG T 311 -76.57 15.41 -1.81
CA ARG T 311 -78.02 15.48 -1.85
C ARG T 311 -78.53 16.25 -3.06
N GLU T 312 -77.69 17.11 -3.64
CA GLU T 312 -78.03 17.75 -4.91
C GLU T 312 -78.10 16.73 -6.04
N LEU T 313 -77.13 15.81 -6.11
CA LEU T 313 -77.03 14.91 -7.25
C LEU T 313 -78.01 13.75 -7.15
N ARG T 314 -78.49 13.42 -5.95
CA ARG T 314 -79.41 12.31 -5.80
C ARG T 314 -80.81 12.68 -6.26
N MET T 315 -81.26 13.91 -5.95
CA MET T 315 -82.60 14.32 -6.31
C MET T 315 -82.73 14.58 -7.81
N ARG T 316 -81.63 14.94 -8.47
CA ARG T 316 -81.63 15.09 -9.91
C ARG T 316 -81.39 13.77 -10.63
N ALA T 317 -80.96 12.74 -9.90
CA ALA T 317 -80.86 11.40 -10.45
C ALA T 317 -82.23 10.74 -10.59
N ARG T 318 -83.19 11.13 -9.74
CA ARG T 318 -84.51 10.52 -9.79
C ARG T 318 -85.28 10.96 -11.02
N GLN T 319 -85.20 12.24 -11.36
CA GLN T 319 -85.94 12.81 -12.50
C GLN T 319 -87.42 12.50 -12.42
N THR T 360 -55.23 14.46 -35.68
CA THR T 360 -53.82 14.59 -35.36
C THR T 360 -52.96 13.77 -36.32
N ALA T 361 -53.32 13.79 -37.59
CA ALA T 361 -52.65 12.97 -38.60
C ALA T 361 -51.36 13.66 -39.05
N ILE T 362 -50.70 13.09 -40.06
CA ILE T 362 -49.49 13.68 -40.60
C ILE T 362 -49.86 14.84 -41.51
N GLN T 363 -49.16 15.95 -41.35
CA GLN T 363 -49.41 17.15 -42.14
C GLN T 363 -48.26 17.38 -43.12
N LEU T 364 -48.57 18.00 -44.25
CA LEU T 364 -47.55 18.41 -45.21
C LEU T 364 -47.77 19.86 -45.64
N LYS T 365 -46.99 20.30 -46.63
CA LYS T 365 -46.92 21.72 -46.98
C LYS T 365 -46.54 21.84 -48.45
N LEU T 366 -46.71 23.05 -48.98
CA LEU T 366 -46.29 23.39 -50.34
C LEU T 366 -45.20 24.46 -50.24
N ASN T 367 -43.95 24.01 -50.26
CA ASN T 367 -42.82 24.91 -50.34
C ASN T 367 -42.53 25.25 -51.80
N PRO T 368 -42.34 26.54 -52.14
CA PRO T 368 -41.90 26.88 -53.50
C PRO T 368 -40.55 26.25 -53.87
N ASP T 369 -39.62 26.17 -52.93
CA ASP T 369 -38.35 25.49 -53.19
C ASP T 369 -38.56 23.98 -53.31
N GLY T 370 -38.97 23.34 -52.22
CA GLY T 370 -39.24 21.90 -52.28
C GLY T 370 -40.71 21.59 -52.25
N THR T 371 -41.28 21.28 -53.41
CA THR T 371 -42.71 21.04 -53.52
C THR T 371 -43.04 19.66 -52.98
N MET T 372 -44.15 19.58 -52.24
CA MET T 372 -44.66 18.34 -51.67
C MET T 372 -43.67 17.75 -50.67
N ALA T 373 -43.20 18.62 -49.77
CA ALA T 373 -42.24 18.26 -48.73
C ALA T 373 -42.98 17.93 -47.44
N ILE T 374 -42.35 17.08 -46.62
CA ILE T 374 -42.93 16.61 -45.37
C ILE T 374 -42.20 17.30 -44.23
N ASP T 375 -42.97 17.73 -43.22
CA ASP T 375 -42.46 18.61 -42.19
C ASP T 375 -41.87 17.80 -41.03
N GLU T 376 -40.92 18.41 -40.33
CA GLU T 376 -40.12 17.69 -39.36
C GLU T 376 -40.83 17.50 -38.02
N GLU T 377 -41.79 18.37 -37.69
CA GLU T 377 -42.30 18.43 -36.32
C GLU T 377 -43.52 17.53 -36.13
N THR T 378 -44.43 17.52 -37.09
CA THR T 378 -45.64 16.70 -36.98
C THR T 378 -45.39 15.24 -37.32
N MET T 379 -44.17 14.89 -37.75
CA MET T 379 -43.77 13.49 -37.87
C MET T 379 -44.09 12.70 -36.61
N VAL T 380 -43.80 13.27 -35.44
CA VAL T 380 -44.12 12.63 -34.17
C VAL T 380 -45.05 13.54 -33.36
N VAL T 381 -45.69 12.94 -32.37
CA VAL T 381 -46.69 13.60 -31.55
C VAL T 381 -46.15 13.74 -30.14
N ASP T 382 -46.67 14.74 -29.42
CA ASP T 382 -46.17 15.04 -28.07
C ASP T 382 -46.88 14.22 -27.01
N ARG T 383 -48.19 14.01 -27.16
CA ARG T 383 -49.04 13.24 -26.25
C ARG T 383 -49.21 13.93 -24.91
N HIS T 384 -48.72 15.16 -24.76
CA HIS T 384 -48.87 15.93 -23.54
C HIS T 384 -49.61 17.24 -23.70
N LYS T 385 -49.64 17.81 -24.91
CA LYS T 385 -50.31 19.09 -25.12
C LYS T 385 -51.83 18.93 -25.05
N ASN T 386 -52.35 17.80 -25.53
CA ASN T 386 -53.77 17.51 -25.37
C ASN T 386 -54.12 17.16 -23.93
N ALA T 387 -53.16 16.64 -23.15
CA ALA T 387 -53.37 16.48 -21.72
C ALA T 387 -53.25 17.81 -20.97
N SER T 388 -52.48 18.75 -21.50
CA SER T 388 -52.23 20.00 -20.78
C SER T 388 -53.50 20.84 -20.70
N ILE T 389 -54.20 20.99 -21.83
CA ILE T 389 -55.42 21.81 -21.86
C ILE T 389 -56.52 21.15 -21.04
N GLU T 390 -56.52 19.83 -20.95
CA GLU T 390 -57.48 19.12 -20.10
C GLU T 390 -57.31 19.53 -18.63
N ASN T 391 -56.06 19.75 -18.21
CA ASN T 391 -55.77 20.06 -16.82
C ASN T 391 -56.12 21.51 -16.47
N GLU T 392 -56.12 22.40 -17.46
CA GLU T 392 -56.12 23.83 -17.18
C GLU T 392 -57.48 24.32 -16.68
N TYR T 393 -58.58 23.74 -17.15
CA TYR T 393 -59.91 24.07 -16.63
C TYR T 393 -60.32 23.14 -15.48
N LYS T 394 -59.42 22.95 -14.52
CA LYS T 394 -59.69 22.19 -13.32
C LYS T 394 -59.66 23.10 -12.10
N GLU T 395 -60.32 22.66 -11.03
CA GLU T 395 -60.44 23.48 -9.83
C GLU T 395 -59.12 23.50 -9.08
N LYS T 396 -58.75 24.68 -8.60
CA LYS T 396 -57.49 24.90 -7.90
C LYS T 396 -57.78 25.16 -6.42
N VAL T 397 -57.48 24.18 -5.58
CA VAL T 397 -57.87 24.20 -4.17
C VAL T 397 -56.61 24.28 -3.32
N ASP T 398 -56.68 25.05 -2.24
CA ASP T 398 -55.57 25.19 -1.31
C ASP T 398 -55.79 24.29 -0.11
N GLU T 399 -54.93 23.30 0.06
CA GLU T 399 -55.18 22.22 1.03
C GLU T 399 -54.84 22.68 2.45
N ASN T 400 -55.81 22.54 3.34
CA ASN T 400 -55.68 22.67 4.78
C ASN T 400 -55.63 21.29 5.41
N PRO T 401 -54.64 21.01 6.26
CA PRO T 401 -54.39 19.62 6.69
C PRO T 401 -55.56 18.97 7.42
N PHE T 402 -56.63 19.72 7.72
CA PHE T 402 -57.78 19.16 8.39
C PHE T 402 -58.83 18.62 7.42
N ALA T 403 -58.66 18.83 6.12
CA ALA T 403 -59.66 18.39 5.16
C ALA T 403 -59.54 16.90 4.88
N ASN T 404 -58.31 16.39 4.77
CA ASN T 404 -58.07 15.03 4.31
C ASN T 404 -58.18 14.01 5.45
N LEU T 405 -58.71 14.44 6.58
CA LEU T 405 -59.01 13.58 7.71
C LEU T 405 -59.68 12.28 7.29
N TYR T 406 -59.15 11.16 7.80
CA TYR T 406 -59.67 9.83 7.50
C TYR T 406 -60.05 9.15 8.82
N ASN T 407 -61.06 8.29 8.75
CA ASN T 407 -61.43 7.47 9.89
C ASN T 407 -61.54 6.00 9.52
N TYR T 408 -62.15 5.20 10.39
CA TYR T 408 -62.43 3.81 10.03
C TYR T 408 -63.43 3.69 8.90
N GLY T 409 -64.37 4.63 8.81
CA GLY T 409 -65.30 4.66 7.70
C GLY T 409 -64.70 5.37 6.50
N SER T 410 -63.63 4.81 5.94
CA SER T 410 -62.92 5.42 4.83
C SER T 410 -62.33 4.32 3.97
N TYR T 411 -62.37 4.54 2.65
CA TYR T 411 -61.85 3.58 1.67
C TYR T 411 -62.54 2.22 1.82
N GLY T 412 -63.86 2.26 1.89
CA GLY T 412 -64.66 1.08 2.15
C GLY T 412 -65.85 0.98 1.19
N ARG T 413 -66.59 -0.10 1.36
CA ARG T 413 -67.76 -0.36 0.53
C ARG T 413 -68.90 0.60 0.89
N GLY T 414 -69.92 0.59 0.05
CA GLY T 414 -71.27 0.94 0.48
C GLY T 414 -71.55 2.43 0.45
N SER T 415 -72.83 2.73 0.62
CA SER T 415 -73.32 4.11 0.69
C SER T 415 -74.57 4.13 1.56
N TYR T 416 -75.31 5.23 1.50
CA TYR T 416 -76.57 5.36 2.23
C TYR T 416 -77.72 5.28 1.23
N THR T 417 -78.55 4.25 1.37
CA THR T 417 -79.74 4.12 0.54
C THR T 417 -80.79 5.16 0.90
N ASP T 418 -81.44 5.70 -0.12
CA ASP T 418 -82.51 6.66 0.09
C ASP T 418 -83.66 5.98 0.82
N PRO T 419 -84.15 6.54 1.93
CA PRO T 419 -85.21 5.87 2.68
C PRO T 419 -86.50 5.75 1.87
N TRP T 420 -87.12 4.57 1.95
CA TRP T 420 -88.13 4.17 0.99
C TRP T 420 -89.41 4.98 1.17
N THR T 421 -90.22 5.02 0.12
CA THR T 421 -91.41 5.83 0.06
C THR T 421 -92.65 4.96 -0.12
N VAL T 422 -93.81 5.54 0.25
CA VAL T 422 -95.09 4.84 0.13
C VAL T 422 -95.48 4.70 -1.33
N GLU T 423 -95.03 5.62 -2.18
CA GLU T 423 -95.18 5.46 -3.63
C GLU T 423 -94.54 4.15 -4.11
N GLU T 424 -93.35 3.82 -3.60
CA GLU T 424 -92.64 2.63 -4.05
C GLU T 424 -93.11 1.36 -3.35
N MET T 425 -93.88 1.49 -2.27
CA MET T 425 -94.42 0.31 -1.61
C MET T 425 -95.43 -0.41 -2.50
N ILE T 426 -96.32 0.34 -3.15
CA ILE T 426 -97.32 -0.25 -4.04
C ILE T 426 -96.73 -0.71 -5.37
N LYS T 427 -95.51 -0.30 -5.68
CA LYS T 427 -94.75 -0.89 -6.77
C LYS T 427 -93.94 -2.12 -6.34
N PHE T 428 -93.85 -2.38 -5.03
CA PHE T 428 -93.04 -3.46 -4.50
C PHE T 428 -93.88 -4.65 -4.06
N TYR T 429 -94.90 -4.42 -3.23
CA TYR T 429 -95.68 -5.52 -2.70
C TYR T 429 -96.54 -6.18 -3.77
N LYS T 430 -96.98 -5.40 -4.76
CA LYS T 430 -97.68 -5.99 -5.90
C LYS T 430 -96.73 -6.81 -6.76
N ALA T 431 -95.47 -6.38 -6.87
CA ALA T 431 -94.45 -7.21 -7.53
C ALA T 431 -94.11 -8.42 -6.69
N LEU T 432 -94.28 -8.34 -5.37
CA LEU T 432 -94.06 -9.45 -4.47
C LEU T 432 -95.29 -10.31 -4.27
N SER T 433 -96.47 -9.82 -4.67
CA SER T 433 -97.67 -10.64 -4.69
C SER T 433 -97.82 -11.46 -5.98
N MET T 434 -97.50 -10.86 -7.13
CA MET T 434 -97.59 -11.60 -8.38
C MET T 434 -96.48 -12.64 -8.47
N TRP T 435 -95.22 -12.19 -8.48
CA TRP T 435 -94.10 -13.11 -8.42
C TRP T 435 -93.89 -13.59 -6.99
N GLY T 436 -93.16 -14.68 -6.84
CA GLY T 436 -92.87 -15.21 -5.52
C GLY T 436 -91.91 -14.34 -4.72
N THR T 437 -90.62 -14.38 -5.10
CA THR T 437 -89.67 -13.34 -4.72
C THR T 437 -88.56 -13.32 -5.77
N ASP T 438 -88.67 -12.40 -6.72
CA ASP T 438 -87.83 -12.40 -7.92
C ASP T 438 -87.11 -11.06 -8.05
N PHE T 439 -85.89 -11.00 -7.51
CA PHE T 439 -85.16 -9.75 -7.38
C PHE T 439 -84.54 -9.31 -8.71
N ASN T 440 -84.58 -10.17 -9.72
CA ASN T 440 -83.94 -9.87 -11.00
C ASN T 440 -84.62 -8.72 -11.72
N LEU T 441 -85.96 -8.72 -11.74
CA LEU T 441 -86.72 -7.72 -12.50
C LEU T 441 -87.22 -6.58 -11.62
N ILE T 442 -87.22 -6.76 -10.30
CA ILE T 442 -87.48 -5.62 -9.42
C ILE T 442 -86.33 -4.62 -9.51
N SER T 443 -85.10 -5.12 -9.74
CA SER T 443 -83.93 -4.25 -9.77
C SER T 443 -84.01 -3.23 -10.90
N GLN T 444 -84.61 -3.60 -12.03
CA GLN T 444 -84.76 -2.65 -13.13
C GLN T 444 -85.98 -1.77 -12.95
N LEU T 445 -86.99 -2.25 -12.21
CA LEU T 445 -88.17 -1.45 -11.93
C LEU T 445 -87.79 -0.21 -11.14
N TYR T 446 -86.82 -0.35 -10.22
CA TYR T 446 -86.24 0.76 -9.48
C TYR T 446 -84.94 1.16 -10.17
N PRO T 447 -84.97 2.17 -11.03
CA PRO T 447 -84.01 2.23 -12.15
C PRO T 447 -82.55 2.35 -11.73
N TYR T 448 -82.26 3.14 -10.69
CA TYR T 448 -80.89 3.27 -10.20
C TYR T 448 -80.71 2.70 -8.80
N ARG T 449 -81.59 1.78 -8.40
CA ARG T 449 -81.34 0.96 -7.22
C ARG T 449 -80.70 -0.36 -7.63
N SER T 450 -80.06 -1.02 -6.68
CA SER T 450 -79.25 -2.19 -6.97
C SER T 450 -79.85 -3.45 -6.36
N ARG T 451 -79.26 -4.59 -6.74
CA ARG T 451 -79.73 -5.91 -6.35
C ARG T 451 -79.53 -6.19 -4.86
N LYS T 452 -78.56 -5.52 -4.22
CA LYS T 452 -78.18 -5.86 -2.85
C LYS T 452 -79.14 -5.30 -1.81
N GLN T 453 -79.53 -4.03 -1.94
CA GLN T 453 -80.28 -3.39 -0.86
C GLN T 453 -81.78 -3.69 -0.94
N VAL T 454 -82.29 -4.11 -2.10
CA VAL T 454 -83.66 -4.61 -2.16
C VAL T 454 -83.76 -5.97 -1.47
N LYS T 455 -82.66 -6.74 -1.47
CA LYS T 455 -82.59 -7.95 -0.64
C LYS T 455 -82.44 -7.60 0.84
N ALA T 456 -81.74 -6.50 1.14
CA ALA T 456 -81.70 -6.02 2.52
C ALA T 456 -83.03 -5.45 2.96
N LYS T 457 -83.82 -4.90 2.03
CA LYS T 457 -85.17 -4.50 2.38
C LYS T 457 -86.07 -5.71 2.60
N PHE T 458 -85.81 -6.82 1.91
CA PHE T 458 -86.63 -8.02 2.06
C PHE T 458 -86.48 -8.60 3.46
N VAL T 459 -85.25 -8.66 3.97
CA VAL T 459 -85.02 -9.13 5.34
C VAL T 459 -85.51 -8.09 6.34
N ASN T 460 -85.51 -6.81 5.96
CA ASN T 460 -85.98 -5.77 6.86
C ASN T 460 -87.48 -5.91 7.13
N GLU T 461 -88.27 -6.15 6.07
CA GLU T 461 -89.71 -6.15 6.21
C GLU T 461 -90.25 -7.42 6.85
N GLU T 462 -89.40 -8.44 7.00
CA GLU T 462 -89.76 -9.60 7.82
C GLU T 462 -89.88 -9.22 9.29
N LYS T 463 -88.95 -8.39 9.78
CA LYS T 463 -88.86 -8.13 11.21
C LYS T 463 -89.90 -7.10 11.67
N LYS T 464 -90.09 -6.04 10.90
CA LYS T 464 -90.98 -4.96 11.34
C LYS T 464 -92.44 -5.27 11.05
N ARG T 465 -92.77 -5.70 9.84
CA ARG T 465 -94.12 -6.11 9.45
C ARG T 465 -94.12 -7.59 9.11
N PRO T 466 -94.22 -8.47 10.12
CA PRO T 466 -94.14 -9.91 9.85
C PRO T 466 -95.40 -10.50 9.26
N ILE T 467 -96.48 -9.72 9.13
CA ILE T 467 -97.77 -10.25 8.69
C ILE T 467 -98.04 -9.99 7.21
N LEU T 468 -97.41 -8.97 6.61
CA LEU T 468 -97.64 -8.68 5.20
C LEU T 468 -96.86 -9.60 4.27
N ILE T 469 -95.74 -10.16 4.74
CA ILE T 469 -95.05 -11.17 3.95
C ILE T 469 -95.83 -12.48 3.98
N GLU T 470 -96.62 -12.72 5.03
CA GLU T 470 -97.56 -13.84 5.01
C GLU T 470 -98.68 -13.58 4.00
N LEU T 471 -99.22 -12.36 3.98
CA LEU T 471 -100.27 -12.03 3.02
C LEU T 471 -99.75 -12.05 1.60
N ALA T 472 -98.46 -11.71 1.39
CA ALA T 472 -97.85 -11.87 0.08
C ALA T 472 -97.71 -13.35 -0.28
N LEU T 473 -97.41 -14.19 0.70
CA LEU T 473 -97.30 -15.62 0.43
C LEU T 473 -98.67 -16.26 0.23
N ARG T 474 -99.66 -15.83 1.03
CA ARG T 474 -100.96 -16.49 1.02
C ARG T 474 -101.70 -16.27 -0.29
N SER T 475 -101.66 -15.03 -0.80
CA SER T 475 -102.34 -14.67 -2.03
C SER T 475 -101.63 -15.30 -3.22
N LYS T 476 -102.17 -16.42 -3.71
CA LYS T 476 -101.67 -17.12 -4.89
C LYS T 476 -102.84 -17.25 -5.87
N LEU T 477 -103.07 -16.18 -6.64
CA LEU T 477 -104.21 -16.00 -7.52
C LEU T 477 -103.98 -14.70 -8.28
N PRO T 478 -104.76 -14.40 -9.31
CA PRO T 478 -104.77 -13.04 -9.85
C PRO T 478 -105.31 -12.06 -8.83
N PRO T 479 -104.57 -10.98 -8.54
CA PRO T 479 -105.08 -9.97 -7.61
C PRO T 479 -106.17 -9.10 -8.21
N ASN T 480 -106.50 -7.99 -7.54
CA ASN T 480 -107.33 -6.96 -8.13
C ASN T 480 -106.72 -6.52 -9.45
N PHE T 481 -107.40 -6.79 -10.56
CA PHE T 481 -106.75 -6.78 -11.87
C PHE T 481 -106.59 -5.34 -12.37
N ASP T 482 -105.70 -4.62 -11.69
CA ASP T 482 -105.25 -3.31 -12.10
C ASP T 482 -103.84 -3.35 -12.71
N GLU T 483 -103.14 -4.47 -12.56
CA GLU T 483 -101.74 -4.61 -12.94
C GLU T 483 -101.54 -4.83 -14.43
N TYR T 484 -102.61 -4.81 -15.24
CA TYR T 484 -102.45 -5.04 -16.67
C TYR T 484 -101.75 -3.88 -17.34
N CYS T 485 -101.96 -2.65 -16.87
CA CYS T 485 -101.09 -1.55 -17.28
C CYS T 485 -99.69 -1.73 -16.74
N CYS T 486 -99.56 -2.11 -15.47
CA CYS T 486 -98.26 -2.39 -14.87
C CYS T 486 -97.59 -3.62 -15.48
N GLU T 487 -98.37 -4.53 -16.07
CA GLU T 487 -97.80 -5.54 -16.96
C GLU T 487 -97.10 -4.89 -18.14
N ILE T 488 -97.75 -3.90 -18.76
CA ILE T 488 -97.20 -3.31 -19.98
C ILE T 488 -96.36 -2.07 -19.69
N LYS T 489 -96.49 -1.50 -18.49
CA LYS T 489 -95.60 -0.40 -18.09
C LYS T 489 -94.15 -0.86 -18.07
N LYS T 490 -93.91 -2.11 -17.71
CA LYS T 490 -92.59 -2.72 -17.91
C LYS T 490 -92.34 -3.05 -19.38
N ASN T 491 -93.38 -3.39 -20.13
CA ASN T 491 -93.23 -3.90 -21.48
C ASN T 491 -93.27 -2.81 -22.55
N ILE T 492 -93.37 -1.54 -22.16
CA ILE T 492 -93.37 -0.46 -23.15
C ILE T 492 -91.98 0.08 -23.43
N GLY T 493 -91.01 -0.17 -22.55
CA GLY T 493 -89.65 0.26 -22.80
C GLY T 493 -88.98 -0.59 -23.85
N THR T 494 -88.72 -0.01 -25.02
CA THR T 494 -88.07 -0.70 -26.14
C THR T 494 -88.89 -1.93 -26.56
N VAL T 495 -90.05 -1.62 -27.14
CA VAL T 495 -90.99 -2.65 -27.56
C VAL T 495 -90.40 -3.43 -28.72
N ALA T 496 -90.01 -4.68 -28.47
CA ALA T 496 -89.56 -5.57 -29.52
C ALA T 496 -89.67 -7.01 -29.02
N ASP T 497 -89.92 -7.92 -29.94
CA ASP T 497 -90.16 -9.34 -29.61
C ASP T 497 -88.84 -9.99 -29.22
N PHE T 498 -88.46 -9.82 -27.95
CA PHE T 498 -87.13 -10.23 -27.50
C PHE T 498 -86.97 -11.75 -27.51
N ASN T 499 -88.08 -12.50 -27.59
CA ASN T 499 -87.99 -13.95 -27.66
C ASN T 499 -87.32 -14.42 -28.95
N GLU T 500 -87.43 -13.63 -30.03
CA GLU T 500 -86.78 -13.98 -31.29
C GLU T 500 -86.05 -12.82 -31.96
N LYS T 501 -86.19 -11.58 -31.48
CA LYS T 501 -85.33 -10.52 -31.97
C LYS T 501 -83.91 -10.69 -31.46
N LEU T 502 -83.74 -11.32 -30.29
CA LEU T 502 -82.41 -11.71 -29.82
C LEU T 502 -81.82 -12.79 -30.71
N ILE T 503 -82.67 -13.59 -31.36
CA ILE T 503 -82.20 -14.67 -32.22
C ILE T 503 -81.70 -14.13 -33.56
N GLU T 504 -82.40 -13.14 -34.13
CA GLU T 504 -82.11 -12.75 -35.50
C GLU T 504 -80.80 -11.96 -35.62
N LEU T 505 -80.46 -11.14 -34.63
CA LEU T 505 -79.19 -10.42 -34.69
C LEU T 505 -78.03 -11.31 -34.25
N GLN T 506 -78.31 -12.33 -33.44
CA GLN T 506 -77.33 -13.37 -33.17
C GLN T 506 -77.07 -14.21 -34.42
N ASN T 507 -78.12 -14.44 -35.21
CA ASN T 507 -77.93 -15.05 -36.53
C ASN T 507 -77.06 -14.16 -37.41
N GLU T 508 -77.26 -12.84 -37.33
CA GLU T 508 -76.40 -11.92 -38.05
C GLU T 508 -74.98 -11.95 -37.50
N HIS T 509 -74.82 -12.26 -36.21
CA HIS T 509 -73.49 -12.26 -35.61
C HIS T 509 -72.67 -13.44 -36.13
N LYS T 510 -73.29 -14.61 -36.26
CA LYS T 510 -72.62 -15.76 -36.85
C LYS T 510 -72.56 -15.68 -38.37
N HIS T 511 -73.47 -14.92 -38.99
CA HIS T 511 -73.38 -14.68 -40.43
C HIS T 511 -72.15 -13.84 -40.75
N HIS T 512 -71.84 -12.85 -39.92
CA HIS T 512 -70.64 -12.05 -40.12
C HIS T 512 -69.39 -12.87 -39.86
N MET T 513 -69.45 -13.81 -38.90
CA MET T 513 -68.32 -14.69 -38.67
C MET T 513 -68.14 -15.66 -39.83
N LYS T 514 -69.22 -16.08 -40.47
CA LYS T 514 -69.14 -17.00 -41.59
C LYS T 514 -68.51 -16.32 -42.80
N GLU T 515 -68.55 -14.99 -42.86
CA GLU T 515 -67.74 -14.24 -43.81
C GLU T 515 -66.26 -14.35 -43.45
N ILE T 516 -65.94 -14.35 -42.16
CA ILE T 516 -64.57 -14.13 -41.72
C ILE T 516 -63.69 -15.32 -42.09
N GLU T 517 -64.18 -16.54 -41.85
CA GLU T 517 -63.38 -17.71 -42.22
C GLU T 517 -63.23 -17.80 -43.74
N GLU T 518 -64.24 -17.38 -44.49
CA GLU T 518 -64.11 -17.31 -45.94
C GLU T 518 -63.08 -16.28 -46.36
N ALA T 519 -63.06 -15.14 -45.68
CA ALA T 519 -62.01 -14.15 -45.90
C ALA T 519 -60.67 -14.64 -45.37
N LYS T 520 -60.69 -15.50 -44.35
CA LYS T 520 -59.45 -16.00 -43.77
C LYS T 520 -58.91 -17.16 -44.60
N ASN T 521 -59.76 -18.13 -44.95
CA ASN T 521 -59.25 -19.36 -45.55
C ASN T 521 -58.89 -19.17 -47.01
N THR T 522 -59.50 -18.19 -47.69
CA THR T 522 -59.02 -17.79 -49.00
C THR T 522 -57.69 -17.05 -48.89
N ALA T 523 -57.45 -16.40 -47.75
CA ALA T 523 -56.14 -15.81 -47.46
C ALA T 523 -55.13 -16.85 -47.02
N LYS T 524 -55.59 -18.05 -46.65
CA LYS T 524 -54.68 -19.15 -46.37
C LYS T 524 -54.17 -19.78 -47.66
N GLU T 525 -55.01 -19.83 -48.70
CA GLU T 525 -54.63 -20.51 -49.93
C GLU T 525 -53.76 -19.63 -50.82
N GLU T 526 -53.89 -18.31 -50.69
CA GLU T 526 -52.99 -17.40 -51.40
C GLU T 526 -51.57 -17.49 -50.85
N ASP T 527 -51.42 -17.91 -49.59
CA ASP T 527 -50.08 -18.18 -49.05
C ASP T 527 -49.49 -19.43 -49.67
N GLN T 528 -50.32 -20.44 -49.96
CA GLN T 528 -49.80 -21.72 -50.42
C GLN T 528 -49.34 -21.64 -51.87
N THR T 529 -49.91 -20.73 -52.66
CA THR T 529 -49.54 -20.61 -54.07
C THR T 529 -48.28 -19.77 -54.25
N ALA T 530 -48.05 -18.79 -53.39
CA ALA T 530 -46.88 -17.93 -53.53
C ALA T 530 -45.63 -18.59 -52.95
N GLN T 531 -45.78 -19.31 -51.84
CA GLN T 531 -44.63 -19.94 -51.20
C GLN T 531 -44.18 -21.19 -51.94
N ARG T 532 -45.05 -21.75 -52.79
CA ARG T 532 -44.64 -22.79 -53.73
C ARG T 532 -43.99 -22.21 -54.99
N LEU T 533 -44.28 -20.95 -55.32
CA LEU T 533 -43.80 -20.39 -56.58
C LEU T 533 -42.32 -20.02 -56.50
N ASN T 534 -41.89 -19.44 -55.38
CA ASN T 534 -40.48 -19.13 -55.18
C ASN T 534 -39.65 -20.35 -54.78
N ASP T 535 -40.29 -21.45 -54.38
CA ASP T 535 -39.57 -22.70 -54.19
C ASP T 535 -39.07 -23.24 -55.52
N ALA T 536 -39.92 -23.22 -56.55
CA ALA T 536 -39.51 -23.68 -57.88
C ALA T 536 -38.60 -22.70 -58.60
N ASN T 537 -38.65 -21.41 -58.23
CA ASN T 537 -37.87 -20.39 -58.91
C ASN T 537 -36.39 -20.54 -58.60
ZN ZN W . -4.74 -31.63 11.00
ZN ZN X . 5.86 -30.87 -38.24
ZN ZN Y . 8.63 -37.14 1.53
ZN ZN Z . -7.04 31.48 -55.46
ZN ZN AA . 7.54 35.71 44.85
ZN ZN BA . -36.56 17.84 34.73
ZN ZN CA . -3.76 -25.61 37.38
#